data_6W8U
#
_entry.id   6W8U
#
_entity_poly.entity_id   1
_entity_poly.type   'polypeptide(L)'
_entity_poly.pdbx_seq_one_letter_code
;MTSLEIAIIVAIVLVIAIAVGWYLYTTFAAAGQQTGLTATKATIYVTKDGNVYLNVTLVPQGAAQVAISSIEVAGVSIPC
TSSNLVKAPGEYVIELSSVSVSVGQVLTGRIVLASGAISPFTATVVAADHVPSTENKLCSSQ
;
_entity_poly.pdbx_strand_id   A,B,C,D,E,F,G,H,I,J,K,L,M,N,O,P,Q,R,S,T,U,V,W,X,Y,Z,a,b,c,d,e,f,g,h,i,j,k,l,m,n,o
#
# COMPACT_ATOMS: atom_id res chain seq x y z
N MET A 1 27.46 15.03 41.58
CA MET A 1 26.92 15.07 42.93
C MET A 1 27.63 14.06 43.82
N THR A 2 27.37 14.14 45.12
CA THR A 2 27.95 13.20 46.07
C THR A 2 27.58 11.77 45.68
N SER A 3 28.51 10.84 45.91
CA SER A 3 28.28 9.47 45.50
C SER A 3 27.06 8.85 46.15
N LEU A 4 26.62 9.37 47.29
CA LEU A 4 25.33 8.95 47.83
C LEU A 4 24.21 9.30 46.85
N GLU A 5 24.27 10.52 46.32
CA GLU A 5 23.28 10.95 45.33
C GLU A 5 23.33 10.07 44.10
N ILE A 6 24.53 9.81 43.58
CA ILE A 6 24.65 8.99 42.39
C ILE A 6 24.19 7.57 42.66
N ALA A 7 24.43 7.07 43.87
CA ALA A 7 23.94 5.74 44.23
C ALA A 7 22.42 5.69 44.16
N ILE A 8 21.74 6.62 44.84
CA ILE A 8 20.29 6.64 44.84
C ILE A 8 19.76 6.77 43.42
N ILE A 9 20.29 7.74 42.67
CA ILE A 9 19.78 8.02 41.34
C ILE A 9 20.02 6.84 40.40
N VAL A 10 21.20 6.21 40.48
CA VAL A 10 21.49 5.08 39.61
C VAL A 10 20.60 3.90 39.95
N ALA A 11 20.31 3.69 41.25
CA ALA A 11 19.39 2.62 41.61
C ALA A 11 18.02 2.82 40.99
N ILE A 12 17.44 4.01 41.19
CA ILE A 12 16.09 4.27 40.69
C ILE A 12 16.08 4.24 39.16
N VAL A 13 17.07 4.89 38.56
CA VAL A 13 17.24 4.90 37.11
C VAL A 13 17.35 3.50 36.53
N LEU A 14 18.11 2.62 37.16
CA LEU A 14 18.27 1.26 36.63
C LEU A 14 16.96 0.49 36.75
N VAL A 15 16.26 0.64 37.88
CA VAL A 15 14.97 -0.03 38.03
C VAL A 15 14.03 0.40 36.91
N ILE A 16 13.95 1.71 36.67
CA ILE A 16 13.02 2.21 35.64
C ILE A 16 13.43 1.72 34.26
N ALA A 17 14.73 1.75 33.96
CA ALA A 17 15.19 1.31 32.64
C ALA A 17 14.88 -0.15 32.40
N ILE A 18 15.15 -1.01 33.39
CA ILE A 18 14.86 -2.42 33.22
C ILE A 18 13.37 -2.65 33.04
N ALA A 19 12.55 -1.95 33.82
CA ALA A 19 11.11 -2.07 33.67
C ALA A 19 10.67 -1.74 32.25
N VAL A 20 11.13 -0.61 31.72
CA VAL A 20 10.69 -0.18 30.39
C VAL A 20 11.21 -1.13 29.31
N GLY A 21 12.46 -1.58 29.44
CA GLY A 21 13.01 -2.47 28.44
C GLY A 21 12.26 -3.78 28.35
N TRP A 22 12.01 -4.40 29.50
CA TRP A 22 11.27 -5.66 29.44
C TRP A 22 9.79 -5.44 29.16
N TYR A 23 9.28 -4.22 29.37
CA TYR A 23 7.98 -3.87 28.84
C TYR A 23 7.97 -3.94 27.31
N LEU A 24 9.02 -3.40 26.68
CA LEU A 24 9.15 -3.51 25.24
C LEU A 24 9.19 -4.96 24.80
N TYR A 25 10.00 -5.78 25.48
CA TYR A 25 10.04 -7.20 25.17
C TYR A 25 8.67 -7.86 25.28
N THR A 26 7.93 -7.58 26.35
CA THR A 26 6.64 -8.22 26.53
C THR A 26 5.65 -7.76 25.47
N THR A 27 5.70 -6.48 25.09
CA THR A 27 4.83 -5.99 24.03
C THR A 27 5.15 -6.68 22.71
N PHE A 28 6.43 -6.89 22.41
CA PHE A 28 6.79 -7.60 21.19
C PHE A 28 6.32 -9.05 21.24
N ALA A 29 6.48 -9.70 22.39
CA ALA A 29 6.04 -11.09 22.50
C ALA A 29 4.53 -11.21 22.38
N ALA A 30 3.78 -10.18 22.79
CA ALA A 30 2.33 -10.24 22.64
C ALA A 30 1.91 -9.89 21.22
N ALA A 31 2.64 -8.99 20.56
CA ALA A 31 2.30 -8.64 19.18
C ALA A 31 2.66 -9.74 18.20
N GLY A 32 3.65 -10.57 18.53
CA GLY A 32 3.99 -11.68 17.65
C GLY A 32 2.94 -12.77 17.58
N GLN A 33 1.98 -12.76 18.51
CA GLN A 33 0.94 -13.79 18.58
C GLN A 33 -0.36 -13.35 17.92
N GLN A 34 -0.32 -12.31 17.09
CA GLN A 34 -1.52 -11.92 16.36
C GLN A 34 -1.83 -12.97 15.31
N THR A 35 -3.08 -13.45 15.32
CA THR A 35 -3.43 -14.63 14.55
C THR A 35 -4.74 -14.39 13.80
N GLY A 36 -5.10 -15.36 12.98
CA GLY A 36 -6.31 -15.28 12.20
C GLY A 36 -6.43 -16.50 11.31
N LEU A 37 -7.65 -16.74 10.85
CA LEU A 37 -7.94 -17.89 10.00
C LEU A 37 -7.78 -17.53 8.53
N THR A 38 -7.50 -18.56 7.72
CA THR A 38 -7.51 -18.43 6.27
C THR A 38 -7.97 -19.76 5.69
N ALA A 39 -8.65 -19.69 4.55
CA ALA A 39 -9.23 -20.86 3.91
C ALA A 39 -8.52 -21.10 2.59
N THR A 40 -8.34 -22.37 2.24
CA THR A 40 -7.67 -22.75 1.01
C THR A 40 -8.52 -23.60 0.10
N LYS A 41 -9.66 -24.10 0.56
CA LYS A 41 -10.52 -24.96 -0.25
C LYS A 41 -11.89 -25.10 0.42
N ALA A 42 -12.95 -24.88 -0.34
CA ALA A 42 -14.30 -24.99 0.22
C ALA A 42 -15.27 -25.33 -0.89
N THR A 43 -16.03 -26.42 -0.69
CA THR A 43 -17.02 -26.86 -1.66
C THR A 43 -18.21 -27.40 -0.89
N ILE A 44 -19.29 -26.63 -0.84
CA ILE A 44 -20.49 -27.08 -0.13
C ILE A 44 -21.02 -28.33 -0.79
N TYR A 45 -21.19 -29.40 -0.01
CA TYR A 45 -21.70 -30.67 -0.51
C TYR A 45 -23.17 -30.81 -0.12
N VAL A 46 -23.93 -31.49 -0.98
CA VAL A 46 -25.34 -31.75 -0.75
C VAL A 46 -25.60 -33.23 -0.97
N THR A 47 -26.37 -33.84 -0.08
CA THR A 47 -26.72 -35.24 -0.21
C THR A 47 -28.01 -35.40 -1.01
N LYS A 48 -28.33 -36.66 -1.34
CA LYS A 48 -29.54 -36.93 -2.10
C LYS A 48 -30.79 -36.66 -1.28
N ASP A 49 -30.71 -36.80 0.05
CA ASP A 49 -31.87 -36.66 0.92
C ASP A 49 -32.06 -35.24 1.45
N GLY A 50 -31.21 -34.29 1.02
CA GLY A 50 -31.35 -32.91 1.43
C GLY A 50 -30.36 -32.44 2.46
N ASN A 51 -29.63 -33.35 3.12
CA ASN A 51 -28.63 -32.94 4.10
C ASN A 51 -27.48 -32.24 3.39
N VAL A 52 -27.11 -31.07 3.88
CA VAL A 52 -26.00 -30.30 3.33
C VAL A 52 -24.95 -30.13 4.40
N TYR A 53 -23.69 -30.02 3.96
CA TYR A 53 -22.58 -29.85 4.88
C TYR A 53 -21.41 -29.25 4.11
N LEU A 54 -20.70 -28.33 4.74
CA LEU A 54 -19.56 -27.67 4.13
C LEU A 54 -18.29 -28.42 4.51
N ASN A 55 -17.48 -28.76 3.50
CA ASN A 55 -16.23 -29.50 3.69
C ASN A 55 -15.09 -28.55 3.36
N VAL A 56 -14.63 -27.81 4.36
CA VAL A 56 -13.66 -26.74 4.18
C VAL A 56 -12.31 -27.20 4.75
N THR A 57 -11.26 -26.52 4.31
CA THR A 57 -9.90 -26.76 4.79
C THR A 57 -9.35 -25.47 5.38
N LEU A 58 -8.99 -25.51 6.65
CA LEU A 58 -8.54 -24.33 7.36
C LEU A 58 -7.05 -24.40 7.65
N VAL A 59 -6.44 -23.23 7.79
CA VAL A 59 -5.03 -23.08 8.16
C VAL A 59 -4.90 -21.88 9.10
N PRO A 60 -4.58 -22.08 10.37
CA PRO A 60 -4.44 -20.93 11.26
C PRO A 60 -3.20 -20.12 10.94
N GLN A 61 -3.42 -18.86 10.57
CA GLN A 61 -2.34 -17.91 10.34
C GLN A 61 -1.96 -17.33 11.68
N GLY A 62 -0.69 -17.42 12.03
CA GLY A 62 -0.21 -17.02 13.34
C GLY A 62 0.25 -18.22 14.14
N ALA A 63 0.44 -17.98 15.44
CA ALA A 63 0.79 -19.04 16.39
C ALA A 63 -0.16 -18.94 17.57
N ALA A 64 -1.34 -19.52 17.42
CA ALA A 64 -2.35 -19.49 18.47
C ALA A 64 -3.48 -20.44 18.10
N GLN A 65 -4.43 -20.59 19.00
CA GLN A 65 -5.63 -21.39 18.79
C GLN A 65 -6.79 -20.41 18.57
N VAL A 66 -7.09 -20.14 17.29
CA VAL A 66 -8.17 -19.22 16.98
C VAL A 66 -9.51 -19.83 17.39
N ALA A 67 -10.45 -18.96 17.73
CA ALA A 67 -11.79 -19.36 18.16
C ALA A 67 -12.80 -18.88 17.13
N ILE A 68 -13.58 -19.83 16.60
CA ILE A 68 -14.60 -19.53 15.60
C ILE A 68 -15.88 -19.11 16.31
N SER A 69 -16.44 -17.98 15.91
CA SER A 69 -17.64 -17.46 16.55
C SER A 69 -18.91 -17.89 15.83
N SER A 70 -18.98 -17.65 14.53
CA SER A 70 -20.18 -17.98 13.77
C SER A 70 -19.82 -18.13 12.30
N ILE A 71 -20.60 -18.95 11.60
CA ILE A 71 -20.45 -19.17 10.17
C ILE A 71 -21.68 -18.62 9.48
N GLU A 72 -21.47 -17.63 8.61
CA GLU A 72 -22.56 -16.97 7.88
C GLU A 72 -22.36 -17.26 6.40
N VAL A 73 -23.23 -18.09 5.84
CA VAL A 73 -23.15 -18.48 4.43
C VAL A 73 -24.50 -18.26 3.78
N ALA A 74 -24.50 -17.52 2.67
CA ALA A 74 -25.71 -17.28 1.87
C ALA A 74 -26.81 -16.65 2.71
N GLY A 75 -26.44 -15.76 3.62
CA GLY A 75 -27.39 -15.04 4.43
C GLY A 75 -27.85 -15.78 5.67
N VAL A 76 -27.61 -17.08 5.76
CA VAL A 76 -28.00 -17.88 6.92
C VAL A 76 -26.82 -17.94 7.88
N SER A 77 -27.02 -17.43 9.09
CA SER A 77 -25.99 -17.46 10.12
C SER A 77 -26.14 -18.72 10.97
N ILE A 78 -25.00 -19.27 11.40
CA ILE A 78 -24.99 -20.49 12.19
C ILE A 78 -24.07 -20.29 13.39
N PRO A 79 -24.59 -20.26 14.61
CA PRO A 79 -23.74 -20.08 15.78
C PRO A 79 -22.91 -21.32 16.06
N CYS A 80 -21.80 -21.12 16.76
CA CYS A 80 -20.90 -22.20 17.15
C CYS A 80 -20.60 -22.05 18.64
N THR A 81 -21.02 -23.02 19.43
CA THR A 81 -20.86 -22.98 20.88
C THR A 81 -20.11 -24.18 21.44
N SER A 82 -19.59 -25.04 20.56
CA SER A 82 -18.84 -26.21 21.02
C SER A 82 -17.88 -26.63 19.91
N SER A 83 -16.71 -27.12 20.31
CA SER A 83 -15.67 -27.56 19.38
C SER A 83 -15.27 -26.46 18.42
N ASN A 84 -15.37 -25.20 18.85
CA ASN A 84 -15.13 -24.06 18.00
C ASN A 84 -13.68 -23.61 18.00
N LEU A 85 -12.74 -24.52 18.30
CA LEU A 85 -11.32 -24.21 18.31
C LEU A 85 -10.63 -24.92 17.15
N VAL A 86 -9.82 -24.17 16.43
CA VAL A 86 -9.02 -24.70 15.32
C VAL A 86 -7.62 -24.98 15.87
N LYS A 87 -7.31 -26.26 16.06
CA LYS A 87 -6.07 -26.63 16.73
C LYS A 87 -4.88 -26.73 15.77
N ALA A 88 -5.10 -27.16 14.54
CA ALA A 88 -4.00 -27.41 13.61
C ALA A 88 -4.56 -27.39 12.20
N PRO A 89 -3.72 -27.12 11.20
CA PRO A 89 -4.19 -27.14 9.81
C PRO A 89 -4.75 -28.51 9.43
N GLY A 90 -5.85 -28.50 8.69
CA GLY A 90 -6.47 -29.74 8.27
C GLY A 90 -7.79 -29.46 7.59
N GLU A 91 -8.48 -30.55 7.27
CA GLU A 91 -9.78 -30.51 6.61
C GLU A 91 -10.87 -30.67 7.65
N TYR A 92 -11.82 -29.73 7.67
CA TYR A 92 -12.86 -29.71 8.69
C TYR A 92 -14.22 -29.75 8.02
N VAL A 93 -15.20 -30.30 8.75
CA VAL A 93 -16.55 -30.52 8.24
C VAL A 93 -17.52 -29.73 9.10
N ILE A 94 -18.28 -28.83 8.47
CA ILE A 94 -19.26 -28.01 9.15
C ILE A 94 -20.63 -28.34 8.60
N GLU A 95 -21.56 -28.72 9.47
CA GLU A 95 -22.91 -29.04 9.06
C GLU A 95 -23.75 -27.77 8.95
N LEU A 96 -24.39 -27.58 7.81
CA LEU A 96 -25.33 -26.49 7.61
C LEU A 96 -26.73 -26.98 7.95
N SER A 97 -27.46 -26.18 8.73
CA SER A 97 -28.68 -26.69 9.35
C SER A 97 -29.82 -26.77 8.34
N SER A 98 -30.26 -25.63 7.80
CA SER A 98 -31.50 -25.58 7.04
C SER A 98 -31.36 -24.92 5.68
N VAL A 99 -30.15 -24.63 5.23
CA VAL A 99 -29.97 -23.99 3.93
C VAL A 99 -30.35 -24.99 2.84
N SER A 100 -31.35 -24.65 2.04
CA SER A 100 -31.83 -25.50 0.96
C SER A 100 -31.29 -24.95 -0.36
N VAL A 101 -30.42 -25.72 -1.01
CA VAL A 101 -29.74 -25.30 -2.21
C VAL A 101 -30.00 -26.32 -3.32
N SER A 102 -29.40 -26.07 -4.47
CA SER A 102 -29.52 -26.95 -5.61
C SER A 102 -28.18 -27.01 -6.32
N VAL A 103 -27.85 -28.20 -6.85
CA VAL A 103 -26.54 -28.40 -7.46
C VAL A 103 -26.31 -27.39 -8.57
N GLY A 104 -25.14 -26.76 -8.55
CA GLY A 104 -24.72 -25.82 -9.57
C GLY A 104 -24.55 -24.39 -9.09
N GLN A 105 -25.29 -23.99 -8.06
CA GLN A 105 -25.26 -22.62 -7.59
C GLN A 105 -23.87 -22.26 -7.04
N VAL A 106 -23.65 -20.97 -6.85
CA VAL A 106 -22.40 -20.44 -6.31
C VAL A 106 -22.72 -19.63 -5.08
N LEU A 107 -22.19 -20.06 -3.94
CA LEU A 107 -22.47 -19.44 -2.64
C LEU A 107 -21.20 -18.88 -2.03
N THR A 108 -21.32 -17.74 -1.36
CA THR A 108 -20.20 -17.18 -0.62
C THR A 108 -20.48 -17.31 0.88
N GLY A 109 -19.58 -16.81 1.70
CA GLY A 109 -19.74 -16.95 3.14
C GLY A 109 -18.61 -16.29 3.88
N ARG A 110 -18.67 -16.41 5.20
CA ARG A 110 -17.66 -15.84 6.09
C ARG A 110 -17.46 -16.76 7.30
N ILE A 111 -16.25 -16.77 7.83
CA ILE A 111 -15.97 -17.32 9.14
C ILE A 111 -15.56 -16.16 10.05
N VAL A 112 -16.43 -15.83 11.00
CA VAL A 112 -16.17 -14.72 11.92
C VAL A 112 -15.49 -15.28 13.15
N LEU A 113 -14.30 -14.77 13.45
CA LEU A 113 -13.53 -15.20 14.60
C LEU A 113 -13.93 -14.41 15.83
N ALA A 114 -13.37 -14.80 16.98
CA ALA A 114 -13.67 -14.10 18.22
C ALA A 114 -12.90 -12.78 18.32
N SER A 115 -11.70 -12.73 17.74
CA SER A 115 -10.90 -11.52 17.81
C SER A 115 -11.44 -10.40 16.93
N GLY A 116 -12.01 -10.72 15.78
CA GLY A 116 -12.53 -9.71 14.89
C GLY A 116 -12.23 -9.96 13.43
N ALA A 117 -11.09 -10.60 13.16
CA ALA A 117 -10.75 -10.95 11.79
C ALA A 117 -11.73 -11.98 11.25
N ILE A 118 -11.84 -12.03 9.92
CA ILE A 118 -12.78 -12.90 9.23
C ILE A 118 -12.06 -13.58 8.08
N SER A 119 -12.81 -14.40 7.33
CA SER A 119 -12.30 -15.12 6.18
C SER A 119 -13.48 -15.50 5.28
N PRO A 120 -13.46 -15.09 4.02
CA PRO A 120 -14.58 -15.37 3.12
C PRO A 120 -14.41 -16.68 2.36
N PHE A 121 -15.50 -17.11 1.70
CA PHE A 121 -15.56 -18.44 1.10
C PHE A 121 -15.65 -18.42 -0.43
N THR A 122 -16.74 -17.90 -0.98
CA THR A 122 -17.09 -18.11 -2.39
C THR A 122 -16.89 -19.58 -2.78
N ALA A 123 -17.75 -20.42 -2.21
CA ALA A 123 -17.67 -21.86 -2.39
C ALA A 123 -18.85 -22.36 -3.22
N THR A 124 -18.56 -23.21 -4.20
CA THR A 124 -19.60 -23.75 -5.07
C THR A 124 -20.20 -25.01 -4.47
N VAL A 125 -21.26 -25.49 -5.11
CA VAL A 125 -21.99 -26.68 -4.65
C VAL A 125 -21.67 -27.85 -5.56
N VAL A 126 -21.52 -29.03 -4.96
CA VAL A 126 -21.27 -30.26 -5.70
C VAL A 126 -22.13 -31.35 -5.08
N ALA A 127 -22.64 -32.25 -5.91
CA ALA A 127 -23.50 -33.34 -5.45
C ALA A 127 -22.66 -34.41 -4.77
N ALA A 128 -23.23 -34.98 -3.70
CA ALA A 128 -22.58 -36.06 -2.98
C ALA A 128 -23.65 -36.99 -2.44
N ASP A 129 -23.23 -38.15 -1.93
CA ASP A 129 -24.16 -39.21 -1.56
C ASP A 129 -24.52 -39.17 -0.07
N HIS A 130 -23.52 -39.32 0.80
CA HIS A 130 -23.76 -39.53 2.22
C HIS A 130 -22.95 -38.54 3.06
N VAL A 131 -23.49 -38.23 4.23
CA VAL A 131 -22.78 -37.38 5.20
C VAL A 131 -21.57 -38.14 5.73
N PRO A 132 -20.37 -37.56 5.73
CA PRO A 132 -19.21 -38.30 6.21
C PRO A 132 -19.22 -38.43 7.72
N SER A 133 -18.89 -39.64 8.18
CA SER A 133 -18.81 -39.93 9.61
C SER A 133 -17.33 -39.91 9.99
N THR A 134 -16.87 -38.75 10.46
CA THR A 134 -15.47 -38.58 10.82
C THR A 134 -15.36 -37.48 11.87
N GLU A 135 -14.15 -37.32 12.39
CA GLU A 135 -13.87 -36.28 13.37
C GLU A 135 -13.66 -34.95 12.66
N ASN A 136 -13.10 -33.98 13.37
CA ASN A 136 -12.76 -32.66 12.82
C ASN A 136 -14.01 -31.86 12.46
N LYS A 137 -15.04 -31.98 13.29
CA LYS A 137 -16.21 -31.12 13.16
C LYS A 137 -15.99 -29.84 13.94
N LEU A 138 -16.53 -28.74 13.42
CA LEU A 138 -16.24 -27.43 13.96
C LEU A 138 -17.37 -26.81 14.78
N CYS A 139 -18.63 -27.14 14.48
CA CYS A 139 -19.76 -26.54 15.19
C CYS A 139 -20.81 -27.63 15.38
N SER A 140 -20.76 -28.29 16.53
CA SER A 140 -21.69 -29.37 16.85
C SER A 140 -22.51 -29.02 18.08
N MET B 1 30.24 15.59 46.58
CA MET B 1 31.35 14.79 47.07
C MET B 1 32.69 15.47 46.80
N THR B 2 33.75 14.97 47.44
CA THR B 2 35.08 15.53 47.26
C THR B 2 35.47 15.44 45.78
N SER B 3 36.27 16.43 45.34
CA SER B 3 36.67 16.49 43.93
C SER B 3 37.39 15.24 43.49
N LEU B 4 37.98 14.48 44.41
CA LEU B 4 38.52 13.16 44.06
C LEU B 4 37.41 12.26 43.51
N GLU B 5 36.26 12.26 44.19
CA GLU B 5 35.14 11.45 43.75
C GLU B 5 34.64 11.92 42.40
N ILE B 6 34.51 13.24 42.21
CA ILE B 6 34.02 13.75 40.94
C ILE B 6 35.01 13.40 39.83
N ALA B 7 36.31 13.40 40.14
CA ALA B 7 37.29 12.98 39.16
C ALA B 7 37.07 11.53 38.74
N ILE B 8 36.96 10.63 39.72
CA ILE B 8 36.76 9.21 39.42
C ILE B 8 35.48 9.01 38.61
N ILE B 9 34.38 9.58 39.09
CA ILE B 9 33.09 9.37 38.47
C ILE B 9 33.04 9.98 37.09
N VAL B 10 33.64 11.16 36.89
CA VAL B 10 33.63 11.77 35.57
C VAL B 10 34.47 10.96 34.60
N ALA B 11 35.58 10.39 35.08
CA ALA B 11 36.38 9.53 34.20
C ALA B 11 35.56 8.34 33.71
N ILE B 12 34.94 7.62 34.65
CA ILE B 12 34.18 6.42 34.27
C ILE B 12 32.98 6.79 33.42
N VAL B 13 32.26 7.83 33.82
CA VAL B 13 31.14 8.38 33.08
C VAL B 13 31.51 8.75 31.66
N LEU B 14 32.64 9.42 31.46
CA LEU B 14 33.03 9.83 30.12
C LEU B 14 33.39 8.62 29.28
N VAL B 15 34.10 7.64 29.87
CA VAL B 15 34.42 6.42 29.13
C VAL B 15 33.14 5.75 28.64
N ILE B 16 32.16 5.60 29.54
CA ILE B 16 30.92 4.90 29.17
C ILE B 16 30.15 5.68 28.11
N ALA B 17 30.07 7.01 28.27
CA ALA B 17 29.34 7.81 27.31
C ALA B 17 29.96 7.74 25.93
N ILE B 18 31.29 7.86 25.83
CA ILE B 18 31.95 7.77 24.54
C ILE B 18 31.72 6.40 23.92
N ALA B 19 31.82 5.34 24.73
CA ALA B 19 31.59 3.99 24.23
C ALA B 19 30.20 3.87 23.61
N VAL B 20 29.17 4.33 24.33
CA VAL B 20 27.81 4.18 23.83
C VAL B 20 27.59 5.04 22.60
N GLY B 21 28.13 6.26 22.59
CA GLY B 21 27.95 7.13 21.44
C GLY B 21 28.54 6.55 20.17
N TRP B 22 29.79 6.10 20.24
CA TRP B 22 30.37 5.51 19.04
C TRP B 22 29.79 4.14 18.74
N TYR B 23 29.17 3.47 19.72
CA TYR B 23 28.35 2.31 19.41
C TYR B 23 27.19 2.69 18.52
N LEU B 24 26.51 3.79 18.84
CA LEU B 24 25.43 4.27 17.98
C LEU B 24 25.94 4.58 16.57
N TYR B 25 27.08 5.28 16.49
CA TYR B 25 27.66 5.55 15.17
C TYR B 25 27.94 4.27 14.40
N THR B 26 28.53 3.27 15.04
CA THR B 26 28.88 2.05 14.31
C THR B 26 27.63 1.29 13.89
N THR B 27 26.60 1.29 14.75
CA THR B 27 25.34 0.66 14.37
C THR B 27 24.73 1.34 13.16
N PHE B 28 24.80 2.67 13.10
CA PHE B 28 24.29 3.38 11.93
C PHE B 28 25.09 3.06 10.70
N ALA B 29 26.42 3.00 10.83
CA ALA B 29 27.27 2.69 9.69
C ALA B 29 27.03 1.27 9.18
N ALA B 30 26.63 0.36 10.06
CA ALA B 30 26.32 -1.00 9.63
C ALA B 30 24.92 -1.09 9.02
N ALA B 31 23.98 -0.33 9.55
CA ALA B 31 22.63 -0.34 9.00
C ALA B 31 22.56 0.34 7.64
N GLY B 32 23.45 1.29 7.37
CA GLY B 32 23.45 1.94 6.07
C GLY B 32 23.86 1.05 4.92
N GLN B 33 24.49 -0.10 5.21
CA GLN B 33 24.98 -1.00 4.19
C GLN B 33 24.00 -2.14 3.90
N GLN B 34 22.75 -1.99 4.29
CA GLN B 34 21.76 -3.01 3.96
C GLN B 34 21.45 -2.95 2.46
N THR B 35 21.61 -4.08 1.79
CA THR B 35 21.62 -4.10 0.34
C THR B 35 20.71 -5.22 -0.17
N GLY B 36 20.57 -5.26 -1.49
CA GLY B 36 19.73 -6.27 -2.12
C GLY B 36 19.70 -6.03 -3.61
N LEU B 37 19.33 -7.08 -4.34
CA LEU B 37 19.30 -7.03 -5.79
C LEU B 37 17.95 -6.53 -6.28
N THR B 38 17.95 -5.99 -7.51
CA THR B 38 16.73 -5.62 -8.20
C THR B 38 16.96 -5.84 -9.69
N ALA B 39 15.88 -6.16 -10.40
CA ALA B 39 15.94 -6.47 -11.83
C ALA B 39 15.18 -5.40 -12.58
N THR B 40 15.72 -4.99 -13.73
CA THR B 40 15.08 -3.99 -14.56
C THR B 40 14.66 -4.52 -15.92
N LYS B 41 15.17 -5.67 -16.35
CA LYS B 41 14.87 -6.19 -17.67
C LYS B 41 15.31 -7.65 -17.76
N ALA B 42 14.43 -8.53 -18.24
CA ALA B 42 14.76 -9.94 -18.32
C ALA B 42 13.94 -10.57 -19.43
N THR B 43 14.62 -11.27 -20.34
CA THR B 43 13.96 -11.97 -21.44
C THR B 43 14.73 -13.26 -21.71
N ILE B 44 14.17 -14.39 -21.29
CA ILE B 44 14.80 -15.67 -21.56
C ILE B 44 14.94 -15.86 -23.06
N TYR B 45 16.15 -16.18 -23.51
CA TYR B 45 16.42 -16.42 -24.92
C TYR B 45 16.62 -17.91 -25.16
N VAL B 46 16.18 -18.38 -26.33
CA VAL B 46 16.30 -19.78 -26.72
C VAL B 46 16.90 -19.84 -28.11
N THR B 47 17.85 -20.73 -28.31
CA THR B 47 18.48 -20.93 -29.60
C THR B 47 17.75 -21.99 -30.40
N LYS B 48 18.20 -22.18 -31.65
CA LYS B 48 17.58 -23.17 -32.52
C LYS B 48 17.95 -24.59 -32.10
N ASP B 49 19.10 -24.77 -31.46
CA ASP B 49 19.61 -26.10 -31.11
C ASP B 49 19.18 -26.54 -29.72
N GLY B 50 18.38 -25.75 -29.02
CA GLY B 50 17.89 -26.10 -27.71
C GLY B 50 18.59 -25.40 -26.55
N ASN B 51 19.73 -24.77 -26.79
CA ASN B 51 20.42 -24.05 -25.73
C ASN B 51 19.62 -22.82 -25.33
N VAL B 52 19.34 -22.70 -24.03
CA VAL B 52 18.61 -21.57 -23.49
C VAL B 52 19.51 -20.83 -22.51
N TYR B 53 19.26 -19.53 -22.37
CA TYR B 53 20.06 -18.70 -21.48
C TYR B 53 19.28 -17.43 -21.16
N LEU B 54 19.41 -16.95 -19.94
CA LEU B 54 18.74 -15.75 -19.50
C LEU B 54 19.66 -14.55 -19.66
N ASN B 55 19.13 -13.46 -20.23
CA ASN B 55 19.88 -12.23 -20.47
C ASN B 55 19.22 -11.14 -19.64
N VAL B 56 19.66 -11.01 -18.38
CA VAL B 56 19.03 -10.14 -17.41
C VAL B 56 19.93 -8.93 -17.16
N THR B 57 19.34 -7.88 -16.60
CA THR B 57 20.04 -6.67 -16.23
C THR B 57 19.83 -6.41 -14.75
N LEU B 58 20.93 -6.42 -13.98
CA LEU B 58 20.87 -6.31 -12.53
C LEU B 58 21.35 -4.95 -12.08
N VAL B 59 20.83 -4.51 -10.94
CA VAL B 59 21.25 -3.27 -10.29
C VAL B 59 21.31 -3.51 -8.79
N PRO B 60 22.48 -3.47 -8.17
CA PRO B 60 22.53 -3.65 -6.71
C PRO B 60 21.98 -2.45 -5.98
N GLN B 61 20.92 -2.68 -5.21
CA GLN B 61 20.32 -1.65 -4.36
C GLN B 61 21.12 -1.64 -3.06
N GLY B 62 21.70 -0.50 -2.74
CA GLY B 62 22.57 -0.38 -1.58
C GLY B 62 23.99 -0.03 -1.98
N ALA B 63 24.90 -0.24 -1.05
CA ALA B 63 26.31 -0.04 -1.29
C ALA B 63 27.06 -1.27 -0.74
N ALA B 64 27.09 -2.32 -1.55
CA ALA B 64 27.76 -3.56 -1.16
C ALA B 64 27.84 -4.47 -2.38
N GLN B 65 28.57 -5.57 -2.21
CA GLN B 65 28.72 -6.59 -3.23
C GLN B 65 27.81 -7.75 -2.86
N VAL B 66 26.60 -7.76 -3.40
CA VAL B 66 25.65 -8.81 -3.09
C VAL B 66 26.13 -10.14 -3.65
N ALA B 67 25.74 -11.23 -2.99
CA ALA B 67 26.10 -12.58 -3.39
C ALA B 67 24.85 -13.34 -3.78
N ILE B 68 24.86 -13.94 -4.97
CA ILE B 68 23.73 -14.71 -5.47
C ILE B 68 23.90 -16.14 -5.03
N SER B 69 22.84 -16.71 -4.44
CA SER B 69 22.89 -18.08 -3.94
C SER B 69 22.37 -19.07 -4.96
N SER B 70 21.19 -18.83 -5.52
CA SER B 70 20.59 -19.76 -6.48
C SER B 70 19.57 -19.02 -7.32
N ILE B 71 19.36 -19.54 -8.53
CA ILE B 71 18.36 -19.02 -9.46
C ILE B 71 17.31 -20.10 -9.68
N GLU B 72 16.07 -19.78 -9.33
CA GLU B 72 14.95 -20.71 -9.48
C GLU B 72 13.97 -20.10 -10.48
N VAL B 73 13.90 -20.68 -11.67
CA VAL B 73 13.03 -20.21 -12.74
C VAL B 73 12.20 -21.37 -13.25
N ALA B 74 10.88 -21.18 -13.32
CA ALA B 74 9.96 -22.18 -13.86
C ALA B 74 10.08 -23.51 -13.12
N GLY B 75 10.27 -23.43 -11.81
CA GLY B 75 10.35 -24.62 -10.98
C GLY B 75 11.68 -25.33 -10.97
N VAL B 76 12.57 -25.02 -11.91
CA VAL B 76 13.89 -25.63 -11.97
C VAL B 76 14.86 -24.74 -11.21
N SER B 77 15.50 -25.29 -10.19
CA SER B 77 16.47 -24.57 -9.38
C SER B 77 17.87 -24.77 -9.95
N ILE B 78 18.68 -23.73 -9.89
CA ILE B 78 20.04 -23.78 -10.41
C ILE B 78 21.00 -23.20 -9.38
N PRO B 79 21.88 -24.00 -8.80
CA PRO B 79 22.83 -23.47 -7.83
C PRO B 79 23.92 -22.66 -8.51
N CYS B 80 24.53 -21.76 -7.72
CA CYS B 80 25.62 -20.92 -8.19
C CYS B 80 26.74 -20.97 -7.17
N THR B 81 27.89 -21.50 -7.58
CA THR B 81 29.04 -21.68 -6.69
C THR B 81 30.28 -20.95 -7.18
N SER B 82 30.18 -20.18 -8.25
CA SER B 82 31.32 -19.44 -8.77
C SER B 82 30.82 -18.23 -9.54
N SER B 83 31.60 -17.14 -9.49
CA SER B 83 31.24 -15.89 -10.16
C SER B 83 29.89 -15.37 -9.69
N ASN B 84 29.52 -15.67 -8.44
CA ASN B 84 28.21 -15.33 -7.91
C ASN B 84 28.19 -13.96 -7.22
N LEU B 85 29.08 -13.06 -7.60
CA LEU B 85 29.12 -11.72 -7.05
C LEU B 85 28.70 -10.70 -8.11
N VAL B 86 27.87 -9.76 -7.71
CA VAL B 86 27.42 -8.67 -8.58
C VAL B 86 28.23 -7.43 -8.21
N LYS B 87 29.20 -7.08 -9.04
CA LYS B 87 30.13 -6.01 -8.71
C LYS B 87 29.60 -4.62 -9.04
N ALA B 88 28.80 -4.50 -10.09
CA ALA B 88 28.35 -3.20 -10.55
C ALA B 88 27.11 -3.40 -11.42
N PRO B 89 26.27 -2.37 -11.55
CA PRO B 89 25.10 -2.49 -12.43
C PRO B 89 25.51 -2.76 -13.86
N GLY B 90 24.77 -3.66 -14.50
CA GLY B 90 25.08 -4.00 -15.88
C GLY B 90 24.18 -5.13 -16.35
N GLU B 91 24.47 -5.59 -17.56
CA GLU B 91 23.74 -6.67 -18.20
C GLU B 91 24.51 -7.98 -18.02
N TYR B 92 23.85 -8.99 -17.46
CA TYR B 92 24.49 -10.24 -17.13
C TYR B 92 23.77 -11.40 -17.82
N VAL B 93 24.51 -12.47 -18.06
CA VAL B 93 24.02 -13.63 -18.81
C VAL B 93 24.12 -14.86 -17.93
N ILE B 94 23.00 -15.53 -17.72
CA ILE B 94 22.95 -16.75 -16.91
C ILE B 94 22.50 -17.89 -17.82
N GLU B 95 23.27 -18.97 -17.84
CA GLU B 95 22.91 -20.13 -18.63
C GLU B 95 21.99 -21.04 -17.84
N LEU B 96 20.87 -21.43 -18.45
CA LEU B 96 19.96 -22.40 -17.86
C LEU B 96 20.32 -23.79 -18.38
N SER B 97 20.34 -24.77 -17.49
CA SER B 97 20.94 -26.06 -17.82
C SER B 97 20.02 -26.88 -18.73
N SER B 98 18.85 -27.27 -18.23
CA SER B 98 18.02 -28.25 -18.92
C SER B 98 16.58 -27.82 -19.10
N VAL B 99 16.23 -26.57 -18.81
CA VAL B 99 14.86 -26.12 -18.97
C VAL B 99 14.52 -26.10 -20.46
N SER B 100 13.54 -26.90 -20.85
CA SER B 100 13.10 -27.00 -22.23
C SER B 100 11.80 -26.21 -22.39
N VAL B 101 11.85 -25.15 -23.18
CA VAL B 101 10.73 -24.24 -23.36
C VAL B 101 10.41 -24.15 -24.85
N SER B 102 9.41 -23.33 -25.17
CA SER B 102 9.01 -23.06 -26.54
C SER B 102 8.67 -21.58 -26.65
N VAL B 103 8.99 -21.02 -27.82
CA VAL B 103 8.81 -19.58 -28.02
C VAL B 103 7.36 -19.18 -27.76
N GLY B 104 7.19 -18.13 -26.96
CA GLY B 104 5.88 -17.57 -26.66
C GLY B 104 5.47 -17.69 -25.21
N GLN B 105 5.95 -18.72 -24.51
CA GLN B 105 5.55 -18.95 -23.13
C GLN B 105 6.01 -17.80 -22.24
N VAL B 106 5.42 -17.73 -21.04
CA VAL B 106 5.72 -16.70 -20.06
C VAL B 106 6.17 -17.39 -18.78
N LEU B 107 7.43 -17.16 -18.39
CA LEU B 107 8.03 -17.79 -17.23
C LEU B 107 8.36 -16.75 -16.18
N THR B 108 8.19 -17.11 -14.91
CA THR B 108 8.63 -16.26 -13.81
C THR B 108 9.87 -16.88 -13.17
N GLY B 109 10.37 -16.27 -12.11
CA GLY B 109 11.59 -16.76 -11.50
C GLY B 109 11.95 -15.94 -10.28
N ARG B 110 13.07 -16.29 -9.67
CA ARG B 110 13.58 -15.62 -8.49
C ARG B 110 15.10 -15.64 -8.50
N ILE B 111 15.69 -14.62 -7.89
CA ILE B 111 17.11 -14.62 -7.56
C ILE B 111 17.24 -14.57 -6.05
N VAL B 112 17.69 -15.67 -5.45
CA VAL B 112 17.82 -15.76 -4.00
C VAL B 112 19.23 -15.33 -3.62
N LEU B 113 19.33 -14.30 -2.80
CA LEU B 113 20.61 -13.77 -2.35
C LEU B 113 21.09 -14.57 -1.15
N ALA B 114 22.29 -14.22 -0.67
CA ALA B 114 22.84 -14.88 0.50
C ALA B 114 22.25 -14.32 1.79
N SER B 115 21.89 -13.04 1.81
CA SER B 115 21.34 -12.44 3.02
C SER B 115 19.91 -12.88 3.29
N GLY B 116 19.11 -13.08 2.25
CA GLY B 116 17.73 -13.48 2.45
C GLY B 116 16.75 -12.81 1.50
N ALA B 117 17.09 -11.61 1.05
CA ALA B 117 16.25 -10.90 0.10
C ALA B 117 16.26 -11.63 -1.24
N ILE B 118 15.23 -11.38 -2.04
CA ILE B 118 15.05 -12.01 -3.34
C ILE B 118 14.65 -10.95 -4.36
N SER B 119 14.42 -11.40 -5.59
CA SER B 119 13.97 -10.54 -6.69
C SER B 119 13.30 -11.42 -7.73
N PRO B 120 12.04 -11.17 -8.07
CA PRO B 120 11.34 -11.99 -9.06
C PRO B 120 11.53 -11.48 -10.48
N PHE B 121 11.13 -12.34 -11.44
CA PHE B 121 11.41 -12.10 -12.85
C PHE B 121 10.18 -11.82 -13.70
N THR B 122 9.28 -12.78 -13.84
CA THR B 122 8.23 -12.76 -14.86
C THR B 122 8.80 -12.33 -16.21
N ALA B 123 9.65 -13.18 -16.75
CA ALA B 123 10.34 -12.93 -18.00
C ALA B 123 9.84 -13.86 -19.10
N THR B 124 9.50 -13.29 -20.26
CA THR B 124 9.01 -14.06 -21.38
C THR B 124 10.16 -14.66 -22.19
N VAL B 125 9.80 -15.47 -23.17
CA VAL B 125 10.77 -16.15 -24.03
C VAL B 125 10.77 -15.49 -25.40
N VAL B 126 11.95 -15.38 -26.00
CA VAL B 126 12.11 -14.81 -27.34
C VAL B 126 13.14 -15.65 -28.08
N ALA B 127 12.92 -15.83 -29.37
CA ALA B 127 13.80 -16.66 -30.19
C ALA B 127 15.09 -15.92 -30.53
N ALA B 128 16.19 -16.66 -30.50
CA ALA B 128 17.49 -16.12 -30.85
C ALA B 128 18.31 -17.20 -31.53
N ASP B 129 19.46 -16.81 -32.09
CA ASP B 129 20.24 -17.71 -32.93
C ASP B 129 21.36 -18.41 -32.15
N HIS B 130 22.29 -17.64 -31.59
CA HIS B 130 23.51 -18.19 -31.03
C HIS B 130 23.73 -17.70 -29.59
N VAL B 131 24.38 -18.54 -28.80
CA VAL B 131 24.75 -18.17 -27.44
C VAL B 131 25.82 -17.09 -27.48
N PRO B 132 25.64 -15.97 -26.80
CA PRO B 132 26.64 -14.89 -26.87
C PRO B 132 27.90 -15.26 -26.11
N SER B 133 29.04 -14.98 -26.75
CA SER B 133 30.35 -15.22 -26.15
C SER B 133 30.85 -13.89 -25.60
N THR B 134 30.62 -13.67 -24.30
CA THR B 134 31.01 -12.42 -23.67
C THR B 134 31.24 -12.68 -22.19
N GLU B 135 31.69 -11.65 -21.49
CA GLU B 135 31.92 -11.70 -20.06
C GLU B 135 30.58 -11.48 -19.34
N ASN B 136 30.66 -11.18 -18.04
CA ASN B 136 29.49 -10.84 -17.23
C ASN B 136 28.56 -12.03 -17.05
N LYS B 137 29.15 -13.21 -16.86
CA LYS B 137 28.37 -14.40 -16.52
C LYS B 137 28.24 -14.50 -14.99
N LEU B 138 27.16 -15.12 -14.55
CA LEU B 138 26.83 -15.11 -13.13
C LEU B 138 26.93 -16.46 -12.44
N CYS B 139 26.72 -17.57 -13.17
CA CYS B 139 26.77 -18.90 -12.56
C CYS B 139 27.43 -19.84 -13.56
N SER B 140 28.75 -20.01 -13.42
CA SER B 140 29.51 -20.88 -14.31
C SER B 140 30.20 -21.99 -13.53
N MET C 1 25.65 13.69 37.04
CA MET C 1 25.68 15.09 37.42
C MET C 1 24.95 15.32 38.72
N THR C 2 25.12 16.51 39.30
CA THR C 2 24.46 16.84 40.55
C THR C 2 22.94 16.75 40.38
N SER C 3 22.25 16.42 41.47
CA SER C 3 20.79 16.29 41.41
C SER C 3 20.12 17.58 40.99
N LEU C 4 20.77 18.73 41.18
CA LEU C 4 20.27 19.96 40.59
C LEU C 4 20.21 19.84 39.07
N GLU C 5 21.25 19.27 38.47
CA GLU C 5 21.29 19.11 37.03
C GLU C 5 20.22 18.13 36.57
N ILE C 6 20.08 17.02 37.29
CA ILE C 6 19.04 16.05 36.92
C ILE C 6 17.67 16.66 37.07
N ALA C 7 17.48 17.54 38.06
CA ALA C 7 16.21 18.24 38.19
C ALA C 7 15.93 19.11 36.96
N ILE C 8 16.89 19.94 36.59
CA ILE C 8 16.70 20.81 35.43
C ILE C 8 16.41 20.00 34.17
N ILE C 9 17.26 19.00 33.91
CA ILE C 9 17.14 18.22 32.69
C ILE C 9 15.86 17.42 32.67
N VAL C 10 15.45 16.85 33.82
CA VAL C 10 14.20 16.10 33.85
C VAL C 10 13.01 17.02 33.63
N ALA C 11 13.06 18.24 34.15
CA ALA C 11 11.98 19.18 33.89
C ALA C 11 11.84 19.46 32.39
N ILE C 12 12.94 19.85 31.75
CA ILE C 12 12.88 20.21 30.34
C ILE C 12 12.52 18.99 29.49
N VAL C 13 13.15 17.86 29.77
CA VAL C 13 12.88 16.59 29.11
C VAL C 13 11.43 16.17 29.23
N LEU C 14 10.83 16.31 30.41
CA LEU C 14 9.44 15.92 30.57
C LEU C 14 8.53 16.86 29.80
N VAL C 15 8.81 18.16 29.82
CA VAL C 15 7.99 19.10 29.06
C VAL C 15 8.01 18.72 27.58
N ILE C 16 9.21 18.45 27.04
CA ILE C 16 9.33 18.13 25.63
C ILE C 16 8.62 16.82 25.30
N ALA C 17 8.79 15.81 26.16
CA ALA C 17 8.15 14.52 25.91
C ALA C 17 6.64 14.65 25.88
N ILE C 18 6.06 15.36 26.86
CA ILE C 18 4.61 15.53 26.89
C ILE C 18 4.15 16.28 25.65
N ALA C 19 4.89 17.32 25.26
CA ALA C 19 4.51 18.07 24.06
C ALA C 19 4.45 17.17 22.84
N VAL C 20 5.48 16.35 22.64
CA VAL C 20 5.52 15.50 21.45
C VAL C 20 4.44 14.43 21.51
N GLY C 21 4.22 13.85 22.69
CA GLY C 21 3.20 12.82 22.80
C GLY C 21 1.81 13.33 22.47
N TRP C 22 1.44 14.47 23.05
CA TRP C 22 0.12 14.99 22.73
C TRP C 22 0.07 15.60 21.34
N TYR C 23 1.22 15.95 20.75
CA TYR C 23 1.26 16.24 19.33
C TYR C 23 0.83 15.04 18.50
N LEU C 24 1.36 13.86 18.86
CA LEU C 24 0.94 12.64 18.18
C LEU C 24 -0.55 12.39 18.34
N TYR C 25 -1.06 12.55 19.57
CA TYR C 25 -2.50 12.41 19.78
C TYR C 25 -3.30 13.38 18.90
N THR C 26 -2.88 14.64 18.82
CA THR C 26 -3.66 15.60 18.04
C THR C 26 -3.59 15.29 16.56
N THR C 27 -2.42 14.84 16.08
CA THR C 27 -2.31 14.44 14.68
C THR C 27 -3.24 13.27 14.38
N PHE C 28 -3.33 12.31 15.29
CA PHE C 28 -4.25 11.19 15.08
C PHE C 28 -5.70 11.65 15.09
N ALA C 29 -6.05 12.55 16.01
CA ALA C 29 -7.41 13.05 16.07
C ALA C 29 -7.78 13.85 14.84
N ALA C 30 -6.79 14.48 14.20
CA ALA C 30 -7.08 15.20 12.96
C ALA C 30 -7.15 14.27 11.77
N ALA C 31 -6.30 13.24 11.74
CA ALA C 31 -6.32 12.30 10.63
C ALA C 31 -7.56 11.42 10.65
N GLY C 32 -8.14 11.18 11.82
CA GLY C 32 -9.36 10.40 11.89
C GLY C 32 -10.57 11.08 11.28
N GLN C 33 -10.49 12.38 11.04
CA GLN C 33 -11.61 13.15 10.51
C GLN C 33 -11.53 13.34 9.00
N GLN C 34 -10.68 12.56 8.33
CA GLN C 34 -10.64 12.63 6.88
C GLN C 34 -11.91 12.06 6.29
N THR C 35 -12.58 12.84 5.44
CA THR C 35 -13.92 12.52 5.01
C THR C 35 -14.04 12.66 3.50
N GLY C 36 -15.19 12.27 2.98
CA GLY C 36 -15.46 12.37 1.56
C GLY C 36 -16.85 11.84 1.26
N LEU C 37 -17.40 12.31 0.16
CA LEU C 37 -18.74 11.92 -0.26
C LEU C 37 -18.71 10.64 -1.05
N THR C 38 -19.83 9.93 -1.03
CA THR C 38 -20.05 8.76 -1.87
C THR C 38 -21.52 8.70 -2.24
N ALA C 39 -21.80 8.19 -3.43
CA ALA C 39 -23.16 8.09 -3.95
C ALA C 39 -23.57 6.63 -3.96
N THR C 40 -24.87 6.38 -3.81
CA THR C 40 -25.39 5.03 -3.84
C THR C 40 -26.54 4.84 -4.81
N LYS C 41 -27.12 5.92 -5.34
CA LYS C 41 -28.24 5.83 -6.26
C LYS C 41 -28.45 7.17 -6.93
N ALA C 42 -28.57 7.18 -8.25
CA ALA C 42 -28.72 8.43 -8.98
C ALA C 42 -29.46 8.16 -10.27
N THR C 43 -30.54 8.91 -10.52
CA THR C 43 -31.33 8.76 -11.73
C THR C 43 -31.82 10.15 -12.13
N ILE C 44 -31.21 10.73 -13.17
CA ILE C 44 -31.65 12.03 -13.64
C ILE C 44 -33.09 11.94 -14.14
N TYR C 45 -33.96 12.75 -13.56
CA TYR C 45 -35.38 12.76 -13.92
C TYR C 45 -35.65 13.93 -14.84
N VAL C 46 -36.58 13.73 -15.79
CA VAL C 46 -36.98 14.76 -16.73
C VAL C 46 -38.51 14.85 -16.70
N THR C 47 -39.02 16.08 -16.67
CA THR C 47 -40.45 16.31 -16.68
C THR C 47 -40.95 16.45 -18.11
N LYS C 48 -42.28 16.55 -18.25
CA LYS C 48 -42.88 16.70 -19.56
C LYS C 48 -42.61 18.08 -20.16
N ASP C 49 -42.46 19.10 -19.32
CA ASP C 49 -42.31 20.47 -19.79
C ASP C 49 -40.86 20.89 -19.95
N GLY C 50 -39.91 19.97 -19.78
CA GLY C 50 -38.51 20.26 -20.00
C GLY C 50 -37.68 20.47 -18.74
N ASN C 51 -38.32 20.62 -17.58
CA ASN C 51 -37.57 20.78 -16.34
C ASN C 51 -36.88 19.45 -15.99
N VAL C 52 -35.59 19.54 -15.69
CA VAL C 52 -34.81 18.36 -15.33
C VAL C 52 -34.24 18.57 -13.93
N TYR C 53 -34.11 17.46 -13.20
CA TYR C 53 -33.58 17.51 -11.85
C TYR C 53 -33.03 16.14 -11.50
N LEU C 54 -31.91 16.12 -10.78
CA LEU C 54 -31.26 14.89 -10.37
C LEU C 54 -31.71 14.52 -8.96
N ASN C 55 -32.07 13.26 -8.77
CA ASN C 55 -32.56 12.74 -7.50
C ASN C 55 -31.56 11.72 -7.00
N VAL C 56 -30.55 12.18 -6.25
CA VAL C 56 -29.43 11.36 -5.83
C VAL C 56 -29.53 11.07 -4.34
N THR C 57 -28.81 10.03 -3.91
CA THR C 57 -28.74 9.65 -2.51
C THR C 57 -27.29 9.66 -2.08
N LEU C 58 -26.97 10.48 -1.08
CA LEU C 58 -25.60 10.69 -0.65
C LEU C 58 -25.38 10.07 0.73
N VAL C 59 -24.14 9.68 0.98
CA VAL C 59 -23.71 9.17 2.28
C VAL C 59 -22.32 9.71 2.58
N PRO C 60 -22.16 10.55 3.59
CA PRO C 60 -20.83 11.07 3.91
C PRO C 60 -19.97 10.00 4.55
N GLN C 61 -18.84 9.70 3.92
CA GLN C 61 -17.84 8.77 4.45
C GLN C 61 -16.93 9.56 5.37
N GLY C 62 -16.83 9.13 6.61
CA GLY C 62 -16.08 9.85 7.62
C GLY C 62 -17.00 10.40 8.70
N ALA C 63 -16.43 11.27 9.51
CA ALA C 63 -17.18 11.97 10.56
C ALA C 63 -16.89 13.46 10.40
N ALA C 64 -17.61 14.10 9.49
CA ALA C 64 -17.42 15.52 9.23
C ALA C 64 -18.59 16.01 8.38
N GLN C 65 -18.63 17.32 8.20
CA GLN C 65 -19.66 17.99 7.41
C GLN C 65 -19.02 18.37 6.08
N VAL C 66 -19.15 17.48 5.09
CA VAL C 66 -18.52 17.72 3.79
C VAL C 66 -19.20 18.91 3.11
N ALA C 67 -18.45 19.59 2.25
CA ALA C 67 -18.93 20.75 1.51
C ALA C 67 -18.85 20.49 0.02
N ILE C 68 -19.96 20.67 -0.68
CA ILE C 68 -20.05 20.45 -2.12
C ILE C 68 -19.64 21.74 -2.81
N SER C 69 -18.71 21.63 -3.76
CA SER C 69 -18.23 22.80 -4.48
C SER C 69 -18.97 23.01 -5.81
N SER C 70 -19.02 21.98 -6.65
CA SER C 70 -19.68 22.11 -7.95
C SER C 70 -20.09 20.73 -8.43
N ILE C 71 -21.11 20.71 -9.29
CA ILE C 71 -21.59 19.50 -9.93
C ILE C 71 -21.39 19.64 -11.43
N GLU C 72 -20.70 18.67 -12.02
CA GLU C 72 -20.44 18.65 -13.45
C GLU C 72 -21.01 17.36 -14.01
N VAL C 73 -22.07 17.47 -14.80
CA VAL C 73 -22.75 16.32 -15.38
C VAL C 73 -22.91 16.56 -16.88
N ALA C 74 -22.47 15.59 -17.67
CA ALA C 74 -22.60 15.63 -19.13
C ALA C 74 -21.98 16.90 -19.72
N GLY C 75 -20.85 17.31 -19.15
CA GLY C 75 -20.12 18.46 -19.63
C GLY C 75 -20.62 19.80 -19.13
N VAL C 76 -21.80 19.86 -18.54
CA VAL C 76 -22.36 21.09 -18.01
C VAL C 76 -21.97 21.20 -16.54
N SER C 77 -21.25 22.25 -16.19
CA SER C 77 -20.86 22.50 -14.81
C SER C 77 -21.90 23.37 -14.14
N ILE C 78 -22.10 23.14 -12.85
CA ILE C 78 -23.11 23.86 -12.08
C ILE C 78 -22.51 24.31 -10.75
N PRO C 79 -22.30 25.61 -10.54
CA PRO C 79 -21.76 26.07 -9.26
C PRO C 79 -22.79 25.93 -8.15
N CYS C 80 -22.27 25.82 -6.93
CA CYS C 80 -23.10 25.68 -5.73
C CYS C 80 -22.59 26.66 -4.69
N THR C 81 -23.41 27.65 -4.35
CA THR C 81 -23.02 28.71 -3.43
C THR C 81 -23.95 28.82 -2.22
N SER C 82 -24.89 27.90 -2.08
CA SER C 82 -25.80 27.92 -0.94
C SER C 82 -26.31 26.51 -0.67
N SER C 83 -26.54 26.21 0.60
CA SER C 83 -27.02 24.89 1.03
C SER C 83 -26.09 23.77 0.54
N ASN C 84 -24.80 24.06 0.43
CA ASN C 84 -23.84 23.12 -0.12
C ASN C 84 -23.22 22.21 0.93
N LEU C 85 -23.92 21.99 2.04
CA LEU C 85 -23.45 21.11 3.10
C LEU C 85 -24.31 19.85 3.15
N VAL C 86 -23.68 18.71 3.34
CA VAL C 86 -24.37 17.44 3.50
C VAL C 86 -24.41 17.12 4.99
N LYS C 87 -25.56 17.33 5.62
CA LYS C 87 -25.67 17.22 7.06
C LYS C 87 -25.78 15.78 7.55
N ALA C 88 -26.39 14.91 6.77
CA ALA C 88 -26.66 13.54 7.20
C ALA C 88 -26.96 12.70 5.97
N PRO C 89 -26.76 11.39 6.04
CA PRO C 89 -27.09 10.53 4.90
C PRO C 89 -28.58 10.58 4.59
N GLY C 90 -28.90 10.66 3.30
CA GLY C 90 -30.28 10.72 2.89
C GLY C 90 -30.38 10.98 1.40
N GLU C 91 -31.61 11.19 0.96
CA GLU C 91 -31.93 11.45 -0.44
C GLU C 91 -31.98 12.96 -0.66
N TYR C 92 -31.24 13.44 -1.66
CA TYR C 92 -31.15 14.86 -1.96
C TYR C 92 -31.53 15.11 -3.41
N VAL C 93 -31.98 16.33 -3.68
CA VAL C 93 -32.49 16.72 -5.00
C VAL C 93 -31.69 17.92 -5.49
N ILE C 94 -31.06 17.78 -6.65
CA ILE C 94 -30.28 18.84 -7.27
C ILE C 94 -30.95 19.21 -8.58
N GLU C 95 -31.17 20.50 -8.79
CA GLU C 95 -31.78 20.98 -10.03
C GLU C 95 -30.70 21.24 -11.08
N LEU C 96 -30.90 20.70 -12.27
CA LEU C 96 -30.03 20.98 -13.41
C LEU C 96 -30.65 22.13 -14.20
N SER C 97 -29.83 23.12 -14.55
CA SER C 97 -30.36 24.37 -15.06
C SER C 97 -30.85 24.24 -16.50
N SER C 98 -29.95 23.96 -17.44
CA SER C 98 -30.26 24.06 -18.86
C SER C 98 -29.91 22.82 -19.66
N VAL C 99 -29.56 21.71 -19.02
CA VAL C 99 -29.20 20.51 -19.76
C VAL C 99 -30.45 19.99 -20.47
N SER C 100 -30.37 19.85 -21.78
CA SER C 100 -31.47 19.34 -22.60
C SER C 100 -31.17 17.91 -22.98
N VAL C 101 -31.95 16.97 -22.45
CA VAL C 101 -31.75 15.55 -22.66
C VAL C 101 -33.03 14.94 -23.22
N SER C 102 -32.98 13.63 -23.42
CA SER C 102 -34.13 12.87 -23.91
C SER C 102 -34.13 11.53 -23.21
N VAL C 103 -35.35 11.02 -22.94
CA VAL C 103 -35.49 9.79 -22.18
C VAL C 103 -34.74 8.65 -22.85
N GLY C 104 -33.92 7.94 -22.06
CA GLY C 104 -33.19 6.78 -22.51
C GLY C 104 -31.68 6.94 -22.46
N GLN C 105 -31.18 8.17 -22.58
CA GLN C 105 -29.74 8.38 -22.62
C GLN C 105 -29.08 7.97 -21.30
N VAL C 106 -27.75 7.91 -21.33
CA VAL C 106 -26.95 7.55 -20.17
C VAL C 106 -25.92 8.65 -19.95
N LEU C 107 -25.99 9.30 -18.79
CA LEU C 107 -25.14 10.42 -18.46
C LEU C 107 -24.29 10.10 -17.23
N THR C 108 -23.04 10.54 -17.24
CA THR C 108 -22.18 10.43 -16.08
C THR C 108 -22.00 11.81 -15.46
N GLY C 109 -21.22 11.90 -14.40
CA GLY C 109 -21.04 13.18 -13.73
C GLY C 109 -20.07 13.04 -12.56
N ARG C 110 -19.90 14.16 -11.85
CA ARG C 110 -19.04 14.22 -10.69
C ARG C 110 -19.64 15.14 -9.65
N ILE C 111 -19.37 14.86 -8.38
CA ILE C 111 -19.60 15.80 -7.30
C ILE C 111 -18.23 16.23 -6.78
N VAL C 112 -17.85 17.47 -7.05
CA VAL C 112 -16.56 18.00 -6.63
C VAL C 112 -16.71 18.59 -5.23
N LEU C 113 -15.98 18.04 -4.27
CA LEU C 113 -16.02 18.52 -2.90
C LEU C 113 -15.09 19.71 -2.74
N ALA C 114 -15.08 20.29 -1.55
CA ALA C 114 -14.21 21.42 -1.28
C ALA C 114 -12.80 20.97 -0.92
N SER C 115 -12.66 19.78 -0.32
CA SER C 115 -11.35 19.30 0.07
C SER C 115 -10.53 18.79 -1.10
N GLY C 116 -11.17 18.25 -2.13
CA GLY C 116 -10.45 17.71 -3.26
C GLY C 116 -10.99 16.39 -3.77
N ALA C 117 -11.56 15.59 -2.86
CA ALA C 117 -12.15 14.32 -3.25
C ALA C 117 -13.39 14.56 -4.11
N ILE C 118 -13.74 13.55 -4.91
CA ILE C 118 -14.86 13.62 -5.83
C ILE C 118 -15.67 12.34 -5.72
N SER C 119 -16.72 12.25 -6.54
CA SER C 119 -17.59 11.08 -6.60
C SER C 119 -18.33 11.07 -7.92
N PRO C 120 -18.24 10.01 -8.70
CA PRO C 120 -18.90 9.96 -10.01
C PRO C 120 -20.31 9.37 -9.94
N PHE C 121 -21.03 9.52 -11.06
CA PHE C 121 -22.45 9.19 -11.10
C PHE C 121 -22.80 8.00 -12.00
N THR C 122 -22.57 8.13 -13.31
CA THR C 122 -23.15 7.24 -14.32
C THR C 122 -24.64 6.98 -14.03
N ALA C 123 -25.42 8.05 -14.17
CA ALA C 123 -26.85 8.02 -13.90
C ALA C 123 -27.64 8.08 -15.19
N THR C 124 -28.67 7.25 -15.30
CA THR C 124 -29.51 7.22 -16.49
C THR C 124 -30.67 8.20 -16.35
N VAL C 125 -31.40 8.38 -17.44
CA VAL C 125 -32.53 9.29 -17.49
C VAL C 125 -33.83 8.49 -17.44
N VAL C 126 -34.81 8.99 -16.70
CA VAL C 126 -36.12 8.37 -16.59
C VAL C 126 -37.17 9.47 -16.64
N ALA C 127 -38.32 9.15 -17.22
CA ALA C 127 -39.39 10.12 -17.38
C ALA C 127 -40.12 10.34 -16.06
N ALA C 128 -40.54 11.57 -15.83
CA ALA C 128 -41.29 11.93 -14.63
C ALA C 128 -42.28 13.02 -14.99
N ASP C 129 -43.18 13.31 -14.05
CA ASP C 129 -44.29 14.23 -14.32
C ASP C 129 -44.04 15.63 -13.76
N HIS C 130 -43.81 15.73 -12.45
CA HIS C 130 -43.75 17.02 -11.78
C HIS C 130 -42.49 17.13 -10.93
N VAL C 131 -42.00 18.35 -10.80
CA VAL C 131 -40.86 18.63 -9.92
C VAL C 131 -41.28 18.42 -8.47
N PRO C 132 -40.52 17.66 -7.67
CA PRO C 132 -40.92 17.44 -6.28
C PRO C 132 -40.72 18.70 -5.46
N SER C 133 -41.72 19.02 -4.65
CA SER C 133 -41.67 20.16 -3.74
C SER C 133 -41.35 19.63 -2.34
N THR C 134 -40.07 19.60 -2.00
CA THR C 134 -39.64 19.06 -0.72
C THR C 134 -38.31 19.71 -0.34
N GLU C 135 -37.84 19.39 0.86
CA GLU C 135 -36.57 19.89 1.37
C GLU C 135 -35.43 19.06 0.79
N ASN C 136 -34.25 19.21 1.37
CA ASN C 136 -33.07 18.41 1.01
C ASN C 136 -32.57 18.78 -0.39
N LYS C 137 -32.59 20.07 -0.70
CA LYS C 137 -31.96 20.57 -1.91
C LYS C 137 -30.51 20.93 -1.62
N LEU C 138 -29.66 20.79 -2.63
CA LEU C 138 -28.22 20.93 -2.43
C LEU C 138 -27.62 22.18 -3.04
N CYS C 139 -28.17 22.70 -4.13
CA CYS C 139 -27.63 23.90 -4.78
C CYS C 139 -28.79 24.77 -5.22
N SER C 140 -29.17 25.73 -4.39
CA SER C 140 -30.26 26.63 -4.68
C SER C 140 -29.81 28.08 -4.66
N MET D 1 33.70 17.48 49.68
CA MET D 1 34.83 18.40 49.62
C MET D 1 34.55 19.69 50.37
N THR D 2 35.57 20.52 50.51
CA THR D 2 35.41 21.82 51.13
C THR D 2 34.37 22.63 50.34
N SER D 3 33.60 23.45 51.06
CA SER D 3 32.54 24.23 50.42
C SER D 3 33.06 25.14 49.32
N LEU D 4 34.34 25.51 49.36
CA LEU D 4 34.92 26.22 48.23
C LEU D 4 34.84 25.37 46.97
N GLU D 5 35.19 24.09 47.09
CA GLU D 5 35.12 23.18 45.95
C GLU D 5 33.69 23.00 45.49
N ILE D 6 32.77 22.80 46.44
CA ILE D 6 31.38 22.62 46.06
C ILE D 6 30.84 23.88 45.39
N ALA D 7 31.30 25.05 45.82
CA ALA D 7 30.89 26.29 45.16
C ALA D 7 31.38 26.31 43.72
N ILE D 8 32.67 26.06 43.50
CA ILE D 8 33.22 26.09 42.15
C ILE D 8 32.51 25.08 41.26
N ILE D 9 32.39 23.83 41.75
CA ILE D 9 31.82 22.76 40.94
C ILE D 9 30.35 23.01 40.69
N VAL D 10 29.60 23.52 41.66
CA VAL D 10 28.18 23.79 41.43
C VAL D 10 28.01 24.92 40.44
N ALA D 11 28.89 25.93 40.48
CA ALA D 11 28.81 26.99 39.48
C ALA D 11 29.00 26.44 38.07
N ILE D 12 30.09 25.70 37.86
CA ILE D 12 30.37 25.18 36.52
C ILE D 12 29.29 24.20 36.08
N VAL D 13 28.89 23.31 36.98
CA VAL D 13 27.81 22.35 36.75
C VAL D 13 26.51 23.03 36.37
N LEU D 14 26.14 24.10 37.06
CA LEU D 14 24.89 24.79 36.73
C LEU D 14 24.98 25.46 35.37
N VAL D 15 26.12 26.09 35.07
CA VAL D 15 26.30 26.70 33.76
C VAL D 15 26.11 25.66 32.66
N ILE D 16 26.77 24.50 32.82
CA ILE D 16 26.70 23.47 31.78
C ILE D 16 25.28 22.93 31.67
N ALA D 17 24.61 22.71 32.80
CA ALA D 17 23.25 22.19 32.76
C ALA D 17 22.31 23.14 32.04
N ILE D 18 22.37 24.44 32.36
CA ILE D 18 21.50 25.41 31.71
C ILE D 18 21.79 25.44 30.21
N ALA D 19 23.08 25.42 29.85
CA ALA D 19 23.44 25.44 28.44
C ALA D 19 22.81 24.26 27.70
N VAL D 20 22.97 23.05 28.24
CA VAL D 20 22.46 21.86 27.56
C VAL D 20 20.93 21.87 27.51
N GLY D 21 20.29 22.29 28.61
CA GLY D 21 18.83 22.30 28.63
C GLY D 21 18.25 23.23 27.59
N TRP D 22 18.74 24.46 27.55
CA TRP D 22 18.20 25.38 26.54
C TRP D 22 18.71 25.04 25.15
N TYR D 23 19.78 24.26 25.03
CA TYR D 23 20.11 23.67 23.74
C TYR D 23 19.02 22.71 23.28
N LEU D 24 18.53 21.87 24.20
CA LEU D 24 17.42 20.99 23.87
C LEU D 24 16.19 21.79 23.45
N TYR D 25 15.88 22.85 24.20
CA TYR D 25 14.77 23.72 23.82
C TYR D 25 14.94 24.29 22.41
N THR D 26 16.14 24.80 22.10
CA THR D 26 16.35 25.41 20.79
C THR D 26 16.25 24.36 19.69
N THR D 27 16.76 23.16 19.94
CA THR D 27 16.64 22.09 18.96
C THR D 27 15.19 21.75 18.69
N PHE D 28 14.38 21.68 19.75
CA PHE D 28 12.96 21.41 19.57
C PHE D 28 12.28 22.54 18.80
N ALA D 29 12.64 23.79 19.11
CA ALA D 29 12.03 24.91 18.41
C ALA D 29 12.41 24.94 16.94
N ALA D 30 13.60 24.44 16.60
CA ALA D 30 13.98 24.39 15.20
C ALA D 30 13.36 23.20 14.49
N ALA D 31 13.18 22.09 15.20
CA ALA D 31 12.54 20.93 14.60
C ALA D 31 11.05 21.14 14.38
N GLY D 32 10.41 21.98 15.20
CA GLY D 32 9.00 22.24 15.01
C GLY D 32 8.66 23.01 13.75
N GLN D 33 9.66 23.63 13.13
CA GLN D 33 9.46 24.45 11.94
C GLN D 33 9.73 23.69 10.64
N GLN D 34 9.79 22.37 10.70
CA GLN D 34 9.96 21.59 9.48
C GLN D 34 8.69 21.67 8.65
N THR D 35 8.84 22.07 7.39
CA THR D 35 7.70 22.44 6.57
C THR D 35 7.81 21.81 5.20
N GLY D 36 6.77 22.01 4.40
CA GLY D 36 6.72 21.47 3.06
C GLY D 36 5.39 21.81 2.42
N LEU D 37 5.38 21.73 1.09
CA LEU D 37 4.19 22.05 0.33
C LEU D 37 3.31 20.82 0.12
N THR D 38 2.03 21.07 -0.11
CA THR D 38 1.09 20.03 -0.48
C THR D 38 0.06 20.63 -1.41
N ALA D 39 -0.44 19.80 -2.34
CA ALA D 39 -1.40 20.24 -3.34
C ALA D 39 -2.73 19.59 -3.08
N THR D 40 -3.81 20.36 -3.24
CA THR D 40 -5.15 19.83 -3.05
C THR D 40 -5.99 19.87 -4.31
N LYS D 41 -5.55 20.56 -5.36
CA LYS D 41 -6.32 20.67 -6.59
C LYS D 41 -5.44 21.23 -7.70
N ALA D 42 -5.45 20.58 -8.87
CA ALA D 42 -4.63 21.04 -9.98
C ALA D 42 -5.27 20.58 -11.28
N THR D 43 -5.51 21.53 -12.19
CA THR D 43 -6.10 21.23 -13.48
C THR D 43 -5.50 22.17 -14.51
N ILE D 44 -4.58 21.68 -15.33
CA ILE D 44 -3.97 22.50 -16.36
C ILE D 44 -5.06 23.03 -17.30
N TYR D 45 -5.05 24.33 -17.54
CA TYR D 45 -6.00 24.97 -18.44
C TYR D 45 -5.29 25.36 -19.73
N VAL D 46 -6.01 25.29 -20.84
CA VAL D 46 -5.49 25.66 -22.15
C VAL D 46 -6.49 26.59 -22.83
N THR D 47 -5.98 27.65 -23.43
CA THR D 47 -6.82 28.58 -24.16
C THR D 47 -6.90 28.17 -25.64
N LYS D 48 -7.78 28.86 -26.37
CA LYS D 48 -7.95 28.56 -27.78
C LYS D 48 -6.74 28.96 -28.60
N ASP D 49 -5.97 29.94 -28.13
CA ASP D 49 -4.84 30.47 -28.88
C ASP D 49 -3.53 29.77 -28.53
N GLY D 50 -3.57 28.71 -27.73
CA GLY D 50 -2.37 27.96 -27.39
C GLY D 50 -1.76 28.29 -26.06
N ASN D 51 -2.16 29.40 -25.43
CA ASN D 51 -1.62 29.74 -24.12
C ASN D 51 -2.11 28.75 -23.08
N VAL D 52 -1.18 28.17 -22.32
CA VAL D 52 -1.51 27.23 -21.27
C VAL D 52 -1.03 27.79 -19.93
N TYR D 53 -1.72 27.40 -18.87
CA TYR D 53 -1.37 27.86 -17.54
C TYR D 53 -1.97 26.90 -16.52
N LEU D 54 -1.20 26.62 -15.47
CA LEU D 54 -1.64 25.72 -14.41
C LEU D 54 -2.32 26.52 -13.31
N ASN D 55 -3.49 26.07 -12.89
CA ASN D 55 -4.29 26.73 -11.86
C ASN D 55 -4.34 25.79 -10.66
N VAL D 56 -3.34 25.87 -9.79
CA VAL D 56 -3.16 24.94 -8.70
C VAL D 56 -3.55 25.63 -7.39
N THR D 57 -3.81 24.81 -6.37
CA THR D 57 -4.14 25.28 -5.03
C THR D 57 -3.17 24.68 -4.04
N LEU D 58 -2.37 25.53 -3.39
CA LEU D 58 -1.33 25.08 -2.49
C LEU D 58 -1.71 25.33 -1.04
N VAL D 59 -1.14 24.53 -0.15
CA VAL D 59 -1.32 24.67 1.30
C VAL D 59 0.01 24.39 1.96
N PRO D 60 0.65 25.37 2.58
CA PRO D 60 1.93 25.10 3.26
C PRO D 60 1.72 24.25 4.50
N GLN D 61 2.33 23.07 4.48
CA GLN D 61 2.32 22.16 5.63
C GLN D 61 3.47 22.59 6.54
N GLY D 62 3.14 22.95 7.77
CA GLY D 62 4.12 23.48 8.70
C GLY D 62 3.81 24.92 9.05
N ALA D 63 4.79 25.58 9.65
CA ALA D 63 4.70 26.99 9.99
C ALA D 63 5.95 27.68 9.47
N ALA D 64 5.94 28.02 8.17
CA ALA D 64 7.06 28.68 7.55
C ALA D 64 6.64 29.18 6.17
N GLN D 65 7.51 29.98 5.57
CA GLN D 65 7.31 30.50 4.21
C GLN D 65 8.17 29.63 3.28
N VAL D 66 7.56 28.59 2.73
CA VAL D 66 8.30 27.69 1.84
C VAL D 66 8.73 28.43 0.58
N ALA D 67 9.85 28.00 0.03
CA ALA D 67 10.40 28.58 -1.20
C ALA D 67 10.34 27.55 -2.31
N ILE D 68 9.74 27.91 -3.44
CA ILE D 68 9.60 27.05 -4.59
C ILE D 68 10.82 27.22 -5.47
N SER D 69 11.48 26.12 -5.82
CA SER D 69 12.68 26.18 -6.65
C SER D 69 12.36 26.04 -8.13
N SER D 70 11.61 25.02 -8.51
CA SER D 70 11.32 24.78 -9.92
C SER D 70 10.07 23.93 -10.03
N ILE D 71 9.41 24.02 -11.18
CA ILE D 71 8.22 23.25 -11.50
C ILE D 71 8.51 22.39 -12.72
N GLU D 72 8.30 21.09 -12.58
CA GLU D 72 8.54 20.13 -13.67
C GLU D 72 7.24 19.41 -13.95
N VAL D 73 6.66 19.67 -15.12
CA VAL D 73 5.40 19.05 -15.53
C VAL D 73 5.58 18.47 -16.92
N ALA D 74 5.29 17.17 -17.07
CA ALA D 74 5.32 16.48 -18.35
C ALA D 74 6.69 16.59 -19.01
N GLY D 75 7.75 16.47 -18.21
CA GLY D 75 9.10 16.47 -18.72
C GLY D 75 9.70 17.84 -18.97
N VAL D 76 8.88 18.88 -19.02
CA VAL D 76 9.36 20.24 -19.25
C VAL D 76 9.58 20.91 -17.89
N SER D 77 10.82 21.29 -17.61
CA SER D 77 11.16 21.96 -16.36
C SER D 77 11.07 23.47 -16.55
N ILE D 78 10.65 24.16 -15.49
CA ILE D 78 10.49 25.61 -15.52
C ILE D 78 11.10 26.21 -14.25
N PRO D 79 12.15 27.01 -14.36
CA PRO D 79 12.74 27.62 -13.17
C PRO D 79 11.87 28.76 -12.65
N CYS D 80 12.03 29.04 -11.36
CA CYS D 80 11.31 30.13 -10.69
C CYS D 80 12.32 30.96 -9.92
N THR D 81 12.48 32.22 -10.32
CA THR D 81 13.45 33.12 -9.72
C THR D 81 12.81 34.38 -9.17
N SER D 82 11.48 34.48 -9.20
CA SER D 82 10.79 35.65 -8.69
C SER D 82 9.41 35.23 -8.20
N SER D 83 8.96 35.86 -7.11
CA SER D 83 7.66 35.56 -6.50
C SER D 83 7.54 34.09 -6.14
N ASN D 84 8.67 33.45 -5.80
CA ASN D 84 8.71 32.02 -5.53
C ASN D 84 8.43 31.68 -4.08
N LEU D 85 7.72 32.53 -3.35
CA LEU D 85 7.37 32.30 -1.95
C LEU D 85 5.88 32.04 -1.83
N VAL D 86 5.52 31.06 -1.02
CA VAL D 86 4.13 30.74 -0.73
C VAL D 86 3.81 31.32 0.64
N LYS D 87 3.08 32.44 0.66
CA LYS D 87 2.85 33.17 1.90
C LYS D 87 1.70 32.60 2.72
N ALA D 88 0.66 32.08 2.08
CA ALA D 88 -0.54 31.64 2.77
C ALA D 88 -1.29 30.68 1.87
N PRO D 89 -2.09 29.78 2.44
CA PRO D 89 -2.87 28.85 1.61
C PRO D 89 -3.82 29.60 0.70
N GLY D 90 -3.94 29.13 -0.54
CA GLY D 90 -4.82 29.76 -1.50
C GLY D 90 -4.64 29.13 -2.87
N GLU D 91 -5.26 29.78 -3.84
CA GLU D 91 -5.22 29.33 -5.24
C GLU D 91 -4.21 30.18 -6.00
N TYR D 92 -3.25 29.50 -6.62
CA TYR D 92 -2.17 30.18 -7.33
C TYR D 92 -2.16 29.77 -8.80
N VAL D 93 -1.59 30.63 -9.63
CA VAL D 93 -1.59 30.47 -11.08
C VAL D 93 -0.15 30.48 -11.57
N ILE D 94 0.23 29.43 -12.30
CA ILE D 94 1.58 29.31 -12.85
C ILE D 94 1.45 29.21 -14.36
N GLU D 95 2.16 30.09 -15.07
CA GLU D 95 2.18 30.02 -16.53
C GLU D 95 3.18 28.98 -16.99
N LEU D 96 2.73 28.09 -17.88
CA LEU D 96 3.60 27.13 -18.53
C LEU D 96 4.05 27.73 -19.86
N SER D 97 5.35 27.65 -20.13
CA SER D 97 5.93 28.45 -21.20
C SER D 97 5.60 27.88 -22.58
N SER D 98 6.09 26.68 -22.88
CA SER D 98 6.04 26.15 -24.23
C SER D 98 5.42 24.77 -24.34
N VAL D 99 4.85 24.24 -23.26
CA VAL D 99 4.24 22.91 -23.32
C VAL D 99 3.02 22.97 -24.23
N SER D 100 3.03 22.14 -25.27
CA SER D 100 1.92 22.07 -26.22
C SER D 100 1.13 20.80 -25.94
N VAL D 101 -0.12 20.96 -25.48
CA VAL D 101 -0.96 19.85 -25.09
C VAL D 101 -2.25 19.90 -25.92
N SER D 102 -3.13 18.94 -25.65
CA SER D 102 -4.43 18.88 -26.28
C SER D 102 -5.45 18.43 -25.24
N VAL D 103 -6.68 18.92 -25.40
CA VAL D 103 -7.72 18.65 -24.41
C VAL D 103 -7.91 17.16 -24.24
N GLY D 104 -7.91 16.71 -22.98
CA GLY D 104 -8.18 15.32 -22.63
C GLY D 104 -6.99 14.60 -22.03
N GLN D 105 -5.77 15.00 -22.37
CA GLN D 105 -4.60 14.29 -21.89
C GLN D 105 -4.47 14.40 -20.37
N VAL D 106 -3.64 13.52 -19.80
CA VAL D 106 -3.41 13.47 -18.36
C VAL D 106 -1.91 13.63 -18.12
N LEU D 107 -1.54 14.70 -17.43
CA LEU D 107 -0.15 15.03 -17.17
C LEU D 107 0.12 15.01 -15.67
N THR D 108 1.31 14.58 -15.29
CA THR D 108 1.75 14.65 -13.91
C THR D 108 2.71 15.82 -13.74
N GLY D 109 3.30 15.96 -12.55
CA GLY D 109 4.17 17.09 -12.30
C GLY D 109 4.79 17.00 -10.93
N ARG D 110 5.65 17.98 -10.64
CA ARG D 110 6.32 18.10 -9.36
C ARG D 110 6.56 19.56 -9.03
N ILE D 111 6.49 19.89 -7.74
CA ILE D 111 6.97 21.17 -7.24
C ILE D 111 8.17 20.89 -6.36
N VAL D 112 9.36 21.29 -6.82
CA VAL D 112 10.59 21.07 -6.07
C VAL D 112 10.84 22.28 -5.18
N LEU D 113 10.86 22.06 -3.88
CA LEU D 113 11.09 23.12 -2.91
C LEU D 113 12.59 23.38 -2.77
N ALA D 114 12.93 24.37 -1.95
CA ALA D 114 14.33 24.68 -1.72
C ALA D 114 14.96 23.74 -0.71
N SER D 115 14.19 23.27 0.27
CA SER D 115 14.72 22.35 1.28
C SER D 115 14.98 20.96 0.73
N GLY D 116 14.14 20.47 -0.17
CA GLY D 116 14.32 19.14 -0.72
C GLY D 116 13.02 18.38 -0.90
N ALA D 117 12.02 18.67 -0.08
CA ALA D 117 10.72 18.03 -0.22
C ALA D 117 10.07 18.45 -1.54
N ILE D 118 9.15 17.61 -2.02
CA ILE D 118 8.49 17.81 -3.29
C ILE D 118 6.99 17.57 -3.11
N SER D 119 6.24 17.74 -4.20
CA SER D 119 4.81 17.52 -4.23
C SER D 119 4.36 17.26 -5.65
N PRO D 120 3.76 16.10 -5.93
CA PRO D 120 3.34 15.76 -7.30
C PRO D 120 1.94 16.27 -7.64
N PHE D 121 1.61 16.19 -8.94
CA PHE D 121 0.38 16.76 -9.46
C PHE D 121 -0.64 15.73 -9.93
N THR D 122 -0.31 14.96 -10.96
CA THR D 122 -1.30 14.22 -11.75
C THR D 122 -2.54 15.09 -12.02
N ALA D 123 -2.33 16.11 -12.83
CA ALA D 123 -3.35 17.08 -13.18
C ALA D 123 -3.78 16.91 -14.63
N THR D 124 -5.08 16.87 -14.87
CA THR D 124 -5.61 16.71 -16.22
C THR D 124 -5.75 18.07 -16.91
N VAL D 125 -6.01 18.03 -18.21
CA VAL D 125 -6.16 19.23 -19.02
C VAL D 125 -7.64 19.50 -19.24
N VAL D 126 -8.01 20.78 -19.22
CA VAL D 126 -9.38 21.20 -19.44
C VAL D 126 -9.35 22.46 -20.30
N ALA D 127 -10.30 22.56 -21.24
CA ALA D 127 -10.35 23.69 -22.15
C ALA D 127 -10.88 24.92 -21.44
N ALA D 128 -10.29 26.08 -21.76
CA ALA D 128 -10.71 27.35 -21.20
C ALA D 128 -10.53 28.43 -22.25
N ASP D 129 -11.02 29.63 -21.95
CA ASP D 129 -11.08 30.69 -22.94
C ASP D 129 -9.90 31.66 -22.86
N HIS D 130 -9.73 32.31 -21.72
CA HIS D 130 -8.78 33.41 -21.59
C HIS D 130 -7.88 33.23 -20.37
N VAL D 131 -6.66 33.74 -20.48
CA VAL D 131 -5.73 33.75 -19.36
C VAL D 131 -6.26 34.70 -18.28
N PRO D 132 -6.37 34.26 -17.03
CA PRO D 132 -6.93 35.14 -15.99
C PRO D 132 -5.92 36.22 -15.59
N SER D 133 -6.42 37.43 -15.44
CA SER D 133 -5.62 38.58 -15.01
C SER D 133 -5.89 38.79 -13.52
N THR D 134 -5.05 38.19 -12.68
CA THR D 134 -5.23 38.27 -11.25
C THR D 134 -3.87 38.10 -10.58
N GLU D 135 -3.86 38.29 -9.26
CA GLU D 135 -2.65 38.17 -8.47
C GLU D 135 -2.37 36.70 -8.19
N ASN D 136 -1.47 36.43 -7.24
CA ASN D 136 -1.13 35.09 -6.80
C ASN D 136 -0.45 34.29 -7.91
N LYS D 137 0.44 34.94 -8.64
CA LYS D 137 1.31 34.23 -9.58
C LYS D 137 2.56 33.77 -8.85
N LEU D 138 3.08 32.61 -9.27
CA LEU D 138 4.16 31.98 -8.54
C LEU D 138 5.51 32.03 -9.22
N CYS D 139 5.56 32.08 -10.55
CA CYS D 139 6.83 32.12 -11.27
C CYS D 139 6.67 33.08 -12.44
N SER D 140 7.03 34.34 -12.21
CA SER D 140 6.91 35.38 -13.23
C SER D 140 8.27 35.93 -13.61
N MET E 1 22.32 10.88 33.39
CA MET E 1 23.77 10.98 33.40
C MET E 1 24.23 12.41 33.56
N THR E 2 25.54 12.58 33.75
CA THR E 2 26.11 13.92 33.82
C THR E 2 25.86 14.65 32.50
N SER E 3 25.70 15.97 32.59
CA SER E 3 25.39 16.75 31.41
C SER E 3 26.46 16.66 30.34
N LEU E 4 27.68 16.27 30.71
CA LEU E 4 28.68 15.97 29.69
C LEU E 4 28.19 14.81 28.82
N GLU E 5 27.67 13.77 29.45
CA GLU E 5 27.15 12.64 28.70
C GLU E 5 25.95 13.03 27.86
N ILE E 6 25.04 13.80 28.44
CA ILE E 6 23.86 14.21 27.68
C ILE E 6 24.27 15.09 26.51
N ALA E 7 25.31 15.90 26.68
CA ALA E 7 25.82 16.69 25.56
C ALA E 7 26.33 15.80 24.45
N ILE E 8 27.20 14.85 24.79
CA ILE E 8 27.76 13.95 23.79
C ILE E 8 26.65 13.19 23.06
N ILE E 9 25.73 12.61 23.84
CA ILE E 9 24.69 11.78 23.26
C ILE E 9 23.72 12.61 22.43
N VAL E 10 23.37 13.82 22.89
CA VAL E 10 22.47 14.65 22.11
C VAL E 10 23.13 15.07 20.81
N ALA E 11 24.44 15.34 20.84
CA ALA E 11 25.13 15.67 19.59
C ALA E 11 25.05 14.52 18.59
N ILE E 12 25.45 13.32 19.02
CA ILE E 12 25.47 12.18 18.09
C ILE E 12 24.05 11.83 17.64
N VAL E 13 23.12 11.82 18.59
CA VAL E 13 21.71 11.58 18.31
C VAL E 13 21.14 12.58 17.31
N LEU E 14 21.46 13.86 17.44
CA LEU E 14 20.93 14.85 16.51
C LEU E 14 21.53 14.65 15.13
N VAL E 15 22.84 14.38 15.05
CA VAL E 15 23.46 14.11 13.76
C VAL E 15 22.75 12.94 13.06
N ILE E 16 22.54 11.85 13.79
CA ILE E 16 21.94 10.67 13.19
C ILE E 16 20.49 10.95 12.77
N ALA E 17 19.74 11.65 13.61
CA ALA E 17 18.34 11.94 13.29
C ALA E 17 18.23 12.81 12.05
N ILE E 18 19.05 13.86 11.95
CA ILE E 18 19.02 14.71 10.77
C ILE E 18 19.40 13.92 9.53
N ALA E 19 20.42 13.07 9.64
CA ALA E 19 20.83 12.25 8.51
C ALA E 19 19.67 11.40 8.01
N VAL E 20 18.99 10.70 8.93
CA VAL E 20 17.91 9.80 8.51
C VAL E 20 16.73 10.59 7.95
N GLY E 21 16.40 11.73 8.55
CA GLY E 21 15.29 12.52 8.07
C GLY E 21 15.51 13.02 6.65
N TRP E 22 16.67 13.60 6.39
CA TRP E 22 16.92 14.06 5.03
C TRP E 22 17.19 12.91 4.07
N TYR E 23 17.55 11.74 4.59
CA TYR E 23 17.53 10.53 3.76
C TYR E 23 16.11 10.25 3.27
N LEU E 24 15.13 10.34 4.17
CA LEU E 24 13.74 10.14 3.77
C LEU E 24 13.34 11.18 2.72
N TYR E 25 13.69 12.44 2.95
CA TYR E 25 13.41 13.48 1.95
C TYR E 25 14.01 13.14 0.59
N THR E 26 15.27 12.73 0.56
CA THR E 26 15.92 12.49 -0.73
C THR E 26 15.31 11.26 -1.41
N THR E 27 14.96 10.24 -0.63
CA THR E 27 14.28 9.08 -1.20
C THR E 27 12.95 9.49 -1.83
N PHE E 28 12.20 10.36 -1.15
CA PHE E 28 10.93 10.82 -1.73
C PHE E 28 11.17 11.63 -2.99
N ALA E 29 12.20 12.48 -2.98
CA ALA E 29 12.47 13.31 -4.15
C ALA E 29 12.92 12.46 -5.34
N ALA E 30 13.58 11.33 -5.07
CA ALA E 30 13.98 10.46 -6.17
C ALA E 30 12.82 9.58 -6.64
N ALA E 31 11.92 9.21 -5.73
CA ALA E 31 10.77 8.42 -6.11
C ALA E 31 9.73 9.22 -6.88
N GLY E 32 9.65 10.53 -6.63
CA GLY E 32 8.71 11.36 -7.36
C GLY E 32 9.06 11.53 -8.83
N GLN E 33 10.27 11.18 -9.22
CA GLN E 33 10.73 11.33 -10.60
C GLN E 33 10.59 10.05 -11.41
N GLN E 34 9.78 9.11 -10.94
CA GLN E 34 9.55 7.90 -11.71
C GLN E 34 8.69 8.24 -12.92
N THR E 35 9.14 7.82 -14.10
CA THR E 35 8.57 8.30 -15.34
C THR E 35 8.38 7.15 -16.31
N GLY E 36 7.77 7.48 -17.45
CA GLY E 36 7.50 6.48 -18.48
C GLY E 36 6.74 7.12 -19.61
N LEU E 37 6.80 6.46 -20.76
CA LEU E 37 6.14 6.95 -21.96
C LEU E 37 4.70 6.45 -22.04
N THR E 38 3.87 7.20 -22.75
CA THR E 38 2.53 6.76 -23.09
C THR E 38 2.17 7.33 -24.45
N ALA E 39 1.35 6.59 -25.20
CA ALA E 39 0.95 6.99 -26.54
C ALA E 39 -0.53 7.33 -26.51
N THR E 40 -0.92 8.32 -27.31
CA THR E 40 -2.32 8.71 -27.42
C THR E 40 -2.87 8.61 -28.83
N LYS E 41 -2.02 8.43 -29.84
CA LYS E 41 -2.47 8.34 -31.22
C LYS E 41 -1.34 7.79 -32.08
N ALA E 42 -1.64 6.78 -32.88
CA ALA E 42 -0.62 6.16 -33.72
C ALA E 42 -1.27 5.54 -34.94
N THR E 43 -0.81 5.93 -36.12
CA THR E 43 -1.32 5.39 -37.39
C THR E 43 -0.15 5.26 -38.34
N ILE E 44 0.24 4.02 -38.63
CA ILE E 44 1.34 3.80 -39.57
C ILE E 44 0.94 4.28 -40.95
N TYR E 45 1.77 5.12 -41.55
CA TYR E 45 1.52 5.68 -42.88
C TYR E 45 2.40 4.99 -43.90
N VAL E 46 1.88 4.84 -45.12
CA VAL E 46 2.61 4.22 -46.22
C VAL E 46 2.51 5.13 -47.43
N THR E 47 3.63 5.30 -48.13
CA THR E 47 3.66 6.10 -49.34
C THR E 47 3.37 5.23 -50.56
N LYS E 48 3.25 5.88 -51.71
CA LYS E 48 3.00 5.15 -52.94
C LYS E 48 4.22 4.37 -53.41
N ASP E 49 5.42 4.84 -53.06
CA ASP E 49 6.66 4.22 -53.51
C ASP E 49 7.20 3.18 -52.54
N GLY E 50 6.45 2.84 -51.51
CA GLY E 50 6.85 1.81 -50.58
C GLY E 50 7.43 2.30 -49.27
N ASN E 51 7.77 3.58 -49.16
CA ASN E 51 8.31 4.11 -47.92
C ASN E 51 7.22 4.13 -46.86
N VAL E 52 7.54 3.61 -45.67
CA VAL E 52 6.62 3.59 -44.55
C VAL E 52 7.22 4.39 -43.41
N TYR E 53 6.35 5.02 -42.62
CA TYR E 53 6.80 5.81 -41.48
C TYR E 53 5.64 5.92 -40.50
N LEU E 54 5.96 5.81 -39.22
CA LEU E 54 4.97 5.90 -38.16
C LEU E 54 4.86 7.33 -37.67
N ASN E 55 3.62 7.81 -37.51
CA ASN E 55 3.35 9.18 -37.10
C ASN E 55 2.60 9.10 -35.76
N VAL E 56 3.35 9.08 -34.67
CA VAL E 56 2.81 8.85 -33.34
C VAL E 56 2.83 10.15 -32.56
N THR E 57 2.02 10.20 -31.50
CA THR E 57 1.95 11.34 -30.58
C THR E 57 2.28 10.85 -29.18
N LEU E 58 3.35 11.37 -28.60
CA LEU E 58 3.86 10.90 -27.33
C LEU E 58 3.58 11.92 -26.23
N VAL E 59 3.49 11.42 -25.00
CA VAL E 59 3.34 12.25 -23.81
C VAL E 59 4.18 11.65 -22.70
N PRO E 60 5.22 12.33 -22.23
CA PRO E 60 6.00 11.76 -21.12
C PRO E 60 5.23 11.82 -19.81
N GLN E 61 4.98 10.65 -19.25
CA GLN E 61 4.33 10.51 -17.95
C GLN E 61 5.43 10.64 -16.90
N GLY E 62 5.26 11.57 -15.97
CA GLY E 62 6.27 11.87 -14.99
C GLY E 62 6.87 13.24 -15.22
N ALA E 63 8.01 13.47 -14.60
CA ALA E 63 8.79 14.70 -14.80
C ALA E 63 10.23 14.29 -15.04
N ALA E 64 10.54 13.94 -16.29
CA ALA E 64 11.89 13.52 -16.65
C ALA E 64 11.99 13.49 -18.16
N GLN E 65 13.20 13.20 -18.65
CA GLN E 65 13.48 13.06 -20.06
C GLN E 65 13.64 11.56 -20.34
N VAL E 66 12.54 10.91 -20.71
CA VAL E 66 12.58 9.48 -20.98
C VAL E 66 13.46 9.20 -22.18
N ALA E 67 14.10 8.03 -22.18
CA ALA E 67 14.99 7.63 -23.26
C ALA E 67 14.44 6.39 -23.94
N ILE E 68 14.24 6.49 -25.25
CA ILE E 68 13.72 5.39 -26.06
C ILE E 68 14.88 4.49 -26.44
N SER E 69 14.72 3.18 -26.21
CA SER E 69 15.77 2.24 -26.55
C SER E 69 15.56 1.61 -27.92
N SER E 70 14.37 1.10 -28.20
CA SER E 70 14.11 0.43 -29.46
C SER E 70 12.61 0.43 -29.73
N ILE E 71 12.27 0.33 -31.02
CA ILE E 71 10.90 0.25 -31.47
C ILE E 71 10.71 -1.10 -32.14
N GLU E 72 9.70 -1.86 -31.70
CA GLU E 72 9.40 -3.17 -32.26
C GLU E 72 7.97 -3.15 -32.78
N VAL E 73 7.81 -3.25 -34.10
CA VAL E 73 6.51 -3.20 -34.75
C VAL E 73 6.35 -4.43 -35.63
N ALA E 74 5.34 -5.24 -35.35
CA ALA E 74 4.99 -6.41 -36.17
C ALA E 74 6.18 -7.34 -36.33
N GLY E 75 6.92 -7.55 -35.25
CA GLY E 75 8.05 -8.46 -35.25
C GLY E 75 9.34 -7.88 -35.75
N VAL E 76 9.31 -6.69 -36.36
CA VAL E 76 10.52 -6.03 -36.85
C VAL E 76 11.00 -5.08 -35.77
N SER E 77 12.21 -5.31 -35.25
CA SER E 77 12.80 -4.46 -34.24
C SER E 77 13.66 -3.40 -34.92
N ILE E 78 13.64 -2.20 -34.36
CA ILE E 78 14.40 -1.08 -34.93
C ILE E 78 15.18 -0.39 -33.82
N PRO E 79 16.51 -0.52 -33.79
CA PRO E 79 17.29 0.15 -32.74
C PRO E 79 17.31 1.65 -32.93
N CYS E 80 17.50 2.35 -31.82
CA CYS E 80 17.55 3.81 -31.80
C CYS E 80 18.81 4.24 -31.05
N THR E 81 19.72 4.89 -31.75
CA THR E 81 21.01 5.27 -31.19
C THR E 81 21.28 6.77 -31.30
N SER E 82 20.32 7.56 -31.76
CA SER E 82 20.51 9.00 -31.91
C SER E 82 19.17 9.70 -31.78
N SER E 83 19.18 10.86 -31.13
CA SER E 83 17.99 11.67 -30.91
C SER E 83 16.87 10.84 -30.28
N ASN E 84 17.22 9.93 -29.39
CA ASN E 84 16.25 9.04 -28.75
C ASN E 84 15.68 9.61 -27.46
N LEU E 85 15.67 10.93 -27.31
CA LEU E 85 15.15 11.59 -26.13
C LEU E 85 13.84 12.28 -26.44
N VAL E 86 12.87 12.14 -25.55
CA VAL E 86 11.58 12.80 -25.66
C VAL E 86 11.59 13.98 -24.70
N LYS E 87 11.66 15.19 -25.26
CA LYS E 87 11.83 16.39 -24.44
C LYS E 87 10.51 16.99 -23.98
N ALA E 88 9.44 16.84 -24.75
CA ALA E 88 8.18 17.49 -24.45
C ALA E 88 7.06 16.75 -25.17
N PRO E 89 5.83 16.83 -24.68
CA PRO E 89 4.72 16.18 -25.38
C PRO E 89 4.52 16.80 -26.76
N GLY E 90 4.25 15.96 -27.75
CA GLY E 90 4.04 16.43 -29.09
C GLY E 90 3.91 15.27 -30.05
N GLU E 91 3.82 15.62 -31.33
CA GLU E 91 3.70 14.65 -32.41
C GLU E 91 5.08 14.35 -32.97
N TYR E 92 5.44 13.06 -32.99
CA TYR E 92 6.76 12.64 -33.43
C TYR E 92 6.64 11.65 -34.58
N VAL E 93 7.69 11.57 -35.39
CA VAL E 93 7.70 10.76 -36.60
C VAL E 93 8.86 9.78 -36.52
N ILE E 94 8.55 8.49 -36.66
CA ILE E 94 9.56 7.43 -36.63
C ILE E 94 9.54 6.73 -37.97
N GLU E 95 10.70 6.62 -38.61
CA GLU E 95 10.80 5.95 -39.89
C GLU E 95 11.00 4.45 -39.68
N LEU E 96 10.16 3.65 -40.35
CA LEU E 96 10.30 2.20 -40.36
C LEU E 96 11.12 1.82 -41.58
N SER E 97 12.09 0.92 -41.40
CA SER E 97 13.08 0.70 -42.44
C SER E 97 12.55 -0.16 -43.58
N SER E 98 12.20 -1.41 -43.28
CA SER E 98 11.92 -2.38 -44.32
C SER E 98 10.60 -3.13 -44.16
N VAL E 99 9.73 -2.70 -43.24
CA VAL E 99 8.46 -3.38 -43.07
C VAL E 99 7.60 -3.15 -44.30
N SER E 100 7.27 -4.23 -45.00
CA SER E 100 6.45 -4.16 -46.21
C SER E 100 5.02 -4.54 -45.84
N VAL E 101 4.12 -3.57 -45.89
CA VAL E 101 2.74 -3.75 -45.49
C VAL E 101 1.83 -3.37 -46.65
N SER E 102 0.53 -3.44 -46.40
CA SER E 102 -0.48 -3.09 -47.38
C SER E 102 -1.64 -2.40 -46.67
N VAL E 103 -2.25 -1.44 -47.37
CA VAL E 103 -3.29 -0.62 -46.76
C VAL E 103 -4.41 -1.50 -46.22
N GLY E 104 -4.80 -1.24 -44.97
CA GLY E 104 -5.91 -1.91 -44.34
C GLY E 104 -5.53 -2.78 -43.15
N GLN E 105 -4.31 -3.29 -43.13
CA GLN E 105 -3.89 -4.20 -42.07
C GLN E 105 -3.88 -3.50 -40.72
N VAL E 106 -3.80 -4.30 -39.66
CA VAL E 106 -3.76 -3.81 -38.28
C VAL E 106 -2.50 -4.33 -37.63
N LEU E 107 -1.60 -3.43 -37.23
CA LEU E 107 -0.32 -3.78 -36.66
C LEU E 107 -0.23 -3.26 -35.23
N THR E 108 0.39 -4.04 -34.35
CA THR E 108 0.67 -3.60 -33.00
C THR E 108 2.15 -3.25 -32.88
N GLY E 109 2.60 -2.95 -31.67
CA GLY E 109 3.99 -2.59 -31.48
C GLY E 109 4.26 -2.24 -30.03
N ARG E 110 5.52 -1.86 -29.77
CA ARG E 110 5.96 -1.45 -28.46
C ARG E 110 7.03 -0.39 -28.58
N ILE E 111 7.11 0.48 -27.58
CA ILE E 111 8.26 1.36 -27.39
C ILE E 111 8.97 0.90 -26.12
N VAL E 112 10.16 0.34 -26.28
CA VAL E 112 10.93 -0.15 -25.13
C VAL E 112 11.81 0.98 -24.65
N LEU E 113 11.58 1.43 -23.41
CA LEU E 113 12.33 2.50 -22.81
C LEU E 113 13.65 1.96 -22.26
N ALA E 114 14.50 2.88 -21.78
CA ALA E 114 15.76 2.47 -21.20
C ALA E 114 15.60 2.02 -19.76
N SER E 115 14.63 2.57 -19.03
CA SER E 115 14.41 2.18 -17.65
C SER E 115 13.79 0.79 -17.53
N GLY E 116 12.92 0.40 -18.46
CA GLY E 116 12.29 -0.89 -18.39
C GLY E 116 10.82 -0.87 -18.76
N ALA E 117 10.15 0.25 -18.50
CA ALA E 117 8.74 0.38 -18.87
C ALA E 117 8.61 0.41 -20.39
N ILE E 118 7.40 0.09 -20.86
CA ILE E 118 7.10 0.00 -22.28
C ILE E 118 5.80 0.73 -22.56
N SER E 119 5.39 0.73 -23.82
CA SER E 119 4.15 1.33 -24.27
C SER E 119 3.75 0.72 -25.61
N PRO E 120 2.56 0.16 -25.73
CA PRO E 120 2.17 -0.51 -26.97
C PRO E 120 1.55 0.44 -28.00
N PHE E 121 1.35 -0.08 -29.22
CA PHE E 121 0.97 0.73 -30.37
C PHE E 121 -0.44 0.45 -30.88
N THR E 122 -0.73 -0.79 -31.28
CA THR E 122 -1.97 -1.19 -31.96
C THR E 122 -2.42 -0.13 -32.98
N ALA E 123 -1.54 0.12 -33.94
CA ALA E 123 -1.74 1.17 -34.93
C ALA E 123 -2.11 0.56 -36.28
N THR E 124 -3.13 1.12 -36.92
CA THR E 124 -3.56 0.67 -38.23
C THR E 124 -2.79 1.41 -39.33
N VAL E 125 -2.98 0.96 -40.56
CA VAL E 125 -2.27 1.51 -41.71
C VAL E 125 -3.23 2.39 -42.50
N VAL E 126 -2.70 3.51 -43.02
CA VAL E 126 -3.46 4.44 -43.85
C VAL E 126 -2.56 4.90 -44.97
N ALA E 127 -3.14 5.09 -46.14
CA ALA E 127 -2.39 5.49 -47.33
C ALA E 127 -2.03 6.97 -47.25
N ALA E 128 -0.84 7.30 -47.76
CA ALA E 128 -0.37 8.68 -47.81
C ALA E 128 0.52 8.84 -49.02
N ASP E 129 0.84 10.09 -49.34
CA ASP E 129 1.56 10.40 -50.57
C ASP E 129 3.06 10.52 -50.38
N HIS E 130 3.50 11.46 -49.52
CA HIS E 130 4.90 11.80 -49.41
C HIS E 130 5.36 11.75 -47.96
N VAL E 131 6.64 11.42 -47.78
CA VAL E 131 7.26 11.44 -46.45
C VAL E 131 7.34 12.88 -45.97
N PRO E 132 6.89 13.20 -44.77
CA PRO E 132 6.93 14.59 -44.30
C PRO E 132 8.35 15.01 -43.97
N SER E 133 8.71 16.21 -44.42
CA SER E 133 10.02 16.80 -44.13
C SER E 133 9.83 17.78 -42.97
N THR E 134 10.08 17.30 -41.76
CA THR E 134 9.88 18.12 -40.57
C THR E 134 10.81 17.62 -39.47
N GLU E 135 10.83 18.35 -38.37
CA GLU E 135 11.61 17.98 -37.19
C GLU E 135 10.84 16.93 -36.39
N ASN E 136 11.27 16.71 -35.15
CA ASN E 136 10.60 15.79 -34.22
C ASN E 136 10.73 14.34 -34.68
N LYS E 137 11.90 13.98 -35.18
CA LYS E 137 12.20 12.58 -35.46
C LYS E 137 12.81 11.93 -34.22
N LEU E 138 12.56 10.64 -34.08
CA LEU E 138 12.93 9.94 -32.85
C LEU E 138 14.08 8.95 -33.00
N CYS E 139 14.27 8.37 -34.19
CA CYS E 139 15.33 7.39 -34.40
C CYS E 139 15.92 7.63 -35.79
N SER E 140 16.98 8.41 -35.85
CA SER E 140 17.64 8.71 -37.12
C SER E 140 19.07 8.21 -37.13
N MET F 1 36.70 20.46 54.21
CA MET F 1 35.97 21.35 55.12
C MET F 1 35.56 20.61 56.38
N THR F 2 35.26 21.37 57.44
CA THR F 2 34.96 20.80 58.74
C THR F 2 33.76 19.86 58.64
N SER F 3 33.76 18.81 59.48
CA SER F 3 32.68 17.84 59.46
C SER F 3 31.32 18.46 59.71
N LEU F 4 31.27 19.63 60.37
CA LEU F 4 30.02 20.36 60.45
C LEU F 4 29.51 20.69 59.06
N GLU F 5 30.41 21.13 58.20
CA GLU F 5 30.04 21.48 56.83
C GLU F 5 29.56 20.26 56.06
N ILE F 6 30.28 19.15 56.18
CA ILE F 6 29.86 17.93 55.49
C ILE F 6 28.51 17.48 56.02
N ALA F 7 28.26 17.67 57.31
CA ALA F 7 26.94 17.34 57.87
C ALA F 7 25.85 18.16 57.18
N ILE F 8 26.02 19.49 57.15
CA ILE F 8 25.01 20.35 56.54
C ILE F 8 24.81 19.98 55.07
N ILE F 9 25.91 19.87 54.32
CA ILE F 9 25.84 19.64 52.89
C ILE F 9 25.24 18.27 52.59
N VAL F 10 25.61 17.24 53.36
CA VAL F 10 25.05 15.91 53.11
C VAL F 10 23.57 15.89 53.45
N ALA F 11 23.14 16.62 54.49
CA ALA F 11 21.72 16.69 54.78
C ALA F 11 20.94 17.28 53.60
N ILE F 12 21.37 18.45 53.12
CA ILE F 12 20.66 19.10 52.03
C ILE F 12 20.72 18.27 50.76
N VAL F 13 21.91 17.72 50.47
CA VAL F 13 22.11 16.84 49.33
C VAL F 13 21.20 15.63 49.37
N LEU F 14 21.06 14.98 50.53
CA LEU F 14 20.21 13.80 50.61
C LEU F 14 18.75 14.17 50.43
N VAL F 15 18.33 15.29 51.01
CA VAL F 15 16.95 15.74 50.81
C VAL F 15 16.67 15.93 49.32
N ILE F 16 17.56 16.64 48.63
CA ILE F 16 17.33 16.93 47.21
C ILE F 16 17.35 15.64 46.39
N ALA F 17 18.30 14.75 46.68
CA ALA F 17 18.38 13.50 45.93
C ALA F 17 17.13 12.66 46.09
N ILE F 18 16.66 12.50 47.33
CA ILE F 18 15.45 11.72 47.54
C ILE F 18 14.26 12.35 46.83
N ALA F 19 14.15 13.68 46.91
CA ALA F 19 13.05 14.36 46.22
C ALA F 19 13.07 14.06 44.73
N VAL F 20 14.23 14.20 44.10
CA VAL F 20 14.30 14.00 42.65
C VAL F 20 14.06 12.54 42.29
N GLY F 21 14.59 11.61 43.08
CA GLY F 21 14.40 10.21 42.78
C GLY F 21 12.94 9.80 42.82
N TRP F 22 12.25 10.16 43.90
CA TRP F 22 10.84 9.79 43.95
C TRP F 22 9.99 10.65 43.02
N TYR F 23 10.50 11.80 42.58
CA TYR F 23 9.87 12.50 41.46
C TYR F 23 9.91 11.64 40.20
N LEU F 24 11.06 11.04 39.92
CA LEU F 24 11.16 10.13 38.77
C LEU F 24 10.19 8.96 38.92
N TYR F 25 10.14 8.36 40.11
CA TYR F 25 9.17 7.30 40.35
C TYR F 25 7.74 7.74 40.08
N THR F 26 7.34 8.90 40.59
CA THR F 26 5.96 9.33 40.42
C THR F 26 5.66 9.65 38.96
N THR F 27 6.63 10.23 38.26
CA THR F 27 6.44 10.47 36.83
C THR F 27 6.25 9.17 36.08
N PHE F 28 7.01 8.13 36.43
CA PHE F 28 6.83 6.84 35.79
C PHE F 28 5.46 6.25 36.11
N ALA F 29 5.03 6.37 37.36
CA ALA F 29 3.73 5.82 37.76
C ALA F 29 2.59 6.56 37.07
N ALA F 30 2.78 7.84 36.74
CA ALA F 30 1.74 8.57 36.04
C ALA F 30 1.77 8.29 34.55
N ALA F 31 2.96 8.08 33.98
CA ALA F 31 3.06 7.76 32.57
C ALA F 31 2.58 6.35 32.27
N GLY F 32 2.66 5.44 33.22
CA GLY F 32 2.17 4.09 32.99
C GLY F 32 0.67 3.99 32.85
N GLN F 33 -0.07 5.03 33.24
CA GLN F 33 -1.52 5.03 33.21
C GLN F 33 -2.07 5.70 31.96
N GLN F 34 -1.26 5.88 30.92
CA GLN F 34 -1.76 6.43 29.67
C GLN F 34 -2.67 5.41 29.01
N THR F 35 -3.87 5.85 28.66
CA THR F 35 -4.93 4.92 28.27
C THR F 35 -5.63 5.43 27.02
N GLY F 36 -6.51 4.59 26.48
CA GLY F 36 -7.25 4.93 25.29
C GLY F 36 -8.15 3.77 24.91
N LEU F 37 -9.16 4.09 24.10
CA LEU F 37 -10.13 3.10 23.67
C LEU F 37 -9.70 2.43 22.38
N THR F 38 -10.19 1.21 22.17
CA THR F 38 -10.02 0.51 20.92
C THR F 38 -11.27 -0.33 20.66
N ALA F 39 -11.63 -0.46 19.39
CA ALA F 39 -12.83 -1.19 18.99
C ALA F 39 -12.40 -2.48 18.30
N THR F 40 -13.14 -3.55 18.56
CA THR F 40 -12.85 -4.83 17.94
C THR F 40 -13.98 -5.35 17.06
N LYS F 41 -15.17 -4.76 17.15
CA LYS F 41 -16.31 -5.23 16.38
C LYS F 41 -17.43 -4.19 16.41
N ALA F 42 -17.97 -3.85 15.25
CA ALA F 42 -19.02 -2.83 15.19
C ALA F 42 -19.89 -3.08 13.97
N THR F 43 -21.20 -3.19 14.18
CA THR F 43 -22.15 -3.38 13.09
C THR F 43 -23.42 -2.62 13.44
N ILE F 44 -23.66 -1.50 12.76
CA ILE F 44 -24.88 -0.73 13.01
C ILE F 44 -26.09 -1.59 12.68
N TYR F 45 -27.04 -1.64 13.60
CA TYR F 45 -28.27 -2.40 13.41
C TYR F 45 -29.43 -1.44 13.17
N VAL F 46 -30.38 -1.87 12.35
CA VAL F 46 -31.57 -1.08 12.03
C VAL F 46 -32.79 -1.96 12.21
N THR F 47 -33.83 -1.41 12.82
CA THR F 47 -35.09 -2.11 13.00
C THR F 47 -36.03 -1.81 11.83
N LYS F 48 -37.16 -2.52 11.81
CA LYS F 48 -38.13 -2.31 10.75
C LYS F 48 -38.83 -0.98 10.88
N ASP F 49 -38.92 -0.43 12.10
CA ASP F 49 -39.65 0.80 12.35
C ASP F 49 -38.77 2.04 12.25
N GLY F 50 -37.50 1.89 11.86
CA GLY F 50 -36.62 3.01 11.67
C GLY F 50 -35.65 3.26 12.80
N ASN F 51 -35.83 2.61 13.95
CA ASN F 51 -34.88 2.78 15.05
C ASN F 51 -33.55 2.15 14.71
N VAL F 52 -32.47 2.92 14.85
CA VAL F 52 -31.13 2.43 14.60
C VAL F 52 -30.33 2.52 15.89
N TYR F 53 -29.38 1.61 16.04
CA TYR F 53 -28.54 1.58 17.24
C TYR F 53 -27.25 0.86 16.90
N LEU F 54 -26.16 1.30 17.51
CA LEU F 54 -24.85 0.72 17.29
C LEU F 54 -24.57 -0.33 18.35
N ASN F 55 -24.09 -1.50 17.93
CA ASN F 55 -23.76 -2.60 18.82
C ASN F 55 -22.26 -2.85 18.71
N VAL F 56 -21.48 -2.13 19.50
CA VAL F 56 -20.03 -2.13 19.39
C VAL F 56 -19.45 -2.89 20.58
N THR F 57 -18.17 -3.28 20.44
CA THR F 57 -17.43 -3.96 21.48
C THR F 57 -16.15 -3.19 21.77
N LEU F 58 -16.02 -2.70 23.00
CA LEU F 58 -14.88 -1.88 23.38
C LEU F 58 -13.93 -2.65 24.27
N VAL F 59 -12.67 -2.25 24.25
CA VAL F 59 -11.63 -2.80 25.11
C VAL F 59 -10.75 -1.63 25.56
N PRO F 60 -10.78 -1.25 26.83
CA PRO F 60 -9.92 -0.14 27.27
C PRO F 60 -8.46 -0.54 27.25
N GLN F 61 -7.68 0.18 26.45
CA GLN F 61 -6.23 0.00 26.37
C GLN F 61 -5.62 0.83 27.48
N GLY F 62 -4.82 0.19 28.32
CA GLY F 62 -4.24 0.84 29.49
C GLY F 62 -4.85 0.29 30.76
N ALA F 63 -4.68 1.05 31.83
CA ALA F 63 -5.27 0.74 33.13
C ALA F 63 -5.92 2.01 33.67
N ALA F 64 -7.15 2.28 33.22
CA ALA F 64 -7.88 3.47 33.65
C ALA F 64 -9.33 3.34 33.21
N GLN F 65 -10.14 4.29 33.65
CA GLN F 65 -11.54 4.38 33.26
C GLN F 65 -11.64 5.50 32.22
N VAL F 66 -11.59 5.13 30.95
CA VAL F 66 -11.65 6.11 29.88
C VAL F 66 -13.04 6.77 29.87
N ALA F 67 -13.07 8.04 29.49
CA ALA F 67 -14.30 8.81 29.43
C ALA F 67 -14.60 9.16 27.98
N ILE F 68 -15.78 8.76 27.51
CA ILE F 68 -16.21 9.00 26.14
C ILE F 68 -16.86 10.38 26.08
N SER F 69 -16.42 11.20 25.13
CA SER F 69 -16.96 12.54 24.98
C SER F 69 -18.13 12.59 24.00
N SER F 70 -17.92 12.11 22.77
CA SER F 70 -18.95 12.17 21.76
C SER F 70 -18.69 11.09 20.72
N ILE F 71 -19.76 10.67 20.05
CA ILE F 71 -19.71 9.70 18.97
C ILE F 71 -20.16 10.38 17.69
N GLU F 72 -19.32 10.32 16.66
CA GLU F 72 -19.61 10.94 15.37
C GLU F 72 -19.63 9.85 14.31
N VAL F 73 -20.81 9.60 13.74
CA VAL F 73 -21.01 8.55 12.74
C VAL F 73 -21.67 9.18 11.52
N ALA F 74 -21.01 9.07 10.37
CA ALA F 74 -21.55 9.52 9.09
C ALA F 74 -21.94 10.98 9.13
N GLY F 75 -21.11 11.79 9.78
CA GLY F 75 -21.33 13.22 9.86
C GLY F 75 -22.29 13.67 10.95
N VAL F 76 -23.02 12.75 11.56
CA VAL F 76 -23.96 13.09 12.63
C VAL F 76 -23.23 12.90 13.96
N SER F 77 -23.07 13.99 14.70
CA SER F 77 -22.40 13.96 16.00
C SER F 77 -23.43 13.75 17.10
N ILE F 78 -23.04 13.01 18.13
CA ILE F 78 -23.94 12.70 19.24
C ILE F 78 -23.20 12.88 20.56
N PRO F 79 -23.57 13.86 21.37
CA PRO F 79 -22.89 14.06 22.66
C PRO F 79 -23.32 13.01 23.67
N CYS F 80 -22.44 12.76 24.62
CA CYS F 80 -22.68 11.79 25.69
C CYS F 80 -22.39 12.47 27.02
N THR F 81 -23.45 12.68 27.81
CA THR F 81 -23.34 13.37 29.09
C THR F 81 -23.71 12.48 30.27
N SER F 82 -23.98 11.20 30.04
CA SER F 82 -24.35 10.29 31.11
C SER F 82 -23.91 8.88 30.74
N SER F 83 -23.45 8.13 31.74
CA SER F 83 -22.96 6.77 31.55
C SER F 83 -21.85 6.71 30.51
N ASN F 84 -21.03 7.76 30.45
CA ASN F 84 -19.97 7.88 29.45
C ASN F 84 -18.66 7.28 29.92
N LEU F 85 -18.69 6.34 30.86
CA LEU F 85 -17.49 5.69 31.35
C LEU F 85 -17.47 4.23 30.91
N VAL F 86 -16.30 3.78 30.47
CA VAL F 86 -16.08 2.40 30.07
C VAL F 86 -15.37 1.70 31.23
N LYS F 87 -16.11 0.90 31.98
CA LYS F 87 -15.58 0.31 33.20
C LYS F 87 -14.77 -0.95 32.96
N ALA F 88 -15.13 -1.73 31.95
CA ALA F 88 -14.48 -3.02 31.71
C ALA F 88 -14.73 -3.42 30.27
N PRO F 89 -13.87 -4.25 29.69
CA PRO F 89 -14.09 -4.69 28.31
C PRO F 89 -15.38 -5.49 28.19
N GLY F 90 -16.13 -5.21 27.13
CA GLY F 90 -17.38 -5.90 26.91
C GLY F 90 -18.11 -5.32 25.72
N GLU F 91 -19.32 -5.83 25.50
CA GLU F 91 -20.17 -5.41 24.40
C GLU F 91 -21.10 -4.31 24.89
N TYR F 92 -21.07 -3.17 24.22
CA TYR F 92 -21.88 -2.02 24.60
C TYR F 92 -22.80 -1.62 23.46
N VAL F 93 -23.90 -0.96 23.82
CA VAL F 93 -24.95 -0.59 22.88
C VAL F 93 -25.14 0.91 22.94
N ILE F 94 -25.03 1.58 21.79
CA ILE F 94 -25.18 3.03 21.70
C ILE F 94 -26.38 3.32 20.82
N GLU F 95 -27.28 4.17 21.31
CA GLU F 95 -28.45 4.55 20.53
C GLU F 95 -28.12 5.73 19.63
N LEU F 96 -28.38 5.56 18.34
CA LEU F 96 -28.24 6.64 17.36
C LEU F 96 -29.59 7.33 17.21
N SER F 97 -29.58 8.67 17.23
CA SER F 97 -30.83 9.40 17.37
C SER F 97 -31.62 9.44 16.07
N SER F 98 -31.05 10.08 15.04
CA SER F 98 -31.83 10.42 13.85
C SER F 98 -31.17 10.00 12.55
N VAL F 99 -30.09 9.24 12.59
CA VAL F 99 -29.43 8.81 11.35
C VAL F 99 -30.36 7.86 10.60
N SER F 100 -30.74 8.24 9.39
CA SER F 100 -31.63 7.44 8.55
C SER F 100 -30.78 6.73 7.49
N VAL F 101 -30.70 5.41 7.58
CA VAL F 101 -29.86 4.61 6.71
C VAL F 101 -30.72 3.54 6.04
N SER F 102 -30.08 2.72 5.24
CA SER F 102 -30.73 1.61 4.55
C SER F 102 -29.79 0.42 4.54
N VAL F 103 -30.37 -0.79 4.59
CA VAL F 103 -29.58 -2.00 4.69
C VAL F 103 -28.61 -2.09 3.53
N GLY F 104 -27.33 -2.33 3.85
CA GLY F 104 -26.30 -2.53 2.87
C GLY F 104 -25.20 -1.50 2.89
N GLN F 105 -25.51 -0.26 3.25
CA GLN F 105 -24.53 0.82 3.20
C GLN F 105 -23.38 0.57 4.16
N VAL F 106 -22.30 1.32 3.97
CA VAL F 106 -21.09 1.21 4.78
C VAL F 106 -20.81 2.58 5.40
N LEU F 107 -20.80 2.63 6.73
CA LEU F 107 -20.59 3.87 7.47
C LEU F 107 -19.33 3.75 8.32
N THR F 108 -18.63 4.87 8.46
CA THR F 108 -17.49 4.94 9.37
C THR F 108 -17.90 5.72 10.62
N GLY F 109 -16.96 5.99 11.50
CA GLY F 109 -17.29 6.67 12.74
C GLY F 109 -16.06 6.95 13.56
N ARG F 110 -16.28 7.59 14.70
CA ARG F 110 -15.23 7.91 15.65
C ARG F 110 -15.79 7.89 17.06
N ILE F 111 -14.97 7.48 18.02
CA ILE F 111 -15.24 7.66 19.43
C ILE F 111 -14.20 8.64 19.96
N VAL F 112 -14.64 9.86 20.27
CA VAL F 112 -13.74 10.90 20.78
C VAL F 112 -13.73 10.82 22.30
N LEU F 113 -12.56 10.58 22.87
CA LEU F 113 -12.41 10.47 24.31
C LEU F 113 -12.21 11.85 24.91
N ALA F 114 -12.13 11.90 26.25
CA ALA F 114 -11.91 13.16 26.93
C ALA F 114 -10.45 13.60 26.87
N SER F 115 -9.53 12.64 26.87
CA SER F 115 -8.11 12.98 26.84
C SER F 115 -7.66 13.49 25.48
N GLY F 116 -8.23 12.98 24.39
CA GLY F 116 -7.83 13.40 23.07
C GLY F 116 -7.72 12.27 22.06
N ALA F 117 -7.40 11.07 22.54
CA ALA F 117 -7.33 9.92 21.65
C ALA F 117 -8.70 9.57 21.11
N ILE F 118 -8.71 8.88 19.97
CA ILE F 118 -9.94 8.52 19.28
C ILE F 118 -9.86 7.06 18.86
N SER F 119 -10.91 6.58 18.18
CA SER F 119 -10.99 5.24 17.65
C SER F 119 -12.03 5.20 16.54
N PRO F 120 -11.67 4.79 15.34
CA PRO F 120 -12.62 4.76 14.22
C PRO F 120 -13.34 3.42 14.08
N PHE F 121 -14.38 3.42 13.25
CA PHE F 121 -15.28 2.28 13.13
C PHE F 121 -15.21 1.56 11.79
N THR F 122 -15.57 2.24 10.70
CA THR F 122 -15.90 1.60 9.43
C THR F 122 -16.80 0.38 9.66
N ALA F 123 -18.01 0.68 10.11
CA ALA F 123 -19.00 -0.34 10.47
C ALA F 123 -20.13 -0.37 9.46
N THR F 124 -20.49 -1.57 9.03
CA THR F 124 -21.57 -1.74 8.06
C THR F 124 -22.92 -1.83 8.76
N VAL F 125 -23.98 -1.77 7.96
CA VAL F 125 -25.35 -1.81 8.47
C VAL F 125 -25.93 -3.18 8.20
N VAL F 126 -26.69 -3.70 9.16
CA VAL F 126 -27.35 -5.00 9.05
C VAL F 126 -28.75 -4.85 9.61
N ALA F 127 -29.69 -5.58 9.01
CA ALA F 127 -31.09 -5.53 9.42
C ALA F 127 -31.31 -6.34 10.69
N ALA F 128 -32.17 -5.82 11.57
CA ALA F 128 -32.52 -6.50 12.80
C ALA F 128 -33.97 -6.19 13.13
N ASP F 129 -34.51 -6.89 14.13
CA ASP F 129 -35.93 -6.82 14.41
C ASP F 129 -36.28 -5.80 15.51
N HIS F 130 -35.73 -5.98 16.71
CA HIS F 130 -36.15 -5.21 17.86
C HIS F 130 -34.96 -4.61 18.58
N VAL F 131 -35.17 -3.46 19.18
CA VAL F 131 -34.14 -2.81 20.00
C VAL F 131 -33.88 -3.65 21.24
N PRO F 132 -32.64 -4.01 21.54
CA PRO F 132 -32.39 -4.86 22.71
C PRO F 132 -32.54 -4.08 24.00
N SER F 133 -33.20 -4.71 24.97
CA SER F 133 -33.39 -4.13 26.30
C SER F 133 -32.38 -4.78 27.23
N THR F 134 -31.24 -4.12 27.41
CA THR F 134 -30.17 -4.67 28.23
C THR F 134 -29.35 -3.52 28.79
N GLU F 135 -28.38 -3.86 29.64
CA GLU F 135 -27.48 -2.89 30.24
C GLU F 135 -26.37 -2.56 29.24
N ASN F 136 -25.31 -1.93 29.73
CA ASN F 136 -24.14 -1.58 28.94
C ASN F 136 -24.48 -0.55 27.86
N LYS F 137 -25.31 0.42 28.20
CA LYS F 137 -25.53 1.58 27.35
C LYS F 137 -24.50 2.64 27.68
N LEU F 138 -24.09 3.39 26.66
CA LEU F 138 -22.99 4.32 26.81
C LEU F 138 -23.38 5.79 26.72
N CYS F 139 -24.49 6.11 26.04
CA CYS F 139 -24.93 7.51 25.91
C CYS F 139 -26.45 7.53 26.04
N SER F 140 -26.93 7.74 27.26
CA SER F 140 -28.36 7.76 27.52
C SER F 140 -28.80 9.14 28.01
N MET G 1 18.79 10.45 30.18
CA MET G 1 19.04 9.37 31.13
C MET G 1 20.47 8.87 31.05
N THR G 2 20.93 8.22 32.11
CA THR G 2 22.31 7.78 32.20
C THR G 2 22.65 6.85 31.04
N SER G 3 23.91 6.88 30.62
CA SER G 3 24.34 6.05 29.50
C SER G 3 24.16 4.58 29.78
N LEU G 4 24.08 4.17 31.04
CA LEU G 4 23.67 2.81 31.35
C LEU G 4 22.29 2.54 30.80
N GLU G 5 21.37 3.49 30.99
CA GLU G 5 20.02 3.35 30.50
C GLU G 5 19.99 3.30 28.98
N ILE G 6 20.73 4.20 28.33
CA ILE G 6 20.76 4.21 26.87
C ILE G 6 21.37 2.91 26.36
N ALA G 7 22.35 2.37 27.08
CA ALA G 7 22.92 1.08 26.69
C ALA G 7 21.86 -0.01 26.71
N ILE G 8 21.14 -0.14 27.83
CA ILE G 8 20.12 -1.18 27.94
C ILE G 8 19.06 -1.01 26.86
N ILE G 9 18.54 0.21 26.72
CA ILE G 9 17.46 0.46 25.78
C ILE G 9 17.92 0.26 24.36
N VAL G 10 19.13 0.69 24.01
CA VAL G 10 19.62 0.51 22.66
C VAL G 10 19.84 -0.97 22.36
N ALA G 11 20.30 -1.74 23.35
CA ALA G 11 20.45 -3.17 23.13
C ALA G 11 19.10 -3.82 22.80
N ILE G 12 18.10 -3.60 23.66
CA ILE G 12 16.80 -4.23 23.43
C ILE G 12 16.17 -3.73 22.13
N VAL G 13 16.24 -2.42 21.91
CA VAL G 13 15.71 -1.78 20.71
C VAL G 13 16.36 -2.33 19.45
N LEU G 14 17.68 -2.53 19.45
CA LEU G 14 18.33 -3.07 18.26
C LEU G 14 17.95 -4.51 18.03
N VAL G 15 17.85 -5.30 19.10
CA VAL G 15 17.39 -6.68 18.95
C VAL G 15 16.03 -6.71 18.26
N ILE G 16 15.09 -5.90 18.76
CA ILE G 16 13.74 -5.90 18.20
C ILE G 16 13.75 -5.41 16.75
N ALA G 17 14.54 -4.38 16.46
CA ALA G 17 14.59 -3.86 15.10
C ALA G 17 15.10 -4.92 14.13
N ILE G 18 16.20 -5.59 14.47
CA ILE G 18 16.74 -6.62 13.59
C ILE G 18 15.73 -7.75 13.42
N ALA G 19 15.07 -8.16 14.51
CA ALA G 19 14.09 -9.22 14.41
C ALA G 19 12.98 -8.86 13.41
N VAL G 20 12.42 -7.66 13.54
CA VAL G 20 11.31 -7.26 12.68
C VAL G 20 11.79 -7.10 11.23
N GLY G 21 12.97 -6.54 11.03
CA GLY G 21 13.48 -6.36 9.68
C GLY G 21 13.66 -7.67 8.94
N TRP G 22 14.32 -8.63 9.58
CA TRP G 22 14.49 -9.90 8.92
C TRP G 22 13.20 -10.72 8.89
N TYR G 23 12.24 -10.40 9.75
CA TYR G 23 10.89 -10.93 9.57
C TYR G 23 10.30 -10.45 8.26
N LEU G 24 10.45 -9.17 7.94
CA LEU G 24 9.98 -8.65 6.67
C LEU G 24 10.68 -9.36 5.51
N TYR G 25 12.01 -9.50 5.59
CA TYR G 25 12.73 -10.23 4.55
C TYR G 25 12.20 -11.65 4.37
N THR G 26 11.98 -12.37 5.45
CA THR G 26 11.54 -13.76 5.32
C THR G 26 10.13 -13.83 4.76
N THR G 27 9.27 -12.90 5.16
CA THR G 27 7.93 -12.85 4.59
C THR G 27 7.98 -12.61 3.09
N PHE G 28 8.87 -11.72 2.65
CA PHE G 28 8.99 -11.48 1.21
C PHE G 28 9.52 -12.72 0.50
N ALA G 29 10.50 -13.39 1.10
CA ALA G 29 11.07 -14.59 0.47
C ALA G 29 10.04 -15.71 0.41
N ALA G 30 9.09 -15.74 1.34
CA ALA G 30 8.05 -16.77 1.27
C ALA G 30 6.96 -16.38 0.29
N ALA G 31 6.64 -15.09 0.20
CA ALA G 31 5.63 -14.65 -0.76
C ALA G 31 6.11 -14.75 -2.20
N GLY G 32 7.42 -14.67 -2.43
CA GLY G 32 7.93 -14.79 -3.78
C GLY G 32 7.81 -16.17 -4.36
N GLN G 33 7.54 -17.18 -3.53
CA GLN G 33 7.44 -18.57 -3.97
C GLN G 33 6.01 -18.99 -4.22
N GLN G 34 5.09 -18.05 -4.37
CA GLN G 34 3.72 -18.41 -4.69
C GLN G 34 3.65 -18.91 -6.13
N THR G 35 3.04 -20.08 -6.31
CA THR G 35 3.16 -20.79 -7.58
C THR G 35 1.79 -21.30 -8.00
N GLY G 36 1.75 -21.89 -9.19
CA GLY G 36 0.52 -22.44 -9.73
C GLY G 36 0.78 -22.97 -11.12
N LEU G 37 -0.09 -23.89 -11.53
CA LEU G 37 0.02 -24.52 -12.83
C LEU G 37 -0.69 -23.70 -13.90
N THR G 38 -0.23 -23.84 -15.14
CA THR G 38 -0.89 -23.28 -16.29
C THR G 38 -0.68 -24.22 -17.47
N ALA G 39 -1.67 -24.30 -18.34
CA ALA G 39 -1.63 -25.18 -19.50
C ALA G 39 -1.53 -24.33 -20.75
N THR G 40 -0.83 -24.84 -21.76
CA THR G 40 -0.68 -24.13 -23.02
C THR G 40 -1.18 -24.93 -24.21
N LYS G 41 -1.45 -26.22 -24.05
CA LYS G 41 -1.89 -27.06 -25.16
C LYS G 41 -2.45 -28.37 -24.61
N ALA G 42 -3.65 -28.74 -25.06
CA ALA G 42 -4.28 -29.96 -24.56
C ALA G 42 -5.23 -30.49 -25.62
N THR G 43 -5.06 -31.76 -25.97
CA THR G 43 -5.92 -32.42 -26.95
C THR G 43 -6.10 -33.86 -26.51
N ILE G 44 -7.31 -34.20 -26.04
CA ILE G 44 -7.59 -35.58 -25.64
C ILE G 44 -7.47 -36.48 -26.85
N TYR G 45 -6.70 -37.55 -26.71
CA TYR G 45 -6.51 -38.52 -27.78
C TYR G 45 -7.28 -39.80 -27.46
N VAL G 46 -7.84 -40.42 -28.48
CA VAL G 46 -8.58 -41.68 -28.34
C VAL G 46 -8.01 -42.68 -29.34
N THR G 47 -7.82 -43.91 -28.88
CA THR G 47 -7.31 -44.96 -29.74
C THR G 47 -8.46 -45.71 -30.41
N LYS G 48 -8.10 -46.62 -31.31
CA LYS G 48 -9.11 -47.40 -32.01
C LYS G 48 -9.77 -48.42 -31.09
N ASP G 49 -9.03 -48.92 -30.10
CA ASP G 49 -9.53 -49.98 -29.23
C ASP G 49 -10.21 -49.46 -27.96
N GLY G 50 -10.42 -48.16 -27.86
CA GLY G 50 -11.14 -47.58 -26.74
C GLY G 50 -10.27 -46.94 -25.68
N ASN G 51 -8.96 -47.17 -25.71
CA ASN G 51 -8.08 -46.54 -24.74
C ASN G 51 -8.00 -45.04 -25.01
N VAL G 52 -8.29 -44.25 -23.98
CA VAL G 52 -8.29 -42.80 -24.07
C VAL G 52 -7.26 -42.25 -23.11
N TYR G 53 -6.53 -41.22 -23.56
CA TYR G 53 -5.48 -40.62 -22.75
C TYR G 53 -5.33 -39.16 -23.14
N LEU G 54 -5.05 -38.32 -22.15
CA LEU G 54 -4.86 -36.89 -22.37
C LEU G 54 -3.38 -36.60 -22.59
N ASN G 55 -3.09 -35.72 -23.55
CA ASN G 55 -1.73 -35.34 -23.90
C ASN G 55 -1.62 -33.82 -23.72
N VAL G 56 -1.26 -33.40 -22.52
CA VAL G 56 -1.27 -31.99 -22.14
C VAL G 56 0.17 -31.49 -22.04
N THR G 57 0.31 -30.17 -22.08
CA THR G 57 1.60 -29.49 -21.91
C THR G 57 1.49 -28.51 -20.75
N LEU G 58 2.27 -28.74 -19.69
CA LEU G 58 2.19 -27.94 -18.49
C LEU G 58 3.42 -27.05 -18.36
N VAL G 59 3.21 -25.90 -17.71
CA VAL G 59 4.30 -24.97 -17.40
C VAL G 59 4.08 -24.43 -16.00
N PRO G 60 4.94 -24.77 -15.03
CA PRO G 60 4.74 -24.24 -13.68
C PRO G 60 5.02 -22.75 -13.61
N GLN G 61 4.04 -22.00 -13.13
CA GLN G 61 4.17 -20.56 -12.92
C GLN G 61 4.73 -20.37 -11.51
N GLY G 62 5.86 -19.71 -11.41
CA GLY G 62 6.53 -19.51 -10.15
C GLY G 62 7.85 -20.27 -10.10
N ALA G 63 8.39 -20.37 -8.90
CA ALA G 63 9.60 -21.14 -8.64
C ALA G 63 9.30 -22.11 -7.50
N ALA G 64 8.70 -23.24 -7.85
CA ALA G 64 8.33 -24.23 -6.85
C ALA G 64 7.95 -25.52 -7.57
N GLN G 65 7.69 -26.55 -6.77
CA GLN G 65 7.33 -27.88 -7.28
C GLN G 65 5.85 -28.08 -6.98
N VAL G 66 5.00 -27.73 -7.94
CA VAL G 66 3.55 -27.85 -7.72
C VAL G 66 3.17 -29.32 -7.64
N ALA G 67 2.17 -29.60 -6.82
CA ALA G 67 1.67 -30.96 -6.61
C ALA G 67 0.23 -31.05 -7.09
N ILE G 68 -0.03 -31.97 -8.01
CA ILE G 68 -1.36 -32.15 -8.59
C ILE G 68 -2.16 -33.07 -7.68
N SER G 69 -3.39 -32.65 -7.36
CA SER G 69 -4.24 -33.45 -6.49
C SER G 69 -5.17 -34.37 -7.29
N SER G 70 -5.90 -33.82 -8.24
CA SER G 70 -6.85 -34.62 -9.01
C SER G 70 -7.13 -33.93 -10.34
N ILE G 71 -7.54 -34.74 -11.32
CA ILE G 71 -7.91 -34.26 -12.64
C ILE G 71 -9.39 -34.58 -12.85
N GLU G 72 -10.18 -33.55 -13.14
CA GLU G 72 -11.61 -33.69 -13.37
C GLU G 72 -11.90 -33.22 -14.79
N VAL G 73 -12.26 -34.16 -15.66
CA VAL G 73 -12.56 -33.86 -17.06
C VAL G 73 -13.91 -34.47 -17.41
N ALA G 74 -14.80 -33.65 -17.95
CA ALA G 74 -16.13 -34.09 -18.41
C ALA G 74 -16.91 -34.77 -17.29
N GLY G 75 -16.76 -34.25 -16.07
CA GLY G 75 -17.48 -34.76 -14.93
C GLY G 75 -16.85 -35.97 -14.26
N VAL G 76 -15.87 -36.60 -14.88
CA VAL G 76 -15.20 -37.76 -14.31
C VAL G 76 -13.96 -37.29 -13.57
N SER G 77 -13.92 -37.54 -12.26
CA SER G 77 -12.78 -37.17 -11.45
C SER G 77 -11.80 -38.34 -11.37
N ILE G 78 -10.51 -38.02 -11.37
CA ILE G 78 -9.46 -39.04 -11.35
C ILE G 78 -8.41 -38.65 -10.32
N PRO G 79 -8.26 -39.40 -9.24
CA PRO G 79 -7.25 -39.05 -8.23
C PRO G 79 -5.84 -39.37 -8.73
N CYS G 80 -4.87 -38.66 -8.14
CA CYS G 80 -3.46 -38.83 -8.46
C CYS G 80 -2.70 -38.98 -7.16
N THR G 81 -2.15 -40.17 -6.92
CA THR G 81 -1.46 -40.49 -5.68
C THR G 81 -0.01 -40.89 -5.90
N SER G 82 0.49 -40.83 -7.13
CA SER G 82 1.85 -41.23 -7.42
C SER G 82 2.38 -40.41 -8.59
N SER G 83 3.65 -40.02 -8.51
CA SER G 83 4.31 -39.20 -9.52
C SER G 83 3.48 -37.95 -9.87
N ASN G 84 2.86 -37.36 -8.85
CA ASN G 84 1.98 -36.20 -9.04
C ASN G 84 2.73 -34.88 -8.91
N LEU G 85 4.03 -34.86 -9.19
CA LEU G 85 4.83 -33.65 -9.11
C LEU G 85 5.23 -33.20 -10.50
N VAL G 86 5.23 -31.89 -10.72
CA VAL G 86 5.65 -31.30 -11.98
C VAL G 86 7.04 -30.73 -11.78
N LYS G 87 8.05 -31.39 -12.31
CA LYS G 87 9.44 -31.03 -12.06
C LYS G 87 9.91 -29.88 -12.95
N ALA G 88 9.44 -29.82 -14.19
CA ALA G 88 9.93 -28.84 -15.15
C ALA G 88 8.90 -28.70 -16.26
N PRO G 89 8.86 -27.56 -16.95
CA PRO G 89 7.93 -27.40 -18.07
C PRO G 89 8.19 -28.43 -19.15
N GLY G 90 7.12 -28.99 -19.68
CA GLY G 90 7.24 -30.01 -20.70
C GLY G 90 5.89 -30.59 -21.03
N GLU G 91 5.93 -31.63 -21.88
CA GLU G 91 4.73 -32.32 -22.34
C GLU G 91 4.52 -33.56 -21.49
N TYR G 92 3.33 -33.67 -20.89
CA TYR G 92 3.01 -34.77 -19.99
C TYR G 92 1.77 -35.51 -20.49
N VAL G 93 1.64 -36.76 -20.07
CA VAL G 93 0.59 -37.66 -20.55
C VAL G 93 -0.16 -38.21 -19.35
N ILE G 94 -1.48 -38.09 -19.36
CA ILE G 94 -2.33 -38.59 -18.30
C ILE G 94 -3.30 -39.59 -18.91
N GLU G 95 -3.40 -40.78 -18.32
CA GLU G 95 -4.37 -41.76 -18.76
C GLU G 95 -5.74 -41.46 -18.15
N LEU G 96 -6.78 -41.52 -18.98
CA LEU G 96 -8.15 -41.42 -18.52
C LEU G 96 -8.72 -42.83 -18.40
N SER G 97 -9.34 -43.13 -17.27
CA SER G 97 -9.66 -44.52 -16.94
C SER G 97 -10.84 -45.03 -17.74
N SER G 98 -12.02 -44.45 -17.54
CA SER G 98 -13.25 -45.02 -18.07
C SER G 98 -14.09 -44.06 -18.88
N VAL G 99 -13.58 -42.88 -19.22
CA VAL G 99 -14.36 -41.93 -20.01
C VAL G 99 -14.50 -42.47 -21.42
N SER G 100 -15.74 -42.66 -21.87
CA SER G 100 -16.03 -43.15 -23.21
C SER G 100 -16.52 -41.98 -24.05
N VAL G 101 -15.72 -41.58 -25.04
CA VAL G 101 -16.00 -40.43 -25.87
C VAL G 101 -16.06 -40.85 -27.32
N SER G 102 -16.29 -39.88 -28.20
CA SER G 102 -16.33 -40.11 -29.63
C SER G 102 -15.64 -38.95 -30.32
N VAL G 103 -14.98 -39.25 -31.44
CA VAL G 103 -14.19 -38.24 -32.13
C VAL G 103 -15.07 -37.05 -32.52
N GLY G 104 -14.59 -35.85 -32.20
CA GLY G 104 -15.25 -34.61 -32.57
C GLY G 104 -15.77 -33.81 -31.39
N GLN G 105 -16.09 -34.47 -30.27
CA GLN G 105 -16.66 -33.78 -29.13
C GLN G 105 -15.67 -32.77 -28.54
N VAL G 106 -16.19 -31.88 -27.71
CA VAL G 106 -15.40 -30.85 -27.06
C VAL G 106 -15.59 -31.00 -25.55
N LEU G 107 -14.50 -31.30 -24.85
CA LEU G 107 -14.53 -31.52 -23.41
C LEU G 107 -13.70 -30.48 -22.71
N THR G 108 -14.16 -30.05 -21.53
CA THR G 108 -13.38 -29.17 -20.69
C THR G 108 -12.83 -29.96 -19.51
N GLY G 109 -12.15 -29.29 -18.59
CA GLY G 109 -11.54 -30.00 -17.47
C GLY G 109 -10.86 -29.03 -16.52
N ARG G 110 -10.29 -29.61 -15.47
CA ARG G 110 -9.56 -28.85 -14.46
C ARG G 110 -8.40 -29.69 -13.94
N ILE G 111 -7.31 -29.02 -13.58
CA ILE G 111 -6.24 -29.61 -12.79
C ILE G 111 -6.26 -28.96 -11.42
N VAL G 112 -6.71 -29.70 -10.41
CA VAL G 112 -6.80 -29.20 -9.05
C VAL G 112 -5.47 -29.45 -8.35
N LEU G 113 -4.83 -28.38 -7.92
CA LEU G 113 -3.54 -28.47 -7.25
C LEU G 113 -3.74 -28.72 -5.76
N ALA G 114 -2.63 -28.88 -5.05
CA ALA G 114 -2.71 -29.10 -3.60
C ALA G 114 -2.87 -27.80 -2.84
N SER G 115 -2.32 -26.71 -3.36
CA SER G 115 -2.42 -25.42 -2.68
C SER G 115 -3.81 -24.80 -2.79
N GLY G 116 -4.51 -25.03 -3.90
CA GLY G 116 -5.83 -24.46 -4.07
C GLY G 116 -6.09 -23.92 -5.46
N ALA G 117 -5.04 -23.43 -6.13
CA ALA G 117 -5.19 -22.93 -7.49
C ALA G 117 -5.50 -24.08 -8.44
N ILE G 118 -6.11 -23.74 -9.57
CA ILE G 118 -6.53 -24.71 -10.57
C ILE G 118 -6.12 -24.21 -11.94
N SER G 119 -6.47 -24.99 -12.97
CA SER G 119 -6.17 -24.67 -14.35
C SER G 119 -7.14 -25.43 -15.26
N PRO G 120 -7.89 -24.73 -16.11
CA PRO G 120 -8.87 -25.41 -16.96
C PRO G 120 -8.30 -25.81 -18.32
N PHE G 121 -9.09 -26.62 -19.04
CA PHE G 121 -8.62 -27.24 -20.28
C PHE G 121 -9.34 -26.76 -21.52
N THR G 122 -10.64 -27.03 -21.63
CA THR G 122 -11.39 -26.93 -22.89
C THR G 122 -10.57 -27.55 -24.03
N ALA G 123 -10.40 -28.86 -23.96
CA ALA G 123 -9.61 -29.62 -24.91
C ALA G 123 -10.51 -30.50 -25.77
N THR G 124 -10.27 -30.48 -27.08
CA THR G 124 -11.06 -31.29 -28.01
C THR G 124 -10.51 -32.70 -28.10
N VAL G 125 -11.23 -33.55 -28.83
CA VAL G 125 -10.85 -34.95 -29.01
C VAL G 125 -10.34 -35.15 -30.43
N VAL G 126 -9.28 -35.93 -30.56
CA VAL G 126 -8.69 -36.24 -31.86
C VAL G 126 -8.36 -37.73 -31.89
N ALA G 127 -8.54 -38.34 -33.05
CA ALA G 127 -8.31 -39.77 -33.20
C ALA G 127 -6.81 -40.06 -33.27
N ALA G 128 -6.42 -41.20 -32.69
CA ALA G 128 -5.03 -41.63 -32.71
C ALA G 128 -5.01 -43.16 -32.72
N ASP G 129 -3.82 -43.71 -32.95
CA ASP G 129 -3.70 -45.15 -33.16
C ASP G 129 -3.31 -45.90 -31.88
N HIS G 130 -2.17 -45.57 -31.28
CA HIS G 130 -1.61 -46.35 -30.20
C HIS G 130 -1.25 -45.46 -29.02
N VAL G 131 -1.35 -46.04 -27.82
CA VAL G 131 -0.95 -45.33 -26.61
C VAL G 131 0.57 -45.16 -26.61
N PRO G 132 1.09 -43.95 -26.39
CA PRO G 132 2.54 -43.77 -26.41
C PRO G 132 3.19 -44.37 -25.18
N SER G 133 4.30 -45.08 -25.39
CA SER G 133 5.09 -45.67 -24.32
C SER G 133 6.27 -44.76 -24.07
N THR G 134 6.12 -43.83 -23.12
CA THR G 134 7.17 -42.87 -22.83
C THR G 134 7.04 -42.42 -21.38
N GLU G 135 7.98 -41.61 -20.94
CA GLU G 135 8.00 -41.08 -19.59
C GLU G 135 7.04 -39.89 -19.49
N ASN G 136 7.17 -39.13 -18.40
CA ASN G 136 6.38 -37.92 -18.18
C ASN G 136 4.90 -38.23 -17.99
N LYS G 137 4.61 -39.27 -17.22
CA LYS G 137 3.26 -39.54 -16.78
C LYS G 137 3.01 -38.85 -15.44
N LEU G 138 1.76 -38.46 -15.20
CA LEU G 138 1.44 -37.65 -14.04
C LEU G 138 0.57 -38.34 -13.00
N CYS G 139 -0.21 -39.34 -13.39
CA CYS G 139 -1.08 -40.04 -12.44
C CYS G 139 -1.06 -41.52 -12.82
N SER G 140 -0.17 -42.27 -12.18
CA SER G 140 -0.04 -43.70 -12.45
C SER G 140 -0.34 -44.52 -11.21
N MET H 1 38.25 20.97 58.72
CA MET H 1 38.38 20.16 59.93
C MET H 1 39.81 19.71 60.15
N THR H 2 40.07 19.13 61.31
CA THR H 2 41.38 18.56 61.60
C THR H 2 41.71 17.48 60.56
N SER H 3 43.00 17.33 60.26
CA SER H 3 43.41 16.37 59.26
C SER H 3 43.05 14.94 59.63
N LEU H 4 42.81 14.67 60.92
CA LEU H 4 42.25 13.37 61.30
C LEU H 4 40.88 13.18 60.67
N GLU H 5 40.04 14.21 60.73
CA GLU H 5 38.73 14.11 60.11
C GLU H 5 38.82 13.97 58.61
N ILE H 6 39.72 14.75 57.98
CA ILE H 6 39.87 14.64 56.53
C ILE H 6 40.37 13.26 56.15
N ALA H 7 41.23 12.67 56.98
CA ALA H 7 41.69 11.31 56.72
C ALA H 7 40.51 10.34 56.75
N ILE H 8 39.72 10.38 57.83
CA ILE H 8 38.59 9.47 57.95
C ILE H 8 37.61 9.66 56.78
N ILE H 9 37.24 10.91 56.52
CA ILE H 9 36.25 11.21 55.50
C ILE H 9 36.76 10.85 54.11
N VAL H 10 38.03 11.12 53.81
CA VAL H 10 38.56 10.77 52.51
C VAL H 10 38.62 9.26 52.35
N ALA H 11 38.93 8.53 53.42
CA ALA H 11 38.91 7.07 53.32
C ALA H 11 37.51 6.56 52.97
N ILE H 12 36.50 6.97 53.74
CA ILE H 12 35.15 6.47 53.50
C ILE H 12 34.63 6.94 52.15
N VAL H 13 34.86 8.20 51.83
CA VAL H 13 34.50 8.80 50.55
C VAL H 13 35.12 8.07 49.38
N LEU H 14 36.41 7.71 49.46
CA LEU H 14 37.05 7.00 48.37
C LEU H 14 36.49 5.59 48.22
N VAL H 15 36.24 4.92 49.35
CA VAL H 15 35.63 3.59 49.28
C VAL H 15 34.29 3.67 48.53
N ILE H 16 33.44 4.64 48.92
CA ILE H 16 32.13 4.74 48.31
C ILE H 16 32.23 5.10 46.83
N ALA H 17 33.13 6.03 46.49
CA ALA H 17 33.29 6.42 45.10
C ALA H 17 33.72 5.25 44.23
N ILE H 18 34.73 4.49 44.68
CA ILE H 18 35.19 3.36 43.90
C ILE H 18 34.09 2.32 43.75
N ALA H 19 33.35 2.07 44.84
CA ALA H 19 32.25 1.11 44.77
C ALA H 19 31.24 1.51 43.71
N VAL H 20 30.80 2.77 43.74
CA VAL H 20 29.78 3.21 42.78
C VAL H 20 30.31 3.21 41.36
N GLY H 21 31.57 3.62 41.18
CA GLY H 21 32.12 3.65 39.83
C GLY H 21 32.21 2.27 39.20
N TRP H 22 32.75 1.31 39.93
CA TRP H 22 32.82 -0.02 39.35
C TRP H 22 31.46 -0.71 39.34
N TYR H 23 30.50 -0.22 40.14
CA TYR H 23 29.11 -0.64 39.94
C TYR H 23 28.61 -0.19 38.58
N LEU H 24 28.91 1.05 38.18
CA LEU H 24 28.53 1.51 36.85
C LEU H 24 29.19 0.65 35.78
N TYR H 25 30.49 0.37 35.94
CA TYR H 25 31.15 -0.52 34.99
C TYR H 25 30.47 -1.88 34.89
N THR H 26 30.13 -2.48 36.02
CA THR H 26 29.53 -3.82 35.97
C THR H 26 28.14 -3.77 35.36
N THR H 27 27.39 -2.71 35.64
CA THR H 27 26.08 -2.56 35.01
C THR H 27 26.21 -2.44 33.50
N PHE H 28 27.21 -1.69 33.02
CA PHE H 28 27.43 -1.58 31.58
C PHE H 28 27.83 -2.93 31.00
N ALA H 29 28.70 -3.66 31.69
CA ALA H 29 29.15 -4.96 31.19
C ALA H 29 28.00 -5.96 31.14
N ALA H 30 27.03 -5.83 32.05
CA ALA H 30 25.89 -6.73 32.02
C ALA H 30 24.87 -6.31 30.96
N ALA H 31 24.70 -5.00 30.76
CA ALA H 31 23.78 -4.52 29.75
C ALA H 31 24.29 -4.78 28.33
N GLY H 32 25.61 -4.86 28.14
CA GLY H 32 26.14 -5.14 26.83
C GLY H 32 25.86 -6.55 26.34
N GLN H 33 25.42 -7.44 27.21
CA GLN H 33 25.17 -8.83 26.86
C GLN H 33 23.69 -9.11 26.59
N GLN H 34 22.90 -8.07 26.35
CA GLN H 34 21.51 -8.29 25.99
C GLN H 34 21.44 -8.89 24.60
N THR H 35 20.76 -10.04 24.49
CA THR H 35 20.84 -10.84 23.28
C THR H 35 19.44 -11.26 22.85
N GLY H 36 19.38 -11.89 21.69
CA GLY H 36 18.12 -12.36 21.14
C GLY H 36 18.36 -13.00 19.79
N LEU H 37 17.42 -13.86 19.42
CA LEU H 37 17.52 -14.59 18.15
C LEU H 37 16.92 -13.79 17.01
N THR H 38 17.40 -14.05 15.80
CA THR H 38 16.80 -13.53 14.60
C THR H 38 16.93 -14.57 13.50
N ALA H 39 15.95 -14.60 12.60
CA ALA H 39 15.91 -15.58 11.52
C ALA H 39 16.21 -14.87 10.22
N THR H 40 16.92 -15.54 9.33
CA THR H 40 17.24 -14.99 8.03
C THR H 40 16.69 -15.81 6.87
N LYS H 41 16.25 -17.04 7.12
CA LYS H 41 15.74 -17.90 6.06
C LYS H 41 15.01 -19.09 6.66
N ALA H 42 13.80 -19.37 6.18
CA ALA H 42 13.03 -20.48 6.73
C ALA H 42 12.06 -20.97 5.67
N THR H 43 12.11 -22.26 5.37
CA THR H 43 11.21 -22.88 4.40
C THR H 43 10.87 -24.26 4.90
N ILE H 44 9.62 -24.45 5.35
CA ILE H 44 9.19 -25.75 5.82
C ILE H 44 9.26 -26.76 4.69
N TYR H 45 9.87 -27.91 4.96
CA TYR H 45 9.99 -28.98 3.99
C TYR H 45 9.07 -30.13 4.38
N VAL H 46 8.49 -30.78 3.37
CA VAL H 46 7.62 -31.93 3.56
C VAL H 46 8.13 -33.07 2.69
N THR H 47 8.17 -34.27 3.26
CA THR H 47 8.59 -35.45 2.52
C THR H 47 7.39 -36.11 1.85
N LYS H 48 7.69 -37.12 1.04
CA LYS H 48 6.63 -37.84 0.34
C LYS H 48 5.80 -38.69 1.31
N ASP H 49 6.40 -39.16 2.39
CA ASP H 49 5.72 -40.05 3.33
C ASP H 49 5.04 -39.32 4.47
N GLY H 50 4.99 -37.99 4.44
CA GLY H 50 4.30 -37.22 5.44
C GLY H 50 5.18 -36.60 6.50
N ASN H 51 6.45 -36.98 6.57
CA ASN H 51 7.37 -36.37 7.53
C ASN H 51 7.65 -34.93 7.14
N VAL H 52 7.48 -34.02 8.10
CA VAL H 52 7.74 -32.61 7.88
C VAL H 52 8.85 -32.17 8.83
N TYR H 53 9.62 -31.17 8.39
CA TYR H 53 10.69 -30.64 9.21
C TYR H 53 11.01 -29.23 8.73
N LEU H 54 11.34 -28.36 9.67
CA LEU H 54 11.68 -26.98 9.37
C LEU H 54 13.18 -26.85 9.19
N ASN H 55 13.59 -26.13 8.14
CA ASN H 55 15.00 -25.93 7.81
C ASN H 55 15.28 -24.43 7.89
N VAL H 56 15.65 -23.97 9.09
CA VAL H 56 15.79 -22.55 9.37
C VAL H 56 17.27 -22.21 9.51
N THR H 57 17.58 -20.92 9.41
CA THR H 57 18.93 -20.40 9.57
C THR H 57 18.90 -19.30 10.61
N LEU H 58 19.60 -19.52 11.73
CA LEU H 58 19.57 -18.60 12.86
C LEU H 58 20.89 -17.84 12.96
N VAL H 59 20.80 -16.66 13.57
CA VAL H 59 21.97 -15.83 13.85
C VAL H 59 21.74 -15.16 15.20
N PRO H 60 22.51 -15.50 16.23
CA PRO H 60 22.28 -14.86 17.54
C PRO H 60 22.73 -13.41 17.53
N GLN H 61 21.79 -12.53 17.84
CA GLN H 61 22.07 -11.09 17.98
C GLN H 61 22.56 -10.87 19.39
N GLY H 62 23.74 -10.31 19.52
CA GLY H 62 24.38 -10.12 20.82
C GLY H 62 25.62 -11.00 20.95
N ALA H 63 26.06 -11.16 22.19
CA ALA H 63 27.18 -12.04 22.51
C ALA H 63 26.75 -12.91 23.69
N ALA H 64 26.08 -14.02 23.38
CA ALA H 64 25.60 -14.93 24.42
C ALA H 64 25.13 -16.22 23.75
N GLN H 65 24.73 -17.17 24.58
CA GLN H 65 24.19 -18.44 24.14
C GLN H 65 22.69 -18.41 24.44
N VAL H 66 21.89 -18.01 23.46
CA VAL H 66 20.45 -17.92 23.65
C VAL H 66 19.86 -19.31 23.82
N ALA H 67 18.85 -19.41 24.69
CA ALA H 67 18.17 -20.66 24.97
C ALA H 67 16.76 -20.62 24.40
N ILE H 68 16.43 -21.59 23.57
CA ILE H 68 15.13 -21.67 22.91
C ILE H 68 14.17 -22.42 23.82
N SER H 69 13.01 -21.82 24.06
CA SER H 69 12.01 -22.43 24.95
C SER H 69 11.01 -23.29 24.19
N SER H 70 10.39 -22.74 23.14
CA SER H 70 9.38 -23.47 22.40
C SER H 70 9.23 -22.88 21.01
N ILE H 71 8.75 -23.70 20.09
CA ILE H 71 8.47 -23.29 18.72
C ILE H 71 6.99 -23.47 18.48
N GLU H 72 6.33 -22.42 18.00
CA GLU H 72 4.90 -22.44 17.71
C GLU H 72 4.71 -22.11 16.24
N VAL H 73 4.28 -23.09 15.45
CA VAL H 73 4.09 -22.92 14.01
C VAL H 73 2.66 -23.32 13.67
N ALA H 74 1.91 -22.39 13.10
CA ALA H 74 0.55 -22.63 12.63
C ALA H 74 -0.34 -23.19 13.74
N GLY H 75 -0.16 -22.66 14.95
CA GLY H 75 -0.98 -23.05 16.08
C GLY H 75 -0.51 -24.27 16.83
N VAL H 76 0.42 -25.03 16.28
CA VAL H 76 0.96 -26.22 16.94
C VAL H 76 2.22 -25.82 17.69
N SER H 77 2.18 -25.96 19.02
CA SER H 77 3.32 -25.64 19.86
C SER H 77 4.16 -26.89 20.07
N ILE H 78 5.48 -26.71 20.09
CA ILE H 78 6.41 -27.82 20.24
C ILE H 78 7.47 -27.45 21.27
N PRO H 79 7.44 -28.04 22.45
CA PRO H 79 8.43 -27.71 23.48
C PRO H 79 9.81 -28.24 23.10
N CYS H 80 10.83 -27.60 23.67
CA CYS H 80 12.22 -27.98 23.44
C CYS H 80 12.90 -28.15 24.80
N THR H 81 13.33 -29.37 25.10
CA THR H 81 13.94 -29.69 26.37
C THR H 81 15.33 -30.28 26.23
N SER H 82 15.87 -30.34 25.01
CA SER H 82 17.20 -30.89 24.79
C SER H 82 17.81 -30.23 23.58
N SER H 83 19.12 -29.97 23.64
CA SER H 83 19.86 -29.32 22.56
C SER H 83 19.24 -27.97 22.19
N ASN H 84 18.68 -27.27 23.17
CA ASN H 84 17.96 -26.03 22.92
C ASN H 84 18.86 -24.80 23.01
N LEU H 85 20.16 -24.94 22.75
CA LEU H 85 21.08 -23.83 22.77
C LEU H 85 21.58 -23.54 21.36
N VAL H 86 21.62 -22.26 21.01
CA VAL H 86 22.15 -21.81 19.72
C VAL H 86 23.58 -21.35 19.97
N LYS H 87 24.54 -22.19 19.61
CA LYS H 87 25.93 -21.92 19.94
C LYS H 87 26.61 -20.96 18.98
N ALA H 88 26.25 -20.99 17.70
CA ALA H 88 26.92 -20.19 16.69
C ALA H 88 26.00 -20.05 15.49
N PRO H 89 26.13 -18.98 14.72
CA PRO H 89 25.26 -18.81 13.55
C PRO H 89 25.45 -19.95 12.55
N GLY H 90 24.35 -20.42 12.00
CA GLY H 90 24.39 -21.50 11.04
C GLY H 90 22.99 -21.95 10.68
N GLU H 91 22.94 -23.05 9.92
CA GLU H 91 21.70 -23.64 9.46
C GLU H 91 21.29 -24.74 10.41
N TYR H 92 20.08 -24.64 10.97
CA TYR H 92 19.59 -25.60 11.94
C TYR H 92 18.30 -26.24 11.44
N VAL H 93 18.06 -27.46 11.90
CA VAL H 93 16.95 -28.28 11.44
C VAL H 93 16.07 -28.62 12.64
N ILE H 94 14.80 -28.25 12.57
CA ILE H 94 13.84 -28.52 13.63
C ILE H 94 12.77 -29.46 13.06
N GLU H 95 12.52 -30.56 13.76
CA GLU H 95 11.51 -31.51 13.32
C GLU H 95 10.15 -31.13 13.88
N LEU H 96 9.16 -31.03 12.99
CA LEU H 96 7.79 -30.75 13.38
C LEU H 96 7.06 -32.09 13.56
N SER H 97 6.36 -32.25 14.67
CA SER H 97 5.90 -33.57 15.07
C SER H 97 4.70 -34.03 14.25
N SER H 98 3.58 -33.32 14.35
CA SER H 98 2.30 -33.82 13.85
C SER H 98 1.57 -32.85 12.93
N VAL H 99 2.19 -31.76 12.51
CA VAL H 99 1.51 -30.82 11.63
C VAL H 99 1.33 -31.47 10.26
N SER H 100 0.09 -31.52 9.80
CA SER H 100 -0.25 -32.08 8.49
C SER H 100 -0.53 -30.93 7.53
N VAL H 101 0.37 -30.73 6.57
CA VAL H 101 0.31 -29.62 5.64
C VAL H 101 0.24 -30.17 4.22
N SER H 102 0.19 -29.25 3.25
CA SER H 102 0.18 -29.61 1.84
C SER H 102 1.00 -28.57 1.08
N VAL H 103 1.66 -29.03 0.02
CA VAL H 103 2.57 -28.17 -0.72
C VAL H 103 1.85 -26.93 -1.22
N GLY H 104 2.45 -25.77 -0.97
CA GLY H 104 1.95 -24.49 -1.46
C GLY H 104 1.50 -23.55 -0.37
N GLN H 105 1.03 -24.07 0.76
CA GLN H 105 0.51 -23.22 1.81
C GLN H 105 1.60 -22.32 2.39
N VAL H 106 1.16 -21.27 3.07
CA VAL H 106 2.05 -20.30 3.70
C VAL H 106 1.79 -20.31 5.20
N LEU H 107 2.80 -20.64 5.98
CA LEU H 107 2.69 -20.75 7.43
C LEU H 107 3.58 -19.75 8.10
N THR H 108 3.14 -19.25 9.25
CA THR H 108 3.96 -18.38 10.08
C THR H 108 4.51 -19.18 11.27
N GLY H 109 5.16 -18.50 12.20
CA GLY H 109 5.72 -19.18 13.35
C GLY H 109 6.40 -18.20 14.28
N ARG H 110 6.87 -18.74 15.39
CA ARG H 110 7.62 -17.98 16.39
C ARG H 110 8.66 -18.89 17.03
N ILE H 111 9.79 -18.29 17.42
CA ILE H 111 10.75 -18.95 18.30
C ILE H 111 10.76 -18.18 19.61
N VAL H 112 10.19 -18.77 20.66
CA VAL H 112 10.12 -18.14 21.97
C VAL H 112 11.39 -18.48 22.74
N LEU H 113 12.12 -17.45 23.13
CA LEU H 113 13.36 -17.63 23.86
C LEU H 113 13.08 -17.72 25.35
N ALA H 114 14.13 -17.92 26.14
CA ALA H 114 13.97 -18.01 27.58
C ALA H 114 13.90 -16.65 28.24
N SER H 115 14.59 -15.65 27.68
CA SER H 115 14.54 -14.31 28.25
C SER H 115 13.23 -13.61 28.00
N GLY H 116 12.60 -13.83 26.85
CA GLY H 116 11.34 -13.16 26.54
C GLY H 116 11.25 -12.70 25.10
N ALA H 117 12.39 -12.38 24.49
CA ALA H 117 12.40 -12.00 23.09
C ALA H 117 11.97 -13.17 22.21
N ILE H 118 11.42 -12.85 21.05
CA ILE H 118 10.90 -13.84 20.12
C ILE H 118 11.42 -13.52 18.71
N SER H 119 11.00 -14.34 17.74
CA SER H 119 11.36 -14.15 16.35
C SER H 119 10.34 -14.86 15.48
N PRO H 120 9.67 -14.15 14.58
CA PRO H 120 8.64 -14.77 13.74
C PRO H 120 9.20 -15.34 12.43
N PHE H 121 8.37 -16.13 11.75
CA PHE H 121 8.82 -16.92 10.61
C PHE H 121 8.22 -16.48 9.27
N THR H 122 6.91 -16.60 9.11
CA THR H 122 6.26 -16.51 7.80
C THR H 122 7.05 -17.32 6.75
N ALA H 123 7.04 -18.64 6.96
CA ALA H 123 7.79 -19.57 6.12
C ALA H 123 6.83 -20.40 5.28
N THR H 124 7.11 -20.50 3.99
CA THR H 124 6.28 -21.28 3.08
C THR H 124 6.72 -22.74 3.06
N VAL H 125 5.93 -23.56 2.39
CA VAL H 125 6.16 -25.01 2.31
C VAL H 125 6.70 -25.35 0.93
N VAL H 126 7.66 -26.27 0.89
CA VAL H 126 8.25 -26.76 -0.35
C VAL H 126 8.39 -28.26 -0.26
N ALA H 127 8.23 -28.95 -1.39
CA ALA H 127 8.31 -30.40 -1.42
C ALA H 127 9.76 -30.87 -1.40
N ALA H 128 10.01 -31.94 -0.65
CA ALA H 128 11.34 -32.53 -0.57
C ALA H 128 11.19 -34.04 -0.47
N ASP H 129 12.30 -34.75 -0.60
CA ASP H 129 12.27 -36.21 -0.71
C ASP H 129 12.49 -36.90 0.63
N HIS H 130 13.64 -36.66 1.26
CA HIS H 130 14.03 -37.43 2.44
C HIS H 130 14.44 -36.48 3.57
N VAL H 131 14.23 -36.95 4.80
CA VAL H 131 14.65 -36.20 5.97
C VAL H 131 16.17 -36.19 6.04
N PRO H 132 16.81 -35.03 6.18
CA PRO H 132 18.28 -35.00 6.18
C PRO H 132 18.83 -35.56 7.47
N SER H 133 19.87 -36.39 7.33
CA SER H 133 20.56 -36.98 8.47
C SER H 133 21.84 -36.19 8.71
N THR H 134 21.76 -35.19 9.58
CA THR H 134 22.89 -34.31 9.85
C THR H 134 22.75 -33.75 11.26
N GLU H 135 23.78 -33.03 11.69
CA GLU H 135 23.80 -32.41 13.01
C GLU H 135 22.99 -31.12 12.96
N ASN H 136 23.15 -30.30 14.00
CA ASN H 136 22.49 -28.99 14.09
C ASN H 136 20.98 -29.14 14.22
N LYS H 137 20.55 -30.11 15.02
CA LYS H 137 19.15 -30.19 15.42
C LYS H 137 18.95 -29.37 16.69
N LEU H 138 17.75 -28.81 16.83
CA LEU H 138 17.49 -27.86 17.90
C LEU H 138 16.54 -28.37 18.96
N CYS H 139 15.63 -29.28 18.63
CA CYS H 139 14.65 -29.78 19.60
C CYS H 139 14.47 -31.27 19.34
N SER H 140 15.25 -32.09 20.05
CA SER H 140 15.19 -33.53 19.88
C SER H 140 14.74 -34.22 21.18
N MET I 1 16.82 9.50 25.11
CA MET I 1 16.08 10.26 26.10
C MET I 1 15.76 9.41 27.32
N THR I 2 15.44 10.08 28.43
CA THR I 2 15.23 9.42 29.70
C THR I 2 14.11 8.39 29.58
N SER I 3 14.23 7.30 30.34
CA SER I 3 13.22 6.24 30.30
C SER I 3 11.84 6.74 30.65
N LEU I 4 11.73 7.86 31.37
CA LEU I 4 10.43 8.48 31.55
C LEU I 4 9.84 8.85 30.20
N GLU I 5 10.65 9.45 29.33
CA GLU I 5 10.19 9.81 28.01
C GLU I 5 9.81 8.59 27.19
N ILE I 6 10.65 7.55 27.21
CA ILE I 6 10.35 6.36 26.45
C ILE I 6 9.08 5.70 26.98
N ALA I 7 8.86 5.77 28.29
CA ALA I 7 7.61 5.26 28.85
C ALA I 7 6.41 6.01 28.28
N ILE I 8 6.44 7.35 28.34
CA ILE I 8 5.31 8.13 27.84
C ILE I 8 5.09 7.86 26.36
N ILE I 9 6.16 7.94 25.57
CA ILE I 9 6.04 7.79 24.12
C ILE I 9 5.60 6.40 23.75
N VAL I 10 6.12 5.37 24.42
CA VAL I 10 5.71 4.01 24.10
C VAL I 10 4.26 3.78 24.48
N ALA I 11 3.80 4.38 25.58
CA ALA I 11 2.38 4.26 25.92
C ALA I 11 1.50 4.84 24.83
N ILE I 12 1.77 6.09 24.43
CA ILE I 12 0.92 6.74 23.43
C ILE I 12 1.03 6.02 22.09
N VAL I 13 2.25 5.67 21.70
CA VAL I 13 2.52 4.92 20.48
C VAL I 13 1.79 3.59 20.44
N LEU I 14 1.78 2.86 21.56
CA LEU I 14 1.09 1.58 21.57
C LEU I 14 -0.42 1.76 21.48
N VAL I 15 -0.95 2.76 22.18
CA VAL I 15 -2.38 3.05 22.07
C VAL I 15 -2.76 3.31 20.62
N ILE I 16 -1.99 4.17 19.94
CA ILE I 16 -2.31 4.52 18.56
C ILE I 16 -2.17 3.30 17.64
N ALA I 17 -1.12 2.50 17.84
CA ALA I 17 -0.93 1.33 17.00
C ALA I 17 -2.09 0.35 17.14
N ILE I 18 -2.49 0.06 18.37
CA ILE I 18 -3.60 -0.87 18.58
C ILE I 18 -4.87 -0.32 17.97
N ALA I 19 -5.13 0.98 18.14
CA ALA I 19 -6.32 1.58 17.56
C ALA I 19 -6.35 1.40 16.06
N VAL I 20 -5.24 1.72 15.38
CA VAL I 20 -5.22 1.63 13.92
C VAL I 20 -5.32 0.18 13.46
N GLY I 21 -4.66 -0.74 14.16
CA GLY I 21 -4.71 -2.13 13.76
C GLY I 21 -6.11 -2.70 13.82
N TRP I 22 -6.78 -2.51 14.96
CA TRP I 22 -8.14 -3.03 15.05
C TRP I 22 -9.12 -2.21 14.22
N TYR I 23 -8.75 -0.98 13.84
CA TYR I 23 -9.52 -0.27 12.81
C TYR I 23 -9.44 -1.01 11.48
N LEU I 24 -8.24 -1.46 11.11
CA LEU I 24 -8.10 -2.26 9.88
C LEU I 24 -8.93 -3.53 9.97
N TYR I 25 -8.87 -4.22 11.12
CA TYR I 25 -9.70 -5.41 11.29
C TYR I 25 -11.18 -5.11 11.13
N THR I 26 -11.67 -4.03 11.74
CA THR I 26 -13.10 -3.73 11.65
C THR I 26 -13.49 -3.35 10.22
N THR I 27 -12.61 -2.64 9.51
CA THR I 27 -12.88 -2.32 8.12
C THR I 27 -12.98 -3.59 7.28
N PHE I 28 -12.09 -4.56 7.54
CA PHE I 28 -12.17 -5.82 6.81
C PHE I 28 -13.45 -6.57 7.14
N ALA I 29 -13.83 -6.59 8.41
CA ALA I 29 -15.04 -7.30 8.81
C ALA I 29 -16.29 -6.64 8.23
N ALA I 30 -16.25 -5.33 7.99
CA ALA I 30 -17.38 -4.67 7.37
C ALA I 30 -17.38 -4.85 5.86
N ALA I 31 -16.21 -4.89 5.24
CA ALA I 31 -16.13 -5.11 3.80
C ALA I 31 -16.47 -6.52 3.41
N GLY I 32 -16.26 -7.49 4.30
CA GLY I 32 -16.62 -8.87 3.99
C GLY I 32 -18.11 -9.11 3.90
N GLN I 33 -18.93 -8.17 4.39
CA GLN I 33 -20.37 -8.32 4.40
C GLN I 33 -21.04 -7.63 3.22
N GLN I 34 -20.29 -7.31 2.18
CA GLN I 34 -20.90 -6.73 0.99
C GLN I 34 -21.72 -7.79 0.28
N THR I 35 -22.99 -7.49 0.06
CA THR I 35 -23.95 -8.50 -0.37
C THR I 35 -24.73 -8.00 -1.58
N GLY I 36 -25.56 -8.89 -2.11
CA GLY I 36 -26.38 -8.55 -3.26
C GLY I 36 -27.17 -9.76 -3.70
N LEU I 37 -28.23 -9.50 -4.44
CA LEU I 37 -29.12 -10.54 -4.92
C LEU I 37 -28.68 -11.03 -6.30
N THR I 38 -29.00 -12.30 -6.57
CA THR I 38 -28.83 -12.86 -7.90
C THR I 38 -29.95 -13.85 -8.15
N ALA I 39 -30.40 -13.92 -9.40
CA ALA I 39 -31.51 -14.79 -9.79
C ALA I 39 -30.96 -15.94 -10.60
N THR I 40 -31.58 -17.12 -10.46
CA THR I 40 -31.17 -18.29 -11.19
C THR I 40 -32.27 -18.89 -12.05
N LYS I 41 -33.52 -18.47 -11.85
CA LYS I 41 -34.64 -19.02 -12.60
C LYS I 41 -35.86 -18.13 -12.44
N ALA I 42 -36.49 -17.75 -13.55
CA ALA I 42 -37.65 -16.87 -13.47
C ALA I 42 -38.53 -17.12 -14.69
N THR I 43 -39.82 -17.35 -14.44
CA THR I 43 -40.80 -17.56 -15.51
C THR I 43 -42.12 -16.97 -15.05
N ILE I 44 -42.52 -15.84 -15.63
CA ILE I 44 -43.81 -15.25 -15.28
C ILE I 44 -44.92 -16.21 -15.64
N TYR I 45 -45.83 -16.43 -14.70
CA TYR I 45 -46.98 -17.29 -14.91
C TYR I 45 -48.25 -16.47 -15.02
N VAL I 46 -49.18 -16.93 -15.85
CA VAL I 46 -50.46 -16.27 -16.05
C VAL I 46 -51.57 -17.30 -15.86
N THR I 47 -52.61 -16.90 -15.15
CA THR I 47 -53.76 -17.76 -14.94
C THR I 47 -54.80 -17.55 -16.05
N LYS I 48 -55.84 -18.39 -16.02
CA LYS I 48 -56.89 -18.28 -17.03
C LYS I 48 -57.73 -17.03 -16.83
N ASP I 49 -57.85 -16.55 -15.60
CA ASP I 49 -58.72 -15.42 -15.27
C ASP I 49 -58.00 -14.09 -15.32
N GLY I 50 -56.75 -14.07 -15.76
CA GLY I 50 -56.00 -12.83 -15.89
C GLY I 50 -55.01 -12.54 -14.77
N ASN I 51 -55.10 -13.27 -13.66
CA ASN I 51 -54.15 -13.08 -12.57
C ASN I 51 -52.78 -13.54 -13.00
N VAL I 52 -51.79 -12.66 -12.85
CA VAL I 52 -50.40 -12.98 -13.18
C VAL I 52 -49.56 -12.91 -11.92
N TYR I 53 -48.49 -13.70 -11.89
CA TYR I 53 -47.61 -13.74 -10.74
C TYR I 53 -46.26 -14.29 -11.17
N LEU I 54 -45.19 -13.73 -10.61
CA LEU I 54 -43.84 -14.15 -10.94
C LEU I 54 -43.39 -15.24 -9.96
N ASN I 55 -42.76 -16.28 -10.49
CA ASN I 55 -42.28 -17.41 -9.69
C ASN I 55 -40.78 -17.49 -9.89
N VAL I 56 -40.04 -16.76 -9.06
CA VAL I 56 -38.59 -16.61 -9.22
C VAL I 56 -37.88 -17.37 -8.10
N THR I 57 -36.61 -17.68 -8.35
CA THR I 57 -35.74 -18.33 -7.38
C THR I 57 -34.57 -17.42 -7.10
N LEU I 58 -34.39 -17.03 -5.84
CA LEU I 58 -33.38 -16.07 -5.44
C LEU I 58 -32.30 -16.73 -4.60
N VAL I 59 -31.10 -16.18 -4.69
CA VAL I 59 -29.95 -16.63 -3.90
C VAL I 59 -29.18 -15.40 -3.44
N PRO I 60 -29.11 -15.13 -2.14
CA PRO I 60 -28.33 -13.96 -1.68
C PRO I 60 -26.85 -14.22 -1.80
N GLN I 61 -26.16 -13.32 -2.52
CA GLN I 61 -24.72 -13.35 -2.67
C GLN I 61 -24.14 -12.57 -1.49
N GLY I 62 -23.32 -13.23 -0.69
CA GLY I 62 -22.76 -12.63 0.51
C GLY I 62 -23.31 -13.30 1.75
N ALA I 63 -23.12 -12.62 2.88
CA ALA I 63 -23.64 -13.07 4.16
C ALA I 63 -24.39 -11.91 4.80
N ALA I 64 -25.64 -11.74 4.41
CA ALA I 64 -26.48 -10.67 4.94
C ALA I 64 -27.92 -10.93 4.53
N GLN I 65 -28.82 -10.12 5.08
CA GLN I 65 -30.24 -10.16 4.74
C GLN I 65 -30.51 -8.97 3.82
N VAL I 66 -30.50 -9.24 2.51
CA VAL I 66 -30.74 -8.18 1.54
C VAL I 66 -32.19 -7.71 1.64
N ALA I 67 -32.39 -6.42 1.42
CA ALA I 67 -33.71 -5.80 1.46
C ALA I 67 -34.10 -5.35 0.06
N ILE I 68 -35.23 -5.83 -0.42
CA ILE I 68 -35.72 -5.52 -1.76
C ILE I 68 -36.50 -4.23 -1.70
N SER I 69 -36.21 -3.30 -2.61
CA SER I 69 -36.90 -2.01 -2.63
C SER I 69 -38.10 -2.02 -3.55
N SER I 70 -37.91 -2.47 -4.80
CA SER I 70 -38.99 -2.46 -5.77
C SER I 70 -38.67 -3.42 -6.89
N ILE I 71 -39.72 -3.89 -7.56
CA ILE I 71 -39.61 -4.77 -8.72
C ILE I 71 -40.17 -4.02 -9.93
N GLU I 72 -39.39 -3.94 -10.99
CA GLU I 72 -39.79 -3.27 -12.23
C GLU I 72 -39.76 -4.29 -13.35
N VAL I 73 -40.93 -4.63 -13.89
CA VAL I 73 -41.06 -5.62 -14.95
C VAL I 73 -41.84 -5.00 -16.10
N ALA I 74 -41.22 -4.92 -17.27
CA ALA I 74 -41.86 -4.45 -18.49
C ALA I 74 -42.42 -3.04 -18.31
N GLY I 75 -41.66 -2.18 -17.64
CA GLY I 75 -42.04 -0.80 -17.45
C GLY I 75 -42.97 -0.54 -16.28
N VAL I 76 -43.56 -1.57 -15.70
CA VAL I 76 -44.48 -1.43 -14.57
C VAL I 76 -43.67 -1.62 -13.29
N SER I 77 -43.59 -0.57 -12.48
CA SER I 77 -42.89 -0.61 -11.21
C SER I 77 -43.85 -1.02 -10.10
N ILE I 78 -43.36 -1.80 -9.15
CA ILE I 78 -44.19 -2.31 -8.06
C ILE I 78 -43.44 -2.14 -6.75
N PRO I 79 -43.85 -1.22 -5.88
CA PRO I 79 -43.16 -1.05 -4.60
C PRO I 79 -43.37 -2.23 -3.67
N CYS I 80 -42.42 -2.41 -2.77
CA CYS I 80 -42.46 -3.48 -1.78
C CYS I 80 -42.21 -2.86 -0.41
N THR I 81 -43.24 -2.85 0.44
CA THR I 81 -43.16 -2.23 1.76
C THR I 81 -43.38 -3.23 2.89
N SER I 82 -43.51 -4.51 2.59
CA SER I 82 -43.70 -5.52 3.61
C SER I 82 -43.14 -6.84 3.12
N SER I 83 -42.56 -7.61 4.04
CA SER I 83 -41.93 -8.90 3.72
C SER I 83 -40.87 -8.76 2.64
N ASN I 84 -40.19 -7.62 2.61
CA ASN I 84 -39.21 -7.32 1.57
C ASN I 84 -37.80 -7.79 1.93
N LEU I 85 -37.69 -8.79 2.79
CA LEU I 85 -36.39 -9.34 3.19
C LEU I 85 -36.23 -10.74 2.63
N VAL I 86 -35.06 -11.02 2.08
CA VAL I 86 -34.70 -12.34 1.59
C VAL I 86 -33.87 -13.02 2.67
N LYS I 87 -34.42 -14.04 3.32
CA LYS I 87 -33.77 -14.64 4.47
C LYS I 87 -32.82 -15.77 4.10
N ALA I 88 -33.10 -16.50 3.03
CA ALA I 88 -32.33 -17.68 2.68
C ALA I 88 -32.60 -18.01 1.21
N PRO I 89 -31.70 -18.74 0.56
CA PRO I 89 -31.96 -19.16 -0.81
C PRO I 89 -33.20 -20.05 -0.90
N GLY I 90 -34.01 -19.79 -1.92
CA GLY I 90 -35.23 -20.56 -2.10
C GLY I 90 -36.06 -20.00 -3.23
N GLU I 91 -37.26 -20.56 -3.37
CA GLU I 91 -38.20 -20.16 -4.41
C GLU I 91 -39.21 -19.19 -3.82
N TYR I 92 -39.38 -18.04 -4.46
CA TYR I 92 -40.25 -16.99 -3.96
C TYR I 92 -41.27 -16.61 -5.03
N VAL I 93 -42.42 -16.12 -4.57
CA VAL I 93 -43.55 -15.81 -5.43
C VAL I 93 -43.92 -14.35 -5.25
N ILE I 94 -43.95 -13.61 -6.36
CA ILE I 94 -44.28 -12.19 -6.34
C ILE I 94 -45.50 -11.97 -7.22
N GLU I 95 -46.54 -11.35 -6.66
CA GLU I 95 -47.72 -11.02 -7.44
C GLU I 95 -47.49 -9.74 -8.22
N LEU I 96 -47.83 -9.76 -9.51
CA LEU I 96 -47.80 -8.58 -10.36
C LEU I 96 -49.22 -8.02 -10.42
N SER I 97 -49.35 -6.71 -10.23
CA SER I 97 -50.67 -6.14 -9.96
C SER I 97 -51.52 -6.06 -11.22
N SER I 98 -51.09 -5.26 -12.20
CA SER I 98 -51.94 -4.93 -13.34
C SER I 98 -51.31 -5.18 -14.69
N VAL I 99 -50.17 -5.87 -14.75
CA VAL I 99 -49.54 -6.15 -16.03
C VAL I 99 -50.40 -7.15 -16.79
N SER I 100 -50.87 -6.73 -17.97
CA SER I 100 -51.70 -7.58 -18.83
C SER I 100 -50.84 -8.07 -19.98
N VAL I 101 -50.55 -9.37 -19.98
CA VAL I 101 -49.68 -9.99 -20.97
C VAL I 101 -50.44 -11.10 -21.67
N SER I 102 -49.74 -11.77 -22.59
CA SER I 102 -50.32 -12.90 -23.33
C SER I 102 -49.24 -13.97 -23.47
N VAL I 103 -49.69 -15.22 -23.50
CA VAL I 103 -48.76 -16.34 -23.51
C VAL I 103 -47.83 -16.23 -24.71
N GLY I 104 -46.52 -16.35 -24.45
CA GLY I 104 -45.50 -16.38 -25.49
C GLY I 104 -44.52 -15.22 -25.42
N GLN I 105 -44.96 -14.06 -24.93
CA GLN I 105 -44.11 -12.88 -24.92
C GLN I 105 -42.89 -13.09 -24.02
N VAL I 106 -41.90 -12.23 -24.22
CA VAL I 106 -40.64 -12.28 -23.46
C VAL I 106 -40.45 -10.94 -22.77
N LEU I 107 -40.44 -10.96 -21.45
CA LEU I 107 -40.32 -9.76 -20.64
C LEU I 107 -39.02 -9.78 -19.85
N THR I 108 -38.42 -8.62 -19.67
CA THR I 108 -37.26 -8.48 -18.79
C THR I 108 -37.70 -7.83 -17.49
N GLY I 109 -36.75 -7.53 -16.62
CA GLY I 109 -37.09 -6.95 -15.33
C GLY I 109 -35.85 -6.66 -14.51
N ARG I 110 -36.08 -6.08 -13.35
CA ARG I 110 -35.03 -5.78 -12.39
C ARG I 110 -35.56 -5.98 -10.97
N ILE I 111 -34.66 -6.36 -10.07
CA ILE I 111 -34.92 -6.31 -8.64
C ILE I 111 -33.99 -5.29 -8.03
N VAL I 112 -34.53 -4.14 -7.66
CA VAL I 112 -33.73 -3.05 -7.11
C VAL I 112 -33.63 -3.25 -5.60
N LEU I 113 -32.41 -3.38 -5.10
CA LEU I 113 -32.17 -3.60 -3.69
C LEU I 113 -32.12 -2.27 -2.95
N ALA I 114 -31.92 -2.35 -1.63
CA ALA I 114 -31.84 -1.14 -0.83
C ALA I 114 -30.45 -0.52 -0.88
N SER I 115 -29.40 -1.34 -0.99
CA SER I 115 -28.05 -0.82 -1.04
C SER I 115 -27.71 -0.16 -2.36
N GLY I 116 -28.25 -0.66 -3.48
CA GLY I 116 -27.96 -0.08 -4.77
C GLY I 116 -27.77 -1.10 -5.87
N ALA I 117 -27.29 -2.29 -5.50
CA ALA I 117 -27.14 -3.36 -6.49
C ALA I 117 -28.51 -3.82 -6.98
N ILE I 118 -28.51 -4.41 -8.18
CA ILE I 118 -29.73 -4.85 -8.83
C ILE I 118 -29.52 -6.26 -9.37
N SER I 119 -30.55 -6.79 -10.02
CA SER I 119 -30.51 -8.11 -10.63
C SER I 119 -31.57 -8.18 -11.72
N PRO I 120 -31.18 -8.44 -12.97
CA PRO I 120 -32.15 -8.47 -14.07
C PRO I 120 -32.77 -9.86 -14.27
N PHE I 121 -33.84 -9.89 -15.07
CA PHE I 121 -34.68 -11.08 -15.20
C PHE I 121 -34.63 -11.75 -16.56
N THR I 122 -35.08 -11.06 -17.61
CA THR I 122 -35.37 -11.68 -18.91
C THR I 122 -36.10 -13.01 -18.74
N ALA I 123 -37.34 -12.90 -18.25
CA ALA I 123 -38.18 -14.05 -17.96
C ALA I 123 -39.34 -14.12 -18.94
N THR I 124 -39.61 -15.31 -19.45
CA THR I 124 -40.69 -15.51 -20.40
C THR I 124 -42.00 -15.82 -19.67
N VAL I 125 -43.09 -15.84 -20.44
CA VAL I 125 -44.43 -16.07 -19.89
C VAL I 125 -44.86 -17.49 -20.24
N VAL I 126 -45.51 -18.15 -19.28
CA VAL I 126 -46.02 -19.51 -19.47
C VAL I 126 -47.41 -19.57 -18.85
N ALA I 127 -48.27 -20.39 -19.44
CA ALA I 127 -49.65 -20.51 -18.99
C ALA I 127 -49.72 -21.41 -17.75
N ALA I 128 -50.58 -21.01 -16.81
CA ALA I 128 -50.81 -21.79 -15.60
C ALA I 128 -52.28 -21.66 -15.22
N ASP I 129 -52.69 -22.49 -14.27
CA ASP I 129 -54.12 -22.58 -13.94
C ASP I 129 -54.51 -21.70 -12.75
N HIS I 130 -53.92 -21.93 -11.59
CA HIS I 130 -54.36 -21.29 -10.35
C HIS I 130 -53.19 -20.62 -9.65
N VAL I 131 -53.51 -19.56 -8.93
CA VAL I 131 -52.51 -18.86 -8.11
C VAL I 131 -52.08 -19.77 -6.96
N PRO I 132 -50.80 -19.99 -6.75
CA PRO I 132 -50.37 -20.91 -5.68
C PRO I 132 -50.56 -20.27 -4.32
N SER I 133 -51.14 -21.05 -3.40
CA SER I 133 -51.35 -20.63 -2.02
C SER I 133 -50.23 -21.23 -1.18
N THR I 134 -49.17 -20.46 -0.99
CA THR I 134 -48.01 -20.93 -0.25
C THR I 134 -47.29 -19.74 0.36
N GLU I 135 -46.27 -20.02 1.16
CA GLU I 135 -45.46 -19.00 1.80
C GLU I 135 -44.43 -18.47 0.80
N ASN I 136 -43.44 -17.75 1.32
CA ASN I 136 -42.34 -17.21 0.51
C ASN I 136 -42.83 -16.16 -0.48
N LYS I 137 -43.73 -15.30 -0.02
CA LYS I 137 -44.12 -14.12 -0.79
C LYS I 137 -43.18 -12.97 -0.42
N LEU I 138 -42.93 -12.10 -1.39
CA LEU I 138 -41.93 -11.06 -1.22
C LEU I 138 -42.49 -9.66 -1.15
N CYS I 139 -43.65 -9.39 -1.76
CA CYS I 139 -44.23 -8.05 -1.74
C CYS I 139 -45.74 -8.21 -1.60
N SER I 140 -46.20 -8.17 -0.35
CA SER I 140 -47.62 -8.33 -0.05
C SER I 140 -48.20 -7.04 0.52
N MET J 1 42.23 21.43 63.07
CA MET J 1 43.68 21.44 62.92
C MET J 1 44.23 22.85 62.87
N THR J 2 45.53 22.98 63.05
CA THR J 2 46.19 24.28 63.02
C THR J 2 46.00 24.93 61.65
N SER J 3 45.98 26.27 61.63
CA SER J 3 45.81 27.00 60.39
C SER J 3 46.87 26.67 59.37
N LEU J 4 48.03 26.16 59.79
CA LEU J 4 49.01 25.68 58.84
C LEU J 4 48.44 24.53 58.04
N GLU J 5 47.77 23.59 58.72
CA GLU J 5 47.15 22.48 58.02
C GLU J 5 46.05 22.95 57.10
N ILE J 6 45.23 23.90 57.56
CA ILE J 6 44.15 24.40 56.70
C ILE J 6 44.74 25.10 55.49
N ALA J 7 45.86 25.80 55.66
CA ALA J 7 46.51 26.41 54.51
C ALA J 7 46.95 25.36 53.50
N ILE J 8 47.66 24.33 53.96
CA ILE J 8 48.14 23.30 53.05
C ILE J 8 46.97 22.61 52.35
N ILE J 9 45.98 22.19 53.12
CA ILE J 9 44.85 21.43 52.58
C ILE J 9 44.03 22.29 51.64
N VAL J 10 43.81 23.56 51.97
CA VAL J 10 43.03 24.42 51.09
C VAL J 10 43.79 24.69 49.80
N ALA J 11 45.12 24.81 49.86
CA ALA J 11 45.88 24.98 48.64
C ALA J 11 45.72 23.77 47.72
N ILE J 12 45.96 22.56 48.24
CA ILE J 12 45.87 21.37 47.42
C ILE J 12 44.44 21.16 46.92
N VAL J 13 43.47 21.34 47.83
CA VAL J 13 42.05 21.25 47.51
C VAL J 13 41.64 22.21 46.41
N LEU J 14 42.09 23.46 46.46
CA LEU J 14 41.72 24.41 45.42
C LEU J 14 42.34 24.05 44.09
N VAL J 15 43.60 23.60 44.11
CA VAL J 15 44.23 23.16 42.86
C VAL J 15 43.41 22.04 42.22
N ILE J 16 43.05 21.04 43.02
CA ILE J 16 42.33 19.88 42.48
C ILE J 16 40.95 20.30 41.97
N ALA J 17 40.25 21.14 42.74
CA ALA J 17 38.92 21.56 42.34
C ALA J 17 38.95 22.33 41.03
N ILE J 18 39.88 23.28 40.90
CA ILE J 18 39.98 24.04 39.66
C ILE J 18 40.31 23.12 38.50
N ALA J 19 41.23 22.17 38.71
CA ALA J 19 41.58 21.25 37.65
C ALA J 19 40.35 20.47 37.17
N VAL J 20 39.58 19.92 38.10
CA VAL J 20 38.42 19.12 37.72
C VAL J 20 37.35 19.98 37.05
N GLY J 21 37.13 21.19 37.56
CA GLY J 21 36.12 22.05 36.96
C GLY J 21 36.45 22.41 35.52
N TRP J 22 37.68 22.85 35.28
CA TRP J 22 38.01 23.18 33.90
C TRP J 22 38.19 21.94 33.04
N TYR J 23 38.40 20.77 33.65
CA TYR J 23 38.28 19.52 32.90
C TYR J 23 36.86 19.33 32.39
N LEU J 24 35.87 19.59 33.25
CA LEU J 24 34.48 19.53 32.80
C LEU J 24 34.22 20.50 31.67
N TYR J 25 34.71 21.74 31.81
CA TYR J 25 34.59 22.70 30.72
C TYR J 25 35.20 22.19 29.42
N THR J 26 36.40 21.64 29.47
CA THR J 26 37.06 21.21 28.24
C THR J 26 36.34 20.02 27.63
N THR J 27 35.81 19.13 28.47
CA THR J 27 35.03 18.01 27.94
C THR J 27 33.79 18.50 27.23
N PHE J 28 33.10 19.49 27.82
CA PHE J 28 31.93 20.04 27.16
C PHE J 28 32.29 20.72 25.85
N ALA J 29 33.40 21.46 25.84
CA ALA J 29 33.81 22.15 24.62
C ALA J 29 34.22 21.17 23.52
N ALA J 30 34.74 20.00 23.90
CA ALA J 30 35.08 19.00 22.89
C ALA J 30 33.85 18.23 22.43
N ALA J 31 32.88 18.04 23.33
CA ALA J 31 31.65 17.36 22.95
C ALA J 31 30.76 18.22 22.07
N GLY J 32 30.85 19.54 22.20
CA GLY J 32 30.05 20.42 21.36
C GLY J 32 30.46 20.42 19.91
N GLN J 33 31.64 19.90 19.59
CA GLN J 33 32.15 19.88 18.23
C GLN J 33 31.90 18.56 17.52
N GLN J 34 30.97 17.76 18.02
CA GLN J 34 30.61 16.54 17.32
C GLN J 34 29.87 16.87 16.05
N THR J 35 30.36 16.34 14.92
CA THR J 35 29.91 16.80 13.61
C THR J 35 29.61 15.60 12.71
N GLY J 36 29.06 15.91 11.54
CA GLY J 36 28.72 14.88 10.59
C GLY J 36 28.05 15.51 9.39
N LEU J 37 28.07 14.75 8.28
CA LEU J 37 27.50 15.23 7.03
C LEU J 37 26.03 14.86 6.92
N THR J 38 25.31 15.64 6.13
CA THR J 38 23.94 15.31 5.75
C THR J 38 23.70 15.83 4.34
N ALA J 39 22.88 15.11 3.58
CA ALA J 39 22.58 15.46 2.21
C ALA J 39 21.13 15.94 2.14
N THR J 40 20.87 16.92 1.29
CA THR J 40 19.53 17.44 1.10
C THR J 40 19.00 17.29 -0.31
N LYS J 41 19.86 16.96 -1.28
CA LYS J 41 19.43 16.84 -2.66
C LYS J 41 20.52 16.14 -3.47
N ALA J 42 20.15 15.12 -4.23
CA ALA J 42 21.13 14.36 -4.99
C ALA J 42 20.44 13.72 -6.18
N THR J 43 21.02 13.91 -7.37
CA THR J 43 20.49 13.32 -8.60
C THR J 43 21.68 12.98 -9.49
N ILE J 44 21.94 11.68 -9.68
CA ILE J 44 23.03 11.27 -10.55
C ILE J 44 22.72 11.70 -11.97
N TYR J 45 23.68 12.37 -12.60
CA TYR J 45 23.54 12.86 -13.97
C TYR J 45 24.39 12.01 -14.91
N VAL J 46 23.89 11.79 -16.12
CA VAL J 46 24.57 11.01 -17.12
C VAL J 46 24.60 11.79 -18.43
N THR J 47 25.73 11.76 -19.11
CA THR J 47 25.88 12.43 -20.39
C THR J 47 25.61 11.47 -21.54
N LYS J 48 25.61 12.02 -22.76
CA LYS J 48 25.36 11.20 -23.94
C LYS J 48 26.53 10.29 -24.25
N ASP J 49 27.75 10.69 -23.88
CA ASP J 49 28.96 9.95 -24.25
C ASP J 49 29.38 8.95 -23.19
N GLY J 50 28.58 8.75 -22.15
CA GLY J 50 28.87 7.77 -21.12
C GLY J 50 29.46 8.34 -19.85
N ASN J 51 29.90 9.59 -19.86
CA ASN J 51 30.44 10.19 -18.65
C ASN J 51 29.32 10.39 -17.62
N VAL J 52 29.53 9.88 -16.41
CA VAL J 52 28.55 9.97 -15.35
C VAL J 52 29.16 10.73 -14.18
N TYR J 53 28.34 11.56 -13.54
CA TYR J 53 28.82 12.37 -12.43
C TYR J 53 27.64 12.66 -11.50
N LEU J 54 27.94 12.76 -10.21
CA LEU J 54 26.92 13.03 -9.20
C LEU J 54 26.92 14.52 -8.86
N ASN J 55 25.72 15.09 -8.71
CA ASN J 55 25.55 16.50 -8.38
C ASN J 55 24.77 16.58 -7.08
N VAL J 56 25.50 16.56 -5.96
CA VAL J 56 24.90 16.49 -4.63
C VAL J 56 25.03 17.85 -3.95
N THR J 57 24.21 18.03 -2.90
CA THR J 57 24.23 19.23 -2.09
C THR J 57 24.43 18.82 -0.63
N LEU J 58 25.54 19.25 -0.03
CA LEU J 58 25.91 18.85 1.30
C LEU J 58 25.73 20.00 2.29
N VAL J 59 25.47 19.64 3.54
CA VAL J 59 25.39 20.59 4.65
C VAL J 59 26.05 19.98 5.87
N PRO J 60 27.17 20.50 6.34
CA PRO J 60 27.82 19.93 7.52
C PRO J 60 27.03 20.21 8.78
N GLN J 61 26.67 19.13 9.49
CA GLN J 61 25.99 19.22 10.78
C GLN J 61 27.09 19.36 11.83
N GLY J 62 26.97 20.39 12.66
CA GLY J 62 27.98 20.67 13.66
C GLY J 62 28.75 21.93 13.32
N ALA J 63 29.90 22.08 13.96
CA ALA J 63 30.82 23.18 13.69
C ALA J 63 32.21 22.58 13.54
N ALA J 64 32.51 22.09 12.34
CA ALA J 64 33.80 21.49 12.06
C ALA J 64 33.93 21.30 10.55
N GLN J 65 35.13 20.91 10.14
CA GLN J 65 35.43 20.60 8.73
C GLN J 65 35.44 19.08 8.61
N VAL J 66 34.31 18.51 8.20
CA VAL J 66 34.21 17.06 8.06
C VAL J 66 35.09 16.59 6.92
N ALA J 67 35.62 15.38 7.06
CA ALA J 67 36.49 14.78 6.06
C ALA J 67 35.80 13.56 5.45
N ILE J 68 35.62 13.58 4.14
CA ILE J 68 34.98 12.49 3.41
C ILE J 68 36.04 11.44 3.10
N SER J 69 35.74 10.19 3.46
CA SER J 69 36.69 9.10 3.24
C SER J 69 36.46 8.41 1.91
N SER J 70 35.24 7.97 1.63
CA SER J 70 34.95 7.25 0.40
C SER J 70 33.47 7.34 0.10
N ILE J 71 33.14 7.20 -1.18
CA ILE J 71 31.76 7.22 -1.66
C ILE J 71 31.47 5.86 -2.28
N GLU J 72 30.36 5.25 -1.86
CA GLU J 72 29.95 3.93 -2.37
C GLU J 72 28.55 4.07 -2.94
N VAL J 73 28.41 3.88 -4.25
CA VAL J 73 27.14 4.02 -4.95
C VAL J 73 26.90 2.75 -5.76
N ALA J 74 25.79 2.06 -5.46
CA ALA J 74 25.37 0.88 -6.20
C ALA J 74 26.47 -0.19 -6.22
N GLY J 75 27.15 -0.34 -5.10
CA GLY J 75 28.18 -1.36 -4.97
C GLY J 75 29.56 -0.96 -5.44
N VAL J 76 29.68 0.14 -6.17
CA VAL J 76 30.97 0.62 -6.66
C VAL J 76 31.51 1.62 -5.64
N SER J 77 32.63 1.27 -5.02
CA SER J 77 33.28 2.14 -4.04
C SER J 77 34.27 3.06 -4.75
N ILE J 78 34.33 4.30 -4.29
CA ILE J 78 35.20 5.31 -4.92
C ILE J 78 36.00 6.01 -3.83
N PRO J 79 37.31 5.85 -3.79
CA PRO J 79 38.11 6.51 -2.75
C PRO J 79 38.27 7.99 -3.03
N CYS J 80 38.56 8.73 -1.96
CA CYS J 80 38.79 10.16 -2.04
C CYS J 80 40.07 10.48 -1.28
N THR J 81 41.10 10.94 -1.99
CA THR J 81 42.40 11.19 -1.42
C THR J 81 42.86 12.64 -1.61
N SER J 82 42.00 13.50 -2.14
CA SER J 82 42.36 14.90 -2.36
C SER J 82 41.12 15.75 -2.34
N SER J 83 41.24 16.97 -1.80
CA SER J 83 40.12 17.90 -1.67
C SER J 83 38.90 17.25 -1.04
N ASN J 84 39.11 16.36 -0.08
CA ASN J 84 38.05 15.62 0.57
C ASN J 84 37.49 16.34 1.79
N LEU J 85 37.62 17.66 1.86
CA LEU J 85 37.12 18.44 2.97
C LEU J 85 35.90 19.25 2.53
N VAL J 86 34.89 19.30 3.40
CA VAL J 86 33.69 20.07 3.16
C VAL J 86 33.79 21.35 4.00
N LYS J 87 34.17 22.45 3.36
CA LYS J 87 34.46 23.67 4.09
C LYS J 87 33.21 24.47 4.45
N ALA J 88 32.15 24.36 3.66
CA ALA J 88 30.96 25.16 3.87
C ALA J 88 29.80 24.50 3.15
N PRO J 89 28.56 24.75 3.58
CA PRO J 89 27.41 24.18 2.87
C PRO J 89 27.33 24.71 1.45
N GLY J 90 26.98 23.82 0.52
CA GLY J 90 26.87 24.21 -0.87
C GLY J 90 26.64 23.00 -1.75
N GLU J 91 26.64 23.26 -3.05
CA GLU J 91 26.44 22.23 -4.06
C GLU J 91 27.79 21.73 -4.55
N TYR J 92 28.00 20.42 -4.48
CA TYR J 92 29.28 19.82 -4.84
C TYR J 92 29.07 18.77 -5.92
N VAL J 93 30.11 18.58 -6.74
CA VAL J 93 30.06 17.70 -7.89
C VAL J 93 31.12 16.61 -7.71
N ILE J 94 30.68 15.36 -7.79
CA ILE J 94 31.56 14.20 -7.66
C ILE J 94 31.50 13.40 -8.95
N GLU J 95 32.66 13.09 -9.52
CA GLU J 95 32.72 12.24 -10.70
C GLU J 95 32.67 10.78 -10.30
N LEU J 96 31.85 10.00 -11.00
CA LEU J 96 31.83 8.55 -10.85
C LEU J 96 32.66 7.93 -11.97
N SER J 97 33.52 6.98 -11.63
CA SER J 97 34.55 6.55 -12.55
C SER J 97 33.99 5.63 -13.64
N SER J 98 33.49 4.46 -13.26
CA SER J 98 33.16 3.42 -14.23
C SER J 98 31.75 2.88 -14.10
N VAL J 99 30.89 3.49 -13.29
CA VAL J 99 29.52 3.01 -13.16
C VAL J 99 28.78 3.25 -14.48
N SER J 100 28.24 2.17 -15.04
CA SER J 100 27.48 2.24 -16.30
C SER J 100 26.01 2.06 -15.96
N VAL J 101 25.23 3.14 -16.13
CA VAL J 101 23.82 3.14 -15.78
C VAL J 101 23.01 3.53 -17.01
N SER J 102 21.69 3.61 -16.82
CA SER J 102 20.78 3.99 -17.87
C SER J 102 19.69 4.86 -17.26
N VAL J 103 19.20 5.82 -18.06
CA VAL J 103 18.24 6.79 -17.56
C VAL J 103 17.01 6.08 -17.01
N GLY J 104 16.63 6.44 -15.79
CA GLY J 104 15.42 5.95 -15.16
C GLY J 104 15.68 5.14 -13.89
N GLN J 105 16.83 4.50 -13.78
CA GLN J 105 17.11 3.63 -12.64
C GLN J 105 17.16 4.46 -11.35
N VAL J 106 17.06 3.75 -10.22
CA VAL J 106 17.10 4.35 -8.90
C VAL J 106 18.25 3.73 -8.13
N LEU J 107 19.23 4.55 -7.77
CA LEU J 107 20.43 4.10 -7.08
C LEU J 107 20.51 4.75 -5.70
N THR J 108 21.04 4.00 -4.74
CA THR J 108 21.32 4.54 -3.42
C THR J 108 22.82 4.81 -3.30
N GLY J 109 23.26 5.20 -2.12
CA GLY J 109 24.67 5.50 -1.92
C GLY J 109 24.95 5.82 -0.47
N ARG J 110 26.23 6.04 -0.20
CA ARG J 110 26.70 6.43 1.13
C ARG J 110 27.87 7.38 1.00
N ILE J 111 27.96 8.34 1.92
CA ILE J 111 29.15 9.15 2.10
C ILE J 111 29.76 8.75 3.43
N VAL J 112 30.86 7.99 3.39
CA VAL J 112 31.51 7.51 4.59
C VAL J 112 32.52 8.54 5.04
N LEU J 113 32.31 9.10 6.23
CA LEU J 113 33.19 10.11 6.78
C LEU J 113 34.39 9.45 7.43
N ALA J 114 35.31 10.27 7.92
CA ALA J 114 36.50 9.74 8.58
C ALA J 114 36.23 9.41 10.04
N SER J 115 35.30 10.13 10.69
CA SER J 115 34.99 9.86 12.08
C SER J 115 34.19 8.58 12.27
N GLY J 116 33.33 8.22 11.33
CA GLY J 116 32.53 7.03 11.46
C GLY J 116 31.09 7.21 11.00
N ALA J 117 30.56 8.42 11.14
CA ALA J 117 29.21 8.69 10.68
C ALA J 117 29.13 8.63 9.16
N ILE J 118 27.92 8.39 8.65
CA ILE J 118 27.68 8.23 7.22
C ILE J 118 26.45 9.06 6.85
N SER J 119 26.08 9.00 5.57
CA SER J 119 24.90 9.68 5.06
C SER J 119 24.48 9.00 3.76
N PRO J 120 23.25 8.51 3.67
CA PRO J 120 22.80 7.80 2.46
C PRO J 120 22.17 8.73 1.43
N PHE J 121 21.97 8.18 0.22
CA PHE J 121 21.56 8.97 -0.93
C PHE J 121 20.15 8.65 -1.43
N THR J 122 19.93 7.44 -1.92
CA THR J 122 18.75 7.09 -2.73
C THR J 122 18.47 8.20 -3.76
N ALA J 123 19.39 8.29 -4.72
CA ALA J 123 19.34 9.31 -5.76
C ALA J 123 19.04 8.67 -7.11
N THR J 124 18.12 9.27 -7.85
CA THR J 124 17.73 8.77 -9.16
C THR J 124 18.67 9.29 -10.25
N VAL J 125 18.52 8.77 -11.45
CA VAL J 125 19.34 9.14 -12.60
C VAL J 125 18.53 10.06 -13.52
N VAL J 126 19.19 11.07 -14.07
CA VAL J 126 18.56 12.00 -15.00
C VAL J 126 19.54 12.26 -16.14
N ALA J 127 19.01 12.44 -17.35
CA ALA J 127 19.83 12.67 -18.52
C ALA J 127 20.34 14.10 -18.54
N ALA J 128 21.58 14.26 -19.00
CA ALA J 128 22.20 15.57 -19.12
C ALA J 128 23.13 15.55 -20.33
N ASP J 129 23.61 16.74 -20.69
CA ASP J 129 24.39 16.88 -21.93
C ASP J 129 25.90 16.82 -21.69
N HIS J 130 26.42 17.74 -20.87
CA HIS J 130 27.86 17.91 -20.74
C HIS J 130 28.27 17.93 -19.27
N VAL J 131 29.49 17.46 -19.01
CA VAL J 131 30.06 17.54 -17.66
C VAL J 131 30.28 18.99 -17.29
N PRO J 132 29.84 19.44 -16.11
CA PRO J 132 30.02 20.85 -15.76
C PRO J 132 31.46 21.15 -15.41
N SER J 133 31.93 22.30 -15.90
CA SER J 133 33.28 22.78 -15.60
C SER J 133 33.15 23.85 -14.52
N THR J 134 33.30 23.44 -13.27
CA THR J 134 33.14 24.36 -12.15
C THR J 134 33.96 23.83 -10.98
N GLU J 135 34.04 24.64 -9.93
CA GLU J 135 34.74 24.28 -8.71
C GLU J 135 33.84 23.39 -7.86
N ASN J 136 34.21 23.22 -6.59
CA ASN J 136 33.42 22.47 -5.63
C ASN J 136 33.38 20.98 -5.95
N LYS J 137 34.53 20.45 -6.38
CA LYS J 137 34.68 19.02 -6.54
C LYS J 137 35.17 18.41 -5.23
N LEU J 138 34.79 17.15 -4.99
CA LEU J 138 35.05 16.52 -3.71
C LEU J 138 36.09 15.42 -3.75
N CYS J 139 36.23 14.72 -4.87
CA CYS J 139 37.19 13.60 -4.96
C CYS J 139 37.83 13.67 -6.35
N SER J 140 38.98 14.32 -6.42
CA SER J 140 39.70 14.47 -7.68
C SER J 140 41.07 13.78 -7.61
N MET K 1 14.24 6.77 20.53
CA MET K 1 15.20 7.86 20.49
C MET K 1 14.74 9.04 21.33
N THR K 2 15.64 10.01 21.50
CA THR K 2 15.30 11.22 22.23
C THR K 2 14.11 11.93 21.56
N SER K 3 13.29 12.58 22.38
CA SER K 3 12.11 13.26 21.86
C SER K 3 12.46 14.30 20.81
N LEU K 4 13.67 14.82 20.81
CA LEU K 4 14.11 15.69 19.73
C LEU K 4 14.08 14.93 18.40
N GLU K 5 14.58 13.70 18.42
CA GLU K 5 14.58 12.88 17.22
C GLU K 5 13.15 12.57 16.78
N ILE K 6 12.29 12.20 17.72
CA ILE K 6 10.91 11.88 17.36
C ILE K 6 10.22 13.12 16.82
N ALA K 7 10.56 14.29 17.35
CA ALA K 7 10.01 15.53 16.79
C ALA K 7 10.42 15.71 15.34
N ILE K 8 11.72 15.62 15.06
CA ILE K 8 12.21 15.82 13.68
C ILE K 8 11.58 14.79 12.75
N ILE K 9 11.64 13.52 13.14
CA ILE K 9 11.15 12.44 12.29
C ILE K 9 9.64 12.54 12.08
N VAL K 10 8.89 12.89 13.12
CA VAL K 10 7.45 13.00 12.98
C VAL K 10 7.10 14.18 12.08
N ALA K 11 7.86 15.27 12.16
CA ALA K 11 7.60 16.38 11.25
C ALA K 11 7.80 15.97 9.79
N ILE K 12 8.96 15.37 9.49
CA ILE K 12 9.25 14.99 8.10
C ILE K 12 8.26 13.92 7.62
N VAL K 13 8.00 12.94 8.48
CA VAL K 13 7.04 11.88 8.21
C VAL K 13 5.64 12.42 7.92
N LEU K 14 5.18 13.39 8.71
CA LEU K 14 3.85 13.94 8.47
C LEU K 14 3.81 14.72 7.17
N VAL K 15 4.87 15.49 6.88
CA VAL K 15 4.90 16.22 5.61
C VAL K 15 4.80 15.25 4.44
N ILE K 16 5.59 14.18 4.47
CA ILE K 16 5.59 13.23 3.37
C ILE K 16 4.24 12.53 3.26
N ALA K 17 3.65 12.15 4.39
CA ALA K 17 2.36 11.47 4.36
C ALA K 17 1.28 12.36 3.75
N ILE K 18 1.22 13.62 4.18
CA ILE K 18 0.21 14.53 3.63
C ILE K 18 0.42 14.72 2.14
N ALA K 19 1.69 14.88 1.73
CA ALA K 19 1.98 15.03 0.30
C ALA K 19 1.45 13.85 -0.49
N VAL K 20 1.76 12.63 -0.05
CA VAL K 20 1.35 11.45 -0.82
C VAL K 20 -0.16 11.28 -0.79
N GLY K 21 -0.79 11.55 0.35
CA GLY K 21 -2.24 11.39 0.43
C GLY K 21 -2.98 12.32 -0.50
N TRP K 22 -2.63 13.60 -0.47
CA TRP K 22 -3.30 14.51 -1.37
C TRP K 22 -2.85 14.32 -2.82
N TYR K 23 -1.69 13.70 -3.05
CA TYR K 23 -1.36 13.23 -4.39
C TYR K 23 -2.38 12.20 -4.86
N LEU K 24 -2.74 11.25 -3.99
CA LEU K 24 -3.76 10.28 -4.35
C LEU K 24 -5.09 10.96 -4.63
N TYR K 25 -5.50 11.89 -3.77
CA TYR K 25 -6.73 12.64 -4.03
C TYR K 25 -6.70 13.34 -5.38
N THR K 26 -5.59 14.01 -5.71
CA THR K 26 -5.55 14.76 -6.97
C THR K 26 -5.54 13.82 -8.17
N THR K 27 -4.86 12.68 -8.04
CA THR K 27 -4.90 11.69 -9.11
C THR K 27 -6.32 11.18 -9.34
N PHE K 28 -7.07 10.97 -8.26
CA PHE K 28 -8.47 10.55 -8.40
C PHE K 28 -9.29 11.65 -9.07
N ALA K 29 -9.08 12.90 -8.67
CA ALA K 29 -9.84 14.01 -9.24
C ALA K 29 -9.51 14.19 -10.72
N ALA K 30 -8.31 13.81 -11.14
CA ALA K 30 -7.95 13.91 -12.55
C ALA K 30 -8.48 12.72 -13.33
N ALA K 31 -8.49 11.53 -12.72
CA ALA K 31 -9.04 10.36 -13.40
C ALA K 31 -10.55 10.43 -13.55
N GLY K 32 -11.23 11.13 -12.65
CA GLY K 32 -12.68 11.25 -12.76
C GLY K 32 -13.15 12.06 -13.96
N GLN K 33 -12.26 12.80 -14.61
CA GLN K 33 -12.62 13.68 -15.71
C GLN K 33 -12.32 13.06 -17.08
N GLN K 34 -12.12 11.74 -17.14
CA GLN K 34 -11.92 11.11 -18.42
C GLN K 34 -13.21 11.11 -19.22
N THR K 35 -13.17 11.67 -20.42
CA THR K 35 -14.39 11.99 -21.15
C THR K 35 -14.29 11.49 -22.59
N GLY K 36 -15.39 11.60 -23.30
CA GLY K 36 -15.45 11.20 -24.69
C GLY K 36 -16.86 11.37 -25.21
N LEU K 37 -16.96 11.43 -26.54
CA LEU K 37 -18.25 11.59 -27.18
C LEU K 37 -18.90 10.24 -27.46
N THR K 38 -20.23 10.26 -27.54
CA THR K 38 -21.02 9.13 -28.01
C THR K 38 -22.16 9.68 -28.84
N ALA K 39 -22.57 8.92 -29.84
CA ALA K 39 -23.60 9.34 -30.78
C ALA K 39 -24.85 8.52 -30.55
N THR K 40 -26.00 9.18 -30.63
CA THR K 40 -27.28 8.52 -30.43
C THR K 40 -28.18 8.56 -31.66
N LYS K 41 -27.87 9.37 -32.65
CA LYS K 41 -28.71 9.50 -33.83
C LYS K 41 -27.96 10.24 -34.93
N ALA K 42 -27.94 9.69 -36.14
CA ALA K 42 -27.23 10.32 -37.24
C ALA K 42 -27.86 9.90 -38.56
N THR K 43 -28.25 10.87 -39.37
CA THR K 43 -28.86 10.60 -40.67
C THR K 43 -28.39 11.68 -41.63
N ILE K 44 -27.47 11.33 -42.53
CA ILE K 44 -26.99 12.29 -43.52
C ILE K 44 -28.16 12.76 -44.37
N TYR K 45 -28.29 14.08 -44.51
CA TYR K 45 -29.34 14.67 -45.32
C TYR K 45 -28.75 15.22 -46.61
N VAL K 46 -29.53 15.15 -47.68
CA VAL K 46 -29.12 15.65 -48.99
C VAL K 46 -30.24 16.53 -49.54
N THR K 47 -29.87 17.67 -50.10
CA THR K 47 -30.82 18.58 -50.72
C THR K 47 -30.94 18.26 -52.22
N LYS K 48 -31.91 18.91 -52.85
CA LYS K 48 -32.12 18.71 -54.29
C LYS K 48 -30.98 19.31 -55.11
N ASP K 49 -30.33 20.35 -54.59
CA ASP K 49 -29.29 21.06 -55.33
C ASP K 49 -27.91 20.48 -55.10
N GLY K 50 -27.80 19.39 -54.35
CA GLY K 50 -26.52 18.75 -54.12
C GLY K 50 -25.89 19.04 -52.77
N ASN K 51 -26.39 20.03 -52.04
CA ASN K 51 -25.83 20.33 -50.74
C ASN K 51 -26.16 19.21 -49.76
N VAL K 52 -25.14 18.65 -49.12
CA VAL K 52 -25.31 17.60 -48.13
C VAL K 52 -24.83 18.12 -46.78
N TYR K 53 -25.42 17.58 -45.71
CA TYR K 53 -25.05 17.99 -44.36
C TYR K 53 -25.48 16.89 -43.40
N LEU K 54 -24.67 16.68 -42.37
CA LEU K 54 -24.95 15.66 -41.36
C LEU K 54 -25.70 16.29 -40.20
N ASN K 55 -26.77 15.63 -39.77
CA ASN K 55 -27.60 16.10 -38.66
C ASN K 55 -27.49 15.07 -37.54
N VAL K 56 -26.49 15.22 -36.69
CA VAL K 56 -26.16 14.25 -35.66
C VAL K 56 -26.57 14.80 -34.30
N THR K 57 -26.70 13.88 -33.34
CA THR K 57 -27.01 14.23 -31.95
C THR K 57 -25.91 13.68 -31.06
N LEU K 58 -25.22 14.56 -30.35
CA LEU K 58 -24.08 14.20 -29.55
C LEU K 58 -24.41 14.29 -28.06
N VAL K 59 -23.72 13.45 -27.28
CA VAL K 59 -23.83 13.46 -25.82
C VAL K 59 -22.44 13.25 -25.25
N PRO K 60 -21.86 14.23 -24.56
CA PRO K 60 -20.52 14.02 -23.99
C PRO K 60 -20.58 13.10 -22.79
N GLN K 61 -19.86 11.98 -22.90
CA GLN K 61 -19.71 11.03 -21.80
C GLN K 61 -18.58 11.55 -20.91
N GLY K 62 -18.89 11.78 -19.65
CA GLY K 62 -17.95 12.36 -18.71
C GLY K 62 -18.39 13.73 -18.26
N ALA K 63 -17.46 14.43 -17.62
CA ALA K 63 -17.69 15.80 -17.18
C ALA K 63 -16.51 16.64 -17.67
N ALA K 64 -16.58 17.07 -18.93
CA ALA K 64 -15.51 17.86 -19.52
C ALA K 64 -16.01 18.41 -20.85
N GLN K 65 -15.20 19.29 -21.43
CA GLN K 65 -15.49 19.91 -22.71
C GLN K 65 -14.64 19.21 -23.76
N VAL K 66 -15.22 18.22 -24.44
CA VAL K 66 -14.49 17.48 -25.45
C VAL K 66 -14.21 18.36 -26.66
N ALA K 67 -13.08 18.14 -27.29
CA ALA K 67 -12.66 18.87 -28.48
C ALA K 67 -12.65 17.94 -29.68
N ILE K 68 -13.42 18.29 -30.70
CA ILE K 68 -13.51 17.50 -31.93
C ILE K 68 -12.36 17.88 -32.84
N SER K 69 -11.61 16.89 -33.30
CA SER K 69 -10.45 17.15 -34.14
C SER K 69 -10.80 17.10 -35.62
N SER K 70 -11.39 16.00 -36.07
CA SER K 70 -11.71 15.84 -37.48
C SER K 70 -12.83 14.82 -37.64
N ILE K 71 -13.56 14.94 -38.75
CA ILE K 71 -14.65 14.04 -39.08
C ILE K 71 -14.28 13.32 -40.37
N GLU K 72 -14.41 12.00 -40.36
CA GLU K 72 -14.12 11.17 -41.53
C GLU K 72 -15.35 10.31 -41.81
N VAL K 73 -16.04 10.61 -42.90
CA VAL K 73 -17.25 9.87 -43.29
C VAL K 73 -17.10 9.46 -44.75
N ALA K 74 -17.29 8.16 -45.00
CA ALA K 74 -17.24 7.60 -46.36
C ALA K 74 -15.91 7.90 -47.04
N GLY K 75 -14.83 7.88 -46.26
CA GLY K 75 -13.50 8.09 -46.79
C GLY K 75 -13.08 9.53 -46.96
N VAL K 76 -14.00 10.47 -46.87
CA VAL K 76 -13.69 11.89 -47.02
C VAL K 76 -13.47 12.48 -45.63
N SER K 77 -12.26 12.97 -45.38
CA SER K 77 -11.92 13.57 -44.11
C SER K 77 -12.22 15.06 -44.14
N ILE K 78 -12.70 15.60 -43.03
CA ILE K 78 -13.07 17.01 -42.93
C ILE K 78 -12.49 17.60 -41.66
N PRO K 79 -11.44 18.42 -41.75
CA PRO K 79 -10.87 19.01 -40.54
C PRO K 79 -11.80 20.06 -39.95
N CYS K 80 -11.67 20.22 -38.63
CA CYS K 80 -12.48 21.18 -37.88
C CYS K 80 -11.54 22.06 -37.07
N THR K 81 -11.51 23.35 -37.39
CA THR K 81 -10.62 24.30 -36.74
C THR K 81 -11.37 25.43 -36.04
N SER K 82 -12.70 25.39 -36.02
CA SER K 82 -13.49 26.45 -35.40
C SER K 82 -14.79 25.86 -34.90
N SER K 83 -15.25 26.35 -33.74
CA SER K 83 -16.48 25.86 -33.11
C SER K 83 -16.44 24.36 -32.87
N ASN K 84 -15.24 23.82 -32.61
CA ASN K 84 -15.04 22.39 -32.47
C ASN K 84 -15.21 21.91 -31.04
N LEU K 85 -15.96 22.63 -30.22
CA LEU K 85 -16.20 22.26 -28.83
C LEU K 85 -17.65 21.84 -28.64
N VAL K 86 -17.86 20.76 -27.91
CA VAL K 86 -19.19 20.27 -27.58
C VAL K 86 -19.52 20.75 -26.17
N LYS K 87 -20.41 21.72 -26.06
CA LYS K 87 -20.68 22.36 -24.78
C LYS K 87 -21.69 21.59 -23.94
N ALA K 88 -22.66 20.93 -24.56
CA ALA K 88 -23.74 20.27 -23.84
C ALA K 88 -24.41 19.30 -24.79
N PRO K 89 -25.11 18.28 -24.26
CA PRO K 89 -25.83 17.36 -25.14
C PRO K 89 -26.89 18.09 -25.95
N GLY K 90 -27.03 17.67 -27.21
CA GLY K 90 -27.99 18.29 -28.09
C GLY K 90 -27.83 17.80 -29.50
N GLU K 91 -28.56 18.43 -30.41
CA GLU K 91 -28.54 18.11 -31.83
C GLU K 91 -27.64 19.11 -32.54
N TYR K 92 -26.66 18.60 -33.28
CA TYR K 92 -25.68 19.43 -33.95
C TYR K 92 -25.67 19.14 -35.45
N VAL K 93 -25.27 20.14 -36.22
CA VAL K 93 -25.32 20.08 -37.68
C VAL K 93 -23.91 20.31 -38.22
N ILE K 94 -23.46 19.38 -39.06
CA ILE K 94 -22.13 19.46 -39.67
C ILE K 94 -22.30 19.48 -41.18
N GLU K 95 -21.69 20.46 -41.83
CA GLU K 95 -21.72 20.52 -43.29
C GLU K 95 -20.63 19.63 -43.87
N LEU K 96 -21.02 18.78 -44.82
CA LEU K 96 -20.08 17.98 -45.58
C LEU K 96 -19.75 18.73 -46.88
N SER K 97 -18.47 18.79 -47.23
CA SER K 97 -18.04 19.71 -48.27
C SER K 97 -18.38 19.18 -49.66
N SER K 98 -17.78 18.05 -50.06
CA SER K 98 -17.83 17.60 -51.43
C SER K 98 -18.30 16.17 -51.61
N VAL K 99 -18.77 15.51 -50.56
CA VAL K 99 -19.24 14.14 -50.68
C VAL K 99 -20.49 14.13 -51.53
N SER K 100 -20.43 13.45 -52.67
CA SER K 100 -21.54 13.34 -53.61
C SER K 100 -22.19 11.97 -53.43
N VAL K 101 -23.40 11.95 -52.90
CA VAL K 101 -24.10 10.72 -52.58
C VAL K 101 -25.43 10.70 -53.32
N SER K 102 -26.19 9.63 -53.09
CA SER K 102 -27.51 9.47 -53.68
C SER K 102 -28.42 8.82 -52.65
N VAL K 103 -29.70 9.18 -52.70
CA VAL K 103 -30.65 8.72 -51.70
C VAL K 103 -30.68 7.20 -51.66
N GLY K 104 -30.55 6.65 -50.44
CA GLY K 104 -30.65 5.22 -50.21
C GLY K 104 -29.39 4.58 -49.67
N GLN K 105 -28.22 5.11 -50.04
CA GLN K 105 -26.96 4.49 -49.65
C GLN K 105 -26.78 4.52 -48.13
N VAL K 106 -25.83 3.72 -47.66
CA VAL K 106 -25.51 3.60 -46.24
C VAL K 106 -24.04 3.93 -46.05
N LEU K 107 -23.76 4.95 -45.26
CA LEU K 107 -22.40 5.42 -45.01
C LEU K 107 -22.07 5.32 -43.53
N THR K 108 -20.82 5.01 -43.22
CA THR K 108 -20.35 5.03 -41.85
C THR K 108 -19.42 6.23 -41.67
N GLY K 109 -18.87 6.40 -40.47
CA GLY K 109 -18.05 7.56 -40.21
C GLY K 109 -17.41 7.47 -38.84
N ARG K 110 -16.64 8.50 -38.52
CA ARG K 110 -15.96 8.62 -37.24
C ARG K 110 -15.89 10.08 -36.82
N ILE K 111 -15.97 10.31 -35.51
CA ILE K 111 -15.64 11.59 -34.92
C ILE K 111 -14.37 11.40 -34.11
N VAL K 112 -13.26 11.95 -34.59
CA VAL K 112 -11.97 11.82 -33.93
C VAL K 112 -11.81 12.98 -32.96
N LEU K 113 -11.64 12.67 -31.69
CA LEU K 113 -11.46 13.68 -30.65
C LEU K 113 -9.98 14.05 -30.54
N ALA K 114 -9.71 15.06 -29.72
CA ALA K 114 -8.34 15.49 -29.51
C ALA K 114 -7.60 14.56 -28.56
N SER K 115 -8.30 13.98 -27.59
CA SER K 115 -7.66 13.08 -26.64
C SER K 115 -7.28 11.74 -27.26
N GLY K 116 -8.09 11.22 -28.17
CA GLY K 116 -7.79 9.94 -28.79
C GLY K 116 -9.00 9.05 -28.98
N ALA K 117 -10.01 9.20 -28.11
CA ALA K 117 -11.22 8.43 -28.27
C ALA K 117 -11.98 8.87 -29.52
N ILE K 118 -12.81 7.96 -30.04
CA ILE K 118 -13.56 8.19 -31.27
C ILE K 118 -14.99 7.75 -31.05
N SER K 119 -15.80 7.84 -32.11
CA SER K 119 -17.19 7.42 -32.10
C SER K 119 -17.65 7.20 -33.53
N PRO K 120 -18.14 6.01 -33.86
CA PRO K 120 -18.55 5.72 -35.24
C PRO K 120 -20.03 6.03 -35.49
N PHE K 121 -20.41 6.03 -36.77
CA PHE K 121 -21.71 6.52 -37.19
C PHE K 121 -22.63 5.44 -37.75
N THR K 122 -22.26 4.83 -38.88
CA THR K 122 -23.17 4.04 -39.70
C THR K 122 -24.51 4.76 -39.86
N ALA K 123 -24.45 5.88 -40.59
CA ALA K 123 -25.60 6.74 -40.80
C ALA K 123 -26.07 6.64 -42.25
N THR K 124 -27.38 6.51 -42.44
CA THR K 124 -27.96 6.40 -43.77
C THR K 124 -28.29 7.79 -44.32
N VAL K 125 -28.57 7.83 -45.62
CA VAL K 125 -28.88 9.07 -46.33
C VAL K 125 -30.39 9.17 -46.51
N VAL K 126 -30.92 10.38 -46.32
CA VAL K 126 -32.34 10.66 -46.50
C VAL K 126 -32.47 11.99 -47.23
N ALA K 127 -33.46 12.08 -48.11
CA ALA K 127 -33.66 13.26 -48.92
C ALA K 127 -34.31 14.38 -48.10
N ALA K 128 -33.86 15.61 -48.33
CA ALA K 128 -34.41 16.77 -47.66
C ALA K 128 -34.41 17.94 -48.65
N ASP K 129 -35.03 19.04 -48.25
CA ASP K 129 -35.26 20.16 -49.15
C ASP K 129 -34.19 21.24 -49.05
N HIS K 130 -34.02 21.83 -47.87
CA HIS K 130 -33.18 23.00 -47.70
C HIS K 130 -32.23 22.82 -46.53
N VAL K 131 -31.07 23.45 -46.63
CA VAL K 131 -30.10 23.46 -45.53
C VAL K 131 -30.68 24.26 -44.36
N PRO K 132 -30.73 23.71 -43.16
CA PRO K 132 -31.33 24.44 -42.04
C PRO K 132 -30.42 25.56 -41.57
N SER K 133 -31.02 26.73 -41.34
CA SER K 133 -30.31 27.89 -40.84
C SER K 133 -30.54 27.97 -39.33
N THR K 134 -29.59 27.46 -38.57
CA THR K 134 -29.71 27.43 -37.11
C THR K 134 -28.32 27.41 -36.50
N GLU K 135 -28.26 27.47 -35.18
CA GLU K 135 -27.01 27.41 -34.44
C GLU K 135 -26.58 25.95 -34.30
N ASN K 136 -25.62 25.72 -33.41
CA ASN K 136 -25.14 24.36 -33.09
C ASN K 136 -24.43 23.73 -34.29
N LYS K 137 -23.61 24.52 -34.96
CA LYS K 137 -22.70 23.98 -35.97
C LYS K 137 -21.37 23.62 -35.33
N LEU K 138 -20.74 22.59 -35.86
CA LEU K 138 -19.55 22.03 -35.23
C LEU K 138 -18.26 22.25 -36.00
N CYS K 139 -18.32 22.44 -37.32
CA CYS K 139 -17.12 22.65 -38.12
C CYS K 139 -17.45 23.70 -39.18
N SER K 140 -17.16 24.96 -38.85
CA SER K 140 -17.43 26.06 -39.76
C SER K 140 -16.14 26.75 -40.19
N MET L 1 45.18 24.17 66.14
CA MET L 1 45.50 25.57 66.41
C MET L 1 44.85 26.02 67.71
N THR L 2 45.16 27.25 68.12
CA THR L 2 44.53 27.84 69.29
C THR L 2 43.02 27.94 69.07
N SER L 3 42.26 27.77 70.15
CA SER L 3 40.80 27.82 70.04
C SER L 3 40.31 29.15 69.51
N LEU L 4 41.11 30.21 69.62
CA LEU L 4 40.78 31.44 68.92
C LEU L 4 40.72 31.20 67.41
N GLU L 5 41.73 30.51 66.89
CA GLU L 5 41.75 30.20 65.47
C GLU L 5 40.59 29.31 65.08
N ILE L 6 40.31 28.30 65.89
CA ILE L 6 39.20 27.40 65.57
C ILE L 6 37.88 28.17 65.60
N ALA L 7 37.76 29.13 66.52
CA ALA L 7 36.56 29.97 66.54
C ALA L 7 36.41 30.76 65.25
N ILE L 8 37.48 31.46 64.84
CA ILE L 8 37.41 32.25 63.62
C ILE L 8 37.10 31.38 62.41
N ILE L 9 37.84 30.28 62.26
CA ILE L 9 37.69 29.41 61.11
C ILE L 9 36.32 28.76 61.09
N VAL L 10 35.81 28.33 62.25
CA VAL L 10 34.48 27.72 62.29
C VAL L 10 33.42 28.74 61.95
N ALA L 11 33.59 29.99 62.39
CA ALA L 11 32.62 31.02 62.00
C ALA L 11 32.57 31.19 60.48
N ILE L 12 33.73 31.41 59.86
CA ILE L 12 33.76 31.65 58.41
C ILE L 12 33.28 30.41 57.67
N VAL L 13 33.74 29.23 58.09
CA VAL L 13 33.36 27.96 57.52
C VAL L 13 31.86 27.72 57.60
N LEU L 14 31.23 28.01 58.74
CA LEU L 14 29.79 27.83 58.85
C LEU L 14 29.05 28.81 57.95
N VAL L 15 29.51 30.06 57.88
CA VAL L 15 28.87 31.02 56.99
C VAL L 15 28.89 30.50 55.55
N ILE L 16 30.06 30.03 55.10
CA ILE L 16 30.17 29.56 53.71
C ILE L 16 29.31 28.33 53.48
N ALA L 17 29.30 27.40 54.45
CA ALA L 17 28.50 26.19 54.30
C ALA L 17 27.02 26.52 54.17
N ILE L 18 26.50 27.38 55.05
CA ILE L 18 25.10 27.73 54.99
C ILE L 18 24.78 28.42 53.66
N ALA L 19 25.66 29.32 53.22
CA ALA L 19 25.43 30.01 51.96
C ALA L 19 25.32 29.02 50.81
N VAL L 20 26.26 28.09 50.71
CA VAL L 20 26.24 27.14 49.59
C VAL L 20 25.04 26.21 49.69
N GLY L 21 24.69 25.76 50.90
CA GLY L 21 23.56 24.86 51.04
C GLY L 21 22.26 25.49 50.60
N TRP L 22 21.98 26.70 51.09
CA TRP L 22 20.74 27.33 50.66
C TRP L 22 20.82 27.84 49.23
N TYR L 23 22.03 28.00 48.68
CA TYR L 23 22.16 28.18 47.24
C TYR L 23 21.65 26.96 46.48
N LEU L 24 22.02 25.76 46.95
CA LEU L 24 21.50 24.55 46.34
C LEU L 24 19.97 24.48 46.45
N TYR L 25 19.45 24.80 47.62
CA TYR L 25 17.99 24.84 47.79
C TYR L 25 17.33 25.80 46.80
N THR L 26 17.87 27.01 46.66
CA THR L 26 17.23 27.98 45.78
C THR L 26 17.35 27.56 44.32
N THR L 27 18.46 26.95 43.96
CA THR L 27 18.59 26.43 42.60
C THR L 27 17.56 25.35 42.32
N PHE L 28 17.33 24.46 43.28
CA PHE L 28 16.31 23.44 43.10
C PHE L 28 14.92 24.06 43.00
N ALA L 29 14.65 25.07 43.82
CA ALA L 29 13.35 25.72 43.78
C ALA L 29 13.12 26.46 42.48
N ALA L 30 14.18 26.96 41.85
CA ALA L 30 14.04 27.62 40.57
C ALA L 30 13.95 26.62 39.42
N ALA L 31 14.62 25.47 39.55
CA ALA L 31 14.54 24.45 38.52
C ALA L 31 13.20 23.73 38.53
N GLY L 32 12.54 23.65 39.68
CA GLY L 32 11.25 23.01 39.74
C GLY L 32 10.15 23.75 39.01
N GLN L 33 10.37 25.01 38.67
CA GLN L 33 9.36 25.85 38.02
C GLN L 33 9.55 25.91 36.51
N GLN L 34 10.29 24.98 35.92
CA GLN L 34 10.40 24.94 34.48
C GLN L 34 9.08 24.50 33.88
N THR L 35 8.57 25.27 32.92
CA THR L 35 7.20 25.12 32.48
C THR L 35 7.11 25.23 30.97
N GLY L 36 5.90 24.97 30.46
CA GLY L 36 5.65 25.05 29.03
C GLY L 36 4.25 24.55 28.74
N LEU L 37 3.75 24.95 27.58
CA LEU L 37 2.41 24.55 27.16
C LEU L 37 2.43 23.20 26.47
N THR L 38 1.26 22.57 26.46
CA THR L 38 0.99 21.38 25.67
C THR L 38 -0.46 21.43 25.24
N ALA L 39 -0.76 20.88 24.08
CA ALA L 39 -2.10 20.91 23.51
C ALA L 39 -2.69 19.51 23.57
N THR L 40 -4.00 19.44 23.77
CA THR L 40 -4.69 18.17 23.84
C THR L 40 -5.81 18.04 22.82
N LYS L 41 -6.23 19.13 22.19
CA LYS L 41 -7.31 19.09 21.22
C LYS L 41 -7.34 20.40 20.44
N ALA L 42 -7.35 20.31 19.11
CA ALA L 42 -7.34 21.52 18.30
C ALA L 42 -8.03 21.23 16.97
N THR L 43 -9.02 22.05 16.62
CA THR L 43 -9.75 21.89 15.37
C THR L 43 -10.08 23.29 14.86
N ILE L 44 -9.42 23.73 13.79
CA ILE L 44 -9.71 25.03 13.21
C ILE L 44 -11.14 25.05 12.69
N TYR L 45 -11.89 26.08 13.07
CA TYR L 45 -13.28 26.23 12.66
C TYR L 45 -13.39 27.33 11.62
N VAL L 46 -14.33 27.16 10.69
CA VAL L 46 -14.60 28.15 9.65
C VAL L 46 -16.09 28.41 9.62
N THR L 47 -16.46 29.69 9.52
CA THR L 47 -17.86 30.07 9.44
C THR L 47 -18.29 30.17 7.97
N LYS L 48 -19.59 30.38 7.78
CA LYS L 48 -20.14 30.48 6.43
C LYS L 48 -19.69 31.77 5.75
N ASP L 49 -19.46 32.84 6.52
CA ASP L 49 -19.12 34.13 5.97
C ASP L 49 -17.61 34.36 5.83
N GLY L 50 -16.80 33.35 6.12
CA GLY L 50 -15.37 33.44 5.95
C GLY L 50 -14.58 33.64 7.22
N ASN L 51 -15.23 33.98 8.33
CA ASN L 51 -14.51 34.15 9.59
C ASN L 51 -14.01 32.79 10.08
N VAL L 52 -12.73 32.73 10.44
CA VAL L 52 -12.12 31.52 10.95
C VAL L 52 -11.59 31.79 12.35
N TYR L 53 -11.56 30.73 13.17
CA TYR L 53 -11.08 30.85 14.52
C TYR L 53 -10.66 29.46 15.00
N LEU L 54 -9.57 29.40 15.75
CA LEU L 54 -9.05 28.16 16.28
C LEU L 54 -9.60 27.92 17.68
N ASN L 55 -10.07 26.71 17.94
CA ASN L 55 -10.68 26.34 19.22
C ASN L 55 -9.81 25.26 19.84
N VAL L 56 -8.81 25.67 20.61
CA VAL L 56 -7.82 24.76 21.16
C VAL L 56 -8.06 24.60 22.66
N THR L 57 -7.50 23.52 23.21
CA THR L 57 -7.57 23.24 24.64
C THR L 57 -6.15 23.11 25.16
N LEU L 58 -5.76 24.01 26.06
CA LEU L 58 -4.39 24.09 26.54
C LEU L 58 -4.28 23.57 27.97
N VAL L 59 -3.10 23.08 28.30
CA VAL L 59 -2.78 22.61 29.65
C VAL L 59 -1.35 23.03 29.97
N PRO L 60 -1.15 23.94 30.93
CA PRO L 60 0.21 24.33 31.28
C PRO L 60 0.94 23.20 32.00
N GLN L 61 2.05 22.77 31.42
CA GLN L 61 2.94 21.78 32.02
C GLN L 61 3.89 22.54 32.92
N GLY L 62 3.91 22.20 34.20
CA GLY L 62 4.69 22.91 35.18
C GLY L 62 3.79 23.60 36.20
N ALA L 63 4.40 24.53 36.92
CA ALA L 63 3.68 25.37 37.88
C ALA L 63 4.10 26.82 37.64
N ALA L 64 3.46 27.45 36.66
CA ALA L 64 3.77 28.84 36.32
C ALA L 64 2.69 29.37 35.39
N GLN L 65 2.75 30.67 35.14
CA GLN L 65 1.86 31.33 34.19
C GLN L 65 2.64 31.55 32.91
N VAL L 66 2.55 30.60 31.99
CA VAL L 66 3.28 30.68 30.74
C VAL L 66 2.78 31.86 29.91
N ALA L 67 3.68 32.41 29.10
CA ALA L 67 3.37 33.55 28.25
C ALA L 67 3.51 33.14 26.79
N ILE L 68 2.46 33.38 26.01
CA ILE L 68 2.44 33.05 24.58
C ILE L 68 3.01 34.22 23.80
N SER L 69 3.96 33.95 22.90
CA SER L 69 4.56 34.99 22.10
C SER L 69 3.85 35.17 20.76
N SER L 70 3.68 34.09 20.00
CA SER L 70 3.05 34.18 18.69
C SER L 70 2.51 32.82 18.31
N ILE L 71 1.51 32.83 17.43
CA ILE L 71 0.90 31.62 16.89
C ILE L 71 1.15 31.59 15.39
N GLU L 72 1.77 30.53 14.91
CA GLU L 72 2.07 30.35 13.49
C GLU L 72 1.36 29.11 13.00
N VAL L 73 0.38 29.29 12.11
CA VAL L 73 -0.41 28.20 11.57
C VAL L 73 -0.43 28.32 10.05
N ALA L 74 -0.03 27.26 9.37
CA ALA L 74 -0.07 27.18 7.91
C ALA L 74 0.71 28.33 7.27
N GLY L 75 1.83 28.70 7.90
CA GLY L 75 2.71 29.71 7.36
C GLY L 75 2.35 31.14 7.70
N VAL L 76 1.16 31.39 8.25
CA VAL L 76 0.73 32.72 8.62
C VAL L 76 1.01 32.91 10.10
N SER L 77 1.87 33.88 10.42
CA SER L 77 2.22 34.18 11.80
C SER L 77 1.25 35.22 12.35
N ILE L 78 0.87 35.05 13.62
CA ILE L 78 -0.09 35.94 14.27
C ILE L 78 0.48 36.37 15.62
N PRO L 79 0.94 37.60 15.76
CA PRO L 79 1.49 38.04 17.05
C PRO L 79 0.39 38.20 18.09
N CYS L 80 0.81 38.11 19.36
CA CYS L 80 -0.08 38.27 20.50
C CYS L 80 0.54 39.27 21.45
N THR L 81 -0.16 40.39 21.68
CA THR L 81 0.35 41.48 22.51
C THR L 81 -0.58 41.80 23.67
N SER L 82 -1.64 41.03 23.87
CA SER L 82 -2.56 41.28 24.97
C SER L 82 -3.23 39.98 25.37
N SER L 83 -3.47 39.84 26.67
CA SER L 83 -4.08 38.63 27.24
C SER L 83 -3.35 37.36 26.79
N ASN L 84 -2.03 37.43 26.66
CA ASN L 84 -1.22 36.32 26.20
C ASN L 84 -0.76 35.40 27.33
N LEU L 85 -1.48 35.38 28.44
CA LEU L 85 -1.14 34.55 29.58
C LEU L 85 -2.14 33.41 29.70
N VAL L 86 -1.63 32.21 29.98
CA VAL L 86 -2.45 31.03 30.19
C VAL L 86 -2.49 30.78 31.69
N LYS L 87 -3.63 31.10 32.32
CA LYS L 87 -3.73 31.05 33.77
C LYS L 87 -4.04 29.65 34.31
N ALA L 88 -4.83 28.86 33.59
CA ALA L 88 -5.27 27.57 34.08
C ALA L 88 -5.68 26.71 32.91
N PRO L 89 -5.67 25.39 33.07
CA PRO L 89 -6.10 24.52 31.96
C PRO L 89 -7.56 24.78 31.59
N GLY L 90 -7.83 24.80 30.30
CA GLY L 90 -9.17 25.03 29.81
C GLY L 90 -9.18 25.15 28.31
N GLU L 91 -10.37 25.47 27.79
CA GLU L 91 -10.59 25.63 26.35
C GLU L 91 -10.46 27.10 25.99
N TYR L 92 -9.63 27.40 25.01
CA TYR L 92 -9.35 28.76 24.60
C TYR L 92 -9.66 28.94 23.12
N VAL L 93 -9.97 30.19 22.75
CA VAL L 93 -10.39 30.53 21.39
C VAL L 93 -9.45 31.59 20.85
N ILE L 94 -8.86 31.33 19.69
CA ILE L 94 -7.96 32.26 19.04
C ILE L 94 -8.52 32.58 17.66
N GLU L 95 -8.66 33.87 17.37
CA GLU L 95 -9.12 34.29 16.05
C GLU L 95 -7.94 34.34 15.08
N LEU L 96 -8.12 33.73 13.92
CA LEU L 96 -7.15 33.82 12.83
C LEU L 96 -7.55 34.97 11.92
N SER L 97 -6.58 35.79 11.52
CA SER L 97 -6.89 37.06 10.90
C SER L 97 -7.36 36.89 9.46
N SER L 98 -6.48 36.37 8.59
CA SER L 98 -6.74 36.38 7.15
C SER L 98 -6.52 35.03 6.48
N VAL L 99 -6.30 33.96 7.23
CA VAL L 99 -6.09 32.66 6.62
C VAL L 99 -7.37 32.20 5.95
N SER L 100 -7.32 32.01 4.64
CA SER L 100 -8.47 31.58 3.86
C SER L 100 -8.31 30.10 3.54
N VAL L 101 -9.17 29.27 4.12
CA VAL L 101 -9.10 27.83 3.97
C VAL L 101 -10.43 27.32 3.43
N SER L 102 -10.52 26.00 3.28
CA SER L 102 -11.72 25.34 2.83
C SER L 102 -11.90 24.06 3.62
N VAL L 103 -13.17 23.70 3.88
CA VAL L 103 -13.45 22.56 4.72
C VAL L 103 -12.81 21.31 4.17
N GLY L 104 -12.09 20.58 5.02
CA GLY L 104 -11.46 19.32 4.68
C GLY L 104 -9.95 19.34 4.79
N GLN L 105 -9.32 20.49 4.63
CA GLN L 105 -7.87 20.57 4.65
C GLN L 105 -7.32 20.19 6.01
N VAL L 106 -6.01 19.94 6.05
CA VAL L 106 -5.29 19.58 7.27
C VAL L 106 -4.14 20.55 7.44
N LEU L 107 -4.16 21.30 8.55
CA LEU L 107 -3.17 22.32 8.84
C LEU L 107 -2.43 22.00 10.12
N THR L 108 -1.15 22.33 10.15
CA THR L 108 -0.37 22.22 11.37
C THR L 108 -0.21 23.61 11.99
N GLY L 109 0.57 23.71 13.06
CA GLY L 109 0.74 24.98 13.73
C GLY L 109 1.76 24.88 14.83
N ARG L 110 1.99 26.02 15.48
CA ARG L 110 2.92 26.13 16.59
C ARG L 110 2.44 27.21 17.55
N ILE L 111 2.60 26.95 18.85
CA ILE L 111 2.46 27.98 19.87
C ILE L 111 3.84 28.27 20.43
N VAL L 112 4.42 29.39 20.02
CA VAL L 112 5.76 29.78 20.44
C VAL L 112 5.65 30.55 21.74
N LEU L 113 6.26 30.03 22.79
CA LEU L 113 6.23 30.67 24.10
C LEU L 113 7.32 31.73 24.19
N ALA L 114 7.33 32.44 25.31
CA ALA L 114 8.35 33.46 25.54
C ALA L 114 9.67 32.85 25.98
N SER L 115 9.64 31.72 26.67
CA SER L 115 10.86 31.09 27.15
C SER L 115 11.62 30.36 26.04
N GLY L 116 10.91 29.80 25.07
CA GLY L 116 11.58 29.08 24.00
C GLY L 116 10.89 27.79 23.60
N ALA L 117 10.25 27.14 24.57
CA ALA L 117 9.50 25.92 24.27
C ALA L 117 8.32 26.22 23.36
N ILE L 118 7.88 25.20 22.63
CA ILE L 118 6.81 25.33 21.65
C ILE L 118 5.85 24.15 21.82
N SER L 119 4.80 24.13 20.99
CA SER L 119 3.82 23.07 20.98
C SER L 119 3.13 23.05 19.62
N PRO L 120 3.20 21.95 18.88
CA PRO L 120 2.60 21.89 17.55
C PRO L 120 1.14 21.42 17.58
N PHE L 121 0.47 21.58 16.43
CA PHE L 121 -0.97 21.39 16.34
C PHE L 121 -1.40 20.20 15.51
N THR L 122 -1.11 20.21 14.21
CA THR L 122 -1.74 19.31 13.24
C THR L 122 -3.25 19.23 13.48
N ALA L 123 -3.91 20.36 13.24
CA ALA L 123 -5.35 20.49 13.46
C ALA L 123 -6.09 20.56 12.13
N THR L 124 -7.19 19.83 12.04
CA THR L 124 -8.00 19.81 10.83
C THR L 124 -9.06 20.91 10.85
N VAL L 125 -9.75 21.07 9.74
CA VAL L 125 -10.78 22.10 9.58
C VAL L 125 -12.15 21.46 9.64
N VAL L 126 -13.09 22.13 10.28
CA VAL L 126 -14.47 21.67 10.39
C VAL L 126 -15.38 22.88 10.22
N ALA L 127 -16.51 22.67 9.54
CA ALA L 127 -17.45 23.74 9.26
C ALA L 127 -18.24 24.09 10.52
N ALA L 128 -18.51 25.38 10.70
CA ALA L 128 -19.30 25.86 11.82
C ALA L 128 -20.08 27.08 11.36
N ASP L 129 -21.02 27.52 12.20
CA ASP L 129 -21.96 28.56 11.80
C ASP L 129 -21.51 29.96 12.24
N HIS L 130 -21.36 30.17 13.55
CA HIS L 130 -21.13 31.49 14.10
C HIS L 130 -19.92 31.52 15.01
N VAL L 131 -19.28 32.68 15.08
CA VAL L 131 -18.17 32.87 16.01
C VAL L 131 -18.70 32.85 17.44
N PRO L 132 -18.11 32.07 18.34
CA PRO L 132 -18.61 32.02 19.71
C PRO L 132 -18.26 33.29 20.47
N SER L 133 -19.25 33.80 21.20
CA SER L 133 -19.07 34.99 22.05
C SER L 133 -18.87 34.51 23.47
N THR L 134 -17.61 34.33 23.87
CA THR L 134 -17.29 33.82 25.19
C THR L 134 -15.92 34.35 25.59
N GLU L 135 -15.56 34.10 26.84
CA GLU L 135 -14.27 34.50 27.38
C GLU L 135 -13.20 33.52 26.94
N ASN L 136 -12.03 33.59 27.59
CA ASN L 136 -10.91 32.69 27.32
C ASN L 136 -10.35 32.90 25.92
N LYS L 137 -10.24 34.16 25.50
CA LYS L 137 -9.53 34.51 24.29
C LYS L 137 -8.06 34.72 24.60
N LEU L 138 -7.21 34.39 23.63
CA LEU L 138 -5.77 34.37 23.88
C LEU L 138 -5.00 35.49 23.21
N CYS L 139 -5.46 35.99 22.07
CA CYS L 139 -4.75 37.06 21.34
C CYS L 139 -5.78 38.02 20.79
N SER L 140 -6.05 39.08 21.54
CA SER L 140 -7.03 40.08 21.14
C SER L 140 -6.42 41.47 21.13
N MET M 1 10.65 4.87 17.42
CA MET M 1 11.85 4.10 17.78
C MET M 1 13.11 4.91 17.50
N THR M 2 14.22 4.50 18.10
CA THR M 2 15.49 5.18 17.88
C THR M 2 15.82 5.20 16.40
N SER M 3 16.49 6.28 15.96
CA SER M 3 16.80 6.44 14.55
C SER M 3 17.63 5.30 13.99
N LEU M 4 18.31 4.54 14.84
CA LEU M 4 18.95 3.32 14.37
C LEU M 4 17.91 2.37 13.81
N GLU M 5 16.80 2.21 14.52
CA GLU M 5 15.72 1.36 14.04
C GLU M 5 15.13 1.88 12.74
N ILE M 6 14.87 3.18 12.67
CA ILE M 6 14.30 3.74 11.45
C ILE M 6 15.27 3.57 10.29
N ALA M 7 16.57 3.67 10.56
CA ALA M 7 17.57 3.42 9.52
C ALA M 7 17.46 2.00 9.00
N ILE M 8 17.50 1.01 9.90
CA ILE M 8 17.43 -0.39 9.47
C ILE M 8 16.14 -0.66 8.72
N ILE M 9 15.01 -0.24 9.29
CA ILE M 9 13.71 -0.51 8.70
C ILE M 9 13.55 0.18 7.37
N VAL M 10 14.00 1.42 7.24
CA VAL M 10 13.88 2.14 5.98
C VAL M 10 14.77 1.50 4.92
N ALA M 11 15.94 1.01 5.30
CA ALA M 11 16.78 0.30 4.33
C ALA M 11 16.08 -0.93 3.79
N ILE M 12 15.60 -1.79 4.68
CA ILE M 12 14.96 -3.03 4.24
C ILE M 12 13.68 -2.73 3.46
N VAL M 13 12.90 -1.78 3.95
CA VAL M 13 11.68 -1.32 3.30
C VAL M 13 11.93 -0.79 1.90
N LEU M 14 12.97 0.02 1.72
CA LEU M 14 13.26 0.56 0.40
C LEU M 14 13.71 -0.54 -0.55
N VAL M 15 14.54 -1.47 -0.06
CA VAL M 15 14.95 -2.59 -0.90
C VAL M 15 13.74 -3.36 -1.39
N ILE M 16 12.83 -3.70 -0.48
CA ILE M 16 11.66 -4.49 -0.84
C ILE M 16 10.77 -3.72 -1.82
N ALA M 17 10.57 -2.43 -1.57
CA ALA M 17 9.72 -1.63 -2.43
C ALA M 17 10.28 -1.57 -3.85
N ILE M 18 11.59 -1.30 -3.98
CA ILE M 18 12.18 -1.24 -5.30
C ILE M 18 12.08 -2.58 -6.00
N ALA M 19 12.33 -3.68 -5.27
CA ALA M 19 12.20 -5.00 -5.86
C ALA M 19 10.80 -5.22 -6.42
N VAL M 20 9.77 -4.94 -5.64
CA VAL M 20 8.41 -5.19 -6.09
C VAL M 20 8.03 -4.28 -7.24
N GLY M 21 8.44 -3.01 -7.18
CA GLY M 21 8.09 -2.08 -8.25
C GLY M 21 8.69 -2.50 -9.58
N TRP M 22 9.98 -2.81 -9.60
CA TRP M 22 10.56 -3.24 -10.86
C TRP M 22 10.14 -4.64 -11.24
N TYR M 23 9.64 -5.44 -10.29
CA TYR M 23 8.94 -6.66 -10.65
C TYR M 23 7.71 -6.36 -11.47
N LEU M 24 6.93 -5.36 -11.05
CA LEU M 24 5.76 -4.94 -11.82
C LEU M 24 6.17 -4.48 -13.21
N TYR M 25 7.22 -3.66 -13.29
CA TYR M 25 7.71 -3.22 -14.59
C TYR M 25 8.09 -4.40 -15.49
N THR M 26 8.82 -5.38 -14.95
CA THR M 26 9.27 -6.49 -15.79
C THR M 26 8.08 -7.35 -16.21
N THR M 27 7.10 -7.53 -15.32
CA THR M 27 5.90 -8.26 -15.69
C THR M 27 5.16 -7.57 -16.82
N PHE M 28 5.07 -6.24 -16.77
CA PHE M 28 4.44 -5.50 -17.85
C PHE M 28 5.23 -5.64 -19.15
N ALA M 29 6.55 -5.59 -19.07
CA ALA M 29 7.37 -5.72 -20.27
C ALA M 29 7.25 -7.12 -20.87
N ALA M 30 7.02 -8.14 -20.05
CA ALA M 30 6.83 -9.48 -20.59
C ALA M 30 5.43 -9.67 -21.14
N ALA M 31 4.43 -9.03 -20.53
CA ALA M 31 3.07 -9.13 -21.02
C ALA M 31 2.87 -8.37 -22.32
N GLY M 32 3.63 -7.30 -22.54
CA GLY M 32 3.51 -6.56 -23.78
C GLY M 32 3.97 -7.31 -25.01
N GLN M 33 4.71 -8.40 -24.83
CA GLN M 33 5.26 -9.17 -25.94
C GLN M 33 4.41 -10.39 -26.29
N GLN M 34 3.16 -10.42 -25.83
CA GLN M 34 2.28 -11.51 -26.22
C GLN M 34 1.93 -11.37 -27.69
N THR M 35 2.16 -12.44 -28.45
CA THR M 35 2.10 -12.35 -29.90
C THR M 35 1.31 -13.52 -30.47
N GLY M 36 1.11 -13.50 -31.77
CA GLY M 36 0.38 -14.54 -32.45
C GLY M 36 0.26 -14.21 -33.93
N LEU M 37 -0.01 -15.25 -34.72
CA LEU M 37 -0.12 -15.09 -36.15
C LEU M 37 -1.54 -14.74 -36.55
N THR M 38 -1.67 -14.12 -37.72
CA THR M 38 -2.96 -13.87 -38.34
C THR M 38 -2.78 -13.90 -39.84
N ALA M 39 -3.79 -14.36 -40.55
CA ALA M 39 -3.73 -14.49 -42.00
C ALA M 39 -4.66 -13.46 -42.62
N THR M 40 -4.28 -12.93 -43.78
CA THR M 40 -5.08 -11.96 -44.48
C THR M 40 -5.49 -12.40 -45.87
N LYS M 41 -4.88 -13.45 -46.42
CA LYS M 41 -5.18 -13.90 -47.77
C LYS M 41 -4.59 -15.29 -47.98
N ALA M 42 -5.39 -16.22 -48.49
CA ALA M 42 -4.92 -17.58 -48.70
C ALA M 42 -5.73 -18.21 -49.83
N THR M 43 -5.03 -18.72 -50.84
CA THR M 43 -5.67 -19.39 -51.97
C THR M 43 -4.77 -20.55 -52.39
N ILE M 44 -5.17 -21.77 -52.05
CA ILE M 44 -4.39 -22.94 -52.45
C ILE M 44 -4.29 -23.00 -53.96
N TYR M 45 -3.06 -23.11 -54.47
CA TYR M 45 -2.82 -23.20 -55.90
C TYR M 45 -2.48 -24.64 -56.26
N VAL M 46 -2.88 -25.07 -57.45
CA VAL M 46 -2.63 -26.41 -57.95
C VAL M 46 -2.07 -26.31 -59.36
N THR M 47 -1.04 -27.08 -59.65
CA THR M 47 -0.44 -27.12 -60.97
C THR M 47 -1.10 -28.21 -61.82
N LYS M 48 -0.72 -28.25 -63.10
CA LYS M 48 -1.29 -29.24 -64.00
C LYS M 48 -0.75 -30.64 -63.70
N ASP M 49 0.46 -30.74 -63.15
CA ASP M 49 1.09 -32.02 -62.91
C ASP M 49 0.77 -32.59 -61.53
N GLY M 50 -0.09 -31.94 -60.76
CA GLY M 50 -0.49 -32.43 -59.46
C GLY M 50 0.19 -31.77 -58.28
N ASN M 51 1.23 -30.98 -58.51
CA ASN M 51 1.90 -30.29 -57.41
C ASN M 51 0.98 -29.20 -56.86
N VAL M 52 0.76 -29.22 -55.56
CA VAL M 52 -0.06 -28.22 -54.89
C VAL M 52 0.80 -27.47 -53.88
N TYR M 53 0.46 -26.20 -53.66
CA TYR M 53 1.21 -25.37 -52.73
C TYR M 53 0.30 -24.24 -52.28
N LEU M 54 0.41 -23.88 -51.00
CA LEU M 54 -0.39 -22.81 -50.43
C LEU M 54 0.39 -21.49 -50.53
N ASN M 55 -0.30 -20.44 -50.96
CA ASN M 55 0.29 -19.12 -51.13
C ASN M 55 -0.45 -18.18 -50.18
N VAL M 56 0.01 -18.12 -48.94
CA VAL M 56 -0.66 -17.38 -47.88
C VAL M 56 0.13 -16.10 -47.59
N THR M 57 -0.55 -15.15 -46.95
CA THR M 57 0.06 -13.89 -46.53
C THR M 57 -0.13 -13.75 -45.02
N LEU M 58 0.97 -13.73 -44.28
CA LEU M 58 0.93 -13.70 -42.83
C LEU M 58 1.32 -12.33 -42.32
N VAL M 59 0.82 -12.00 -41.12
CA VAL M 59 1.13 -10.76 -40.43
C VAL M 59 1.29 -11.08 -38.95
N PRO M 60 2.48 -10.95 -38.36
CA PRO M 60 2.63 -11.25 -36.94
C PRO M 60 1.99 -10.18 -36.08
N GLN M 61 1.00 -10.60 -35.29
CA GLN M 61 0.34 -9.73 -34.33
C GLN M 61 1.20 -9.74 -33.07
N GLY M 62 1.64 -8.57 -32.65
CA GLY M 62 2.55 -8.45 -31.53
C GLY M 62 3.89 -7.91 -31.98
N ALA M 63 4.86 -8.03 -31.08
CA ALA M 63 6.25 -7.65 -31.38
C ALA M 63 7.14 -8.81 -30.97
N ALA M 64 7.25 -9.81 -31.85
CA ALA M 64 8.05 -10.99 -31.57
C ALA M 64 8.19 -11.79 -32.86
N GLN M 65 9.03 -12.81 -32.79
CA GLN M 65 9.24 -13.75 -33.89
C GLN M 65 8.48 -15.02 -33.56
N VAL M 66 7.26 -15.13 -34.08
CA VAL M 66 6.44 -16.31 -33.82
C VAL M 66 7.06 -17.53 -34.48
N ALA M 67 6.83 -18.69 -33.89
CA ALA M 67 7.34 -19.97 -34.39
C ALA M 67 6.16 -20.86 -34.79
N ILE M 68 6.16 -21.30 -36.04
CA ILE M 68 5.10 -22.14 -36.57
C ILE M 68 5.44 -23.59 -36.27
N SER M 69 4.51 -24.31 -35.65
CA SER M 69 4.75 -25.69 -35.26
C SER M 69 4.30 -26.68 -36.34
N SER M 70 3.06 -26.56 -36.80
CA SER M 70 2.54 -27.51 -37.78
C SER M 70 1.39 -26.87 -38.52
N ILE M 71 1.19 -27.33 -39.76
CA ILE M 71 0.11 -26.88 -40.62
C ILE M 71 -0.83 -28.05 -40.87
N GLU M 72 -2.12 -27.84 -40.64
CA GLU M 72 -3.14 -28.86 -40.85
C GLU M 72 -4.19 -28.31 -41.79
N VAL M 73 -4.29 -28.91 -42.98
CA VAL M 73 -5.23 -28.48 -44.00
C VAL M 73 -6.00 -29.70 -44.49
N ALA M 74 -7.32 -29.64 -44.38
CA ALA M 74 -8.21 -30.68 -44.89
C ALA M 74 -7.86 -32.05 -44.30
N GLY M 75 -7.54 -32.07 -43.01
CA GLY M 75 -7.23 -33.29 -42.31
C GLY M 75 -5.80 -33.78 -42.46
N VAL M 76 -5.05 -33.26 -43.43
CA VAL M 76 -3.67 -33.65 -43.63
C VAL M 76 -2.78 -32.70 -42.84
N SER M 77 -2.06 -33.22 -41.87
CA SER M 77 -1.14 -32.44 -41.07
C SER M 77 0.24 -32.45 -41.71
N ILE M 78 0.95 -31.33 -41.57
CA ILE M 78 2.28 -31.19 -42.15
C ILE M 78 3.23 -30.60 -41.12
N PRO M 79 4.19 -31.36 -40.62
CA PRO M 79 5.14 -30.81 -39.64
C PRO M 79 6.09 -29.84 -40.30
N CYS M 80 6.60 -28.91 -39.48
CA CYS M 80 7.56 -27.91 -39.92
C CYS M 80 8.72 -27.90 -38.94
N THR M 81 9.91 -28.26 -39.42
CA THR M 81 11.09 -28.34 -38.59
C THR M 81 12.24 -27.47 -39.09
N SER M 82 11.99 -26.63 -40.09
CA SER M 82 13.01 -25.74 -40.62
C SER M 82 12.35 -24.53 -41.25
N SER M 83 13.00 -23.37 -41.11
CA SER M 83 12.48 -22.11 -41.63
C SER M 83 11.09 -21.80 -41.08
N ASN M 84 10.82 -22.25 -39.85
CA ASN M 84 9.50 -22.11 -39.24
C ASN M 84 9.34 -20.81 -38.47
N LEU M 85 10.10 -19.78 -38.81
CA LEU M 85 10.01 -18.48 -38.16
C LEU M 85 9.45 -17.45 -39.13
N VAL M 86 8.53 -16.63 -38.63
CA VAL M 86 7.93 -15.55 -39.40
C VAL M 86 8.62 -14.26 -38.95
N LYS M 87 9.52 -13.75 -39.79
CA LYS M 87 10.34 -12.61 -39.40
C LYS M 87 9.65 -11.28 -39.60
N ALA M 88 8.77 -11.16 -40.59
CA ALA M 88 8.15 -9.88 -40.92
C ALA M 88 6.91 -10.16 -41.76
N PRO M 89 5.97 -9.22 -41.81
CA PRO M 89 4.80 -9.41 -42.66
C PRO M 89 5.20 -9.54 -44.13
N GLY M 90 4.50 -10.42 -44.84
CA GLY M 90 4.79 -10.64 -46.23
C GLY M 90 4.00 -11.81 -46.77
N GLU M 91 4.31 -12.17 -48.02
CA GLU M 91 3.66 -13.28 -48.70
C GLU M 91 4.58 -14.49 -48.61
N TYR M 92 4.06 -15.59 -48.08
CA TYR M 92 4.83 -16.81 -47.86
C TYR M 92 4.22 -17.97 -48.62
N VAL M 93 5.07 -18.94 -48.95
CA VAL M 93 4.68 -20.09 -49.76
C VAL M 93 4.95 -21.36 -48.98
N ILE M 94 3.91 -22.17 -48.79
CA ILE M 94 4.02 -23.44 -48.08
C ILE M 94 3.66 -24.55 -49.05
N GLU M 95 4.55 -25.53 -49.18
CA GLU M 95 4.29 -26.66 -50.05
C GLU M 95 3.48 -27.73 -49.32
N LEU M 96 2.40 -28.18 -49.95
CA LEU M 96 1.60 -29.29 -49.45
C LEU M 96 2.07 -30.56 -50.12
N SER M 97 2.33 -31.61 -49.33
CA SER M 97 3.06 -32.76 -49.83
C SER M 97 2.19 -33.64 -50.72
N SER M 98 1.13 -34.21 -50.17
CA SER M 98 0.38 -35.26 -50.86
C SER M 98 -1.11 -35.01 -50.95
N VAL M 99 -1.58 -33.81 -50.61
CA VAL M 99 -3.00 -33.51 -50.70
C VAL M 99 -3.39 -33.47 -52.18
N SER M 100 -4.35 -34.32 -52.56
CA SER M 100 -4.85 -34.39 -53.93
C SER M 100 -6.21 -33.73 -53.98
N VAL M 101 -6.31 -32.60 -54.67
CA VAL M 101 -7.52 -31.80 -54.73
C VAL M 101 -7.91 -31.62 -56.20
N SER M 102 -9.00 -30.89 -56.40
CA SER M 102 -9.50 -30.57 -57.72
C SER M 102 -10.01 -29.14 -57.72
N VAL M 103 -9.85 -28.46 -58.86
CA VAL M 103 -10.20 -27.05 -58.95
C VAL M 103 -11.66 -26.85 -58.57
N GLY M 104 -11.90 -25.88 -57.69
CA GLY M 104 -13.24 -25.48 -57.30
C GLY M 104 -13.57 -25.76 -55.84
N GLN M 105 -12.95 -26.78 -55.25
CA GLN M 105 -13.26 -27.16 -53.88
C GLN M 105 -12.92 -26.03 -52.90
N VAL M 106 -13.44 -26.16 -51.68
CA VAL M 106 -13.21 -25.19 -50.62
C VAL M 106 -12.62 -25.94 -49.43
N LEU M 107 -11.40 -25.54 -49.03
CA LEU M 107 -10.67 -26.19 -47.97
C LEU M 107 -10.41 -25.20 -46.84
N THR M 108 -10.45 -25.71 -45.61
CA THR M 108 -10.10 -24.92 -44.44
C THR M 108 -8.74 -25.37 -43.92
N GLY M 109 -8.29 -24.79 -42.82
CA GLY M 109 -6.97 -25.14 -42.30
C GLY M 109 -6.68 -24.43 -41.01
N ARG M 110 -5.49 -24.70 -40.48
CA ARG M 110 -5.01 -24.10 -39.24
C ARG M 110 -3.50 -23.95 -39.30
N ILE M 111 -2.99 -22.90 -38.66
CA ILE M 111 -1.56 -22.77 -38.38
C ILE M 111 -1.39 -22.85 -36.86
N VAL M 112 -0.77 -23.91 -36.39
CA VAL M 112 -0.56 -24.11 -34.97
C VAL M 112 0.79 -23.53 -34.59
N LEU M 113 0.79 -22.54 -33.71
CA LEU M 113 2.01 -21.89 -33.27
C LEU M 113 2.65 -22.70 -32.14
N ALA M 114 3.83 -22.27 -31.73
CA ALA M 114 4.52 -22.95 -30.64
C ALA M 114 3.95 -22.57 -29.28
N SER M 115 3.46 -21.34 -29.12
CA SER M 115 2.91 -20.92 -27.85
C SER M 115 1.54 -21.52 -27.57
N GLY M 116 0.70 -21.68 -28.60
CA GLY M 116 -0.62 -22.25 -28.39
C GLY M 116 -1.69 -21.62 -29.25
N ALA M 117 -1.49 -20.35 -29.63
CA ALA M 117 -2.44 -19.68 -30.51
C ALA M 117 -2.44 -20.33 -31.89
N ILE M 118 -3.54 -20.13 -32.61
CA ILE M 118 -3.74 -20.72 -33.93
C ILE M 118 -4.26 -19.64 -34.88
N SER M 119 -4.48 -20.02 -36.14
CA SER M 119 -5.02 -19.14 -37.14
C SER M 119 -5.64 -19.98 -38.26
N PRO M 120 -6.92 -19.82 -38.55
CA PRO M 120 -7.57 -20.61 -39.59
C PRO M 120 -7.48 -19.98 -40.98
N PHE M 121 -7.86 -20.79 -41.99
CA PHE M 121 -7.69 -20.41 -43.39
C PHE M 121 -9.00 -20.17 -44.12
N THR M 122 -9.83 -21.21 -44.28
CA THR M 122 -10.90 -21.24 -45.26
C THR M 122 -10.41 -20.66 -46.61
N ALA M 123 -9.51 -21.42 -47.23
CA ALA M 123 -8.88 -21.02 -48.48
C ALA M 123 -9.38 -21.91 -49.61
N THR M 124 -9.78 -21.29 -50.72
CA THR M 124 -10.27 -22.01 -51.87
C THR M 124 -9.11 -22.46 -52.76
N VAL M 125 -9.44 -23.25 -53.79
CA VAL M 125 -8.46 -23.77 -54.73
C VAL M 125 -8.59 -23.02 -56.04
N VAL M 126 -7.45 -22.73 -56.67
CA VAL M 126 -7.41 -22.05 -57.95
C VAL M 126 -6.34 -22.71 -58.81
N ALA M 127 -6.61 -22.82 -60.10
CA ALA M 127 -5.70 -23.47 -61.03
C ALA M 127 -4.52 -22.55 -61.35
N ALA M 128 -3.34 -23.16 -61.44
CA ALA M 128 -2.13 -22.43 -61.77
C ALA M 128 -1.22 -23.33 -62.58
N ASP M 129 -0.16 -22.75 -63.15
CA ASP M 129 0.68 -23.47 -64.09
C ASP M 129 1.92 -24.09 -63.44
N HIS M 130 2.77 -23.27 -62.83
CA HIS M 130 4.07 -23.72 -62.37
C HIS M 130 4.31 -23.33 -60.92
N VAL M 131 5.08 -24.16 -60.22
CA VAL M 131 5.48 -23.87 -58.85
C VAL M 131 6.43 -22.67 -58.85
N PRO M 132 6.16 -21.63 -58.05
CA PRO M 132 7.05 -20.47 -58.07
C PRO M 132 8.36 -20.76 -57.36
N SER M 133 9.45 -20.32 -57.99
CA SER M 133 10.79 -20.46 -57.43
C SER M 133 11.16 -19.13 -56.79
N THR M 134 10.94 -19.01 -55.49
CA THR M 134 11.21 -17.78 -54.78
C THR M 134 11.50 -18.10 -53.32
N GLU M 135 11.89 -17.07 -52.58
CA GLU M 135 12.19 -17.21 -51.16
C GLU M 135 10.88 -17.17 -50.37
N ASN M 136 10.98 -16.99 -49.05
CA ASN M 136 9.83 -16.89 -48.16
C ASN M 136 9.07 -18.21 -48.09
N LYS M 137 9.80 -19.31 -48.04
CA LYS M 137 9.20 -20.61 -47.76
C LYS M 137 9.18 -20.84 -46.26
N LEU M 138 8.16 -21.57 -45.80
CA LEU M 138 7.92 -21.70 -44.36
C LEU M 138 8.18 -23.09 -43.81
N CYS M 139 8.05 -24.14 -44.62
CA CYS M 139 8.28 -25.51 -44.13
C CYS M 139 9.00 -26.27 -45.24
N SER M 140 10.32 -26.28 -45.17
CA SER M 140 11.15 -26.96 -46.17
C SER M 140 12.00 -28.04 -45.53
N MET N 1 47.19 26.57 71.15
CA MET N 1 46.49 26.45 72.41
C MET N 1 47.01 25.28 73.23
N THR N 2 46.75 25.31 74.53
CA THR N 2 47.27 24.30 75.44
C THR N 2 46.80 22.90 75.03
N SER N 3 47.62 21.90 75.32
CA SER N 3 47.29 20.52 74.97
C SER N 3 46.00 20.07 75.65
N LEU N 4 45.61 20.72 76.74
CA LEU N 4 44.28 20.48 77.29
C LEU N 4 43.21 20.82 76.25
N GLU N 5 43.36 21.98 75.61
CA GLU N 5 42.42 22.39 74.59
C GLU N 5 42.45 21.45 73.39
N ILE N 6 43.65 21.06 72.97
CA ILE N 6 43.76 20.16 71.82
C ILE N 6 43.14 18.81 72.17
N ALA N 7 43.27 18.38 73.42
CA ALA N 7 42.62 17.14 73.84
C ALA N 7 41.11 17.26 73.72
N ILE N 8 40.53 18.32 74.30
CA ILE N 8 39.08 18.49 74.25
C ILE N 8 38.59 18.57 72.80
N ILE N 9 39.25 19.41 72.00
CA ILE N 9 38.81 19.65 70.63
C ILE N 9 38.99 18.40 69.80
N VAL N 10 40.08 17.65 69.98
CA VAL N 10 40.28 16.43 69.21
C VAL N 10 39.25 15.38 69.60
N ALA N 11 38.88 15.32 70.88
CA ALA N 11 37.84 14.38 71.28
C ALA N 11 36.52 14.69 70.58
N ILE N 12 36.06 15.94 70.66
CA ILE N 12 34.78 16.31 70.07
C ILE N 12 34.84 16.16 68.54
N VAL N 13 35.95 16.60 67.95
CA VAL N 13 36.20 16.48 66.52
C VAL N 13 36.16 15.03 66.06
N LEU N 14 36.79 14.12 66.79
CA LEU N 14 36.78 12.72 66.38
C LEU N 14 35.38 12.14 66.49
N VAL N 15 34.66 12.47 67.55
CA VAL N 15 33.29 11.99 67.69
C VAL N 15 32.46 12.42 66.48
N ILE N 16 32.54 13.71 66.13
CA ILE N 16 31.71 14.24 65.04
C ILE N 16 32.13 13.60 63.71
N ALA N 17 33.43 13.48 63.47
CA ALA N 17 33.89 12.92 62.20
C ALA N 17 33.45 11.47 62.05
N ILE N 18 33.59 10.66 63.10
CA ILE N 18 33.16 9.27 63.02
C ILE N 18 31.66 9.19 62.79
N ALA N 19 30.90 10.05 63.48
CA ALA N 19 29.45 10.04 63.29
C ALA N 19 29.08 10.32 61.85
N VAL N 20 29.67 11.36 61.25
CA VAL N 20 29.33 11.72 59.88
C VAL N 20 29.79 10.65 58.90
N GLY N 21 30.97 10.07 59.12
CA GLY N 21 31.45 9.04 58.21
C GLY N 21 30.54 7.82 58.19
N TRP N 22 30.18 7.32 59.37
CA TRP N 22 29.29 6.16 59.37
C TRP N 22 27.87 6.55 59.00
N TYR N 23 27.50 7.82 59.10
CA TYR N 23 26.27 8.28 58.48
C TYR N 23 26.31 8.09 56.97
N LEU N 24 27.44 8.46 56.35
CA LEU N 24 27.59 8.23 54.92
C LEU N 24 27.49 6.75 54.58
N TYR N 25 28.16 5.90 55.37
CA TYR N 25 28.04 4.46 55.16
C TYR N 25 26.60 3.99 55.26
N THR N 26 25.86 4.42 56.28
CA THR N 26 24.49 3.94 56.44
C THR N 26 23.60 4.44 55.30
N THR N 27 23.84 5.67 54.84
CA THR N 27 23.07 6.18 53.71
C THR N 27 23.34 5.35 52.46
N PHE N 28 24.60 4.98 52.23
CA PHE N 28 24.92 4.13 51.08
C PHE N 28 24.26 2.77 51.22
N ALA N 29 24.28 2.20 52.42
CA ALA N 29 23.68 0.89 52.63
C ALA N 29 22.18 0.92 52.44
N ALA N 30 21.55 2.05 52.74
CA ALA N 30 20.10 2.15 52.52
C ALA N 30 19.78 2.44 51.07
N ALA N 31 20.64 3.17 50.37
CA ALA N 31 20.41 3.45 48.96
C ALA N 31 20.66 2.23 48.08
N GLY N 32 21.54 1.33 48.51
CA GLY N 32 21.78 0.13 47.72
C GLY N 32 20.62 -0.84 47.70
N GLN N 33 19.64 -0.66 48.59
CA GLN N 33 18.50 -1.56 48.70
C GLN N 33 17.27 -1.04 47.96
N GLN N 34 17.46 -0.09 47.04
CA GLN N 34 16.33 0.37 46.25
C GLN N 34 15.93 -0.71 45.26
N THR N 35 14.65 -1.06 45.25
CA THR N 35 14.19 -2.24 44.56
C THR N 35 12.94 -1.92 43.76
N GLY N 36 12.54 -2.89 42.93
CA GLY N 36 11.35 -2.73 42.11
C GLY N 36 11.12 -3.98 41.30
N LEU N 37 9.87 -4.18 40.91
CA LEU N 37 9.48 -5.35 40.14
C LEU N 37 9.72 -5.13 38.65
N THR N 38 9.92 -6.23 37.93
CA THR N 38 10.00 -6.21 36.49
C THR N 38 9.40 -7.51 35.97
N ALA N 39 8.77 -7.45 34.79
CA ALA N 39 8.11 -8.60 34.20
C ALA N 39 8.87 -9.02 32.95
N THR N 40 8.89 -10.31 32.69
CA THR N 40 9.57 -10.84 31.52
C THR N 40 8.68 -11.65 30.60
N LYS N 41 7.48 -12.02 31.04
CA LYS N 41 6.58 -12.84 30.25
C LYS N 41 5.18 -12.79 30.85
N ALA N 42 4.17 -12.52 30.03
CA ALA N 42 2.81 -12.41 30.54
C ALA N 42 1.84 -12.75 29.41
N THR N 43 0.96 -13.73 29.66
CA THR N 43 -0.04 -14.14 28.68
C THR N 43 -1.31 -14.49 29.45
N ILE N 44 -2.32 -13.62 29.36
CA ILE N 44 -3.58 -13.89 30.03
C ILE N 44 -4.21 -15.15 29.44
N TYR N 45 -4.61 -16.07 30.31
CA TYR N 45 -5.24 -17.32 29.89
C TYR N 45 -6.72 -17.28 30.24
N VAL N 46 -7.53 -17.95 29.42
CA VAL N 46 -8.97 -18.04 29.63
C VAL N 46 -9.40 -19.49 29.44
N THR N 47 -10.27 -19.96 30.33
CA THR N 47 -10.82 -21.31 30.23
C THR N 47 -12.10 -21.31 29.42
N LYS N 48 -12.60 -22.51 29.13
CA LYS N 48 -13.82 -22.64 28.37
C LYS N 48 -15.04 -22.16 29.15
N ASP N 49 -14.98 -22.23 30.47
CA ASP N 49 -16.12 -21.90 31.33
C ASP N 49 -16.13 -20.44 31.77
N GLY N 50 -15.20 -19.62 31.29
CA GLY N 50 -15.16 -18.22 31.62
C GLY N 50 -14.15 -17.83 32.67
N ASN N 51 -13.58 -18.79 33.38
CA ASN N 51 -12.56 -18.46 34.37
C ASN N 51 -11.31 -17.92 33.69
N VAL N 52 -10.90 -16.72 34.07
CA VAL N 52 -9.75 -16.06 33.49
C VAL N 52 -8.70 -15.86 34.56
N TYR N 53 -7.43 -16.04 34.18
CA TYR N 53 -6.33 -15.93 35.13
C TYR N 53 -5.07 -15.56 34.37
N LEU N 54 -4.23 -14.74 34.98
CA LEU N 54 -2.98 -14.29 34.38
C LEU N 54 -1.84 -15.16 34.86
N ASN N 55 -0.95 -15.55 33.94
CA ASN N 55 0.20 -16.40 34.23
C ASN N 55 1.45 -15.61 33.90
N VAL N 56 1.96 -14.86 34.87
CA VAL N 56 3.06 -13.93 34.66
C VAL N 56 4.32 -14.48 35.33
N THR N 57 5.47 -13.95 34.91
CA THR N 57 6.77 -14.32 35.47
C THR N 57 7.45 -13.06 35.95
N LEU N 58 7.73 -12.98 37.25
CA LEU N 58 8.28 -11.80 37.87
C LEU N 58 9.75 -12.01 38.24
N VAL N 59 10.49 -10.91 38.30
CA VAL N 59 11.89 -10.91 38.74
C VAL N 59 12.12 -9.66 39.57
N PRO N 60 12.38 -9.79 40.87
CA PRO N 60 12.64 -8.59 41.68
C PRO N 60 13.99 -7.96 41.33
N GLN N 61 13.94 -6.71 40.89
CA GLN N 61 15.14 -5.92 40.63
C GLN N 61 15.56 -5.30 41.95
N GLY N 62 16.77 -5.60 42.38
CA GLY N 62 17.26 -5.14 43.67
C GLY N 62 17.48 -6.32 44.60
N ALA N 63 17.66 -5.99 45.88
CA ALA N 63 17.81 -6.99 46.93
C ALA N 63 16.83 -6.65 48.05
N ALA N 64 15.59 -7.08 47.87
CA ALA N 64 14.54 -6.82 48.86
C ALA N 64 13.32 -7.65 48.51
N GLN N 65 12.36 -7.66 49.43
CA GLN N 65 11.09 -8.35 49.23
C GLN N 65 10.06 -7.29 48.85
N VAL N 66 9.86 -7.11 47.54
CA VAL N 66 8.91 -6.12 47.07
C VAL N 66 7.50 -6.53 47.45
N ALA N 67 6.65 -5.53 47.69
CA ALA N 67 5.26 -5.74 48.08
C ALA N 67 4.34 -5.23 46.99
N ILE N 68 3.46 -6.10 46.50
CA ILE N 68 2.51 -5.77 45.44
C ILE N 68 1.28 -5.14 46.09
N SER N 69 0.87 -3.98 45.59
CA SER N 69 -0.29 -3.30 46.14
C SER N 69 -1.58 -3.65 45.40
N SER N 70 -1.57 -3.53 44.07
CA SER N 70 -2.77 -3.80 43.29
C SER N 70 -2.38 -4.07 41.85
N ILE N 71 -3.22 -4.84 41.16
CA ILE N 71 -3.05 -5.15 39.75
C ILE N 71 -4.20 -4.52 38.98
N GLU N 72 -3.87 -3.71 37.98
CA GLU N 72 -4.87 -3.04 37.14
C GLU N 72 -4.68 -3.51 35.71
N VAL N 73 -5.65 -4.26 35.19
CA VAL N 73 -5.59 -4.83 33.86
C VAL N 73 -6.84 -4.41 33.10
N ALA N 74 -6.64 -3.67 32.00
CA ALA N 74 -7.72 -3.30 31.10
C ALA N 74 -8.83 -2.54 31.84
N GLY N 75 -8.42 -1.64 32.73
CA GLY N 75 -9.36 -0.80 33.45
C GLY N 75 -9.95 -1.41 34.70
N VAL N 76 -9.83 -2.72 34.89
CA VAL N 76 -10.32 -3.39 36.08
C VAL N 76 -9.19 -3.48 37.09
N SER N 77 -9.37 -2.88 38.26
CA SER N 77 -8.38 -2.92 39.32
C SER N 77 -8.69 -4.09 40.26
N ILE N 78 -7.64 -4.71 40.76
CA ILE N 78 -7.78 -5.85 41.66
C ILE N 78 -6.89 -5.65 42.88
N PRO N 79 -7.45 -5.37 44.05
CA PRO N 79 -6.62 -5.20 45.24
C PRO N 79 -6.04 -6.51 45.71
N CYS N 80 -4.88 -6.42 46.36
CA CYS N 80 -4.17 -7.58 46.88
C CYS N 80 -3.87 -7.33 48.35
N THR N 81 -4.50 -8.12 49.22
CA THR N 81 -4.36 -7.96 50.66
C THR N 81 -3.75 -9.18 51.34
N SER N 82 -3.33 -10.18 50.56
CA SER N 82 -2.73 -11.38 51.13
C SER N 82 -1.80 -12.00 50.11
N SER N 83 -0.71 -12.59 50.61
CA SER N 83 0.31 -13.22 49.76
C SER N 83 0.87 -12.23 48.74
N ASN N 84 0.93 -10.94 49.10
CA ASN N 84 1.34 -9.89 48.18
C ASN N 84 2.85 -9.65 48.21
N LEU N 85 3.63 -10.64 48.59
CA LEU N 85 5.09 -10.52 48.63
C LEU N 85 5.71 -11.41 47.55
N VAL N 86 6.68 -10.86 46.84
CA VAL N 86 7.44 -11.59 45.83
C VAL N 86 8.77 -11.98 46.47
N LYS N 87 8.90 -13.26 46.82
CA LYS N 87 10.05 -13.72 47.58
C LYS N 87 11.26 -14.02 46.71
N ALA N 88 11.05 -14.50 45.49
CA ALA N 88 12.15 -14.95 44.65
C ALA N 88 11.68 -14.95 43.20
N PRO N 89 12.58 -14.82 42.24
CA PRO N 89 12.17 -14.87 40.83
C PRO N 89 11.51 -16.20 40.50
N GLY N 90 10.45 -16.13 39.71
CA GLY N 90 9.73 -17.33 39.33
C GLY N 90 8.47 -16.97 38.58
N GLU N 91 7.67 -18.01 38.32
CA GLU N 91 6.42 -17.88 37.59
C GLU N 91 5.27 -17.84 38.59
N TYR N 92 4.39 -16.86 38.45
CA TYR N 92 3.30 -16.66 39.38
C TYR N 92 1.97 -16.61 38.64
N VAL N 93 0.90 -16.93 39.37
CA VAL N 93 -0.44 -17.02 38.81
C VAL N 93 -1.36 -16.09 39.58
N ILE N 94 -2.04 -15.20 38.88
CA ILE N 94 -2.97 -14.25 39.48
C ILE N 94 -4.34 -14.49 38.86
N GLU N 95 -5.35 -14.69 39.70
CA GLU N 95 -6.72 -14.83 39.22
C GLU N 95 -7.33 -13.46 38.97
N LEU N 96 -7.92 -13.28 37.79
CA LEU N 96 -8.70 -12.08 37.49
C LEU N 96 -10.16 -12.38 37.80
N SER N 97 -10.81 -11.43 38.48
CA SER N 97 -12.12 -11.74 39.08
C SER N 97 -13.22 -11.77 38.03
N SER N 98 -13.48 -10.64 37.38
CA SER N 98 -14.67 -10.51 36.54
C SER N 98 -14.39 -10.01 35.13
N VAL N 99 -13.13 -9.90 34.73
CA VAL N 99 -12.81 -9.43 33.39
C VAL N 99 -13.28 -10.48 32.38
N SER N 100 -14.20 -10.07 31.50
CA SER N 100 -14.73 -10.95 30.47
C SER N 100 -14.09 -10.58 29.15
N VAL N 101 -13.29 -11.49 28.59
CA VAL N 101 -12.53 -11.25 27.38
C VAL N 101 -12.86 -12.32 26.36
N SER N 102 -12.21 -12.23 25.20
CA SER N 102 -12.39 -13.20 24.13
C SER N 102 -11.03 -13.46 23.49
N VAL N 103 -10.81 -14.70 23.07
CA VAL N 103 -9.52 -15.10 22.56
C VAL N 103 -9.12 -14.23 21.39
N GLY N 104 -7.89 -13.71 21.43
CA GLY N 104 -7.32 -12.91 20.36
C GLY N 104 -7.02 -11.47 20.74
N GLN N 105 -7.76 -10.92 21.72
CA GLN N 105 -7.58 -9.53 22.09
C GLN N 105 -6.19 -9.29 22.68
N VAL N 106 -5.83 -8.01 22.77
CA VAL N 106 -4.54 -7.59 23.32
C VAL N 106 -4.82 -6.64 24.48
N LEU N 107 -4.36 -7.01 25.68
CA LEU N 107 -4.62 -6.25 26.89
C LEU N 107 -3.30 -5.79 27.50
N THR N 108 -3.35 -4.65 28.16
CA THR N 108 -2.19 -4.14 28.89
C THR N 108 -2.50 -4.18 30.39
N GLY N 109 -1.59 -3.67 31.20
CA GLY N 109 -1.79 -3.71 32.65
C GLY N 109 -0.65 -3.05 33.37
N ARG N 110 -0.74 -3.06 34.70
CA ARG N 110 0.28 -2.52 35.58
C ARG N 110 0.33 -3.34 36.86
N ILE N 111 1.52 -3.48 37.43
CA ILE N 111 1.70 -3.97 38.78
C ILE N 111 2.15 -2.80 39.63
N VAL N 112 1.28 -2.33 40.51
CA VAL N 112 1.58 -1.19 41.37
C VAL N 112 2.18 -1.71 42.66
N LEU N 113 3.43 -1.31 42.92
CA LEU N 113 4.12 -1.71 44.13
C LEU N 113 3.72 -0.80 45.29
N ALA N 114 4.22 -1.13 46.48
CA ALA N 114 3.91 -0.31 47.64
C ALA N 114 4.81 0.92 47.72
N SER N 115 6.03 0.84 47.19
CA SER N 115 6.94 1.97 47.24
C SER N 115 6.59 3.05 46.23
N GLY N 116 6.02 2.69 45.08
CA GLY N 116 5.67 3.67 44.08
C GLY N 116 6.00 3.25 42.67
N ALA N 117 7.06 2.45 42.51
CA ALA N 117 7.43 1.94 41.20
C ALA N 117 6.35 1.00 40.67
N ILE N 118 6.31 0.87 39.34
CA ILE N 118 5.30 0.06 38.66
C ILE N 118 6.00 -0.79 37.61
N SER N 119 5.19 -1.58 36.89
CA SER N 119 5.66 -2.44 35.81
C SER N 119 4.49 -2.77 34.91
N PRO N 120 4.56 -2.45 33.62
CA PRO N 120 3.45 -2.71 32.72
C PRO N 120 3.52 -4.08 32.05
N PHE N 121 2.42 -4.45 31.39
CA PHE N 121 2.24 -5.81 30.88
C PHE N 121 2.22 -5.91 29.36
N THR N 122 1.23 -5.31 28.71
CA THR N 122 0.90 -5.60 27.31
C THR N 122 0.91 -7.10 27.05
N ALA N 123 -0.05 -7.78 27.68
CA ALA N 123 -0.17 -9.24 27.60
C ALA N 123 -1.39 -9.61 26.77
N THR N 124 -1.20 -10.55 25.84
CA THR N 124 -2.27 -11.01 24.98
C THR N 124 -3.07 -12.12 25.67
N VAL N 125 -4.16 -12.52 25.03
CA VAL N 125 -5.03 -13.57 25.54
C VAL N 125 -4.80 -14.84 24.73
N VAL N 126 -4.80 -15.98 25.41
CA VAL N 126 -4.65 -17.29 24.77
C VAL N 126 -5.62 -18.24 25.43
N ALA N 127 -6.16 -19.16 24.63
CA ALA N 127 -7.14 -20.14 25.12
C ALA N 127 -6.44 -21.23 25.93
N ALA N 128 -7.10 -21.67 26.99
CA ALA N 128 -6.59 -22.75 27.81
C ALA N 128 -7.78 -23.54 28.36
N ASP N 129 -7.48 -24.69 28.94
CA ASP N 129 -8.53 -25.63 29.34
C ASP N 129 -8.94 -25.47 30.80
N HIS N 130 -8.00 -25.65 31.73
CA HIS N 130 -8.31 -25.72 33.15
C HIS N 130 -7.43 -24.77 33.94
N VAL N 131 -7.99 -24.27 35.04
CA VAL N 131 -7.22 -23.42 35.96
C VAL N 131 -6.15 -24.28 36.64
N PRO N 132 -4.89 -23.85 36.65
CA PRO N 132 -3.85 -24.67 37.27
C PRO N 132 -3.96 -24.63 38.79
N SER N 133 -3.79 -25.81 39.39
CA SER N 133 -3.80 -25.96 40.85
C SER N 133 -2.35 -26.07 41.30
N THR N 134 -1.77 -24.95 41.69
CA THR N 134 -0.36 -24.91 42.09
C THR N 134 -0.17 -23.75 43.06
N GLU N 135 1.05 -23.66 43.59
CA GLU N 135 1.43 -22.59 44.50
C GLU N 135 1.77 -21.34 43.70
N ASN N 136 2.42 -20.38 44.36
CA ASN N 136 2.92 -19.16 43.72
C ASN N 136 1.77 -18.27 43.25
N LYS N 137 0.72 -18.20 44.05
CA LYS N 137 -0.35 -17.25 43.82
C LYS N 137 -0.02 -15.93 44.51
N LEU N 138 -0.44 -14.82 43.90
CA LEU N 138 -0.03 -13.51 44.36
C LEU N 138 -1.12 -12.71 45.05
N CYS N 139 -2.39 -12.95 44.73
CA CYS N 139 -3.49 -12.19 45.34
C CYS N 139 -4.64 -13.16 45.58
N SER N 140 -4.69 -13.71 46.79
CA SER N 140 -5.74 -14.66 47.16
C SER N 140 -6.53 -14.15 48.36
N MET O 1 7.36 4.82 13.15
CA MET O 1 6.92 4.37 14.46
C MET O 1 7.86 3.34 15.06
N THR O 2 7.74 3.13 16.37
CA THR O 2 8.56 2.15 17.07
C THR O 2 8.33 0.77 16.48
N SER O 3 9.39 -0.06 16.51
CA SER O 3 9.30 -1.40 15.94
C SER O 3 8.19 -2.23 16.56
N LEU O 4 7.76 -1.91 17.78
CA LEU O 4 6.58 -2.56 18.33
C LEU O 4 5.37 -2.31 17.42
N GLU O 5 5.22 -1.08 16.97
CA GLU O 5 4.11 -0.75 16.07
C GLU O 5 4.24 -1.48 14.75
N ILE O 6 5.45 -1.51 14.18
CA ILE O 6 5.62 -2.20 12.91
C ILE O 6 5.34 -3.68 13.08
N ALA O 7 5.69 -4.26 14.23
CA ALA O 7 5.36 -5.65 14.50
C ALA O 7 3.84 -5.86 14.48
N ILE O 8 3.12 -5.04 15.25
CA ILE O 8 1.66 -5.20 15.32
C ILE O 8 1.04 -5.03 13.93
N ILE O 9 1.40 -3.95 13.24
CA ILE O 9 0.79 -3.64 11.96
C ILE O 9 1.15 -4.68 10.91
N VAL O 10 2.40 -5.16 10.89
CA VAL O 10 2.77 -6.17 9.93
C VAL O 10 2.04 -7.47 10.21
N ALA O 11 1.84 -7.82 11.48
CA ALA O 11 1.06 -9.02 11.78
C ALA O 11 -0.36 -8.91 11.24
N ILE O 12 -1.05 -7.83 11.56
CA ILE O 12 -2.45 -7.69 11.13
C ILE O 12 -2.52 -7.60 9.60
N VAL O 13 -1.64 -6.80 9.00
CA VAL O 13 -1.55 -6.64 7.57
C VAL O 13 -1.28 -7.96 6.85
N LEU O 14 -0.40 -8.80 7.40
CA LEU O 14 -0.12 -10.07 6.76
C LEU O 14 -1.31 -11.02 6.87
N VAL O 15 -1.99 -11.02 8.02
CA VAL O 15 -3.18 -11.84 8.16
C VAL O 15 -4.21 -11.45 7.11
N ILE O 16 -4.45 -10.15 6.95
CA ILE O 16 -5.45 -9.68 5.99
C ILE O 16 -5.02 -10.04 4.56
N ALA O 17 -3.74 -9.88 4.25
CA ALA O 17 -3.26 -10.22 2.91
C ALA O 17 -3.48 -11.68 2.59
N ILE O 18 -3.11 -12.57 3.50
CA ILE O 18 -3.29 -13.99 3.25
C ILE O 18 -4.76 -14.32 3.10
N ALA O 19 -5.61 -13.74 3.95
CA ALA O 19 -7.04 -13.98 3.84
C ALA O 19 -7.56 -13.61 2.46
N VAL O 20 -7.24 -12.40 1.99
CA VAL O 20 -7.77 -11.94 0.71
C VAL O 20 -7.19 -12.75 -0.44
N GLY O 21 -5.91 -13.08 -0.39
CA GLY O 21 -5.30 -13.84 -1.47
C GLY O 21 -5.91 -15.21 -1.63
N TRP O 22 -6.04 -15.95 -0.53
CA TRP O 22 -6.66 -17.26 -0.66
C TRP O 22 -8.15 -17.18 -0.86
N TYR O 23 -8.78 -16.04 -0.54
CA TYR O 23 -10.13 -15.79 -1.01
C TYR O 23 -10.19 -15.75 -2.52
N LEU O 24 -9.25 -15.05 -3.14
CA LEU O 24 -9.19 -15.03 -4.61
C LEU O 24 -8.99 -16.44 -5.16
N TYR O 25 -8.07 -17.20 -4.57
CA TYR O 25 -7.88 -18.59 -5.01
C TYR O 25 -9.16 -19.40 -4.90
N THR O 26 -9.88 -19.29 -3.78
CA THR O 26 -11.07 -20.11 -3.61
C THR O 26 -12.18 -19.67 -4.58
N THR O 27 -12.28 -18.37 -4.83
CA THR O 27 -13.24 -17.88 -5.81
C THR O 27 -12.93 -18.44 -7.19
N PHE O 28 -11.65 -18.49 -7.55
CA PHE O 28 -11.27 -19.07 -8.84
C PHE O 28 -11.60 -20.56 -8.89
N ALA O 29 -11.34 -21.27 -7.79
CA ALA O 29 -11.62 -22.70 -7.76
C ALA O 29 -13.12 -22.97 -7.85
N ALA O 30 -13.94 -22.04 -7.36
CA ALA O 30 -15.38 -22.22 -7.48
C ALA O 30 -15.89 -21.81 -8.85
N ALA O 31 -15.27 -20.81 -9.46
CA ALA O 31 -15.67 -20.40 -10.81
C ALA O 31 -15.26 -21.42 -11.86
N GLY O 32 -14.18 -22.15 -11.64
CA GLY O 32 -13.76 -23.16 -12.61
C GLY O 32 -14.71 -24.33 -12.72
N GLN O 33 -15.62 -24.50 -11.78
CA GLN O 33 -16.53 -25.64 -11.75
C GLN O 33 -17.90 -25.31 -12.33
N GLN O 34 -18.02 -24.20 -13.04
CA GLN O 34 -19.28 -23.88 -13.69
C GLN O 34 -19.53 -24.87 -14.82
N THR O 35 -20.70 -25.52 -14.80
CA THR O 35 -20.95 -26.67 -15.66
C THR O 35 -22.30 -26.52 -16.33
N GLY O 36 -22.59 -27.47 -17.22
CA GLY O 36 -23.83 -27.46 -17.96
C GLY O 36 -23.85 -28.60 -18.94
N LEU O 37 -25.05 -28.98 -19.35
CA LEU O 37 -25.23 -30.08 -20.27
C LEU O 37 -25.20 -29.61 -21.71
N THR O 38 -24.86 -30.52 -22.61
CA THR O 38 -24.95 -30.30 -24.04
C THR O 38 -25.27 -31.62 -24.71
N ALA O 39 -26.05 -31.54 -25.80
CA ALA O 39 -26.51 -32.73 -26.51
C ALA O 39 -25.81 -32.80 -27.85
N THR O 40 -25.49 -34.01 -28.28
CA THR O 40 -24.84 -34.21 -29.57
C THR O 40 -25.66 -35.06 -30.53
N LYS O 41 -26.71 -35.73 -30.07
CA LYS O 41 -27.51 -36.59 -30.92
C LYS O 41 -28.81 -36.96 -30.22
N ALA O 42 -29.93 -36.80 -30.91
CA ALA O 42 -31.22 -37.12 -30.30
C ALA O 42 -32.20 -37.49 -31.40
N THR O 43 -32.81 -38.67 -31.27
CA THR O 43 -33.81 -39.13 -32.23
C THR O 43 -34.89 -39.88 -31.46
N ILE O 44 -36.04 -39.24 -31.27
CA ILE O 44 -37.15 -39.90 -30.58
C ILE O 44 -37.54 -41.15 -31.34
N TYR O 45 -37.64 -42.27 -30.62
CA TYR O 45 -38.03 -43.55 -31.20
C TYR O 45 -39.46 -43.88 -30.80
N VAL O 46 -40.15 -44.60 -31.67
CA VAL O 46 -41.53 -45.02 -31.43
C VAL O 46 -41.65 -46.49 -31.80
N THR O 47 -42.34 -47.26 -30.97
CA THR O 47 -42.57 -48.66 -31.22
C THR O 47 -43.90 -48.87 -31.95
N LYS O 48 -44.16 -50.13 -32.32
CA LYS O 48 -45.40 -50.44 -33.02
C LYS O 48 -46.60 -50.36 -32.09
N ASP O 49 -46.39 -50.57 -30.79
CA ASP O 49 -47.49 -50.61 -29.83
C ASP O 49 -47.76 -49.25 -29.19
N GLY O 50 -47.06 -48.20 -29.61
CA GLY O 50 -47.28 -46.87 -29.08
C GLY O 50 -46.27 -46.42 -28.05
N ASN O 51 -45.45 -47.32 -27.53
CA ASN O 51 -44.43 -46.92 -26.56
C ASN O 51 -43.37 -46.05 -27.24
N VAL O 52 -43.12 -44.89 -26.67
CA VAL O 52 -42.13 -43.96 -27.19
C VAL O 52 -41.03 -43.76 -26.15
N TYR O 53 -39.83 -43.49 -26.62
CA TYR O 53 -38.70 -43.27 -25.74
C TYR O 53 -37.63 -42.49 -26.50
N LEU O 54 -37.01 -41.54 -25.82
CA LEU O 54 -35.97 -40.72 -26.41
C LEU O 54 -34.61 -41.36 -26.17
N ASN O 55 -33.80 -41.43 -27.22
CA ASN O 55 -32.47 -42.04 -27.18
C ASN O 55 -31.46 -40.93 -27.47
N VAL O 56 -31.04 -40.24 -26.41
CA VAL O 56 -30.20 -39.06 -26.53
C VAL O 56 -28.79 -39.37 -26.05
N THR O 57 -27.83 -38.55 -26.47
CA THR O 57 -26.44 -38.67 -26.06
C THR O 57 -26.01 -37.38 -25.39
N LEU O 58 -25.58 -37.46 -24.14
CA LEU O 58 -25.23 -36.29 -23.35
C LEU O 58 -23.73 -36.22 -23.13
N VAL O 59 -23.24 -34.99 -22.96
CA VAL O 59 -21.84 -34.73 -22.64
C VAL O 59 -21.80 -33.60 -21.62
N PRO O 60 -21.39 -33.85 -20.38
CA PRO O 60 -21.34 -32.76 -19.40
C PRO O 60 -20.21 -31.79 -19.72
N GLN O 61 -20.57 -30.53 -19.95
CA GLN O 61 -19.61 -29.45 -20.15
C GLN O 61 -19.22 -28.95 -18.78
N GLY O 62 -17.93 -29.02 -18.47
CA GLY O 62 -17.42 -28.65 -17.17
C GLY O 62 -16.81 -29.84 -16.46
N ALA O 63 -16.63 -29.69 -15.16
CA ALA O 63 -16.14 -30.76 -14.30
C ALA O 63 -17.05 -30.83 -13.08
N ALA O 64 -18.17 -31.53 -13.24
CA ALA O 64 -19.15 -31.67 -12.17
C ALA O 64 -20.18 -32.72 -12.56
N GLN O 65 -21.08 -32.99 -11.65
CA GLN O 65 -22.20 -33.92 -11.88
C GLN O 65 -23.46 -33.07 -11.99
N VAL O 66 -23.84 -32.74 -13.22
CA VAL O 66 -25.03 -31.93 -13.44
C VAL O 66 -26.27 -32.72 -13.02
N ALA O 67 -27.29 -31.99 -12.59
CA ALA O 67 -28.55 -32.57 -12.14
C ALA O 67 -29.67 -32.15 -13.07
N ILE O 68 -30.33 -33.12 -13.69
CA ILE O 68 -31.43 -32.86 -14.62
C ILE O 68 -32.70 -32.69 -13.80
N SER O 69 -33.41 -31.59 -14.04
CA SER O 69 -34.62 -31.30 -13.28
C SER O 69 -35.88 -31.78 -14.00
N SER O 70 -36.08 -31.37 -15.24
CA SER O 70 -37.27 -31.76 -15.98
C SER O 70 -36.97 -31.74 -17.46
N ILE O 71 -37.70 -32.58 -18.20
CA ILE O 71 -37.59 -32.66 -19.65
C ILE O 71 -38.91 -32.21 -20.25
N GLU O 72 -38.85 -31.16 -21.08
CA GLU O 72 -40.03 -30.60 -21.73
C GLU O 72 -39.86 -30.76 -23.22
N VAL O 73 -40.63 -31.66 -23.83
CA VAL O 73 -40.56 -31.94 -25.26
C VAL O 73 -41.96 -31.87 -25.84
N ALA O 74 -42.12 -31.10 -26.91
CA ALA O 74 -43.38 -30.99 -27.62
C ALA O 74 -44.52 -30.52 -26.70
N GLY O 75 -44.17 -29.63 -25.76
CA GLY O 75 -45.14 -29.09 -24.84
C GLY O 75 -45.46 -29.95 -23.65
N VAL O 76 -45.12 -31.24 -23.69
CA VAL O 76 -45.38 -32.15 -22.58
C VAL O 76 -44.14 -32.18 -21.70
N SER O 77 -44.31 -31.78 -20.44
CA SER O 77 -43.22 -31.77 -19.47
C SER O 77 -43.18 -33.09 -18.72
N ILE O 78 -41.98 -33.53 -18.36
CA ILE O 78 -41.79 -34.79 -17.66
C ILE O 78 -40.83 -34.57 -16.50
N PRO O 79 -41.29 -34.66 -15.26
CA PRO O 79 -40.40 -34.46 -14.11
C PRO O 79 -39.48 -35.65 -13.92
N CYS O 80 -38.34 -35.38 -13.29
CA CYS O 80 -37.33 -36.39 -13.00
C CYS O 80 -36.96 -36.28 -11.52
N THR O 81 -37.25 -37.33 -10.76
CA THR O 81 -37.01 -37.34 -9.32
C THR O 81 -36.10 -38.48 -8.90
N SER O 82 -35.56 -39.25 -9.84
CA SER O 82 -34.65 -40.34 -9.51
C SER O 82 -33.74 -40.58 -10.70
N SER O 83 -32.50 -40.98 -10.41
CA SER O 83 -31.49 -41.22 -11.43
C SER O 83 -31.26 -40.00 -12.31
N ASN O 84 -31.45 -38.81 -11.74
CA ASN O 84 -31.38 -37.56 -12.48
C ASN O 84 -29.97 -36.98 -12.50
N LEU O 85 -28.94 -37.80 -12.34
CA LEU O 85 -27.56 -37.35 -12.37
C LEU O 85 -26.86 -37.88 -13.60
N VAL O 86 -26.08 -37.02 -14.25
CA VAL O 86 -25.29 -37.38 -15.42
C VAL O 86 -23.86 -37.56 -14.95
N LYS O 87 -23.40 -38.81 -14.87
CA LYS O 87 -22.10 -39.10 -14.28
C LYS O 87 -20.96 -39.00 -15.28
N ALA O 88 -21.19 -39.33 -16.54
CA ALA O 88 -20.13 -39.39 -17.53
C ALA O 88 -20.75 -39.32 -18.92
N PRO O 89 -20.01 -38.85 -19.92
CA PRO O 89 -20.55 -38.81 -21.28
C PRO O 89 -20.93 -40.20 -21.76
N GLY O 90 -22.08 -40.27 -22.44
CA GLY O 90 -22.55 -41.53 -22.97
C GLY O 90 -23.94 -41.38 -23.55
N GLU O 91 -24.48 -42.52 -23.98
CA GLU O 91 -25.81 -42.59 -24.58
C GLU O 91 -26.82 -42.94 -23.49
N TYR O 92 -27.85 -42.12 -23.37
CA TYR O 92 -28.85 -42.29 -22.32
C TYR O 92 -30.24 -42.42 -22.94
N VAL O 93 -31.13 -43.09 -22.20
CA VAL O 93 -32.46 -43.40 -22.69
C VAL O 93 -33.48 -42.82 -21.72
N ILE O 94 -34.35 -41.95 -22.23
CA ILE O 94 -35.40 -41.32 -21.44
C ILE O 94 -36.75 -41.78 -21.99
N GLU O 95 -37.60 -42.30 -21.12
CA GLU O 95 -38.93 -42.73 -21.52
C GLU O 95 -39.88 -41.54 -21.52
N LEU O 96 -40.58 -41.35 -22.64
CA LEU O 96 -41.64 -40.35 -22.73
C LEU O 96 -42.95 -41.03 -22.36
N SER O 97 -43.73 -40.38 -21.49
CA SER O 97 -44.85 -41.07 -20.86
C SER O 97 -46.02 -41.25 -21.82
N SER O 98 -46.62 -40.15 -22.27
CA SER O 98 -47.89 -40.21 -22.98
C SER O 98 -47.89 -39.43 -24.29
N VAL O 99 -46.75 -38.92 -24.75
CA VAL O 99 -46.70 -38.17 -25.99
C VAL O 99 -47.04 -39.12 -27.14
N SER O 100 -48.11 -38.82 -27.87
CA SER O 100 -48.56 -39.63 -28.99
C SER O 100 -48.15 -38.94 -30.28
N VAL O 101 -47.24 -39.54 -31.03
CA VAL O 101 -46.70 -38.96 -32.24
C VAL O 101 -46.89 -39.95 -33.39
N SER O 102 -46.41 -39.57 -34.56
CA SER O 102 -46.46 -40.41 -35.75
C SER O 102 -45.14 -40.26 -36.49
N VAL O 103 -44.70 -41.36 -37.11
CA VAL O 103 -43.40 -41.37 -37.78
C VAL O 103 -43.34 -40.25 -38.81
N GLY O 104 -42.25 -39.48 -38.77
CA GLY O 104 -41.98 -38.43 -39.72
C GLY O 104 -41.95 -37.03 -39.12
N GLN O 105 -42.69 -36.80 -38.03
CA GLN O 105 -42.78 -35.47 -37.44
C GLN O 105 -41.41 -35.00 -36.92
N VAL O 106 -41.33 -33.72 -36.63
CA VAL O 106 -40.12 -33.09 -36.12
C VAL O 106 -40.47 -32.38 -34.82
N LEU O 107 -39.87 -32.83 -33.72
CA LEU O 107 -40.15 -32.32 -32.39
C LEU O 107 -38.90 -31.68 -31.79
N THR O 108 -39.09 -30.60 -31.05
CA THR O 108 -38.01 -29.97 -30.33
C THR O 108 -38.24 -30.15 -28.82
N GLY O 109 -37.34 -29.62 -28.00
CA GLY O 109 -37.47 -29.81 -26.57
C GLY O 109 -36.35 -29.11 -25.83
N ARG O 110 -36.33 -29.32 -24.52
CA ARG O 110 -35.32 -28.74 -23.63
C ARG O 110 -34.99 -29.74 -22.53
N ILE O 111 -33.76 -29.65 -22.03
CA ILE O 111 -33.37 -30.29 -20.78
C ILE O 111 -33.07 -29.19 -19.78
N VAL O 112 -33.90 -29.05 -18.75
CA VAL O 112 -33.72 -28.02 -17.73
C VAL O 112 -32.91 -28.60 -16.59
N LEU O 113 -31.75 -28.01 -16.33
CA LEU O 113 -30.88 -28.45 -15.26
C LEU O 113 -31.32 -27.80 -13.95
N ALA O 114 -30.64 -28.18 -12.86
CA ALA O 114 -30.96 -27.60 -11.56
C ALA O 114 -30.36 -26.22 -11.39
N SER O 115 -29.21 -25.96 -12.01
CA SER O 115 -28.56 -24.66 -11.88
C SER O 115 -29.26 -23.58 -12.67
N GLY O 116 -29.83 -23.90 -13.83
CA GLY O 116 -30.51 -22.90 -14.64
C GLY O 116 -30.23 -23.03 -16.12
N ALA O 117 -29.04 -23.50 -16.47
CA ALA O 117 -28.71 -23.71 -17.87
C ALA O 117 -29.56 -24.82 -18.46
N ILE O 118 -29.74 -24.79 -19.78
CA ILE O 118 -30.59 -25.73 -20.49
C ILE O 118 -29.86 -26.24 -21.73
N SER O 119 -30.55 -27.06 -22.51
CA SER O 119 -30.03 -27.62 -23.74
C SER O 119 -31.21 -28.06 -24.61
N PRO O 120 -31.32 -27.54 -25.83
CA PRO O 120 -32.45 -27.89 -26.70
C PRO O 120 -32.14 -29.10 -27.58
N PHE O 121 -33.21 -29.61 -28.23
CA PHE O 121 -33.13 -30.88 -28.95
C PHE O 121 -33.28 -30.75 -30.46
N THR O 122 -34.44 -30.29 -30.93
CA THR O 122 -34.84 -30.44 -32.34
C THR O 122 -34.53 -31.85 -32.83
N ALA O 123 -35.26 -32.81 -32.27
CA ALA O 123 -35.05 -34.23 -32.55
C ALA O 123 -36.20 -34.79 -33.37
N THR O 124 -35.88 -35.50 -34.44
CA THR O 124 -36.89 -36.10 -35.30
C THR O 124 -37.33 -37.45 -34.75
N VAL O 125 -38.37 -38.02 -35.38
CA VAL O 125 -38.94 -39.29 -34.98
C VAL O 125 -38.54 -40.36 -36.00
N VAL O 126 -38.24 -41.56 -35.51
CA VAL O 126 -37.91 -42.70 -36.35
C VAL O 126 -38.60 -43.92 -35.77
N ALA O 127 -39.03 -44.82 -36.66
CA ALA O 127 -39.73 -46.03 -36.25
C ALA O 127 -38.75 -47.05 -35.70
N ALA O 128 -39.19 -47.77 -34.66
CA ALA O 128 -38.38 -48.82 -34.05
C ALA O 128 -39.30 -49.92 -33.57
N ASP O 129 -38.71 -51.05 -33.18
CA ASP O 129 -39.48 -52.24 -32.86
C ASP O 129 -39.77 -52.38 -31.37
N HIS O 130 -38.72 -52.47 -30.56
CA HIS O 130 -38.87 -52.82 -29.15
C HIS O 130 -38.14 -51.82 -28.26
N VAL O 131 -38.71 -51.61 -27.07
CA VAL O 131 -38.06 -50.77 -26.07
C VAL O 131 -36.79 -51.45 -25.59
N PRO O 132 -35.63 -50.78 -25.60
CA PRO O 132 -34.39 -51.44 -25.21
C PRO O 132 -34.32 -51.64 -23.70
N SER O 133 -33.85 -52.82 -23.30
CA SER O 133 -33.65 -53.16 -21.90
C SER O 133 -32.17 -52.98 -21.60
N THR O 134 -31.82 -51.80 -21.08
CA THR O 134 -30.42 -51.49 -20.80
C THR O 134 -30.37 -50.49 -19.65
N GLU O 135 -29.16 -50.23 -19.18
CA GLU O 135 -28.93 -49.26 -18.13
C GLU O 135 -28.92 -47.85 -18.73
N ASN O 136 -28.44 -46.88 -17.96
CA ASN O 136 -28.29 -45.50 -18.41
C ASN O 136 -29.64 -44.85 -18.67
N LYS O 137 -30.60 -45.11 -17.79
CA LYS O 137 -31.86 -44.40 -17.81
C LYS O 137 -31.76 -43.15 -16.95
N LEU O 138 -32.52 -42.12 -17.33
CA LEU O 138 -32.36 -40.81 -16.71
C LEU O 138 -33.52 -40.39 -15.82
N CYS O 139 -34.75 -40.83 -16.11
CA CYS O 139 -35.91 -40.41 -15.32
C CYS O 139 -36.82 -41.63 -15.16
N SER O 140 -36.64 -42.34 -14.05
CA SER O 140 -37.44 -43.53 -13.77
C SER O 140 -38.23 -43.37 -12.48
N MET P 1 49.87 26.82 75.60
CA MET P 1 50.82 25.89 76.19
C MET P 1 52.26 26.31 75.97
N THR P 2 53.16 25.70 76.73
CA THR P 2 54.59 25.99 76.61
C THR P 2 55.04 25.72 75.17
N SER P 3 56.01 26.51 74.71
CA SER P 3 56.49 26.37 73.34
C SER P 3 57.06 24.99 73.06
N LEU P 4 57.47 24.26 74.08
CA LEU P 4 57.81 22.85 73.88
C LEU P 4 56.60 22.08 73.38
N GLU P 5 55.44 22.32 74.00
CA GLU P 5 54.22 21.67 73.57
C GLU P 5 53.86 22.05 72.14
N ILE P 6 53.94 23.34 71.82
CA ILE P 6 53.60 23.78 70.47
C ILE P 6 54.58 23.21 69.47
N ALA P 7 55.85 23.07 69.85
CA ALA P 7 56.83 22.46 68.96
C ALA P 7 56.44 21.02 68.63
N ILE P 8 56.19 20.22 69.66
CA ILE P 8 55.83 18.82 69.45
C ILE P 8 54.57 18.71 68.60
N ILE P 9 53.52 19.45 69.00
CA ILE P 9 52.24 19.34 68.31
C ILE P 9 52.34 19.84 66.89
N VAL P 10 53.08 20.92 66.64
CA VAL P 10 53.20 21.42 65.28
C VAL P 10 53.99 20.45 64.41
N ALA P 11 55.00 19.80 64.98
CA ALA P 11 55.72 18.78 64.21
C ALA P 11 54.78 17.66 63.77
N ILE P 12 54.04 17.09 64.72
CA ILE P 12 53.18 15.95 64.40
C ILE P 12 52.05 16.39 63.46
N VAL P 13 51.45 17.54 63.76
CA VAL P 13 50.42 18.16 62.92
C VAL P 13 50.90 18.38 61.50
N LEU P 14 52.11 18.88 61.31
CA LEU P 14 52.60 19.13 59.97
C LEU P 14 52.85 17.83 59.22
N VAL P 15 53.42 16.83 59.91
CA VAL P 15 53.62 15.53 59.27
C VAL P 15 52.29 14.98 58.77
N ILE P 16 51.26 15.01 59.63
CA ILE P 16 49.98 14.44 59.26
C ILE P 16 49.34 15.23 58.11
N ALA P 17 49.41 16.56 58.17
CA ALA P 17 48.82 17.38 57.12
C ALA P 17 49.47 17.11 55.77
N ILE P 18 50.80 17.06 55.74
CA ILE P 18 51.49 16.80 54.48
C ILE P 18 51.12 15.41 53.95
N ALA P 19 51.08 14.43 54.85
CA ALA P 19 50.71 13.08 54.42
C ALA P 19 49.34 13.06 53.77
N VAL P 20 48.34 13.69 54.40
CA VAL P 20 46.99 13.66 53.85
C VAL P 20 46.91 14.44 52.54
N GLY P 21 47.60 15.59 52.47
CA GLY P 21 47.54 16.38 51.25
C GLY P 21 48.12 15.64 50.06
N TRP P 22 49.30 15.04 50.22
CA TRP P 22 49.85 14.31 49.11
C TRP P 22 49.13 12.97 48.88
N TYR P 23 48.40 12.48 49.87
CA TYR P 23 47.46 11.39 49.62
C TYR P 23 46.38 11.83 48.64
N LEU P 24 45.83 13.03 48.84
CA LEU P 24 44.85 13.56 47.90
C LEU P 24 45.45 13.70 46.51
N TYR P 25 46.66 14.24 46.42
CA TYR P 25 47.33 14.33 45.12
C TYR P 25 47.49 12.96 44.45
N THR P 26 47.92 11.95 45.20
CA THR P 26 48.14 10.65 44.60
C THR P 26 46.83 10.02 44.17
N THR P 27 45.77 10.21 44.95
CA THR P 27 44.46 9.71 44.56
C THR P 27 43.99 10.37 43.27
N PHE P 28 44.23 11.67 43.13
CA PHE P 28 43.85 12.34 41.89
C PHE P 28 44.68 11.84 40.71
N ALA P 29 45.98 11.63 40.91
CA ALA P 29 46.82 11.14 39.84
C ALA P 29 46.45 9.73 39.43
N ALA P 30 45.90 8.94 40.35
CA ALA P 30 45.47 7.60 39.99
C ALA P 30 44.09 7.62 39.33
N ALA P 31 43.22 8.51 39.77
CA ALA P 31 41.90 8.63 39.15
C ALA P 31 41.97 9.19 37.73
N GLY P 32 42.98 10.02 37.44
CA GLY P 32 43.10 10.55 36.10
C GLY P 32 43.48 9.52 35.05
N GLN P 33 43.92 8.34 35.48
CA GLN P 33 44.35 7.28 34.56
C GLN P 33 43.27 6.25 34.30
N GLN P 34 42.02 6.56 34.63
CA GLN P 34 40.93 5.66 34.31
C GLN P 34 40.71 5.63 32.81
N THR P 35 40.73 4.44 32.24
CA THR P 35 40.78 4.29 30.79
C THR P 35 39.78 3.25 30.33
N GLY P 36 39.69 3.10 29.01
CA GLY P 36 38.77 2.15 28.42
C GLY P 36 38.84 2.25 26.91
N LEU P 37 38.36 1.20 26.26
CA LEU P 37 38.39 1.13 24.81
C LEU P 37 37.11 1.69 24.21
N THR P 38 37.22 2.13 22.96
CA THR P 38 36.06 2.55 22.19
C THR P 38 36.34 2.25 20.72
N ALA P 39 35.29 1.93 19.98
CA ALA P 39 35.39 1.55 18.58
C ALA P 39 34.76 2.64 17.73
N THR P 40 35.33 2.88 16.55
CA THR P 40 34.81 3.89 15.64
C THR P 40 34.43 3.34 14.28
N LYS P 41 34.83 2.12 13.95
CA LYS P 41 34.53 1.53 12.65
C LYS P 41 34.79 0.03 12.69
N ALA P 42 33.83 -0.77 12.25
CA ALA P 42 33.98 -2.22 12.30
C ALA P 42 33.14 -2.85 11.21
N THR P 43 33.77 -3.67 10.38
CA THR P 43 33.08 -4.37 9.30
C THR P 43 33.70 -5.74 9.16
N ILE P 44 33.00 -6.78 9.62
CA ILE P 44 33.51 -8.13 9.49
C ILE P 44 33.67 -8.47 8.02
N TYR P 45 34.86 -8.96 7.65
CA TYR P 45 35.16 -9.33 6.29
C TYR P 45 35.18 -10.86 6.17
N VAL P 46 34.76 -11.35 5.01
CA VAL P 46 34.76 -12.78 4.71
C VAL P 46 35.44 -12.99 3.37
N THR P 47 36.25 -14.05 3.29
CA THR P 47 36.95 -14.37 2.06
C THR P 47 36.16 -15.37 1.24
N LYS P 48 36.66 -15.65 0.03
CA LYS P 48 35.99 -16.60 -0.85
C LYS P 48 36.12 -18.02 -0.33
N ASP P 49 37.22 -18.34 0.35
CA ASP P 49 37.51 -19.70 0.79
C ASP P 49 36.98 -19.99 2.19
N GLY P 50 36.26 -19.06 2.81
CA GLY P 50 35.67 -19.28 4.10
C GLY P 50 36.39 -18.62 5.27
N ASN P 51 37.60 -18.13 5.06
CA ASN P 51 38.32 -17.45 6.13
C ASN P 51 37.63 -16.13 6.46
N VAL P 52 37.35 -15.92 7.74
CA VAL P 52 36.67 -14.73 8.21
C VAL P 52 37.56 -14.00 9.21
N TYR P 53 37.52 -12.68 9.16
CA TYR P 53 38.37 -11.86 10.02
C TYR P 53 37.73 -10.49 10.18
N LEU P 54 37.91 -9.90 11.36
CA LEU P 54 37.34 -8.59 11.66
C LEU P 54 38.40 -7.51 11.48
N ASN P 55 38.02 -6.42 10.82
CA ASN P 55 38.91 -5.31 10.54
C ASN P 55 38.35 -4.08 11.26
N VAL P 56 38.74 -3.91 12.52
CA VAL P 56 38.17 -2.89 13.39
C VAL P 56 39.19 -1.79 13.61
N THR P 57 38.70 -0.64 14.05
CA THR P 57 39.53 0.52 14.38
C THR P 57 39.26 0.91 15.83
N LEU P 58 40.32 0.91 16.64
CA LEU P 58 40.20 1.18 18.06
C LEU P 58 40.85 2.50 18.42
N VAL P 59 40.35 3.10 19.51
CA VAL P 59 40.91 4.32 20.07
C VAL P 59 40.88 4.20 21.59
N PRO P 60 42.02 4.14 22.26
CA PRO P 60 42.00 4.04 23.72
C PRO P 60 41.57 5.35 24.37
N GLN P 61 40.46 5.29 25.08
CA GLN P 61 39.96 6.43 25.84
C GLN P 61 40.69 6.42 27.17
N GLY P 62 41.33 7.53 27.50
CA GLY P 62 42.17 7.62 28.68
C GLY P 62 43.63 7.82 28.30
N ALA P 63 44.49 7.64 29.29
CA ALA P 63 45.94 7.67 29.09
C ALA P 63 46.52 6.43 29.75
N ALA P 64 46.49 5.32 29.01
CA ALA P 64 47.00 4.06 29.52
C ALA P 64 47.04 3.06 28.37
N GLN P 65 47.60 1.89 28.66
CA GLN P 65 47.66 0.78 27.72
C GLN P 65 46.59 -0.23 28.15
N VAL P 66 45.43 -0.15 27.52
CA VAL P 66 44.33 -1.05 27.86
C VAL P 66 44.69 -2.48 27.45
N ALA P 67 44.13 -3.43 28.18
CA ALA P 67 44.37 -4.85 27.94
C ALA P 67 43.08 -5.52 27.52
N ILE P 68 43.07 -6.09 26.32
CA ILE P 68 41.91 -6.79 25.77
C ILE P 68 41.91 -8.22 26.30
N SER P 69 40.79 -8.64 26.89
CA SER P 69 40.70 -9.97 27.46
C SER P 69 40.11 -10.98 26.48
N SER P 70 38.94 -10.70 25.92
CA SER P 70 38.29 -11.64 25.03
C SER P 70 37.35 -10.89 24.10
N ILE P 71 37.13 -11.46 22.92
CA ILE P 71 36.22 -10.90 21.93
C ILE P 71 35.07 -11.88 21.75
N GLU P 72 33.85 -11.40 21.95
CA GLU P 72 32.65 -12.22 21.82
C GLU P 72 31.79 -11.63 20.71
N VAL P 73 31.65 -12.35 19.61
CA VAL P 73 30.87 -11.91 18.46
C VAL P 73 29.90 -13.01 18.08
N ALA P 74 28.61 -12.66 18.05
CA ALA P 74 27.55 -13.57 17.60
C ALA P 74 27.54 -14.86 18.42
N GLY P 75 27.78 -14.73 19.72
CA GLY P 75 27.76 -15.87 20.61
C GLY P 75 29.04 -16.67 20.66
N VAL P 76 29.97 -16.46 19.73
CA VAL P 76 31.23 -17.18 19.71
C VAL P 76 32.26 -16.35 20.46
N SER P 77 32.74 -16.87 21.57
CA SER P 77 33.76 -16.20 22.38
C SER P 77 35.14 -16.62 21.90
N ILE P 78 36.07 -15.66 21.91
CA ILE P 78 37.42 -15.90 21.41
C ILE P 78 38.43 -15.37 22.42
N PRO P 79 39.14 -16.24 23.13
CA PRO P 79 40.11 -15.76 24.12
C PRO P 79 41.33 -15.15 23.45
N CYS P 80 41.96 -14.22 24.16
CA CYS P 80 43.15 -13.52 23.68
C CYS P 80 44.22 -13.61 24.76
N THR P 81 45.31 -14.31 24.46
CA THR P 81 46.38 -14.55 25.41
C THR P 81 47.73 -14.03 24.92
N SER P 82 47.76 -13.32 23.80
CA SER P 82 49.01 -12.78 23.28
C SER P 82 48.70 -11.56 22.41
N SER P 83 49.60 -10.59 22.42
CA SER P 83 49.45 -9.36 21.66
C SER P 83 48.15 -8.64 21.99
N ASN P 84 47.69 -8.78 23.24
CA ASN P 84 46.41 -8.24 23.67
C ASN P 84 46.51 -6.83 24.24
N LEU P 85 47.51 -6.06 23.82
CA LEU P 85 47.70 -4.69 24.27
C LEU P 85 47.43 -3.72 23.12
N VAL P 86 46.70 -2.65 23.43
CA VAL P 86 46.42 -1.60 22.47
C VAL P 86 47.33 -0.42 22.79
N LYS P 87 48.33 -0.20 21.94
CA LYS P 87 49.37 0.78 22.24
C LYS P 87 49.01 2.18 21.78
N ALA P 88 48.23 2.32 20.71
CA ALA P 88 47.94 3.63 20.13
C ALA P 88 46.71 3.49 19.25
N PRO P 89 46.01 4.60 18.99
CA PRO P 89 44.88 4.55 18.07
C PRO P 89 45.32 4.10 16.68
N GLY P 90 44.51 3.26 16.07
CA GLY P 90 44.82 2.76 14.74
C GLY P 90 43.84 1.68 14.32
N GLU P 91 44.12 1.11 13.16
CA GLU P 91 43.31 0.04 12.59
C GLU P 91 43.93 -1.30 12.93
N TYR P 92 43.12 -2.21 13.48
CA TYR P 92 43.61 -3.50 13.92
C TYR P 92 42.78 -4.62 13.28
N VAL P 93 43.40 -5.80 13.19
CA VAL P 93 42.81 -6.94 12.51
C VAL P 93 42.73 -8.10 13.50
N ILE P 94 41.52 -8.62 13.70
CA ILE P 94 41.28 -9.74 14.61
C ILE P 94 40.76 -10.90 13.78
N GLU P 95 41.43 -12.04 13.88
CA GLU P 95 40.99 -13.23 13.17
C GLU P 95 39.88 -13.93 13.95
N LEU P 96 38.79 -14.25 13.26
CA LEU P 96 37.70 -15.04 13.84
C LEU P 96 37.91 -16.49 13.45
N SER P 97 37.79 -17.39 14.43
CA SER P 97 38.26 -18.76 14.23
C SER P 97 37.31 -19.56 13.35
N SER P 98 36.08 -19.77 13.80
CA SER P 98 35.18 -20.72 13.16
C SER P 98 33.79 -20.16 12.88
N VAL P 99 33.56 -18.87 13.07
CA VAL P 99 32.25 -18.29 12.81
C VAL P 99 31.96 -18.37 11.31
N SER P 100 30.95 -19.13 10.95
CA SER P 100 30.55 -19.31 9.55
C SER P 100 29.36 -18.39 9.27
N VAL P 101 29.59 -17.37 8.43
CA VAL P 101 28.60 -16.36 8.14
C VAL P 101 28.33 -16.35 6.63
N SER P 102 27.43 -15.46 6.22
CA SER P 102 27.11 -15.27 4.82
C SER P 102 26.96 -13.79 4.55
N VAL P 103 27.42 -13.36 3.37
CA VAL P 103 27.44 -11.94 3.04
C VAL P 103 26.05 -11.35 3.18
N GLY P 104 25.96 -10.22 3.89
CA GLY P 104 24.72 -9.49 4.07
C GLY P 104 24.24 -9.42 5.49
N GLN P 105 24.58 -10.42 6.32
CA GLN P 105 24.08 -10.47 7.68
C GLN P 105 24.59 -9.30 8.51
N VAL P 106 23.96 -9.09 9.66
CA VAL P 106 24.34 -8.04 10.60
C VAL P 106 24.66 -8.69 11.94
N LEU P 107 25.91 -8.56 12.37
CA LEU P 107 26.39 -9.18 13.60
C LEU P 107 26.80 -8.10 14.59
N THR P 108 26.61 -8.39 15.87
CA THR P 108 27.07 -7.51 16.93
C THR P 108 28.21 -8.19 17.69
N GLY P 109 28.71 -7.55 18.74
CA GLY P 109 29.82 -8.12 19.49
C GLY P 109 30.19 -7.23 20.65
N ARG P 110 31.24 -7.66 21.35
CA ARG P 110 31.79 -6.93 22.49
C ARG P 110 33.29 -7.14 22.54
N ILE P 111 34.00 -6.15 23.06
CA ILE P 111 35.39 -6.30 23.48
C ILE P 111 35.43 -6.15 24.99
N VAL P 112 35.74 -7.23 25.68
CA VAL P 112 35.81 -7.23 27.14
C VAL P 112 37.24 -6.93 27.55
N LEU P 113 37.44 -5.85 28.29
CA LEU P 113 38.74 -5.44 28.76
C LEU P 113 39.09 -6.18 30.05
N ALA P 114 40.31 -5.96 30.53
CA ALA P 114 40.73 -6.58 31.78
C ALA P 114 40.18 -5.84 32.98
N SER P 115 39.98 -4.54 32.88
CA SER P 115 39.47 -3.75 33.99
C SER P 115 38.00 -3.99 34.25
N GLY P 116 37.21 -4.21 33.21
CA GLY P 116 35.78 -4.44 33.37
C GLY P 116 34.93 -3.73 32.33
N ALA P 117 35.39 -2.58 31.86
CA ALA P 117 34.68 -1.87 30.82
C ALA P 117 34.69 -2.68 29.52
N ILE P 118 33.70 -2.40 28.66
CA ILE P 118 33.53 -3.12 27.41
C ILE P 118 33.28 -2.12 26.29
N SER P 119 33.05 -2.64 25.09
CA SER P 119 32.78 -1.84 23.90
C SER P 119 32.06 -2.72 22.88
N PRO P 120 30.87 -2.34 22.45
CA PRO P 120 30.11 -3.16 21.49
C PRO P 120 30.40 -2.78 20.04
N PHE P 121 29.93 -3.64 19.13
CA PHE P 121 30.27 -3.53 17.71
C PHE P 121 29.08 -3.18 16.82
N THR P 122 28.08 -4.07 16.72
CA THR P 122 27.08 -4.02 15.67
C THR P 122 27.73 -3.77 14.30
N ALA P 123 28.50 -4.76 13.87
CA ALA P 123 29.28 -4.67 12.64
C ALA P 123 28.71 -5.62 11.59
N THR P 124 28.46 -5.10 10.39
CA THR P 124 27.91 -5.88 9.30
C THR P 124 29.01 -6.67 8.58
N VAL P 125 28.58 -7.55 7.69
CA VAL P 125 29.49 -8.40 6.93
C VAL P 125 29.62 -7.86 5.52
N VAL P 126 30.83 -7.94 4.97
CA VAL P 126 31.11 -7.51 3.61
C VAL P 126 32.07 -8.52 2.98
N ALA P 127 31.87 -8.80 1.70
CA ALA P 127 32.69 -9.76 1.00
C ALA P 127 34.05 -9.18 0.65
N ALA P 128 35.09 -10.02 0.76
CA ALA P 128 36.44 -9.61 0.42
C ALA P 128 37.17 -10.82 -0.17
N ASP P 129 38.36 -10.56 -0.69
CA ASP P 129 39.08 -11.59 -1.44
C ASP P 129 40.09 -12.36 -0.59
N HIS P 130 41.07 -11.67 -0.02
CA HIS P 130 42.20 -12.32 0.63
C HIS P 130 42.43 -11.76 2.02
N VAL P 131 42.94 -12.61 2.90
CA VAL P 131 43.33 -12.18 4.25
C VAL P 131 44.50 -11.22 4.15
N PRO P 132 44.44 -10.05 4.78
CA PRO P 132 45.56 -9.11 4.67
C PRO P 132 46.74 -9.57 5.50
N SER P 133 47.93 -9.43 4.94
CA SER P 133 49.18 -9.77 5.61
C SER P 133 49.82 -8.48 6.09
N THR P 134 49.58 -8.12 7.35
CA THR P 134 50.10 -6.89 7.91
C THR P 134 50.22 -7.06 9.42
N GLU P 135 50.76 -6.03 10.07
CA GLU P 135 50.90 -6.01 11.51
C GLU P 135 49.59 -5.59 12.15
N ASN P 136 49.63 -5.24 13.43
CA ASN P 136 48.47 -4.73 14.17
C ASN P 136 47.40 -5.81 14.34
N LYS P 137 47.84 -7.02 14.63
CA LYS P 137 46.92 -8.07 15.04
C LYS P 137 46.76 -8.06 16.55
N LEU P 138 45.57 -8.42 17.01
CA LEU P 138 45.23 -8.28 18.43
C LEU P 138 45.15 -9.59 19.19
N CYS P 139 44.85 -10.70 18.54
CA CYS P 139 44.73 -11.98 19.23
C CYS P 139 45.31 -13.06 18.32
N SER P 140 46.59 -13.36 18.53
CA SER P 140 47.28 -14.35 17.73
C SER P 140 47.82 -15.49 18.60
N MET Q 1 5.50 2.72 7.89
CA MET Q 1 5.56 4.09 8.39
C MET Q 1 4.93 4.20 9.77
N THR Q 2 5.05 5.39 10.37
CA THR Q 2 4.43 5.66 11.67
C THR Q 2 2.92 5.49 11.56
N SER Q 3 2.30 5.07 12.67
CA SER Q 3 0.86 4.84 12.67
C SER Q 3 0.06 6.08 12.31
N LEU Q 4 0.62 7.27 12.54
CA LEU Q 4 -0.04 8.48 12.06
C LEU Q 4 -0.16 8.44 10.54
N GLU Q 5 0.92 8.01 9.88
CA GLU Q 5 0.92 7.93 8.43
C GLU Q 5 -0.06 6.87 7.94
N ILE Q 6 -0.06 5.70 8.58
CA ILE Q 6 -0.99 4.65 8.19
C ILE Q 6 -2.42 5.12 8.42
N ALA Q 7 -2.65 5.91 9.47
CA ALA Q 7 -3.98 6.44 9.71
C ALA Q 7 -4.42 7.34 8.57
N ILE Q 8 -3.59 8.33 8.21
CA ILE Q 8 -3.94 9.24 7.13
C ILE Q 8 -4.17 8.48 5.83
N ILE Q 9 -3.22 7.61 5.47
CA ILE Q 9 -3.30 6.90 4.21
C ILE Q 9 -4.50 5.96 4.18
N VAL Q 10 -4.80 5.28 5.28
CA VAL Q 10 -5.94 4.37 5.30
C VAL Q 10 -7.24 5.15 5.21
N ALA Q 11 -7.31 6.33 5.83
CA ALA Q 11 -8.51 7.15 5.67
C ALA Q 11 -8.74 7.51 4.22
N ILE Q 12 -7.72 8.05 3.55
CA ILE Q 12 -7.89 8.48 2.17
C ILE Q 12 -8.16 7.30 1.26
N VAL Q 13 -7.41 6.21 1.47
CA VAL Q 13 -7.59 4.96 0.74
C VAL Q 13 -8.99 4.40 0.87
N LEU Q 14 -9.55 4.39 2.09
CA LEU Q 14 -10.89 3.86 2.26
C LEU Q 14 -11.92 4.75 1.59
N VAL Q 15 -11.75 6.08 1.69
CA VAL Q 15 -12.67 6.99 1.01
C VAL Q 15 -12.68 6.70 -0.50
N ILE Q 16 -11.50 6.60 -1.09
CA ILE Q 16 -11.42 6.39 -2.54
C ILE Q 16 -12.00 5.03 -2.93
N ALA Q 17 -11.71 3.99 -2.12
CA ALA Q 17 -12.25 2.67 -2.43
C ALA Q 17 -13.76 2.65 -2.40
N ILE Q 18 -14.36 3.22 -1.35
CA ILE Q 18 -15.82 3.25 -1.26
C ILE Q 18 -16.39 4.02 -2.44
N ALA Q 19 -15.77 5.15 -2.78
CA ALA Q 19 -16.26 5.94 -3.92
C ALA Q 19 -16.28 5.11 -5.19
N VAL Q 20 -15.17 4.43 -5.50
CA VAL Q 20 -15.09 3.68 -6.75
C VAL Q 20 -16.05 2.48 -6.73
N GLY Q 21 -16.16 1.81 -5.59
CA GLY Q 21 -17.05 0.65 -5.52
C GLY Q 21 -18.50 1.03 -5.76
N TRP Q 22 -18.97 2.06 -5.08
CA TRP Q 22 -20.35 2.46 -5.31
C TRP Q 22 -20.53 3.17 -6.64
N TYR Q 23 -19.45 3.66 -7.24
CA TYR Q 23 -19.51 4.07 -8.64
C TYR Q 23 -19.83 2.89 -9.54
N LEU Q 24 -19.16 1.76 -9.30
CA LEU Q 24 -19.46 0.55 -10.06
C LEU Q 24 -20.91 0.12 -9.87
N TYR Q 25 -21.38 0.14 -8.61
CA TYR Q 25 -22.79 -0.18 -8.36
C TYR Q 25 -23.73 0.74 -9.12
N THR Q 26 -23.48 2.04 -9.11
CA THR Q 26 -24.39 2.97 -9.78
C THR Q 26 -24.35 2.78 -11.29
N THR Q 27 -23.16 2.48 -11.83
CA THR Q 27 -23.06 2.21 -13.25
C THR Q 27 -23.85 0.97 -13.64
N PHE Q 28 -23.79 -0.06 -12.80
CA PHE Q 28 -24.59 -1.27 -13.07
C PHE Q 28 -26.08 -0.98 -12.99
N ALA Q 29 -26.48 -0.19 -11.99
CA ALA Q 29 -27.89 0.15 -11.85
C ALA Q 29 -28.39 0.99 -13.01
N ALA Q 30 -27.51 1.78 -13.63
CA ALA Q 30 -27.92 2.57 -14.78
C ALA Q 30 -27.94 1.73 -16.05
N ALA Q 31 -27.00 0.79 -16.18
CA ALA Q 31 -26.97 -0.09 -17.34
C ALA Q 31 -28.12 -1.08 -17.34
N GLY Q 32 -28.63 -1.45 -16.16
CA GLY Q 32 -29.76 -2.37 -16.12
C GLY Q 32 -31.05 -1.77 -16.64
N GLN Q 33 -31.13 -0.45 -16.77
CA GLN Q 33 -32.35 0.22 -17.22
C GLN Q 33 -32.35 0.52 -18.71
N GLN Q 34 -31.48 -0.13 -19.47
CA GLN Q 34 -31.51 0.05 -20.92
C GLN Q 34 -32.76 -0.60 -21.48
N THR Q 35 -33.52 0.17 -22.27
CA THR Q 35 -34.85 -0.25 -22.66
C THR Q 35 -35.05 -0.01 -24.15
N GLY Q 36 -36.20 -0.48 -24.63
CA GLY Q 36 -36.54 -0.33 -26.04
C GLY Q 36 -37.85 -1.01 -26.32
N LEU Q 37 -38.48 -0.61 -27.42
CA LEU Q 37 -39.78 -1.13 -27.80
C LEU Q 37 -39.65 -2.36 -28.69
N THR Q 38 -40.66 -3.20 -28.65
CA THR Q 38 -40.79 -4.32 -29.57
C THR Q 38 -42.26 -4.51 -29.89
N ALA Q 39 -42.55 -4.97 -31.10
CA ALA Q 39 -43.92 -5.14 -31.58
C ALA Q 39 -44.19 -6.61 -31.74
N THR Q 40 -45.43 -7.01 -31.49
CA THR Q 40 -45.83 -8.40 -31.61
C THR Q 40 -46.99 -8.62 -32.56
N LYS Q 41 -47.69 -7.55 -32.98
CA LYS Q 41 -48.83 -7.69 -33.88
C LYS Q 41 -49.19 -6.33 -34.44
N ALA Q 42 -49.34 -6.23 -35.76
CA ALA Q 42 -49.65 -4.95 -36.39
C ALA Q 42 -50.41 -5.21 -37.68
N THR Q 43 -51.58 -4.58 -37.81
CA THR Q 43 -52.42 -4.74 -38.99
C THR Q 43 -53.10 -3.40 -39.25
N ILE Q 44 -52.62 -2.66 -40.26
CA ILE Q 44 -53.23 -1.39 -40.61
C ILE Q 44 -54.67 -1.62 -41.04
N TYR Q 45 -55.60 -0.92 -40.40
CA TYR Q 45 -57.02 -1.04 -40.71
C TYR Q 45 -57.47 0.16 -41.55
N VAL Q 46 -58.46 -0.06 -42.40
CA VAL Q 46 -59.02 0.98 -43.25
C VAL Q 46 -60.54 0.91 -43.15
N THR Q 47 -61.18 2.08 -43.06
CA THR Q 47 -62.63 2.15 -43.01
C THR Q 47 -63.20 2.33 -44.40
N LYS Q 48 -64.54 2.30 -44.49
CA LYS Q 48 -65.19 2.49 -45.78
C LYS Q 48 -65.08 3.93 -46.26
N ASP Q 49 -64.94 4.88 -45.35
CA ASP Q 49 -64.93 6.30 -45.70
C ASP Q 49 -63.53 6.85 -45.89
N GLY Q 50 -62.50 6.01 -45.81
CA GLY Q 50 -61.14 6.43 -46.04
C GLY Q 50 -60.29 6.62 -44.80
N ASN Q 51 -60.89 6.59 -43.61
CA ASN Q 51 -60.13 6.71 -42.38
C ASN Q 51 -59.27 5.47 -42.17
N VAL Q 52 -57.99 5.67 -41.92
CA VAL Q 52 -57.05 4.58 -41.66
C VAL Q 52 -56.48 4.74 -40.26
N TYR Q 53 -56.21 3.61 -39.61
CA TYR Q 53 -55.64 3.63 -38.28
C TYR Q 53 -54.92 2.31 -38.04
N LEU Q 54 -53.77 2.39 -37.39
CA LEU Q 54 -52.96 1.22 -37.10
C LEU Q 54 -53.30 0.69 -35.71
N ASN Q 55 -53.53 -0.61 -35.62
CA ASN Q 55 -53.91 -1.28 -34.38
C ASN Q 55 -52.77 -2.21 -33.99
N VAL Q 56 -51.80 -1.67 -33.25
CA VAL Q 56 -50.57 -2.38 -32.94
C VAL Q 56 -50.56 -2.76 -31.47
N THR Q 57 -49.71 -3.75 -31.15
CA THR Q 57 -49.56 -4.23 -29.77
C THR Q 57 -48.08 -4.13 -29.39
N LEU Q 58 -47.78 -3.31 -28.40
CA LEU Q 58 -46.42 -3.02 -28.00
C LEU Q 58 -46.09 -3.70 -26.68
N VAL Q 59 -44.80 -3.96 -26.47
CA VAL Q 59 -44.28 -4.52 -25.23
C VAL Q 59 -42.96 -3.84 -24.92
N PRO Q 60 -42.86 -3.04 -23.86
CA PRO Q 60 -41.59 -2.41 -23.54
C PRO Q 60 -40.57 -3.42 -23.04
N GLN Q 61 -39.46 -3.54 -23.77
CA GLN Q 61 -38.34 -4.38 -23.37
C GLN Q 61 -37.48 -3.55 -22.43
N GLY Q 62 -37.27 -4.05 -21.23
CA GLY Q 62 -36.57 -3.32 -20.20
C GLY Q 62 -37.49 -2.96 -19.05
N ALA Q 63 -37.03 -2.06 -18.21
CA ALA Q 63 -37.82 -1.54 -17.09
C ALA Q 63 -37.74 -0.01 -17.13
N ALA Q 64 -38.58 0.58 -17.97
CA ALA Q 64 -38.61 2.03 -18.12
C ALA Q 64 -39.84 2.42 -18.90
N GLN Q 65 -40.09 3.73 -18.97
CA GLN Q 65 -41.19 4.30 -19.75
C GLN Q 65 -40.58 4.87 -21.03
N VAL Q 66 -40.61 4.08 -22.10
CA VAL Q 66 -40.03 4.52 -23.37
C VAL Q 66 -40.84 5.68 -23.93
N ALA Q 67 -40.18 6.51 -24.72
CA ALA Q 67 -40.80 7.67 -25.35
C ALA Q 67 -40.77 7.50 -26.86
N ILE Q 68 -41.94 7.54 -27.48
CA ILE Q 68 -42.08 7.40 -28.93
C ILE Q 68 -41.90 8.76 -29.57
N SER Q 69 -41.00 8.85 -30.54
CA SER Q 69 -40.70 10.12 -31.19
C SER Q 69 -41.52 10.33 -32.45
N SER Q 70 -41.51 9.35 -33.36
CA SER Q 70 -42.23 9.49 -34.62
C SER Q 70 -42.53 8.11 -35.18
N ILE Q 71 -43.60 8.04 -35.95
CA ILE Q 71 -44.01 6.81 -36.62
C ILE Q 71 -43.90 7.04 -38.12
N GLU Q 72 -43.03 6.28 -38.78
CA GLU Q 72 -42.80 6.39 -40.22
C GLU Q 72 -43.27 5.10 -40.87
N VAL Q 73 -44.38 5.16 -41.59
CA VAL Q 73 -44.96 4.00 -42.24
C VAL Q 73 -45.18 4.33 -43.72
N ALA Q 74 -44.65 3.48 -44.60
CA ALA Q 74 -44.84 3.61 -46.05
C ALA Q 74 -44.42 4.98 -46.55
N GLY Q 75 -43.33 5.50 -45.99
CA GLY Q 75 -42.78 6.77 -46.43
C GLY Q 75 -43.41 7.99 -45.80
N VAL Q 76 -44.58 7.86 -45.18
CA VAL Q 76 -45.26 8.97 -44.54
C VAL Q 76 -44.82 9.01 -43.08
N SER Q 77 -44.17 10.11 -42.68
CA SER Q 77 -43.73 10.30 -41.31
C SER Q 77 -44.83 11.00 -40.53
N ILE Q 78 -44.99 10.60 -39.27
CA ILE Q 78 -46.03 11.16 -38.41
C ILE Q 78 -45.42 11.54 -37.06
N PRO Q 79 -45.35 12.82 -36.72
CA PRO Q 79 -44.79 13.22 -35.43
C PRO Q 79 -45.75 12.91 -34.29
N CYS Q 80 -45.18 12.69 -33.11
CA CYS Q 80 -45.94 12.41 -31.90
C CYS Q 80 -45.45 13.34 -30.80
N THR Q 81 -46.32 14.26 -30.37
CA THR Q 81 -45.97 15.25 -29.37
C THR Q 81 -46.88 15.20 -28.15
N SER Q 82 -47.76 14.21 -28.06
CA SER Q 82 -48.65 14.08 -26.91
C SER Q 82 -49.00 12.62 -26.73
N SER Q 83 -49.13 12.21 -25.46
CA SER Q 83 -49.44 10.82 -25.11
C SER Q 83 -48.44 9.84 -25.72
N ASN Q 84 -47.19 10.28 -25.87
CA ASN Q 84 -46.15 9.49 -26.51
C ASN Q 84 -45.39 8.61 -25.54
N LEU Q 85 -46.00 8.24 -24.42
CA LEU Q 85 -45.38 7.37 -23.44
C LEU Q 85 -46.07 6.02 -23.43
N VAL Q 86 -45.28 4.95 -23.40
CA VAL Q 86 -45.79 3.59 -23.30
C VAL Q 86 -45.64 3.15 -21.85
N LYS Q 87 -46.76 3.09 -21.12
CA LYS Q 87 -46.71 2.82 -19.70
C LYS Q 87 -46.68 1.34 -19.36
N ALA Q 88 -47.26 0.49 -20.19
CA ALA Q 88 -47.38 -0.92 -19.89
C ALA Q 88 -47.66 -1.67 -21.19
N PRO Q 89 -47.35 -2.96 -21.25
CA PRO Q 89 -47.68 -3.73 -22.45
C PRO Q 89 -49.18 -3.78 -22.68
N GLY Q 90 -49.58 -3.67 -23.94
CA GLY Q 90 -50.98 -3.70 -24.29
C GLY Q 90 -51.18 -3.39 -25.75
N GLU Q 91 -52.45 -3.28 -26.13
CA GLU Q 91 -52.83 -2.97 -27.50
C GLU Q 91 -53.07 -1.47 -27.62
N TYR Q 92 -52.43 -0.85 -28.61
CA TYR Q 92 -52.50 0.58 -28.80
C TYR Q 92 -52.96 0.91 -30.21
N VAL Q 93 -53.61 2.06 -30.35
CA VAL Q 93 -54.22 2.49 -31.60
C VAL Q 93 -53.59 3.80 -32.03
N ILE Q 94 -53.04 3.84 -33.24
CA ILE Q 94 -52.40 5.03 -33.78
C ILE Q 94 -53.18 5.44 -35.02
N GLU Q 95 -53.56 6.72 -35.10
CA GLU Q 95 -54.26 7.23 -36.26
C GLU Q 95 -53.27 7.70 -37.33
N LEU Q 96 -53.44 7.21 -38.55
CA LEU Q 96 -52.65 7.66 -39.69
C LEU Q 96 -53.43 8.79 -40.39
N SER Q 97 -52.73 9.87 -40.70
CA SER Q 97 -53.42 11.09 -41.11
C SER Q 97 -53.91 11.01 -42.55
N SER Q 98 -52.99 10.89 -43.51
CA SER Q 98 -53.33 11.05 -44.91
C SER Q 98 -52.87 9.90 -45.80
N VAL Q 99 -52.41 8.80 -45.22
CA VAL Q 99 -51.98 7.66 -46.03
C VAL Q 99 -53.20 7.06 -46.72
N SER Q 100 -53.17 7.02 -48.06
CA SER Q 100 -54.26 6.47 -48.85
C SER Q 100 -53.81 5.11 -49.38
N VAL Q 101 -54.48 4.05 -48.91
CA VAL Q 101 -54.11 2.68 -49.24
C VAL Q 101 -55.32 1.97 -49.84
N SER Q 102 -55.13 0.70 -50.15
CA SER Q 102 -56.19 -0.15 -50.67
C SER Q 102 -56.03 -1.54 -50.09
N VAL Q 103 -57.17 -2.17 -49.79
CA VAL Q 103 -57.14 -3.46 -49.12
C VAL Q 103 -56.32 -4.46 -49.91
N GLY Q 104 -55.40 -5.15 -49.22
CA GLY Q 104 -54.57 -6.18 -49.81
C GLY Q 104 -53.09 -5.87 -49.80
N GLN Q 105 -52.73 -4.59 -49.85
CA GLN Q 105 -51.33 -4.21 -49.93
C GLN Q 105 -50.57 -4.63 -48.66
N VAL Q 106 -49.24 -4.56 -48.74
CA VAL Q 106 -48.36 -4.89 -47.63
C VAL Q 106 -47.45 -3.71 -47.37
N LEU Q 107 -47.52 -3.15 -46.17
CA LEU Q 107 -46.77 -1.96 -45.79
C LEU Q 107 -45.84 -2.27 -44.64
N THR Q 108 -44.68 -1.63 -44.62
CA THR Q 108 -43.75 -1.74 -43.51
C THR Q 108 -43.71 -0.40 -42.76
N GLY Q 109 -42.87 -0.30 -41.76
CA GLY Q 109 -42.83 0.93 -40.96
C GLY Q 109 -41.76 0.84 -39.90
N ARG Q 110 -41.70 1.89 -39.09
CA ARG Q 110 -40.76 1.99 -37.98
C ARG Q 110 -41.39 2.76 -36.84
N ILE Q 111 -41.01 2.41 -35.62
CA ILE Q 111 -41.27 3.24 -34.44
C ILE Q 111 -39.94 3.76 -33.94
N VAL Q 112 -39.68 5.05 -34.13
CA VAL Q 112 -38.43 5.66 -33.71
C VAL Q 112 -38.60 6.18 -32.29
N LEU Q 113 -37.80 5.64 -31.36
CA LEU Q 113 -37.87 6.04 -29.98
C LEU Q 113 -37.00 7.27 -29.75
N ALA Q 114 -37.10 7.83 -28.55
CA ALA Q 114 -36.30 9.00 -28.21
C ALA Q 114 -34.85 8.64 -27.93
N SER Q 115 -34.60 7.44 -27.40
CA SER Q 115 -33.24 7.03 -27.08
C SER Q 115 -32.41 6.72 -28.32
N GLY Q 116 -33.02 6.16 -29.36
CA GLY Q 116 -32.28 5.83 -30.57
C GLY Q 116 -32.68 4.50 -31.17
N ALA Q 117 -33.09 3.56 -30.31
CA ALA Q 117 -33.56 2.27 -30.80
C ALA Q 117 -34.86 2.41 -31.57
N ILE Q 118 -35.13 1.45 -32.43
CA ILE Q 118 -36.30 1.47 -33.30
C ILE Q 118 -36.97 0.10 -33.26
N SER Q 119 -38.05 -0.05 -34.02
CA SER Q 119 -38.78 -1.29 -34.14
C SER Q 119 -39.60 -1.26 -35.43
N PRO Q 120 -39.42 -2.22 -36.32
CA PRO Q 120 -40.14 -2.21 -37.60
C PRO Q 120 -41.45 -2.98 -37.55
N PHE Q 121 -42.24 -2.83 -38.62
CA PHE Q 121 -43.61 -3.34 -38.65
C PHE Q 121 -43.83 -4.47 -39.65
N THR Q 122 -43.69 -4.20 -40.95
CA THR Q 122 -44.18 -5.08 -42.01
C THR Q 122 -45.60 -5.55 -41.69
N ALA Q 123 -46.52 -4.59 -41.73
CA ALA Q 123 -47.92 -4.81 -41.38
C ALA Q 123 -48.80 -4.69 -42.62
N THR Q 124 -49.67 -5.67 -42.81
CA THR Q 124 -50.57 -5.68 -43.96
C THR Q 124 -51.83 -4.87 -43.67
N VAL Q 125 -52.65 -4.70 -44.70
CA VAL Q 125 -53.89 -3.92 -44.61
C VAL Q 125 -55.07 -4.86 -44.58
N VAL Q 126 -56.07 -4.52 -43.76
CA VAL Q 126 -57.29 -5.29 -43.64
C VAL Q 126 -58.47 -4.32 -43.58
N ALA Q 127 -59.60 -4.71 -44.15
CA ALA Q 127 -60.77 -3.86 -44.19
C ALA Q 127 -61.50 -3.89 -42.86
N ALA Q 128 -62.03 -2.74 -42.45
CA ALA Q 128 -62.79 -2.62 -41.22
C ALA Q 128 -63.87 -1.57 -41.42
N ASP Q 129 -64.79 -1.49 -40.46
CA ASP Q 129 -65.97 -0.64 -40.62
C ASP Q 129 -65.80 0.73 -39.99
N HIS Q 130 -65.57 0.79 -38.68
CA HIS Q 130 -65.60 2.04 -37.94
C HIS Q 130 -64.34 2.22 -37.11
N VAL Q 131 -63.97 3.48 -36.92
CA VAL Q 131 -62.83 3.82 -36.06
C VAL Q 131 -63.20 3.48 -34.61
N PRO Q 132 -62.36 2.74 -33.87
CA PRO Q 132 -62.71 2.39 -32.51
C PRO Q 132 -62.58 3.59 -31.58
N SER Q 133 -63.56 3.71 -30.68
CA SER Q 133 -63.57 4.77 -29.67
C SER Q 133 -63.12 4.16 -28.36
N THR Q 134 -61.83 4.24 -28.07
CA THR Q 134 -61.28 3.64 -26.86
C THR Q 134 -60.02 4.41 -26.47
N GLU Q 135 -59.46 4.03 -25.32
CA GLU Q 135 -58.25 4.65 -24.82
C GLU Q 135 -57.04 4.02 -25.51
N ASN Q 136 -55.85 4.26 -24.95
CA ASN Q 136 -54.60 3.68 -25.44
C ASN Q 136 -54.24 4.21 -26.83
N LYS Q 137 -54.46 5.50 -27.04
CA LYS Q 137 -53.96 6.16 -28.23
C LYS Q 137 -52.56 6.68 -27.97
N LEU Q 138 -51.72 6.67 -29.00
CA LEU Q 138 -50.32 6.97 -28.84
C LEU Q 138 -49.87 8.31 -29.38
N CYS Q 139 -50.55 8.85 -30.39
CA CYS Q 139 -50.15 10.13 -30.98
C CYS Q 139 -51.42 10.92 -31.31
N SER Q 140 -51.81 11.78 -30.38
CA SER Q 140 -53.00 12.60 -30.55
C SER Q 140 -52.68 14.08 -30.39
N MET R 1 53.80 28.23 79.13
CA MET R 1 54.99 29.07 78.96
C MET R 1 54.74 30.47 79.50
N THR R 2 55.80 31.23 79.71
CA THR R 2 55.68 32.59 80.21
C THR R 2 54.78 33.40 79.27
N SER R 3 54.00 34.32 79.86
CA SER R 3 53.04 35.09 79.09
C SER R 3 53.69 35.86 77.95
N LEU R 4 55.00 36.11 78.02
CA LEU R 4 55.70 36.67 76.86
C LEU R 4 55.56 35.73 75.67
N GLU R 5 55.75 34.43 75.91
CA GLU R 5 55.61 33.45 74.84
C GLU R 5 54.18 33.39 74.33
N ILE R 6 53.20 33.36 75.24
CA ILE R 6 51.82 33.30 74.79
C ILE R 6 51.47 34.55 74.00
N ALA R 7 52.03 35.69 74.37
CA ALA R 7 51.82 36.91 73.60
C ALA R 7 52.36 36.77 72.18
N ILE R 8 53.62 36.36 72.05
CA ILE R 8 54.21 36.20 70.72
C ILE R 8 53.42 35.20 69.89
N ILE R 9 53.16 34.03 70.47
CA ILE R 9 52.49 32.96 69.74
C ILE R 9 51.08 33.35 69.37
N VAL R 10 50.35 34.03 70.26
CA VAL R 10 48.98 34.43 69.93
C VAL R 10 48.98 35.50 68.85
N ALA R 11 49.97 36.39 68.85
CA ALA R 11 50.07 37.37 67.77
C ALA R 11 50.25 36.68 66.42
N ILE R 12 51.25 35.80 66.32
CA ILE R 12 51.53 35.14 65.04
C ILE R 12 50.35 34.26 64.63
N VAL R 13 49.81 33.51 65.59
CA VAL R 13 48.66 32.66 65.39
C VAL R 13 47.44 33.44 64.89
N LEU R 14 47.16 34.60 65.47
CA LEU R 14 46.00 35.37 65.04
C LEU R 14 46.22 35.93 63.65
N VAL R 15 47.44 36.40 63.36
CA VAL R 15 47.73 36.88 62.00
C VAL R 15 47.47 35.77 60.98
N ILE R 16 48.00 34.58 61.25
CA ILE R 16 47.86 33.47 60.29
C ILE R 16 46.39 33.08 60.14
N ALA R 17 45.67 32.99 61.25
CA ALA R 17 44.26 32.59 61.19
C ALA R 17 43.44 33.59 60.40
N ILE R 18 43.62 34.89 60.64
CA ILE R 18 42.86 35.89 59.90
C ILE R 18 43.21 35.81 58.42
N ALA R 19 44.50 35.64 58.10
CA ALA R 19 44.91 35.53 56.70
C ALA R 19 44.18 34.38 56.01
N VAL R 20 44.19 33.20 56.64
CA VAL R 20 43.58 32.03 56.02
C VAL R 20 42.07 32.19 55.91
N GLY R 21 41.43 32.77 56.94
CA GLY R 21 40.00 32.94 56.89
C GLY R 21 39.55 33.85 55.77
N TRP R 22 40.18 35.02 55.66
CA TRP R 22 39.81 35.90 54.56
C TRP R 22 40.30 35.39 53.21
N TYR R 23 41.29 34.49 53.21
CA TYR R 23 41.59 33.76 51.99
C TYR R 23 40.41 32.91 51.55
N LEU R 24 39.80 32.19 52.49
CA LEU R 24 38.60 31.42 52.18
C LEU R 24 37.49 32.32 51.65
N TYR R 25 37.28 33.47 52.31
CA TYR R 25 36.28 34.42 51.81
C TYR R 25 36.56 34.86 50.38
N THR R 26 37.82 35.21 50.09
CA THR R 26 38.13 35.69 48.75
C THR R 26 37.97 34.59 47.71
N THR R 27 38.34 33.36 48.07
CA THR R 27 38.15 32.24 47.16
C THR R 27 36.67 32.04 46.86
N PHE R 28 35.82 32.15 47.89
CA PHE R 28 34.39 32.03 47.65
C PHE R 28 33.87 33.16 46.77
N ALA R 29 34.33 34.38 47.02
CA ALA R 29 33.88 35.52 46.22
C ALA R 29 34.33 35.39 44.77
N ALA R 30 35.47 34.74 44.53
CA ALA R 30 35.91 34.55 43.15
C ALA R 30 35.17 33.38 42.49
N ALA R 31 34.86 32.35 43.26
CA ALA R 31 34.11 31.21 42.71
C ALA R 31 32.67 31.56 42.41
N GLY R 32 32.09 32.52 43.13
CA GLY R 32 30.72 32.91 42.86
C GLY R 32 30.53 33.61 41.53
N GLN R 33 31.61 34.09 40.92
CA GLN R 33 31.53 34.83 39.67
C GLN R 33 31.78 33.95 38.45
N GLN R 34 31.68 32.64 38.60
CA GLN R 34 31.81 31.76 37.45
C GLN R 34 30.60 31.94 36.53
N THR R 35 30.86 32.19 35.25
CA THR R 35 29.82 32.63 34.36
C THR R 35 29.90 31.87 33.04
N GLY R 36 28.91 32.10 32.19
CA GLY R 36 28.85 31.46 30.89
C GLY R 36 27.59 31.89 30.17
N LEU R 37 27.63 31.73 28.85
CA LEU R 37 26.51 32.12 28.01
C LEU R 37 25.52 30.97 27.86
N THR R 38 24.27 31.34 27.58
CA THR R 38 23.23 30.37 27.24
C THR R 38 22.30 31.02 26.22
N ALA R 39 21.77 30.22 25.31
CA ALA R 39 20.91 30.70 24.25
C ALA R 39 19.49 30.21 24.51
N THR R 40 18.51 31.04 24.18
CA THR R 40 17.11 30.67 24.36
C THR R 40 16.32 30.69 23.06
N LYS R 41 16.86 31.26 21.99
CA LYS R 41 16.13 31.34 20.73
C LYS R 41 17.09 31.73 19.62
N ALA R 42 17.06 30.99 18.50
CA ALA R 42 17.96 31.29 17.40
C ALA R 42 17.32 30.81 16.11
N THR R 43 17.23 31.71 15.13
CA THR R 43 16.67 31.39 13.82
C THR R 43 17.44 32.16 12.77
N ILE R 44 18.33 31.48 12.05
CA ILE R 44 19.08 32.13 10.99
C ILE R 44 18.13 32.69 9.94
N TYR R 45 18.28 33.97 9.63
CA TYR R 45 17.45 34.63 8.64
C TYR R 45 18.23 34.82 7.35
N VAL R 46 17.53 34.76 6.22
CA VAL R 46 18.12 34.94 4.91
C VAL R 46 17.28 35.94 4.13
N THR R 47 17.96 36.87 3.46
CA THR R 47 17.28 37.86 2.63
C THR R 47 17.17 37.37 1.19
N LYS R 48 16.45 38.14 0.37
CA LYS R 48 16.29 37.77 -1.02
C LYS R 48 17.58 37.95 -1.81
N ASP R 49 18.44 38.87 -1.39
CA ASP R 49 19.66 39.20 -2.13
C ASP R 49 20.86 38.38 -1.68
N GLY R 50 20.68 37.41 -0.79
CA GLY R 50 21.75 36.55 -0.37
C GLY R 50 22.35 36.90 0.98
N ASN R 51 22.07 38.08 1.52
CA ASN R 51 22.57 38.44 2.84
C ASN R 51 21.90 37.59 3.91
N VAL R 52 22.71 36.97 4.75
CA VAL R 52 22.20 36.16 5.85
C VAL R 52 22.72 36.73 7.16
N TYR R 53 21.95 36.54 8.22
CA TYR R 53 22.30 37.07 9.53
C TYR R 53 21.55 36.29 10.59
N LEU R 54 22.21 36.05 11.71
CA LEU R 54 21.62 35.31 12.82
C LEU R 54 20.99 36.28 13.80
N ASN R 55 19.77 35.95 14.24
CA ASN R 55 19.01 36.78 15.18
C ASN R 55 18.79 35.94 16.43
N VAL R 56 19.74 35.99 17.35
CA VAL R 56 19.76 35.12 18.52
C VAL R 56 19.41 35.94 19.76
N THR R 57 19.02 35.24 20.81
CA THR R 57 18.72 35.84 22.11
C THR R 57 19.61 35.21 23.17
N LEU R 58 20.44 36.01 23.79
CA LEU R 58 21.42 35.52 24.76
C LEU R 58 21.01 35.91 26.17
N VAL R 59 21.48 35.12 27.14
CA VAL R 59 21.28 35.39 28.55
C VAL R 59 22.56 35.02 29.29
N PRO R 60 23.27 35.96 29.89
CA PRO R 60 24.47 35.61 30.64
C PRO R 60 24.12 34.88 31.92
N GLN R 61 24.63 33.66 32.05
CA GLN R 61 24.49 32.86 33.25
C GLN R 61 25.64 33.25 34.18
N GLY R 62 25.31 33.73 35.36
CA GLY R 62 26.29 34.22 36.31
C GLY R 62 26.13 35.71 36.53
N ALA R 63 27.18 36.30 37.10
CA ALA R 63 27.23 37.74 37.32
C ALA R 63 28.57 38.24 36.79
N ALA R 64 28.63 38.47 35.48
CA ALA R 64 29.84 38.93 34.84
C ALA R 64 29.51 39.38 33.42
N GLN R 65 30.52 39.94 32.76
CA GLN R 65 30.42 40.36 31.37
C GLN R 65 31.23 39.37 30.54
N VAL R 66 30.55 38.34 30.02
CA VAL R 66 31.23 37.31 29.24
C VAL R 66 31.78 37.90 27.96
N ALA R 67 32.85 37.30 27.45
CA ALA R 67 33.50 37.73 26.23
C ALA R 67 33.40 36.63 25.19
N ILE R 68 32.80 36.94 24.05
CA ILE R 68 32.60 35.99 22.95
C ILE R 68 33.86 35.99 22.11
N SER R 69 34.42 34.79 21.89
CA SER R 69 35.66 34.67 21.12
C SER R 69 35.39 34.45 19.64
N SER R 70 34.56 33.46 19.29
CA SER R 70 34.31 33.15 17.90
C SER R 70 32.99 32.41 17.79
N ILE R 71 32.36 32.55 16.63
CA ILE R 71 31.09 31.88 16.31
C ILE R 71 31.35 30.90 15.19
N GLU R 72 30.99 29.64 15.42
CA GLU R 72 31.17 28.58 14.43
C GLU R 72 29.81 27.97 14.14
N VAL R 73 29.29 28.22 12.94
CA VAL R 73 27.99 27.72 12.52
C VAL R 73 28.13 27.04 11.17
N ALA R 74 27.69 25.78 11.08
CA ALA R 74 27.70 25.01 9.85
C ALA R 74 29.11 24.91 9.26
N GLY R 75 30.10 24.74 10.13
CA GLY R 75 31.47 24.57 9.70
C GLY R 75 32.22 25.84 9.37
N VAL R 76 31.52 26.96 9.21
CA VAL R 76 32.14 28.24 8.91
C VAL R 76 32.35 28.98 10.22
N SER R 77 33.61 29.30 10.53
CA SER R 77 33.96 30.02 11.74
C SER R 77 34.03 31.51 11.44
N ILE R 78 33.62 32.32 12.41
CA ILE R 78 33.62 33.77 12.25
C ILE R 78 34.27 34.41 13.48
N PRO R 79 35.45 35.00 13.35
CA PRO R 79 36.09 35.63 14.50
C PRO R 79 35.39 36.92 14.89
N CYS R 80 35.50 37.25 16.17
CA CYS R 80 34.90 38.45 16.74
C CYS R 80 35.97 39.22 17.48
N THR R 81 36.27 40.43 17.01
CA THR R 81 37.31 41.26 17.59
C THR R 81 36.80 42.62 18.04
N SER R 82 35.49 42.85 17.98
CA SER R 82 34.92 44.12 18.42
C SER R 82 33.49 43.90 18.84
N SER R 83 33.05 44.64 19.86
CA SER R 83 31.70 44.54 20.41
C SER R 83 31.39 43.12 20.86
N ASN R 84 32.41 42.39 21.30
CA ASN R 84 32.27 40.99 21.68
C ASN R 84 31.90 40.79 23.14
N LEU R 85 31.28 41.78 23.77
CA LEU R 85 30.87 41.70 25.16
C LEU R 85 29.35 41.65 25.25
N VAL R 86 28.84 40.76 26.09
CA VAL R 86 27.42 40.63 26.35
C VAL R 86 27.12 41.33 27.65
N LYS R 87 26.52 42.51 27.58
CA LYS R 87 26.32 43.34 28.76
C LYS R 87 25.09 42.96 29.56
N ALA R 88 24.04 42.50 28.90
CA ALA R 88 22.77 42.24 29.57
C ALA R 88 21.94 41.31 28.70
N PRO R 89 20.99 40.57 29.28
CA PRO R 89 20.14 39.71 28.47
C PRO R 89 19.35 40.52 27.45
N GLY R 90 19.21 39.96 26.25
CA GLY R 90 18.47 40.64 25.21
C GLY R 90 18.61 39.89 23.89
N GLU R 91 18.06 40.50 22.85
CA GLU R 91 18.09 39.96 21.51
C GLU R 91 19.24 40.60 20.74
N TYR R 92 20.15 39.77 20.22
CA TYR R 92 21.33 40.26 19.55
C TYR R 92 21.37 39.73 18.11
N VAL R 93 22.05 40.48 17.25
CA VAL R 93 22.10 40.19 15.82
C VAL R 93 23.56 39.99 15.43
N ILE R 94 23.86 38.82 14.87
CA ILE R 94 25.20 38.49 14.43
C ILE R 94 25.17 38.34 12.91
N GLU R 95 26.05 39.05 12.23
CA GLU R 95 26.13 38.97 10.77
C GLU R 95 26.98 37.77 10.36
N LEU R 96 26.44 36.96 9.45
CA LEU R 96 27.18 35.84 8.87
C LEU R 96 27.72 36.28 7.51
N SER R 97 29.00 36.02 7.27
CA SER R 97 29.69 36.63 6.14
C SER R 97 29.32 35.96 4.83
N SER R 98 29.69 34.69 4.67
CA SER R 98 29.63 34.03 3.36
C SER R 98 28.87 32.71 3.36
N VAL R 99 28.21 32.35 4.46
CA VAL R 99 27.46 31.11 4.50
C VAL R 99 26.29 31.20 3.54
N SER R 100 26.30 30.36 2.50
CA SER R 100 25.25 30.35 1.49
C SER R 100 24.32 29.18 1.78
N VAL R 101 23.08 29.49 2.15
CA VAL R 101 22.10 28.48 2.55
C VAL R 101 20.86 28.64 1.70
N SER R 102 19.86 27.82 1.98
CA SER R 102 18.58 27.87 1.31
C SER R 102 17.48 27.63 2.33
N VAL R 103 16.33 28.28 2.12
CA VAL R 103 15.24 28.20 3.08
C VAL R 103 14.84 26.75 3.31
N GLY R 104 14.74 26.38 4.59
CA GLY R 104 14.29 25.06 4.99
C GLY R 104 15.33 24.25 5.73
N GLN R 105 16.61 24.47 5.46
CA GLN R 105 17.66 23.66 6.05
C GLN R 105 17.71 23.86 7.56
N VAL R 106 18.43 22.96 8.23
CA VAL R 106 18.59 22.98 9.68
C VAL R 106 20.08 23.00 9.99
N LEU R 107 20.54 24.08 10.63
CA LEU R 107 21.94 24.29 10.93
C LEU R 107 22.16 24.33 12.44
N THR R 108 23.29 23.79 12.88
CA THR R 108 23.69 23.90 14.27
C THR R 108 24.79 24.94 14.38
N GLY R 109 25.36 25.10 15.58
CA GLY R 109 26.38 26.12 15.76
C GLY R 109 26.92 26.08 17.18
N ARG R 110 27.83 27.01 17.44
CA ARG R 110 28.46 27.17 18.74
C ARG R 110 28.83 28.62 18.98
N ILE R 111 28.79 29.03 20.24
CA ILE R 111 29.39 30.29 20.67
C ILE R 111 30.54 29.94 21.61
N VAL R 112 31.77 30.21 21.18
CA VAL R 112 32.95 29.92 21.98
C VAL R 112 33.30 31.16 22.79
N LEU R 113 33.29 31.02 24.11
CA LEU R 113 33.59 32.13 25.00
C LEU R 113 35.10 32.25 25.20
N ALA R 114 35.50 33.28 25.93
CA ALA R 114 36.92 33.46 26.22
C ALA R 114 37.40 32.54 27.34
N SER R 115 36.53 32.23 28.30
CA SER R 115 36.92 31.37 29.40
C SER R 115 37.05 29.91 29.00
N GLY R 116 36.16 29.42 28.14
CA GLY R 116 36.21 28.03 27.71
C GLY R 116 34.85 27.40 27.53
N ALA R 117 33.85 27.91 28.26
CA ALA R 117 32.49 27.42 28.09
C ALA R 117 31.95 27.75 26.71
N ILE R 118 30.97 26.97 26.27
CA ILE R 118 30.38 27.11 24.95
C ILE R 118 28.86 27.08 25.08
N SER R 119 28.17 27.22 23.94
CA SER R 119 26.74 27.15 23.88
C SER R 119 26.33 26.82 22.45
N PRO R 120 25.59 25.74 22.23
CA PRO R 120 25.21 25.34 20.87
C PRO R 120 23.87 25.93 20.45
N PHE R 121 23.58 25.81 19.15
CA PHE R 121 22.43 26.48 18.54
C PHE R 121 21.34 25.54 18.07
N THR R 122 21.64 24.68 17.10
CA THR R 122 20.62 23.96 16.32
C THR R 122 19.48 24.90 15.92
N ALA R 123 19.83 25.85 15.04
CA ALA R 123 18.92 26.88 14.60
C ALA R 123 18.54 26.65 13.14
N THR R 124 17.24 26.71 12.85
CA THR R 124 16.75 26.54 11.50
C THR R 124 16.78 27.85 10.72
N VAL R 125 16.55 27.76 9.42
CA VAL R 125 16.58 28.90 8.53
C VAL R 125 15.14 29.33 8.22
N VAL R 126 14.92 30.63 8.11
CA VAL R 126 13.62 31.20 7.78
C VAL R 126 13.84 32.36 6.83
N ALA R 127 12.96 32.50 5.85
CA ALA R 127 13.08 33.55 4.85
C ALA R 127 12.65 34.88 5.44
N ALA R 128 13.39 35.93 5.07
CA ALA R 128 13.09 37.29 5.50
C ALA R 128 13.46 38.25 4.38
N ASP R 129 13.07 39.51 4.55
CA ASP R 129 13.19 40.48 3.47
C ASP R 129 14.46 41.32 3.56
N HIS R 130 14.64 42.07 4.65
CA HIS R 130 15.69 43.07 4.73
C HIS R 130 16.50 42.89 6.01
N VAL R 131 17.77 43.28 5.92
CA VAL R 131 18.66 43.27 7.09
C VAL R 131 18.20 44.35 8.06
N PRO R 132 17.99 44.04 9.34
CA PRO R 132 17.51 45.07 10.27
C PRO R 132 18.63 46.03 10.65
N SER R 133 18.29 47.31 10.71
CA SER R 133 19.22 48.35 11.11
C SER R 133 18.92 48.70 12.56
N THR R 134 19.65 48.08 13.47
CA THR R 134 19.44 48.29 14.90
C THR R 134 20.75 48.06 15.62
N GLU R 135 20.74 48.32 16.92
CA GLU R 135 21.90 48.11 17.78
C GLU R 135 21.99 46.64 18.16
N ASN R 136 22.82 46.34 19.16
CA ASN R 136 22.96 44.98 19.71
C ASN R 136 23.58 44.04 18.69
N LYS R 137 24.59 44.53 17.96
CA LYS R 137 25.41 43.67 17.12
C LYS R 137 26.57 43.13 17.95
N LEU R 138 26.97 41.89 17.64
CA LEU R 138 27.95 41.20 18.46
C LEU R 138 29.32 41.06 17.83
N CYS R 139 29.42 41.02 16.51
CA CYS R 139 30.72 40.85 15.84
C CYS R 139 30.71 41.74 14.60
N SER R 140 31.21 42.97 14.75
CA SER R 140 31.26 43.91 13.65
C SER R 140 32.69 44.30 13.32
N MET S 1 2.55 0.20 4.03
CA MET S 1 3.99 0.44 3.99
C MET S 1 4.31 1.89 4.27
N THR S 2 5.60 2.20 4.45
CA THR S 2 6.03 3.57 4.65
C THR S 2 5.65 4.40 3.42
N SER S 3 5.37 5.69 3.65
CA SER S 3 4.92 6.55 2.56
C SER S 3 5.94 6.65 1.45
N LEU S 4 7.22 6.41 1.73
CA LEU S 4 8.20 6.28 0.66
C LEU S 4 7.81 5.13 -0.27
N GLU S 5 7.43 4.01 0.32
CA GLU S 5 7.03 2.85 -0.46
C GLU S 5 5.78 3.12 -1.26
N ILE S 6 4.78 3.73 -0.63
CA ILE S 6 3.55 4.05 -1.33
C ILE S 6 3.83 5.05 -2.45
N ALA S 7 4.78 5.95 -2.23
CA ALA S 7 5.16 6.88 -3.30
C ALA S 7 5.71 6.14 -4.51
N ILE S 8 6.70 5.26 -4.27
CA ILE S 8 7.30 4.52 -5.39
C ILE S 8 6.25 3.67 -6.09
N ILE S 9 5.47 2.92 -5.32
CA ILE S 9 4.49 2.02 -5.90
C ILE S 9 3.41 2.77 -6.64
N VAL S 10 2.94 3.91 -6.11
CA VAL S 10 1.92 4.67 -6.79
C VAL S 10 2.45 5.28 -8.07
N ALA S 11 3.72 5.70 -8.08
CA ALA S 11 4.31 6.21 -9.32
C ALA S 11 4.31 5.14 -10.40
N ILE S 12 4.84 3.96 -10.07
CA ILE S 12 4.92 2.89 -11.07
C ILE S 12 3.52 2.44 -11.50
N VAL S 13 2.63 2.29 -10.53
CA VAL S 13 1.23 1.94 -10.76
C VAL S 13 0.55 2.93 -11.69
N LEU S 14 0.73 4.23 -11.47
CA LEU S 14 0.09 5.21 -12.32
C LEU S 14 0.64 5.17 -13.72
N VAL S 15 1.96 5.01 -13.87
CA VAL S 15 2.55 4.90 -15.19
C VAL S 15 1.93 3.73 -15.95
N ILE S 16 1.88 2.57 -15.31
CA ILE S 16 1.37 1.37 -15.99
C ILE S 16 -0.10 1.52 -16.33
N ALA S 17 -0.89 2.08 -15.41
CA ALA S 17 -2.31 2.24 -15.66
C ALA S 17 -2.57 3.17 -16.82
N ILE S 18 -1.87 4.31 -16.87
CA ILE S 18 -2.05 5.24 -17.98
C ILE S 18 -1.66 4.58 -19.29
N ALA S 19 -0.54 3.84 -19.29
CA ALA S 19 -0.12 3.15 -20.50
C ALA S 19 -1.20 2.21 -21.01
N VAL S 20 -1.76 1.39 -20.13
CA VAL S 20 -2.75 0.41 -20.56
C VAL S 20 -4.04 1.09 -20.99
N GLY S 21 -4.45 2.14 -20.29
CA GLY S 21 -5.68 2.83 -20.67
C GLY S 21 -5.58 3.44 -22.06
N TRP S 22 -4.49 4.14 -22.34
CA TRP S 22 -4.37 4.71 -23.67
C TRP S 22 -4.03 3.65 -24.72
N TYR S 23 -3.52 2.48 -24.31
CA TYR S 23 -3.49 1.35 -25.22
C TYR S 23 -4.89 0.95 -25.65
N LEU S 24 -5.83 0.91 -24.70
CA LEU S 24 -7.22 0.61 -25.04
C LEU S 24 -7.79 1.66 -25.98
N TYR S 25 -7.55 2.93 -25.68
CA TYR S 25 -7.99 3.99 -26.58
C TYR S 25 -7.45 3.81 -27.98
N THR S 26 -6.15 3.51 -28.11
CA THR S 26 -5.57 3.39 -29.45
C THR S 26 -6.10 2.16 -30.17
N THR S 27 -6.37 1.08 -29.42
CA THR S 27 -6.99 -0.09 -30.05
C THR S 27 -8.36 0.27 -30.61
N PHE S 28 -9.14 1.04 -29.86
CA PHE S 28 -10.44 1.45 -30.37
C PHE S 28 -10.29 2.35 -31.59
N ALA S 29 -9.33 3.28 -31.56
CA ALA S 29 -9.15 4.18 -32.68
C ALA S 29 -8.68 3.45 -33.92
N ALA S 30 -7.95 2.35 -33.76
CA ALA S 30 -7.51 1.58 -34.92
C ALA S 30 -8.60 0.66 -35.42
N ALA S 31 -9.43 0.13 -34.52
CA ALA S 31 -10.53 -0.72 -34.94
C ALA S 31 -11.64 0.07 -35.62
N GLY S 32 -11.79 1.35 -35.28
CA GLY S 32 -12.82 2.15 -35.93
C GLY S 32 -12.54 2.44 -37.39
N GLN S 33 -11.30 2.23 -37.85
CA GLN S 33 -10.91 2.51 -39.22
C GLN S 33 -10.94 1.27 -40.11
N GLN S 34 -11.62 0.21 -39.66
CA GLN S 34 -11.76 -0.96 -40.51
C GLN S 34 -12.71 -0.64 -41.65
N THR S 35 -12.25 -0.88 -42.88
CA THR S 35 -12.95 -0.39 -44.06
C THR S 35 -13.07 -1.48 -45.10
N GLY S 36 -13.74 -1.15 -46.20
CA GLY S 36 -13.96 -2.10 -47.27
C GLY S 36 -14.86 -1.48 -48.31
N LEU S 37 -14.79 -2.04 -49.51
CA LEU S 37 -15.57 -1.54 -50.64
C LEU S 37 -16.94 -2.19 -50.71
N THR S 38 -17.88 -1.49 -51.32
CA THR S 38 -19.19 -2.03 -51.63
C THR S 38 -19.66 -1.41 -52.94
N ALA S 39 -20.44 -2.17 -53.70
CA ALA S 39 -20.92 -1.74 -55.01
C ALA S 39 -22.42 -1.55 -54.93
N THR S 40 -22.93 -0.53 -55.63
CA THR S 40 -24.36 -0.27 -55.66
C THR S 40 -24.95 -0.38 -57.06
N LYS S 41 -24.13 -0.39 -58.10
CA LYS S 41 -24.63 -0.44 -59.47
C LYS S 41 -23.49 -0.79 -60.43
N ALA S 42 -23.70 -1.79 -61.28
CA ALA S 42 -22.66 -2.20 -62.21
C ALA S 42 -23.31 -2.80 -63.44
N THR S 43 -22.96 -2.26 -64.61
CA THR S 43 -23.50 -2.76 -65.89
C THR S 43 -22.38 -2.67 -66.91
N ILE S 44 -21.83 -3.82 -67.31
CA ILE S 44 -20.77 -3.84 -68.31
C ILE S 44 -21.30 -3.31 -69.63
N TYR S 45 -20.57 -2.37 -70.22
CA TYR S 45 -20.95 -1.78 -71.50
C TYR S 45 -20.05 -2.29 -72.60
N VAL S 46 -20.61 -2.46 -73.80
CA VAL S 46 -19.88 -2.93 -74.96
C VAL S 46 -20.15 -1.97 -76.11
N THR S 47 -19.11 -1.64 -76.85
CA THR S 47 -19.23 -0.76 -78.02
C THR S 47 -19.35 -1.60 -79.29
N LYS S 48 -19.64 -0.89 -80.39
CA LYS S 48 -19.80 -1.58 -81.67
C LYS S 48 -18.48 -2.11 -82.19
N ASP S 49 -17.36 -1.51 -81.81
CA ASP S 49 -16.05 -1.89 -82.33
C ASP S 49 -15.33 -2.90 -81.45
N GLY S 50 -15.99 -3.44 -80.43
CA GLY S 50 -15.40 -4.46 -79.58
C GLY S 50 -14.84 -3.96 -78.28
N ASN S 51 -14.67 -2.65 -78.12
CA ASN S 51 -14.17 -2.10 -76.86
C ASN S 51 -15.23 -2.26 -75.77
N VAL S 52 -14.83 -2.82 -74.64
CA VAL S 52 -15.72 -3.01 -73.51
C VAL S 52 -15.16 -2.27 -72.31
N TYR S 53 -16.06 -1.82 -71.43
CA TYR S 53 -15.67 -1.09 -70.24
C TYR S 53 -16.77 -1.21 -69.21
N LEU S 54 -16.38 -1.40 -67.96
CA LEU S 54 -17.33 -1.53 -66.86
C LEU S 54 -17.58 -0.16 -66.23
N ASN S 55 -18.84 0.18 -66.05
CA ASN S 55 -19.25 1.48 -65.49
C ASN S 55 -19.90 1.20 -64.14
N VAL S 56 -19.09 1.17 -63.09
CA VAL S 56 -19.53 0.79 -61.75
C VAL S 56 -19.59 2.02 -60.86
N THR S 57 -20.37 1.92 -59.79
CA THR S 57 -20.50 2.99 -58.80
C THR S 57 -20.06 2.44 -57.46
N LEU S 58 -18.98 2.99 -56.90
CA LEU S 58 -18.39 2.49 -55.68
C LEU S 58 -18.71 3.40 -54.50
N VAL S 59 -18.70 2.81 -53.31
CA VAL S 59 -18.89 3.54 -52.06
C VAL S 59 -17.99 2.92 -51.00
N PRO S 60 -17.01 3.66 -50.47
CA PRO S 60 -16.16 3.09 -49.42
C PRO S 60 -16.91 2.98 -48.11
N GLN S 61 -17.01 1.75 -47.59
CA GLN S 61 -17.58 1.49 -46.29
C GLN S 61 -16.46 1.68 -45.27
N GLY S 62 -16.67 2.58 -44.33
CA GLY S 62 -15.67 2.93 -43.36
C GLY S 62 -15.19 4.37 -43.54
N ALA S 63 -14.07 4.66 -42.89
CA ALA S 63 -13.44 5.97 -43.01
C ALA S 63 -11.96 5.75 -43.35
N ALA S 64 -11.68 5.54 -44.63
CA ALA S 64 -10.32 5.29 -45.09
C ALA S 64 -10.29 5.38 -46.59
N GLN S 65 -9.08 5.31 -47.14
CA GLN S 65 -8.86 5.28 -48.59
C GLN S 65 -8.50 3.85 -48.96
N VAL S 66 -9.51 3.08 -49.36
CA VAL S 66 -9.28 1.69 -49.71
C VAL S 66 -8.42 1.60 -50.97
N ALA S 67 -7.70 0.49 -51.11
CA ALA S 67 -6.82 0.25 -52.23
C ALA S 67 -7.29 -0.97 -53.01
N ILE S 68 -7.52 -0.80 -54.31
CA ILE S 68 -7.96 -1.88 -55.18
C ILE S 68 -6.75 -2.65 -55.66
N SER S 69 -6.79 -3.97 -55.56
CA SER S 69 -5.67 -4.80 -55.99
C SER S 69 -5.86 -5.34 -57.40
N SER S 70 -7.01 -5.96 -57.67
CA SER S 70 -7.25 -6.54 -58.98
C SER S 70 -8.75 -6.72 -59.18
N ILE S 71 -9.16 -6.73 -60.44
CA ILE S 71 -10.55 -6.95 -60.83
C ILE S 71 -10.62 -8.25 -61.62
N GLU S 72 -11.46 -9.17 -61.17
CA GLU S 72 -11.62 -10.46 -61.82
C GLU S 72 -13.07 -10.57 -62.28
N VAL S 73 -13.29 -10.59 -63.59
CA VAL S 73 -14.62 -10.63 -64.18
C VAL S 73 -14.66 -11.78 -65.17
N ALA S 74 -15.58 -12.72 -64.95
CA ALA S 74 -15.83 -13.83 -65.87
C ALA S 74 -14.56 -14.62 -66.15
N GLY S 75 -13.72 -14.78 -65.13
CA GLY S 75 -12.51 -15.56 -65.26
C GLY S 75 -11.30 -14.82 -65.74
N VAL S 76 -11.46 -13.61 -66.25
CA VAL S 76 -10.35 -12.80 -66.72
C VAL S 76 -9.94 -11.84 -65.61
N SER S 77 -8.72 -12.02 -65.09
CA SER S 77 -8.19 -11.16 -64.05
C SER S 77 -7.45 -9.99 -64.67
N ILE S 78 -7.56 -8.83 -64.04
CA ILE S 78 -6.93 -7.61 -64.55
C ILE S 78 -6.22 -6.90 -63.41
N PRO S 79 -4.90 -6.84 -63.42
CA PRO S 79 -4.17 -6.16 -62.35
C PRO S 79 -4.35 -4.65 -62.42
N CYS S 80 -4.18 -4.01 -61.28
CA CYS S 80 -4.30 -2.56 -61.17
C CYS S 80 -3.05 -2.04 -60.44
N THR S 81 -2.26 -1.23 -61.14
CA THR S 81 -1.00 -0.72 -60.61
C THR S 81 -0.95 0.80 -60.59
N SER S 82 -2.04 1.48 -60.94
CA SER S 82 -2.07 2.93 -60.94
C SER S 82 -3.51 3.40 -60.74
N SER S 83 -3.66 4.51 -60.02
CA SER S 83 -4.97 5.10 -59.72
C SER S 83 -5.88 4.09 -59.02
N ASN S 84 -5.30 3.19 -58.23
CA ASN S 84 -6.05 2.13 -57.58
C ASN S 84 -6.60 2.54 -56.21
N LEU S 85 -6.79 3.84 -55.99
CA LEU S 85 -7.33 4.34 -54.74
C LEU S 85 -8.74 4.88 -54.97
N VAL S 86 -9.65 4.55 -54.07
CA VAL S 86 -11.01 5.07 -54.09
C VAL S 86 -11.09 6.19 -53.08
N LYS S 87 -11.10 7.43 -53.56
CA LYS S 87 -11.02 8.59 -52.67
C LYS S 87 -12.36 8.99 -52.08
N ALA S 88 -13.44 8.84 -52.84
CA ALA S 88 -14.76 9.31 -52.41
C ALA S 88 -15.82 8.55 -53.19
N PRO S 89 -17.03 8.43 -52.64
CA PRO S 89 -18.10 7.74 -53.38
C PRO S 89 -18.39 8.43 -54.70
N GLY S 90 -18.61 7.62 -55.73
CA GLY S 90 -18.90 8.16 -57.04
C GLY S 90 -18.95 7.06 -58.07
N GLU S 91 -19.10 7.48 -59.33
CA GLU S 91 -19.18 6.57 -60.46
C GLU S 91 -17.79 6.45 -61.09
N TYR S 92 -17.34 5.23 -61.29
CA TYR S 92 -16.01 4.97 -61.82
C TYR S 92 -16.08 4.09 -63.06
N VAL S 93 -15.06 4.22 -63.91
CA VAL S 93 -15.02 3.54 -65.19
C VAL S 93 -13.74 2.71 -65.25
N ILE S 94 -13.90 1.42 -65.54
CA ILE S 94 -12.78 0.49 -65.64
C ILE S 94 -12.80 -0.12 -67.03
N GLU S 95 -11.66 -0.05 -67.73
CA GLU S 95 -11.55 -0.67 -69.04
C GLU S 95 -11.20 -2.14 -68.89
N LEU S 96 -11.97 -3.01 -69.53
CA LEU S 96 -11.67 -4.43 -69.59
C LEU S 96 -10.84 -4.67 -70.86
N SER S 97 -9.77 -5.45 -70.73
CA SER S 97 -8.77 -5.50 -71.78
C SER S 97 -9.24 -6.31 -72.98
N SER S 98 -9.46 -7.61 -72.78
CA SER S 98 -9.68 -8.52 -73.90
C SER S 98 -10.92 -9.38 -73.77
N VAL S 99 -11.77 -9.12 -72.79
CA VAL S 99 -12.99 -9.93 -72.63
C VAL S 99 -13.91 -9.67 -73.81
N SER S 100 -14.20 -10.72 -74.57
CA SER S 100 -15.09 -10.64 -75.73
C SER S 100 -16.45 -11.22 -75.34
N VAL S 101 -17.46 -10.35 -75.29
CA VAL S 101 -18.78 -10.72 -74.84
C VAL S 101 -19.79 -10.44 -75.95
N SER S 102 -21.05 -10.71 -75.66
CA SER S 102 -22.15 -10.42 -76.59
C SER S 102 -23.33 -9.90 -75.78
N VAL S 103 -24.06 -8.96 -76.37
CA VAL S 103 -25.14 -8.29 -75.66
C VAL S 103 -26.15 -9.31 -75.17
N GLY S 104 -26.48 -9.23 -73.88
CA GLY S 104 -27.49 -10.07 -73.26
C GLY S 104 -26.96 -10.97 -72.17
N GLN S 105 -25.69 -11.34 -72.22
CA GLN S 105 -25.12 -12.25 -71.24
C GLN S 105 -25.14 -11.66 -69.84
N VAL S 106 -24.91 -12.50 -68.85
CA VAL S 106 -24.89 -12.11 -67.45
C VAL S 106 -23.54 -12.53 -66.87
N LEU S 107 -22.75 -11.54 -66.45
CA LEU S 107 -21.42 -11.76 -65.94
C LEU S 107 -21.34 -11.36 -64.47
N THR S 108 -20.56 -12.11 -63.70
CA THR S 108 -20.28 -11.73 -62.32
C THR S 108 -18.83 -11.25 -62.22
N GLY S 109 -18.39 -10.94 -61.01
CA GLY S 109 -17.04 -10.41 -60.84
C GLY S 109 -16.74 -10.19 -59.38
N ARG S 110 -15.52 -9.70 -59.13
CA ARG S 110 -15.06 -9.37 -57.79
C ARG S 110 -14.13 -8.17 -57.85
N ILE S 111 -14.13 -7.37 -56.79
CA ILE S 111 -13.12 -6.36 -56.57
C ILE S 111 -12.30 -6.79 -55.36
N VAL S 112 -11.10 -7.30 -55.61
CA VAL S 112 -10.22 -7.77 -54.55
C VAL S 112 -9.44 -6.58 -54.01
N LEU S 113 -9.63 -6.26 -52.73
CA LEU S 113 -8.97 -5.14 -52.10
C LEU S 113 -7.57 -5.56 -51.64
N ALA S 114 -6.81 -4.58 -51.15
CA ALA S 114 -5.47 -4.86 -50.65
C ALA S 114 -5.52 -5.45 -49.25
N SER S 115 -6.52 -5.09 -48.46
CA SER S 115 -6.61 -5.59 -47.09
C SER S 115 -7.09 -7.03 -47.02
N GLY S 116 -7.93 -7.46 -47.96
CA GLY S 116 -8.43 -8.82 -47.94
C GLY S 116 -9.90 -8.93 -48.27
N ALA S 117 -10.67 -7.91 -47.93
CA ALA S 117 -12.09 -7.90 -48.24
C ALA S 117 -12.29 -7.81 -49.75
N ILE S 118 -13.48 -8.21 -50.19
CA ILE S 118 -13.85 -8.24 -51.60
C ILE S 118 -15.24 -7.65 -51.77
N SER S 119 -15.73 -7.64 -53.01
CA SER S 119 -17.06 -7.18 -53.34
C SER S 119 -17.46 -7.75 -54.69
N PRO S 120 -18.58 -8.47 -54.78
CA PRO S 120 -18.99 -9.10 -56.04
C PRO S 120 -19.90 -8.20 -56.87
N PHE S 121 -20.11 -8.62 -58.13
CA PHE S 121 -20.78 -7.79 -59.12
C PHE S 121 -22.13 -8.33 -59.57
N THR S 122 -22.15 -9.49 -60.23
CA THR S 122 -23.31 -9.96 -61.00
C THR S 122 -23.88 -8.82 -61.86
N ALA S 123 -23.09 -8.41 -62.85
CA ALA S 123 -23.43 -7.29 -63.71
C ALA S 123 -23.76 -7.79 -65.12
N THR S 124 -24.81 -7.25 -65.71
CA THR S 124 -25.23 -7.64 -67.04
C THR S 124 -24.57 -6.74 -68.09
N VAL S 125 -24.74 -7.13 -69.36
CA VAL S 125 -24.14 -6.42 -70.48
C VAL S 125 -25.22 -5.60 -71.19
N VAL S 126 -24.86 -4.40 -71.61
CA VAL S 126 -25.75 -3.52 -72.35
C VAL S 126 -24.94 -2.88 -73.48
N ALA S 127 -25.60 -2.63 -74.60
CA ALA S 127 -24.95 -2.06 -75.76
C ALA S 127 -24.75 -0.55 -75.59
N ALA S 128 -23.64 -0.04 -76.10
CA ALA S 128 -23.36 1.38 -76.06
C ALA S 128 -22.54 1.74 -77.29
N ASP S 129 -22.37 3.05 -77.52
CA ASP S 129 -21.75 3.52 -78.76
C ASP S 129 -20.26 3.81 -78.59
N HIS S 130 -19.90 4.72 -77.69
CA HIS S 130 -18.54 5.22 -77.61
C HIS S 130 -18.00 5.10 -76.19
N VAL S 131 -16.70 4.92 -76.09
CA VAL S 131 -16.02 4.89 -74.79
C VAL S 131 -16.05 6.29 -74.18
N PRO S 132 -16.49 6.46 -72.94
CA PRO S 132 -16.56 7.79 -72.36
C PRO S 132 -15.18 8.34 -72.03
N SER S 133 -14.98 9.61 -72.38
CA SER S 133 -13.73 10.30 -72.08
C SER S 133 -13.97 11.18 -70.85
N THR S 134 -13.64 10.65 -69.68
CA THR S 134 -13.89 11.35 -68.42
C THR S 134 -12.89 10.87 -67.40
N GLU S 135 -12.92 11.51 -66.23
CA GLU S 135 -12.04 11.15 -65.12
C GLU S 135 -12.62 9.95 -64.38
N ASN S 136 -12.11 9.69 -63.18
CA ASN S 136 -12.60 8.63 -62.31
C ASN S 136 -12.36 7.24 -62.92
N LYS S 137 -11.17 7.06 -63.51
CA LYS S 137 -10.74 5.74 -63.93
C LYS S 137 -10.00 5.08 -62.78
N LEU S 138 -10.09 3.75 -62.72
CA LEU S 138 -9.59 3.01 -61.57
C LEU S 138 -8.35 2.18 -61.85
N CYS S 139 -8.16 1.71 -63.09
CA CYS S 139 -7.00 0.87 -63.41
C CYS S 139 -6.51 1.27 -64.80
N SER S 140 -5.55 2.18 -64.84
CA SER S 140 -5.00 2.67 -66.10
C SER S 140 -3.50 2.36 -66.19
N MET T 1 56.11 30.85 83.15
CA MET T 1 55.62 31.93 84.00
C MET T 1 55.18 31.40 85.35
N THR T 2 55.03 32.30 86.32
CA THR T 2 54.63 31.92 87.65
C THR T 2 53.30 31.16 87.62
N SER T 3 53.13 30.22 88.54
CA SER T 3 51.91 29.43 88.60
C SER T 3 50.67 30.29 88.72
N LEU T 4 50.79 31.51 89.24
CA LEU T 4 49.68 32.45 89.18
C LEU T 4 49.27 32.68 87.73
N GLU T 5 50.25 32.91 86.86
CA GLU T 5 49.95 33.14 85.45
C GLU T 5 49.37 31.91 84.80
N ILE T 6 49.94 30.73 85.07
CA ILE T 6 49.42 29.52 84.46
C ILE T 6 48.01 29.25 84.95
N ALA T 7 47.72 29.59 86.20
CA ALA T 7 46.36 29.46 86.71
C ALA T 7 45.41 30.34 85.92
N ILE T 8 45.73 31.62 85.78
CA ILE T 8 44.86 32.54 85.05
C ILE T 8 44.67 32.07 83.61
N ILE T 9 45.77 31.76 82.94
CA ILE T 9 45.72 31.41 81.52
C ILE T 9 44.98 30.09 81.32
N VAL T 10 45.18 29.11 82.20
CA VAL T 10 44.48 27.84 82.05
C VAL T 10 42.99 28.03 82.32
N ALA T 11 42.62 28.90 83.25
CA ALA T 11 41.20 29.17 83.46
C ALA T 11 40.55 29.74 82.20
N ILE T 12 41.15 30.80 81.65
CA ILE T 12 40.55 31.45 80.48
C ILE T 12 40.58 30.51 79.27
N VAL T 13 41.70 29.82 79.08
CA VAL T 13 41.87 28.83 78.03
C VAL T 13 40.83 27.72 78.12
N LEU T 14 40.57 27.20 79.31
CA LEU T 14 39.59 26.13 79.45
C LEU T 14 38.19 26.63 79.15
N VAL T 15 37.85 27.83 79.64
CA VAL T 15 36.54 28.40 79.35
C VAL T 15 36.35 28.50 77.83
N ILE T 16 37.34 29.06 77.13
CA ILE T 16 37.22 29.26 75.69
C ILE T 16 37.11 27.93 74.97
N ALA T 17 37.95 26.95 75.36
CA ALA T 17 37.93 25.66 74.69
C ALA T 17 36.59 24.96 74.86
N ILE T 18 36.05 24.96 76.08
CA ILE T 18 34.75 24.32 76.31
C ILE T 18 33.67 25.03 75.50
N ALA T 19 33.70 26.36 75.49
CA ALA T 19 32.70 27.10 74.71
C ALA T 19 32.74 26.70 73.24
N VAL T 20 33.93 26.67 72.65
CA VAL T 20 34.03 26.34 71.22
C VAL T 20 33.63 24.89 70.96
N GLY T 21 34.03 23.97 71.85
CA GLY T 21 33.69 22.58 71.63
C GLY T 21 32.19 22.34 71.64
N TRP T 22 31.51 22.86 72.65
CA TRP T 22 30.07 22.67 72.68
C TRP T 22 29.36 23.54 71.65
N TYR T 23 30.01 24.59 71.14
CA TYR T 23 29.52 25.25 69.94
C TYR T 23 29.50 24.30 68.76
N LEU T 24 30.58 23.54 68.57
CA LEU T 24 30.62 22.55 67.51
C LEU T 24 29.51 21.51 67.70
N TYR T 25 29.35 21.02 68.92
CA TYR T 25 28.25 20.09 69.19
C TYR T 25 26.89 20.67 68.83
N THR T 26 26.63 21.91 69.22
CA THR T 26 25.31 22.47 68.96
C THR T 26 25.10 22.71 67.47
N THR T 27 26.17 23.10 66.76
CA THR T 27 26.08 23.25 65.32
C THR T 27 25.74 21.91 64.66
N PHE T 28 26.36 20.83 65.13
CA PHE T 28 26.04 19.51 64.59
C PHE T 28 24.61 19.13 64.88
N ALA T 29 24.14 19.40 66.11
CA ALA T 29 22.77 19.05 66.47
C ALA T 29 21.77 19.87 65.67
N ALA T 30 22.13 21.07 65.24
CA ALA T 30 21.23 21.86 64.43
C ALA T 30 21.27 21.43 62.96
N ALA T 31 22.46 21.05 62.48
CA ALA T 31 22.58 20.59 61.10
C ALA T 31 21.92 19.23 60.89
N GLY T 32 21.85 18.41 61.94
CA GLY T 32 21.20 17.11 61.80
C GLY T 32 19.70 17.18 61.58
N GLN T 33 19.08 18.33 61.87
CA GLN T 33 17.64 18.49 61.76
C GLN T 33 17.22 19.12 60.45
N GLN T 34 18.09 19.12 59.44
CA GLN T 34 17.70 19.62 58.13
C GLN T 34 16.71 18.66 57.50
N THR T 35 15.57 19.19 57.06
CA THR T 35 14.45 18.35 56.69
C THR T 35 13.86 18.82 55.37
N GLY T 36 12.88 18.07 54.88
CA GLY T 36 12.21 18.40 53.65
C GLY T 36 11.20 17.32 53.30
N LEU T 37 10.26 17.68 52.44
CA LEU T 37 9.22 16.77 52.03
C LEU T 37 9.64 15.97 50.82
N THR T 38 9.02 14.80 50.66
CA THR T 38 9.16 14.00 49.44
C THR T 38 7.85 13.28 49.21
N ALA T 39 7.51 13.09 47.95
CA ALA T 39 6.25 12.45 47.57
C ALA T 39 6.56 11.08 46.97
N THR T 40 5.69 10.11 47.25
CA THR T 40 5.86 8.77 46.72
C THR T 40 4.71 8.32 45.84
N LYS T 41 3.59 9.03 45.84
CA LYS T 41 2.42 8.63 45.06
C LYS T 41 1.44 9.79 44.98
N ALA T 42 0.98 10.11 43.77
CA ALA T 42 0.05 11.22 43.61
C ALA T 42 -0.79 10.98 42.36
N THR T 43 -2.11 11.05 42.52
CA THR T 43 -3.03 10.86 41.41
C THR T 43 -4.22 11.78 41.64
N ILE T 44 -4.31 12.87 40.87
CA ILE T 44 -5.44 13.78 40.99
C ILE T 44 -6.72 13.03 40.67
N TYR T 45 -7.72 13.17 41.52
CA TYR T 45 -9.02 12.54 41.32
C TYR T 45 -10.05 13.60 40.96
N VAL T 46 -11.01 13.22 40.12
CA VAL T 46 -12.08 14.11 39.69
C VAL T 46 -13.41 13.37 39.87
N THR T 47 -14.40 14.07 40.41
CA THR T 47 -15.73 13.52 40.57
C THR T 47 -16.59 13.85 39.36
N LYS T 48 -17.79 13.25 39.33
CA LYS T 48 -18.69 13.49 38.22
C LYS T 48 -19.26 14.91 38.24
N ASP T 49 -19.36 15.52 39.43
CA ASP T 49 -19.97 16.82 39.59
C ASP T 49 -18.97 17.97 39.45
N GLY T 50 -17.72 17.67 39.10
CA GLY T 50 -16.72 18.69 38.89
C GLY T 50 -15.76 18.90 40.05
N ASN T 51 -16.07 18.36 41.23
CA ASN T 51 -15.16 18.50 42.36
C ASN T 51 -13.90 17.68 42.12
N VAL T 52 -12.74 18.31 42.28
CA VAL T 52 -11.46 17.64 42.12
C VAL T 52 -10.70 17.74 43.43
N TYR T 53 -9.80 16.79 43.65
CA TYR T 53 -9.01 16.75 44.87
C TYR T 53 -7.81 15.86 44.64
N LEU T 54 -6.67 16.27 45.20
CA LEU T 54 -5.43 15.52 45.06
C LEU T 54 -5.28 14.58 46.24
N ASN T 55 -4.91 13.32 45.97
CA ASN T 55 -4.75 12.29 46.98
C ASN T 55 -3.29 11.85 46.95
N VAL T 56 -2.46 12.57 47.70
CA VAL T 56 -1.01 12.37 47.66
C VAL T 56 -0.57 11.64 48.92
N THR T 57 0.63 11.05 48.85
CA THR T 57 1.25 10.36 49.97
C THR T 57 2.58 11.02 50.28
N LEU T 58 2.71 11.60 51.46
CA LEU T 58 3.89 12.35 51.85
C LEU T 58 4.72 11.58 52.86
N VAL T 59 6.02 11.84 52.86
CA VAL T 59 6.95 11.26 53.82
C VAL T 59 7.96 12.32 54.19
N PRO T 60 7.99 12.80 55.43
CA PRO T 60 8.96 13.82 55.81
C PRO T 60 10.36 13.24 55.86
N GLN T 61 11.26 13.83 55.07
CA GLN T 61 12.67 13.47 55.07
C GLN T 61 13.34 14.32 56.15
N GLY T 62 14.01 13.66 57.07
CA GLY T 62 14.61 14.33 58.21
C GLY T 62 13.92 13.93 59.50
N ALA T 63 14.14 14.76 60.52
CA ALA T 63 13.48 14.60 61.81
C ALA T 63 12.95 15.96 62.24
N ALA T 64 11.78 16.33 61.73
CA ALA T 64 11.18 17.61 62.03
C ALA T 64 9.74 17.61 61.53
N GLN T 65 9.02 18.68 61.86
CA GLN T 65 7.66 18.89 61.40
C GLN T 65 7.72 19.97 60.32
N VAL T 66 7.77 19.53 59.06
CA VAL T 66 7.85 20.46 57.95
C VAL T 66 6.55 21.26 57.84
N ALA T 67 6.66 22.48 57.35
CA ALA T 67 5.51 23.37 57.17
C ALA T 67 5.31 23.62 55.69
N ILE T 68 4.11 23.27 55.20
CA ILE T 68 3.75 23.44 53.80
C ILE T 68 3.26 24.87 53.60
N SER T 69 3.84 25.56 52.62
CA SER T 69 3.45 26.95 52.37
C SER T 69 2.36 27.05 51.31
N SER T 70 2.57 26.46 50.14
CA SER T 70 1.60 26.59 49.05
C SER T 70 1.77 25.41 48.10
N ILE T 71 0.69 25.12 47.37
CA ILE T 71 0.66 24.06 46.37
C ILE T 71 0.35 24.69 45.02
N GLU T 72 1.22 24.48 44.05
CA GLU T 72 1.07 25.02 42.71
C GLU T 72 0.97 23.85 41.73
N VAL T 73 -0.21 23.65 41.15
CA VAL T 73 -0.46 22.55 40.22
C VAL T 73 -1.04 23.13 38.93
N ALA T 74 -0.39 22.84 37.81
CA ALA T 74 -0.86 23.24 36.49
C ALA T 74 -1.07 24.74 36.40
N GLY T 75 -0.19 25.49 37.05
CA GLY T 75 -0.25 26.94 37.00
C GLY T 75 -1.15 27.59 38.03
N VAL T 76 -2.04 26.82 38.65
CA VAL T 76 -2.94 27.34 39.67
C VAL T 76 -2.26 27.20 41.02
N SER T 77 -2.03 28.32 41.69
CA SER T 77 -1.43 28.34 43.02
C SER T 77 -2.52 28.31 44.08
N ILE T 78 -2.27 27.58 45.16
CA ILE T 78 -3.26 27.43 46.22
C ILE T 78 -2.57 27.64 47.57
N PRO T 79 -2.90 28.71 48.29
CA PRO T 79 -2.27 28.95 49.59
C PRO T 79 -2.81 28.01 50.66
N CYS T 80 -1.99 27.80 51.68
CA CYS T 80 -2.33 26.94 52.81
C CYS T 80 -2.03 27.71 54.09
N THR T 81 -3.07 28.04 54.85
CA THR T 81 -2.94 28.82 56.06
C THR T 81 -3.43 28.08 57.30
N SER T 82 -3.83 26.82 57.16
CA SER T 82 -4.31 26.04 58.29
C SER T 82 -4.03 24.57 58.02
N SER T 83 -3.71 23.83 59.09
CA SER T 83 -3.38 22.41 59.00
C SER T 83 -2.22 22.16 58.04
N ASN T 84 -1.30 23.12 57.95
CA ASN T 84 -0.20 23.06 57.00
C ASN T 84 1.03 22.35 57.57
N LEU T 85 0.85 21.49 58.56
CA LEU T 85 1.94 20.73 59.16
C LEU T 85 1.82 19.27 58.81
N VAL T 86 2.94 18.65 58.46
CA VAL T 86 3.01 17.22 58.18
C VAL T 86 3.60 16.55 59.41
N LYS T 87 2.76 15.87 60.19
CA LYS T 87 3.19 15.32 61.46
C LYS T 87 3.87 13.98 61.34
N ALA T 88 3.49 13.16 60.36
CA ALA T 88 3.99 11.81 60.23
C ALA T 88 3.72 11.32 58.82
N PRO T 89 4.47 10.33 58.34
CA PRO T 89 4.20 9.78 57.01
C PRO T 89 2.79 9.21 56.92
N GLY T 90 2.15 9.43 55.79
CA GLY T 90 0.80 8.94 55.59
C GLY T 90 0.23 9.45 54.28
N GLU T 91 -1.05 9.14 54.09
CA GLU T 91 -1.78 9.55 52.90
C GLU T 91 -2.62 10.77 53.23
N TYR T 92 -2.39 11.86 52.50
CA TYR T 92 -3.06 13.13 52.76
C TYR T 92 -3.87 13.54 51.54
N VAL T 93 -4.91 14.33 51.79
CA VAL T 93 -5.87 14.73 50.77
C VAL T 93 -5.92 16.25 50.72
N ILE T 94 -5.71 16.81 49.55
CA ILE T 94 -5.74 18.25 49.34
C ILE T 94 -6.83 18.56 48.32
N GLU T 95 -7.74 19.47 48.68
CA GLU T 95 -8.77 19.90 47.75
C GLU T 95 -8.22 20.97 46.82
N LEU T 96 -8.42 20.78 45.52
CA LEU T 96 -8.10 21.80 44.52
C LEU T 96 -9.36 22.62 44.25
N SER T 97 -9.21 23.94 44.23
CA SER T 97 -10.38 24.81 44.30
C SER T 97 -11.10 24.88 42.95
N SER T 98 -10.43 25.40 41.93
CA SER T 98 -11.10 25.75 40.68
C SER T 98 -10.46 25.17 39.43
N VAL T 99 -9.48 24.28 39.57
CA VAL T 99 -8.83 23.68 38.41
C VAL T 99 -9.85 22.78 37.70
N SER T 100 -10.12 23.08 36.44
CA SER T 100 -11.06 22.31 35.63
C SER T 100 -10.25 21.42 34.69
N VAL T 101 -10.31 20.11 34.91
CA VAL T 101 -9.52 19.15 34.16
C VAL T 101 -10.46 18.17 33.47
N SER T 102 -9.88 17.21 32.76
CA SER T 102 -10.62 16.17 32.08
C SER T 102 -9.84 14.87 32.21
N VAL T 103 -10.57 13.76 32.32
CA VAL T 103 -9.95 12.46 32.57
C VAL T 103 -8.94 12.15 31.47
N GLY T 104 -7.72 11.80 31.89
CA GLY T 104 -6.67 11.37 30.99
C GLY T 104 -5.46 12.28 30.97
N GLN T 105 -5.64 13.56 31.25
CA GLN T 105 -4.55 14.52 31.17
C GLN T 105 -3.45 14.19 32.19
N VAL T 106 -2.29 14.81 32.00
CA VAL T 106 -1.14 14.64 32.86
C VAL T 106 -0.71 16.00 33.36
N LEU T 107 -0.74 16.18 34.68
CA LEU T 107 -0.43 17.45 35.32
C LEU T 107 0.76 17.30 36.24
N THR T 108 1.59 18.33 36.32
CA THR T 108 2.68 18.37 37.28
C THR T 108 2.32 19.31 38.42
N GLY T 109 3.26 19.53 39.34
CA GLY T 109 2.97 20.36 40.49
C GLY T 109 4.19 20.48 41.37
N ARG T 110 4.02 21.25 42.46
CA ARG T 110 5.06 21.46 43.44
C ARG T 110 4.43 21.63 44.82
N ILE T 111 5.16 21.22 45.85
CA ILE T 111 4.84 21.55 47.23
C ILE T 111 5.96 22.45 47.75
N VAL T 112 5.68 23.72 47.92
CA VAL T 112 6.66 24.68 48.39
C VAL T 112 6.61 24.73 49.91
N LEU T 113 7.72 24.41 50.55
CA LEU T 113 7.81 24.40 52.00
C LEU T 113 8.15 25.78 52.52
N ALA T 114 8.18 25.92 53.84
CA ALA T 114 8.53 27.20 54.44
C ALA T 114 10.03 27.43 54.43
N SER T 115 10.83 26.38 54.55
CA SER T 115 12.28 26.54 54.52
C SER T 115 12.81 26.92 53.15
N GLY T 116 12.24 26.37 52.08
CA GLY T 116 12.71 26.66 50.75
C GLY T 116 12.73 25.46 49.83
N ALA T 117 12.92 24.27 50.40
CA ALA T 117 12.90 23.05 49.60
C ALA T 117 11.50 22.80 49.04
N ILE T 118 11.44 22.06 47.94
CA ILE T 118 10.20 21.77 47.24
C ILE T 118 10.13 20.29 46.92
N SER T 119 9.04 19.88 46.27
CA SER T 119 8.83 18.51 45.83
C SER T 119 7.83 18.47 44.69
N PRO T 120 8.20 17.95 43.53
CA PRO T 120 7.29 17.93 42.38
C PRO T 120 6.42 16.67 42.33
N PHE T 121 5.42 16.72 41.44
CA PHE T 121 4.40 15.67 41.35
C PHE T 121 4.46 14.86 40.08
N THR T 122 4.21 15.49 38.92
CA THR T 122 3.85 14.79 37.68
C THR T 122 2.82 13.70 37.98
N ALA T 123 1.62 14.15 38.36
CA ALA T 123 0.52 13.28 38.74
C ALA T 123 -0.55 13.28 37.66
N THR T 124 -1.05 12.10 37.31
CA THR T 124 -2.09 11.97 36.30
C THR T 124 -3.47 12.07 36.93
N VAL T 125 -4.49 12.18 36.08
CA VAL T 125 -5.87 12.32 36.51
C VAL T 125 -6.58 10.98 36.36
N VAL T 126 -7.45 10.66 37.31
CA VAL T 126 -8.24 9.43 37.29
C VAL T 126 -9.63 9.76 37.76
N ALA T 127 -10.63 9.11 37.16
CA ALA T 127 -12.02 9.37 37.48
C ALA T 127 -12.41 8.68 38.78
N ALA T 128 -13.20 9.39 39.59
CA ALA T 128 -13.68 8.86 40.86
C ALA T 128 -15.09 9.38 41.08
N ASP T 129 -15.75 8.84 42.11
CA ASP T 129 -17.16 9.10 42.33
C ASP T 129 -17.41 10.24 43.32
N HIS T 130 -16.94 10.10 44.55
CA HIS T 130 -17.30 11.01 45.62
C HIS T 130 -16.07 11.50 46.36
N VAL T 131 -16.16 12.72 46.88
CA VAL T 131 -15.08 13.27 47.70
C VAL T 131 -15.01 12.51 49.02
N PRO T 132 -13.85 12.00 49.43
CA PRO T 132 -13.78 11.22 50.65
C PRO T 132 -13.90 12.11 51.88
N SER T 133 -14.67 11.63 52.85
CA SER T 133 -14.85 12.33 54.12
C SER T 133 -13.95 11.65 55.14
N THR T 134 -12.74 12.18 55.32
CA THR T 134 -11.76 11.59 56.21
C THR T 134 -10.85 12.70 56.72
N GLU T 135 -9.98 12.33 57.66
CA GLU T 135 -9.02 13.26 58.23
C GLU T 135 -7.83 13.38 57.28
N ASN T 136 -6.72 13.94 57.79
CA ASN T 136 -5.48 14.05 57.04
C ASN T 136 -5.61 15.01 55.87
N LYS T 137 -6.32 16.11 56.08
CA LYS T 137 -6.36 17.18 55.11
C LYS T 137 -5.24 18.17 55.39
N LEU T 138 -4.72 18.77 54.33
CA LEU T 138 -3.51 19.58 54.45
C LEU T 138 -3.74 21.07 54.26
N CYS T 139 -4.77 21.48 53.53
CA CYS T 139 -5.05 22.90 53.30
C CYS T 139 -6.55 23.10 53.35
N SER T 140 -7.06 23.44 54.53
CA SER T 140 -8.48 23.64 54.72
C SER T 140 -8.78 25.08 55.14
N MET U 1 -1.02 -0.77 0.57
CA MET U 1 -0.62 -1.69 1.63
C MET U 1 0.87 -1.93 1.60
N THR U 2 1.40 -2.53 2.66
CA THR U 2 2.82 -2.81 2.74
C THR U 2 3.25 -3.66 1.55
N SER U 3 4.49 -3.44 1.08
CA SER U 3 4.97 -4.13 -0.11
C SER U 3 4.96 -5.64 0.05
N LEU U 4 4.99 -6.15 1.28
CA LEU U 4 4.76 -7.57 1.49
C LEU U 4 3.39 -7.97 0.95
N GLU U 5 2.39 -7.15 1.24
CA GLU U 5 1.03 -7.45 0.78
C GLU U 5 0.93 -7.36 -0.73
N ILE U 6 1.50 -6.31 -1.31
CA ILE U 6 1.47 -6.18 -2.77
C ILE U 6 2.22 -7.33 -3.42
N ALA U 7 3.28 -7.81 -2.77
CA ALA U 7 4.00 -8.97 -3.30
C ALA U 7 3.09 -10.19 -3.33
N ILE U 8 2.43 -10.50 -2.20
CA ILE U 8 1.55 -11.66 -2.15
C ILE U 8 0.45 -11.55 -3.18
N ILE U 9 -0.22 -10.39 -3.21
CA ILE U 9 -1.37 -10.20 -4.09
C ILE U 9 -0.95 -10.22 -5.54
N VAL U 10 0.19 -9.63 -5.89
CA VAL U 10 0.65 -9.64 -7.27
C VAL U 10 1.02 -11.05 -7.69
N ALA U 11 1.60 -11.84 -6.79
CA ALA U 11 1.89 -13.23 -7.12
C ALA U 11 0.62 -13.99 -7.46
N ILE U 12 -0.37 -13.94 -6.57
CA ILE U 12 -1.60 -14.70 -6.79
C ILE U 12 -2.34 -14.18 -8.03
N VAL U 13 -2.41 -12.86 -8.16
CA VAL U 13 -3.02 -12.20 -9.30
C VAL U 13 -2.37 -12.62 -10.62
N LEU U 14 -1.04 -12.65 -10.67
CA LEU U 14 -0.38 -13.04 -11.91
C LEU U 14 -0.64 -14.50 -12.23
N VAL U 15 -0.61 -15.37 -11.22
CA VAL U 15 -0.90 -16.78 -11.47
C VAL U 15 -2.29 -16.92 -12.07
N ILE U 16 -3.29 -16.28 -11.47
CA ILE U 16 -4.66 -16.41 -11.95
C ILE U 16 -4.81 -15.84 -13.35
N ALA U 17 -4.18 -14.68 -13.61
CA ALA U 17 -4.28 -14.07 -14.92
C ALA U 17 -3.68 -14.95 -16.00
N ILE U 18 -2.50 -15.50 -15.76
CA ILE U 18 -1.88 -16.39 -16.75
C ILE U 18 -2.75 -17.61 -16.98
N ALA U 19 -3.30 -18.18 -15.90
CA ALA U 19 -4.16 -19.34 -16.05
C ALA U 19 -5.35 -19.03 -16.96
N VAL U 20 -6.03 -17.91 -16.70
CA VAL U 20 -7.22 -17.59 -17.49
C VAL U 20 -6.85 -17.26 -18.93
N GLY U 21 -5.74 -16.55 -19.14
CA GLY U 21 -5.34 -16.20 -20.49
C GLY U 21 -5.05 -17.43 -21.34
N TRP U 22 -4.24 -18.35 -20.80
CA TRP U 22 -3.97 -19.54 -21.58
C TRP U 22 -5.16 -20.49 -21.62
N TYR U 23 -6.11 -20.34 -20.69
CA TYR U 23 -7.40 -21.00 -20.86
C TYR U 23 -8.10 -20.51 -22.12
N LEU U 24 -8.11 -19.19 -22.33
CA LEU U 24 -8.69 -18.65 -23.55
C LEU U 24 -7.97 -19.18 -24.79
N TYR U 25 -6.64 -19.17 -24.75
CA TYR U 25 -5.87 -19.73 -25.87
C TYR U 25 -6.25 -21.18 -26.16
N THR U 26 -6.35 -22.01 -25.12
CA THR U 26 -6.61 -23.43 -25.36
C THR U 26 -8.04 -23.63 -25.86
N THR U 27 -8.99 -22.83 -25.35
CA THR U 27 -10.35 -22.90 -25.87
C THR U 27 -10.39 -22.55 -27.34
N PHE U 28 -9.64 -21.51 -27.74
CA PHE U 28 -9.60 -21.15 -29.16
C PHE U 28 -8.96 -22.25 -29.99
N ALA U 29 -7.87 -22.85 -29.49
CA ALA U 29 -7.19 -23.90 -30.22
C ALA U 29 -8.07 -25.14 -30.36
N ALA U 30 -8.96 -25.38 -29.40
CA ALA U 30 -9.85 -26.53 -29.51
C ALA U 30 -11.05 -26.22 -30.39
N ALA U 31 -11.52 -24.97 -30.37
CA ALA U 31 -12.64 -24.59 -31.23
C ALA U 31 -12.24 -24.50 -32.68
N GLY U 32 -10.97 -24.22 -32.97
CA GLY U 32 -10.53 -24.16 -34.35
C GLY U 32 -10.50 -25.51 -35.04
N GLN U 33 -10.59 -26.60 -34.29
CA GLN U 33 -10.55 -27.95 -34.85
C GLN U 33 -11.94 -28.53 -35.07
N GLN U 34 -12.97 -27.69 -35.09
CA GLN U 34 -14.31 -28.19 -35.39
C GLN U 34 -14.38 -28.60 -36.84
N THR U 35 -14.82 -29.83 -37.09
CA THR U 35 -14.69 -30.44 -38.40
C THR U 35 -16.00 -31.10 -38.80
N GLY U 36 -16.04 -31.56 -40.04
CA GLY U 36 -17.21 -32.22 -40.57
C GLY U 36 -16.98 -32.60 -42.02
N LEU U 37 -17.77 -33.55 -42.48
CA LEU U 37 -17.65 -34.05 -43.84
C LEU U 37 -18.51 -33.24 -44.80
N THR U 38 -18.09 -33.25 -46.06
CA THR U 38 -18.90 -32.70 -47.14
C THR U 38 -18.67 -33.52 -48.39
N ALA U 39 -19.69 -33.64 -49.22
CA ALA U 39 -19.63 -34.42 -50.44
C ALA U 39 -19.62 -33.49 -51.64
N THR U 40 -18.85 -33.83 -52.65
CA THR U 40 -18.79 -33.04 -53.86
C THR U 40 -19.28 -33.79 -55.10
N LYS U 41 -19.43 -35.10 -55.03
CA LYS U 41 -19.85 -35.89 -56.18
C LYS U 41 -20.25 -37.29 -55.72
N ALA U 42 -21.42 -37.76 -56.15
CA ALA U 42 -21.90 -39.06 -55.73
C ALA U 42 -22.81 -39.62 -56.80
N THR U 43 -22.52 -40.84 -57.26
CA THR U 43 -23.35 -41.52 -58.25
C THR U 43 -23.35 -43.00 -57.92
N ILE U 44 -24.49 -43.51 -57.48
CA ILE U 44 -24.59 -44.93 -57.17
C ILE U 44 -24.44 -45.74 -58.45
N TYR U 45 -23.56 -46.72 -58.42
CA TYR U 45 -23.31 -47.59 -59.57
C TYR U 45 -23.91 -48.96 -59.32
N VAL U 46 -24.39 -49.59 -60.38
CA VAL U 46 -24.97 -50.93 -60.32
C VAL U 46 -24.33 -51.79 -61.39
N THR U 47 -23.99 -53.03 -61.04
CA THR U 47 -23.41 -53.96 -61.98
C THR U 47 -24.51 -54.78 -62.67
N LYS U 48 -24.09 -55.58 -63.64
CA LYS U 48 -25.04 -56.42 -64.37
C LYS U 48 -25.57 -57.55 -63.50
N ASP U 49 -24.77 -58.04 -62.56
CA ASP U 49 -25.12 -59.20 -61.76
C ASP U 49 -25.84 -58.83 -60.46
N GLY U 50 -26.17 -57.56 -60.25
CA GLY U 50 -26.91 -57.13 -59.09
C GLY U 50 -26.08 -56.46 -58.01
N ASN U 51 -24.76 -56.56 -58.07
CA ASN U 51 -23.92 -55.89 -57.08
C ASN U 51 -24.03 -54.38 -57.23
N VAL U 52 -24.30 -53.70 -56.13
CA VAL U 52 -24.45 -52.25 -56.11
C VAL U 52 -23.43 -51.67 -55.15
N TYR U 53 -22.85 -50.53 -55.53
CA TYR U 53 -21.83 -49.89 -54.74
C TYR U 53 -21.83 -48.40 -55.03
N LEU U 54 -21.63 -47.60 -53.99
CA LEU U 54 -21.62 -46.15 -54.11
C LEU U 54 -20.19 -45.67 -54.31
N ASN U 55 -20.02 -44.71 -55.23
CA ASN U 55 -18.71 -44.17 -55.59
C ASN U 55 -18.76 -42.66 -55.33
N VAL U 56 -18.39 -42.26 -54.11
CA VAL U 56 -18.52 -40.89 -53.66
C VAL U 56 -17.14 -40.26 -53.56
N THR U 57 -17.12 -38.92 -53.53
CA THR U 57 -15.90 -38.15 -53.36
C THR U 57 -16.05 -37.25 -52.14
N LEU U 58 -15.19 -37.45 -51.15
CA LEU U 58 -15.30 -36.76 -49.88
C LEU U 58 -14.21 -35.71 -49.72
N VAL U 59 -14.51 -34.69 -48.93
CA VAL U 59 -13.55 -33.64 -48.58
C VAL U 59 -13.76 -33.28 -47.11
N PRO U 60 -12.81 -33.55 -46.23
CA PRO U 60 -13.00 -33.18 -44.82
C PRO U 60 -12.91 -31.67 -44.62
N GLN U 61 -13.97 -31.10 -44.07
CA GLN U 61 -14.01 -29.68 -43.71
C GLN U 61 -13.40 -29.56 -42.32
N GLY U 62 -12.41 -28.70 -42.18
CA GLY U 62 -11.70 -28.54 -40.93
C GLY U 62 -10.29 -29.09 -41.02
N ALA U 63 -9.72 -29.34 -39.86
CA ALA U 63 -8.40 -29.95 -39.75
C ALA U 63 -8.49 -31.07 -38.70
N ALA U 64 -8.98 -32.23 -39.14
CA ALA U 64 -9.11 -33.37 -38.24
C ALA U 64 -9.36 -34.62 -39.08
N GLN U 65 -9.42 -35.75 -38.39
CA GLN U 65 -9.73 -37.03 -39.01
C GLN U 65 -11.16 -37.39 -38.60
N VAL U 66 -12.11 -37.02 -39.46
CA VAL U 66 -13.52 -37.30 -39.16
C VAL U 66 -13.76 -38.79 -39.15
N ALA U 67 -14.71 -39.22 -38.33
CA ALA U 67 -15.06 -40.63 -38.19
C ALA U 67 -16.48 -40.85 -38.66
N ILE U 68 -16.65 -41.71 -39.66
CA ILE U 68 -17.96 -42.03 -40.22
C ILE U 68 -18.61 -43.08 -39.33
N SER U 69 -19.85 -42.82 -38.92
CA SER U 69 -20.57 -43.76 -38.05
C SER U 69 -21.42 -44.73 -38.84
N SER U 70 -22.25 -44.23 -39.75
CA SER U 70 -23.14 -45.10 -40.53
C SER U 70 -23.54 -44.38 -41.79
N ILE U 71 -23.91 -45.17 -42.81
CA ILE U 71 -24.38 -44.66 -44.09
C ILE U 71 -25.80 -45.12 -44.28
N GLU U 72 -26.71 -44.16 -44.48
CA GLU U 72 -28.13 -44.44 -44.68
C GLU U 72 -28.52 -43.89 -46.04
N VAL U 73 -28.87 -44.78 -46.96
CA VAL U 73 -29.28 -44.40 -48.31
C VAL U 73 -30.57 -45.13 -48.65
N ALA U 74 -31.59 -44.39 -49.06
CA ALA U 74 -32.86 -44.94 -49.51
C ALA U 74 -33.50 -45.82 -48.44
N GLY U 75 -33.37 -45.39 -47.18
CA GLY U 75 -34.00 -46.09 -46.08
C GLY U 75 -33.23 -47.27 -45.52
N VAL U 76 -32.20 -47.73 -46.21
CA VAL U 76 -31.39 -48.86 -45.76
C VAL U 76 -30.17 -48.32 -45.05
N SER U 77 -30.06 -48.63 -43.76
CA SER U 77 -28.92 -48.20 -42.95
C SER U 77 -27.81 -49.23 -43.02
N ILE U 78 -26.57 -48.75 -43.07
CA ILE U 78 -25.41 -49.63 -43.18
C ILE U 78 -24.35 -49.19 -42.16
N PRO U 79 -24.12 -49.97 -41.11
CA PRO U 79 -23.13 -49.58 -40.10
C PRO U 79 -21.71 -49.74 -40.64
N CYS U 80 -20.80 -48.96 -40.06
CA CYS U 80 -19.40 -48.96 -40.43
C CYS U 80 -18.57 -49.17 -39.17
N THR U 81 -17.87 -50.30 -39.09
CA THR U 81 -17.12 -50.67 -37.91
C THR U 81 -15.63 -50.89 -38.19
N SER U 82 -15.18 -50.60 -39.40
CA SER U 82 -13.78 -50.78 -39.76
C SER U 82 -13.42 -49.81 -40.87
N SER U 83 -12.19 -49.28 -40.80
CA SER U 83 -11.68 -48.32 -41.78
C SER U 83 -12.65 -47.16 -41.99
N ASN U 84 -13.32 -46.73 -40.92
CA ASN U 84 -14.31 -45.66 -40.98
C ASN U 84 -13.70 -44.28 -40.79
N LEU U 85 -12.41 -44.11 -41.08
CA LEU U 85 -11.73 -42.83 -40.94
C LEU U 85 -11.44 -42.25 -42.32
N VAL U 86 -11.67 -40.96 -42.46
CA VAL U 86 -11.35 -40.23 -43.69
C VAL U 86 -10.07 -39.46 -43.44
N LYS U 87 -8.98 -39.90 -44.07
CA LYS U 87 -7.67 -39.33 -43.79
C LYS U 87 -7.36 -38.10 -44.64
N ALA U 88 -7.88 -38.03 -45.87
CA ALA U 88 -7.53 -36.97 -46.79
C ALA U 88 -8.60 -36.89 -47.86
N PRO U 89 -8.75 -35.74 -48.53
CA PRO U 89 -9.71 -35.65 -49.62
C PRO U 89 -9.38 -36.63 -50.74
N GLY U 90 -10.41 -37.21 -51.33
CA GLY U 90 -10.21 -38.16 -52.40
C GLY U 90 -11.52 -38.83 -52.77
N GLU U 91 -11.40 -39.82 -53.66
CA GLU U 91 -12.54 -40.59 -54.14
C GLU U 91 -12.60 -41.89 -53.37
N TYR U 92 -13.74 -42.18 -52.75
CA TYR U 92 -13.91 -43.34 -51.90
C TYR U 92 -15.08 -44.18 -52.40
N VAL U 93 -14.99 -45.48 -52.13
CA VAL U 93 -15.94 -46.47 -52.63
C VAL U 93 -16.57 -47.19 -51.46
N ILE U 94 -17.91 -47.22 -51.42
CA ILE U 94 -18.65 -47.89 -50.36
C ILE U 94 -19.53 -48.95 -51.02
N GLU U 95 -19.49 -50.17 -50.47
CA GLU U 95 -20.36 -51.23 -50.95
C GLU U 95 -21.71 -51.14 -50.25
N LEU U 96 -22.79 -51.18 -51.03
CA LEU U 96 -24.14 -51.28 -50.51
C LEU U 96 -24.52 -52.75 -50.47
N SER U 97 -25.10 -53.20 -49.35
CA SER U 97 -25.23 -54.63 -49.12
C SER U 97 -26.37 -55.24 -49.92
N SER U 98 -27.60 -54.83 -49.64
CA SER U 98 -28.77 -55.52 -50.16
C SER U 98 -29.77 -54.63 -50.88
N VAL U 99 -29.43 -53.37 -51.14
CA VAL U 99 -30.36 -52.48 -51.82
C VAL U 99 -30.54 -52.93 -53.26
N SER U 100 -31.78 -53.19 -53.65
CA SER U 100 -32.12 -53.61 -55.01
C SER U 100 -32.71 -52.41 -55.74
N VAL U 101 -32.00 -51.89 -56.73
CA VAL U 101 -32.39 -50.71 -57.46
C VAL U 101 -32.45 -51.03 -58.95
N SER U 102 -32.78 -50.02 -59.75
CA SER U 102 -32.86 -50.15 -61.19
C SER U 102 -32.37 -48.85 -61.81
N VAL U 103 -31.73 -48.98 -62.99
CA VAL U 103 -31.11 -47.84 -63.63
C VAL U 103 -32.14 -46.75 -63.88
N GLY U 104 -31.81 -45.53 -63.45
CA GLY U 104 -32.64 -44.37 -63.69
C GLY U 104 -33.18 -43.72 -62.44
N GLN U 105 -33.37 -44.49 -61.37
CA GLN U 105 -33.95 -43.96 -60.15
C GLN U 105 -33.06 -42.89 -59.53
N VAL U 106 -33.63 -42.13 -58.60
CA VAL U 106 -32.94 -41.06 -57.90
C VAL U 106 -33.06 -41.34 -56.40
N LEU U 107 -31.91 -41.52 -55.75
CA LEU U 107 -31.86 -41.86 -54.33
C LEU U 107 -31.14 -40.77 -53.56
N THR U 108 -31.65 -40.47 -52.37
CA THR U 108 -30.98 -39.54 -51.46
C THR U 108 -30.30 -40.36 -50.36
N GLY U 109 -29.71 -39.68 -49.38
CA GLY U 109 -29.00 -40.39 -48.34
C GLY U 109 -28.32 -39.43 -47.39
N ARG U 110 -27.60 -40.00 -46.42
CA ARG U 110 -26.86 -39.25 -45.43
C ARG U 110 -25.59 -40.00 -45.06
N ILE U 111 -24.57 -39.25 -44.65
CA ILE U 111 -23.41 -39.81 -43.96
C ILE U 111 -23.42 -39.28 -42.54
N VAL U 112 -23.76 -40.14 -41.58
CA VAL U 112 -23.81 -39.76 -40.17
C VAL U 112 -22.43 -39.90 -39.58
N LEU U 113 -21.89 -38.81 -39.06
CA LEU U 113 -20.57 -38.80 -38.45
C LEU U 113 -20.68 -39.16 -36.97
N ALA U 114 -19.51 -39.34 -36.34
CA ALA U 114 -19.50 -39.68 -34.93
C ALA U 114 -19.73 -38.47 -34.04
N SER U 115 -19.36 -37.28 -34.51
CA SER U 115 -19.54 -36.07 -33.72
C SER U 115 -20.97 -35.58 -33.73
N GLY U 116 -21.69 -35.73 -34.84
CA GLY U 116 -23.07 -35.28 -34.92
C GLY U 116 -23.43 -34.66 -36.25
N ALA U 117 -22.47 -34.02 -36.91
CA ALA U 117 -22.73 -33.45 -38.21
C ALA U 117 -22.97 -34.54 -39.25
N ILE U 118 -23.66 -34.18 -40.33
CA ILE U 118 -24.04 -35.12 -41.37
C ILE U 118 -23.71 -34.52 -42.72
N SER U 119 -24.03 -35.27 -43.78
CA SER U 119 -23.82 -34.85 -45.16
C SER U 119 -24.73 -35.67 -46.05
N PRO U 120 -25.58 -35.04 -46.85
CA PRO U 120 -26.53 -35.77 -47.68
C PRO U 120 -25.95 -36.16 -49.05
N PHE U 121 -26.72 -36.99 -49.76
CA PHE U 121 -26.24 -37.63 -50.99
C PHE U 121 -26.92 -37.13 -52.26
N THR U 122 -28.25 -37.26 -52.36
CA THR U 122 -29.03 -37.03 -53.58
C THR U 122 -28.28 -37.50 -54.83
N ALA U 123 -27.97 -38.80 -54.83
CA ALA U 123 -27.18 -39.42 -55.88
C ALA U 123 -28.06 -40.29 -56.75
N THR U 124 -27.87 -40.18 -58.07
CA THR U 124 -28.63 -40.98 -59.02
C THR U 124 -27.92 -42.30 -59.30
N VAL U 125 -28.59 -43.17 -60.04
CA VAL U 125 -28.07 -44.49 -60.37
C VAL U 125 -27.59 -44.49 -61.82
N VAL U 126 -26.48 -45.18 -62.07
CA VAL U 126 -25.91 -45.31 -63.40
C VAL U 126 -25.43 -46.73 -63.58
N ALA U 127 -25.54 -47.24 -64.81
CA ALA U 127 -25.16 -48.61 -65.10
C ALA U 127 -23.64 -48.75 -65.17
N ALA U 128 -23.14 -49.89 -64.71
CA ALA U 128 -21.72 -50.19 -64.73
C ALA U 128 -21.54 -51.70 -64.88
N ASP U 129 -20.30 -52.11 -65.16
CA ASP U 129 -20.04 -53.50 -65.49
C ASP U 129 -19.47 -54.30 -64.31
N HIS U 130 -18.34 -53.85 -63.76
CA HIS U 130 -17.62 -54.64 -62.77
C HIS U 130 -17.32 -53.81 -61.54
N VAL U 131 -17.28 -54.49 -60.39
CA VAL U 131 -16.91 -53.84 -59.13
C VAL U 131 -15.43 -53.48 -59.18
N PRO U 132 -15.05 -52.24 -58.87
CA PRO U 132 -13.65 -51.86 -58.94
C PRO U 132 -12.85 -52.48 -57.80
N SER U 133 -11.66 -52.97 -58.12
CA SER U 133 -10.75 -53.52 -57.13
C SER U 133 -9.69 -52.47 -56.85
N THR U 134 -9.93 -51.66 -55.82
CA THR U 134 -9.03 -50.56 -55.49
C THR U 134 -9.13 -50.29 -53.99
N GLU U 135 -8.24 -49.42 -53.51
CA GLU U 135 -8.22 -49.02 -52.12
C GLU U 135 -9.28 -47.95 -51.89
N ASN U 136 -9.18 -47.27 -50.74
CA ASN U 136 -10.08 -46.18 -50.38
C ASN U 136 -11.51 -46.68 -50.18
N LYS U 137 -11.65 -47.82 -49.51
CA LYS U 137 -12.95 -48.28 -49.06
C LYS U 137 -13.22 -47.76 -47.67
N LEU U 138 -14.50 -47.46 -47.40
CA LEU U 138 -14.87 -46.78 -46.18
C LEU U 138 -15.56 -47.65 -45.14
N CYS U 139 -16.27 -48.70 -45.56
CA CYS U 139 -16.99 -49.55 -44.62
C CYS U 139 -16.85 -51.00 -45.10
N SER U 140 -15.85 -51.69 -44.56
CA SER U 140 -15.59 -53.07 -44.95
C SER U 140 -15.71 -54.00 -43.74
N MET V 1 58.10 32.12 88.35
CA MET V 1 58.07 31.15 89.44
C MET V 1 59.39 30.42 89.58
N THR V 2 59.64 29.90 90.79
CA THR V 2 60.89 29.23 91.10
C THR V 2 61.13 28.07 90.13
N SER V 3 62.41 27.80 89.84
CA SER V 3 62.74 26.71 88.93
C SER V 3 62.20 25.37 89.41
N LEU V 4 61.92 25.22 90.70
CA LEU V 4 61.18 24.06 91.16
C LEU V 4 59.83 23.98 90.45
N GLU V 5 59.13 25.11 90.40
CA GLU V 5 57.82 25.14 89.75
C GLU V 5 57.93 24.86 88.26
N ILE V 6 58.92 25.47 87.60
CA ILE V 6 59.07 25.23 86.17
C ILE V 6 59.41 23.78 85.92
N ALA V 7 60.17 23.16 86.82
CA ALA V 7 60.46 21.74 86.69
C ALA V 7 59.17 20.92 86.75
N ILE V 8 58.35 21.15 87.77
CA ILE V 8 57.11 20.39 87.92
C ILE V 8 56.21 20.60 86.71
N ILE V 9 56.01 21.86 86.34
CA ILE V 9 55.08 22.19 85.27
C ILE V 9 55.57 21.66 83.93
N VAL V 10 56.87 21.74 83.67
CA VAL V 10 57.40 21.21 82.41
C VAL V 10 57.28 19.70 82.38
N ALA V 11 57.46 19.02 83.51
CA ALA V 11 57.26 17.58 83.55
C ALA V 11 55.84 17.22 83.16
N ILE V 12 54.86 17.83 83.83
CA ILE V 12 53.45 17.48 83.57
C ILE V 12 53.06 17.88 82.15
N VAL V 13 53.47 19.08 81.74
CA VAL V 13 53.25 19.56 80.38
C VAL V 13 53.82 18.62 79.33
N LEU V 14 55.04 18.12 79.53
CA LEU V 14 55.63 17.25 78.53
C LEU V 14 54.89 15.92 78.47
N VAL V 15 54.52 15.38 79.63
CA VAL V 15 53.74 14.14 79.64
C VAL V 15 52.46 14.31 78.83
N ILE V 16 51.72 15.40 79.11
CA ILE V 16 50.44 15.60 78.43
C ILE V 16 50.64 15.82 76.94
N ALA V 17 51.65 16.60 76.56
CA ALA V 17 51.90 16.88 75.15
C ALA V 17 52.24 15.60 74.40
N ILE V 18 53.14 14.78 74.94
CA ILE V 18 53.49 13.54 74.26
C ILE V 18 52.28 12.64 74.14
N ALA V 19 51.48 12.54 75.21
CA ALA V 19 50.28 11.70 75.15
C ALA V 19 49.36 12.15 74.02
N VAL V 20 49.07 13.44 73.94
CA VAL V 20 48.13 13.92 72.92
C VAL V 20 48.72 13.76 71.53
N GLY V 21 50.01 14.03 71.36
CA GLY V 21 50.60 13.91 70.04
C GLY V 21 50.56 12.49 69.51
N TRP V 22 50.98 11.53 70.33
CA TRP V 22 50.91 10.16 69.86
C TRP V 22 49.48 9.64 69.82
N TYR V 23 48.55 10.27 70.53
CA TYR V 23 47.14 10.00 70.30
C TYR V 23 46.74 10.40 68.88
N LEU V 24 47.20 11.56 68.42
CA LEU V 24 46.94 11.97 67.04
C LEU V 24 47.53 10.96 66.06
N TYR V 25 48.78 10.56 66.29
CA TYR V 25 49.39 9.55 65.43
C TYR V 25 48.56 8.26 65.39
N THR V 26 48.11 7.78 66.54
CA THR V 26 47.39 6.51 66.57
C THR V 26 46.03 6.64 65.90
N THR V 27 45.38 7.79 66.08
CA THR V 27 44.10 8.02 65.39
C THR V 27 44.30 8.03 63.88
N PHE V 28 45.38 8.64 63.40
CA PHE V 28 45.66 8.63 61.98
C PHE V 28 45.94 7.22 61.49
N ALA V 29 46.71 6.45 62.26
CA ALA V 29 47.04 5.08 61.85
C ALA V 29 45.81 4.19 61.84
N ALA V 30 44.82 4.49 62.68
CA ALA V 30 43.59 3.71 62.67
C ALA V 30 42.65 4.14 61.56
N ALA V 31 42.63 5.44 61.24
CA ALA V 31 41.80 5.92 60.15
C ALA V 31 42.35 5.52 58.79
N GLY V 32 43.66 5.28 58.69
CA GLY V 32 44.22 4.83 57.43
C GLY V 32 43.81 3.44 57.02
N GLN V 33 43.24 2.66 57.94
CA GLN V 33 42.86 1.27 57.68
C GLN V 33 41.38 1.12 57.34
N GLN V 34 40.71 2.21 56.99
CA GLN V 34 39.32 2.11 56.59
C GLN V 34 39.23 1.40 55.25
N THR V 35 38.41 0.35 55.18
CA THR V 35 38.44 -0.56 54.05
C THR V 35 37.01 -0.86 53.60
N GLY V 36 36.93 -1.58 52.49
CA GLY V 36 35.65 -1.96 51.93
C GLY V 36 35.85 -2.71 50.63
N LEU V 37 34.85 -3.48 50.27
CA LEU V 37 34.91 -4.31 49.07
C LEU V 37 34.47 -3.52 47.84
N THR V 38 34.95 -3.95 46.69
CA THR V 38 34.49 -3.44 45.41
C THR V 38 34.49 -4.58 44.40
N ALA V 39 33.55 -4.55 43.48
CA ALA V 39 33.41 -5.59 42.47
C ALA V 39 33.80 -5.01 41.12
N THR V 40 34.48 -5.82 40.31
CA THR V 40 34.87 -5.40 38.98
C THR V 40 34.28 -6.25 37.86
N LYS V 41 33.70 -7.40 38.19
CA LYS V 41 33.15 -8.30 37.18
C LYS V 41 32.26 -9.35 37.83
N ALA V 42 31.05 -9.54 37.32
CA ALA V 42 30.14 -10.51 37.90
C ALA V 42 29.17 -10.98 36.83
N THR V 43 29.06 -12.30 36.67
CA THR V 43 28.14 -12.90 35.71
C THR V 43 27.63 -14.20 36.30
N ILE V 44 26.37 -14.20 36.74
CA ILE V 44 25.77 -15.41 37.29
C ILE V 44 25.76 -16.49 36.23
N TYR V 45 26.23 -17.69 36.60
CA TYR V 45 26.25 -18.83 35.70
C TYR V 45 25.18 -19.83 36.12
N VAL V 46 24.61 -20.52 35.14
CA VAL V 46 23.58 -21.53 35.37
C VAL V 46 23.96 -22.78 34.58
N THR V 47 23.81 -23.93 35.21
CA THR V 47 24.09 -25.20 34.55
C THR V 47 22.81 -25.77 33.94
N LYS V 48 22.97 -26.90 33.23
CA LYS V 48 21.81 -27.53 32.60
C LYS V 48 20.91 -28.21 33.62
N ASP V 49 21.47 -28.62 34.76
CA ASP V 49 20.73 -29.37 35.76
C ASP V 49 20.09 -28.48 36.82
N GLY V 50 20.16 -27.15 36.66
CA GLY V 50 19.54 -26.23 37.58
C GLY V 50 20.48 -25.61 38.59
N ASN V 51 21.70 -26.13 38.74
CA ASN V 51 22.65 -25.54 39.67
C ASN V 51 23.10 -24.17 39.18
N VAL V 52 23.02 -23.18 40.05
CA VAL V 52 23.46 -21.82 39.74
C VAL V 52 24.55 -21.43 40.72
N TYR V 53 25.43 -20.53 40.27
CA TYR V 53 26.52 -20.06 41.10
C TYR V 53 27.04 -18.75 40.53
N LEU V 54 27.45 -17.86 41.41
CA LEU V 54 27.99 -16.56 41.01
C LEU V 54 29.51 -16.66 40.88
N ASN V 55 30.04 -16.10 39.80
CA ASN V 55 31.47 -16.09 39.52
C ASN V 55 31.92 -14.63 39.49
N VAL V 56 32.27 -14.10 40.66
CA VAL V 56 32.56 -12.68 40.82
C VAL V 56 34.06 -12.50 41.02
N THR V 57 34.51 -11.26 40.81
CA THR V 57 35.90 -10.88 41.04
C THR V 57 35.93 -9.73 42.04
N LEU V 58 36.60 -9.95 43.16
CA LEU V 58 36.62 -8.97 44.24
C LEU V 58 37.99 -8.33 44.36
N VAL V 59 37.98 -7.09 44.86
CA VAL V 59 39.22 -6.35 45.14
C VAL V 59 39.02 -5.59 46.44
N PRO V 60 39.76 -5.90 47.50
CA PRO V 60 39.62 -5.14 48.74
C PRO V 60 40.19 -3.73 48.59
N GLN V 61 39.33 -2.74 48.79
CA GLN V 61 39.74 -1.34 48.82
C GLN V 61 40.19 -1.04 50.24
N GLY V 62 41.42 -0.61 50.39
CA GLY V 62 42.02 -0.39 51.69
C GLY V 62 43.16 -1.36 51.93
N ALA V 63 43.58 -1.44 53.18
CA ALA V 63 44.60 -2.37 53.62
C ALA V 63 44.08 -3.08 54.86
N ALA V 64 43.27 -4.11 54.66
CA ALA V 64 42.67 -4.85 55.75
C ALA V 64 42.03 -6.11 55.20
N GLN V 65 41.54 -6.94 56.10
CA GLN V 65 40.89 -8.20 55.77
C GLN V 65 39.38 -8.00 55.96
N VAL V 66 38.69 -7.65 54.87
CA VAL V 66 37.25 -7.41 54.96
C VAL V 66 36.52 -8.72 55.23
N ALA V 67 35.44 -8.62 55.99
CA ALA V 67 34.62 -9.78 56.34
C ALA V 67 33.24 -9.62 55.70
N ILE V 68 32.84 -10.61 54.91
CA ILE V 68 31.57 -10.61 54.22
C ILE V 68 30.51 -11.17 55.16
N SER V 69 29.38 -10.46 55.28
CA SER V 69 28.31 -10.90 56.16
C SER V 69 27.27 -11.73 55.42
N SER V 70 26.75 -11.23 54.30
CA SER V 70 25.71 -11.94 53.58
C SER V 70 25.65 -11.42 52.15
N ILE V 71 25.12 -12.25 51.26
CA ILE V 71 24.93 -11.90 49.86
C ILE V 71 23.44 -11.91 49.57
N GLU V 72 22.94 -10.82 48.99
CA GLU V 72 21.53 -10.68 48.66
C GLU V 72 21.43 -10.43 47.15
N VAL V 73 20.90 -11.41 46.42
CA VAL V 73 20.77 -11.34 44.98
C VAL V 73 19.32 -11.60 44.61
N ALA V 74 18.69 -10.64 43.93
CA ALA V 74 17.33 -10.78 43.41
C ALA V 74 16.35 -11.13 44.52
N GLY V 75 16.53 -10.52 45.69
CA GLY V 75 15.62 -10.69 46.80
C GLY V 75 15.91 -11.89 47.68
N VAL V 76 16.75 -12.81 47.24
CA VAL V 76 17.10 -14.00 48.03
C VAL V 76 18.39 -13.71 48.78
N SER V 77 18.32 -13.70 50.10
CA SER V 77 19.49 -13.47 50.94
C SER V 77 20.15 -14.80 51.27
N ILE V 78 21.48 -14.77 51.39
CA ILE V 78 22.25 -15.97 51.68
C ILE V 78 23.30 -15.65 52.76
N PRO V 79 23.21 -16.26 53.92
CA PRO V 79 24.20 -15.99 54.97
C PRO V 79 25.53 -16.67 54.66
N CYS V 80 26.59 -16.11 55.24
CA CYS V 80 27.94 -16.63 55.09
C CYS V 80 28.57 -16.71 56.47
N THR V 81 28.80 -17.94 56.95
CA THR V 81 29.33 -18.17 58.28
C THR V 81 30.66 -18.92 58.25
N SER V 82 31.22 -19.15 57.07
CA SER V 82 32.50 -19.84 56.95
C SER V 82 33.21 -19.36 55.69
N SER V 83 34.52 -19.22 55.78
CA SER V 83 35.35 -18.74 54.67
C SER V 83 34.88 -17.39 54.16
N ASN V 84 34.36 -16.55 55.06
CA ASN V 84 33.80 -15.26 54.70
C ASN V 84 34.83 -14.14 54.71
N LEU V 85 36.11 -14.47 54.54
CA LEU V 85 37.18 -13.48 54.53
C LEU V 85 37.76 -13.36 53.13
N VAL V 86 37.99 -12.12 52.70
CA VAL V 86 38.62 -11.85 51.42
C VAL V 86 40.10 -11.58 51.68
N LYS V 87 40.94 -12.56 51.37
CA LYS V 87 42.36 -12.47 51.72
C LYS V 87 43.15 -11.61 50.75
N ALA V 88 42.81 -11.64 49.46
CA ALA V 88 43.58 -10.95 48.43
C ALA V 88 42.71 -10.81 47.20
N PRO V 89 43.02 -9.86 46.32
CA PRO V 89 42.23 -9.70 45.10
C PRO V 89 42.32 -10.95 44.24
N GLY V 90 41.19 -11.33 43.66
CA GLY V 90 41.13 -12.50 42.81
C GLY V 90 39.71 -12.81 42.41
N GLU V 91 39.56 -13.94 41.73
CA GLU V 91 38.27 -14.42 41.26
C GLU V 91 37.70 -15.39 42.29
N TYR V 92 36.51 -15.11 42.77
CA TYR V 92 35.87 -15.93 43.80
C TYR V 92 34.54 -16.45 43.29
N VAL V 93 34.14 -17.61 43.83
CA VAL V 93 32.95 -18.32 43.38
C VAL V 93 32.01 -18.48 44.55
N ILE V 94 30.79 -17.97 44.41
CA ILE V 94 29.76 -18.05 45.45
C ILE V 94 28.63 -18.92 44.92
N GLU V 95 28.24 -19.93 45.68
CA GLU V 95 27.16 -20.81 45.29
C GLU V 95 25.82 -20.26 45.75
N LEU V 96 24.90 -20.05 44.82
CA LEU V 96 23.55 -19.62 45.13
C LEU V 96 22.68 -20.86 45.33
N SER V 97 21.92 -20.87 46.42
CA SER V 97 21.30 -22.13 46.85
C SER V 97 20.09 -22.49 46.00
N SER V 98 19.05 -21.67 46.01
CA SER V 98 17.76 -22.05 45.44
C SER V 98 17.20 -21.05 44.45
N VAL V 99 17.97 -20.04 44.03
CA VAL V 99 17.45 -19.06 43.08
C VAL V 99 17.26 -19.75 41.73
N SER V 100 16.04 -19.70 41.21
CA SER V 100 15.70 -20.32 39.94
C SER V 100 15.58 -19.21 38.89
N VAL V 101 16.50 -19.20 37.93
CA VAL V 101 16.58 -18.17 36.91
C VAL V 101 16.50 -18.83 35.54
N SER V 102 16.59 -17.99 34.51
CA SER V 102 16.58 -18.45 33.13
C SER V 102 17.53 -17.58 32.33
N VAL V 103 18.18 -18.19 31.32
CA VAL V 103 19.19 -17.50 30.55
C VAL V 103 18.63 -16.22 29.93
N GLY V 104 19.35 -15.12 30.11
CA GLY V 104 19.01 -13.84 29.52
C GLY V 104 18.64 -12.77 30.52
N GLN V 105 18.07 -13.15 31.67
CA GLN V 105 17.61 -12.17 32.64
C GLN V 105 18.77 -11.34 33.19
N VAL V 106 18.42 -10.23 33.85
CA VAL V 106 19.38 -9.32 34.43
C VAL V 106 19.06 -9.19 35.92
N LEU V 107 20.02 -9.56 36.76
CA LEU V 107 19.86 -9.56 38.21
C LEU V 107 20.85 -8.59 38.85
N THR V 108 20.39 -7.90 39.89
CA THR V 108 21.27 -7.07 40.67
C THR V 108 21.57 -7.78 42.00
N GLY V 109 22.30 -7.11 42.89
CA GLY V 109 22.67 -7.76 44.14
C GLY V 109 23.49 -6.82 44.99
N ARG V 110 23.87 -7.34 46.16
CA ARG V 110 24.69 -6.62 47.12
C ARG V 110 25.59 -7.58 47.87
N ILE V 111 26.77 -7.11 48.24
CA ILE V 111 27.63 -7.80 49.19
C ILE V 111 27.69 -6.95 50.45
N VAL V 112 27.05 -7.40 51.52
CA VAL V 112 27.01 -6.66 52.77
C VAL V 112 28.18 -7.10 53.63
N LEU V 113 29.04 -6.15 53.98
CA LEU V 113 30.22 -6.43 54.79
C LEU V 113 29.85 -6.42 56.27
N ALA V 114 30.86 -6.65 57.11
CA ALA V 114 30.63 -6.62 58.55
C ALA V 114 30.65 -5.21 59.11
N SER V 115 31.47 -4.33 58.53
CA SER V 115 31.55 -2.96 59.02
C SER V 115 30.32 -2.14 58.68
N GLY V 116 29.72 -2.36 57.51
CA GLY V 116 28.56 -1.60 57.11
C GLY V 116 28.55 -1.23 55.64
N ALA V 117 29.73 -1.10 55.04
CA ALA V 117 29.80 -0.80 53.62
C ALA V 117 29.29 -1.98 52.80
N ILE V 118 28.89 -1.68 51.57
CA ILE V 118 28.32 -2.67 50.67
C ILE V 118 28.94 -2.51 49.29
N SER V 119 28.47 -3.33 48.35
CA SER V 119 28.91 -3.28 46.96
C SER V 119 27.83 -3.92 46.10
N PRO V 120 27.28 -3.21 45.12
CA PRO V 120 26.21 -3.77 44.28
C PRO V 120 26.75 -4.48 43.04
N PHE V 121 25.85 -5.23 42.39
CA PHE V 121 26.23 -6.15 41.33
C PHE V 121 25.73 -5.76 39.95
N THR V 122 24.42 -5.75 39.74
CA THR V 122 23.82 -5.70 38.40
C THR V 122 24.54 -6.66 37.45
N ALA V 123 24.39 -7.95 37.74
CA ALA V 123 25.06 -9.00 37.00
C ALA V 123 24.06 -9.80 36.17
N THR V 124 24.42 -10.05 34.91
CA THR V 124 23.55 -10.80 34.02
C THR V 124 23.79 -12.30 34.16
N VAL V 125 22.94 -13.08 33.52
CA VAL V 125 23.00 -14.54 33.58
C VAL V 125 23.53 -15.07 32.25
N VAL V 126 24.40 -16.08 32.31
CA VAL V 126 24.95 -16.72 31.13
C VAL V 126 24.92 -18.22 31.38
N ALA V 127 24.72 -18.99 30.30
CA ALA V 127 24.63 -20.43 30.39
C ALA V 127 26.01 -21.06 30.49
N ALA V 128 26.13 -22.11 31.31
CA ALA V 128 27.37 -22.84 31.47
C ALA V 128 27.03 -24.31 31.68
N ASP V 129 28.08 -25.14 31.65
CA ASP V 129 27.88 -26.59 31.67
C ASP V 129 27.98 -27.19 33.07
N HIS V 130 29.13 -27.03 33.72
CA HIS V 130 29.40 -27.73 34.97
C HIS V 130 29.87 -26.76 36.05
N VAL V 131 29.56 -27.10 37.29
CA VAL V 131 30.03 -26.32 38.44
C VAL V 131 31.55 -26.46 38.54
N PRO V 132 32.30 -25.37 38.63
CA PRO V 132 33.76 -25.49 38.68
C PRO V 132 34.21 -26.01 40.04
N SER V 133 35.14 -26.96 40.01
CA SER V 133 35.73 -27.53 41.21
C SER V 133 37.07 -26.84 41.44
N THR V 134 37.07 -25.79 42.25
CA THR V 134 38.26 -25.01 42.50
C THR V 134 38.14 -24.36 43.88
N GLU V 135 39.22 -23.72 44.31
CA GLU V 135 39.27 -23.02 45.58
C GLU V 135 38.62 -21.65 45.41
N ASN V 136 38.84 -20.77 46.39
CA ASN V 136 38.36 -19.40 46.37
C ASN V 136 36.83 -19.34 46.44
N LYS V 137 36.25 -20.19 47.28
CA LYS V 137 34.83 -20.07 47.61
C LYS V 137 34.68 -19.14 48.81
N LEU V 138 33.53 -18.47 48.87
CA LEU V 138 33.33 -17.44 49.88
C LEU V 138 32.25 -17.77 50.91
N CYS V 139 31.30 -18.62 50.58
CA CYS V 139 30.23 -18.96 51.52
C CYS V 139 29.94 -20.46 51.36
N SER V 140 30.60 -21.27 52.18
CA SER V 140 30.43 -22.72 52.12
C SER V 140 29.83 -23.25 53.42
N MET W 1 -3.50 -1.46 -4.29
CA MET W 1 -4.08 -0.79 -3.14
C MET W 1 -3.96 -1.61 -1.88
N THR W 2 -4.30 -1.02 -0.74
CA THR W 2 -4.32 -1.75 0.52
C THR W 2 -5.32 -2.91 0.41
N SER W 3 -5.03 -4.00 1.13
CA SER W 3 -5.87 -5.18 1.04
C SER W 3 -7.30 -4.92 1.48
N LEU W 4 -7.52 -3.91 2.32
CA LEU W 4 -8.89 -3.48 2.61
C LEU W 4 -9.59 -3.07 1.31
N GLU W 5 -8.87 -2.32 0.47
CA GLU W 5 -9.44 -1.87 -0.78
C GLU W 5 -9.71 -3.04 -1.71
N ILE W 6 -8.77 -3.96 -1.83
CA ILE W 6 -8.98 -5.12 -2.69
C ILE W 6 -10.13 -5.95 -2.16
N ALA W 7 -10.30 -6.02 -0.83
CA ALA W 7 -11.44 -6.73 -0.27
C ALA W 7 -12.75 -6.09 -0.72
N ILE W 8 -12.88 -4.78 -0.54
CA ILE W 8 -14.11 -4.09 -0.94
C ILE W 8 -14.38 -4.28 -2.42
N ILE W 9 -13.37 -4.02 -3.26
CA ILE W 9 -13.55 -4.07 -4.70
C ILE W 9 -13.85 -5.48 -5.17
N VAL W 10 -13.18 -6.49 -4.60
CA VAL W 10 -13.44 -7.86 -5.02
C VAL W 10 -14.84 -8.29 -4.59
N ALA W 11 -15.31 -7.83 -3.43
CA ALA W 11 -16.68 -8.15 -3.03
C ALA W 11 -17.68 -7.59 -4.03
N ILE W 12 -17.58 -6.29 -4.32
CA ILE W 12 -18.55 -5.67 -5.24
C ILE W 12 -18.44 -6.27 -6.63
N VAL W 13 -17.21 -6.42 -7.12
CA VAL W 13 -16.93 -6.99 -8.42
C VAL W 13 -17.47 -8.41 -8.56
N LEU W 14 -17.33 -9.24 -7.52
CA LEU W 14 -17.85 -10.59 -7.59
C LEU W 14 -19.37 -10.60 -7.58
N VAL W 15 -19.99 -9.71 -6.78
CA VAL W 15 -21.44 -9.62 -6.80
C VAL W 15 -21.93 -9.29 -8.22
N ILE W 16 -21.31 -8.30 -8.85
CA ILE W 16 -21.73 -7.89 -10.18
C ILE W 16 -21.49 -9.02 -11.19
N ALA W 17 -20.36 -9.71 -11.08
CA ALA W 17 -20.06 -10.79 -12.00
C ALA W 17 -21.10 -11.89 -11.92
N ILE W 18 -21.42 -12.33 -10.70
CA ILE W 18 -22.41 -13.39 -10.53
C ILE W 18 -23.77 -12.93 -11.07
N ALA W 19 -24.15 -11.69 -10.76
CA ALA W 19 -25.43 -11.18 -11.24
C ALA W 19 -25.52 -11.25 -12.77
N VAL W 20 -24.48 -10.74 -13.45
CA VAL W 20 -24.52 -10.71 -14.92
C VAL W 20 -24.47 -12.13 -15.50
N GLY W 21 -23.67 -13.00 -14.91
CA GLY W 21 -23.58 -14.36 -15.43
C GLY W 21 -24.90 -15.10 -15.35
N TRP W 22 -25.54 -15.06 -14.18
CA TRP W 22 -26.83 -15.74 -14.10
C TRP W 22 -27.93 -14.99 -14.81
N TYR W 23 -27.74 -13.70 -15.09
CA TYR W 23 -28.61 -13.01 -16.03
C TYR W 23 -28.52 -13.63 -17.42
N LEU W 24 -27.29 -13.91 -17.88
CA LEU W 24 -27.12 -14.60 -19.16
C LEU W 24 -27.80 -15.96 -19.14
N TYR W 25 -27.62 -16.71 -18.05
CA TYR W 25 -28.31 -18.01 -17.94
C TYR W 25 -29.82 -17.86 -18.03
N THR W 26 -30.40 -16.88 -17.33
CA THR W 26 -31.85 -16.74 -17.35
C THR W 26 -32.34 -16.31 -18.73
N THR W 27 -31.58 -15.44 -19.40
CA THR W 27 -31.96 -15.05 -20.75
C THR W 27 -31.95 -16.25 -21.68
N PHE W 28 -30.95 -17.13 -21.54
CA PHE W 28 -30.91 -18.34 -22.37
C PHE W 28 -32.09 -19.26 -22.05
N ALA W 29 -32.41 -19.41 -20.76
CA ALA W 29 -33.52 -20.27 -20.38
C ALA W 29 -34.85 -19.73 -20.87
N ALA W 30 -34.96 -18.40 -21.00
CA ALA W 30 -36.19 -17.83 -21.53
C ALA W 30 -36.24 -17.92 -23.06
N ALA W 31 -35.09 -17.78 -23.71
CA ALA W 31 -35.05 -17.89 -25.16
C ALA W 31 -35.25 -19.32 -25.65
N GLY W 32 -34.91 -20.30 -24.82
CA GLY W 32 -35.13 -21.69 -25.22
C GLY W 32 -36.58 -22.10 -25.26
N GLN W 33 -37.47 -21.30 -24.68
CA GLN W 33 -38.90 -21.63 -24.61
C GLN W 33 -39.69 -20.95 -25.72
N GLN W 34 -39.02 -20.48 -26.77
CA GLN W 34 -39.74 -19.90 -27.90
C GLN W 34 -40.49 -21.00 -28.64
N THR W 35 -41.78 -20.79 -28.84
CA THR W 35 -42.65 -21.86 -29.32
C THR W 35 -43.55 -21.33 -30.43
N GLY W 36 -44.31 -22.26 -31.02
CA GLY W 36 -45.23 -21.91 -32.08
C GLY W 36 -45.89 -23.16 -32.59
N LEU W 37 -47.06 -22.98 -33.20
CA LEU W 37 -47.84 -24.09 -33.72
C LEU W 37 -47.39 -24.43 -35.14
N THR W 38 -47.60 -25.69 -35.50
CA THR W 38 -47.42 -26.15 -36.87
C THR W 38 -48.46 -27.20 -37.16
N ALA W 39 -48.91 -27.26 -38.42
CA ALA W 39 -49.93 -28.22 -38.84
C ALA W 39 -49.28 -29.24 -39.74
N THR W 40 -49.79 -30.46 -39.71
CA THR W 40 -49.29 -31.53 -40.55
C THR W 40 -50.36 -32.18 -41.41
N LYS W 41 -51.63 -31.92 -41.14
CA LYS W 41 -52.72 -32.53 -41.89
C LYS W 41 -54.02 -31.80 -41.61
N ALA W 42 -54.75 -31.42 -42.64
CA ALA W 42 -55.98 -30.67 -42.46
C ALA W 42 -56.90 -30.91 -43.64
N THR W 43 -58.13 -31.33 -43.36
CA THR W 43 -59.12 -31.58 -44.41
C THR W 43 -60.48 -31.17 -43.85
N ILE W 44 -61.04 -30.08 -44.37
CA ILE W 44 -62.36 -29.65 -43.93
C ILE W 44 -63.39 -30.69 -44.32
N TYR W 45 -64.23 -31.06 -43.37
CA TYR W 45 -65.28 -32.05 -43.60
C TYR W 45 -66.64 -31.36 -43.61
N VAL W 46 -67.55 -31.90 -44.42
CA VAL W 46 -68.91 -31.38 -44.54
C VAL W 46 -69.89 -32.54 -44.43
N THR W 47 -70.95 -32.35 -43.67
CA THR W 47 -71.99 -33.35 -43.51
C THR W 47 -73.10 -33.12 -44.52
N LYS W 48 -74.03 -34.07 -44.56
CA LYS W 48 -75.16 -33.96 -45.50
C LYS W 48 -76.11 -32.83 -45.11
N ASP W 49 -76.15 -32.47 -43.83
CA ASP W 49 -77.11 -31.49 -43.34
C ASP W 49 -76.53 -30.08 -43.29
N GLY W 50 -75.32 -29.87 -43.81
CA GLY W 50 -74.72 -28.56 -43.85
C GLY W 50 -73.71 -28.27 -42.75
N ASN W 51 -73.63 -29.11 -41.72
CA ASN W 51 -72.66 -28.90 -40.66
C ASN W 51 -71.26 -29.13 -41.20
N VAL W 52 -70.36 -28.17 -40.96
CA VAL W 52 -68.97 -28.27 -41.37
C VAL W 52 -68.09 -28.23 -40.14
N TYR W 53 -66.98 -28.95 -40.21
CA TYR W 53 -66.03 -28.99 -39.11
C TYR W 53 -64.66 -29.36 -39.66
N LEU W 54 -63.62 -28.73 -39.12
CA LEU W 54 -62.26 -28.99 -39.55
C LEU W 54 -61.63 -30.05 -38.66
N ASN W 55 -60.95 -31.01 -39.28
CA ASN W 55 -60.31 -32.13 -38.58
C ASN W 55 -58.81 -32.00 -38.82
N VAL W 56 -58.13 -31.25 -37.95
CA VAL W 56 -56.73 -30.90 -38.14
C VAL W 56 -55.88 -31.69 -37.16
N THR W 57 -54.58 -31.76 -37.46
CA THR W 57 -53.59 -32.41 -36.60
C THR W 57 -52.49 -31.40 -36.30
N LEU W 58 -52.34 -31.06 -35.03
CA LEU W 58 -51.40 -30.04 -34.61
C LEU W 58 -50.23 -30.65 -33.86
N VAL W 59 -49.09 -29.99 -33.94
CA VAL W 59 -47.88 -30.38 -33.23
C VAL W 59 -47.20 -29.11 -32.70
N PRO W 60 -47.17 -28.90 -31.39
CA PRO W 60 -46.53 -27.69 -30.87
C PRO W 60 -45.01 -27.76 -31.04
N GLN W 61 -44.47 -26.77 -31.73
CA GLN W 61 -43.03 -26.63 -31.92
C GLN W 61 -42.50 -25.85 -30.73
N GLY W 62 -41.55 -26.45 -30.01
CA GLY W 62 -41.02 -25.86 -28.80
C GLY W 62 -41.38 -26.69 -27.59
N ALA W 63 -41.19 -26.10 -26.42
CA ALA W 63 -41.56 -26.70 -25.15
C ALA W 63 -42.37 -25.68 -24.37
N ALA W 64 -43.66 -25.59 -24.68
CA ALA W 64 -44.54 -24.62 -24.04
C ALA W 64 -45.98 -24.95 -24.41
N GLN W 65 -46.90 -24.22 -23.79
CA GLN W 65 -48.33 -24.39 -24.00
C GLN W 65 -48.80 -23.22 -24.87
N VAL W 66 -48.86 -23.45 -26.18
CA VAL W 66 -49.29 -22.40 -27.09
C VAL W 66 -50.77 -22.11 -26.89
N ALA W 67 -51.15 -20.86 -27.13
CA ALA W 67 -52.53 -20.42 -26.99
C ALA W 67 -53.06 -19.97 -28.34
N ILE W 68 -54.16 -20.58 -28.79
CA ILE W 68 -54.79 -20.24 -30.05
C ILE W 68 -55.72 -19.05 -29.82
N SER W 69 -55.56 -18.01 -30.64
CA SER W 69 -56.38 -16.81 -30.49
C SER W 69 -57.60 -16.84 -31.40
N SER W 70 -57.41 -17.09 -32.70
CA SER W 70 -58.52 -17.07 -33.63
C SER W 70 -58.17 -17.94 -34.83
N ILE W 71 -59.21 -18.43 -35.51
CA ILE W 71 -59.08 -19.24 -36.71
C ILE W 71 -59.78 -18.50 -37.84
N GLU W 72 -59.06 -18.26 -38.93
CA GLU W 72 -59.58 -17.54 -40.09
C GLU W 72 -59.49 -18.47 -41.29
N VAL W 73 -60.64 -18.87 -41.83
CA VAL W 73 -60.71 -19.78 -42.97
C VAL W 73 -61.58 -19.13 -44.04
N ALA W 74 -61.00 -18.91 -45.22
CA ALA W 74 -61.72 -18.39 -46.38
C ALA W 74 -62.42 -17.09 -46.06
N GLY W 75 -61.74 -16.21 -45.32
CA GLY W 75 -62.27 -14.92 -44.99
C GLY W 75 -63.19 -14.89 -43.78
N VAL W 76 -63.64 -16.04 -43.29
CA VAL W 76 -64.50 -16.11 -42.12
C VAL W 76 -63.62 -16.32 -40.90
N SER W 77 -63.60 -15.35 -40.00
CA SER W 77 -62.83 -15.43 -38.77
C SER W 77 -63.69 -16.03 -37.67
N ILE W 78 -63.08 -16.85 -36.83
CA ILE W 78 -63.80 -17.52 -35.75
C ILE W 78 -63.01 -17.35 -34.45
N PRO W 79 -63.48 -16.55 -33.51
CA PRO W 79 -62.74 -16.38 -32.26
C PRO W 79 -62.82 -17.62 -31.39
N CYS W 80 -61.82 -17.74 -30.51
CA CYS W 80 -61.72 -18.86 -29.58
C CYS W 80 -61.51 -18.30 -28.18
N THR W 81 -62.48 -18.55 -27.30
CA THR W 81 -62.45 -18.02 -25.94
C THR W 81 -62.46 -19.11 -24.88
N SER W 82 -62.39 -20.37 -25.28
CA SER W 82 -62.38 -21.48 -24.33
C SER W 82 -61.69 -22.68 -24.96
N SER W 83 -61.00 -23.45 -24.13
CA SER W 83 -60.28 -24.64 -24.57
C SER W 83 -59.26 -24.33 -25.66
N ASN W 84 -58.70 -23.11 -25.62
CA ASN W 84 -57.79 -22.64 -26.66
C ASN W 84 -56.34 -22.99 -26.38
N LEU W 85 -56.08 -24.03 -25.60
CA LEU W 85 -54.73 -24.46 -25.28
C LEU W 85 -54.43 -25.79 -25.97
N VAL W 86 -53.25 -25.89 -26.56
CA VAL W 86 -52.78 -27.11 -27.19
C VAL W 86 -51.85 -27.81 -26.21
N LYS W 87 -52.34 -28.85 -25.55
CA LYS W 87 -51.59 -29.50 -24.48
C LYS W 87 -50.54 -30.46 -25.00
N ALA W 88 -50.79 -31.14 -26.10
CA ALA W 88 -49.90 -32.19 -26.59
C ALA W 88 -50.19 -32.43 -28.06
N PRO W 89 -49.24 -32.96 -28.81
CA PRO W 89 -49.49 -33.26 -30.22
C PRO W 89 -50.62 -34.29 -30.37
N GLY W 90 -51.46 -34.07 -31.36
CA GLY W 90 -52.59 -34.97 -31.59
C GLY W 90 -53.53 -34.39 -32.62
N GLU W 91 -54.63 -35.10 -32.81
CA GLU W 91 -55.66 -34.72 -33.77
C GLU W 91 -56.75 -33.94 -33.04
N TYR W 92 -57.08 -32.76 -33.57
CA TYR W 92 -58.05 -31.87 -32.94
C TYR W 92 -59.14 -31.52 -33.93
N VAL W 93 -60.33 -31.21 -33.40
CA VAL W 93 -61.52 -30.96 -34.19
C VAL W 93 -62.03 -29.57 -33.86
N ILE W 94 -62.27 -28.75 -34.89
CA ILE W 94 -62.77 -27.40 -34.74
C ILE W 94 -64.05 -27.27 -35.54
N GLU W 95 -65.12 -26.80 -34.90
CA GLU W 95 -66.37 -26.56 -35.60
C GLU W 95 -66.34 -25.20 -36.27
N LEU W 96 -66.69 -25.16 -37.55
CA LEU W 96 -66.86 -23.92 -38.29
C LEU W 96 -68.34 -23.55 -38.27
N SER W 97 -68.64 -22.28 -37.98
CA SER W 97 -70.00 -21.91 -37.64
C SER W 97 -70.88 -21.79 -38.87
N SER W 98 -70.57 -20.86 -39.76
CA SER W 98 -71.50 -20.49 -40.82
C SER W 98 -70.93 -20.57 -42.23
N VAL W 99 -69.73 -21.12 -42.39
CA VAL W 99 -69.14 -21.23 -43.72
C VAL W 99 -69.93 -22.24 -44.53
N SER W 100 -70.45 -21.82 -45.67
CA SER W 100 -71.21 -22.69 -46.57
C SER W 100 -70.34 -23.02 -47.78
N VAL W 101 -69.92 -24.28 -47.87
CA VAL W 101 -69.01 -24.74 -48.91
C VAL W 101 -69.67 -25.87 -49.69
N SER W 102 -68.93 -26.40 -50.66
CA SER W 102 -69.39 -27.51 -51.47
C SER W 102 -68.21 -28.43 -51.73
N VAL W 103 -68.51 -29.72 -51.85
CA VAL W 103 -67.46 -30.72 -51.99
C VAL W 103 -66.60 -30.43 -53.21
N GLY W 104 -65.28 -30.43 -53.01
CA GLY W 104 -64.31 -30.27 -54.07
C GLY W 104 -63.48 -29.01 -53.98
N GLN W 105 -64.00 -27.96 -53.37
CA GLN W 105 -63.30 -26.69 -53.32
C GLN W 105 -62.02 -26.80 -52.51
N VAL W 106 -61.15 -25.80 -52.66
CA VAL W 106 -59.87 -25.73 -51.96
C VAL W 106 -59.83 -24.45 -51.15
N LEU W 107 -59.73 -24.57 -49.83
CA LEU W 107 -59.75 -23.44 -48.92
C LEU W 107 -58.43 -23.35 -48.18
N THR W 108 -57.98 -22.13 -47.93
CA THR W 108 -56.79 -21.90 -47.13
C THR W 108 -57.21 -21.32 -45.78
N GLY W 109 -56.24 -20.99 -44.93
CA GLY W 109 -56.58 -20.50 -43.61
C GLY W 109 -55.33 -20.22 -42.80
N ARG W 110 -55.56 -19.77 -41.56
CA ARG W 110 -54.49 -19.47 -40.63
C ARG W 110 -54.93 -19.83 -39.21
N ILE W 111 -53.97 -20.20 -38.38
CA ILE W 111 -54.17 -20.30 -36.94
C ILE W 111 -53.34 -19.20 -36.29
N VAL W 112 -53.99 -18.16 -35.82
CA VAL W 112 -53.31 -17.03 -35.20
C VAL W 112 -53.14 -17.33 -33.71
N LEU W 113 -51.89 -17.35 -33.25
CA LEU W 113 -51.58 -17.63 -31.86
C LEU W 113 -51.63 -16.33 -31.06
N ALA W 114 -51.40 -16.46 -29.75
CA ALA W 114 -51.40 -15.29 -28.88
C ALA W 114 -50.05 -14.56 -28.93
N SER W 115 -48.96 -15.29 -29.12
CA SER W 115 -47.65 -14.66 -29.17
C SER W 115 -47.43 -13.85 -30.44
N GLY W 116 -47.98 -14.29 -31.57
CA GLY W 116 -47.80 -13.57 -32.82
C GLY W 116 -47.56 -14.49 -34.00
N ALA W 117 -46.91 -15.63 -33.76
CA ALA W 117 -46.69 -16.59 -34.84
C ALA W 117 -48.01 -17.19 -35.30
N ILE W 118 -48.02 -17.68 -36.54
CA ILE W 118 -49.22 -18.23 -37.17
C ILE W 118 -48.85 -19.55 -37.84
N SER W 119 -49.84 -20.16 -38.47
CA SER W 119 -49.68 -21.42 -39.17
C SER W 119 -50.82 -21.57 -40.18
N PRO W 120 -50.52 -21.78 -41.45
CA PRO W 120 -51.57 -21.84 -42.48
C PRO W 120 -52.13 -23.24 -42.68
N PHE W 121 -53.20 -23.31 -43.48
CA PHE W 121 -54.01 -24.52 -43.62
C PHE W 121 -53.92 -25.17 -45.00
N THR W 122 -54.27 -24.44 -46.06
CA THR W 122 -54.45 -24.97 -47.42
C THR W 122 -55.09 -26.36 -47.41
N ALA W 123 -56.30 -26.40 -46.84
CA ALA W 123 -57.03 -27.64 -46.63
C ALA W 123 -58.16 -27.77 -47.63
N THR W 124 -58.32 -28.96 -48.21
CA THR W 124 -59.39 -29.23 -49.13
C THR W 124 -60.63 -29.73 -48.40
N VAL W 125 -61.75 -29.80 -49.12
CA VAL W 125 -63.02 -30.23 -48.56
C VAL W 125 -63.29 -31.66 -48.98
N VAL W 126 -63.81 -32.47 -48.07
CA VAL W 126 -64.17 -33.85 -48.32
C VAL W 126 -65.52 -34.12 -47.67
N ALA W 127 -66.31 -34.97 -48.31
CA ALA W 127 -67.65 -35.29 -47.83
C ALA W 127 -67.57 -36.27 -46.66
N ALA W 128 -68.45 -36.07 -45.69
CA ALA W 128 -68.54 -36.95 -44.52
C ALA W 128 -69.99 -37.01 -44.08
N ASP W 129 -70.28 -37.94 -43.17
CA ASP W 129 -71.65 -38.23 -42.78
C ASP W 129 -72.08 -37.47 -41.51
N HIS W 130 -71.39 -37.70 -40.41
CA HIS W 130 -71.82 -37.20 -39.11
C HIS W 130 -70.69 -36.50 -38.38
N VAL W 131 -71.06 -35.52 -37.57
CA VAL W 131 -70.10 -34.82 -36.73
C VAL W 131 -69.57 -35.77 -35.65
N PRO W 132 -68.27 -35.93 -35.50
CA PRO W 132 -67.75 -36.87 -34.50
C PRO W 132 -67.95 -36.33 -33.09
N SER W 133 -68.39 -37.21 -32.20
CA SER W 133 -68.58 -36.88 -30.79
C SER W 133 -67.37 -37.40 -30.03
N THR W 134 -66.38 -36.52 -29.84
CA THR W 134 -65.14 -36.91 -29.18
C THR W 134 -64.53 -35.67 -28.53
N GLU W 135 -63.44 -35.89 -27.81
CA GLU W 135 -62.73 -34.82 -27.14
C GLU W 135 -61.82 -34.12 -28.14
N ASN W 136 -60.88 -33.31 -27.62
CA ASN W 136 -59.89 -32.61 -28.44
C ASN W 136 -60.54 -31.55 -29.31
N LYS W 137 -61.53 -30.85 -28.76
CA LYS W 137 -62.07 -29.66 -29.40
C LYS W 137 -61.26 -28.44 -28.96
N LEU W 138 -61.11 -27.49 -29.87
CA LEU W 138 -60.23 -26.36 -29.64
C LEU W 138 -60.94 -25.04 -29.43
N CYS W 139 -62.15 -24.86 -29.97
CA CYS W 139 -62.89 -23.60 -29.82
C CYS W 139 -64.36 -23.96 -29.62
N SER W 140 -64.76 -24.09 -28.37
CA SER W 140 -66.13 -24.44 -28.04
C SER W 140 -66.80 -23.35 -27.22
N MET X 1 61.44 32.59 91.80
CA MET X 1 62.86 32.32 91.99
C MET X 1 63.68 33.59 92.02
N THR X 2 64.97 33.45 92.32
CA THR X 2 65.89 34.57 92.23
C THR X 2 65.91 35.10 90.79
N SER X 3 66.13 36.41 90.67
CA SER X 3 66.11 37.04 89.35
C SER X 3 67.21 36.51 88.45
N LEU X 4 68.25 35.90 88.99
CA LEU X 4 69.20 35.20 88.15
C LEU X 4 68.51 34.08 87.38
N GLU X 5 67.69 33.29 88.08
CA GLU X 5 66.96 32.23 87.43
C GLU X 5 65.97 32.76 86.43
N ILE X 6 65.24 33.83 86.79
CA ILE X 6 64.28 34.39 85.86
C ILE X 6 64.99 34.93 84.64
N ALA X 7 66.18 35.49 84.81
CA ALA X 7 66.95 35.96 83.66
C ALA X 7 67.30 34.80 82.74
N ILE X 8 67.88 33.73 83.30
CA ILE X 8 68.27 32.59 82.47
C ILE X 8 67.06 31.99 81.77
N ILE X 9 65.99 31.74 82.52
CA ILE X 9 64.82 31.08 81.97
C ILE X 9 64.13 31.96 80.94
N VAL X 10 64.05 33.28 81.17
CA VAL X 10 63.42 34.15 80.21
C VAL X 10 64.25 34.23 78.93
N ALA X 11 65.58 34.22 79.06
CA ALA X 11 66.41 34.19 77.85
C ALA X 11 66.13 32.95 77.02
N ILE X 12 66.21 31.77 77.64
CA ILE X 12 66.01 30.53 76.89
C ILE X 12 64.59 30.44 76.35
N VAL X 13 63.61 30.78 77.19
CA VAL X 13 62.21 30.78 76.82
C VAL X 13 61.92 31.72 75.66
N LEU X 14 62.51 32.91 75.64
CA LEU X 14 62.27 33.83 74.54
C LEU X 14 62.91 33.31 73.27
N VAL X 15 64.11 32.74 73.36
CA VAL X 15 64.73 32.15 72.17
C VAL X 15 63.82 31.08 71.58
N ILE X 16 63.31 30.20 72.42
CA ILE X 16 62.47 29.10 71.93
C ILE X 16 61.17 29.64 71.33
N ALA X 17 60.56 30.62 72.00
CA ALA X 17 59.32 31.19 71.50
C ALA X 17 59.51 31.81 70.12
N ILE X 18 60.56 32.63 69.96
CA ILE X 18 60.81 33.25 68.67
C ILE X 18 61.06 32.20 67.60
N ALA X 19 61.86 31.18 67.94
CA ALA X 19 62.14 30.13 66.97
C ALA X 19 60.85 29.46 66.48
N VAL X 20 59.98 29.07 67.42
CA VAL X 20 58.75 28.37 67.03
C VAL X 20 57.82 29.29 66.26
N GLY X 21 57.72 30.56 66.67
CA GLY X 21 56.84 31.48 65.97
C GLY X 21 57.25 31.68 64.53
N TRP X 22 58.52 31.98 64.30
CA TRP X 22 58.95 32.17 62.92
C TRP X 22 59.02 30.85 62.17
N TYR X 23 59.08 29.72 62.88
CA TYR X 23 58.86 28.43 62.21
C TYR X 23 57.44 28.35 61.65
N LEU X 24 56.45 28.77 62.43
CA LEU X 24 55.08 28.82 61.93
C LEU X 24 54.98 29.73 60.71
N TYR X 25 55.60 30.92 60.79
CA TYR X 25 55.62 31.80 59.63
C TYR X 25 56.22 31.14 58.39
N THR X 26 57.35 30.46 58.56
CA THR X 26 58.00 29.85 57.40
C THR X 26 57.17 28.72 56.84
N THR X 27 56.52 27.94 57.72
CA THR X 27 55.63 26.89 57.25
C THR X 27 54.48 27.45 56.44
N PHE X 28 53.90 28.56 56.90
CA PHE X 28 52.81 29.19 56.15
C PHE X 28 53.31 29.71 54.81
N ALA X 29 54.50 30.33 54.80
CA ALA X 29 55.03 30.88 53.56
C ALA X 29 55.37 29.77 52.57
N ALA X 30 55.71 28.59 53.05
CA ALA X 30 55.97 27.48 52.13
C ALA X 30 54.69 26.82 51.67
N ALA X 31 53.68 26.76 52.54
CA ALA X 31 52.40 26.19 52.15
C ALA X 31 51.64 27.07 51.18
N GLY X 32 51.88 28.38 51.21
CA GLY X 32 51.21 29.27 50.27
C GLY X 32 51.65 29.10 48.84
N GLN X 33 52.77 28.40 48.59
CA GLN X 33 53.32 28.24 47.26
C GLN X 33 52.94 26.90 46.63
N GLN X 34 51.91 26.25 47.13
CA GLN X 34 51.44 25.02 46.50
C GLN X 34 50.78 25.35 45.17
N THR X 35 51.23 24.68 44.10
CA THR X 35 50.87 25.08 42.76
C THR X 35 50.49 23.87 41.92
N GLY X 36 50.05 24.15 40.70
CA GLY X 36 49.66 23.10 39.77
C GLY X 36 49.06 23.73 38.53
N LEU X 37 49.07 22.95 37.46
CA LEU X 37 48.53 23.42 36.19
C LEU X 37 47.04 23.19 36.10
N THR X 38 46.40 23.98 35.24
CA THR X 38 45.01 23.77 34.87
C THR X 38 44.86 24.15 33.40
N ALA X 39 43.98 23.45 32.70
CA ALA X 39 43.79 23.64 31.27
C ALA X 39 42.44 24.31 31.04
N THR X 40 42.39 25.25 30.11
CA THR X 40 41.16 25.94 29.79
C THR X 40 40.70 25.69 28.37
N LYS X 41 41.54 25.14 27.49
CA LYS X 41 41.18 24.94 26.10
C LYS X 41 42.19 24.00 25.44
N ALA X 42 41.71 22.98 24.74
CA ALA X 42 42.61 22.03 24.11
C ALA X 42 41.91 21.41 22.90
N THR X 43 42.56 21.47 21.75
CA THR X 43 42.01 20.90 20.52
C THR X 43 43.17 20.38 19.69
N ILE X 44 43.32 19.06 19.61
CA ILE X 44 44.38 18.47 18.80
C ILE X 44 44.17 18.84 17.34
N TYR X 45 45.22 19.35 16.71
CA TYR X 45 45.18 19.73 15.31
C TYR X 45 45.96 18.72 14.48
N VAL X 46 45.49 18.46 13.27
CA VAL X 46 46.13 17.53 12.35
C VAL X 46 46.28 18.20 11.00
N THR X 47 47.45 18.03 10.38
CA THR X 47 47.72 18.58 9.06
C THR X 47 47.40 17.54 7.98
N LYS X 48 47.49 17.98 6.73
CA LYS X 48 47.20 17.08 5.61
C LYS X 48 48.27 16.02 5.44
N ASP X 49 49.50 16.31 5.87
CA ASP X 49 50.62 15.42 5.66
C ASP X 49 50.84 14.46 6.83
N GLY X 50 49.94 14.45 7.81
CA GLY X 50 50.04 13.54 8.92
C GLY X 50 50.63 14.14 10.19
N ASN X 51 51.26 15.31 10.10
CA ASN X 51 51.81 15.94 11.28
C ASN X 51 50.70 16.41 12.20
N VAL X 52 50.76 15.99 13.47
CA VAL X 52 49.78 16.37 14.47
C VAL X 52 50.48 17.19 15.54
N TYR X 53 49.72 18.10 16.16
CA TYR X 53 50.26 18.93 17.23
C TYR X 53 49.10 19.41 18.09
N LEU X 54 49.33 19.45 19.39
CA LEU X 54 48.33 19.90 20.35
C LEU X 54 48.47 21.40 20.57
N ASN X 55 47.36 22.12 20.54
CA ASN X 55 47.34 23.57 20.74
C ASN X 55 46.54 23.84 22.00
N VAL X 56 47.23 23.82 23.14
CA VAL X 56 46.58 23.91 24.44
C VAL X 56 46.84 25.29 25.04
N THR X 57 46.02 25.65 26.03
CA THR X 57 46.17 26.89 26.78
C THR X 57 46.26 26.56 28.25
N LEU X 58 47.37 26.94 28.88
CA LEU X 58 47.63 26.61 30.28
C LEU X 58 47.54 27.85 31.16
N VAL X 59 47.26 27.62 32.43
CA VAL X 59 47.25 28.67 33.44
C VAL X 59 47.83 28.09 34.72
N PRO X 60 48.97 28.59 35.20
CA PRO X 60 49.51 28.07 36.46
C PRO X 60 48.68 28.52 37.65
N GLN X 61 48.12 27.55 38.35
CA GLN X 61 47.36 27.79 39.57
C GLN X 61 48.37 27.87 40.72
N GLY X 62 48.42 29.01 41.37
CA GLY X 62 49.39 29.25 42.42
C GLY X 62 50.36 30.36 42.02
N ALA X 63 51.44 30.46 42.78
CA ALA X 63 52.51 31.41 42.50
C ALA X 63 53.82 30.63 42.51
N ALA X 64 54.13 30.00 41.37
CA ALA X 64 55.34 29.20 41.25
C ALA X 64 55.53 28.85 39.79
N GLN X 65 56.66 28.20 39.52
CA GLN X 65 57.04 27.78 38.17
C GLN X 65 56.83 26.26 38.09
N VAL X 66 55.67 25.85 37.61
CA VAL X 66 55.38 24.42 37.50
C VAL X 66 56.26 23.78 36.44
N ALA X 67 56.62 22.52 36.67
CA ALA X 67 57.46 21.77 35.75
C ALA X 67 56.67 20.59 35.20
N ILE X 68 56.63 20.47 33.88
CA ILE X 68 55.90 19.40 33.20
C ILE X 68 56.84 18.21 33.06
N SER X 69 56.35 17.03 33.48
CA SER X 69 57.16 15.83 33.39
C SER X 69 56.91 15.07 32.10
N SER X 70 55.65 14.76 31.80
CA SER X 70 55.31 13.98 30.62
C SER X 70 53.87 14.25 30.23
N ILE X 71 53.59 14.07 28.95
CA ILE X 71 52.25 14.23 28.39
C ILE X 71 51.81 12.89 27.84
N GLU X 72 50.64 12.41 28.30
CA GLU X 72 50.08 11.14 27.86
C GLU X 72 48.74 11.42 27.20
N VAL X 73 48.63 11.12 25.90
CA VAL X 73 47.43 11.36 25.13
C VAL X 73 47.06 10.07 24.40
N ALA X 74 45.87 9.55 24.71
CA ALA X 74 45.33 8.38 24.03
C ALA X 74 46.27 7.19 24.12
N GLY X 75 46.87 7.00 25.28
CA GLY X 75 47.75 5.87 25.53
C GLY X 75 49.19 6.06 25.11
N VAL X 76 49.49 7.10 24.34
CA VAL X 76 50.86 7.38 23.91
C VAL X 76 51.47 8.39 24.86
N SER X 77 52.53 7.98 25.57
CA SER X 77 53.24 8.84 26.48
C SER X 77 54.37 9.56 25.76
N ILE X 78 54.57 10.82 26.10
CA ILE X 78 55.59 11.64 25.45
C ILE X 78 56.40 12.36 26.51
N PRO X 79 57.66 11.97 26.73
CA PRO X 79 58.46 12.64 27.75
C PRO X 79 58.85 14.06 27.32
N CYS X 80 59.14 14.88 28.33
CA CYS X 80 59.55 16.26 28.12
C CYS X 80 60.83 16.51 28.91
N THR X 81 61.93 16.78 28.21
CA THR X 81 63.23 16.96 28.83
C THR X 81 63.82 18.35 28.56
N SER X 82 63.07 19.24 27.92
CA SER X 82 63.56 20.58 27.63
C SER X 82 62.37 21.52 27.49
N SER X 83 62.57 22.76 27.92
CA SER X 83 61.53 23.79 27.88
C SER X 83 60.27 23.35 28.61
N ASN X 84 60.42 22.54 29.65
CA ASN X 84 59.30 21.97 30.37
C ASN X 84 58.82 22.85 31.51
N LEU X 85 59.06 24.15 31.44
CA LEU X 85 58.63 25.09 32.46
C LEU X 85 57.53 25.99 31.90
N VAL X 86 56.49 26.20 32.69
CA VAL X 86 55.39 27.10 32.34
C VAL X 86 55.65 28.42 33.04
N LYS X 87 56.09 29.42 32.29
CA LYS X 87 56.50 30.69 32.86
C LYS X 87 55.34 31.61 33.20
N ALA X 88 54.27 31.57 32.41
CA ALA X 88 53.18 32.51 32.55
C ALA X 88 51.97 31.96 31.80
N PRO X 89 50.76 32.40 32.16
CA PRO X 89 49.58 31.92 31.43
C PRO X 89 49.63 32.33 29.97
N GLY X 90 49.21 31.43 29.10
CA GLY X 90 49.22 31.69 27.68
C GLY X 90 48.88 30.45 26.89
N GLU X 91 48.99 30.58 25.58
CA GLU X 91 48.72 29.50 24.65
C GLU X 91 50.03 28.81 24.28
N TYR X 92 50.08 27.50 24.44
CA TYR X 92 51.28 26.72 24.20
C TYR X 92 51.02 25.64 23.18
N VAL X 93 52.08 25.18 22.53
CA VAL X 93 52.00 24.23 21.43
C VAL X 93 52.90 23.05 21.74
N ILE X 94 52.34 21.84 21.66
CA ILE X 94 53.08 20.61 21.92
C ILE X 94 52.97 19.72 20.70
N GLU X 95 54.11 19.25 20.19
CA GLU X 95 54.11 18.33 19.08
C GLU X 95 53.91 16.90 19.58
N LEU X 96 53.00 16.17 18.93
CA LEU X 96 52.81 14.75 19.19
C LEU X 96 53.56 13.97 18.12
N SER X 97 54.33 12.97 18.53
CA SER X 97 55.33 12.38 17.64
C SER X 97 54.69 11.44 16.63
N SER X 98 54.09 10.35 17.10
CA SER X 98 53.68 9.25 16.23
C SER X 98 52.21 8.89 16.32
N VAL X 99 51.40 9.67 17.03
CA VAL X 99 49.98 9.35 17.14
C VAL X 99 49.32 9.56 15.78
N SER X 100 48.71 8.50 15.25
CA SER X 100 48.01 8.55 13.97
C SER X 100 46.51 8.54 14.23
N VAL X 101 45.86 9.67 13.97
CA VAL X 101 44.45 9.85 14.24
C VAL X 101 43.74 10.25 12.96
N SER X 102 42.43 10.49 13.08
CA SER X 102 41.61 10.92 11.96
C SER X 102 40.62 11.95 12.46
N VAL X 103 40.25 12.88 11.57
CA VAL X 103 39.38 13.99 11.95
C VAL X 103 38.08 13.45 12.50
N GLY X 104 37.65 14.01 13.64
CA GLY X 104 36.37 13.70 14.25
C GLY X 104 36.48 12.99 15.59
N GLN X 105 37.55 12.21 15.80
CA GLN X 105 37.67 11.42 17.02
C GLN X 105 37.80 12.33 18.24
N VAL X 106 37.59 11.74 19.41
CA VAL X 106 37.67 12.44 20.69
C VAL X 106 38.71 11.74 21.55
N LEU X 107 39.76 12.47 21.92
CA LEU X 107 40.86 11.93 22.69
C LEU X 107 40.96 12.63 24.04
N THR X 108 41.31 11.88 25.07
CA THR X 108 41.58 12.47 26.38
C THR X 108 43.09 12.55 26.59
N GLY X 109 43.52 12.94 27.78
CA GLY X 109 44.94 13.08 28.04
C GLY X 109 45.19 13.55 29.44
N ARG X 110 46.47 13.68 29.77
CA ARG X 110 46.92 14.17 31.06
C ARG X 110 48.20 14.97 30.88
N ILE X 111 48.40 15.95 31.76
CA ILE X 111 49.67 16.63 31.91
C ILE X 111 50.20 16.29 33.31
N VAL X 112 51.20 15.42 33.38
CA VAL X 112 51.77 14.98 34.64
C VAL X 112 52.87 15.95 35.04
N LEU X 113 52.73 16.58 36.19
CA LEU X 113 53.70 17.54 36.68
C LEU X 113 54.80 16.81 37.46
N ALA X 114 55.77 17.59 37.93
CA ALA X 114 56.87 17.01 38.70
C ALA X 114 56.48 16.79 40.16
N SER X 115 55.62 17.65 40.71
CA SER X 115 55.21 17.51 42.10
C SER X 115 54.26 16.35 42.31
N GLY X 116 53.41 16.04 41.35
CA GLY X 116 52.46 14.95 41.50
C GLY X 116 51.09 15.27 40.96
N ALA X 117 50.69 16.53 41.01
CA ALA X 117 49.40 16.94 40.48
C ALA X 117 49.37 16.75 38.96
N ILE X 118 48.16 16.60 38.42
CA ILE X 118 47.94 16.35 37.01
C ILE X 118 46.83 17.26 36.51
N SER X 119 46.51 17.14 35.22
CA SER X 119 45.43 17.90 34.60
C SER X 119 44.98 17.17 33.34
N PRO X 120 43.72 16.82 33.23
CA PRO X 120 43.23 16.07 32.06
C PRO X 120 42.72 16.99 30.95
N PHE X 121 42.51 16.38 29.77
CA PHE X 121 42.23 17.13 28.55
C PHE X 121 40.82 16.93 28.01
N THR X 122 40.48 15.71 27.59
CA THR X 122 39.30 15.45 26.76
C THR X 122 39.23 16.47 25.62
N ALA X 123 40.20 16.38 24.72
CA ALA X 123 40.34 17.30 23.59
C ALA X 123 39.98 16.60 22.29
N THR X 124 39.23 17.29 21.44
CA THR X 124 38.82 16.73 20.16
C THR X 124 39.85 17.04 19.08
N VAL X 125 39.66 16.42 17.92
CA VAL X 125 40.56 16.59 16.78
C VAL X 125 39.90 17.49 15.75
N VAL X 126 40.67 18.39 15.16
CA VAL X 126 40.19 19.31 14.13
C VAL X 126 41.24 19.39 13.04
N ALA X 127 40.78 19.51 11.80
CA ALA X 127 41.67 19.56 10.65
C ALA X 127 42.33 20.93 10.54
N ALA X 128 43.61 20.93 10.17
CA ALA X 128 44.37 22.16 9.99
C ALA X 128 45.32 21.97 8.82
N ASP X 129 45.94 23.07 8.38
CA ASP X 129 46.75 23.05 7.17
C ASP X 129 48.23 22.85 7.46
N HIS X 130 48.84 23.76 8.24
CA HIS X 130 50.28 23.79 8.41
C HIS X 130 50.64 23.87 9.88
N VAL X 131 51.80 23.31 10.21
CA VAL X 131 52.33 23.38 11.58
C VAL X 131 52.73 24.83 11.87
N PRO X 132 52.26 25.42 12.97
CA PRO X 132 52.61 26.83 13.24
C PRO X 132 54.05 26.97 13.67
N SER X 133 54.71 27.99 13.13
CA SER X 133 56.09 28.30 13.48
C SER X 133 56.05 29.48 14.45
N THR X 134 56.09 29.18 15.74
CA THR X 134 56.01 30.21 16.77
C THR X 134 56.70 29.70 18.03
N GLU X 135 56.79 30.58 19.01
CA GLU X 135 57.37 30.25 20.30
C GLU X 135 56.34 29.53 21.15
N ASN X 136 56.62 29.42 22.46
CA ASN X 136 55.71 28.81 23.43
C ASN X 136 55.55 27.31 23.17
N LYS X 137 56.64 26.66 22.81
CA LYS X 137 56.67 25.21 22.75
C LYS X 137 57.06 24.66 24.12
N LEU X 138 56.54 23.48 24.44
CA LEU X 138 56.71 22.94 25.78
C LEU X 138 57.58 21.69 25.86
N CYS X 139 57.65 20.90 24.79
CA CYS X 139 58.47 19.68 24.81
C CYS X 139 59.16 19.55 23.46
N SER X 140 60.37 20.07 23.38
CA SER X 140 61.13 20.04 22.14
C SER X 140 62.43 19.25 22.30
N MET Y 1 -5.34 -3.90 -8.10
CA MET Y 1 -4.61 -2.65 -8.29
C MET Y 1 -5.27 -1.51 -7.54
N THR Y 2 -4.50 -0.47 -7.25
CA THR Y 2 -4.97 0.65 -6.45
C THR Y 2 -6.22 1.26 -7.08
N SER Y 3 -7.12 1.76 -6.23
CA SER Y 3 -8.38 2.31 -6.71
C SER Y 3 -8.17 3.46 -7.68
N LEU Y 4 -7.02 4.13 -7.65
CA LEU Y 4 -6.70 5.10 -8.69
C LEU Y 4 -6.68 4.40 -10.04
N GLU Y 5 -6.06 3.23 -10.10
CA GLU Y 5 -5.99 2.48 -11.33
C GLU Y 5 -7.37 2.03 -11.79
N ILE Y 6 -8.17 1.48 -10.88
CA ILE Y 6 -9.51 1.06 -11.25
C ILE Y 6 -10.35 2.25 -11.68
N ALA Y 7 -10.12 3.41 -11.08
CA ALA Y 7 -10.84 4.61 -11.50
C ALA Y 7 -10.50 4.94 -12.95
N ILE Y 8 -9.22 5.02 -13.28
CA ILE Y 8 -8.81 5.34 -14.65
C ILE Y 8 -9.36 4.31 -15.64
N ILE Y 9 -9.16 3.02 -15.33
CA ILE Y 9 -9.55 1.96 -16.25
C ILE Y 9 -11.05 1.92 -16.42
N VAL Y 10 -11.82 2.08 -15.34
CA VAL Y 10 -13.27 2.06 -15.46
C VAL Y 10 -13.77 3.26 -16.23
N ALA Y 11 -13.12 4.42 -16.08
CA ALA Y 11 -13.53 5.57 -16.87
C ALA Y 11 -13.36 5.29 -18.37
N ILE Y 12 -12.17 4.84 -18.76
CA ILE Y 12 -11.91 4.60 -20.19
C ILE Y 12 -12.79 3.47 -20.71
N VAL Y 13 -12.89 2.40 -19.93
CA VAL Y 13 -13.75 1.26 -20.24
C VAL Y 13 -15.21 1.67 -20.44
N LEU Y 14 -15.75 2.51 -19.57
CA LEU Y 14 -17.13 2.91 -19.71
C LEU Y 14 -17.33 3.79 -20.94
N VAL Y 15 -16.38 4.70 -21.20
CA VAL Y 15 -16.49 5.52 -22.40
C VAL Y 15 -16.54 4.63 -23.64
N ILE Y 16 -15.63 3.67 -23.74
CA ILE Y 16 -15.57 2.82 -24.92
C ILE Y 16 -16.82 1.96 -25.04
N ALA Y 17 -17.29 1.41 -23.92
CA ALA Y 17 -18.48 0.55 -23.96
C ALA Y 17 -19.70 1.34 -24.42
N ILE Y 18 -19.90 2.54 -23.88
CA ILE Y 18 -21.04 3.34 -24.30
C ILE Y 18 -20.94 3.69 -25.77
N ALA Y 19 -19.74 4.05 -26.23
CA ALA Y 19 -19.55 4.36 -27.64
C ALA Y 19 -19.97 3.19 -28.52
N VAL Y 20 -19.50 1.98 -28.18
CA VAL Y 20 -19.80 0.81 -29.01
C VAL Y 20 -21.29 0.48 -28.96
N GLY Y 21 -21.90 0.56 -27.78
CA GLY Y 21 -23.31 0.24 -27.66
C GLY Y 21 -24.19 1.16 -28.49
N TRP Y 22 -23.97 2.46 -28.38
CA TRP Y 22 -24.78 3.36 -29.18
C TRP Y 22 -24.38 3.34 -30.64
N TYR Y 23 -23.17 2.87 -30.97
CA TYR Y 23 -22.86 2.56 -32.35
C TYR Y 23 -23.77 1.45 -32.88
N LEU Y 24 -23.97 0.41 -32.08
CA LEU Y 24 -24.88 -0.66 -32.47
C LEU Y 24 -26.29 -0.11 -32.66
N TYR Y 25 -26.77 0.72 -31.73
CA TYR Y 25 -28.07 1.35 -31.89
C TYR Y 25 -28.16 2.14 -33.19
N THR Y 26 -27.16 2.95 -33.50
CA THR Y 26 -27.25 3.80 -34.69
C THR Y 26 -27.20 2.96 -35.95
N THR Y 27 -26.39 1.89 -35.94
CA THR Y 27 -26.36 1.00 -37.10
C THR Y 27 -27.71 0.33 -37.31
N PHE Y 28 -28.36 -0.09 -36.24
CA PHE Y 28 -29.70 -0.68 -36.38
C PHE Y 28 -30.70 0.35 -36.90
N ALA Y 29 -30.62 1.59 -36.38
CA ALA Y 29 -31.56 2.62 -36.81
C ALA Y 29 -31.34 2.99 -38.28
N ALA Y 30 -30.12 2.85 -38.77
CA ALA Y 30 -29.87 3.14 -40.18
C ALA Y 30 -30.27 1.96 -41.07
N ALA Y 31 -30.07 0.74 -40.59
CA ALA Y 31 -30.46 -0.43 -41.35
C ALA Y 31 -31.97 -0.59 -41.42
N GLY Y 32 -32.70 -0.05 -40.46
CA GLY Y 32 -34.16 -0.14 -40.50
C GLY Y 32 -34.79 0.69 -41.59
N GLN Y 33 -34.04 1.60 -42.21
CA GLN Y 33 -34.58 2.51 -43.23
C GLN Y 33 -34.29 2.03 -44.65
N GLN Y 34 -33.93 0.76 -44.81
CA GLN Y 34 -33.72 0.23 -46.15
C GLN Y 34 -35.05 0.16 -46.89
N THR Y 35 -35.11 0.81 -48.05
CA THR Y 35 -36.39 1.05 -48.71
C THR Y 35 -36.29 0.70 -50.19
N GLY Y 36 -37.44 0.77 -50.86
CA GLY Y 36 -37.51 0.47 -52.28
C GLY Y 36 -38.95 0.49 -52.72
N LEU Y 37 -39.12 0.66 -54.03
CA LEU Y 37 -40.46 0.70 -54.60
C LEU Y 37 -40.96 -0.70 -54.95
N THR Y 38 -42.28 -0.82 -55.01
CA THR Y 38 -42.95 -2.00 -55.52
C THR Y 38 -44.17 -1.53 -56.28
N ALA Y 39 -44.53 -2.26 -57.34
CA ALA Y 39 -45.64 -1.88 -58.20
C ALA Y 39 -46.77 -2.86 -57.99
N THR Y 40 -48.00 -2.34 -57.99
CA THR Y 40 -49.18 -3.16 -57.78
C THR Y 40 -50.13 -3.15 -58.96
N LYS Y 41 -49.99 -2.21 -59.90
CA LYS Y 41 -50.89 -2.11 -61.03
C LYS Y 41 -50.29 -1.19 -62.09
N ALA Y 42 -50.27 -1.64 -63.34
CA ALA Y 42 -49.69 -0.83 -64.41
C ALA Y 42 -50.34 -1.24 -65.73
N THR Y 43 -50.87 -0.25 -66.45
CA THR Y 43 -51.50 -0.49 -67.74
C THR Y 43 -51.22 0.71 -68.63
N ILE Y 44 -50.33 0.54 -69.61
CA ILE Y 44 -50.02 1.63 -70.53
C ILE Y 44 -51.28 2.02 -71.30
N TYR Y 45 -51.57 3.31 -71.32
CA TYR Y 45 -52.72 3.84 -72.04
C TYR Y 45 -52.25 4.58 -73.29
N VAL Y 46 -53.03 4.48 -74.36
CA VAL Y 46 -52.72 5.13 -75.64
C VAL Y 46 -53.95 5.89 -76.10
N THR Y 47 -53.74 7.12 -76.54
CA THR Y 47 -54.82 7.95 -77.06
C THR Y 47 -54.96 7.76 -78.57
N LYS Y 48 -56.01 8.37 -79.13
CA LYS Y 48 -56.25 8.25 -80.57
C LYS Y 48 -55.23 9.04 -81.37
N ASP Y 49 -54.62 10.07 -80.78
CA ASP Y 49 -53.69 10.93 -81.49
C ASP Y 49 -52.24 10.48 -81.36
N GLY Y 50 -51.99 9.34 -80.72
CA GLY Y 50 -50.65 8.83 -80.57
C GLY Y 50 -49.99 9.11 -79.24
N ASN Y 51 -50.57 9.98 -78.42
CA ASN Y 51 -50.01 10.25 -77.10
C ASN Y 51 -50.17 9.03 -76.20
N VAL Y 52 -49.07 8.56 -75.64
CA VAL Y 52 -49.07 7.41 -74.74
C VAL Y 52 -48.58 7.87 -73.38
N TYR Y 53 -49.06 7.18 -72.35
CA TYR Y 53 -48.69 7.52 -70.98
C TYR Y 53 -48.95 6.31 -70.10
N LEU Y 54 -48.10 6.12 -69.09
CA LEU Y 54 -48.23 5.01 -68.17
C LEU Y 54 -49.01 5.46 -66.93
N ASN Y 55 -49.98 4.65 -66.52
CA ASN Y 55 -50.81 4.94 -65.35
C ASN Y 55 -50.53 3.85 -64.32
N VAL Y 56 -49.51 4.07 -63.50
CA VAL Y 56 -49.01 3.07 -62.57
C VAL Y 56 -49.42 3.45 -61.15
N THR Y 57 -49.38 2.46 -60.26
CA THR Y 57 -49.64 2.66 -58.84
C THR Y 57 -48.43 2.19 -58.05
N LEU Y 58 -47.80 3.09 -57.31
CA LEU Y 58 -46.59 2.79 -56.58
C LEU Y 58 -46.86 2.74 -55.08
N VAL Y 59 -46.06 1.94 -54.39
CA VAL Y 59 -46.09 1.83 -52.94
C VAL Y 59 -44.66 1.74 -52.42
N PRO Y 60 -44.18 2.72 -51.67
CA PRO Y 60 -42.82 2.62 -51.14
C PRO Y 60 -42.72 1.60 -50.02
N GLN Y 61 -41.89 0.58 -50.24
CA GLN Y 61 -41.59 -0.42 -49.22
C GLN Y 61 -40.51 0.16 -48.34
N GLY Y 62 -40.79 0.26 -47.05
CA GLY Y 62 -39.88 0.88 -46.10
C GLY Y 62 -40.47 2.16 -45.54
N ALA Y 63 -39.59 2.95 -44.94
CA ALA Y 63 -39.96 4.26 -44.40
C ALA Y 63 -38.92 5.27 -44.88
N ALA Y 64 -39.11 5.77 -46.10
CA ALA Y 64 -38.19 6.74 -46.68
C ALA Y 64 -38.83 7.33 -47.93
N GLN Y 65 -38.19 8.36 -48.46
CA GLN Y 65 -38.60 9.01 -49.70
C GLN Y 65 -37.67 8.50 -50.80
N VAL Y 66 -38.11 7.45 -51.49
CA VAL Y 66 -37.30 6.88 -52.56
C VAL Y 66 -37.19 7.85 -53.72
N ALA Y 67 -36.06 7.80 -54.42
CA ALA Y 67 -35.80 8.64 -55.57
C ALA Y 67 -35.71 7.80 -56.82
N ILE Y 68 -36.52 8.11 -57.81
CA ILE Y 68 -36.57 7.39 -59.08
C ILE Y 68 -35.52 7.98 -60.01
N SER Y 69 -34.71 7.12 -60.61
CA SER Y 69 -33.66 7.57 -61.52
C SER Y 69 -34.15 7.63 -62.96
N SER Y 70 -34.69 6.53 -63.47
CA SER Y 70 -35.13 6.48 -64.86
C SER Y 70 -36.10 5.32 -65.04
N ILE Y 71 -36.95 5.44 -66.06
CA ILE Y 71 -37.91 4.41 -66.42
C ILE Y 71 -37.51 3.85 -67.77
N GLU Y 72 -37.43 2.52 -67.86
CA GLU Y 72 -37.07 1.84 -69.10
C GLU Y 72 -38.21 0.89 -69.46
N VAL Y 73 -38.94 1.20 -70.52
CA VAL Y 73 -40.09 0.42 -70.96
C VAL Y 73 -39.88 0.03 -72.42
N ALA Y 74 -39.90 -1.29 -72.68
CA ALA Y 74 -39.81 -1.82 -74.03
C ALA Y 74 -38.56 -1.33 -74.76
N GLY Y 75 -37.46 -1.23 -74.02
CA GLY Y 75 -36.18 -0.85 -74.60
C GLY Y 75 -35.94 0.64 -74.69
N VAL Y 76 -36.96 1.47 -74.47
CA VAL Y 76 -36.82 2.92 -74.52
C VAL Y 76 -36.64 3.43 -73.11
N SER Y 77 -35.49 4.03 -72.85
CA SER Y 77 -35.17 4.59 -71.54
C SER Y 77 -35.64 6.04 -71.48
N ILE Y 78 -36.11 6.45 -70.31
CA ILE Y 78 -36.62 7.81 -70.11
C ILE Y 78 -36.05 8.37 -68.82
N PRO Y 79 -35.18 9.37 -68.89
CA PRO Y 79 -34.62 9.95 -67.66
C PRO Y 79 -35.67 10.77 -66.91
N CYS Y 80 -35.43 10.90 -65.61
CA CYS Y 80 -36.31 11.68 -64.74
C CYS Y 80 -35.44 12.61 -63.90
N THR Y 81 -35.58 13.91 -64.12
CA THR Y 81 -34.76 14.92 -63.44
C THR Y 81 -35.58 15.88 -62.61
N SER Y 82 -36.89 15.70 -62.54
CA SER Y 82 -37.74 16.57 -61.75
C SER Y 82 -38.95 15.78 -61.26
N SER Y 83 -39.39 16.10 -60.05
CA SER Y 83 -40.53 15.43 -59.41
C SER Y 83 -40.30 13.92 -59.32
N ASN Y 84 -39.04 13.50 -59.15
CA ASN Y 84 -38.68 12.10 -59.14
C ASN Y 84 -38.74 11.49 -57.74
N LEU Y 85 -39.53 12.06 -56.84
CA LEU Y 85 -39.67 11.55 -55.49
C LEU Y 85 -41.07 10.97 -55.30
N VAL Y 86 -41.12 9.82 -54.63
CA VAL Y 86 -42.39 9.17 -54.29
C VAL Y 86 -42.66 9.47 -52.83
N LYS Y 87 -43.59 10.38 -52.58
CA LYS Y 87 -43.84 10.86 -51.22
C LYS Y 87 -44.76 9.95 -50.42
N ALA Y 88 -45.70 9.28 -51.07
CA ALA Y 88 -46.69 8.46 -50.38
C ALA Y 88 -47.31 7.50 -51.37
N PRO Y 89 -47.88 6.39 -50.89
CA PRO Y 89 -48.54 5.46 -51.80
C PRO Y 89 -49.69 6.13 -52.53
N GLY Y 90 -49.82 5.83 -53.81
CA GLY Y 90 -50.87 6.40 -54.61
C GLY Y 90 -50.71 6.04 -56.07
N GLU Y 91 -51.57 6.63 -56.89
CA GLU Y 91 -51.59 6.40 -58.33
C GLU Y 91 -50.82 7.52 -59.01
N TYR Y 92 -49.85 7.17 -59.83
CA TYR Y 92 -48.98 8.13 -60.49
C TYR Y 92 -49.03 7.96 -61.99
N VAL Y 93 -48.76 9.04 -62.71
CA VAL Y 93 -48.88 9.08 -64.16
C VAL Y 93 -47.53 9.50 -64.75
N ILE Y 94 -47.02 8.71 -65.69
CA ILE Y 94 -45.74 8.96 -66.33
C ILE Y 94 -45.98 9.05 -67.83
N GLU Y 95 -45.53 10.15 -68.44
CA GLU Y 95 -45.64 10.29 -69.89
C GLU Y 95 -44.48 9.59 -70.57
N LEU Y 96 -44.80 8.76 -71.56
CA LEU Y 96 -43.79 8.14 -72.41
C LEU Y 96 -43.65 8.99 -73.66
N SER Y 97 -42.40 9.28 -74.04
CA SER Y 97 -42.16 10.32 -75.03
C SER Y 97 -42.52 9.87 -76.44
N SER Y 98 -41.81 8.87 -76.96
CA SER Y 98 -41.90 8.52 -78.37
C SER Y 98 -42.20 7.05 -78.63
N VAL Y 99 -42.52 6.27 -77.60
CA VAL Y 99 -42.82 4.86 -77.80
C VAL Y 99 -44.11 4.73 -78.59
N SER Y 100 -44.02 4.16 -79.79
CA SER Y 100 -45.17 3.98 -80.67
C SER Y 100 -45.61 2.52 -80.59
N VAL Y 101 -46.78 2.29 -80.00
CA VAL Y 101 -47.31 0.96 -79.77
C VAL Y 101 -48.66 0.84 -80.46
N SER Y 102 -49.28 -0.34 -80.29
CA SER Y 102 -50.60 -0.60 -80.84
C SER Y 102 -51.39 -1.41 -79.82
N VAL Y 103 -52.70 -1.18 -79.80
CA VAL Y 103 -53.54 -1.81 -78.78
C VAL Y 103 -53.42 -3.32 -78.85
N GLY Y 104 -53.15 -3.94 -77.69
CA GLY Y 104 -53.09 -5.38 -77.55
C GLY Y 104 -51.73 -5.90 -77.13
N GLN Y 105 -50.65 -5.20 -77.50
CA GLN Y 105 -49.31 -5.68 -77.21
C GLN Y 105 -49.07 -5.75 -75.70
N VAL Y 106 -48.02 -6.46 -75.32
CA VAL Y 106 -47.63 -6.65 -73.93
C VAL Y 106 -46.20 -6.19 -73.76
N LEU Y 107 -45.98 -5.17 -72.95
CA LEU Y 107 -44.68 -4.59 -72.72
C LEU Y 107 -44.28 -4.75 -71.26
N THR Y 108 -43.00 -5.01 -71.02
CA THR Y 108 -42.49 -5.02 -69.66
C THR Y 108 -41.72 -3.73 -69.40
N GLY Y 109 -41.08 -3.61 -68.25
CA GLY Y 109 -40.37 -2.39 -67.92
C GLY Y 109 -39.65 -2.52 -66.59
N ARG Y 110 -38.99 -1.43 -66.22
CA ARG Y 110 -38.28 -1.34 -64.95
C ARG Y 110 -38.37 0.08 -64.43
N ILE Y 111 -38.37 0.21 -63.10
CA ILE Y 111 -38.19 1.50 -62.44
C ILE Y 111 -36.87 1.42 -61.67
N VAL Y 112 -35.84 2.08 -62.19
CA VAL Y 112 -34.52 2.07 -61.57
C VAL Y 112 -34.46 3.18 -60.53
N LEU Y 113 -34.23 2.80 -59.29
CA LEU Y 113 -34.15 3.75 -58.19
C LEU Y 113 -32.75 4.33 -58.09
N ALA Y 114 -32.57 5.24 -57.13
CA ALA Y 114 -31.26 5.85 -56.94
C ALA Y 114 -30.32 4.96 -56.15
N SER Y 115 -30.86 4.20 -55.19
CA SER Y 115 -30.02 3.32 -54.38
C SER Y 115 -29.52 2.10 -55.15
N GLY Y 116 -30.34 1.57 -56.06
CA GLY Y 116 -29.94 0.40 -56.81
C GLY Y 116 -31.05 -0.61 -57.03
N ALA Y 117 -32.01 -0.66 -56.11
CA ALA Y 117 -33.15 -1.55 -56.27
C ALA Y 117 -34.00 -1.12 -57.46
N ILE Y 118 -34.75 -2.07 -58.00
CA ILE Y 118 -35.58 -1.85 -59.18
C ILE Y 118 -36.96 -2.45 -58.93
N SER Y 119 -37.82 -2.36 -59.94
CA SER Y 119 -39.15 -2.94 -59.90
C SER Y 119 -39.65 -3.13 -61.33
N PRO Y 120 -40.01 -4.35 -61.72
CA PRO Y 120 -40.45 -4.61 -63.10
C PRO Y 120 -41.96 -4.44 -63.27
N PHE Y 121 -42.38 -4.40 -64.54
CA PHE Y 121 -43.75 -4.01 -64.88
C PHE Y 121 -44.59 -5.14 -65.48
N THR Y 122 -44.20 -5.65 -66.65
CA THR Y 122 -45.08 -6.51 -67.47
C THR Y 122 -46.50 -5.93 -67.51
N ALA Y 123 -46.60 -4.78 -68.16
CA ALA Y 123 -47.86 -4.03 -68.26
C ALA Y 123 -48.39 -4.08 -69.69
N THR Y 124 -49.67 -4.38 -69.83
CA THR Y 124 -50.31 -4.44 -71.13
C THR Y 124 -50.77 -3.05 -71.57
N VAL Y 125 -51.19 -2.96 -72.82
CA VAL Y 125 -51.66 -1.71 -73.41
C VAL Y 125 -53.17 -1.73 -73.55
N VAL Y 126 -53.80 -0.60 -73.25
CA VAL Y 126 -55.25 -0.46 -73.36
C VAL Y 126 -55.54 0.91 -73.98
N ALA Y 127 -56.55 0.94 -74.84
CA ALA Y 127 -56.91 2.16 -75.56
C ALA Y 127 -57.64 3.12 -74.63
N ALA Y 128 -57.36 4.42 -74.78
CA ALA Y 128 -58.01 5.46 -74.01
C ALA Y 128 -58.19 6.67 -74.88
N ASP Y 129 -58.93 7.66 -74.37
CA ASP Y 129 -59.32 8.81 -75.18
C ASP Y 129 -58.39 10.00 -75.01
N HIS Y 130 -58.26 10.52 -73.79
CA HIS Y 130 -57.57 11.78 -73.56
C HIS Y 130 -56.54 11.63 -72.46
N VAL Y 131 -55.48 12.41 -72.57
CA VAL Y 131 -54.43 12.46 -71.53
C VAL Y 131 -55.03 13.09 -70.27
N PRO Y 132 -54.94 12.43 -69.12
CA PRO Y 132 -55.54 13.00 -67.91
C PRO Y 132 -54.73 14.18 -67.39
N SER Y 133 -55.44 15.25 -67.06
CA SER Y 133 -54.83 16.45 -66.50
C SER Y 133 -55.00 16.40 -64.99
N THR Y 134 -53.98 15.91 -64.29
CA THR Y 134 -54.05 15.75 -62.85
C THR Y 134 -52.64 15.81 -62.29
N GLU Y 135 -52.55 15.78 -60.96
CA GLU Y 135 -51.27 15.81 -60.27
C GLU Y 135 -50.66 14.41 -60.26
N ASN Y 136 -49.65 14.21 -59.41
CA ASN Y 136 -48.99 12.92 -59.24
C ASN Y 136 -48.27 12.48 -60.52
N LYS Y 137 -47.58 13.43 -61.15
CA LYS Y 137 -46.67 13.09 -62.23
C LYS Y 137 -45.28 12.86 -61.67
N LEU Y 138 -44.52 11.98 -62.32
CA LEU Y 138 -43.25 11.53 -61.79
C LEU Y 138 -42.04 11.97 -62.59
N CYS Y 139 -42.18 12.24 -63.89
CA CYS Y 139 -41.05 12.65 -64.71
C CYS Y 139 -41.55 13.72 -65.68
N SER Y 140 -41.39 14.98 -65.29
CA SER Y 140 -41.85 16.10 -66.10
C SER Y 140 -40.69 17.02 -66.48
N MET Z 1 65.72 35.23 95.51
CA MET Z 1 65.86 36.68 95.66
C MET Z 1 65.04 37.21 96.82
N THR Z 2 65.39 38.39 97.31
CA THR Z 2 64.67 39.00 98.40
C THR Z 2 63.21 39.23 98.00
N SER Z 3 62.31 39.21 98.99
CA SER Z 3 60.89 39.39 98.71
C SER Z 3 60.60 40.72 98.06
N LEU Z 4 61.49 41.69 98.17
CA LEU Z 4 61.38 42.90 97.36
C LEU Z 4 61.32 42.52 95.88
N GLU Z 5 62.23 41.66 95.46
CA GLU Z 5 62.27 41.24 94.06
C GLU Z 5 61.02 40.45 93.70
N ILE Z 6 60.58 39.55 94.56
CA ILE Z 6 59.39 38.77 94.25
C ILE Z 6 58.18 39.68 94.16
N ALA Z 7 58.14 40.73 94.98
CA ALA Z 7 57.06 41.71 94.88
C ALA Z 7 57.07 42.38 93.51
N ILE Z 8 58.23 42.89 93.10
CA ILE Z 8 58.33 43.58 91.81
C ILE Z 8 57.93 42.64 90.68
N ILE Z 9 58.53 41.45 90.65
CA ILE Z 9 58.32 40.51 89.57
C ILE Z 9 56.89 40.01 89.54
N VAL Z 10 56.29 39.74 90.70
CA VAL Z 10 54.91 39.28 90.71
C VAL Z 10 53.98 40.39 90.25
N ALA Z 11 54.26 41.64 90.61
CA ALA Z 11 53.44 42.74 90.10
C ALA Z 11 53.47 42.79 88.57
N ILE Z 12 54.66 42.82 88.00
CA ILE Z 12 54.77 42.94 86.55
C ILE Z 12 54.20 41.71 85.86
N VAL Z 13 54.52 40.53 86.39
CA VAL Z 13 54.03 39.27 85.87
C VAL Z 13 52.50 39.19 85.90
N LEU Z 14 51.87 39.63 86.99
CA LEU Z 14 50.42 39.59 87.05
C LEU Z 14 49.80 40.57 86.07
N VAL Z 15 50.40 41.77 85.94
CA VAL Z 15 49.89 42.72 84.96
C VAL Z 15 49.91 42.11 83.57
N ILE Z 16 51.04 41.51 83.19
CA ILE Z 16 51.17 40.95 81.85
C ILE Z 16 50.20 39.78 81.65
N ALA Z 17 50.06 38.93 82.67
CA ALA Z 17 49.16 37.78 82.55
C ALA Z 17 47.72 38.22 82.35
N ILE Z 18 47.26 39.20 83.15
CA ILE Z 18 45.90 39.68 83.00
C ILE Z 18 45.70 40.30 81.63
N ALA Z 19 46.68 41.09 81.17
CA ALA Z 19 46.58 41.70 79.85
C ALA Z 19 46.39 40.65 78.77
N VAL Z 20 47.24 39.60 78.78
CA VAL Z 20 47.16 38.60 77.72
C VAL Z 20 45.86 37.79 77.84
N GLY Z 21 45.43 37.48 79.06
CA GLY Z 21 44.21 36.71 79.23
C GLY Z 21 42.99 37.44 78.68
N TRP Z 22 42.83 38.69 79.07
CA TRP Z 22 41.68 39.41 78.53
C TRP Z 22 41.87 39.80 77.07
N TYR Z 23 43.10 39.79 76.57
CA TYR Z 23 43.31 39.84 75.12
C TYR Z 23 42.68 38.64 74.45
N LEU Z 24 42.91 37.44 75.01
CA LEU Z 24 42.27 36.24 74.48
C LEU Z 24 40.75 36.36 74.52
N TYR Z 25 40.22 36.82 75.65
CA TYR Z 25 38.77 37.02 75.74
C TYR Z 25 38.26 37.96 74.67
N THR Z 26 38.93 39.09 74.46
CA THR Z 26 38.42 40.07 73.50
C THR Z 26 38.54 39.53 72.08
N THR Z 27 39.61 38.79 71.79
CA THR Z 27 39.73 38.17 70.47
C THR Z 27 38.59 37.19 70.23
N PHE Z 28 38.24 36.39 71.24
CA PHE Z 28 37.12 35.48 71.09
C PHE Z 28 35.81 36.22 70.89
N ALA Z 29 35.61 37.31 71.65
CA ALA Z 29 34.38 38.08 71.52
C ALA Z 29 34.27 38.75 70.17
N ALA Z 30 35.40 39.09 69.54
CA ALA Z 30 35.36 39.68 68.21
C ALA Z 30 35.19 38.63 67.14
N ALA Z 31 35.77 37.44 67.35
CA ALA Z 31 35.61 36.36 66.38
C ALA Z 31 34.20 35.79 66.38
N GLY Z 32 33.50 35.85 67.53
CA GLY Z 32 32.14 35.36 67.57
C GLY Z 32 31.15 36.18 66.77
N GLN Z 33 31.54 37.38 66.33
CA GLN Z 33 30.67 38.27 65.57
C GLN Z 33 30.90 38.18 64.07
N GLN Z 34 31.54 37.12 63.60
CA GLN Z 34 31.71 36.94 62.16
C GLN Z 34 30.37 36.59 61.54
N THR Z 35 29.98 37.34 60.50
CA THR Z 35 28.63 37.29 60.00
C THR Z 35 28.63 37.23 58.48
N GLY Z 36 27.45 37.03 57.92
CA GLY Z 36 27.29 36.95 56.48
C GLY Z 36 25.84 36.70 56.14
N LEU Z 37 25.49 37.05 54.91
CA LEU Z 37 24.12 36.90 54.43
C LEU Z 37 23.90 35.52 53.84
N THR Z 38 22.65 35.08 53.84
CA THR Z 38 22.24 33.88 53.15
C THR Z 38 20.83 34.08 52.63
N ALA Z 39 20.51 33.44 51.51
CA ALA Z 39 19.22 33.56 50.86
C ALA Z 39 18.48 32.24 50.99
N THR Z 40 17.18 32.31 51.24
CA THR Z 40 16.36 31.12 51.34
C THR Z 40 15.29 31.03 50.27
N LYS Z 41 15.02 32.11 49.54
CA LYS Z 41 13.99 32.13 48.52
C LYS Z 41 14.14 33.36 47.64
N ALA Z 42 14.16 33.19 46.33
CA ALA Z 42 14.33 34.33 45.43
C ALA Z 42 13.68 33.99 44.10
N THR Z 43 12.80 34.88 43.63
CA THR Z 43 12.11 34.71 42.36
C THR Z 43 11.93 36.09 41.74
N ILE Z 44 12.66 36.36 40.65
CA ILE Z 44 12.53 37.64 39.97
C ILE Z 44 11.12 37.77 39.41
N TYR Z 45 10.47 38.90 39.68
CA TYR Z 45 9.13 39.17 39.20
C TYR Z 45 9.17 40.20 38.08
N VAL Z 46 8.26 40.08 37.13
CA VAL Z 46 8.15 41.00 36.01
C VAL Z 46 6.70 41.44 35.87
N THR Z 47 6.49 42.73 35.66
CA THR Z 47 5.15 43.27 35.45
C THR Z 47 4.82 43.30 33.96
N LYS Z 48 3.57 43.66 33.67
CA LYS Z 48 3.14 43.73 32.28
C LYS Z 48 3.78 44.90 31.54
N ASP Z 49 4.13 45.97 32.26
CA ASP Z 49 4.64 47.18 31.64
C ASP Z 49 6.15 47.23 31.59
N GLY Z 50 6.84 46.13 31.92
CA GLY Z 50 8.28 46.06 31.83
C GLY Z 50 9.01 46.27 33.14
N ASN Z 51 8.33 46.72 34.19
CA ASN Z 51 8.98 46.90 35.48
C ASN Z 51 9.31 45.54 36.07
N VAL Z 52 10.57 45.35 36.46
CA VAL Z 52 11.02 44.13 37.09
C VAL Z 52 11.53 44.45 38.48
N TYR Z 53 11.40 43.48 39.38
CA TYR Z 53 11.84 43.65 40.75
C TYR Z 53 12.06 42.28 41.36
N LEU Z 54 13.10 42.17 42.18
CA LEU Z 54 13.44 40.91 42.84
C LEU Z 54 12.78 40.87 44.21
N ASN Z 55 12.19 39.72 44.54
CA ASN Z 55 11.49 39.52 45.82
C ASN Z 55 12.22 38.41 46.55
N VAL Z 56 13.24 38.77 47.32
CA VAL Z 56 14.12 37.81 47.97
C VAL Z 56 13.83 37.80 49.47
N THR Z 57 14.23 36.71 50.12
CA THR Z 57 14.09 36.55 51.56
C THR Z 57 15.47 36.31 52.15
N LEU Z 58 15.91 37.20 53.03
CA LEU Z 58 17.25 37.16 53.58
C LEU Z 58 17.23 36.71 55.04
N VAL Z 59 18.33 36.10 55.47
CA VAL Z 59 18.52 35.71 56.86
C VAL Z 59 19.98 36.00 57.22
N PRO Z 60 20.25 36.94 58.13
CA PRO Z 60 21.64 37.20 58.50
C PRO Z 60 22.19 36.08 59.35
N GLN Z 61 23.30 35.49 58.87
CA GLN Z 61 24.01 34.45 59.59
C GLN Z 61 24.99 35.15 60.53
N GLY Z 62 24.89 34.86 61.81
CA GLY Z 62 25.70 35.51 62.82
C GLY Z 62 24.87 36.42 63.70
N ALA Z 63 25.57 37.27 64.43
CA ALA Z 63 24.94 38.28 65.27
C ALA Z 63 25.58 39.62 64.94
N ALA Z 64 25.09 40.25 63.89
CA ALA Z 64 25.64 41.52 63.44
C ALA Z 64 24.69 42.14 62.43
N GLN Z 65 25.01 43.35 62.02
CA GLN Z 65 24.22 44.10 61.04
C GLN Z 65 25.01 44.09 59.72
N VAL Z 66 24.69 43.12 58.85
CA VAL Z 66 25.41 43.00 57.59
C VAL Z 66 25.08 44.19 56.70
N ALA Z 67 26.04 44.59 55.87
CA ALA Z 67 25.89 45.71 54.96
C ALA Z 67 26.03 45.22 53.52
N ILE Z 68 25.04 45.52 52.69
CA ILE Z 68 25.02 45.10 51.29
C ILE Z 68 25.77 46.14 50.48
N SER Z 69 26.72 45.68 49.65
CA SER Z 69 27.50 46.59 48.83
C SER Z 69 26.91 46.74 47.43
N SER Z 70 26.68 45.63 46.73
CA SER Z 70 26.16 45.71 45.37
C SER Z 70 25.46 44.40 45.04
N ILE Z 71 24.51 44.48 44.11
CA ILE Z 71 23.75 43.34 43.64
C ILE Z 71 24.07 43.15 42.15
N GLU Z 72 24.51 41.95 41.79
CA GLU Z 72 24.86 41.63 40.41
C GLU Z 72 24.02 40.44 39.98
N VAL Z 73 23.09 40.67 39.04
CA VAL Z 73 22.20 39.64 38.54
C VAL Z 73 22.24 39.68 37.01
N ALA Z 74 22.49 38.52 36.41
CA ALA Z 74 22.50 38.37 34.95
C ALA Z 74 23.46 39.35 34.28
N GLY Z 75 24.60 39.59 34.93
CA GLY Z 75 25.63 40.45 34.38
C GLY Z 75 25.42 41.93 34.63
N VAL Z 76 24.25 42.34 35.07
CA VAL Z 76 23.96 43.75 35.34
C VAL Z 76 24.21 44.02 36.81
N SER Z 77 25.18 44.89 37.09
CA SER Z 77 25.52 45.26 38.46
C SER Z 77 24.66 46.44 38.89
N ILE Z 78 24.20 46.41 40.14
CA ILE Z 78 23.33 47.45 40.67
C ILE Z 78 23.87 47.91 42.02
N PRO Z 79 24.37 49.13 42.13
CA PRO Z 79 24.91 49.60 43.41
C PRO Z 79 23.81 49.89 44.41
N CYS Z 80 24.20 49.90 45.68
CA CYS Z 80 23.31 50.20 46.78
C CYS Z 80 23.99 51.21 47.69
N THR Z 81 23.43 52.41 47.78
CA THR Z 81 24.02 53.51 48.53
C THR Z 81 23.11 54.04 49.62
N SER Z 82 21.95 53.41 49.84
CA SER Z 82 21.02 53.87 50.86
C SER Z 82 20.19 52.69 51.33
N SER Z 83 19.89 52.68 52.64
CA SER Z 83 19.13 51.62 53.27
C SER Z 83 19.69 50.24 52.94
N ASN Z 84 21.01 50.14 52.87
CA ASN Z 84 21.69 48.89 52.50
C ASN Z 84 22.01 48.03 53.71
N LEU Z 85 21.26 48.17 54.79
CA LEU Z 85 21.47 47.38 56.00
C LEU Z 85 20.34 46.37 56.15
N VAL Z 86 20.69 45.17 56.59
CA VAL Z 86 19.72 44.11 56.86
C VAL Z 86 19.55 44.04 58.38
N LYS Z 87 18.42 44.53 58.87
CA LYS Z 87 18.21 44.65 60.31
C LYS Z 87 17.74 43.36 60.95
N ALA Z 88 17.00 42.53 60.23
CA ALA Z 88 16.40 41.33 60.79
C ALA Z 88 16.00 40.41 59.66
N PRO Z 89 15.85 39.11 59.92
CA PRO Z 89 15.38 38.20 58.87
C PRO Z 89 13.98 38.57 58.41
N GLY Z 90 13.77 38.47 57.09
CA GLY Z 90 12.48 38.82 56.53
C GLY Z 90 12.54 38.80 55.02
N GLU Z 91 11.45 39.27 54.43
CA GLU Z 91 11.29 39.35 52.98
C GLU Z 91 11.59 40.77 52.52
N TYR Z 92 12.49 40.89 51.54
CA TYR Z 92 12.92 42.19 51.05
C TYR Z 92 12.71 42.28 49.55
N VAL Z 93 12.59 43.52 49.06
CA VAL Z 93 12.28 43.79 47.67
C VAL Z 93 13.35 44.71 47.09
N ILE Z 94 13.93 44.32 45.96
CA ILE Z 94 14.97 45.10 45.30
C ILE Z 94 14.51 45.38 43.87
N GLU Z 95 14.40 46.66 43.54
CA GLU Z 95 14.04 47.05 42.17
C GLU Z 95 15.24 46.91 41.25
N LEU Z 96 15.07 46.16 40.16
CA LEU Z 96 16.08 46.06 39.11
C LEU Z 96 15.80 47.13 38.07
N SER Z 97 16.85 47.85 37.68
CA SER Z 97 16.64 49.09 36.93
C SER Z 97 16.26 48.82 35.48
N SER Z 98 17.16 48.21 34.71
CA SER Z 98 17.01 48.15 33.26
C SER Z 98 17.12 46.75 32.67
N VAL Z 99 17.15 45.71 33.50
CA VAL Z 99 17.26 44.35 32.98
C VAL Z 99 15.95 44.00 32.28
N SER Z 100 16.04 43.66 30.99
CA SER Z 100 14.88 43.27 30.19
C SER Z 100 14.89 41.76 30.04
N VAL Z 101 13.90 41.11 30.66
CA VAL Z 101 13.82 39.65 30.68
C VAL Z 101 12.49 39.23 30.07
N SER Z 102 12.27 37.91 30.05
CA SER Z 102 11.03 37.34 29.55
C SER Z 102 10.67 36.15 30.44
N VAL Z 103 9.36 35.95 30.60
CA VAL Z 103 8.87 34.92 31.51
C VAL Z 103 9.42 33.56 31.12
N GLY Z 104 9.97 32.84 32.09
CA GLY Z 104 10.46 31.49 31.90
C GLY Z 104 11.96 31.33 32.07
N GLN Z 105 12.72 32.39 31.83
CA GLN Z 105 14.17 32.30 31.90
C GLN Z 105 14.63 31.99 33.33
N VAL Z 106 15.89 31.56 33.43
CA VAL Z 106 16.51 31.23 34.72
C VAL Z 106 17.76 32.09 34.87
N LEU Z 107 17.75 32.96 35.86
CA LEU Z 107 18.84 33.90 36.10
C LEU Z 107 19.49 33.60 37.45
N THR Z 108 20.81 33.72 37.50
CA THR Z 108 21.54 33.62 38.77
C THR Z 108 21.94 35.02 39.21
N GLY Z 109 22.68 35.11 40.31
CA GLY Z 109 23.07 36.41 40.83
C GLY Z 109 23.91 36.26 42.06
N ARG Z 110 24.32 37.41 42.60
CA ARG Z 110 25.10 37.47 43.83
C ARG Z 110 24.69 38.69 44.65
N ILE Z 111 24.80 38.57 45.96
CA ILE Z 111 24.73 39.72 46.86
C ILE Z 111 26.11 39.89 47.48
N VAL Z 112 26.81 40.94 47.08
CA VAL Z 112 28.15 41.21 47.57
C VAL Z 112 28.05 42.05 48.83
N LEU Z 113 28.61 41.56 49.92
CA LEU Z 113 28.58 42.26 51.19
C LEU Z 113 29.76 43.21 51.30
N ALA Z 114 29.80 43.97 52.39
CA ALA Z 114 30.89 44.91 52.60
C ALA Z 114 32.14 44.22 53.13
N SER Z 115 31.98 43.14 53.90
CA SER Z 115 33.12 42.44 54.46
C SER Z 115 33.83 41.56 53.44
N GLY Z 116 33.09 40.97 52.50
CA GLY Z 116 33.70 40.12 51.50
C GLY Z 116 32.89 38.88 51.17
N ALA Z 117 32.09 38.41 52.14
CA ALA Z 117 31.23 37.27 51.89
C ALA Z 117 30.17 37.61 50.86
N ILE Z 118 29.63 36.58 50.21
CA ILE Z 118 28.65 36.73 49.15
C ILE Z 118 27.53 35.72 49.36
N SER Z 119 26.55 35.75 48.45
CA SER Z 119 25.43 34.82 48.48
C SER Z 119 24.83 34.76 47.07
N PRO Z 120 24.76 33.58 46.47
CA PRO Z 120 24.23 33.45 45.11
C PRO Z 120 22.73 33.17 45.09
N PHE Z 121 22.14 33.32 43.90
CA PHE Z 121 20.69 33.34 43.75
C PHE Z 121 20.12 32.14 43.00
N THR Z 122 20.46 31.99 41.72
CA THR Z 122 19.75 31.09 40.81
C THR Z 122 18.23 31.22 40.99
N ALA Z 123 17.73 32.39 40.60
CA ALA Z 123 16.32 32.73 40.75
C ALA Z 123 15.63 32.75 39.40
N THR Z 124 14.45 32.15 39.33
CA THR Z 124 13.69 32.10 38.10
C THR Z 124 12.78 33.32 37.99
N VAL Z 125 12.22 33.51 36.79
CA VAL Z 125 11.34 34.64 36.50
C VAL Z 125 9.90 34.15 36.52
N VAL Z 126 9.01 34.95 37.11
CA VAL Z 126 7.59 34.64 37.17
C VAL Z 126 6.80 35.91 36.87
N ALA Z 127 5.67 35.75 36.20
CA ALA Z 127 4.85 36.89 35.81
C ALA Z 127 4.07 37.44 37.00
N ALA Z 128 3.94 38.76 37.04
CA ALA Z 128 3.19 39.43 38.09
C ALA Z 128 2.56 40.69 37.51
N ASP Z 129 1.66 41.30 38.27
CA ASP Z 129 0.87 42.42 37.76
C ASP Z 129 1.46 43.78 38.12
N HIS Z 130 1.60 44.07 39.41
CA HIS Z 130 1.95 45.41 39.86
C HIS Z 130 3.12 45.37 40.83
N VAL Z 131 3.90 46.44 40.83
CA VAL Z 131 5.00 46.59 41.78
C VAL Z 131 4.43 46.74 43.18
N PRO Z 132 4.87 45.96 44.16
CA PRO Z 132 4.29 46.06 45.50
C PRO Z 132 4.73 47.33 46.20
N SER Z 133 3.77 47.99 46.85
CA SER Z 133 4.03 49.19 47.63
C SER Z 133 4.12 48.78 49.08
N THR Z 134 5.34 48.57 49.56
CA THR Z 134 5.56 48.12 50.93
C THR Z 134 6.96 48.56 51.36
N GLU Z 135 7.24 48.34 52.64
CA GLU Z 135 8.54 48.65 53.21
C GLU Z 135 9.52 47.53 52.88
N ASN Z 136 10.66 47.51 53.57
CA ASN Z 136 11.68 46.47 53.42
C ASN Z 136 12.31 46.51 52.03
N LYS Z 137 12.59 47.71 51.54
CA LYS Z 137 13.40 47.87 50.34
C LYS Z 137 14.86 47.94 50.72
N LEU Z 138 15.72 47.45 49.83
CA LEU Z 138 17.13 47.29 50.16
C LEU Z 138 18.06 48.24 49.43
N CYS Z 139 17.70 48.69 48.23
CA CYS Z 139 18.57 49.59 47.46
C CYS Z 139 17.68 50.62 46.78
N SER Z 140 17.50 51.75 47.43
CA SER Z 140 16.65 52.82 46.90
C SER Z 140 17.46 54.09 46.68
N MET AA 1 -9.10 -5.80 -12.23
CA MET AA 1 -7.83 -6.42 -11.86
C MET AA 1 -6.68 -5.46 -12.07
N THR AA 2 -5.51 -5.83 -11.55
CA THR AA 2 -4.32 -5.01 -11.68
C THR AA 2 -4.00 -4.80 -13.16
N SER AA 3 -3.42 -3.63 -13.47
CA SER AA 3 -3.11 -3.30 -14.85
C SER AA 3 -2.21 -4.34 -15.51
N LEU AA 4 -1.42 -5.07 -14.72
CA LEU AA 4 -0.69 -6.20 -15.27
C LEU AA 4 -1.65 -7.22 -15.85
N GLU AA 5 -2.71 -7.52 -15.10
CA GLU AA 5 -3.69 -8.49 -15.54
C GLU AA 5 -4.42 -8.01 -16.78
N ILE AA 6 -4.86 -6.74 -16.78
CA ILE AA 6 -5.56 -6.22 -17.94
C ILE AA 6 -4.62 -6.16 -19.13
N ALA AA 7 -3.34 -5.92 -18.90
CA ALA AA 7 -2.38 -5.96 -20.01
C ALA AA 7 -2.33 -7.35 -20.63
N ILE AA 8 -2.14 -8.38 -19.81
CA ILE AA 8 -2.07 -9.74 -20.33
C ILE AA 8 -3.35 -10.11 -21.06
N ILE AA 9 -4.50 -9.86 -20.43
CA ILE AA 9 -5.78 -10.25 -21.00
C ILE AA 9 -6.08 -9.49 -22.27
N VAL AA 10 -5.77 -8.18 -22.32
CA VAL AA 10 -6.03 -7.43 -23.54
C VAL AA 10 -5.11 -7.89 -24.66
N ALA AA 11 -3.87 -8.25 -24.34
CA ALA AA 11 -2.99 -8.79 -25.38
C ALA AA 11 -3.58 -10.05 -25.99
N ILE AA 12 -3.93 -11.03 -25.15
CA ILE AA 12 -4.45 -12.30 -25.67
C ILE AA 12 -5.78 -12.09 -26.39
N VAL AA 13 -6.67 -11.30 -25.78
CA VAL AA 13 -7.95 -10.96 -26.36
C VAL AA 13 -7.81 -10.28 -27.72
N LEU AA 14 -6.86 -9.36 -27.87
CA LEU AA 14 -6.68 -8.69 -29.16
C LEU AA 14 -6.15 -9.65 -30.20
N VAL AA 15 -5.20 -10.52 -29.82
CA VAL AA 15 -4.71 -11.52 -30.76
C VAL AA 15 -5.85 -12.38 -31.27
N ILE AA 16 -6.68 -12.88 -30.35
CA ILE AA 16 -7.78 -13.75 -30.74
C ILE AA 16 -8.79 -13.02 -31.61
N ALA AA 17 -9.10 -11.77 -31.26
CA ALA AA 17 -10.06 -11.00 -32.04
C ALA AA 17 -9.56 -10.78 -33.47
N ILE AA 18 -8.30 -10.39 -33.64
CA ILE AA 18 -7.77 -10.17 -34.97
C ILE AA 18 -7.78 -11.48 -35.76
N ALA AA 19 -7.40 -12.58 -35.11
CA ALA AA 19 -7.42 -13.88 -35.80
C ALA AA 19 -8.81 -14.20 -36.33
N VAL AA 20 -9.83 -14.08 -35.48
CA VAL AA 20 -11.18 -14.44 -35.90
C VAL AA 20 -11.69 -13.48 -36.96
N GLY AA 21 -11.41 -12.19 -36.81
CA GLY AA 21 -11.90 -11.22 -37.79
C GLY AA 21 -11.34 -11.46 -39.17
N TRP AA 22 -10.03 -11.64 -39.27
CA TRP AA 22 -9.48 -11.91 -40.60
C TRP AA 22 -9.77 -13.32 -41.07
N TYR AA 23 -10.12 -14.23 -40.16
CA TYR AA 23 -10.71 -15.50 -40.59
C TYR AA 23 -12.02 -15.27 -41.31
N LEU AA 24 -12.86 -14.39 -40.77
CA LEU AA 24 -14.12 -14.06 -41.45
C LEU AA 24 -13.85 -13.43 -42.81
N TYR AA 25 -12.91 -12.48 -42.87
CA TYR AA 25 -12.54 -11.90 -44.16
C TYR AA 25 -12.11 -12.96 -45.16
N THR AA 26 -11.24 -13.89 -44.75
CA THR AA 26 -10.72 -14.87 -45.70
C THR AA 26 -11.81 -15.85 -46.12
N THR AA 27 -12.71 -16.19 -45.20
CA THR AA 27 -13.84 -17.05 -45.57
C THR AA 27 -14.72 -16.37 -46.60
N PHE AA 28 -14.98 -15.07 -46.42
CA PHE AA 28 -15.77 -14.34 -47.41
C PHE AA 28 -15.04 -14.29 -48.76
N ALA AA 29 -13.72 -14.07 -48.73
CA ALA AA 29 -12.96 -13.99 -49.96
C ALA AA 29 -12.90 -15.33 -50.68
N ALA AA 30 -12.99 -16.43 -49.95
CA ALA AA 30 -13.01 -17.74 -50.59
C ALA AA 30 -14.40 -18.10 -51.09
N ALA AA 31 -15.44 -17.67 -50.39
CA ALA AA 31 -16.80 -17.90 -50.86
C ALA AA 31 -17.13 -17.06 -52.08
N GLY AA 32 -16.48 -15.90 -52.24
CA GLY AA 32 -16.74 -15.07 -53.40
C GLY AA 32 -16.24 -15.66 -54.70
N GLN AA 33 -15.38 -16.68 -54.65
CA GLN AA 33 -14.80 -17.29 -55.83
C GLN AA 33 -15.53 -18.56 -56.25
N GLN AA 34 -16.75 -18.76 -55.77
CA GLN AA 34 -17.52 -19.90 -56.22
C GLN AA 34 -17.94 -19.72 -57.67
N THR AA 35 -17.61 -20.70 -58.51
CA THR AA 35 -17.71 -20.54 -59.94
C THR AA 35 -18.42 -21.73 -60.56
N GLY AA 36 -18.69 -21.62 -61.85
CA GLY AA 36 -19.36 -22.68 -62.57
C GLY AA 36 -19.56 -22.26 -64.02
N LEU AA 37 -19.80 -23.26 -64.85
CA LEU AA 37 -19.98 -23.03 -66.28
C LEU AA 37 -21.45 -22.83 -66.61
N THR AA 38 -21.70 -22.12 -67.70
CA THR AA 38 -23.04 -21.97 -68.25
C THR AA 38 -22.91 -21.87 -69.77
N ALA AA 39 -23.90 -22.39 -70.48
CA ALA AA 39 -23.90 -22.42 -71.94
C ALA AA 39 -24.97 -21.47 -72.44
N THR AA 40 -24.69 -20.82 -73.57
CA THR AA 40 -25.64 -19.90 -74.17
C THR AA 40 -26.03 -20.28 -75.59
N LYS AA 41 -25.32 -21.21 -76.22
CA LYS AA 41 -25.61 -21.59 -77.59
C LYS AA 41 -24.88 -22.88 -77.93
N ALA AA 42 -25.59 -23.85 -78.48
CA ALA AA 42 -24.98 -25.14 -78.82
C ALA AA 42 -25.76 -25.77 -79.96
N THR AA 43 -25.05 -26.12 -81.03
CA THR AA 43 -25.67 -26.79 -82.18
C THR AA 43 -24.66 -27.78 -82.74
N ILE AA 44 -24.90 -29.07 -82.50
CA ILE AA 44 -24.01 -30.10 -83.03
C ILE AA 44 -24.00 -30.02 -84.55
N TYR AA 45 -22.81 -30.02 -85.12
CA TYR AA 45 -22.63 -29.98 -86.56
C TYR AA 45 -22.13 -31.33 -87.07
N VAL AA 46 -22.58 -31.72 -88.25
CA VAL AA 46 -22.19 -32.97 -88.87
C VAL AA 46 -21.72 -32.69 -90.29
N THR AA 47 -20.62 -33.31 -90.67
CA THR AA 47 -20.08 -33.16 -92.02
C THR AA 47 -20.64 -34.26 -92.93
N LYS AA 48 -20.35 -34.12 -94.23
CA LYS AA 48 -20.82 -35.11 -95.19
C LYS AA 48 -20.09 -36.44 -95.05
N ASP AA 49 -18.89 -36.43 -94.49
CA ASP AA 49 -18.07 -37.63 -94.39
C ASP AA 49 -18.23 -38.36 -93.06
N GLY AA 50 -19.16 -37.92 -92.21
CA GLY AA 50 -19.42 -38.58 -90.95
C GLY AA 50 -18.78 -37.93 -89.74
N ASN AA 51 -17.85 -36.99 -89.95
CA ASN AA 51 -17.23 -36.31 -88.82
C ASN AA 51 -18.24 -35.38 -88.15
N VAL AA 52 -18.36 -35.49 -86.83
CA VAL AA 52 -19.25 -34.64 -86.06
C VAL AA 52 -18.43 -33.88 -85.05
N TYR AA 53 -18.92 -32.69 -84.69
CA TYR AA 53 -18.23 -31.84 -83.72
C TYR AA 53 -19.23 -30.85 -83.15
N LEU AA 54 -19.09 -30.59 -81.86
CA LEU AA 54 -19.98 -29.66 -81.16
C LEU AA 54 -19.36 -28.26 -81.17
N ASN AA 55 -20.17 -27.26 -81.50
CA ASN AA 55 -19.74 -25.87 -81.57
C ASN AA 55 -20.54 -25.10 -80.52
N VAL AA 56 -20.02 -25.08 -79.30
CA VAL AA 56 -20.73 -24.51 -78.16
C VAL AA 56 -20.09 -23.17 -77.79
N THR AA 57 -20.85 -22.35 -77.06
CA THR AA 57 -20.38 -21.06 -76.56
C THR AA 57 -20.51 -21.07 -75.05
N LEU AA 58 -19.37 -20.92 -74.37
CA LEU AA 58 -19.31 -21.01 -72.91
C LEU AA 58 -19.04 -19.64 -72.31
N VAL AA 59 -19.54 -19.46 -71.08
CA VAL AA 59 -19.31 -18.25 -70.30
C VAL AA 59 -19.08 -18.65 -68.85
N PRO AA 60 -17.87 -18.48 -68.31
CA PRO AA 60 -17.65 -18.86 -66.91
C PRO AA 60 -18.38 -17.94 -65.97
N GLN AA 61 -19.21 -18.52 -65.12
CA GLN AA 61 -19.93 -17.79 -64.08
C GLN AA 61 -19.03 -17.76 -62.85
N GLY AA 62 -18.73 -16.57 -62.38
CA GLY AA 62 -17.82 -16.39 -61.27
C GLY AA 62 -16.55 -15.68 -61.71
N ALA AA 63 -15.53 -15.77 -60.87
CA ALA AA 63 -14.21 -15.24 -61.17
C ALA AA 63 -13.19 -16.34 -60.90
N ALA AA 64 -13.01 -17.23 -61.87
CA ALA AA 64 -12.09 -18.35 -61.72
C ALA AA 64 -11.89 -19.01 -63.07
N GLN AA 65 -10.98 -19.96 -63.12
CA GLN AA 65 -10.70 -20.77 -64.31
C GLN AA 65 -11.30 -22.14 -64.05
N VAL AA 66 -12.53 -22.36 -64.53
CA VAL AA 66 -13.19 -23.64 -64.33
C VAL AA 66 -12.47 -24.73 -65.12
N ALA AA 67 -12.53 -25.95 -64.60
CA ALA AA 67 -11.91 -27.11 -65.23
C ALA AA 67 -12.99 -28.08 -65.66
N ILE AA 68 -12.97 -28.45 -66.94
CA ILE AA 68 -13.95 -29.37 -67.51
C ILE AA 68 -13.45 -30.80 -67.33
N SER AA 69 -14.29 -31.66 -66.79
CA SER AA 69 -13.91 -33.05 -66.55
C SER AA 69 -14.29 -33.96 -67.71
N SER AA 70 -15.56 -33.92 -68.13
CA SER AA 70 -16.01 -34.81 -69.19
C SER AA 70 -17.26 -34.22 -69.83
N ILE AA 71 -17.49 -34.60 -71.08
CA ILE AA 71 -18.66 -34.21 -71.85
C ILE AA 71 -19.46 -35.46 -72.17
N GLU AA 72 -20.73 -35.48 -71.76
CA GLU AA 72 -21.61 -36.62 -71.98
C GLU AA 72 -22.79 -36.15 -72.82
N VAL AA 73 -22.87 -36.66 -74.05
CA VAL AA 73 -23.93 -36.28 -74.99
C VAL AA 73 -24.58 -37.55 -75.52
N ALA AA 74 -25.90 -37.65 -75.35
CA ALA AA 74 -26.68 -38.76 -75.89
C ALA AA 74 -26.15 -40.12 -75.44
N GLY AA 75 -25.74 -40.18 -74.17
CA GLY AA 75 -25.26 -41.41 -73.59
C GLY AA 75 -23.80 -41.73 -73.86
N VAL AA 76 -23.16 -41.03 -74.78
CA VAL AA 76 -21.75 -41.25 -75.08
C VAL AA 76 -20.93 -40.26 -74.26
N SER AA 77 -20.10 -40.79 -73.37
CA SER AA 77 -19.23 -39.97 -72.53
C SER AA 77 -17.89 -39.76 -73.23
N ILE AA 78 -17.30 -38.60 -73.01
CA ILE AA 78 -16.03 -38.24 -73.62
C ILE AA 78 -15.13 -37.61 -72.58
N PRO AA 79 -14.06 -38.27 -72.16
CA PRO AA 79 -13.15 -37.67 -71.18
C PRO AA 79 -12.31 -36.56 -71.81
N CYS AA 80 -11.89 -35.64 -70.95
CA CYS AA 80 -11.07 -34.51 -71.37
C CYS AA 80 -9.87 -34.43 -70.45
N THR AA 81 -8.68 -34.72 -70.98
CA THR AA 81 -7.45 -34.75 -70.19
C THR AA 81 -6.44 -33.70 -70.63
N SER AA 82 -6.80 -32.84 -71.58
CA SER AA 82 -5.89 -31.80 -72.05
C SER AA 82 -6.71 -30.63 -72.56
N SER AA 83 -6.18 -29.42 -72.38
CA SER AA 83 -6.84 -28.18 -72.80
C SER AA 83 -8.22 -28.06 -72.17
N ASN AA 84 -8.40 -28.62 -70.98
CA ASN AA 84 -9.70 -28.68 -70.32
C ASN AA 84 -9.97 -27.46 -69.44
N LEU AA 85 -9.33 -26.33 -69.72
CA LEU AA 85 -9.54 -25.11 -68.96
C LEU AA 85 -10.29 -24.09 -69.82
N VAL AA 86 -11.28 -23.44 -69.23
CA VAL AA 86 -12.03 -22.38 -69.88
C VAL AA 86 -11.46 -21.06 -69.37
N LYS AA 87 -10.66 -20.39 -70.20
CA LYS AA 87 -9.92 -19.23 -69.75
C LYS AA 87 -10.74 -17.94 -69.82
N ALA AA 88 -11.68 -17.85 -70.75
CA ALA AA 88 -12.42 -16.61 -70.97
C ALA AA 88 -13.66 -16.94 -71.79
N PRO AA 89 -14.69 -16.10 -71.72
CA PRO AA 89 -15.88 -16.33 -72.54
C PRO AA 89 -15.54 -16.33 -74.03
N GLY AA 90 -16.17 -17.23 -74.77
CA GLY AA 90 -15.93 -17.32 -76.19
C GLY AA 90 -16.62 -18.52 -76.78
N GLU AA 91 -16.35 -18.76 -78.06
CA GLU AA 91 -16.91 -19.88 -78.80
C GLU AA 91 -15.88 -21.00 -78.85
N TYR AA 92 -16.26 -22.18 -78.37
CA TYR AA 92 -15.35 -23.31 -78.28
C TYR AA 92 -15.88 -24.48 -79.09
N VAL AA 93 -14.96 -25.31 -79.56
CA VAL AA 93 -15.26 -26.41 -80.48
C VAL AA 93 -14.79 -27.71 -79.84
N ILE AA 94 -15.71 -28.67 -79.68
CA ILE AA 94 -15.41 -29.96 -79.09
C ILE AA 94 -15.70 -31.04 -80.12
N GLU AA 95 -14.73 -31.90 -80.37
CA GLU AA 95 -14.93 -33.02 -81.29
C GLU AA 95 -15.60 -34.18 -80.57
N LEU AA 96 -16.68 -34.70 -81.17
CA LEU AA 96 -17.32 -35.92 -80.69
C LEU AA 96 -16.73 -37.10 -81.46
N SER AA 97 -16.36 -38.14 -80.72
CA SER AA 97 -15.51 -39.17 -81.31
C SER AA 97 -16.29 -40.07 -82.27
N SER AA 98 -17.27 -40.81 -81.75
CA SER AA 98 -17.90 -41.88 -82.52
C SER AA 98 -19.42 -41.80 -82.56
N VAL AA 99 -20.02 -40.71 -82.10
CA VAL AA 99 -21.48 -40.59 -82.13
C VAL AA 99 -21.93 -40.50 -83.57
N SER AA 100 -22.81 -41.41 -83.98
CA SER AA 100 -23.36 -41.44 -85.33
C SER AA 100 -24.79 -40.92 -85.28
N VAL AA 101 -25.02 -39.74 -85.86
CA VAL AA 101 -26.31 -39.08 -85.82
C VAL AA 101 -26.80 -38.85 -87.24
N SER AA 102 -27.98 -38.24 -87.35
CA SER AA 102 -28.55 -37.89 -88.63
C SER AA 102 -29.19 -36.51 -88.51
N VAL AA 103 -29.14 -35.75 -89.60
CA VAL AA 103 -29.63 -34.38 -89.59
C VAL AA 103 -31.09 -34.33 -89.15
N GLY AA 104 -31.38 -33.46 -88.19
CA GLY AA 104 -32.72 -33.22 -87.72
C GLY AA 104 -32.97 -33.62 -86.28
N GLN AA 105 -32.22 -34.60 -85.77
CA GLN AA 105 -32.45 -35.11 -84.43
C GLN AA 105 -32.18 -34.03 -83.38
N VAL AA 106 -32.60 -34.32 -82.16
CA VAL AA 106 -32.44 -33.41 -81.02
C VAL AA 106 -31.71 -34.17 -79.92
N LEU AA 107 -30.55 -33.68 -79.51
CA LEU AA 107 -29.70 -34.33 -78.53
C LEU AA 107 -29.51 -33.42 -77.33
N THR AA 108 -29.50 -34.01 -76.15
CA THR AA 108 -29.19 -33.28 -74.93
C THR AA 108 -27.80 -33.68 -74.45
N GLY AA 109 -27.38 -33.16 -73.30
CA GLY AA 109 -26.03 -33.46 -72.83
C GLY AA 109 -25.74 -32.72 -71.54
N ARG AA 110 -24.50 -32.89 -71.08
CA ARG AA 110 -24.01 -32.28 -69.86
C ARG AA 110 -22.55 -31.92 -70.01
N ILE AA 111 -22.12 -30.88 -69.31
CA ILE AA 111 -20.70 -30.59 -69.09
C ILE AA 111 -20.42 -30.75 -67.61
N VAL AA 112 -19.71 -31.81 -67.24
CA VAL AA 112 -19.39 -32.09 -65.85
C VAL AA 112 -18.08 -31.39 -65.52
N LEU AA 113 -18.13 -30.50 -64.53
CA LEU AA 113 -16.95 -29.74 -64.12
C LEU AA 113 -16.17 -30.54 -63.09
N ALA AA 114 -15.03 -29.99 -62.68
CA ALA AA 114 -14.21 -30.65 -61.68
C ALA AA 114 -14.75 -30.44 -60.27
N SER AA 115 -15.35 -29.29 -60.00
CA SER AA 115 -15.90 -29.03 -58.68
C SER AA 115 -17.16 -29.83 -58.39
N GLY AA 116 -18.00 -30.07 -59.39
CA GLY AA 116 -19.22 -30.81 -59.17
C GLY AA 116 -20.42 -30.25 -59.92
N ALA AA 117 -20.45 -28.93 -60.13
CA ALA AA 117 -21.53 -28.33 -60.88
C ALA AA 117 -21.49 -28.77 -62.34
N ILE AA 118 -22.64 -28.70 -63.00
CA ILE AA 118 -22.79 -29.17 -64.37
C ILE AA 118 -23.51 -28.09 -65.18
N SER AA 119 -23.76 -28.39 -66.45
CA SER AA 119 -24.48 -27.51 -67.36
C SER AA 119 -25.03 -28.34 -68.51
N PRO AA 120 -26.34 -28.31 -68.75
CA PRO AA 120 -26.93 -29.11 -69.82
C PRO AA 120 -27.02 -28.36 -71.15
N PHE AA 121 -27.33 -29.12 -72.21
CA PHE AA 121 -27.25 -28.63 -73.58
C PHE AA 121 -28.60 -28.51 -74.28
N THR AA 122 -29.28 -29.63 -74.51
CA THR AA 122 -30.41 -29.71 -75.44
C THR AA 122 -30.07 -28.99 -76.75
N ALA AA 123 -29.11 -29.58 -77.47
CA ALA AA 123 -28.60 -29.02 -78.71
C ALA AA 123 -29.05 -29.85 -79.90
N THR AA 124 -29.52 -29.19 -80.95
CA THR AA 124 -29.97 -29.88 -82.15
C THR AA 124 -28.81 -30.09 -83.12
N VAL AA 125 -29.06 -30.90 -84.14
CA VAL AA 125 -28.06 -31.23 -85.15
C VAL AA 125 -28.34 -30.43 -86.40
N VAL AA 126 -27.28 -29.94 -87.04
CA VAL AA 126 -27.37 -29.18 -88.28
C VAL AA 126 -26.25 -29.65 -89.20
N ALA AA 127 -26.54 -29.69 -90.50
CA ALA AA 127 -25.58 -30.17 -91.48
C ALA AA 127 -24.54 -29.09 -91.78
N ALA AA 128 -23.30 -29.52 -91.97
CA ALA AA 128 -22.21 -28.61 -92.30
C ALA AA 128 -21.27 -29.32 -93.26
N ASP AA 129 -20.30 -28.56 -93.79
CA ASP AA 129 -19.44 -29.07 -94.84
C ASP AA 129 -18.11 -29.62 -94.31
N HIS AA 130 -17.32 -28.79 -93.64
CA HIS AA 130 -15.96 -29.16 -93.26
C HIS AA 130 -15.72 -28.86 -91.79
N VAL AA 131 -14.85 -29.67 -91.18
CA VAL AA 131 -14.44 -29.43 -89.80
C VAL AA 131 -13.62 -28.15 -89.74
N PRO AA 132 -13.95 -27.20 -88.86
CA PRO AA 132 -13.20 -25.95 -88.83
C PRO AA 132 -11.82 -26.14 -88.21
N SER AA 133 -10.82 -25.50 -88.83
CA SER AA 133 -9.45 -25.53 -88.35
C SER AA 133 -9.19 -24.22 -87.62
N THR AA 134 -9.38 -24.21 -86.31
CA THR AA 134 -9.22 -23.00 -85.52
C THR AA 134 -8.80 -23.40 -84.11
N GLU AA 135 -8.52 -22.39 -83.29
CA GLU AA 135 -8.16 -22.59 -81.90
C GLU AA 135 -9.43 -22.79 -81.08
N ASN AA 136 -9.30 -22.67 -79.76
CA ASN AA 136 -10.42 -22.75 -78.83
C ASN AA 136 -11.04 -24.14 -78.81
N LYS AA 137 -10.18 -25.16 -78.86
CA LYS AA 137 -10.63 -26.53 -78.65
C LYS AA 137 -10.55 -26.87 -77.17
N LEU AA 138 -11.45 -27.74 -76.72
CA LEU AA 138 -11.59 -28.00 -75.30
C LEU AA 138 -11.16 -29.40 -74.88
N CYS AA 139 -11.19 -30.38 -75.76
CA CYS AA 139 -10.81 -31.76 -75.40
C CYS AA 139 -10.05 -32.35 -76.59
N SER AA 140 -8.73 -32.24 -76.56
CA SER AA 140 -7.89 -32.75 -77.63
C SER AA 140 -6.94 -33.83 -77.12
N MET BA 1 66.72 36.84 99.91
CA MET BA 1 66.12 37.12 101.20
C MET BA 1 66.61 36.15 102.26
N THR BA 2 66.25 36.41 103.52
CA THR BA 2 66.65 35.56 104.62
C THR BA 2 66.10 34.14 104.42
N SER BA 3 66.82 33.14 104.94
CA SER BA 3 66.43 31.76 104.74
C SER BA 3 65.03 31.46 105.25
N LEU BA 4 64.58 32.18 106.28
CA LEU BA 4 63.18 32.06 106.69
C LEU BA 4 62.25 32.51 105.56
N GLU BA 5 62.64 33.58 104.87
CA GLU BA 5 61.81 34.08 103.77
C GLU BA 5 61.74 33.06 102.65
N ILE BA 6 62.89 32.51 102.24
CA ILE BA 6 62.89 31.52 101.18
C ILE BA 6 62.12 30.29 101.62
N ALA BA 7 62.20 29.93 102.90
CA ALA BA 7 61.42 28.79 103.38
C ALA BA 7 59.93 29.03 103.19
N ILE BA 8 59.42 30.17 103.67
CA ILE BA 8 57.99 30.46 103.57
C ILE BA 8 57.56 30.54 102.11
N ILE BA 9 58.32 31.28 101.31
CA ILE BA 9 57.95 31.48 99.91
C ILE BA 9 57.99 30.18 99.15
N VAL BA 10 58.98 29.31 99.42
CA VAL BA 10 59.07 28.04 98.72
C VAL BA 10 57.93 27.13 99.15
N ALA BA 11 57.53 27.18 100.42
CA ALA BA 11 56.36 26.39 100.83
C ALA BA 11 55.12 26.80 100.05
N ILE BA 12 54.81 28.10 100.03
CA ILE BA 12 53.61 28.56 99.33
C ILE BA 12 53.71 28.27 97.83
N VAL BA 13 54.87 28.56 97.25
CA VAL BA 13 55.14 28.32 95.85
C VAL BA 13 54.97 26.87 95.47
N LEU BA 14 55.47 25.94 96.27
CA LEU BA 14 55.34 24.52 95.96
C LEU BA 14 53.89 24.08 96.06
N VAL BA 15 53.17 24.56 97.09
CA VAL BA 15 51.76 24.22 97.22
C VAL BA 15 51.00 24.65 95.96
N ILE BA 16 51.22 25.89 95.53
CA ILE BA 16 50.48 26.41 94.38
C ILE BA 16 50.85 25.66 93.12
N ALA BA 17 52.15 25.35 92.93
CA ALA BA 17 52.58 24.66 91.74
C ALA BA 17 51.98 23.26 91.66
N ILE BA 18 52.00 22.52 92.77
CA ILE BA 18 51.41 21.18 92.77
C ILE BA 18 49.92 21.28 92.48
N ALA BA 19 49.23 22.25 93.09
CA ALA BA 19 47.80 22.39 92.85
C ALA BA 19 47.51 22.61 91.38
N VAL BA 20 48.25 23.52 90.73
CA VAL BA 20 47.98 23.81 89.32
C VAL BA 20 48.33 22.62 88.45
N GLY BA 21 49.43 21.93 88.74
CA GLY BA 21 49.81 20.78 87.93
C GLY BA 21 48.77 19.68 87.96
N TRP BA 22 48.29 19.33 89.15
CA TRP BA 22 47.29 18.30 89.21
C TRP BA 22 45.91 18.79 88.78
N TYR BA 23 45.68 20.11 88.77
CA TYR BA 23 44.52 20.63 88.07
C TYR BA 23 44.60 20.33 86.59
N LEU BA 24 45.79 20.51 86.00
CA LEU BA 24 45.97 20.15 84.59
C LEU BA 24 45.71 18.67 84.37
N TYR BA 25 46.28 17.81 85.22
CA TYR BA 25 45.99 16.38 85.11
C TYR BA 25 44.50 16.08 85.19
N THR BA 26 43.79 16.71 86.14
CA THR BA 26 42.37 16.43 86.29
C THR BA 26 41.59 16.86 85.07
N THR BA 27 41.91 18.05 84.53
CA THR BA 27 41.22 18.51 83.32
C THR BA 27 41.48 17.58 82.15
N PHE BA 28 42.71 17.08 82.02
CA PHE BA 28 43.01 16.14 80.94
C PHE BA 28 42.24 14.84 81.12
N ALA BA 29 42.19 14.32 82.34
CA ALA BA 29 41.47 13.07 82.59
C ALA BA 29 39.97 13.23 82.37
N ALA BA 30 39.45 14.43 82.61
CA ALA BA 30 38.03 14.65 82.38
C ALA BA 30 37.73 14.87 80.91
N ALA BA 31 38.65 15.49 80.16
CA ALA BA 31 38.46 15.69 78.74
C ALA BA 31 38.64 14.40 77.95
N GLY BA 32 39.44 13.45 78.47
CA GLY BA 32 39.61 12.19 77.77
C GLY BA 32 38.36 11.33 77.75
N GLN BA 33 37.37 11.65 78.60
CA GLN BA 33 36.13 10.88 78.68
C GLN BA 33 35.03 11.48 77.83
N GLN BA 34 35.38 12.34 76.87
CA GLN BA 34 34.37 12.87 75.95
C GLN BA 34 33.88 11.75 75.04
N THR BA 35 32.57 11.56 75.00
CA THR BA 35 31.99 10.38 74.38
C THR BA 35 30.82 10.77 73.50
N GLY BA 36 30.31 9.79 72.76
CA GLY BA 36 29.20 10.02 71.87
C GLY BA 36 28.86 8.74 71.14
N LEU BA 37 27.65 8.69 70.61
CA LEU BA 37 27.16 7.52 69.90
C LEU BA 37 27.47 7.61 68.42
N THR BA 38 27.56 6.44 67.78
CA THR BA 38 27.66 6.35 66.34
C THR BA 38 26.95 5.08 65.90
N ALA BA 39 26.32 5.12 64.74
CA ALA BA 39 25.58 3.98 64.20
C ALA BA 39 26.37 3.39 63.06
N THR BA 40 26.26 2.07 62.88
CA THR BA 40 26.94 1.38 61.80
C THR BA 40 26.00 0.61 60.89
N LYS BA 41 24.75 0.39 61.30
CA LYS BA 41 23.81 -0.37 60.51
C LYS BA 41 22.41 -0.16 61.05
N ALA BA 42 21.46 0.18 60.18
CA ALA BA 42 20.10 0.43 60.64
C ALA BA 42 19.13 0.15 59.50
N THR BA 43 18.12 -0.65 59.78
CA THR BA 43 17.09 -0.99 58.79
C THR BA 43 15.76 -1.11 59.53
N ILE BA 44 14.86 -0.16 59.31
CA ILE BA 44 13.55 -0.23 59.93
C ILE BA 44 12.81 -1.44 59.40
N TYR BA 45 12.25 -2.24 60.31
CA TYR BA 45 11.51 -3.43 59.94
C TYR BA 45 10.03 -3.22 60.19
N VAL BA 46 9.19 -3.86 59.37
CA VAL BA 46 7.75 -3.78 59.50
C VAL BA 46 7.19 -5.19 59.47
N THR BA 47 6.25 -5.48 60.36
CA THR BA 47 5.59 -6.77 60.40
C THR BA 47 4.37 -6.77 59.50
N LYS BA 48 3.77 -7.96 59.35
CA LYS BA 48 2.57 -8.08 58.52
C LYS BA 48 1.37 -7.41 59.18
N ASP BA 49 1.35 -7.33 60.51
CA ASP BA 49 0.21 -6.79 61.24
C ASP BA 49 0.35 -5.31 61.57
N GLY BA 50 1.37 -4.64 61.03
CA GLY BA 50 1.55 -3.21 61.23
C GLY BA 50 2.57 -2.82 62.28
N ASN BA 51 3.02 -3.76 63.10
CA ASN BA 51 4.03 -3.44 64.11
C ASN BA 51 5.35 -3.14 63.44
N VAL BA 52 5.94 -1.99 63.78
CA VAL BA 52 7.24 -1.59 63.24
C VAL BA 52 8.24 -1.52 64.39
N TYR BA 53 9.49 -1.79 64.08
CA TYR BA 53 10.56 -1.75 65.06
C TYR BA 53 11.88 -1.56 64.34
N LEU BA 54 12.73 -0.70 64.89
CA LEU BA 54 14.02 -0.40 64.31
C LEU BA 54 15.08 -1.34 64.89
N ASN BA 55 15.91 -1.91 64.03
CA ASN BA 55 16.94 -2.86 64.43
C ASN BA 55 18.29 -2.22 64.09
N VAL BA 56 18.83 -1.46 65.03
CA VAL BA 56 20.04 -0.67 64.81
C VAL BA 56 21.20 -1.32 65.55
N THR BA 57 22.41 -0.96 65.14
CA THR BA 57 23.64 -1.42 65.78
C THR BA 57 24.42 -0.19 66.24
N LEU BA 58 24.67 -0.10 67.54
CA LEU BA 58 25.32 1.07 68.12
C LEU BA 58 26.71 0.72 68.60
N VAL BA 59 27.59 1.72 68.59
CA VAL BA 59 28.95 1.60 69.11
C VAL BA 59 29.29 2.89 69.84
N PRO BA 60 29.48 2.86 71.15
CA PRO BA 60 29.82 4.09 71.87
C PRO BA 60 31.25 4.54 71.55
N GLN BA 61 31.36 5.75 71.01
CA GLN BA 61 32.65 6.38 70.75
C GLN BA 61 33.08 7.03 72.05
N GLY BA 62 34.25 6.68 72.54
CA GLY BA 62 34.74 7.15 73.81
C GLY BA 62 34.84 6.02 74.82
N ALA BA 63 35.03 6.39 76.07
CA ALA BA 63 35.05 5.45 77.18
C ALA BA 63 34.09 5.96 78.24
N ALA BA 64 32.81 5.65 78.06
CA ALA BA 64 31.77 6.10 78.97
C ALA BA 64 30.48 5.36 78.64
N GLN BA 65 29.46 5.63 79.45
CA GLN BA 65 28.13 5.08 79.25
C GLN BA 65 27.24 6.23 78.75
N VAL BA 66 27.08 6.32 77.44
CA VAL BA 66 26.26 7.38 76.86
C VAL BA 66 24.81 7.18 77.25
N ALA BA 67 24.07 8.28 77.33
CA ALA BA 67 22.66 8.27 77.69
C ALA BA 67 21.84 8.77 76.52
N ILE BA 68 20.85 7.97 76.10
CA ILE BA 68 19.97 8.30 74.99
C ILE BA 68 18.81 9.11 75.52
N SER BA 69 18.55 10.26 74.90
CA SER BA 69 17.46 11.13 75.33
C SER BA 69 16.17 10.87 74.55
N SER BA 70 16.25 10.95 73.22
CA SER BA 70 15.05 10.78 72.40
C SER BA 70 15.46 10.33 71.01
N ILE BA 71 14.55 9.62 70.36
CA ILE BA 71 14.73 9.14 68.99
C ILE BA 71 13.69 9.81 68.11
N GLU BA 72 14.15 10.48 67.06
CA GLU BA 72 13.28 11.18 66.13
C GLU BA 72 13.49 10.57 64.75
N VAL BA 73 12.44 9.93 64.22
CA VAL BA 73 12.50 9.25 62.93
C VAL BA 73 11.32 9.72 62.08
N ALA BA 74 11.62 10.31 60.93
CA ALA BA 74 10.62 10.74 59.96
C ALA BA 74 9.60 11.69 60.58
N GLY BA 75 10.09 12.58 61.43
CA GLY BA 75 9.24 13.57 62.06
C GLY BA 75 8.54 13.12 63.32
N VAL BA 76 8.53 11.83 63.61
CA VAL BA 76 7.90 11.32 64.82
C VAL BA 76 8.97 11.19 65.90
N SER BA 77 8.79 11.91 66.99
CA SER BA 77 9.72 11.87 68.12
C SER BA 77 9.25 10.81 69.11
N ILE BA 78 10.23 10.13 69.72
CA ILE BA 78 9.93 9.06 70.67
C ILE BA 78 10.80 9.25 71.91
N PRO BA 79 10.22 9.62 73.04
CA PRO BA 79 11.01 9.79 74.26
C PRO BA 79 11.45 8.45 74.83
N CYS BA 80 12.57 8.49 75.56
CA CYS BA 80 13.13 7.31 76.21
C CYS BA 80 13.37 7.64 77.67
N THR BA 81 12.65 6.94 78.55
CA THR BA 81 12.73 7.19 79.99
C THR BA 81 13.15 5.95 80.78
N SER BA 82 13.50 4.85 80.09
CA SER BA 82 13.92 3.64 80.77
C SER BA 82 14.86 2.86 79.85
N SER BA 83 15.87 2.24 80.44
CA SER BA 83 16.87 1.46 79.71
C SER BA 83 17.55 2.30 78.63
N ASN BA 84 17.70 3.60 78.88
CA ASN BA 84 18.26 4.53 77.91
C ASN BA 84 19.77 4.63 77.97
N LEU BA 85 20.44 3.59 78.48
CA LEU BA 85 21.89 3.57 78.57
C LEU BA 85 22.45 2.54 77.60
N VAL BA 86 23.51 2.91 76.88
CA VAL BA 86 24.21 2.01 75.98
C VAL BA 86 25.46 1.54 76.71
N LYS BA 87 25.43 0.30 77.19
CA LYS BA 87 26.50 -0.20 78.04
C LYS BA 87 27.70 -0.72 77.26
N ALA BA 88 27.49 -1.24 76.05
CA ALA BA 88 28.55 -1.87 75.29
C ALA BA 88 28.12 -1.92 73.83
N PRO BA 89 29.08 -2.03 72.90
CA PRO BA 89 28.72 -2.18 71.49
C PRO BA 89 27.88 -3.44 71.27
N GLY BA 90 26.92 -3.34 70.37
CA GLY BA 90 26.05 -4.46 70.07
C GLY BA 90 24.87 -4.03 69.23
N GLU BA 91 23.99 -4.99 68.98
CA GLU BA 91 22.79 -4.77 68.20
C GLU BA 91 21.62 -4.53 69.14
N TYR BA 92 20.89 -3.44 68.93
CA TYR BA 92 19.80 -3.04 69.79
C TYR BA 92 18.51 -2.90 68.98
N VAL BA 93 17.38 -3.02 69.67
CA VAL BA 93 16.07 -3.01 69.04
C VAL BA 93 15.22 -1.93 69.71
N ILE BA 94 14.73 -1.01 68.90
CA ILE BA 94 13.89 0.09 69.37
C ILE BA 94 12.52 -0.03 68.71
N GLU BA 95 11.47 -0.06 69.52
CA GLU BA 95 10.12 -0.13 68.99
C GLU BA 95 9.61 1.26 68.63
N LEU BA 96 9.14 1.41 67.40
CA LEU BA 96 8.48 2.64 66.95
C LEU BA 96 6.99 2.49 67.19
N SER BA 97 6.37 3.52 67.78
CA SER BA 97 5.03 3.36 68.32
C SER BA 97 3.98 3.38 67.21
N SER BA 98 3.85 4.51 66.52
CA SER BA 98 2.70 4.74 65.64
C SER BA 98 3.07 5.15 64.22
N VAL BA 99 4.35 5.09 63.85
CA VAL BA 99 4.75 5.47 62.50
C VAL BA 99 4.16 4.46 61.51
N SER BA 100 3.36 4.95 60.57
CA SER BA 100 2.74 4.10 59.55
C SER BA 100 3.52 4.27 58.25
N VAL BA 101 4.22 3.21 57.84
CA VAL BA 101 5.08 3.24 56.68
C VAL BA 101 4.64 2.14 55.72
N SER BA 102 5.36 2.04 54.60
CA SER BA 102 5.11 1.02 53.60
C SER BA 102 6.44 0.53 53.07
N VAL BA 103 6.51 -0.75 52.73
CA VAL BA 103 7.76 -1.37 52.33
C VAL BA 103 8.33 -0.66 51.11
N GLY BA 104 9.61 -0.27 51.20
CA GLY BA 104 10.33 0.34 50.11
C GLY BA 104 10.77 1.76 50.38
N GLN BA 105 10.08 2.48 51.26
CA GLN BA 105 10.41 3.87 51.52
C GLN BA 105 11.81 4.01 52.15
N VAL BA 106 12.31 5.24 52.16
CA VAL BA 106 13.61 5.56 52.72
C VAL BA 106 13.40 6.63 53.79
N LEU BA 107 13.72 6.30 55.04
CA LEU BA 107 13.52 7.19 56.18
C LEU BA 107 14.85 7.53 56.81
N THR BA 108 14.98 8.76 57.30
CA THR BA 108 16.14 9.16 58.07
C THR BA 108 15.75 9.26 59.55
N GLY BA 109 16.67 9.71 60.39
CA GLY BA 109 16.40 9.78 61.80
C GLY BA 109 17.59 10.32 62.55
N ARG BA 110 17.43 10.41 63.87
CA ARG BA 110 18.48 10.88 64.76
C ARG BA 110 18.38 10.16 66.09
N ILE BA 111 19.54 9.98 66.74
CA ILE BA 111 19.59 9.59 68.14
C ILE BA 111 20.14 10.77 68.92
N VAL BA 112 19.29 11.43 69.69
CA VAL BA 112 19.69 12.60 70.47
C VAL BA 112 20.19 12.12 71.83
N LEU BA 113 21.46 12.39 72.10
CA LEU BA 113 22.06 12.01 73.36
C LEU BA 113 21.71 13.02 74.45
N ALA BA 114 22.15 12.73 75.68
CA ALA BA 114 21.90 13.66 76.78
C ALA BA 114 22.92 14.79 76.82
N SER BA 115 24.15 14.52 76.36
CA SER BA 115 25.18 15.54 76.40
C SER BA 115 25.01 16.61 75.32
N GLY BA 116 24.45 16.25 74.17
CA GLY BA 116 24.25 17.21 73.10
C GLY BA 116 24.57 16.66 71.72
N ALA BA 117 25.50 15.71 71.65
CA ALA BA 117 25.83 15.10 70.38
C ALA BA 117 24.67 14.26 69.87
N ILE BA 118 24.66 13.98 68.57
CA ILE BA 118 23.61 13.24 67.91
C ILE BA 118 24.23 12.21 66.98
N SER BA 119 23.37 11.46 66.29
CA SER BA 119 23.80 10.46 65.31
C SER BA 119 22.64 10.20 64.36
N PRO BA 120 22.82 10.38 63.06
CA PRO BA 120 21.73 10.19 62.10
C PRO BA 120 21.67 8.77 61.55
N PHE BA 121 20.57 8.48 60.85
CA PHE BA 121 20.27 7.11 60.41
C PHE BA 121 20.30 6.93 58.91
N THR BA 122 19.40 7.58 58.17
CA THR BA 122 19.08 7.24 56.78
C THR BA 122 18.95 5.72 56.62
N ALA BA 123 17.91 5.18 57.25
CA ALA BA 123 17.65 3.75 57.26
C ALA BA 123 16.45 3.42 56.39
N THR BA 124 16.57 2.38 55.57
CA THR BA 124 15.50 1.96 54.70
C THR BA 124 14.56 0.99 55.41
N VAL BA 125 13.44 0.68 54.76
CA VAL BA 125 12.44 -0.22 55.30
C VAL BA 125 12.54 -1.57 54.61
N VAL BA 126 12.36 -2.64 55.38
CA VAL BA 126 12.39 -4.00 54.86
C VAL BA 126 11.28 -4.79 55.54
N ALA BA 127 10.67 -5.71 54.80
CA ALA BA 127 9.57 -6.50 55.32
C ALA BA 127 10.07 -7.60 56.23
N ALA BA 128 9.32 -7.88 57.29
CA ALA BA 128 9.65 -8.94 58.22
C ALA BA 128 8.35 -9.52 58.78
N ASP BA 129 8.46 -10.65 59.47
CA ASP BA 129 7.28 -11.38 59.89
C ASP BA 129 6.85 -11.06 61.32
N HIS BA 130 7.74 -11.30 62.29
CA HIS BA 130 7.36 -11.24 63.70
C HIS BA 130 8.31 -10.32 64.47
N VAL BA 131 7.77 -9.70 65.51
CA VAL BA 131 8.59 -8.88 66.41
C VAL BA 131 9.53 -9.79 67.20
N PRO BA 132 10.82 -9.50 67.24
CA PRO BA 132 11.74 -10.39 67.95
C PRO BA 132 11.60 -10.23 69.46
N SER BA 133 11.63 -11.36 70.15
CA SER BA 133 11.57 -11.39 71.61
C SER BA 133 12.99 -11.63 72.12
N THR BA 134 13.69 -10.55 72.44
CA THR BA 134 15.07 -10.65 72.89
C THR BA 134 15.38 -9.45 73.77
N GLU BA 135 16.56 -9.47 74.36
CA GLU BA 135 17.03 -8.38 75.21
C GLU BA 135 17.58 -7.26 74.34
N ASN BA 136 18.32 -6.33 74.96
CA ASN BA 136 18.95 -5.22 74.26
C ASN BA 136 17.93 -4.27 73.65
N LYS BA 137 16.86 -4.00 74.40
CA LYS BA 137 15.94 -2.94 74.03
C LYS BA 137 16.41 -1.62 74.62
N LEU BA 138 16.12 -0.53 73.92
CA LEU BA 138 16.66 0.76 74.28
C LEU BA 138 15.65 1.72 74.88
N CYS BA 139 14.38 1.63 74.51
CA CYS BA 139 13.36 2.56 75.02
C CYS BA 139 12.08 1.76 75.28
N SER BA 140 11.91 1.31 76.51
CA SER BA 140 10.75 0.53 76.89
C SER BA 140 9.98 1.20 78.03
N MET CA 1 -12.33 -6.07 -15.82
CA MET CA 1 -12.70 -6.68 -14.56
C MET CA 1 -11.64 -7.67 -14.11
N THR CA 2 -11.61 -7.97 -12.81
CA THR CA 2 -10.65 -8.90 -12.25
C THR CA 2 -10.80 -10.26 -12.93
N SER CA 3 -9.68 -11.00 -13.01
CA SER CA 3 -9.69 -12.29 -13.69
C SER CA 3 -10.71 -13.26 -13.11
N LEU CA 4 -11.12 -13.06 -11.87
CA LEU CA 4 -12.21 -13.86 -11.32
C LEU CA 4 -13.46 -13.67 -12.16
N GLU CA 5 -13.76 -12.42 -12.52
CA GLU CA 5 -14.91 -12.14 -13.38
C GLU CA 5 -14.75 -12.80 -14.74
N ILE CA 6 -13.57 -12.67 -15.35
CA ILE CA 6 -13.40 -13.26 -16.68
C ILE CA 6 -13.51 -14.77 -16.60
N ALA CA 7 -13.06 -15.36 -15.49
CA ALA CA 7 -13.23 -16.80 -15.31
C ALA CA 7 -14.71 -17.17 -15.28
N ILE CA 8 -15.49 -16.51 -14.43
CA ILE CA 8 -16.92 -16.82 -14.32
C ILE CA 8 -17.61 -16.62 -15.65
N ILE CA 9 -17.39 -15.45 -16.27
CA ILE CA 9 -18.07 -15.10 -17.51
C ILE CA 9 -17.67 -16.03 -18.64
N VAL CA 10 -16.39 -16.38 -18.74
CA VAL CA 10 -15.96 -17.27 -19.81
C VAL CA 10 -16.52 -18.67 -19.60
N ALA CA 11 -16.63 -19.11 -18.35
CA ALA CA 11 -17.25 -20.41 -18.11
C ALA CA 11 -18.70 -20.43 -18.60
N ILE CA 12 -19.49 -19.44 -18.16
CA ILE CA 12 -20.90 -19.43 -18.54
C ILE CA 12 -21.06 -19.23 -20.04
N VAL CA 13 -20.29 -18.31 -20.60
CA VAL CA 13 -20.28 -18.03 -22.03
C VAL CA 13 -19.91 -19.25 -22.86
N LEU CA 14 -18.91 -20.02 -22.43
CA LEU CA 14 -18.53 -21.21 -23.18
C LEU CA 14 -19.59 -22.28 -23.09
N VAL CA 15 -20.20 -22.45 -21.92
CA VAL CA 15 -21.30 -23.40 -21.79
C VAL CA 15 -22.42 -23.05 -22.78
N ILE CA 16 -22.80 -21.78 -22.81
CA ILE CA 16 -23.89 -21.36 -23.70
C ILE CA 16 -23.51 -21.56 -25.16
N ALA CA 17 -22.26 -21.20 -25.51
CA ALA CA 17 -21.83 -21.36 -26.90
C ALA CA 17 -21.87 -22.81 -27.34
N ILE CA 18 -21.33 -23.71 -26.51
CA ILE CA 18 -21.35 -25.13 -26.88
C ILE CA 18 -22.78 -25.63 -27.01
N ALA CA 19 -23.65 -25.24 -26.07
CA ALA CA 19 -25.04 -25.65 -26.14
C ALA CA 19 -25.68 -25.24 -27.46
N VAL CA 20 -25.52 -23.96 -27.84
CA VAL CA 20 -26.18 -23.47 -29.06
C VAL CA 20 -25.56 -24.11 -30.30
N GLY CA 21 -24.24 -24.30 -30.30
CA GLY CA 21 -23.60 -24.90 -31.46
C GLY CA 21 -24.08 -26.32 -31.71
N TRP CA 22 -24.07 -27.15 -30.68
CA TRP CA 22 -24.54 -28.50 -30.89
C TRP CA 22 -26.06 -28.57 -31.04
N TYR CA 23 -26.79 -27.54 -30.60
CA TYR CA 23 -28.19 -27.41 -30.98
C TYR CA 23 -28.33 -27.25 -32.48
N LEU CA 24 -27.49 -26.40 -33.09
CA LEU CA 24 -27.49 -26.26 -34.54
C LEU CA 24 -27.17 -27.57 -35.22
N TYR CA 25 -26.15 -28.28 -34.72
CA TYR CA 25 -25.84 -29.60 -35.28
C TYR CA 25 -27.02 -30.55 -35.21
N THR CA 26 -27.71 -30.61 -34.07
CA THR CA 26 -28.81 -31.54 -33.94
C THR CA 26 -29.98 -31.14 -34.83
N THR CA 27 -30.23 -29.83 -34.96
CA THR CA 27 -31.27 -29.37 -35.87
C THR CA 27 -30.97 -29.79 -37.30
N PHE CA 28 -29.72 -29.62 -37.72
CA PHE CA 28 -29.35 -30.05 -39.08
C PHE CA 28 -29.50 -31.55 -39.24
N ALA CA 29 -29.08 -32.32 -38.24
CA ALA CA 29 -29.18 -33.78 -38.34
C ALA CA 29 -30.63 -34.25 -38.37
N ALA CA 30 -31.53 -33.48 -37.76
CA ALA CA 30 -32.94 -33.85 -37.80
C ALA CA 30 -33.59 -33.42 -39.11
N ALA CA 31 -33.24 -32.25 -39.62
CA ALA CA 31 -33.80 -31.80 -40.89
C ALA CA 31 -33.27 -32.61 -42.06
N GLY CA 32 -32.10 -33.24 -41.92
CA GLY CA 32 -31.59 -34.07 -42.99
C GLY CA 32 -32.34 -35.38 -43.16
N GLN CA 33 -33.16 -35.77 -42.19
CA GLN CA 33 -33.89 -37.02 -42.23
C GLN CA 33 -35.32 -36.84 -42.74
N GLN CA 34 -35.60 -35.73 -43.42
CA GLN CA 34 -36.91 -35.55 -44.01
C GLN CA 34 -37.10 -36.54 -45.15
N THR CA 35 -38.22 -37.26 -45.12
CA THR CA 35 -38.39 -38.41 -46.00
C THR CA 35 -39.79 -38.38 -46.61
N GLY CA 36 -40.02 -39.29 -47.53
CA GLY CA 36 -41.29 -39.39 -48.21
C GLY CA 36 -41.22 -40.44 -49.30
N LEU CA 37 -42.40 -40.92 -49.68
CA LEU CA 37 -42.50 -41.97 -50.69
C LEU CA 37 -42.58 -41.37 -52.08
N THR CA 38 -42.17 -42.15 -53.07
CA THR CA 38 -42.33 -41.81 -54.47
C THR CA 38 -42.54 -43.10 -55.26
N ALA CA 39 -43.36 -43.03 -56.29
CA ALA CA 39 -43.70 -44.19 -57.10
C ALA CA 39 -43.06 -44.03 -58.47
N THR CA 40 -42.69 -45.16 -59.08
CA THR CA 40 -42.13 -45.16 -60.42
C THR CA 40 -42.88 -46.06 -61.38
N LYS CA 41 -43.81 -46.88 -60.90
CA LYS CA 41 -44.53 -47.81 -61.77
C LYS CA 41 -45.75 -48.35 -61.04
N ALA CA 42 -46.91 -48.30 -61.69
CA ALA CA 42 -48.13 -48.78 -61.05
C ALA CA 42 -49.11 -49.20 -62.13
N THR CA 43 -49.59 -50.45 -62.05
CA THR CA 43 -50.54 -50.97 -63.02
C THR CA 43 -51.50 -51.90 -62.28
N ILE CA 44 -52.72 -51.43 -62.03
CA ILE CA 44 -53.71 -52.26 -61.37
C ILE CA 44 -53.98 -53.50 -62.19
N TYR CA 45 -53.90 -54.67 -61.56
CA TYR CA 45 -54.16 -55.94 -62.21
C TYR CA 45 -55.51 -56.49 -61.77
N VAL CA 46 -56.19 -57.17 -62.67
CA VAL CA 46 -57.49 -57.79 -62.40
C VAL CA 46 -57.46 -59.23 -62.87
N THR CA 47 -57.98 -60.13 -62.05
CA THR CA 47 -58.07 -61.54 -62.41
C THR CA 47 -59.41 -61.83 -63.08
N LYS CA 48 -59.55 -63.06 -63.58
CA LYS CA 48 -60.78 -63.45 -64.24
C LYS CA 48 -61.93 -63.58 -63.26
N ASP CA 49 -61.65 -63.91 -61.99
CA ASP CA 49 -62.68 -64.15 -60.99
C ASP CA 49 -63.08 -62.88 -60.24
N GLY CA 50 -62.56 -61.73 -60.64
CA GLY CA 50 -62.93 -60.47 -60.01
C GLY CA 50 -61.93 -59.95 -58.98
N ASN CA 51 -60.98 -60.78 -58.55
CA ASN CA 51 -59.97 -60.32 -57.61
C ASN CA 51 -59.05 -59.30 -58.27
N VAL CA 52 -58.88 -58.16 -57.63
CA VAL CA 52 -58.01 -57.10 -58.13
C VAL CA 52 -56.93 -56.83 -57.10
N TYR CA 53 -55.79 -56.34 -57.58
CA TYR CA 53 -54.68 -56.03 -56.70
C TYR CA 53 -53.75 -55.06 -57.41
N LEU CA 54 -53.19 -54.12 -56.66
CA LEU CA 54 -52.28 -53.12 -57.20
C LEU CA 54 -50.85 -53.65 -57.08
N ASN CA 55 -50.08 -53.51 -58.16
CA ASN CA 55 -48.69 -53.96 -58.21
C ASN CA 55 -47.83 -52.74 -58.47
N VAL CA 56 -47.44 -52.06 -57.39
CA VAL CA 56 -46.74 -50.80 -57.46
C VAL CA 56 -45.27 -51.01 -57.09
N THR CA 57 -44.43 -50.05 -57.47
CA THR CA 57 -43.02 -50.06 -57.15
C THR CA 57 -42.67 -48.78 -56.41
N LEU CA 58 -42.21 -48.91 -55.17
CA LEU CA 58 -41.95 -47.76 -54.32
C LEU CA 58 -40.46 -47.56 -54.13
N VAL CA 59 -40.09 -46.31 -53.89
CA VAL CA 59 -38.70 -45.93 -53.57
C VAL CA 59 -38.75 -44.86 -52.48
N PRO CA 60 -38.32 -45.17 -51.26
CA PRO CA 60 -38.35 -44.14 -50.21
C PRO CA 60 -37.32 -43.05 -50.46
N GLN CA 61 -37.81 -41.83 -50.56
CA GLN CA 61 -36.97 -40.65 -50.70
C GLN CA 61 -36.52 -40.24 -49.30
N GLY CA 62 -35.22 -40.13 -49.10
CA GLY CA 62 -34.66 -39.80 -47.80
C GLY CA 62 -33.93 -41.00 -47.21
N ALA CA 63 -33.68 -40.91 -45.91
CA ALA CA 63 -33.07 -41.99 -45.15
C ALA CA 63 -33.94 -42.24 -43.92
N ALA CA 64 -35.00 -43.02 -44.10
CA ALA CA 64 -35.92 -43.32 -43.02
C ALA CA 64 -36.84 -44.45 -43.46
N GLN CA 65 -37.61 -44.97 -42.51
CA GLN CA 65 -38.60 -46.00 -42.75
C GLN CA 65 -39.96 -45.31 -42.76
N VAL CA 66 -40.43 -44.93 -43.95
CA VAL CA 66 -41.71 -44.25 -44.06
C VAL CA 66 -42.84 -45.19 -43.65
N ALA CA 67 -43.90 -44.62 -43.08
CA ALA CA 67 -45.06 -45.37 -42.64
C ALA CA 67 -46.26 -44.99 -43.50
N ILE CA 68 -46.89 -46.00 -44.10
CA ILE CA 68 -48.04 -45.79 -44.97
C ILE CA 68 -49.30 -45.80 -44.12
N SER CA 69 -50.13 -44.77 -44.28
CA SER CA 69 -51.36 -44.66 -43.51
C SER CA 69 -52.55 -45.29 -44.23
N SER CA 70 -52.77 -44.92 -45.50
CA SER CA 70 -53.91 -45.43 -46.24
C SER CA 70 -53.66 -45.25 -47.73
N ILE CA 71 -54.34 -46.07 -48.51
CA ILE CA 71 -54.31 -46.00 -49.97
C ILE CA 71 -55.70 -45.63 -50.46
N GLU CA 72 -55.80 -44.51 -51.16
CA GLU CA 72 -57.07 -44.02 -51.69
C GLU CA 72 -56.98 -44.02 -53.21
N VAL CA 73 -57.68 -44.95 -53.86
CA VAL CA 73 -57.65 -45.10 -55.31
C VAL CA 73 -59.09 -45.16 -55.82
N ALA CA 74 -59.39 -44.31 -56.80
CA ALA CA 74 -60.70 -44.29 -57.46
C ALA CA 74 -61.83 -44.08 -56.45
N GLY CA 75 -61.59 -43.22 -55.47
CA GLY CA 75 -62.60 -42.88 -54.50
C GLY CA 75 -62.75 -43.86 -53.36
N VAL CA 76 -62.25 -45.08 -53.50
CA VAL CA 76 -62.34 -46.10 -52.46
C VAL CA 76 -61.09 -46.02 -51.61
N SER CA 77 -61.27 -45.70 -50.33
CA SER CA 77 -60.16 -45.61 -49.38
C SER CA 77 -59.93 -46.98 -48.74
N ILE CA 78 -58.67 -47.27 -48.44
CA ILE CA 78 -58.31 -48.56 -47.85
C ILE CA 78 -57.35 -48.33 -46.69
N PRO CA 79 -57.76 -48.57 -45.45
CA PRO CA 79 -56.86 -48.37 -44.31
C PRO CA 79 -55.79 -49.45 -44.28
N CYS CA 80 -54.68 -49.09 -43.63
CA CYS CA 80 -53.54 -50.00 -43.48
C CYS CA 80 -53.10 -49.97 -42.03
N THR CA 81 -53.22 -51.12 -41.35
CA THR CA 81 -52.89 -51.24 -39.93
C THR CA 81 -51.84 -52.29 -39.66
N SER CA 82 -51.27 -52.91 -40.69
CA SER CA 82 -50.25 -53.93 -40.51
C SER CA 82 -49.34 -53.94 -41.73
N SER CA 83 -48.07 -54.25 -41.50
CA SER CA 83 -47.06 -54.29 -42.56
C SER CA 83 -47.00 -52.97 -43.33
N ASN CA 84 -47.31 -51.87 -42.66
CA ASN CA 84 -47.40 -50.56 -43.31
C ASN CA 84 -46.07 -49.81 -43.33
N LEU CA 85 -44.96 -50.52 -43.27
CA LEU CA 85 -43.64 -49.91 -43.33
C LEU CA 85 -42.95 -50.28 -44.63
N VAL CA 86 -42.31 -49.30 -45.26
CA VAL CA 86 -41.54 -49.50 -46.48
C VAL CA 86 -40.08 -49.57 -46.08
N LYS CA 87 -39.52 -50.77 -46.03
CA LYS CA 87 -38.18 -50.97 -45.50
C LYS CA 87 -37.09 -50.66 -46.50
N ALA CA 88 -37.35 -50.87 -47.79
CA ALA CA 88 -36.31 -50.72 -48.81
C ALA CA 88 -36.99 -50.61 -50.16
N PRO CA 89 -36.33 -50.00 -51.15
CA PRO CA 89 -36.92 -49.93 -52.50
C PRO CA 89 -37.17 -51.32 -53.06
N GLY CA 90 -38.30 -51.47 -53.74
CA GLY CA 90 -38.65 -52.74 -54.34
C GLY CA 90 -40.04 -52.69 -54.93
N GLU CA 91 -40.49 -53.86 -55.38
CA GLU CA 91 -41.82 -54.02 -55.97
C GLU CA 91 -42.75 -54.57 -54.91
N TYR CA 92 -43.85 -53.86 -54.65
CA TYR CA 92 -44.77 -54.22 -53.59
C TYR CA 92 -46.16 -54.45 -54.16
N VAL CA 93 -46.94 -55.25 -53.44
CA VAL CA 93 -48.27 -55.66 -53.89
C VAL CA 93 -49.29 -55.25 -52.84
N ILE CA 94 -50.28 -54.46 -53.25
CA ILE CA 94 -51.34 -54.01 -52.37
C ILE CA 94 -52.65 -54.60 -52.87
N GLU CA 95 -53.37 -55.30 -52.00
CA GLU CA 95 -54.64 -55.90 -52.37
C GLU CA 95 -55.78 -54.89 -52.22
N LEU CA 96 -56.54 -54.71 -53.30
CA LEU CA 96 -57.72 -53.85 -53.28
C LEU CA 96 -58.93 -54.74 -52.95
N SER CA 97 -59.78 -54.27 -52.03
CA SER CA 97 -60.79 -55.15 -51.45
C SER CA 97 -61.97 -55.34 -52.40
N SER CA 98 -62.70 -54.28 -52.69
CA SER CA 98 -63.99 -54.40 -53.35
C SER CA 98 -64.15 -53.52 -54.59
N VAL CA 99 -63.10 -52.87 -55.05
CA VAL CA 99 -63.21 -52.02 -56.24
C VAL CA 99 -63.49 -52.91 -57.45
N SER CA 100 -64.61 -52.65 -58.11
CA SER CA 100 -65.02 -53.40 -59.30
C SER CA 100 -64.71 -52.56 -60.53
N VAL CA 101 -63.75 -53.02 -61.34
CA VAL CA 101 -63.29 -52.30 -62.51
C VAL CA 101 -63.45 -53.18 -63.74
N SER CA 102 -63.04 -52.65 -64.89
CA SER CA 102 -63.06 -53.37 -66.14
C SER CA 102 -61.82 -53.03 -66.93
N VAL CA 103 -61.31 -54.02 -67.66
CA VAL CA 103 -60.06 -53.85 -68.40
C VAL CA 103 -60.15 -52.66 -69.34
N GLY CA 104 -59.16 -51.78 -69.26
CA GLY CA 104 -59.04 -50.63 -70.14
C GLY CA 104 -59.12 -49.29 -69.44
N GLN CA 105 -59.83 -49.22 -68.32
CA GLN CA 105 -60.03 -47.94 -67.65
C GLN CA 105 -58.73 -47.37 -67.10
N VAL CA 106 -58.77 -46.11 -66.69
CA VAL CA 106 -57.63 -45.40 -66.15
C VAL CA 106 -58.03 -44.86 -64.78
N LEU CA 107 -57.31 -45.30 -63.74
CA LEU CA 107 -57.61 -44.93 -62.36
C LEU CA 107 -56.41 -44.22 -61.74
N THR CA 108 -56.67 -43.13 -61.05
CA THR CA 108 -55.62 -42.44 -60.30
C THR CA 108 -55.72 -42.83 -58.83
N GLY CA 109 -54.83 -42.30 -58.01
CA GLY CA 109 -54.82 -42.68 -56.60
C GLY CA 109 -53.77 -41.92 -55.84
N ARG CA 110 -53.72 -42.21 -54.53
CA ARG CA 110 -52.79 -41.57 -53.62
C ARG CA 110 -52.27 -42.59 -52.62
N ILE CA 111 -51.06 -42.36 -52.14
CA ILE CA 111 -50.53 -43.06 -50.97
C ILE CA 111 -50.27 -42.02 -49.89
N VAL CA 112 -51.10 -42.02 -48.85
CA VAL CA 112 -51.00 -41.05 -47.77
C VAL CA 112 -50.09 -41.60 -46.69
N LEU CA 113 -49.01 -40.87 -46.40
CA LEU CA 113 -48.05 -41.28 -45.40
C LEU CA 113 -48.50 -40.82 -44.02
N ALA CA 114 -47.76 -41.24 -43.00
CA ALA CA 114 -48.07 -40.82 -41.64
C ALA CA 114 -47.61 -39.40 -41.36
N SER CA 115 -46.54 -38.96 -42.02
CA SER CA 115 -46.04 -37.61 -41.82
C SER CA 115 -46.89 -36.56 -42.50
N GLY CA 116 -47.41 -36.84 -43.69
CA GLY CA 116 -48.23 -35.88 -44.40
C GLY CA 116 -48.01 -35.86 -45.89
N ALA CA 117 -46.82 -36.26 -46.35
CA ALA CA 117 -46.54 -36.32 -47.77
C ALA CA 117 -47.38 -37.40 -48.44
N ILE CA 118 -47.59 -37.24 -49.74
CA ILE CA 118 -48.42 -38.14 -50.53
C ILE CA 118 -47.68 -38.48 -51.83
N SER CA 119 -48.36 -39.23 -52.70
CA SER CA 119 -47.82 -39.62 -53.99
C SER CA 119 -48.94 -40.06 -54.91
N PRO CA 120 -49.04 -39.53 -56.12
CA PRO CA 120 -50.08 -39.93 -57.05
C PRO CA 120 -49.73 -41.21 -57.80
N PHE CA 121 -50.71 -41.71 -58.57
CA PHE CA 121 -50.56 -42.97 -59.28
C PHE CA 121 -50.58 -42.83 -60.80
N THR CA 122 -51.68 -42.33 -61.36
CA THR CA 122 -51.93 -42.38 -62.80
C THR CA 122 -51.64 -43.79 -63.34
N ALA CA 123 -52.47 -44.73 -62.90
CA ALA CA 123 -52.27 -46.15 -63.17
C ALA CA 123 -53.42 -46.69 -64.02
N THR CA 124 -53.08 -47.49 -65.02
CA THR CA 124 -54.08 -48.13 -65.86
C THR CA 124 -54.36 -49.55 -65.39
N VAL CA 125 -55.41 -50.15 -65.95
CA VAL CA 125 -55.81 -51.51 -65.61
C VAL CA 125 -55.35 -52.45 -66.71
N VAL CA 126 -54.89 -53.63 -66.31
CA VAL CA 126 -54.42 -54.65 -67.24
C VAL CA 126 -54.92 -56.00 -66.74
N ALA CA 127 -55.29 -56.87 -67.69
CA ALA CA 127 -55.84 -58.17 -67.35
C ALA CA 127 -54.72 -59.14 -66.97
N ALA CA 128 -55.00 -59.96 -65.96
CA ALA CA 128 -54.06 -60.97 -65.51
C ALA CA 128 -54.84 -62.19 -65.06
N ASP CA 129 -54.11 -63.27 -64.77
CA ASP CA 129 -54.75 -64.56 -64.50
C ASP CA 129 -54.94 -64.83 -63.01
N HIS CA 130 -53.84 -64.86 -62.25
CA HIS CA 130 -53.88 -65.33 -60.88
C HIS CA 130 -53.24 -64.32 -59.95
N VAL CA 131 -53.73 -64.29 -58.72
CA VAL CA 131 -53.14 -63.43 -57.68
C VAL CA 131 -51.77 -63.97 -57.31
N PRO CA 132 -50.72 -63.15 -57.32
CA PRO CA 132 -49.38 -63.67 -57.01
C PRO CA 132 -49.24 -63.98 -55.53
N SER CA 133 -48.64 -65.13 -55.24
CA SER CA 133 -48.37 -65.56 -53.88
C SER CA 133 -46.91 -65.27 -53.59
N THR CA 134 -46.64 -64.11 -53.00
CA THR CA 134 -45.28 -63.70 -52.72
C THR CA 134 -45.30 -62.76 -51.51
N GLU CA 135 -44.10 -62.37 -51.08
CA GLU CA 135 -43.93 -61.46 -49.96
C GLU CA 135 -44.14 -60.02 -50.47
N ASN CA 136 -43.71 -59.05 -49.66
CA ASN CA 136 -43.73 -57.64 -50.04
C ASN CA 136 -45.16 -57.11 -50.16
N LYS CA 137 -46.04 -57.55 -49.26
CA LYS CA 137 -47.37 -56.99 -49.16
C LYS CA 137 -47.35 -55.80 -48.21
N LEU CA 138 -48.23 -54.83 -48.48
CA LEU CA 138 -48.19 -53.57 -47.76
C LEU CA 138 -49.35 -53.35 -46.81
N CYS CA 139 -50.53 -53.89 -47.09
CA CYS CA 139 -51.70 -53.68 -46.23
C CYS CA 139 -52.46 -55.00 -46.16
N SER CA 140 -52.17 -55.79 -45.13
CA SER CA 140 -52.82 -57.07 -44.93
C SER CA 140 -53.61 -57.10 -43.63
N MET DA 1 69.75 37.86 104.11
CA MET DA 1 70.41 37.01 105.10
C MET DA 1 71.92 37.12 104.98
N THR DA 2 72.64 36.51 105.93
CA THR DA 2 74.09 36.53 105.93
C THR DA 2 74.63 35.99 104.60
N SER DA 3 75.75 36.55 104.15
CA SER DA 3 76.28 36.23 102.83
C SER DA 3 76.67 34.77 102.69
N LEU DA 4 76.96 34.07 103.78
CA LEU DA 4 77.14 32.62 103.67
C LEU DA 4 75.85 31.98 103.18
N GLU DA 5 74.71 32.41 103.73
CA GLU DA 5 73.42 31.91 103.28
C GLU DA 5 73.20 32.20 101.81
N ILE DA 6 73.42 33.44 101.39
CA ILE DA 6 73.18 33.80 100.01
C ILE DA 6 74.12 33.06 99.08
N ALA DA 7 75.36 32.84 99.53
CA ALA DA 7 76.30 32.06 98.73
C ALA DA 7 75.78 30.65 98.49
N ILE DA 8 75.41 29.95 99.57
CA ILE DA 8 74.94 28.58 99.43
C ILE DA 8 73.67 28.52 98.58
N ILE DA 9 72.72 29.39 98.88
CA ILE DA 9 71.45 29.38 98.18
C ILE DA 9 71.62 29.74 96.71
N VAL DA 10 72.50 30.69 96.39
CA VAL DA 10 72.70 31.06 95.00
C VAL DA 10 73.42 29.95 94.25
N ALA DA 11 74.32 29.23 94.92
CA ALA DA 11 74.95 28.08 94.26
C ALA DA 11 73.90 27.04 93.88
N ILE DA 12 73.07 26.63 94.84
CA ILE DA 12 72.07 25.60 94.57
C ILE DA 12 71.05 26.09 93.54
N VAL DA 13 70.60 27.34 93.70
CA VAL DA 13 69.67 27.98 92.77
C VAL DA 13 70.22 28.03 91.35
N LEU DA 14 71.49 28.41 91.17
CA LEU DA 14 72.04 28.49 89.83
C LEU DA 14 72.16 27.10 89.22
N VAL DA 15 72.57 26.11 90.00
CA VAL DA 15 72.64 24.75 89.49
C VAL DA 15 71.26 24.30 88.98
N ILE DA 16 70.22 24.51 89.79
CA ILE DA 16 68.89 24.06 89.41
C ILE DA 16 68.39 24.80 88.18
N ALA DA 17 68.59 26.12 88.15
CA ALA DA 17 68.10 26.91 87.01
C ALA DA 17 68.77 26.51 85.71
N ILE DA 18 70.10 26.33 85.74
CA ILE DA 18 70.81 25.91 84.54
C ILE DA 18 70.33 24.53 84.09
N ALA DA 19 70.14 23.63 85.05
CA ALA DA 19 69.66 22.29 84.70
C ALA DA 19 68.31 22.35 83.99
N VAL DA 20 67.38 23.13 84.54
CA VAL DA 20 66.05 23.21 83.93
C VAL DA 20 66.10 23.89 82.57
N GLY DA 21 66.91 24.94 82.43
CA GLY DA 21 67.00 25.62 81.16
C GLY DA 21 67.52 24.72 80.05
N TRP DA 22 68.61 24.01 80.33
CA TRP DA 22 69.13 23.14 79.28
C TRP DA 22 68.29 21.87 79.14
N TYR DA 23 67.47 21.53 80.13
CA TYR DA 23 66.45 20.52 79.91
C TYR DA 23 65.44 20.99 78.86
N LEU DA 24 65.03 22.26 78.96
CA LEU DA 24 64.14 22.82 77.94
C LEU DA 24 64.80 22.78 76.56
N TYR DA 25 66.07 23.20 76.48
CA TYR DA 25 66.79 23.09 75.21
C TYR DA 25 66.80 21.66 74.67
N THR DA 26 67.11 20.69 75.53
CA THR DA 26 67.19 19.30 75.06
C THR DA 26 65.84 18.80 74.58
N THR DA 27 64.77 19.14 75.30
CA THR DA 27 63.45 18.70 74.88
C THR DA 27 63.07 19.34 73.55
N PHE DA 28 63.42 20.61 73.35
CA PHE DA 28 63.14 21.25 72.07
C PHE DA 28 63.92 20.61 70.94
N ALA DA 29 65.20 20.31 71.19
CA ALA DA 29 66.01 19.67 70.16
C ALA DA 29 65.52 18.27 69.83
N ALA DA 30 64.91 17.59 70.80
CA ALA DA 30 64.36 16.27 70.53
C ALA DA 30 63.03 16.37 69.80
N ALA DA 31 62.22 17.38 70.14
CA ALA DA 31 60.95 17.57 69.45
C ALA DA 31 61.12 18.03 68.01
N GLY DA 32 62.21 18.74 67.72
CA GLY DA 32 62.45 19.17 66.35
C GLY DA 32 62.77 18.03 65.40
N GLN DA 33 63.11 16.86 65.93
CA GLN DA 33 63.46 15.71 65.10
C GLN DA 33 62.27 14.78 64.85
N GLN DA 34 61.06 15.26 65.06
CA GLN DA 34 59.88 14.46 64.75
C GLN DA 34 59.76 14.31 63.24
N THR DA 35 59.59 13.08 62.78
CA THR DA 35 59.72 12.78 61.37
C THR DA 35 58.59 11.85 60.94
N GLY DA 36 58.51 11.63 59.63
CA GLY DA 36 57.50 10.76 59.07
C GLY DA 36 57.63 10.76 57.56
N LEU DA 37 57.05 9.72 56.96
CA LEU DA 37 57.13 9.54 55.52
C LEU DA 37 55.94 10.17 54.83
N THR DA 38 56.15 10.55 53.57
CA THR DA 38 55.10 11.04 52.70
C THR DA 38 55.40 10.59 51.29
N ALA DA 39 54.35 10.33 50.52
CA ALA DA 39 54.47 9.82 49.16
C ALA DA 39 54.02 10.91 48.19
N THR DA 40 54.63 10.94 47.02
CA THR DA 40 54.28 11.91 45.99
C THR DA 40 53.85 11.28 44.68
N LYS DA 41 54.12 9.99 44.47
CA LYS DA 41 53.79 9.33 43.21
C LYS DA 41 53.87 7.82 43.38
N ALA DA 42 52.83 7.11 42.97
CA ALA DA 42 52.81 5.66 43.13
C ALA DA 42 51.96 5.05 42.04
N THR DA 43 52.53 4.08 41.32
CA THR DA 43 51.81 3.38 40.25
C THR DA 43 52.29 1.93 40.23
N ILE DA 44 51.44 1.02 40.70
CA ILE DA 44 51.80 -0.39 40.67
C ILE DA 44 51.98 -0.84 39.23
N TYR DA 45 53.14 -1.46 38.96
CA TYR DA 45 53.45 -1.96 37.63
C TYR DA 45 53.31 -3.48 37.62
N VAL DA 46 52.93 -4.02 36.46
CA VAL DA 46 52.76 -5.46 36.28
C VAL DA 46 53.43 -5.86 34.97
N THR DA 47 54.15 -6.97 34.99
CA THR DA 47 54.80 -7.50 33.80
C THR DA 47 53.91 -8.53 33.12
N LYS DA 48 54.34 -8.97 31.94
CA LYS DA 48 53.57 -9.94 31.18
C LYS DA 48 53.56 -11.31 31.86
N ASP DA 49 54.63 -11.65 32.57
CA ASP DA 49 54.78 -12.97 33.16
C ASP DA 49 54.21 -13.08 34.57
N GLY DA 50 53.54 -12.04 35.06
CA GLY DA 50 52.91 -12.09 36.36
C GLY DA 50 53.68 -11.40 37.48
N ASN DA 51 54.94 -11.01 37.24
CA ASN DA 51 55.69 -10.30 38.27
C ASN DA 51 55.11 -8.91 38.47
N VAL DA 52 54.82 -8.58 39.72
CA VAL DA 52 54.23 -7.29 40.07
C VAL DA 52 55.15 -6.59 41.06
N TYR DA 53 55.27 -5.27 40.92
CA TYR DA 53 56.17 -4.50 41.77
C TYR DA 53 55.69 -3.06 41.81
N LEU DA 54 55.89 -2.41 42.95
CA LEU DA 54 55.50 -1.03 43.15
C LEU DA 54 56.68 -0.10 42.88
N ASN DA 55 56.42 0.98 42.15
CA ASN DA 55 57.44 1.98 41.82
C ASN DA 55 56.98 3.29 42.44
N VAL DA 56 57.34 3.51 43.71
CA VAL DA 56 56.87 4.64 44.48
C VAL DA 56 58.00 5.64 44.68
N THR DA 57 57.62 6.88 45.03
CA THR DA 57 58.57 7.95 45.29
C THR DA 57 58.31 8.50 46.68
N LEU DA 58 59.33 8.44 47.54
CA LEU DA 58 59.20 8.84 48.93
C LEU DA 58 59.95 10.13 49.19
N VAL DA 59 59.50 10.85 50.22
CA VAL DA 59 60.15 12.06 50.69
C VAL DA 59 60.07 12.07 52.21
N PRO DA 60 61.19 11.96 52.94
CA PRO DA 60 61.11 11.98 54.40
C PRO DA 60 60.81 13.38 54.91
N GLN DA 61 59.71 13.49 55.65
CA GLN DA 61 59.32 14.73 56.30
C GLN DA 61 60.03 14.77 57.64
N GLY DA 62 60.80 15.81 57.87
CA GLY DA 62 61.60 15.95 59.08
C GLY DA 62 63.08 15.88 58.77
N ALA DA 63 63.86 15.68 59.82
CA ALA DA 63 65.30 15.50 59.70
C ALA DA 63 65.68 14.26 60.50
N ALA DA 64 65.50 13.09 59.88
CA ALA DA 64 65.78 11.83 60.54
C ALA DA 64 65.79 10.73 59.50
N GLN DA 65 66.14 9.52 59.93
CA GLN DA 65 66.19 8.34 59.08
C GLN DA 65 64.99 7.48 59.46
N VAL DA 66 63.88 7.66 58.74
CA VAL DA 66 62.67 6.90 59.03
C VAL DA 66 62.89 5.42 58.73
N ALA DA 67 62.21 4.57 59.49
CA ALA DA 67 62.30 3.12 59.32
C ALA DA 67 60.94 2.58 58.92
N ILE DA 68 60.90 1.87 57.79
CA ILE DA 68 59.68 1.28 57.28
C ILE DA 68 59.49 -0.07 57.93
N SER DA 69 58.29 -0.31 58.48
CA SER DA 69 58.01 -1.57 59.15
C SER DA 69 57.37 -2.58 58.21
N SER DA 70 56.31 -2.18 57.50
CA SER DA 70 55.61 -3.10 56.62
C SER DA 70 54.81 -2.31 55.61
N ILE DA 71 54.54 -2.95 54.47
CA ILE DA 71 53.72 -2.39 53.41
C ILE DA 71 52.47 -3.23 53.28
N GLU DA 72 51.31 -2.57 53.38
CA GLU DA 72 50.02 -3.25 53.26
C GLU DA 72 49.28 -2.62 52.09
N VAL DA 73 49.13 -3.37 51.01
CA VAL DA 73 48.47 -2.89 49.80
C VAL DA 73 47.42 -3.91 49.38
N ALA DA 74 46.18 -3.45 49.22
CA ALA DA 74 45.07 -4.27 48.76
C ALA DA 74 44.84 -5.48 49.67
N GLY DA 75 44.99 -5.27 50.97
CA GLY DA 75 44.74 -6.30 51.96
C GLY DA 75 45.89 -7.25 52.20
N VAL DA 76 46.89 -7.27 51.34
CA VAL DA 76 48.05 -8.15 51.50
C VAL DA 76 49.12 -7.38 52.26
N SER DA 77 49.52 -7.90 53.42
CA SER DA 77 50.57 -7.31 54.22
C SER DA 77 51.92 -7.91 53.81
N ILE DA 78 52.95 -7.08 53.84
CA ILE DA 78 54.29 -7.51 53.44
C ILE DA 78 55.31 -7.01 54.44
N PRO DA 79 55.96 -7.90 55.21
CA PRO DA 79 56.96 -7.45 56.17
C PRO DA 79 58.23 -6.97 55.46
N CYS DA 80 58.99 -6.15 56.17
CA CYS DA 80 60.26 -5.62 55.68
C CYS DA 80 61.29 -5.76 56.79
N THR DA 81 62.30 -6.60 56.56
CA THR DA 81 63.31 -6.89 57.56
C THR DA 81 64.72 -6.52 57.10
N SER DA 82 64.85 -5.90 55.93
CA SER DA 82 66.17 -5.51 55.44
C SER DA 82 66.01 -4.33 54.49
N SER DA 83 67.01 -3.45 54.49
CA SER DA 83 67.01 -2.25 53.66
C SER DA 83 65.77 -1.39 53.92
N ASN DA 84 65.27 -1.40 55.16
CA ASN DA 84 64.04 -0.72 55.51
C ASN DA 84 64.26 0.72 55.95
N LEU DA 85 65.35 1.34 55.53
CA LEU DA 85 65.66 2.73 55.87
C LEU DA 85 65.56 3.60 54.63
N VAL DA 86 64.96 4.78 54.79
CA VAL DA 86 64.87 5.77 53.71
C VAL DA 86 65.97 6.80 53.95
N LYS DA 87 67.05 6.70 53.19
CA LYS DA 87 68.22 7.52 53.41
C LYS DA 87 68.07 8.93 52.85
N ALA DA 88 67.37 9.09 51.74
CA ALA DA 88 67.28 10.38 51.07
C ALA DA 88 66.06 10.36 50.15
N PRO DA 89 65.47 11.52 49.87
CA PRO DA 89 64.31 11.54 48.97
C PRO DA 89 64.67 11.03 47.59
N GLY DA 90 63.79 10.21 47.03
CA GLY DA 90 64.04 9.66 45.72
C GLY DA 90 62.97 8.65 45.35
N GLU DA 91 63.21 7.97 44.23
CA GLU DA 91 62.31 6.97 43.70
C GLU DA 91 62.78 5.59 44.14
N TYR DA 92 61.88 4.81 44.73
CA TYR DA 92 62.21 3.50 45.25
C TYR DA 92 61.30 2.44 44.65
N VAL DA 93 61.76 1.19 44.68
CA VAL DA 93 61.06 0.08 44.06
C VAL DA 93 60.82 -0.99 45.13
N ILE DA 94 59.56 -1.35 45.32
CA ILE DA 94 59.16 -2.38 46.27
C ILE DA 94 58.53 -3.52 45.50
N GLU DA 95 59.01 -4.74 45.73
CA GLU DA 95 58.46 -5.91 45.07
C GLU DA 95 57.27 -6.44 45.87
N LEU DA 96 56.16 -6.68 45.18
CA LEU DA 96 54.99 -7.31 45.77
C LEU DA 96 55.07 -8.81 45.49
N SER DA 97 54.84 -9.62 46.52
CA SER DA 97 55.16 -11.03 46.42
C SER DA 97 54.13 -11.78 45.59
N SER DA 98 52.89 -11.84 46.05
CA SER DA 98 51.89 -12.72 45.46
C SER DA 98 50.59 -12.02 45.08
N VAL DA 99 50.53 -10.70 45.11
CA VAL DA 99 49.31 -10.00 44.76
C VAL DA 99 49.05 -10.18 43.27
N SER DA 100 47.91 -10.78 42.94
CA SER DA 100 47.53 -11.04 41.55
C SER DA 100 46.49 -10.01 41.14
N VAL DA 101 46.85 -9.14 40.20
CA VAL DA 101 45.99 -8.05 39.76
C VAL DA 101 45.82 -8.13 38.24
N SER DA 102 45.09 -7.17 37.71
CA SER DA 102 44.87 -7.06 36.27
C SER DA 102 44.89 -5.58 35.90
N VAL DA 103 45.41 -5.30 34.70
CA VAL DA 103 45.60 -3.92 34.28
C VAL DA 103 44.28 -3.18 34.30
N GLY DA 104 44.26 -2.00 34.92
CA GLY DA 104 43.12 -1.13 34.99
C GLY DA 104 42.57 -0.90 36.39
N GLN DA 105 42.79 -1.85 37.29
CA GLN DA 105 42.23 -1.76 38.63
C GLN DA 105 42.84 -0.58 39.39
N VAL DA 106 42.23 -0.25 40.53
CA VAL DA 106 42.66 0.83 41.40
C VAL DA 106 42.86 0.27 42.80
N LEU DA 107 44.07 0.38 43.32
CA LEU DA 107 44.44 -0.19 44.61
C LEU DA 107 44.94 0.90 45.54
N THR DA 108 44.64 0.76 46.83
CA THR DA 108 45.17 1.65 47.84
C THR DA 108 46.21 0.91 48.67
N GLY DA 109 46.77 1.57 49.68
CA GLY DA 109 47.80 0.94 50.48
C GLY DA 109 48.25 1.87 51.59
N ARG DA 110 49.20 1.36 52.38
CA ARG DA 110 49.77 2.10 53.49
C ARG DA 110 51.24 1.75 53.63
N ILE DA 111 52.04 2.72 54.10
CA ILE DA 111 53.39 2.46 54.58
C ILE DA 111 53.38 2.69 56.08
N VAL DA 112 53.49 1.60 56.85
CA VAL DA 112 53.50 1.68 58.29
C VAL DA 112 54.93 1.85 58.77
N LEU DA 113 55.21 2.98 59.40
CA LEU DA 113 56.54 3.29 59.90
C LEU DA 113 56.76 2.61 61.25
N ALA DA 114 57.99 2.74 61.76
CA ALA DA 114 58.30 2.18 63.06
C ALA DA 114 57.80 3.04 64.20
N SER DA 115 57.76 4.36 64.00
CA SER DA 115 57.32 5.27 65.05
C SER DA 115 55.81 5.22 65.26
N GLY DA 116 55.03 5.02 64.20
CA GLY DA 116 53.59 4.98 64.34
C GLY DA 116 52.86 5.70 63.21
N ALA DA 117 53.48 6.74 62.66
CA ALA DA 117 52.89 7.46 61.54
C ALA DA 117 52.83 6.55 60.32
N ILE DA 118 51.92 6.88 59.40
CA ILE DA 118 51.67 6.10 58.20
C ILE DA 118 51.60 7.04 57.01
N SER DA 119 51.33 6.46 55.83
CA SER DA 119 51.18 7.20 54.59
C SER DA 119 50.42 6.34 53.60
N PRO DA 120 49.30 6.81 53.06
CA PRO DA 120 48.49 6.01 52.15
C PRO DA 120 48.88 6.23 50.69
N PHE DA 121 48.35 5.34 49.82
CA PHE DA 121 48.76 5.27 48.43
C PHE DA 121 47.69 5.68 47.42
N THR DA 122 46.60 4.92 47.36
CA THR DA 122 45.64 5.00 46.24
C THR DA 122 46.38 5.07 44.91
N ALA DA 123 47.04 3.96 44.58
CA ALA DA 123 47.86 3.85 43.37
C ALA DA 123 47.19 2.92 42.37
N THR DA 124 47.15 3.34 41.11
CA THR DA 124 46.54 2.55 40.06
C THR DA 124 47.57 1.61 39.43
N VAL DA 125 47.08 0.70 38.60
CA VAL DA 125 47.90 -0.31 37.95
C VAL DA 125 48.15 0.09 36.51
N VAL DA 126 49.37 -0.16 36.03
CA VAL DA 126 49.76 0.14 34.66
C VAL DA 126 50.59 -1.02 34.14
N ALA DA 127 50.47 -1.31 32.85
CA ALA DA 127 51.19 -2.42 32.24
C ALA DA 127 52.64 -2.04 31.99
N ALA DA 128 53.53 -3.02 32.16
CA ALA DA 128 54.95 -2.82 31.93
C ALA DA 128 55.54 -4.13 31.43
N ASP DA 129 56.79 -4.06 30.95
CA ASP DA 129 57.41 -5.21 30.30
C ASP DA 129 58.29 -6.02 31.25
N HIS DA 130 59.30 -5.41 31.84
CA HIS DA 130 60.31 -6.13 32.60
C HIS DA 130 60.54 -5.49 33.95
N VAL DA 131 60.90 -6.33 34.92
CA VAL DA 131 61.26 -5.84 36.25
C VAL DA 131 62.55 -5.02 36.15
N PRO DA 132 62.60 -3.81 36.69
CA PRO DA 132 63.82 -3.02 36.58
C PRO DA 132 64.92 -3.55 37.48
N SER DA 133 66.14 -3.54 36.96
CA SER DA 133 67.33 -3.97 37.70
C SER DA 133 68.07 -2.71 38.13
N THR DA 134 67.79 -2.24 39.34
CA THR DA 134 68.40 -1.02 39.84
C THR DA 134 68.44 -1.08 41.37
N GLU DA 135 69.09 -0.09 41.96
CA GLU DA 135 69.19 0.02 43.41
C GLU DA 135 67.90 0.64 43.96
N ASN DA 136 67.95 1.09 45.21
CA ASN DA 136 66.85 1.80 45.85
C ASN DA 136 65.66 0.86 46.09
N LYS DA 137 65.95 -0.38 46.45
CA LYS DA 137 64.92 -1.30 46.89
C LYS DA 137 64.70 -1.15 48.38
N LEU DA 138 63.46 -1.36 48.82
CA LEU DA 138 63.09 -1.08 50.19
C LEU DA 138 62.85 -2.31 51.06
N CYS DA 139 62.44 -3.43 50.48
CA CYS DA 139 62.15 -4.64 51.26
C CYS DA 139 62.65 -5.84 50.47
N SER DA 140 63.88 -6.25 50.76
CA SER DA 140 64.49 -7.38 50.07
C SER DA 140 64.85 -8.48 51.05
N MET EA 1 -13.82 -7.58 -21.08
CA MET EA 1 -14.18 -6.29 -20.51
C MET EA 1 -14.81 -6.44 -19.14
N THR EA 2 -14.82 -5.34 -18.38
CA THR EA 2 -15.43 -5.32 -17.06
C THR EA 2 -16.92 -5.66 -17.19
N SER EA 3 -17.47 -6.30 -16.15
CA SER EA 3 -18.87 -6.71 -16.17
C SER EA 3 -19.82 -5.56 -16.41
N LEU EA 4 -19.41 -4.33 -16.11
CA LEU EA 4 -20.23 -3.19 -16.47
C LEU EA 4 -20.43 -3.14 -17.98
N GLU EA 5 -19.35 -3.38 -18.73
CA GLU EA 5 -19.44 -3.39 -20.18
C GLU EA 5 -20.34 -4.51 -20.67
N ILE EA 6 -20.18 -5.71 -20.10
CA ILE EA 6 -21.01 -6.83 -20.51
C ILE EA 6 -22.47 -6.55 -20.19
N ALA EA 7 -22.73 -5.87 -19.07
CA ALA EA 7 -24.10 -5.49 -18.75
C ALA EA 7 -24.68 -4.57 -19.82
N ILE EA 8 -23.97 -3.48 -20.13
CA ILE EA 8 -24.47 -2.53 -21.13
C ILE EA 8 -24.67 -3.22 -22.48
N ILE EA 9 -23.66 -3.96 -22.93
CA ILE EA 9 -23.69 -4.58 -24.25
C ILE EA 9 -24.78 -5.64 -24.32
N VAL EA 10 -24.94 -6.44 -23.27
CA VAL EA 10 -25.97 -7.48 -23.29
C VAL EA 10 -27.35 -6.84 -23.27
N ALA EA 11 -27.52 -5.73 -22.54
CA ALA EA 11 -28.82 -5.05 -22.58
C ALA EA 11 -29.16 -4.61 -23.99
N ILE EA 12 -28.23 -3.90 -24.64
CA ILE EA 12 -28.53 -3.36 -25.98
C ILE EA 12 -28.70 -4.51 -26.99
N VAL EA 13 -27.81 -5.50 -26.91
CA VAL EA 13 -27.86 -6.65 -27.80
C VAL EA 13 -29.15 -7.44 -27.64
N LEU EA 14 -29.64 -7.60 -26.40
CA LEU EA 14 -30.89 -8.32 -26.20
C LEU EA 14 -32.07 -7.52 -26.72
N VAL EA 15 -32.06 -6.20 -26.52
CA VAL EA 15 -33.12 -5.36 -27.07
C VAL EA 15 -33.18 -5.54 -28.59
N ILE EA 16 -32.02 -5.48 -29.25
CA ILE EA 16 -31.99 -5.62 -30.70
C ILE EA 16 -32.45 -7.01 -31.12
N ALA EA 17 -32.06 -8.04 -30.36
CA ALA EA 17 -32.49 -9.40 -30.66
C ALA EA 17 -34.01 -9.51 -30.65
N ILE EA 18 -34.63 -9.05 -29.56
CA ILE EA 18 -36.08 -9.15 -29.45
C ILE EA 18 -36.74 -8.38 -30.58
N ALA EA 19 -36.24 -7.17 -30.87
CA ALA EA 19 -36.83 -6.35 -31.92
C ALA EA 19 -36.82 -7.09 -33.25
N VAL EA 20 -35.65 -7.62 -33.64
CA VAL EA 20 -35.54 -8.26 -34.96
C VAL EA 20 -36.34 -9.56 -35.00
N GLY EA 21 -36.33 -10.33 -33.91
CA GLY EA 21 -37.07 -11.57 -33.90
C GLY EA 21 -38.55 -11.38 -34.08
N TRP EA 22 -39.13 -10.45 -33.31
CA TRP EA 22 -40.56 -10.23 -33.47
C TRP EA 22 -40.87 -9.45 -34.74
N TYR EA 23 -39.89 -8.75 -35.32
CA TYR EA 23 -40.05 -8.26 -36.67
C TYR EA 23 -40.23 -9.39 -37.65
N LEU EA 24 -39.42 -10.45 -37.53
CA LEU EA 24 -39.58 -11.62 -38.38
C LEU EA 24 -40.96 -12.25 -38.19
N TYR EA 25 -41.38 -12.40 -36.93
CA TYR EA 25 -42.73 -12.91 -36.68
C TYR EA 25 -43.79 -12.07 -37.36
N THR EA 26 -43.72 -10.75 -37.24
CA THR EA 26 -44.78 -9.91 -37.81
C THR EA 26 -44.75 -9.96 -39.32
N THR EA 27 -43.55 -10.03 -39.91
CA THR EA 27 -43.44 -10.17 -41.35
C THR EA 27 -44.09 -11.46 -41.83
N PHE EA 28 -43.83 -12.56 -41.12
CA PHE EA 28 -44.47 -13.82 -41.48
C PHE EA 28 -45.98 -13.74 -41.34
N ALA EA 29 -46.45 -13.11 -40.26
CA ALA EA 29 -47.89 -13.01 -40.03
C ALA EA 29 -48.56 -12.14 -41.08
N ALA EA 30 -47.83 -11.17 -41.64
CA ALA EA 30 -48.40 -10.33 -42.69
C ALA EA 30 -48.37 -11.04 -44.04
N ALA EA 31 -47.30 -11.78 -44.33
CA ALA EA 31 -47.23 -12.52 -45.58
C ALA EA 31 -48.20 -13.69 -45.60
N GLY EA 32 -48.60 -14.21 -44.44
CA GLY EA 32 -49.58 -15.28 -44.42
C GLY EA 32 -50.98 -14.83 -44.74
N GLN EA 33 -51.24 -13.53 -44.76
CA GLN EA 33 -52.56 -12.98 -45.04
C GLN EA 33 -52.74 -12.59 -46.50
N GLN EA 34 -51.88 -13.09 -47.38
CA GLN EA 34 -52.04 -12.80 -48.79
C GLN EA 34 -53.27 -13.53 -49.34
N THR EA 35 -54.14 -12.79 -50.02
CA THR EA 35 -55.44 -13.31 -50.38
C THR EA 35 -55.74 -12.97 -51.83
N GLY EA 36 -56.84 -13.54 -52.33
CA GLY EA 36 -57.26 -13.30 -53.70
C GLY EA 36 -58.51 -14.10 -53.98
N LEU EA 37 -59.23 -13.65 -55.00
CA LEU EA 37 -60.49 -14.28 -55.39
C LEU EA 37 -60.24 -15.42 -56.37
N THR EA 38 -61.17 -16.35 -56.40
CA THR EA 38 -61.18 -17.42 -57.38
C THR EA 38 -62.63 -17.81 -57.64
N ALA EA 39 -62.93 -18.18 -58.88
CA ALA EA 39 -64.28 -18.52 -59.30
C ALA EA 39 -64.35 -20.00 -59.61
N THR EA 40 -65.52 -20.60 -59.38
CA THR EA 40 -65.74 -22.00 -59.67
C THR EA 40 -66.94 -22.26 -60.57
N LYS EA 41 -67.76 -21.24 -60.84
CA LYS EA 41 -68.94 -21.41 -61.67
C LYS EA 41 -69.48 -20.06 -62.10
N ALA EA 42 -69.72 -19.87 -63.40
CA ALA EA 42 -70.23 -18.61 -63.90
C ALA EA 42 -71.01 -18.85 -65.17
N THR EA 43 -72.26 -18.39 -65.21
CA THR EA 43 -73.10 -18.55 -66.38
C THR EA 43 -73.96 -17.29 -66.50
N ILE EA 44 -73.62 -16.42 -67.46
CA ILE EA 44 -74.40 -15.22 -67.67
C ILE EA 44 -75.82 -15.59 -68.04
N TYR EA 45 -76.80 -15.07 -67.31
CA TYR EA 45 -78.20 -15.33 -67.57
C TYR EA 45 -78.83 -14.12 -68.26
N VAL EA 46 -79.80 -14.39 -69.13
CA VAL EA 46 -80.49 -13.35 -69.88
C VAL EA 46 -81.99 -13.59 -69.76
N THR EA 47 -82.74 -12.52 -69.55
CA THR EA 47 -84.19 -12.59 -69.47
C THR EA 47 -84.81 -12.32 -70.84
N LYS EA 48 -86.12 -12.53 -70.93
CA LYS EA 48 -86.82 -12.31 -72.19
C LYS EA 48 -86.91 -10.84 -72.54
N ASP EA 49 -86.88 -9.96 -71.53
CA ASP EA 49 -87.05 -8.53 -71.74
C ASP EA 49 -85.73 -7.79 -71.94
N GLY EA 50 -84.61 -8.51 -71.99
CA GLY EA 50 -83.31 -7.91 -72.23
C GLY EA 50 -82.44 -7.73 -71.02
N ASN EA 51 -82.98 -7.89 -69.81
CA ASN EA 51 -82.18 -7.77 -68.60
C ASN EA 51 -81.20 -8.94 -68.51
N VAL EA 52 -79.92 -8.63 -68.32
CA VAL EA 52 -78.88 -9.64 -68.18
C VAL EA 52 -78.25 -9.48 -66.81
N TYR EA 53 -77.76 -10.60 -66.27
CA TYR EA 53 -77.12 -10.59 -64.96
C TYR EA 53 -76.25 -11.83 -64.85
N LEU EA 54 -75.09 -11.68 -64.22
CA LEU EA 54 -74.17 -12.77 -64.03
C LEU EA 54 -74.41 -13.43 -62.69
N ASN EA 55 -74.52 -14.76 -62.69
CA ASN EA 55 -74.79 -15.54 -61.48
C ASN EA 55 -73.54 -16.38 -61.21
N VAL EA 56 -72.61 -15.82 -60.45
CA VAL EA 56 -71.30 -16.41 -60.25
C VAL EA 56 -71.19 -16.95 -58.82
N THR EA 57 -70.20 -17.81 -58.61
CA THR EA 57 -69.91 -18.38 -57.30
C THR EA 57 -68.45 -18.09 -56.97
N LEU EA 58 -68.22 -17.38 -55.87
CA LEU EA 58 -66.88 -16.95 -55.50
C LEU EA 58 -66.41 -17.69 -54.25
N VAL EA 59 -65.09 -17.83 -54.14
CA VAL EA 59 -64.45 -18.45 -52.98
C VAL EA 59 -63.19 -17.65 -52.65
N PRO EA 60 -63.14 -16.94 -51.53
CA PRO EA 60 -61.93 -16.18 -51.20
C PRO EA 60 -60.78 -17.09 -50.84
N GLN EA 61 -59.70 -17.00 -51.60
CA GLN EA 61 -58.46 -17.72 -51.33
C GLN EA 61 -57.67 -16.87 -50.35
N GLY EA 62 -57.34 -17.45 -49.20
CA GLY EA 62 -56.67 -16.73 -48.13
C GLY EA 62 -57.58 -16.57 -46.93
N ALA EA 63 -57.18 -15.65 -46.05
CA ALA EA 63 -57.97 -15.31 -44.87
C ALA EA 63 -58.06 -13.79 -44.79
N ALA EA 64 -59.01 -13.22 -45.54
CA ALA EA 64 -59.20 -11.78 -45.56
C ALA EA 64 -60.51 -11.48 -46.29
N GLN EA 65 -60.91 -10.21 -46.23
CA GLN EA 65 -62.10 -9.72 -46.92
C GLN EA 65 -61.61 -8.98 -48.17
N VAL EA 66 -61.61 -9.68 -49.30
CA VAL EA 66 -61.15 -9.07 -50.55
C VAL EA 66 -62.13 -7.99 -50.99
N ALA EA 67 -61.61 -7.02 -51.74
CA ALA EA 67 -62.42 -5.92 -52.24
C ALA EA 67 -62.41 -5.94 -53.77
N ILE EA 68 -63.59 -5.99 -54.36
CA ILE EA 68 -63.74 -6.04 -55.81
C ILE EA 68 -63.74 -4.61 -56.34
N SER EA 69 -62.89 -4.35 -57.33
CA SER EA 69 -62.77 -3.01 -57.88
C SER EA 69 -63.67 -2.80 -59.09
N SER EA 70 -63.60 -3.72 -60.06
CA SER EA 70 -64.39 -3.57 -61.27
C SER EA 70 -64.55 -4.92 -61.94
N ILE EA 71 -65.61 -5.05 -62.73
CA ILE EA 71 -65.89 -6.24 -63.51
C ILE EA 71 -65.86 -5.85 -64.98
N GLU EA 72 -65.03 -6.53 -65.76
CA GLU EA 72 -64.89 -6.28 -67.19
C GLU EA 72 -65.28 -7.54 -67.94
N VAL EA 73 -66.43 -7.51 -68.60
CA VAL EA 73 -66.97 -8.66 -69.32
C VAL EA 73 -67.22 -8.27 -70.76
N ALA EA 74 -66.57 -8.98 -71.69
CA ALA EA 74 -66.78 -8.78 -73.12
C ALA EA 74 -66.49 -7.33 -73.54
N GLY EA 75 -65.49 -6.74 -72.91
CA GLY EA 75 -65.07 -5.39 -73.24
C GLY EA 75 -65.82 -4.29 -72.50
N VAL EA 76 -66.96 -4.61 -71.89
CA VAL EA 76 -67.72 -3.63 -71.13
C VAL EA 76 -67.25 -3.68 -69.69
N SER EA 77 -66.76 -2.54 -69.19
CA SER EA 77 -66.29 -2.44 -67.82
C SER EA 77 -67.42 -1.90 -66.94
N ILE EA 78 -67.48 -2.39 -65.71
CA ILE EA 78 -68.52 -2.00 -64.78
C ILE EA 78 -67.90 -1.69 -63.43
N PRO EA 79 -67.89 -0.43 -62.99
CA PRO EA 79 -67.32 -0.11 -61.69
C PRO EA 79 -68.21 -0.58 -60.56
N CYS EA 80 -67.58 -0.77 -59.40
CA CYS EA 80 -68.28 -1.21 -58.19
C CYS EA 80 -67.87 -0.30 -57.04
N THR EA 81 -68.83 0.44 -56.50
CA THR EA 81 -68.58 1.40 -55.44
C THR EA 81 -69.38 1.13 -54.19
N SER EA 82 -70.09 0.00 -54.12
CA SER EA 82 -70.86 -0.36 -52.95
C SER EA 82 -71.03 -1.87 -52.91
N SER EA 83 -71.07 -2.41 -51.69
CA SER EA 83 -71.20 -3.86 -51.48
C SER EA 83 -70.10 -4.63 -52.20
N ASN EA 84 -68.93 -4.02 -52.34
CA ASN EA 84 -67.82 -4.61 -53.10
C ASN EA 84 -66.92 -5.49 -52.24
N LEU EA 85 -67.44 -6.04 -51.14
CA LEU EA 85 -66.67 -6.91 -50.27
C LEU EA 85 -67.24 -8.32 -50.33
N VAL EA 86 -66.34 -9.30 -50.42
CA VAL EA 86 -66.71 -10.71 -50.41
C VAL EA 86 -66.46 -11.23 -49.00
N LYS EA 87 -67.53 -11.44 -48.24
CA LYS EA 87 -67.40 -11.78 -46.83
C LYS EA 87 -67.21 -13.27 -46.58
N ALA EA 88 -67.74 -14.12 -47.46
CA ALA EA 88 -67.70 -15.57 -47.23
C ALA EA 88 -67.96 -16.26 -48.56
N PRO EA 89 -67.52 -17.51 -48.71
CA PRO EA 89 -67.81 -18.25 -49.94
C PRO EA 89 -69.31 -18.41 -50.13
N GLY EA 90 -69.75 -18.31 -51.38
CA GLY EA 90 -71.16 -18.45 -51.68
C GLY EA 90 -71.44 -18.07 -53.11
N GLU EA 91 -72.73 -18.05 -53.44
CA GLU EA 91 -73.20 -17.70 -54.77
C GLU EA 91 -73.62 -16.23 -54.76
N TYR EA 92 -73.07 -15.46 -55.70
CA TYR EA 92 -73.31 -14.03 -55.77
C TYR EA 92 -73.88 -13.66 -57.14
N VAL EA 93 -74.62 -12.56 -57.17
CA VAL EA 93 -75.33 -12.11 -58.36
C VAL EA 93 -74.87 -10.71 -58.71
N ILE EA 94 -74.34 -10.55 -59.93
CA ILE EA 94 -73.85 -9.27 -60.40
C ILE EA 94 -74.71 -8.85 -61.59
N GLU EA 95 -75.22 -7.62 -61.55
CA GLU EA 95 -76.03 -7.11 -62.64
C GLU EA 95 -75.14 -6.47 -63.69
N LEU EA 96 -75.37 -6.81 -64.97
CA LEU EA 96 -74.69 -6.19 -66.09
C LEU EA 96 -75.61 -5.10 -66.65
N SER EA 97 -75.04 -3.92 -66.90
CA SER EA 97 -75.88 -2.75 -67.17
C SER EA 97 -76.46 -2.79 -68.58
N SER EA 98 -75.62 -2.75 -69.61
CA SER EA 98 -76.07 -2.54 -70.97
C SER EA 98 -75.53 -3.55 -71.97
N VAL EA 99 -74.90 -4.62 -71.53
CA VAL EA 99 -74.39 -5.63 -72.45
C VAL EA 99 -75.56 -6.32 -73.13
N SER EA 100 -75.61 -6.23 -74.45
CA SER EA 100 -76.67 -6.86 -75.25
C SER EA 100 -76.09 -8.09 -75.93
N VAL EA 101 -76.60 -9.26 -75.56
CA VAL EA 101 -76.09 -10.53 -76.05
C VAL EA 101 -77.26 -11.36 -76.58
N SER EA 102 -76.94 -12.58 -77.00
CA SER EA 102 -77.93 -13.51 -77.51
C SER EA 102 -77.59 -14.91 -77.03
N VAL EA 103 -78.62 -15.71 -76.77
CA VAL EA 103 -78.42 -17.03 -76.21
C VAL EA 103 -77.51 -17.86 -77.10
N GLY EA 104 -76.49 -18.47 -76.49
CA GLY EA 104 -75.56 -19.35 -77.18
C GLY EA 104 -74.13 -18.85 -77.20
N GLN EA 105 -73.92 -17.54 -77.15
CA GLN EA 105 -72.58 -16.99 -77.24
C GLN EA 105 -71.73 -17.41 -76.04
N VAL EA 106 -70.42 -17.21 -76.18
CA VAL EA 106 -69.45 -17.55 -75.15
C VAL EA 106 -68.66 -16.29 -74.82
N LEU EA 107 -68.76 -15.85 -73.57
CA LEU EA 107 -68.14 -14.60 -73.12
C LEU EA 107 -67.12 -14.89 -72.04
N THR EA 108 -66.04 -14.12 -72.04
CA THR EA 108 -65.03 -14.20 -70.99
C THR EA 108 -65.12 -12.94 -70.13
N GLY EA 109 -64.24 -12.82 -69.15
CA GLY EA 109 -64.29 -11.67 -68.26
C GLY EA 109 -63.22 -11.75 -67.20
N ARG EA 110 -63.20 -10.71 -66.36
CA ARG EA 110 -62.23 -10.60 -65.28
C ARG EA 110 -62.91 -9.98 -64.06
N ILE EA 111 -62.45 -10.37 -62.88
CA ILE EA 111 -62.77 -9.69 -61.64
C ILE EA 111 -61.48 -9.07 -61.11
N VAL EA 112 -61.36 -7.76 -61.21
CA VAL EA 112 -60.15 -7.04 -60.79
C VAL EA 112 -60.31 -6.65 -59.32
N LEU EA 113 -59.41 -7.14 -58.49
CA LEU EA 113 -59.42 -6.85 -57.07
C LEU EA 113 -58.72 -5.53 -56.80
N ALA EA 114 -58.77 -5.09 -55.54
CA ALA EA 114 -58.08 -3.86 -55.16
C ALA EA 114 -56.59 -4.09 -54.97
N SER EA 115 -56.19 -5.30 -54.58
CA SER EA 115 -54.77 -5.59 -54.38
C SER EA 115 -54.02 -5.74 -55.70
N GLY EA 116 -54.65 -6.27 -56.74
CA GLY EA 116 -53.98 -6.45 -58.01
C GLY EA 116 -54.29 -7.78 -58.67
N ALA EA 117 -54.55 -8.81 -57.88
CA ALA EA 117 -54.88 -10.11 -58.44
C ALA EA 117 -56.23 -10.05 -59.15
N ILE EA 118 -56.43 -10.98 -60.08
CA ILE EA 118 -57.62 -11.04 -60.91
C ILE EA 118 -58.10 -12.49 -60.98
N SER EA 119 -59.16 -12.71 -61.77
CA SER EA 119 -59.74 -14.03 -61.97
C SER EA 119 -60.55 -14.04 -63.26
N PRO EA 120 -60.32 -14.99 -64.15
CA PRO EA 120 -61.08 -15.06 -65.40
C PRO EA 120 -62.40 -15.80 -65.22
N PHE EA 121 -63.22 -15.77 -66.28
CA PHE EA 121 -64.57 -16.32 -66.24
C PHE EA 121 -64.76 -17.53 -67.14
N THR EA 122 -64.58 -17.37 -68.45
CA THR EA 122 -64.99 -18.36 -69.44
C THR EA 122 -66.43 -18.83 -69.15
N ALA EA 123 -67.35 -17.88 -69.28
CA ALA EA 123 -68.75 -18.09 -68.91
C ALA EA 123 -69.65 -17.98 -70.13
N THR EA 124 -70.50 -18.99 -70.32
CA THR EA 124 -71.44 -19.01 -71.43
C THR EA 124 -72.75 -18.33 -71.05
N VAL EA 125 -73.60 -18.14 -72.04
CA VAL EA 125 -74.90 -17.49 -71.86
C VAL EA 125 -75.99 -18.56 -71.88
N VAL EA 126 -76.97 -18.41 -71.00
CA VAL EA 126 -78.11 -19.32 -70.91
C VAL EA 126 -79.36 -18.50 -70.67
N ALA EA 127 -80.46 -18.90 -71.31
CA ALA EA 127 -81.71 -18.17 -71.22
C ALA EA 127 -82.39 -18.42 -69.88
N ALA EA 128 -83.02 -17.38 -69.34
CA ALA EA 128 -83.75 -17.46 -68.10
C ALA EA 128 -84.95 -16.53 -68.17
N ASP EA 129 -85.82 -16.63 -67.17
CA ASP EA 129 -87.10 -15.93 -67.22
C ASP EA 129 -87.07 -14.58 -66.49
N HIS EA 130 -86.77 -14.58 -65.19
CA HIS EA 130 -86.91 -13.40 -64.36
C HIS EA 130 -85.64 -13.14 -63.56
N VAL EA 131 -85.41 -11.87 -63.27
CA VAL EA 131 -84.27 -11.47 -62.43
C VAL EA 131 -84.51 -11.95 -61.01
N PRO EA 132 -83.57 -12.64 -60.38
CA PRO EA 132 -83.80 -13.14 -59.03
C PRO EA 132 -83.76 -12.01 -58.01
N SER EA 133 -84.71 -12.04 -57.09
CA SER EA 133 -84.79 -11.06 -56.00
C SER EA 133 -84.23 -11.71 -54.75
N THR EA 134 -82.94 -11.50 -54.49
CA THR EA 134 -82.28 -12.10 -53.35
C THR EA 134 -81.11 -11.22 -52.94
N GLU EA 135 -80.48 -11.59 -51.85
CA GLU EA 135 -79.32 -10.88 -51.33
C GLU EA 135 -78.07 -11.32 -52.10
N ASN EA 136 -76.89 -10.98 -51.57
CA ASN EA 136 -75.61 -11.40 -52.12
C ASN EA 136 -75.36 -10.74 -53.48
N LYS EA 137 -75.70 -9.47 -53.59
CA LYS EA 137 -75.33 -8.68 -54.76
C LYS EA 137 -73.97 -8.04 -54.51
N LEU EA 138 -73.19 -7.87 -55.58
CA LEU EA 138 -71.82 -7.44 -55.44
C LEU EA 138 -71.56 -6.01 -55.91
N CYS EA 139 -72.35 -5.48 -56.84
CA CYS EA 139 -72.13 -4.12 -57.34
C CYS EA 139 -73.51 -3.49 -57.55
N SER EA 140 -73.99 -2.78 -56.54
CA SER EA 140 -75.29 -2.11 -56.62
C SER EA 140 -75.14 -0.61 -56.49
N MET FA 1 73.35 39.26 108.46
CA MET FA 1 74.61 39.96 108.27
C MET FA 1 74.48 41.46 108.55
N THR FA 2 75.60 42.07 108.91
CA THR FA 2 75.64 43.49 109.28
C THR FA 2 74.95 44.33 108.21
N SER FA 3 74.34 45.44 108.66
CA SER FA 3 73.55 46.27 107.75
C SER FA 3 74.34 46.78 106.56
N LEU FA 4 75.67 46.88 106.67
CA LEU FA 4 76.48 47.16 105.49
C LEU FA 4 76.25 46.09 104.43
N GLU FA 5 76.27 44.83 104.85
CA GLU FA 5 76.10 43.72 103.92
C GLU FA 5 74.72 43.75 103.29
N ILE FA 6 73.68 43.87 104.11
CA ILE FA 6 72.33 43.88 103.56
C ILE FA 6 72.13 45.09 102.67
N ALA FA 7 72.77 46.22 102.99
CA ALA FA 7 72.69 47.38 102.12
C ALA FA 7 73.26 47.08 100.75
N ILE FA 8 74.49 46.53 100.71
CA ILE FA 8 75.12 46.24 99.42
C ILE FA 8 74.30 45.23 98.64
N ILE FA 9 73.91 44.13 99.29
CA ILE FA 9 73.20 43.07 98.61
C ILE FA 9 71.83 43.55 98.14
N VAL FA 10 71.13 44.35 98.92
CA VAL FA 10 69.83 44.85 98.49
C VAL FA 10 69.98 45.83 97.33
N ALA FA 11 71.04 46.64 97.34
CA ALA FA 11 71.28 47.50 96.19
C ALA FA 11 71.43 46.69 94.91
N ILE FA 12 72.31 45.69 94.94
CA ILE FA 12 72.57 44.89 93.73
C ILE FA 12 71.31 44.13 93.33
N VAL FA 13 70.66 43.49 94.31
CA VAL FA 13 69.44 42.73 94.08
C VAL FA 13 68.33 43.58 93.50
N LEU FA 14 68.17 44.82 93.98
CA LEU FA 14 67.13 45.68 93.45
C LEU FA 14 67.45 46.13 92.03
N VAL FA 15 68.72 46.44 91.76
CA VAL FA 15 69.10 46.79 90.39
C VAL FA 15 68.75 45.65 89.44
N ILE FA 16 69.10 44.42 89.82
CA ILE FA 16 68.83 43.27 88.97
C ILE FA 16 67.33 43.07 88.79
N ALA FA 17 66.57 43.21 89.88
CA ALA FA 17 65.11 43.06 89.79
C ALA FA 17 64.51 44.04 88.81
N ILE FA 18 64.84 45.32 88.94
CA ILE FA 18 64.27 46.33 88.05
C ILE FA 18 64.68 46.05 86.61
N ALA FA 19 65.94 45.68 86.40
CA ALA FA 19 66.40 45.39 85.04
C ALA FA 19 65.57 44.27 84.42
N VAL FA 20 65.40 43.17 85.14
CA VAL FA 20 64.67 42.02 84.58
C VAL FA 20 63.20 42.36 84.36
N GLY FA 21 62.60 43.09 85.31
CA GLY FA 21 61.19 43.42 85.17
C GLY FA 21 60.92 44.28 83.95
N TRP FA 22 61.71 45.34 83.77
CA TRP FA 22 61.47 46.16 82.60
C TRP FA 22 61.98 45.52 81.32
N TYR FA 23 62.85 44.51 81.42
CA TYR FA 23 63.12 43.67 80.26
C TYR FA 23 61.87 42.90 79.85
N LEU FA 24 61.14 42.37 80.82
CA LEU FA 24 59.87 41.70 80.51
C LEU FA 24 58.90 42.66 79.85
N TYR FA 25 58.76 43.87 80.42
CA TYR FA 25 57.90 44.89 79.79
C TYR FA 25 58.33 45.19 78.36
N THR FA 26 59.63 45.35 78.11
CA THR FA 26 60.08 45.68 76.77
C THR FA 26 59.80 44.55 75.80
N THR FA 27 60.02 43.31 76.24
CA THR FA 27 59.74 42.17 75.36
C THR FA 27 58.25 42.08 75.05
N PHE FA 28 57.40 42.39 76.03
CA PHE FA 28 55.96 42.38 75.77
C PHE FA 28 55.57 43.47 74.80
N ALA FA 29 56.14 44.66 74.96
CA ALA FA 29 55.83 45.76 74.04
C ALA FA 29 56.33 45.47 72.64
N ALA FA 30 57.42 44.70 72.51
CA ALA FA 30 57.90 44.35 71.19
C ALA FA 30 57.10 43.22 70.57
N ALA FA 31 56.58 42.31 71.40
CA ALA FA 31 55.75 41.23 70.88
C ALA FA 31 54.36 41.70 70.50
N GLY FA 32 53.85 42.76 71.15
CA GLY FA 32 52.55 43.28 70.78
C GLY FA 32 52.49 43.92 69.41
N GLN FA 33 53.65 44.22 68.81
CA GLN FA 33 53.71 44.87 67.51
C GLN FA 33 53.89 43.86 66.37
N GLN FA 34 53.61 42.59 66.61
CA GLN FA 34 53.67 41.61 65.54
C GLN FA 34 52.51 41.85 64.57
N THR FA 35 52.84 41.97 63.29
CA THR FA 35 51.87 42.46 62.32
C THR FA 35 51.92 41.58 61.07
N GLY FA 36 51.00 41.87 60.16
CA GLY FA 36 50.91 41.13 58.91
C GLY FA 36 49.74 41.63 58.11
N LEU FA 37 49.79 41.35 56.81
CA LEU FA 37 48.76 41.79 55.90
C LEU FA 37 47.65 40.75 55.78
N THR FA 38 46.46 41.22 55.41
CA THR FA 38 45.34 40.35 55.08
C THR FA 38 44.52 41.03 54.00
N ALA FA 39 43.96 40.24 53.10
CA ALA FA 39 43.19 40.74 51.97
C ALA FA 39 41.72 40.41 52.22
N THR FA 40 40.83 41.28 51.74
CA THR FA 40 39.41 41.07 51.89
C THR FA 40 38.66 41.07 50.57
N LYS FA 41 39.28 41.52 49.48
CA LYS FA 41 38.62 41.58 48.19
C LYS FA 41 39.65 41.79 47.09
N ALA FA 42 39.59 40.96 46.04
CA ALA FA 42 40.57 41.08 44.96
C ALA FA 42 39.93 40.57 43.67
N THR FA 43 39.99 41.39 42.63
CA THR FA 43 39.44 41.02 41.32
C THR FA 43 40.35 41.62 40.25
N ILE FA 44 41.18 40.80 39.62
CA ILE FA 44 42.05 41.28 38.56
C ILE FA 44 41.20 41.85 37.43
N TYR FA 45 41.47 43.11 37.08
CA TYR FA 45 40.75 43.78 36.00
C TYR FA 45 41.61 43.80 34.75
N VAL FA 46 40.96 43.66 33.60
CA VAL FA 46 41.63 43.69 32.31
C VAL FA 46 40.93 44.72 31.42
N THR FA 47 41.71 45.53 30.73
CA THR FA 47 41.18 46.54 29.83
C THR FA 47 41.00 45.98 28.43
N LYS FA 48 40.43 46.81 27.55
CA LYS FA 48 40.22 46.39 26.18
C LYS FA 48 41.53 46.31 25.40
N ASP FA 49 42.51 47.13 25.75
CA ASP FA 49 43.77 47.21 25.03
C ASP FA 49 44.83 46.27 25.57
N GLY FA 50 44.51 45.44 26.56
CA GLY FA 50 45.43 44.47 27.10
C GLY FA 50 46.06 44.83 28.42
N ASN FA 51 45.91 46.08 28.87
CA ASN FA 51 46.45 46.46 30.17
C ASN FA 51 45.66 45.80 31.29
N VAL FA 52 46.36 45.15 32.20
CA VAL FA 52 45.75 44.49 33.34
C VAL FA 52 46.27 45.13 34.62
N TYR FA 53 45.45 45.09 35.66
CA TYR FA 53 45.80 45.69 36.94
C TYR FA 53 44.92 45.08 38.02
N LEU FA 54 45.51 44.82 39.18
CA LEU FA 54 44.80 44.24 40.30
C LEU FA 54 44.24 45.34 41.19
N ASN FA 55 42.97 45.23 41.54
CA ASN FA 55 42.27 46.21 42.39
C ASN FA 55 41.92 45.49 43.68
N VAL FA 56 42.84 45.54 44.65
CA VAL FA 56 42.73 44.78 45.88
C VAL FA 56 42.44 45.72 47.04
N THR FA 57 41.93 45.15 48.13
CA THR FA 57 41.63 45.88 49.36
C THR FA 57 42.41 45.24 50.50
N LEU FA 58 43.32 46.00 51.10
CA LEU FA 58 44.21 45.49 52.14
C LEU FA 58 43.81 46.03 53.50
N VAL FA 59 44.12 45.26 54.53
CA VAL FA 59 43.90 45.65 55.92
C VAL FA 59 45.10 45.19 56.75
N PRO FA 60 45.88 46.08 57.33
CA PRO FA 60 47.02 45.64 58.15
C PRO FA 60 46.54 45.07 59.47
N GLN FA 61 46.92 43.81 59.70
CA GLN FA 61 46.63 43.13 60.97
C GLN FA 61 47.78 43.47 61.91
N GLY FA 62 47.45 44.09 63.03
CA GLY FA 62 48.44 44.54 63.99
C GLY FA 62 48.44 46.06 64.09
N ALA FA 63 49.51 46.57 64.69
CA ALA FA 63 49.73 48.01 64.79
C ALA FA 63 51.16 48.29 64.34
N ALA FA 64 51.34 48.37 63.02
CA ALA FA 64 52.65 48.60 62.44
C ALA FA 64 52.49 48.92 60.97
N GLN FA 65 53.58 49.37 60.36
CA GLN FA 65 53.61 49.72 58.95
C GLN FA 65 54.25 48.56 58.21
N VAL FA 66 53.42 47.64 57.71
CA VAL FA 66 53.94 46.48 56.99
C VAL FA 66 54.61 46.91 55.70
N ALA FA 67 55.58 46.13 55.27
CA ALA FA 67 56.33 46.40 54.04
C ALA FA 67 56.13 45.26 53.06
N ILE FA 68 55.65 45.59 51.86
CA ILE FA 68 55.39 44.62 50.81
C ILE FA 68 56.68 44.40 50.04
N SER FA 69 57.08 43.14 49.89
CA SER FA 69 58.32 42.83 49.18
C SER FA 69 58.06 42.54 47.70
N SER FA 70 57.13 41.64 47.40
CA SER FA 70 56.87 41.28 46.02
C SER FA 70 55.48 40.67 45.91
N ILE FA 71 54.90 40.78 44.72
CA ILE FA 71 53.59 40.21 44.41
C ILE FA 71 53.80 39.11 43.38
N GLU FA 72 53.37 37.90 43.71
CA GLU FA 72 53.50 36.75 42.83
C GLU FA 72 52.10 36.23 42.51
N VAL FA 73 51.65 36.43 41.28
CA VAL FA 73 50.33 36.01 40.84
C VAL FA 73 50.47 35.22 39.55
N ALA FA 74 49.89 34.02 39.52
CA ALA FA 74 49.88 33.17 38.33
C ALA FA 74 51.29 32.88 37.83
N GLY FA 75 52.22 32.67 38.76
CA GLY FA 75 53.58 32.31 38.42
C GLY FA 75 54.46 33.48 38.04
N VAL FA 76 53.90 34.65 37.74
CA VAL FA 76 54.67 35.83 37.39
C VAL FA 76 54.96 36.60 38.66
N SER FA 77 56.24 36.78 38.97
CA SER FA 77 56.67 37.55 40.13
C SER FA 77 56.89 39.00 39.74
N ILE FA 78 56.54 39.91 40.63
CA ILE FA 78 56.67 41.34 40.37
C ILE FA 78 57.32 42.02 41.57
N PRO FA 79 58.55 42.48 41.47
CA PRO FA 79 59.20 43.13 42.59
C PRO FA 79 58.62 44.52 42.84
N CYS FA 80 58.71 44.96 44.09
CA CYS FA 80 58.23 46.26 44.51
C CYS FA 80 59.34 46.96 45.26
N THR FA 81 59.81 48.08 44.72
CA THR FA 81 60.93 48.82 45.29
C THR FA 81 60.57 50.26 45.64
N SER FA 82 59.29 50.63 45.53
CA SER FA 82 58.87 51.98 45.85
C SER FA 82 57.39 51.97 46.20
N SER FA 83 57.01 52.84 47.14
CA SER FA 83 55.63 52.93 47.61
C SER FA 83 55.13 51.60 48.16
N ASN FA 84 56.03 50.80 48.73
CA ASN FA 84 55.71 49.46 49.20
C ASN FA 84 55.27 49.44 50.65
N LEU FA 85 54.72 50.53 51.16
CA LEU FA 85 54.23 50.61 52.53
C LEU FA 85 52.72 50.72 52.54
N VAL FA 86 52.09 49.97 53.43
CA VAL FA 86 50.64 50.04 53.63
C VAL FA 86 50.38 50.93 54.84
N LYS FA 87 49.91 52.15 54.58
CA LYS FA 87 49.77 53.14 55.64
C LYS FA 87 48.48 52.95 56.44
N ALA FA 88 47.40 52.52 55.80
CA ALA FA 88 46.11 52.45 56.45
C ALA FA 88 45.21 51.54 55.63
N PRO FA 89 44.19 50.93 56.25
CA PRO FA 89 43.28 50.09 55.49
C PRO FA 89 42.57 50.88 54.39
N GLY FA 90 42.43 50.24 53.23
CA GLY FA 90 41.79 50.90 52.10
C GLY FA 90 41.90 50.05 50.87
N GLU FA 91 41.50 50.65 49.75
CA GLU FA 91 41.51 50.00 48.45
C GLU FA 91 42.76 50.44 47.69
N TYR FA 92 43.55 49.46 47.24
CA TYR FA 92 44.83 49.73 46.60
C TYR FA 92 44.86 49.11 45.21
N VAL FA 93 45.66 49.70 44.33
CA VAL FA 93 45.73 49.32 42.93
C VAL FA 93 47.17 48.94 42.60
N ILE FA 94 47.35 47.71 42.12
CA ILE FA 94 48.67 47.20 41.73
C ILE FA 94 48.63 46.91 40.25
N GLU FA 95 49.60 47.45 39.52
CA GLU FA 95 49.70 47.20 38.08
C GLU FA 95 50.47 45.92 37.82
N LEU FA 96 49.90 45.04 37.00
CA LEU FA 96 50.59 43.83 36.55
C LEU FA 96 51.23 44.11 35.20
N SER FA 97 52.50 43.72 35.06
CA SER FA 97 53.28 44.20 33.92
C SER FA 97 52.88 43.49 32.63
N SER FA 98 53.10 42.17 32.55
CA SER FA 98 53.00 41.45 31.30
C SER FA 98 52.12 40.22 31.35
N VAL FA 99 51.38 40.01 32.44
CA VAL FA 99 50.50 38.84 32.53
C VAL FA 99 49.38 38.99 31.51
N SER FA 100 49.31 38.06 30.57
CA SER FA 100 48.29 38.06 29.53
C SER FA 100 47.22 37.03 29.90
N VAL FA 101 46.00 37.51 30.17
CA VAL FA 101 44.90 36.67 30.62
C VAL FA 101 43.73 36.84 29.67
N SER FA 102 42.64 36.15 29.98
CA SER FA 102 41.40 36.25 29.23
C SER FA 102 40.25 36.21 30.23
N VAL FA 103 39.21 36.99 29.92
CA VAL FA 103 38.09 37.14 30.85
C VAL FA 103 37.48 35.78 31.17
N GLY FA 104 37.29 35.52 32.46
CA GLY FA 104 36.67 34.30 32.95
C GLY FA 104 37.58 33.43 33.78
N GLN FA 105 38.89 33.49 33.55
CA GLN FA 105 39.82 32.63 34.25
C GLN FA 105 39.84 32.91 35.74
N VAL FA 106 40.42 31.99 36.50
CA VAL FA 106 40.54 32.11 37.96
C VAL FA 106 42.02 32.02 38.30
N LEU FA 107 42.56 33.09 38.88
CA LEU FA 107 43.98 33.19 39.21
C LEU FA 107 44.14 33.33 40.71
N THR FA 108 45.20 32.74 41.25
CA THR FA 108 45.55 32.92 42.65
C THR FA 108 46.85 33.71 42.74
N GLY FA 109 47.33 33.95 43.96
CA GLY FA 109 48.52 34.77 44.13
C GLY FA 109 48.89 34.88 45.59
N ARG FA 110 49.95 35.65 45.84
CA ARG FA 110 50.46 35.88 47.17
C ARG FA 110 50.97 37.30 47.29
N ILE FA 111 50.96 37.84 48.51
CA ILE FA 111 51.68 39.05 48.86
C ILE FA 111 52.73 38.69 49.88
N VAL FA 112 54.00 38.74 49.50
CA VAL FA 112 55.10 38.39 50.38
C VAL FA 112 55.57 39.65 51.09
N LEU FA 113 55.51 39.64 52.42
CA LEU FA 113 55.93 40.77 53.22
C LEU FA 113 57.42 40.70 53.49
N ALA FA 114 57.95 41.75 54.12
CA ALA FA 114 59.36 41.76 54.46
C ALA FA 114 59.66 40.92 55.70
N SER FA 115 58.70 40.81 56.62
CA SER FA 115 58.91 40.03 57.82
C SER FA 115 58.92 38.53 57.55
N GLY FA 116 58.09 38.06 56.61
CA GLY FA 116 58.02 36.64 56.33
C GLY FA 116 56.60 36.15 56.11
N ALA FA 117 55.63 36.78 56.78
CA ALA FA 117 54.24 36.41 56.58
C ALA FA 117 53.80 36.74 55.17
N ILE FA 118 52.73 36.06 54.73
CA ILE FA 118 52.20 36.21 53.38
C ILE FA 118 50.69 36.33 53.46
N SER FA 119 50.05 36.46 52.30
CA SER FA 119 48.61 36.55 52.19
C SER FA 119 48.19 36.15 50.77
N PRO FA 120 47.34 35.16 50.62
CA PRO FA 120 46.95 34.69 49.29
C PRO FA 120 45.71 35.40 48.74
N PHE FA 121 45.47 35.18 47.44
CA PHE FA 121 44.45 35.94 46.70
C PHE FA 121 43.26 35.12 46.24
N THR FA 122 43.49 34.15 45.35
CA THR FA 122 42.42 33.49 44.59
C THR FA 122 41.42 34.53 44.06
N ALA FA 123 41.91 35.35 43.14
CA ALA FA 123 41.15 36.45 42.56
C ALA FA 123 40.77 36.13 41.12
N THR FA 124 39.51 36.38 40.78
CA THR FA 124 39.02 36.14 39.43
C THR FA 124 39.28 37.35 38.54
N VAL FA 125 39.01 37.17 37.25
CA VAL FA 125 39.20 38.22 36.25
C VAL FA 125 37.85 38.76 35.82
N VAL FA 126 37.78 40.07 35.62
CA VAL FA 126 36.57 40.75 35.17
C VAL FA 126 36.98 41.81 34.16
N ALA FA 127 36.15 41.98 33.14
CA ALA FA 127 36.44 42.94 32.07
C ALA FA 127 36.17 44.36 32.55
N ALA FA 128 37.02 45.29 32.13
CA ALA FA 128 36.86 46.70 32.46
C ALA FA 128 37.36 47.53 31.28
N ASP FA 129 37.10 48.83 31.34
CA ASP FA 129 37.34 49.70 30.20
C ASP FA 129 38.70 50.40 30.27
N HIS FA 130 38.92 51.20 31.31
CA HIS FA 130 40.09 52.07 31.38
C HIS FA 130 40.83 51.89 32.70
N VAL FA 131 42.13 52.09 32.65
CA VAL FA 131 42.97 52.06 33.86
C VAL FA 131 42.62 53.26 34.73
N PRO FA 132 42.31 53.07 36.01
CA PRO FA 132 41.95 54.22 36.85
C PRO FA 132 43.17 55.05 37.20
N SER FA 133 43.01 56.37 37.15
CA SER FA 133 44.06 57.32 37.51
C SER FA 133 43.75 57.82 38.92
N THR FA 134 44.35 57.18 39.92
CA THR FA 134 44.08 57.51 41.30
C THR FA 134 45.32 57.21 42.13
N GLU FA 135 45.28 57.59 43.39
CA GLU FA 135 46.37 57.33 44.33
C GLU FA 135 46.26 55.91 44.84
N ASN FA 136 46.99 55.60 45.91
CA ASN FA 136 46.94 54.31 46.59
C ASN FA 136 47.50 53.19 45.70
N LYS FA 137 48.56 53.52 44.96
CA LYS FA 137 49.30 52.50 44.22
C LYS FA 137 50.38 51.91 45.11
N LEU FA 138 50.68 50.63 44.89
CA LEU FA 138 51.56 49.90 45.79
C LEU FA 138 52.92 49.56 45.20
N CYS FA 139 53.05 49.44 43.89
CA CYS FA 139 54.33 49.08 43.27
C CYS FA 139 54.47 49.88 41.97
N SER FA 140 55.15 51.02 42.07
CA SER FA 140 55.35 51.89 40.92
C SER FA 140 56.83 52.15 40.69
N MET GA 1 -16.72 -10.80 -24.44
CA MET GA 1 -15.38 -10.29 -24.75
C MET GA 1 -15.33 -8.77 -24.62
N THR GA 2 -14.12 -8.23 -24.53
CA THR GA 2 -13.93 -6.81 -24.37
C THR GA 2 -14.56 -6.05 -25.53
N SER GA 3 -15.10 -4.86 -25.24
CA SER GA 3 -15.76 -4.08 -26.27
C SER GA 3 -14.79 -3.64 -27.37
N LEU GA 4 -13.49 -3.69 -27.12
CA LEU GA 4 -12.54 -3.55 -28.23
C LEU GA 4 -12.77 -4.65 -29.24
N GLU GA 5 -12.96 -5.87 -28.75
CA GLU GA 5 -13.23 -6.99 -29.64
C GLU GA 5 -14.56 -6.81 -30.35
N ILE GA 6 -15.58 -6.36 -29.62
CA ILE GA 6 -16.88 -6.14 -30.25
C ILE GA 6 -16.77 -5.05 -31.31
N ALA GA 7 -15.92 -4.05 -31.07
CA ALA GA 7 -15.71 -3.02 -32.09
C ALA GA 7 -15.11 -3.63 -33.36
N ILE GA 8 -14.03 -4.40 -33.21
CA ILE GA 8 -13.39 -5.01 -34.37
C ILE GA 8 -14.38 -5.90 -35.12
N ILE GA 9 -15.05 -6.79 -34.39
CA ILE GA 9 -15.93 -7.77 -35.01
C ILE GA 9 -17.13 -7.10 -35.64
N VAL GA 10 -17.70 -6.06 -34.99
CA VAL GA 10 -18.83 -5.37 -35.58
C VAL GA 10 -18.43 -4.63 -36.84
N ALA GA 11 -17.23 -4.03 -36.85
CA ALA GA 11 -16.77 -3.38 -38.07
C ALA GA 11 -16.68 -4.38 -39.21
N ILE GA 12 -16.01 -5.51 -38.98
CA ILE GA 12 -15.82 -6.49 -40.06
C ILE GA 12 -17.16 -7.08 -40.51
N VAL GA 13 -18.00 -7.44 -39.53
CA VAL GA 13 -19.30 -8.03 -39.85
C VAL GA 13 -20.19 -7.04 -40.59
N LEU GA 14 -20.15 -5.76 -40.23
CA LEU GA 14 -20.94 -4.78 -40.94
C LEU GA 14 -20.46 -4.60 -42.37
N VAL GA 15 -19.14 -4.56 -42.57
CA VAL GA 15 -18.61 -4.46 -43.93
C VAL GA 15 -19.09 -5.65 -44.76
N ILE GA 16 -18.98 -6.85 -44.22
CA ILE GA 16 -19.36 -8.05 -44.97
C ILE GA 16 -20.86 -8.04 -45.26
N ALA GA 17 -21.67 -7.65 -44.28
CA ALA GA 17 -23.12 -7.65 -44.47
C ALA GA 17 -23.55 -6.64 -45.52
N ILE GA 18 -22.98 -5.44 -45.49
CA ILE GA 18 -23.29 -4.45 -46.52
C ILE GA 18 -22.89 -4.96 -47.89
N ALA GA 19 -21.70 -5.57 -47.98
CA ALA GA 19 -21.25 -6.10 -49.26
C ALA GA 19 -22.24 -7.12 -49.80
N VAL GA 20 -22.65 -8.08 -48.97
CA VAL GA 20 -23.55 -9.14 -49.45
C VAL GA 20 -24.93 -8.57 -49.79
N GLY GA 21 -25.42 -7.63 -48.99
CA GLY GA 21 -26.73 -7.06 -49.27
C GLY GA 21 -26.77 -6.32 -50.59
N TRP GA 22 -25.78 -5.46 -50.84
CA TRP GA 22 -25.79 -4.77 -52.12
C TRP GA 22 -25.38 -5.69 -53.27
N TYR GA 23 -24.72 -6.81 -52.97
CA TYR GA 23 -24.58 -7.86 -53.97
C TYR GA 23 -25.93 -8.41 -54.39
N LEU GA 24 -26.81 -8.66 -53.42
CA LEU GA 24 -28.16 -9.11 -53.73
C LEU GA 24 -28.89 -8.08 -54.57
N TYR GA 25 -28.79 -6.80 -54.19
CA TYR GA 25 -29.39 -5.74 -54.99
C TYR GA 25 -28.88 -5.76 -56.43
N THR GA 26 -27.56 -5.85 -56.62
CA THR GA 26 -27.03 -5.81 -57.98
C THR GA 26 -27.44 -7.04 -58.78
N THR GA 27 -27.49 -8.20 -58.13
CA THR GA 27 -27.95 -9.41 -58.81
C THR GA 27 -29.39 -9.25 -59.27
N PHE GA 28 -30.25 -8.70 -58.41
CA PHE GA 28 -31.64 -8.48 -58.80
C PHE GA 28 -31.73 -7.48 -59.96
N ALA GA 29 -30.94 -6.41 -59.89
CA ALA GA 29 -30.98 -5.41 -60.94
C ALA GA 29 -30.46 -5.95 -62.26
N ALA GA 30 -29.56 -6.93 -62.22
CA ALA GA 30 -29.07 -7.53 -63.46
C ALA GA 30 -30.05 -8.55 -64.00
N ALA GA 31 -30.69 -9.33 -63.12
CA ALA GA 31 -31.67 -10.31 -63.59
C ALA GA 31 -32.94 -9.65 -64.08
N GLY GA 32 -33.24 -8.43 -63.63
CA GLY GA 32 -34.42 -7.73 -64.13
C GLY GA 32 -34.27 -7.21 -65.55
N GLN GA 33 -33.05 -7.21 -66.08
CA GLN GA 33 -32.79 -6.70 -67.42
C GLN GA 33 -32.76 -7.80 -68.47
N GLN GA 34 -33.28 -8.98 -68.15
CA GLN GA 34 -33.33 -10.05 -69.14
C GLN GA 34 -34.33 -9.69 -70.23
N THR GA 35 -33.90 -9.83 -71.49
CA THR GA 35 -34.66 -9.30 -72.60
C THR GA 35 -34.72 -10.33 -73.73
N GLY GA 36 -35.51 -10.01 -74.73
CA GLY GA 36 -35.67 -10.89 -75.88
C GLY GA 36 -36.70 -10.31 -76.83
N LEU GA 37 -36.59 -10.73 -78.08
CA LEU GA 37 -37.48 -10.23 -79.12
C LEU GA 37 -38.75 -11.06 -79.19
N THR GA 38 -39.82 -10.43 -79.66
CA THR GA 38 -41.08 -11.11 -79.93
C THR GA 38 -41.72 -10.45 -81.14
N ALA GA 39 -42.40 -11.25 -81.95
CA ALA GA 39 -43.01 -10.78 -83.19
C ALA GA 39 -44.52 -10.80 -83.04
N THR GA 40 -45.19 -9.89 -83.72
CA THR GA 40 -46.64 -9.84 -83.75
C THR GA 40 -47.23 -9.83 -85.14
N LYS GA 41 -46.42 -9.67 -86.18
CA LYS GA 41 -46.93 -9.62 -87.54
C LYS GA 41 -45.78 -9.79 -88.54
N ALA GA 42 -45.93 -10.69 -89.49
CA ALA GA 42 -44.89 -10.91 -90.48
C ALA GA 42 -45.51 -11.49 -91.74
N THR GA 43 -45.27 -10.84 -92.87
CA THR GA 43 -45.79 -11.30 -94.16
C THR GA 43 -44.74 -11.02 -95.22
N ILE GA 44 -44.08 -12.07 -95.71
CA ILE GA 44 -43.07 -11.89 -96.74
C ILE GA 44 -43.74 -11.33 -98.00
N TYR GA 45 -43.20 -10.24 -98.52
CA TYR GA 45 -43.71 -9.60 -99.72
C TYR GA 45 -42.81 -9.92 -100.90
N VAL GA 46 -43.38 -9.98 -102.09
CA VAL GA 46 -42.65 -10.26 -103.32
C VAL GA 46 -43.09 -9.25 -104.38
N THR GA 47 -42.13 -8.74 -105.13
CA THR GA 47 -42.42 -7.80 -106.20
C THR GA 47 -42.55 -8.53 -107.53
N LYS GA 48 -42.94 -7.77 -108.56
CA LYS GA 48 -43.11 -8.36 -109.89
C LYS GA 48 -41.77 -8.76 -110.50
N ASP GA 49 -40.69 -8.09 -110.12
CA ASP GA 49 -39.39 -8.32 -110.72
C ASP GA 49 -38.54 -9.34 -109.97
N GLY GA 50 -39.09 -9.96 -108.93
CA GLY GA 50 -38.38 -10.99 -108.20
C GLY GA 50 -37.78 -10.55 -106.88
N ASN GA 51 -37.76 -9.25 -106.60
CA ASN GA 51 -37.24 -8.78 -105.32
C ASN GA 51 -38.18 -9.18 -104.19
N VAL GA 52 -37.63 -9.77 -103.14
CA VAL GA 52 -38.39 -10.19 -101.98
C VAL GA 52 -37.89 -9.45 -100.76
N TYR GA 53 -38.79 -9.18 -99.83
CA TYR GA 53 -38.44 -8.48 -98.60
C TYR GA 53 -39.49 -8.77 -97.56
N LEU GA 54 -39.06 -8.94 -96.31
CA LEU GA 54 -39.96 -9.24 -95.21
C LEU GA 54 -40.33 -7.95 -94.49
N ASN GA 55 -41.62 -7.77 -94.23
CA ASN GA 55 -42.15 -6.58 -93.56
C ASN GA 55 -42.69 -7.02 -92.21
N VAL GA 56 -41.82 -7.03 -91.20
CA VAL GA 56 -42.13 -7.59 -89.89
C VAL GA 56 -42.32 -6.45 -88.89
N THR GA 57 -42.99 -6.78 -87.78
CA THR GA 57 -43.20 -5.84 -86.68
C THR GA 57 -42.61 -6.45 -85.42
N LEU GA 58 -41.63 -5.77 -84.83
CA LEU GA 58 -40.92 -6.27 -83.67
C LEU GA 58 -41.30 -5.48 -82.43
N VAL GA 59 -41.23 -6.16 -81.28
CA VAL GA 59 -41.46 -5.55 -79.97
C VAL GA 59 -40.46 -6.14 -78.99
N PRO GA 60 -39.52 -5.34 -78.48
CA PRO GA 60 -38.54 -5.90 -77.54
C PRO GA 60 -39.18 -6.16 -76.17
N GLN GA 61 -39.13 -7.42 -75.75
CA GLN GA 61 -39.60 -7.83 -74.44
C GLN GA 61 -38.46 -7.59 -73.47
N GLY GA 62 -38.70 -6.78 -72.45
CA GLY GA 62 -37.70 -6.40 -71.49
C GLY GA 62 -37.39 -4.93 -71.57
N ALA GA 63 -36.28 -4.55 -70.94
CA ALA GA 63 -35.79 -3.17 -70.97
C ALA GA 63 -34.30 -3.24 -71.34
N ALA GA 64 -34.03 -3.35 -72.63
CA ALA GA 64 -32.66 -3.44 -73.12
C ALA GA 64 -32.67 -3.27 -74.63
N GLN GA 65 -31.48 -3.21 -75.19
CA GLN GA 65 -31.28 -3.05 -76.63
C GLN GA 65 -30.85 -4.41 -77.17
N VAL GA 66 -31.81 -5.20 -77.67
CA VAL GA 66 -31.49 -6.52 -78.19
C VAL GA 66 -30.67 -6.40 -79.46
N ALA GA 67 -29.84 -7.42 -79.71
CA ALA GA 67 -28.97 -7.46 -80.88
C ALA GA 67 -29.35 -8.66 -81.73
N ILE GA 68 -29.74 -8.39 -82.98
CA ILE GA 68 -30.13 -9.44 -83.92
C ILE GA 68 -28.87 -9.99 -84.57
N SER GA 69 -28.74 -11.32 -84.55
CA SER GA 69 -27.55 -11.97 -85.09
C SER GA 69 -27.75 -12.41 -86.53
N SER GA 70 -28.82 -13.16 -86.81
CA SER GA 70 -29.04 -13.68 -88.14
C SER GA 70 -30.52 -14.00 -88.31
N ILE GA 71 -30.98 -13.94 -89.56
CA ILE GA 71 -32.35 -14.27 -89.93
C ILE GA 71 -32.32 -15.51 -90.82
N GLU GA 72 -32.97 -16.57 -90.37
CA GLU GA 72 -33.03 -17.82 -91.11
C GLU GA 72 -34.48 -18.08 -91.51
N VAL GA 73 -34.76 -18.01 -92.81
CA VAL GA 73 -36.11 -18.19 -93.33
C VAL GA 73 -36.06 -19.25 -94.43
N ALA GA 74 -36.86 -20.31 -94.26
CA ALA GA 74 -37.01 -21.36 -95.26
C ALA GA 74 -35.66 -22.00 -95.61
N GLY GA 75 -34.81 -22.16 -94.60
CA GLY GA 75 -33.53 -22.79 -94.78
C GLY GA 75 -32.42 -21.87 -95.28
N VAL GA 76 -32.75 -20.66 -95.72
CA VAL GA 76 -31.75 -19.71 -96.17
C VAL GA 76 -31.38 -18.82 -94.99
N SER GA 77 -30.10 -18.87 -94.60
CA SER GA 77 -29.60 -18.05 -93.51
C SER GA 77 -29.08 -16.73 -94.05
N ILE GA 78 -29.28 -15.66 -93.29
CA ILE GA 78 -28.86 -14.33 -93.71
C ILE GA 78 -28.16 -13.64 -92.54
N PRO GA 79 -26.86 -13.41 -92.63
CA PRO GA 79 -26.15 -12.73 -91.54
C PRO GA 79 -26.50 -11.25 -91.49
N CYS GA 80 -26.31 -10.68 -90.30
CA CYS GA 80 -26.59 -9.26 -90.08
C CYS GA 80 -25.37 -8.65 -89.38
N THR GA 81 -24.69 -7.73 -90.05
CA THR GA 81 -23.47 -7.12 -89.55
C THR GA 81 -23.59 -5.61 -89.40
N SER GA 82 -24.76 -5.04 -89.65
CA SER GA 82 -24.95 -3.61 -89.52
C SER GA 82 -26.42 -3.31 -89.25
N SER GA 83 -26.67 -2.27 -88.47
CA SER GA 83 -28.03 -1.86 -88.10
C SER GA 83 -28.78 -2.99 -87.41
N ASN GA 84 -28.06 -3.86 -86.70
CA ASN GA 84 -28.65 -5.03 -86.07
C ASN GA 84 -29.18 -4.76 -84.68
N LEU GA 85 -29.51 -3.51 -84.37
CA LEU GA 85 -30.06 -3.14 -83.07
C LEU GA 85 -31.53 -2.75 -83.22
N VAL GA 86 -32.35 -3.22 -82.29
CA VAL GA 86 -33.77 -2.88 -82.24
C VAL GA 86 -33.94 -1.82 -81.18
N LYS GA 87 -34.16 -0.57 -81.59
CA LYS GA 87 -34.18 0.55 -80.66
C LYS GA 87 -35.51 0.72 -79.96
N ALA GA 88 -36.62 0.42 -80.64
CA ALA GA 88 -37.95 0.69 -80.10
C ALA GA 88 -38.95 -0.17 -80.86
N PRO GA 89 -40.10 -0.46 -80.26
CA PRO GA 89 -41.14 -1.21 -80.99
C PRO GA 89 -41.60 -0.46 -82.23
N GLY GA 90 -41.81 -1.21 -83.30
CA GLY GA 90 -42.23 -0.61 -84.55
C GLY GA 90 -42.19 -1.63 -85.67
N GLU GA 91 -42.43 -1.13 -86.87
CA GLU GA 91 -42.43 -1.94 -88.08
C GLU GA 91 -41.07 -1.84 -88.75
N TYR GA 92 -40.46 -2.98 -89.02
CA TYR GA 92 -39.13 -3.04 -89.60
C TYR GA 92 -39.15 -3.87 -90.88
N VAL GA 93 -38.23 -3.54 -91.79
CA VAL GA 93 -38.18 -4.12 -93.12
C VAL GA 93 -36.83 -4.80 -93.29
N ILE GA 94 -36.85 -6.10 -93.61
CA ILE GA 94 -35.65 -6.89 -93.82
C ILE GA 94 -35.66 -7.38 -95.26
N GLU GA 95 -34.55 -7.20 -95.97
CA GLU GA 95 -34.44 -7.67 -97.33
C GLU GA 95 -33.91 -9.09 -97.36
N LEU GA 96 -34.56 -9.95 -98.13
CA LEU GA 96 -34.11 -11.32 -98.35
C LEU GA 96 -33.31 -11.34 -99.65
N SER GA 97 -32.15 -11.99 -99.62
CA SER GA 97 -31.19 -11.84 -100.72
C SER GA 97 -31.62 -12.60 -101.96
N SER GA 98 -31.70 -13.94 -101.86
CA SER GA 98 -31.87 -14.77 -103.04
C SER GA 98 -32.99 -15.79 -102.93
N VAL GA 99 -33.83 -15.70 -101.89
CA VAL GA 99 -34.94 -16.64 -101.76
C VAL GA 99 -35.93 -16.41 -102.89
N SER GA 100 -36.16 -17.45 -103.69
CA SER GA 100 -37.08 -17.39 -104.82
C SER GA 100 -38.34 -18.16 -104.44
N VAL GA 101 -39.45 -17.45 -104.30
CA VAL GA 101 -40.71 -18.02 -103.87
C VAL GA 101 -41.80 -17.67 -104.88
N SER GA 102 -43.02 -18.10 -104.58
CA SER GA 102 -44.17 -17.85 -105.42
C SER GA 102 -45.36 -17.54 -104.52
N VAL GA 103 -46.24 -16.65 -105.00
CA VAL GA 103 -47.36 -16.20 -104.20
C VAL GA 103 -48.21 -17.38 -103.75
N GLY GA 104 -48.52 -17.41 -102.46
CA GLY GA 104 -49.39 -18.42 -101.87
C GLY GA 104 -48.70 -19.33 -100.88
N GLN GA 105 -47.39 -19.54 -101.02
CA GLN GA 105 -46.68 -20.46 -100.14
C GLN GA 105 -46.67 -19.94 -98.70
N VAL GA 106 -46.30 -20.83 -97.78
CA VAL GA 106 -46.23 -20.53 -96.36
C VAL GA 106 -44.83 -20.86 -95.88
N LEU GA 107 -44.12 -19.86 -95.37
CA LEU GA 107 -42.75 -20.00 -94.93
C LEU GA 107 -42.62 -19.64 -93.45
N THR GA 108 -41.82 -20.41 -92.73
CA THR GA 108 -41.53 -20.08 -91.34
C THR GA 108 -40.10 -19.57 -91.22
N GLY GA 109 -39.65 -19.29 -90.01
CA GLY GA 109 -38.30 -18.78 -89.84
C GLY GA 109 -38.04 -18.45 -88.38
N ARG GA 110 -36.83 -17.94 -88.14
CA ARG GA 110 -36.38 -17.58 -86.81
C ARG GA 110 -35.63 -16.25 -86.86
N ILE GA 111 -35.71 -15.50 -85.77
CA ILE GA 111 -34.81 -14.37 -85.53
C ILE GA 111 -33.89 -14.75 -84.39
N VAL GA 112 -32.62 -15.03 -84.70
CA VAL GA 112 -31.65 -15.45 -83.71
C VAL GA 112 -30.99 -14.23 -83.12
N LEU GA 113 -31.15 -14.04 -81.81
CA LEU GA 113 -30.55 -12.92 -81.11
C LEU GA 113 -29.12 -13.24 -80.73
N ALA GA 114 -28.43 -12.25 -80.15
CA ALA GA 114 -27.06 -12.46 -79.72
C ALA GA 114 -26.99 -13.19 -78.39
N SER GA 115 -27.98 -13.00 -77.52
CA SER GA 115 -27.97 -13.64 -76.21
C SER GA 115 -28.33 -15.12 -76.28
N GLY GA 116 -29.17 -15.52 -77.23
CA GLY GA 116 -29.57 -16.90 -77.34
C GLY GA 116 -31.04 -17.11 -77.63
N ALA GA 117 -31.88 -16.19 -77.16
CA ALA GA 117 -33.31 -16.29 -77.40
C ALA GA 117 -33.61 -16.12 -78.89
N ILE GA 118 -34.74 -16.70 -79.31
CA ILE GA 118 -35.17 -16.68 -80.70
C ILE GA 118 -36.65 -16.33 -80.76
N SER GA 119 -37.21 -16.35 -81.97
CA SER GA 119 -38.61 -16.06 -82.19
C SER GA 119 -39.04 -16.60 -83.56
N PRO GA 120 -40.13 -17.35 -83.63
CA PRO GA 120 -40.59 -17.89 -84.91
C PRO GA 120 -41.40 -16.89 -85.71
N PHE GA 121 -41.72 -17.26 -86.96
CA PHE GA 121 -42.41 -16.37 -87.89
C PHE GA 121 -43.81 -16.83 -88.27
N THR GA 122 -43.93 -18.02 -88.87
CA THR GA 122 -45.18 -18.47 -89.50
C THR GA 122 -45.75 -17.34 -90.38
N ALA GA 123 -45.00 -17.01 -91.43
CA ALA GA 123 -45.32 -15.88 -92.29
C ALA GA 123 -45.66 -16.35 -93.70
N THR GA 124 -46.77 -15.85 -94.23
CA THR GA 124 -47.18 -16.19 -95.58
C THR GA 124 -46.61 -15.19 -96.58
N VAL GA 125 -46.82 -15.48 -97.86
CA VAL GA 125 -46.34 -14.63 -98.95
C VAL GA 125 -47.53 -13.89 -99.55
N VAL GA 126 -47.33 -12.62 -99.87
CA VAL GA 126 -48.35 -11.80 -100.49
C VAL GA 126 -47.70 -10.97 -101.58
N ALA GA 127 -48.42 -10.76 -102.68
CA ALA GA 127 -47.89 -10.02 -103.82
C ALA GA 127 -47.85 -8.53 -103.54
N ALA GA 128 -46.80 -7.87 -104.04
CA ALA GA 128 -46.65 -6.43 -103.89
C ALA GA 128 -45.96 -5.90 -105.14
N ASP GA 129 -45.94 -4.57 -105.25
CA ASP GA 129 -45.46 -3.93 -106.47
C ASP GA 129 -43.99 -3.52 -106.37
N HIS GA 130 -43.65 -2.66 -105.41
CA HIS GA 130 -42.34 -2.04 -105.35
C HIS GA 130 -41.74 -2.18 -103.97
N VAL GA 131 -40.41 -2.25 -103.93
CA VAL GA 131 -39.68 -2.26 -102.65
C VAL GA 131 -39.85 -0.91 -101.96
N PRO GA 132 -40.24 -0.87 -100.69
CA PRO GA 132 -40.45 0.42 -100.04
C PRO GA 132 -39.12 1.10 -99.72
N SER GA 133 -39.11 2.41 -99.92
CA SER GA 133 -37.93 3.24 -99.63
C SER GA 133 -38.22 3.97 -98.33
N THR GA 134 -37.77 3.41 -97.21
CA THR GA 134 -38.02 3.99 -95.91
C THR GA 134 -36.92 3.56 -94.95
N GLU GA 135 -36.95 4.10 -93.74
CA GLU GA 135 -35.98 3.76 -92.71
C GLU GA 135 -36.40 2.46 -92.04
N ASN GA 136 -35.79 2.17 -90.90
CA ASN GA 136 -36.12 1.00 -90.07
C ASN GA 136 -35.77 -0.30 -90.80
N LYS GA 137 -34.61 -0.33 -91.44
CA LYS GA 137 -34.06 -1.56 -91.96
C LYS GA 137 -33.18 -2.22 -90.91
N LEU GA 138 -33.14 -3.55 -90.93
CA LEU GA 138 -32.49 -4.30 -89.86
C LEU GA 138 -31.17 -4.94 -90.26
N CYS GA 139 -30.99 -5.32 -91.52
CA CYS GA 139 -29.75 -5.98 -91.95
C CYS GA 139 -29.38 -5.44 -93.33
N SER GA 140 -28.54 -4.42 -93.35
CA SER GA 140 -28.10 -3.80 -94.59
C SER GA 140 -26.59 -3.88 -94.74
N MET HA 1 76.68 41.64 113.25
CA MET HA 1 75.92 42.77 113.79
C MET HA 1 75.21 42.37 115.08
N THR HA 2 75.03 43.35 115.97
CA THR HA 2 74.43 43.11 117.28
C THR HA 2 73.06 42.45 117.12
N SER HA 3 72.59 41.84 118.22
CA SER HA 3 71.30 41.16 118.18
C SER HA 3 70.16 42.11 117.93
N LEU HA 4 70.30 43.38 118.31
CA LEU HA 4 69.27 44.37 117.98
C LEU HA 4 69.08 44.47 116.47
N GLU HA 5 70.18 44.42 115.72
CA GLU HA 5 70.09 44.50 114.26
C GLU HA 5 69.35 43.30 113.69
N ILE HA 6 69.74 42.09 114.11
CA ILE HA 6 69.05 40.90 113.63
C ILE HA 6 67.57 40.96 113.99
N ALA HA 7 67.26 41.44 115.20
CA ALA HA 7 65.87 41.54 115.61
C ALA HA 7 65.08 42.45 114.67
N ILE HA 8 65.58 43.66 114.45
CA ILE HA 8 64.84 44.63 113.62
C ILE HA 8 64.72 44.12 112.19
N ILE HA 9 65.83 43.67 111.61
CA ILE HA 9 65.82 43.23 110.22
C ILE HA 9 64.93 42.00 110.05
N VAL HA 10 64.99 41.05 110.97
CA VAL HA 10 64.16 39.85 110.86
C VAL HA 10 62.69 40.20 111.02
N ALA HA 11 62.37 41.16 111.89
CA ALA HA 11 60.98 41.58 112.02
C ALA HA 11 60.45 42.13 110.70
N ILE HA 12 61.17 43.09 110.11
CA ILE HA 12 60.71 43.70 108.87
C ILE HA 12 60.67 42.67 107.75
N VAL HA 13 61.71 41.85 107.65
CA VAL HA 13 61.80 40.79 106.67
C VAL HA 13 60.65 39.80 106.78
N LEU HA 14 60.29 39.39 107.99
CA LEU HA 14 59.20 38.44 108.16
C LEU HA 14 57.87 39.05 107.80
N VAL HA 15 57.65 40.32 108.19
CA VAL HA 15 56.41 40.99 107.81
C VAL HA 15 56.28 41.02 106.29
N ILE HA 16 57.35 41.42 105.59
CA ILE HA 16 57.29 41.51 104.14
C ILE HA 16 57.07 40.14 103.51
N ALA HA 17 57.75 39.12 104.02
CA ALA HA 17 57.60 37.78 103.46
C ALA HA 17 56.17 37.28 103.61
N ILE HA 18 55.60 37.41 104.79
CA ILE HA 18 54.23 36.94 105.00
C ILE HA 18 53.26 37.70 104.11
N ALA HA 19 53.46 39.02 103.99
CA ALA HA 19 52.59 39.83 103.13
C ALA HA 19 52.63 39.33 101.70
N VAL HA 20 53.84 39.13 101.14
CA VAL HA 20 53.94 38.71 99.75
C VAL HA 20 53.39 37.30 99.56
N GLY HA 21 53.66 36.41 100.51
CA GLY HA 21 53.17 35.04 100.38
C GLY HA 21 51.65 34.98 100.34
N TRP HA 22 51.00 35.66 101.28
CA TRP HA 22 49.55 35.61 101.26
C TRP HA 22 48.96 36.48 100.16
N TYR HA 23 49.73 37.42 99.60
CA TYR HA 23 49.32 38.06 98.36
C TYR HA 23 49.27 37.06 97.22
N LEU HA 24 50.29 36.20 97.13
CA LEU HA 24 50.25 35.13 96.13
C LEU HA 24 49.04 34.22 96.34
N TYR HA 25 48.80 33.83 97.60
CA TYR HA 25 47.64 33.00 97.88
C TYR HA 25 46.33 33.66 97.45
N THR HA 26 46.18 34.94 97.76
CA THR HA 26 44.95 35.65 97.41
C THR HA 26 44.79 35.75 95.90
N THR HA 27 45.88 36.04 95.18
CA THR HA 27 45.80 36.12 93.73
C THR HA 27 45.42 34.77 93.14
N PHE HA 28 45.95 33.68 93.68
CA PHE HA 28 45.59 32.36 93.18
C PHE HA 28 44.12 32.06 93.46
N ALA HA 29 43.64 32.39 94.65
CA ALA HA 29 42.24 32.13 94.97
C ALA HA 29 41.30 32.97 94.13
N ALA HA 30 41.74 34.17 93.72
CA ALA HA 30 40.89 35.00 92.87
C ALA HA 30 40.95 34.56 91.42
N ALA HA 31 42.09 34.02 90.98
CA ALA HA 31 42.21 33.57 89.60
C ALA HA 31 41.56 32.21 89.37
N GLY HA 32 41.50 31.36 90.40
CA GLY HA 32 40.87 30.07 90.23
C GLY HA 32 39.37 30.13 90.03
N GLN HA 33 38.76 31.28 90.31
CA GLN HA 33 37.32 31.44 90.17
C GLN HA 33 36.94 32.21 88.91
N GLN HA 34 37.78 32.14 87.88
CA GLN HA 34 37.40 32.67 86.59
C GLN HA 34 36.33 31.79 85.97
N THR HA 35 35.31 32.42 85.38
CA THR HA 35 34.11 31.69 84.98
C THR HA 35 33.69 32.08 83.58
N GLY HA 36 32.64 31.43 83.11
CA GLY HA 36 32.12 31.71 81.78
C GLY HA 36 31.01 30.72 81.46
N LEU HA 37 30.12 31.15 80.57
CA LEU HA 37 28.99 30.34 80.19
C LEU HA 37 29.33 29.42 79.01
N THR HA 38 28.59 28.33 78.91
CA THR HA 38 28.67 27.44 77.76
C THR HA 38 27.29 26.85 77.53
N ALA HA 39 26.96 26.61 76.27
CA ALA HA 39 25.65 26.10 75.88
C ALA HA 39 25.81 24.66 75.43
N THR HA 40 24.81 23.84 75.72
CA THR HA 40 24.82 22.44 75.32
C THR HA 40 23.66 22.05 74.42
N LYS HA 41 22.64 22.89 74.30
CA LYS HA 41 21.46 22.57 73.50
C LYS HA 41 20.64 23.82 73.27
N ALA HA 42 20.26 24.09 72.02
CA ALA HA 42 19.49 25.28 71.71
C ALA HA 42 18.66 25.02 70.48
N THR HA 43 17.35 25.25 70.58
CA THR HA 43 16.45 25.06 69.45
C THR HA 43 15.36 26.12 69.54
N ILE HA 44 15.46 27.15 68.71
CA ILE HA 44 14.45 28.20 68.69
C ILE HA 44 13.10 27.60 68.37
N TYR HA 45 12.10 27.90 69.19
CA TYR HA 45 10.75 27.42 68.99
C TYR HA 45 9.86 28.56 68.50
N VAL HA 46 8.88 28.22 67.67
CA VAL HA 46 7.94 29.18 67.12
C VAL HA 46 6.53 28.63 67.29
N THR HA 47 5.61 29.47 67.73
CA THR HA 47 4.22 29.09 67.89
C THR HA 47 3.44 29.37 66.61
N LYS HA 48 2.18 28.94 66.60
CA LYS HA 48 1.34 29.15 65.43
C LYS HA 48 0.96 30.62 65.28
N ASP HA 49 0.94 31.38 66.37
CA ASP HA 49 0.50 32.76 66.35
C ASP HA 49 1.63 33.76 66.17
N GLY HA 50 2.86 33.29 65.96
CA GLY HA 50 3.99 34.15 65.73
C GLY HA 50 4.91 34.35 66.92
N ASN HA 51 4.48 33.94 68.12
CA ASN HA 51 5.35 34.06 69.28
C ASN HA 51 6.51 33.09 69.18
N VAL HA 52 7.73 33.61 69.31
CA VAL HA 52 8.94 32.79 69.25
C VAL HA 52 9.67 32.93 70.58
N TYR HA 53 10.40 31.89 70.95
CA TYR HA 53 11.14 31.87 72.21
C TYR HA 53 12.24 30.83 72.11
N LEU HA 54 13.39 31.15 72.69
CA LEU HA 54 14.54 30.26 72.68
C LEU HA 54 14.50 29.38 73.93
N ASN HA 55 14.74 28.09 73.74
CA ASN HA 55 14.74 27.10 74.83
C ASN HA 55 16.14 26.51 74.90
N VAL HA 56 17.02 27.17 75.64
CA VAL HA 56 18.43 26.82 75.69
C VAL HA 56 18.75 26.15 77.02
N THR HA 57 19.90 25.48 77.06
CA THR HA 57 20.39 24.81 78.26
C THR HA 57 21.79 25.31 78.56
N LEU HA 58 21.98 25.94 79.70
CA LEU HA 58 23.24 26.56 80.07
C LEU HA 58 23.91 25.80 81.19
N VAL HA 59 25.24 25.90 81.23
CA VAL HA 59 26.06 25.33 82.30
C VAL HA 59 27.17 26.31 82.61
N PRO HA 60 27.21 26.91 83.81
CA PRO HA 60 28.31 27.82 84.13
C PRO HA 60 29.60 27.05 84.36
N GLN HA 61 30.65 27.46 83.65
CA GLN HA 61 31.97 26.87 83.77
C GLN HA 61 32.70 27.60 84.88
N GLY HA 62 33.12 26.87 85.90
CA GLY HA 62 33.77 27.44 87.06
C GLY HA 62 32.85 27.44 88.26
N ALA HA 63 33.22 28.26 89.25
CA ALA HA 63 32.44 28.41 90.47
C ALA HA 63 32.13 29.89 90.65
N ALA HA 64 31.07 30.36 90.00
CA ALA HA 64 30.63 31.74 90.13
C ALA HA 64 29.23 31.86 89.55
N GLN HA 65 28.62 33.02 89.80
CA GLN HA 65 27.30 33.35 89.27
C GLN HA 65 27.52 34.32 88.12
N VAL HA 66 27.55 33.79 86.89
CA VAL HA 66 27.78 34.63 85.72
C VAL HA 66 26.59 35.55 85.51
N ALA HA 67 26.86 36.70 84.90
CA ALA HA 67 25.84 37.69 84.60
C ALA HA 67 25.71 37.85 83.09
N ILE HA 68 24.50 37.68 82.57
CA ILE HA 68 24.22 37.78 81.16
C ILE HA 68 23.90 39.24 80.83
N SER HA 69 24.61 39.79 79.85
CA SER HA 69 24.43 41.19 79.49
C SER HA 69 23.42 41.37 78.37
N SER HA 70 23.58 40.64 77.26
CA SER HA 70 22.68 40.80 76.13
C SER HA 70 22.72 39.54 75.28
N ILE HA 71 21.64 39.30 74.55
CA ILE HA 71 21.50 38.17 73.65
C ILE HA 71 21.32 38.70 72.23
N GLU HA 72 22.20 38.28 71.33
CA GLU HA 72 22.17 38.71 69.94
C GLU HA 72 22.02 37.47 69.07
N VAL HA 73 20.85 37.31 68.46
CA VAL HA 73 20.56 36.18 67.59
C VAL HA 73 20.01 36.70 66.27
N ALA HA 74 20.65 36.30 65.18
CA ALA HA 74 20.22 36.66 63.83
C ALA HA 74 20.15 38.18 63.65
N GLY HA 75 21.17 38.87 64.17
CA GLY HA 75 21.28 40.31 63.99
C GLY HA 75 20.41 41.14 64.92
N VAL HA 76 19.40 40.55 65.54
CA VAL HA 76 18.51 41.27 66.45
C VAL HA 76 19.07 41.12 67.86
N SER HA 77 19.48 42.24 68.45
CA SER HA 77 20.03 42.26 69.80
C SER HA 77 18.91 42.43 70.81
N ILE HA 78 19.06 41.78 71.97
CA ILE HA 78 18.04 41.82 73.01
C ILE HA 78 18.72 42.09 74.35
N PRO HA 79 18.43 43.23 74.99
CA PRO HA 79 19.03 43.51 76.29
C PRO HA 79 18.37 42.71 77.40
N CYS HA 80 19.12 42.51 78.48
CA CYS HA 80 18.64 41.80 79.66
C CYS HA 80 18.98 42.63 80.88
N THR HA 81 17.95 43.12 81.57
CA THR HA 81 18.12 43.97 82.73
C THR HA 81 17.48 43.41 83.99
N SER HA 82 16.97 42.19 83.93
CA SER HA 82 16.37 41.55 85.09
C SER HA 82 16.47 40.04 84.94
N SER HA 83 16.64 39.35 86.06
CA SER HA 83 16.80 37.90 86.09
C SER HA 83 17.96 37.45 85.22
N ASN HA 84 18.99 38.29 85.09
CA ASN HA 84 20.11 38.03 84.20
C ASN HA 84 21.23 37.26 84.88
N LEU HA 85 20.93 36.49 85.92
CA LEU HA 85 21.91 35.69 86.62
C LEU HA 85 21.63 34.21 86.41
N VAL HA 86 22.69 33.45 86.12
CA VAL HA 86 22.59 32.00 85.96
C VAL HA 86 23.05 31.38 87.26
N LYS HA 87 22.10 30.90 88.06
CA LYS HA 87 22.42 30.41 89.40
C LYS HA 87 22.93 28.97 89.40
N ALA HA 88 22.46 28.14 88.47
CA ALA HA 88 22.81 26.73 88.47
C ALA HA 88 22.52 26.16 87.10
N PRO HA 89 23.19 25.09 86.69
CA PRO HA 89 22.93 24.48 85.38
C PRO HA 89 21.48 24.02 85.28
N GLY HA 90 20.89 24.24 84.11
CA GLY HA 90 19.51 23.84 83.89
C GLY HA 90 19.05 24.28 82.52
N GLU HA 91 17.76 24.08 82.29
CA GLU HA 91 17.12 24.47 81.04
C GLU HA 91 16.44 25.81 81.24
N TYR HA 92 16.80 26.79 80.41
CA TYR HA 92 16.30 28.15 80.56
C TYR HA 92 15.58 28.58 79.28
N VAL HA 93 14.65 29.52 79.45
CA VAL HA 93 13.78 29.97 78.37
C VAL HA 93 13.95 31.47 78.19
N ILE HA 94 14.33 31.88 76.99
CA ILE HA 94 14.51 33.30 76.65
C ILE HA 94 13.49 33.67 75.60
N GLU HA 95 12.75 34.74 75.85
CA GLU HA 95 11.75 35.21 74.89
C GLU HA 95 12.39 36.15 73.88
N LEU HA 96 12.14 35.89 72.59
CA LEU HA 96 12.58 36.77 71.52
C LEU HA 96 11.42 37.68 71.16
N SER HA 97 11.70 38.98 71.03
CA SER HA 97 10.63 39.96 70.95
C SER HA 97 9.98 39.99 69.58
N SER HA 98 10.73 40.36 68.55
CA SER HA 98 10.17 40.65 67.24
C SER HA 98 10.81 39.88 66.10
N VAL HA 99 11.67 38.92 66.37
CA VAL HA 99 12.29 38.14 65.30
C VAL HA 99 11.23 37.30 64.62
N SER HA 100 11.03 37.54 63.32
CA SER HA 100 10.05 36.82 62.52
C SER HA 100 10.79 35.79 61.67
N VAL HA 101 10.56 34.51 61.95
CA VAL HA 101 11.24 33.42 61.28
C VAL HA 101 10.22 32.51 60.63
N SER HA 102 10.71 31.44 60.01
CA SER HA 102 9.87 30.43 59.40
C SER HA 102 10.51 29.06 59.67
N VAL HA 103 9.66 28.05 59.86
CA VAL HA 103 10.15 26.73 60.23
C VAL HA 103 11.13 26.23 59.18
N GLY HA 104 12.29 25.76 59.65
CA GLY HA 104 13.31 25.16 58.82
C GLY HA 104 14.61 25.93 58.78
N GLN HA 105 14.58 27.24 59.00
CA GLN HA 105 15.78 28.06 58.89
C GLN HA 105 16.80 27.67 59.96
N VAL HA 106 18.02 28.16 59.77
CA VAL HA 106 19.13 27.91 60.70
C VAL HA 106 19.68 29.25 61.14
N LEU HA 107 19.60 29.53 62.44
CA LEU HA 107 20.03 30.80 63.00
C LEU HA 107 21.15 30.57 64.01
N THR HA 108 22.13 31.46 64.03
CA THR HA 108 23.16 31.43 65.05
C THR HA 108 22.95 32.60 66.01
N GLY HA 109 23.83 32.74 66.99
CA GLY HA 109 23.65 33.78 67.99
C GLY HA 109 24.82 33.81 68.94
N ARG HA 110 24.69 34.68 69.94
CA ARG HA 110 25.71 34.87 70.97
C ARG HA 110 25.05 35.21 72.29
N ILE HA 111 25.67 34.76 73.38
CA ILE HA 111 25.35 35.24 74.73
C ILE HA 111 26.54 36.05 75.21
N VAL HA 112 26.36 37.35 75.37
CA VAL HA 112 27.43 38.23 75.83
C VAL HA 112 27.34 38.37 77.34
N LEU HA 113 28.38 37.93 78.03
CA LEU HA 113 28.44 38.02 79.47
C LEU HA 113 28.91 39.41 79.89
N ALA HA 114 28.90 39.67 81.20
CA ALA HA 114 29.35 40.97 81.70
C ALA HA 114 30.87 41.05 81.73
N SER HA 115 31.54 39.92 81.96
CA SER HA 115 33.00 39.93 82.03
C SER HA 115 33.66 40.10 80.67
N GLY HA 116 33.07 39.57 79.62
CA GLY HA 116 33.66 39.68 78.29
C GLY HA 116 33.56 38.41 77.48
N ALA HA 117 33.55 37.26 78.15
CA ALA HA 117 33.41 36.00 77.45
C ALA HA 117 32.02 35.89 76.82
N ILE HA 118 31.92 35.03 75.81
CA ILE HA 118 30.68 34.84 75.06
C ILE HA 118 30.44 33.35 74.88
N SER HA 119 29.36 33.02 74.17
CA SER HA 119 29.01 31.65 73.84
C SER HA 119 28.07 31.69 72.63
N PRO HA 120 28.42 31.00 71.55
CA PRO HA 120 27.58 31.00 70.35
C PRO HA 120 26.54 29.88 70.34
N PHE HA 121 25.60 29.98 69.40
CA PHE HA 121 24.44 29.10 69.37
C PHE HA 121 24.40 28.16 68.19
N THR HA 122 24.28 28.69 66.96
CA THR HA 122 23.91 27.91 65.78
C THR HA 122 22.75 26.96 66.11
N ALA HA 123 21.60 27.57 66.36
CA ALA HA 123 20.39 26.85 66.76
C ALA HA 123 19.36 26.88 65.64
N THR HA 124 18.78 25.72 65.34
CA THR HA 124 17.78 25.62 64.29
C THR HA 124 16.39 25.91 64.85
N VAL HA 125 15.42 26.07 63.95
CA VAL HA 125 14.05 26.39 64.30
C VAL HA 125 13.20 25.14 64.21
N VAL HA 126 12.27 25.00 65.15
CA VAL HA 126 11.34 23.87 65.18
C VAL HA 126 9.96 24.40 65.55
N ALA HA 127 8.94 23.80 64.97
CA ALA HA 127 7.56 24.24 65.20
C ALA HA 127 7.05 23.73 66.54
N ALA HA 128 6.31 24.58 67.23
CA ALA HA 128 5.72 24.22 68.51
C ALA HA 128 4.37 24.92 68.63
N ASP HA 129 3.61 24.54 69.66
CA ASP HA 129 2.23 25.00 69.78
C ASP HA 129 2.08 26.22 70.68
N HIS HA 130 2.48 26.10 71.94
CA HIS HA 130 2.18 27.13 72.94
C HIS HA 130 3.44 27.52 73.70
N VAL HA 131 3.46 28.78 74.13
CA VAL HA 131 4.56 29.28 74.97
C VAL HA 131 4.49 28.60 76.33
N PRO HA 132 5.58 28.01 76.82
CA PRO HA 132 5.51 27.31 78.11
C PRO HA 132 5.46 28.30 79.26
N SER HA 133 4.62 27.98 80.23
CA SER HA 133 4.47 28.78 81.45
C SER HA 133 5.26 28.09 82.56
N THR HA 134 6.50 28.53 82.76
CA THR HA 134 7.37 27.91 83.75
C THR HA 134 8.39 28.95 84.21
N GLU HA 135 9.16 28.57 85.21
CA GLU HA 135 10.22 29.43 85.74
C GLU HA 135 11.44 29.35 84.84
N ASN HA 136 12.58 29.81 85.35
CA ASN HA 136 13.87 29.72 84.66
C ASN HA 136 13.88 30.61 83.42
N LYS HA 137 13.29 31.80 83.52
CA LYS HA 137 13.40 32.78 82.47
C LYS HA 137 14.62 33.66 82.71
N LEU HA 138 15.27 34.07 81.62
CA LEU HA 138 16.55 34.75 81.73
C LEU HA 138 16.51 36.24 81.44
N CYS HA 139 15.56 36.72 80.62
CA CYS HA 139 15.48 38.14 80.30
C CYS HA 139 14.00 38.51 80.25
N SER HA 140 13.48 38.99 81.38
CA SER HA 140 12.08 39.38 81.47
C SER HA 140 11.94 40.85 81.84
N MET IA 1 -20.85 -11.71 -28.68
CA MET IA 1 -20.31 -12.66 -27.72
C MET IA 1 -18.79 -12.62 -27.73
N THR IA 2 -18.17 -13.34 -26.79
CA THR IA 2 -16.73 -13.46 -26.76
C THR IA 2 -16.25 -14.13 -28.06
N SER IA 3 -15.05 -13.72 -28.51
CA SER IA 3 -14.52 -14.27 -29.75
C SER IA 3 -14.37 -15.77 -29.70
N LEU IA 4 -14.30 -16.37 -28.52
CA LEU IA 4 -14.37 -17.82 -28.42
C LEU IA 4 -15.70 -18.32 -28.96
N GLU IA 5 -16.79 -17.67 -28.56
CA GLU IA 5 -18.11 -18.07 -29.06
C GLU IA 5 -18.22 -17.84 -30.55
N ILE IA 6 -17.73 -16.70 -31.04
CA ILE IA 6 -17.82 -16.42 -32.46
C ILE IA 6 -16.98 -17.44 -33.24
N ALA IA 7 -15.85 -17.85 -32.67
CA ALA IA 7 -15.05 -18.89 -33.33
C ALA IA 7 -15.83 -20.19 -33.43
N ILE IA 8 -16.40 -20.65 -32.32
CA ILE IA 8 -17.15 -21.91 -32.35
C ILE IA 8 -18.32 -21.82 -33.32
N ILE IA 9 -19.11 -20.76 -33.21
CA ILE IA 9 -20.31 -20.62 -34.04
C ILE IA 9 -19.95 -20.48 -35.50
N VAL IA 10 -18.89 -19.73 -35.83
CA VAL IA 10 -18.50 -19.59 -37.22
C VAL IA 10 -18.02 -20.91 -37.78
N ALA IA 11 -17.26 -21.68 -36.99
CA ALA IA 11 -16.84 -23.00 -37.45
C ALA IA 11 -18.05 -23.88 -37.79
N ILE IA 12 -19.01 -23.94 -36.87
CA ILE IA 12 -20.15 -24.84 -37.07
C ILE IA 12 -21.02 -24.36 -38.22
N VAL IA 13 -21.30 -23.05 -38.28
CA VAL IA 13 -22.14 -22.53 -39.34
C VAL IA 13 -21.45 -22.66 -40.69
N LEU IA 14 -20.13 -22.52 -40.74
CA LEU IA 14 -19.42 -22.73 -42.00
C LEU IA 14 -19.53 -24.18 -42.46
N VAL IA 15 -19.34 -25.12 -41.53
CA VAL IA 15 -19.48 -26.53 -41.90
C VAL IA 15 -20.87 -26.80 -42.45
N ILE IA 16 -21.90 -26.29 -41.76
CA ILE IA 16 -23.28 -26.56 -42.18
C ILE IA 16 -23.56 -25.92 -43.54
N ALA IA 17 -23.10 -24.68 -43.74
CA ALA IA 17 -23.37 -23.99 -44.99
C ALA IA 17 -22.67 -24.68 -46.16
N ILE IA 18 -21.43 -25.12 -45.97
CA ILE IA 18 -20.73 -25.84 -47.04
C ILE IA 18 -21.47 -27.14 -47.35
N ALA IA 19 -21.90 -27.87 -46.31
CA ALA IA 19 -22.62 -29.11 -46.53
C ALA IA 19 -23.88 -28.87 -47.36
N VAL IA 20 -24.68 -27.87 -46.99
CA VAL IA 20 -25.93 -27.62 -47.71
C VAL IA 20 -25.64 -27.14 -49.13
N GLY IA 21 -24.63 -26.30 -49.32
CA GLY IA 21 -24.32 -25.82 -50.65
C GLY IA 21 -23.94 -26.93 -51.60
N TRP IA 22 -23.04 -27.81 -51.15
CA TRP IA 22 -22.66 -28.91 -52.03
C TRP IA 22 -23.76 -29.97 -52.12
N TYR IA 23 -24.67 -30.02 -51.16
CA TYR IA 23 -25.90 -30.79 -51.35
C TYR IA 23 -26.71 -30.26 -52.52
N LEU IA 24 -26.84 -28.94 -52.62
CA LEU IA 24 -27.54 -28.35 -53.75
C LEU IA 24 -26.82 -28.67 -55.06
N TYR IA 25 -25.50 -28.53 -55.08
CA TYR IA 25 -24.74 -28.93 -56.27
C TYR IA 25 -25.01 -30.37 -56.66
N THR IA 26 -25.01 -31.30 -55.70
CA THR IA 26 -25.20 -32.69 -56.05
C THR IA 26 -26.63 -32.95 -56.52
N THR IA 27 -27.60 -32.24 -55.93
CA THR IA 27 -28.98 -32.36 -56.41
C THR IA 27 -29.08 -31.93 -57.86
N PHE IA 28 -28.45 -30.81 -58.21
CA PHE IA 28 -28.48 -30.36 -59.59
C PHE IA 28 -27.78 -31.36 -60.51
N ALA IA 29 -26.63 -31.89 -60.07
CA ALA IA 29 -25.88 -32.83 -60.90
C ALA IA 29 -26.63 -34.14 -61.08
N ALA IA 30 -27.48 -34.52 -60.13
CA ALA IA 30 -28.25 -35.74 -60.28
C ALA IA 30 -29.50 -35.52 -61.11
N ALA IA 31 -30.15 -34.36 -60.95
CA ALA IA 31 -31.32 -34.07 -61.77
C ALA IA 31 -30.96 -33.79 -63.22
N GLY IA 32 -29.71 -33.41 -63.49
CA GLY IA 32 -29.29 -33.22 -64.87
C GLY IA 32 -29.10 -34.51 -65.64
N GLN IA 33 -29.06 -35.65 -64.94
CA GLN IA 33 -28.86 -36.95 -65.57
C GLN IA 33 -30.17 -37.68 -65.82
N GLN IA 34 -31.30 -36.99 -65.76
CA GLN IA 34 -32.57 -37.62 -66.07
C GLN IA 34 -32.62 -37.96 -67.55
N THR IA 35 -32.95 -39.21 -67.86
CA THR IA 35 -32.81 -39.72 -69.21
C THR IA 35 -34.06 -40.48 -69.62
N GLY IA 36 -34.08 -40.88 -70.88
CA GLY IA 36 -35.23 -41.59 -71.43
C GLY IA 36 -35.00 -41.85 -72.90
N LEU IA 37 -35.76 -42.80 -73.42
CA LEU IA 37 -35.66 -43.20 -74.81
C LEU IA 37 -36.63 -42.42 -75.68
N THR IA 38 -36.29 -42.30 -76.95
CA THR IA 38 -37.18 -41.74 -77.96
C THR IA 38 -36.89 -42.42 -79.29
N ALA IA 39 -37.91 -42.52 -80.13
CA ALA IA 39 -37.81 -43.21 -81.41
C ALA IA 39 -37.96 -42.21 -82.52
N THR IA 40 -37.31 -42.48 -83.65
CA THR IA 40 -37.42 -41.64 -84.83
C THR IA 40 -37.83 -42.40 -86.08
N LYS IA 41 -37.83 -43.73 -86.05
CA LYS IA 41 -38.19 -44.53 -87.21
C LYS IA 41 -38.45 -45.97 -86.78
N ALA IA 42 -39.57 -46.54 -87.19
CA ALA IA 42 -39.90 -47.91 -86.82
C ALA IA 42 -40.80 -48.51 -87.88
N THR IA 43 -40.38 -49.63 -88.45
CA THR IA 43 -41.16 -50.32 -89.48
C THR IA 43 -40.97 -51.81 -89.28
N ILE IA 44 -42.01 -52.49 -88.80
CA ILE IA 44 -41.93 -53.94 -88.62
C ILE IA 44 -41.73 -54.60 -89.97
N TYR IA 45 -40.74 -55.46 -90.07
CA TYR IA 45 -40.45 -56.19 -91.30
C TYR IA 45 -40.88 -57.64 -91.16
N VAL IA 46 -41.36 -58.21 -92.26
CA VAL IA 46 -41.80 -59.61 -92.30
C VAL IA 46 -41.11 -60.30 -93.45
N THR IA 47 -40.60 -61.49 -93.21
CA THR IA 47 -39.96 -62.29 -94.24
C THR IA 47 -40.98 -63.16 -94.96
N LYS IA 48 -40.53 -63.82 -96.02
CA LYS IA 48 -41.40 -64.70 -96.78
C LYS IA 48 -41.76 -65.95 -95.98
N ASP IA 49 -40.87 -66.39 -95.09
CA ASP IA 49 -41.06 -67.63 -94.35
C ASP IA 49 -41.72 -67.41 -93.00
N GLY IA 50 -42.16 -66.19 -92.69
CA GLY IA 50 -42.88 -65.92 -91.46
C GLY IA 50 -42.07 -65.27 -90.36
N ASN IA 51 -40.74 -65.21 -90.50
CA ASN IA 51 -39.92 -64.55 -89.50
C ASN IA 51 -40.17 -63.04 -89.52
N VAL IA 52 -40.46 -62.48 -88.35
CA VAL IA 52 -40.72 -61.05 -88.22
C VAL IA 52 -39.66 -60.45 -87.31
N TYR IA 53 -39.33 -59.18 -87.58
CA TYR IA 53 -38.34 -58.48 -86.78
C TYR IA 53 -38.56 -56.98 -86.96
N LEU IA 54 -38.43 -56.24 -85.87
CA LEU IA 54 -38.61 -54.79 -85.88
C LEU IA 54 -37.26 -54.12 -86.09
N ASN IA 55 -37.22 -53.16 -87.02
CA ASN IA 55 -36.00 -52.44 -87.37
C ASN IA 55 -36.20 -50.98 -86.95
N VAL IA 56 -35.86 -50.68 -85.70
CA VAL IA 56 -36.13 -49.37 -85.10
C VAL IA 56 -34.83 -48.59 -84.98
N THR IA 57 -34.97 -47.28 -84.83
CA THR IA 57 -33.84 -46.37 -84.64
C THR IA 57 -34.06 -45.58 -83.36
N LEU IA 58 -33.14 -45.74 -82.41
CA LEU IA 58 -33.28 -45.16 -81.08
C LEU IA 58 -32.30 -44.01 -80.90
N VAL IA 59 -32.67 -43.09 -80.01
CA VAL IA 59 -31.82 -41.96 -79.63
C VAL IA 59 -31.97 -41.74 -78.13
N PRO IA 60 -30.96 -41.99 -77.31
CA PRO IA 60 -31.09 -41.76 -75.88
C PRO IA 60 -31.15 -40.28 -75.55
N GLN IA 61 -32.26 -39.88 -74.94
CA GLN IA 61 -32.44 -38.51 -74.47
C GLN IA 61 -31.81 -38.41 -73.10
N GLY IA 62 -30.88 -37.49 -72.94
CA GLY IA 62 -30.13 -37.34 -71.71
C GLY IA 62 -28.69 -37.76 -71.89
N ALA IA 63 -28.01 -37.95 -70.76
CA ALA IA 63 -26.64 -38.43 -70.74
C ALA IA 63 -26.59 -39.61 -69.78
N ALA IA 64 -26.93 -40.79 -70.29
CA ALA IA 64 -26.96 -42.00 -69.48
C ALA IA 64 -27.11 -43.20 -70.40
N GLN IA 65 -26.97 -44.39 -69.82
CA GLN IA 65 -27.18 -45.64 -70.53
C GLN IA 65 -28.53 -46.19 -70.07
N VAL IA 66 -29.57 -45.91 -70.85
CA VAL IA 66 -30.91 -46.36 -70.50
C VAL IA 66 -30.99 -47.88 -70.57
N ALA IA 67 -31.89 -48.46 -69.80
CA ALA IA 67 -32.09 -49.90 -69.75
C ALA IA 67 -33.50 -50.23 -70.21
N ILE IA 68 -33.60 -51.04 -71.26
CA ILE IA 68 -34.88 -51.46 -71.81
C ILE IA 68 -35.38 -52.65 -71.02
N SER IA 69 -36.62 -52.57 -70.54
CA SER IA 69 -37.19 -53.65 -69.74
C SER IA 69 -37.99 -54.63 -70.58
N SER IA 70 -38.91 -54.13 -71.40
CA SER IA 70 -39.76 -55.01 -72.20
C SER IA 70 -40.27 -54.26 -73.40
N ILE IA 71 -40.59 -55.02 -74.45
CA ILE IA 71 -41.17 -54.48 -75.68
C ILE IA 71 -42.56 -55.06 -75.84
N GLU IA 72 -43.56 -54.19 -75.91
CA GLU IA 72 -44.95 -54.60 -76.07
C GLU IA 72 -45.47 -54.01 -77.38
N VAL IA 73 -45.71 -54.86 -78.37
CA VAL IA 73 -46.18 -54.44 -79.68
C VAL IA 73 -47.38 -55.30 -80.05
N ALA IA 74 -48.50 -54.64 -80.40
CA ALA IA 74 -49.71 -55.31 -80.86
C ALA IA 74 -50.22 -56.30 -79.83
N GLY IA 75 -50.08 -55.96 -78.55
CA GLY IA 75 -50.60 -56.77 -77.48
C GLY IA 75 -49.72 -57.91 -77.03
N VAL IA 76 -48.67 -58.23 -77.78
CA VAL IA 76 -47.75 -59.30 -77.43
C VAL IA 76 -46.55 -58.68 -76.72
N SER IA 77 -46.33 -59.08 -75.48
CA SER IA 77 -45.21 -58.59 -74.68
C SER IA 77 -43.99 -59.47 -74.88
N ILE IA 78 -42.82 -58.85 -74.88
CA ILE IA 78 -41.56 -59.57 -75.09
C ILE IA 78 -40.55 -59.13 -74.03
N PRO IA 79 -40.14 -60.02 -73.13
CA PRO IA 79 -39.15 -59.65 -72.12
C PRO IA 79 -37.77 -59.53 -72.72
N CYS IA 80 -36.93 -58.74 -72.04
CA CYS IA 80 -35.55 -58.50 -72.47
C CYS IA 80 -34.64 -58.70 -71.27
N THR IA 81 -33.79 -59.72 -71.32
CA THR IA 81 -32.92 -60.07 -70.21
C THR IA 81 -31.44 -60.08 -70.59
N SER IA 82 -31.10 -59.66 -71.81
CA SER IA 82 -29.71 -59.65 -72.23
C SER IA 82 -29.51 -58.56 -73.28
N SER IA 83 -28.36 -57.89 -73.21
CA SER IA 83 -28.01 -56.80 -74.12
C SER IA 83 -29.11 -55.74 -74.17
N ASN IA 84 -29.74 -55.48 -73.04
CA ASN IA 84 -30.86 -54.55 -72.95
C ASN IA 84 -30.41 -53.12 -72.68
N LEU IA 85 -29.18 -52.77 -73.05
CA LEU IA 85 -28.64 -51.43 -72.85
C LEU IA 85 -28.51 -50.73 -74.20
N VAL IA 86 -28.85 -49.45 -74.23
CA VAL IA 86 -28.70 -48.61 -75.41
C VAL IA 86 -27.50 -47.71 -75.18
N LYS IA 87 -26.39 -48.04 -75.83
CA LYS IA 87 -25.12 -47.36 -75.57
C LYS IA 87 -24.98 -46.05 -76.34
N ALA IA 88 -25.57 -45.94 -77.52
CA ALA IA 88 -25.36 -44.78 -78.38
C ALA IA 88 -26.49 -44.73 -79.39
N PRO IA 89 -26.79 -43.56 -79.93
CA PRO IA 89 -27.83 -43.47 -80.97
C PRO IA 89 -27.45 -44.29 -82.20
N GLY IA 90 -28.43 -44.97 -82.76
CA GLY IA 90 -28.18 -45.79 -83.94
C GLY IA 90 -29.41 -46.61 -84.27
N GLU IA 91 -29.23 -47.47 -85.27
CA GLU IA 91 -30.29 -48.35 -85.75
C GLU IA 91 -30.15 -49.70 -85.06
N TYR IA 92 -31.23 -50.19 -84.47
CA TYR IA 92 -31.22 -51.44 -83.73
C TYR IA 92 -32.30 -52.37 -84.26
N VAL IA 93 -32.06 -53.68 -84.08
CA VAL IA 93 -32.93 -54.71 -84.63
C VAL IA 93 -33.41 -55.59 -83.48
N ILE IA 94 -34.73 -55.75 -83.38
CA ILE IA 94 -35.36 -56.56 -82.35
C ILE IA 94 -36.15 -57.67 -83.03
N GLU IA 95 -35.91 -58.91 -82.63
CA GLU IA 95 -36.69 -60.03 -83.15
C GLU IA 95 -38.01 -60.14 -82.40
N LEU IA 96 -39.11 -60.25 -83.14
CA LEU IA 96 -40.41 -60.55 -82.58
C LEU IA 96 -40.63 -62.05 -82.66
N SER IA 97 -41.11 -62.65 -81.57
CA SER IA 97 -41.08 -64.11 -81.46
C SER IA 97 -42.18 -64.76 -82.28
N SER IA 98 -43.44 -64.51 -81.93
CA SER IA 98 -44.56 -65.26 -82.48
C SER IA 98 -45.67 -64.40 -83.05
N VAL IA 99 -45.48 -63.09 -83.17
CA VAL IA 99 -46.52 -62.24 -83.73
C VAL IA 99 -46.70 -62.58 -85.20
N SER IA 100 -47.89 -63.03 -85.57
CA SER IA 100 -48.21 -63.38 -86.95
C SER IA 100 -49.03 -62.26 -87.56
N VAL IA 101 -48.45 -61.56 -88.52
CA VAL IA 101 -49.06 -60.39 -89.14
C VAL IA 101 -49.12 -60.60 -90.64
N SER IA 102 -49.64 -59.59 -91.34
CA SER IA 102 -49.76 -59.62 -92.78
C SER IA 102 -49.44 -58.24 -93.32
N VAL IA 103 -48.84 -58.21 -94.51
CA VAL IA 103 -48.36 -56.95 -95.07
C VAL IA 103 -49.51 -55.96 -95.22
N GLY IA 104 -49.29 -54.74 -94.72
CA GLY IA 104 -50.25 -53.65 -94.85
C GLY IA 104 -50.81 -53.17 -93.53
N GLN IA 105 -50.85 -54.01 -92.51
CA GLN IA 105 -51.45 -53.64 -91.24
C GLN IA 105 -50.65 -52.51 -90.58
N VAL IA 106 -51.29 -51.87 -89.60
CA VAL IA 106 -50.68 -50.79 -88.82
C VAL IA 106 -50.74 -51.18 -87.36
N LEU IA 107 -49.57 -51.29 -86.72
CA LEU IA 107 -49.45 -51.77 -85.36
C LEU IA 107 -48.90 -50.67 -84.47
N THR IA 108 -49.40 -50.61 -83.24
CA THR IA 108 -48.87 -49.70 -82.24
C THR IA 108 -47.73 -50.38 -81.48
N GLY IA 109 -47.27 -49.77 -80.41
CA GLY IA 109 -46.18 -50.36 -79.64
C GLY IA 109 -45.76 -49.43 -78.52
N ARG IA 110 -44.97 -49.99 -77.61
CA ARG IA 110 -44.43 -49.26 -76.48
C ARG IA 110 -43.15 -49.92 -76.02
N ILE IA 111 -42.15 -49.10 -75.70
CA ILE IA 111 -40.90 -49.57 -75.12
C ILE IA 111 -40.86 -49.14 -73.66
N VAL IA 112 -41.03 -50.10 -72.75
CA VAL IA 112 -41.05 -49.82 -71.32
C VAL IA 112 -39.63 -49.88 -70.80
N LEU IA 113 -39.15 -48.76 -70.28
CA LEU IA 113 -37.81 -48.68 -69.71
C LEU IA 113 -37.85 -49.13 -68.25
N ALA IA 114 -36.66 -49.15 -67.62
CA ALA IA 114 -36.58 -49.55 -66.22
C ALA IA 114 -36.87 -48.39 -65.29
N SER IA 115 -36.55 -47.16 -65.70
CA SER IA 115 -36.78 -46.00 -64.85
C SER IA 115 -38.24 -45.57 -64.81
N GLY IA 116 -39.03 -45.94 -65.81
CA GLY IA 116 -40.43 -45.56 -65.84
C GLY IA 116 -40.89 -44.97 -67.15
N ALA IA 117 -40.00 -44.29 -67.84
CA ALA IA 117 -40.35 -43.64 -69.10
C ALA IA 117 -40.67 -44.69 -70.17
N ILE IA 118 -41.42 -44.26 -71.18
CA ILE IA 118 -41.88 -45.13 -72.26
C ILE IA 118 -41.76 -44.37 -73.58
N SER IA 119 -42.15 -45.04 -74.67
CA SER IA 119 -42.08 -44.46 -76.00
C SER IA 119 -42.98 -45.23 -76.97
N PRO IA 120 -43.85 -44.54 -77.70
CA PRO IA 120 -44.74 -45.22 -78.65
C PRO IA 120 -44.06 -45.49 -79.99
N PHE IA 121 -44.76 -46.23 -80.85
CA PHE IA 121 -44.22 -46.70 -82.11
C PHE IA 121 -44.94 -46.13 -83.34
N THR IA 122 -46.26 -46.36 -83.45
CA THR IA 122 -47.03 -46.19 -84.68
C THR IA 122 -46.25 -46.68 -85.91
N ALA IA 123 -45.90 -47.97 -85.84
CA ALA IA 123 -45.06 -48.60 -86.85
C ALA IA 123 -45.89 -49.50 -87.75
N THR IA 124 -45.66 -49.40 -89.06
CA THR IA 124 -46.38 -50.20 -90.04
C THR IA 124 -45.55 -51.41 -90.45
N VAL IA 125 -46.16 -52.28 -91.26
CA VAL IA 125 -45.52 -53.51 -91.72
C VAL IA 125 -45.12 -53.35 -93.18
N VAL IA 126 -43.94 -53.86 -93.53
CA VAL IA 126 -43.43 -53.83 -94.89
C VAL IA 126 -42.80 -55.18 -95.17
N ALA IA 127 -42.93 -55.64 -96.41
CA ALA IA 127 -42.41 -56.95 -96.81
C ALA IA 127 -40.89 -56.91 -96.95
N ALA IA 128 -40.25 -58.01 -96.58
CA ALA IA 128 -38.80 -58.14 -96.71
C ALA IA 128 -38.48 -59.59 -97.01
N ASP IA 129 -37.21 -59.85 -97.34
CA ASP IA 129 -36.81 -61.17 -97.81
C ASP IA 129 -36.13 -62.00 -96.72
N HIS IA 130 -35.05 -61.48 -96.14
CA HIS IA 130 -34.22 -62.26 -95.24
C HIS IA 130 -33.97 -61.51 -93.94
N VAL IA 131 -33.81 -62.25 -92.86
CA VAL IA 131 -33.45 -61.67 -91.56
C VAL IA 131 -32.02 -61.14 -91.64
N PRO IA 132 -31.77 -59.89 -91.25
CA PRO IA 132 -30.41 -59.36 -91.36
C PRO IA 132 -29.50 -59.95 -90.30
N SER IA 133 -28.28 -60.26 -90.71
CA SER IA 133 -27.25 -60.79 -89.81
C SER IA 133 -26.29 -59.64 -89.51
N THR IA 134 -26.52 -58.95 -88.40
CA THR IA 134 -25.70 -57.80 -88.04
C THR IA 134 -25.75 -57.64 -86.53
N GLU IA 135 -24.97 -56.67 -86.03
CA GLU IA 135 -24.92 -56.36 -84.62
C GLU IA 135 -26.10 -55.46 -84.25
N ASN IA 136 -26.03 -54.84 -83.07
CA ASN IA 136 -27.04 -53.89 -82.61
C ASN IA 136 -28.38 -54.57 -82.39
N LYS IA 137 -28.35 -55.78 -81.84
CA LYS IA 137 -29.57 -56.43 -81.38
C LYS IA 137 -29.85 -56.02 -79.94
N LEU IA 138 -31.13 -55.92 -79.60
CA LEU IA 138 -31.52 -55.37 -78.31
C LEU IA 138 -32.04 -56.38 -77.31
N CYS IA 139 -32.65 -57.48 -77.76
CA CYS IA 139 -33.21 -58.47 -76.85
C CYS IA 139 -32.94 -59.85 -77.44
N SER IA 140 -31.84 -60.47 -77.02
CA SER IA 140 -31.46 -61.79 -77.50
C SER IA 140 -31.42 -62.79 -76.36
N MET JA 1 77.99 42.91 117.78
CA MET JA 1 77.91 42.05 118.95
C MET JA 1 79.27 41.47 119.31
N THR JA 2 79.35 40.87 120.49
CA THR JA 2 80.52 40.09 120.85
C THR JA 2 80.63 38.89 119.91
N SER JA 3 81.84 38.35 119.78
CA SER JA 3 82.05 37.20 118.90
C SER JA 3 81.21 35.99 119.30
N LEU JA 4 80.84 35.88 120.57
CA LEU JA 4 80.00 34.75 121.00
C LEU JA 4 78.64 34.79 120.34
N GLU JA 5 78.01 35.97 120.32
CA GLU JA 5 76.69 36.08 119.72
C GLU JA 5 76.74 35.87 118.22
N ILE JA 6 77.80 36.36 117.56
CA ILE JA 6 78.00 36.07 116.15
C ILE JA 6 78.14 34.56 115.94
N ALA JA 7 78.88 33.89 116.82
CA ALA JA 7 79.03 32.44 116.68
C ALA JA 7 77.70 31.73 116.76
N ILE JA 8 76.89 32.08 117.76
CA ILE JA 8 75.59 31.42 117.93
C ILE JA 8 74.69 31.68 116.73
N ILE JA 9 74.61 32.95 116.30
CA ILE JA 9 73.74 33.29 115.17
C ILE JA 9 74.21 32.60 113.91
N VAL JA 10 75.53 32.55 113.67
CA VAL JA 10 76.03 31.90 112.47
C VAL JA 10 75.76 30.41 112.49
N ALA JA 11 75.85 29.79 113.66
CA ALA JA 11 75.52 28.37 113.75
C ALA JA 11 74.07 28.11 113.36
N ILE JA 12 73.15 28.83 113.99
CA ILE JA 12 71.73 28.62 113.69
C ILE JA 12 71.43 28.93 112.22
N VAL JA 13 71.98 30.05 111.74
CA VAL JA 13 71.81 30.47 110.36
C VAL JA 13 72.32 29.43 109.38
N LEU JA 14 73.50 28.85 109.63
CA LEU JA 14 74.04 27.88 108.69
C LEU JA 14 73.21 26.61 108.69
N VAL JA 15 72.75 26.18 109.87
CA VAL JA 15 71.88 25.01 109.92
C VAL JA 15 70.63 25.25 109.07
N ILE JA 16 69.98 26.40 109.26
CA ILE JA 16 68.75 26.68 108.53
C ILE JA 16 69.01 26.76 107.04
N ALA JA 17 70.10 27.41 106.64
CA ALA JA 17 70.41 27.57 105.22
C ALA JA 17 70.65 26.22 104.56
N ILE JA 18 71.46 25.36 105.17
CA ILE JA 18 71.72 24.05 104.59
C ILE JA 18 70.43 23.26 104.49
N ALA JA 19 69.59 23.32 105.53
CA ALA JA 19 68.33 22.60 105.50
C ALA JA 19 67.47 23.04 104.32
N VAL JA 20 67.32 24.36 104.13
CA VAL JA 20 66.46 24.85 103.05
C VAL JA 20 67.05 24.52 101.69
N GLY JA 21 68.38 24.64 101.55
CA GLY JA 21 69.00 24.34 100.27
C GLY JA 21 68.79 22.90 99.86
N TRP JA 22 69.05 21.96 100.78
CA TRP JA 22 68.85 20.58 100.40
C TRP JA 22 67.38 20.20 100.35
N TYR JA 23 66.49 20.99 100.97
CA TYR JA 23 65.08 20.85 100.70
C TYR JA 23 64.76 21.18 99.25
N LEU JA 24 65.37 22.24 98.72
CA LEU JA 24 65.21 22.56 97.31
C LEU JA 24 65.72 21.43 96.42
N TYR JA 25 66.91 20.92 96.72
CA TYR JA 25 67.43 19.75 95.98
C TYR JA 25 66.46 18.58 96.03
N THR JA 26 65.93 18.26 97.21
CA THR JA 26 65.03 17.11 97.32
C THR JA 26 63.76 17.33 96.51
N THR JA 27 63.20 18.53 96.57
CA THR JA 27 61.99 18.81 95.80
C THR JA 27 62.26 18.70 94.31
N PHE JA 28 63.42 19.18 93.86
CA PHE JA 28 63.75 19.07 92.44
C PHE JA 28 63.93 17.62 92.02
N ALA JA 29 64.62 16.83 92.84
CA ALA JA 29 64.84 15.42 92.49
C ALA JA 29 63.53 14.64 92.53
N ALA JA 30 62.56 15.07 93.33
CA ALA JA 30 61.28 14.38 93.36
C ALA JA 30 60.38 14.82 92.22
N ALA JA 31 60.51 16.07 91.78
CA ALA JA 31 59.69 16.58 90.69
C ALA JA 31 60.21 16.13 89.33
N GLY JA 32 61.52 15.96 89.17
CA GLY JA 32 62.07 15.53 87.90
C GLY JA 32 61.68 14.13 87.50
N GLN JA 33 61.16 13.33 88.43
CA GLN JA 33 60.75 11.96 88.17
C GLN JA 33 59.25 11.82 88.02
N GLN JA 34 58.57 12.87 87.57
CA GLN JA 34 57.16 12.75 87.21
C GLN JA 34 57.03 11.96 85.93
N THR JA 35 56.05 11.06 85.89
CA THR JA 35 55.98 10.08 84.81
C THR JA 35 54.55 9.98 84.28
N GLY JA 36 54.39 9.16 83.25
CA GLY JA 36 53.10 8.96 82.64
C GLY JA 36 53.25 8.09 81.42
N LEU JA 37 52.16 7.42 81.08
CA LEU JA 37 52.15 6.48 79.95
C LEU JA 37 51.82 7.21 78.65
N THR JA 38 52.28 6.62 77.55
CA THR JA 38 51.93 7.07 76.22
C THR JA 38 51.87 5.87 75.30
N ALA JA 39 51.01 5.93 74.30
CA ALA JA 39 50.78 4.83 73.37
C ALA JA 39 51.26 5.22 72.00
N THR JA 40 51.89 4.28 71.30
CA THR JA 40 52.39 4.54 69.96
C THR JA 40 51.75 3.67 68.90
N LYS JA 41 51.03 2.63 69.28
CA LYS JA 41 50.43 1.71 68.32
C LYS JA 41 49.40 0.82 69.00
N ALA JA 42 48.20 0.74 68.44
CA ALA JA 42 47.15 -0.07 69.05
C ALA JA 42 46.17 -0.51 67.97
N THR JA 43 45.93 -1.82 67.89
CA THR JA 43 44.99 -2.37 66.93
C THR JA 43 44.29 -3.55 67.59
N ILE JA 44 43.03 -3.36 67.98
CA ILE JA 44 42.27 -4.45 68.59
C ILE JA 44 42.18 -5.60 67.62
N TYR JA 45 42.52 -6.80 68.09
CA TYR JA 45 42.44 -8.01 67.28
C TYR JA 45 41.26 -8.85 67.73
N VAL JA 46 40.61 -9.52 66.78
CA VAL JA 46 39.49 -10.39 67.05
C VAL JA 46 39.76 -11.74 66.41
N THR JA 47 39.49 -12.81 67.14
CA THR JA 47 39.67 -14.16 66.62
C THR JA 47 38.39 -14.64 65.93
N LYS JA 48 38.49 -15.80 65.29
CA LYS JA 48 37.34 -16.37 64.60
C LYS JA 48 36.29 -16.85 65.58
N ASP JA 49 36.69 -17.27 66.78
CA ASP JA 49 35.79 -17.86 67.76
C ASP JA 49 35.19 -16.82 68.70
N GLY JA 50 35.47 -15.54 68.51
CA GLY JA 50 34.89 -14.49 69.32
C GLY JA 50 35.82 -13.88 70.35
N ASN JA 51 36.95 -14.52 70.63
CA ASN JA 51 37.90 -13.96 71.58
C ASN JA 51 38.55 -12.71 71.00
N VAL JA 52 38.52 -11.62 71.75
CA VAL JA 52 39.14 -10.37 71.34
C VAL JA 52 40.23 -10.02 72.35
N TYR JA 53 41.24 -9.30 71.86
CA TYR JA 53 42.36 -8.91 72.71
C TYR JA 53 43.06 -7.72 72.07
N LEU JA 54 43.52 -6.80 72.92
CA LEU JA 54 44.21 -5.61 72.46
C LEU JA 54 45.71 -5.85 72.43
N ASN JA 55 46.36 -5.43 71.35
CA ASN JA 55 47.79 -5.59 71.17
C ASN JA 55 48.40 -4.19 71.05
N VAL JA 56 48.74 -3.60 72.19
CA VAL JA 56 49.19 -2.22 72.25
C VAL JA 56 50.69 -2.18 72.52
N THR JA 57 51.29 -1.03 72.23
CA THR JA 57 52.71 -0.78 72.47
C THR JA 57 52.85 0.45 73.36
N LEU JA 58 53.49 0.28 74.51
CA LEU JA 58 53.59 1.33 75.50
C LEU JA 58 55.03 1.82 75.63
N VAL JA 59 55.17 3.08 76.02
CA VAL JA 59 56.47 3.68 76.32
C VAL JA 59 56.31 4.58 77.54
N PRO JA 60 56.91 4.24 78.67
CA PRO JA 60 56.79 5.11 79.85
C PRO JA 60 57.58 6.39 79.68
N GLN JA 61 56.91 7.52 79.83
CA GLN JA 61 57.53 8.84 79.75
C GLN JA 61 58.07 9.18 81.13
N GLY JA 62 59.37 9.41 81.22
CA GLY JA 62 60.02 9.69 82.47
C GLY JA 62 60.88 8.53 82.92
N ALA JA 63 61.25 8.57 84.19
CA ALA JA 63 62.05 7.51 84.80
C ALA JA 63 61.30 7.01 86.04
N ALA JA 64 60.37 6.08 85.83
CA ALA JA 64 59.60 5.51 86.91
C ALA JA 64 58.85 4.30 86.39
N GLN JA 65 58.23 3.57 87.32
CA GLN JA 65 57.41 2.40 87.00
C GLN JA 65 55.95 2.82 87.15
N VAL JA 66 55.32 3.15 86.03
CA VAL JA 66 53.92 3.56 86.07
C VAL JA 66 53.05 2.38 86.47
N ALA JA 67 51.95 2.67 87.14
CA ALA JA 67 50.99 1.66 87.57
C ALA JA 67 49.66 1.88 86.86
N ILE JA 68 49.19 0.87 86.15
CA ILE JA 68 47.95 0.93 85.39
C ILE JA 68 46.79 0.59 86.32
N SER JA 69 45.78 1.45 86.35
CA SER JA 69 44.63 1.23 87.22
C SER JA 69 43.51 0.47 86.52
N SER JA 70 43.10 0.94 85.34
CA SER JA 70 42.01 0.30 84.62
C SER JA 70 42.06 0.69 83.16
N ILE JA 71 41.47 -0.14 82.32
CA ILE JA 71 41.39 0.09 80.89
C ILE JA 71 39.92 0.23 80.52
N GLU JA 72 39.58 1.31 79.83
CA GLU JA 72 38.21 1.58 79.39
C GLU JA 72 38.22 1.75 77.88
N VAL JA 73 37.63 0.79 77.17
CA VAL JA 73 37.57 0.81 75.72
C VAL JA 73 36.14 0.58 75.28
N ALA JA 74 35.60 1.48 74.47
CA ALA JA 74 34.26 1.37 73.91
C ALA JA 74 33.20 1.21 75.00
N GLY JA 75 33.38 1.96 76.08
CA GLY JA 75 32.40 1.98 77.15
C GLY JA 75 32.52 0.84 78.15
N VAL JA 76 33.29 -0.20 77.85
CA VAL JA 76 33.45 -1.34 78.74
C VAL JA 76 34.73 -1.12 79.56
N SER JA 77 34.57 -0.96 80.86
CA SER JA 77 35.69 -0.77 81.77
C SER JA 77 36.20 -2.13 82.23
N ILE JA 78 37.53 -2.24 82.35
CA ILE JA 78 38.14 -3.50 82.75
C ILE JA 78 39.17 -3.22 83.85
N PRO JA 79 38.94 -3.63 85.08
CA PRO JA 79 39.91 -3.39 86.15
C PRO JA 79 41.14 -4.27 85.98
N CYS JA 80 42.24 -3.80 86.56
CA CYS JA 80 43.52 -4.52 86.52
C CYS JA 80 44.08 -4.56 87.93
N THR JA 81 44.20 -5.75 88.49
CA THR JA 81 44.68 -5.94 89.85
C THR JA 81 45.91 -6.83 89.93
N SER JA 82 46.46 -7.25 88.79
CA SER JA 82 47.65 -8.08 88.77
C SER JA 82 48.45 -7.78 87.52
N SER JA 83 49.77 -7.79 87.67
CA SER JA 83 50.69 -7.48 86.58
C SER JA 83 50.42 -6.11 85.97
N ASN JA 84 49.99 -5.16 86.80
CA ASN JA 84 49.60 -3.83 86.35
C ASN JA 84 50.76 -2.84 86.32
N LEU JA 85 52.00 -3.33 86.22
CA LEU JA 85 53.17 -2.48 86.17
C LEU JA 85 53.80 -2.53 84.79
N VAL JA 86 54.19 -1.37 84.27
CA VAL JA 86 54.88 -1.27 83.00
C VAL JA 86 56.36 -1.06 83.32
N LYS JA 87 57.16 -2.11 83.11
CA LYS JA 87 58.56 -2.07 83.52
C LYS JA 87 59.48 -1.42 82.51
N ALA JA 88 59.17 -1.55 81.22
CA ALA JA 88 60.05 -1.07 80.17
C ALA JA 88 59.26 -0.94 78.88
N PRO JA 89 59.70 -0.10 77.96
CA PRO JA 89 58.97 0.03 76.68
C PRO JA 89 58.94 -1.30 75.93
N GLY JA 90 57.82 -1.55 75.26
CA GLY JA 90 57.66 -2.77 74.51
C GLY JA 90 56.23 -2.95 74.08
N GLU JA 91 55.97 -4.10 73.47
CA GLU JA 91 54.64 -4.47 72.99
C GLU JA 91 53.97 -5.33 74.06
N TYR JA 92 52.77 -4.91 74.47
CA TYR JA 92 52.02 -5.59 75.52
C TYR JA 92 50.67 -6.02 74.99
N VAL JA 93 50.11 -7.06 75.63
CA VAL JA 93 48.86 -7.67 75.19
C VAL JA 93 47.87 -7.62 76.34
N ILE JA 94 46.72 -7.00 76.11
CA ILE JA 94 45.67 -6.86 77.10
C ILE JA 94 44.44 -7.62 76.59
N GLU JA 95 43.93 -8.53 77.40
CA GLU JA 95 42.75 -9.29 77.03
C GLU JA 95 41.49 -8.50 77.37
N LEU JA 96 40.58 -8.40 76.42
CA LEU JA 96 39.27 -7.79 76.63
C LEU JA 96 38.27 -8.91 76.88
N SER JA 97 37.44 -8.75 77.91
CA SER JA 97 36.67 -9.88 78.41
C SER JA 97 35.46 -10.18 77.53
N SER JA 98 34.51 -9.25 77.44
CA SER JA 98 33.22 -9.53 76.85
C SER JA 98 32.80 -8.57 75.75
N VAL JA 99 33.67 -7.69 75.30
CA VAL JA 99 33.32 -6.75 74.23
C VAL JA 99 33.11 -7.54 72.94
N SER JA 100 31.91 -7.44 72.37
CA SER JA 100 31.57 -8.12 71.12
C SER JA 100 31.60 -7.09 70.00
N VAL JA 101 32.57 -7.23 69.09
CA VAL JA 101 32.78 -6.28 68.01
C VAL JA 101 32.69 -7.01 66.69
N SER JA 102 32.90 -6.27 65.61
CA SER JA 102 32.89 -6.81 64.26
C SER JA 102 33.98 -6.14 63.46
N VAL JA 103 34.59 -6.89 62.55
CA VAL JA 103 35.72 -6.39 61.79
C VAL JA 103 35.34 -5.12 61.04
N GLY JA 104 36.18 -4.09 61.18
CA GLY JA 104 36.01 -2.83 60.46
C GLY JA 104 35.74 -1.64 61.36
N GLN JA 105 35.10 -1.85 62.50
CA GLN JA 105 34.71 -0.74 63.36
C GLN JA 105 35.95 -0.02 63.90
N VAL JA 106 35.72 1.19 64.44
CA VAL JA 106 36.76 2.03 64.99
C VAL JA 106 36.41 2.33 66.44
N LEU JA 107 37.26 1.89 67.36
CA LEU JA 107 37.04 2.03 68.79
C LEU JA 107 38.10 2.92 69.41
N THR JA 108 37.69 3.75 70.36
CA THR JA 108 38.63 4.54 71.13
C THR JA 108 38.80 3.90 72.51
N GLY JA 109 39.53 4.56 73.39
CA GLY JA 109 39.78 3.98 74.70
C GLY JA 109 40.65 4.89 75.54
N ARG JA 110 40.95 4.42 76.75
CA ARG JA 110 41.80 5.13 77.70
C ARG JA 110 42.57 4.12 78.53
N ILE JA 111 43.77 4.51 78.96
CA ILE JA 111 44.50 3.82 80.00
C ILE JA 111 44.59 4.75 81.20
N VAL JA 112 43.86 4.45 82.26
CA VAL JA 112 43.86 5.26 83.47
C VAL JA 112 44.96 4.77 84.39
N LEU JA 113 45.90 5.66 84.70
CA LEU JA 113 47.01 5.34 85.57
C LEU JA 113 46.61 5.51 87.03
N ALA JA 114 47.54 5.17 87.93
CA ALA JA 114 47.27 5.34 89.35
C ALA JA 114 47.46 6.77 89.79
N SER JA 115 48.38 7.50 89.17
CA SER JA 115 48.62 8.89 89.55
C SER JA 115 47.52 9.82 89.08
N GLY JA 116 46.94 9.58 87.90
CA GLY JA 116 45.90 10.44 87.40
C GLY JA 116 46.00 10.70 85.91
N ALA JA 117 47.22 10.67 85.37
CA ALA JA 117 47.39 10.84 83.93
C ALA JA 117 46.77 9.68 83.17
N ILE JA 118 46.41 9.94 81.92
CA ILE JA 118 45.72 8.96 81.07
C ILE JA 118 46.41 8.92 79.72
N SER JA 119 45.88 8.09 78.83
CA SER JA 119 46.37 7.96 77.46
C SER JA 119 45.27 7.36 76.61
N PRO JA 120 44.84 8.04 75.55
CA PRO JA 120 43.76 7.51 74.70
C PRO JA 120 44.28 6.66 73.55
N PHE JA 121 43.34 5.94 72.91
CA PHE JA 121 43.68 4.90 71.94
C PHE JA 121 43.27 5.23 70.51
N THR JA 122 41.98 5.35 70.24
CA THR JA 122 41.43 5.35 68.88
C THR JA 122 42.09 4.25 68.04
N ALA JA 123 41.78 3.01 68.43
CA ALA JA 123 42.34 1.82 67.79
C ALA JA 123 41.27 1.12 66.95
N THR JA 124 41.65 0.70 65.76
CA THR JA 124 40.74 0.00 64.87
C THR JA 124 40.78 -1.50 65.14
N VAL JA 125 39.80 -2.21 64.57
CA VAL JA 125 39.68 -3.66 64.73
C VAL JA 125 40.21 -4.34 63.48
N VAL JA 126 40.94 -5.43 63.67
CA VAL JA 126 41.48 -6.21 62.56
C VAL JA 126 41.29 -7.68 62.89
N ALA JA 127 41.02 -8.48 61.85
CA ALA JA 127 40.76 -9.91 62.02
C ALA JA 127 42.07 -10.66 62.25
N ALA JA 128 42.02 -11.64 63.15
CA ALA JA 128 43.17 -12.48 63.44
C ALA JA 128 42.68 -13.89 63.73
N ASP JA 129 43.62 -14.83 63.82
CA ASP JA 129 43.28 -16.24 63.92
C ASP JA 129 43.27 -16.74 65.36
N HIS JA 130 44.39 -16.66 66.06
CA HIS JA 130 44.55 -17.28 67.36
C HIS JA 130 45.08 -16.29 68.38
N VAL JA 131 44.69 -16.51 69.63
CA VAL JA 131 45.20 -15.70 70.74
C VAL JA 131 46.69 -16.01 70.93
N PRO JA 132 47.56 -15.00 70.97
CA PRO JA 132 49.00 -15.28 71.10
C PRO JA 132 49.33 -15.71 72.52
N SER JA 133 50.16 -16.77 72.62
CA SER JA 133 50.62 -17.28 73.90
C SER JA 133 52.02 -16.74 74.12
N THR JA 134 52.11 -15.64 74.87
CA THR JA 134 53.39 -14.99 75.12
C THR JA 134 53.31 -14.23 76.43
N GLU JA 135 54.43 -13.65 76.82
CA GLU JA 135 54.51 -12.84 78.03
C GLU JA 135 53.98 -11.44 77.75
N ASN JA 136 54.26 -10.51 78.67
CA ASN JA 136 53.91 -9.10 78.52
C ASN JA 136 52.40 -8.89 78.52
N LYS JA 137 51.71 -9.61 79.40
CA LYS JA 137 50.30 -9.33 79.66
C LYS JA 137 50.18 -8.33 80.80
N LEU JA 138 49.15 -7.49 80.72
CA LEU JA 138 49.04 -6.36 81.62
C LEU JA 138 47.89 -6.45 82.61
N CYS JA 139 46.86 -7.23 82.32
CA CYS JA 139 45.73 -7.39 83.24
C CYS JA 139 45.29 -8.85 83.19
N SER JA 140 45.83 -9.65 84.09
CA SER JA 140 45.52 -11.07 84.15
C SER JA 140 44.89 -11.45 85.48
N MET KA 1 -23.10 -11.49 -32.81
CA MET KA 1 -23.90 -11.17 -31.64
C MET KA 1 -23.70 -12.22 -30.58
N THR KA 2 -24.00 -11.88 -29.32
CA THR KA 2 -23.89 -12.84 -28.23
C THR KA 2 -24.78 -14.05 -28.52
N SER KA 3 -24.34 -15.22 -28.06
CA SER KA 3 -25.06 -16.46 -28.35
C SER KA 3 -26.48 -16.44 -27.84
N LEU KA 4 -26.81 -15.53 -26.93
CA LEU KA 4 -28.21 -15.32 -26.58
C LEU KA 4 -29.01 -14.93 -27.81
N GLU KA 5 -28.46 -14.03 -28.61
CA GLU KA 5 -29.13 -13.59 -29.82
C GLU KA 5 -29.27 -14.74 -30.81
N ILE KA 6 -28.21 -15.52 -31.00
CA ILE KA 6 -28.29 -16.64 -31.93
C ILE KA 6 -29.31 -17.66 -31.43
N ALA KA 7 -29.41 -17.84 -30.12
CA ALA KA 7 -30.44 -18.72 -29.58
C ALA KA 7 -31.83 -18.23 -29.96
N ILE KA 8 -32.10 -16.94 -29.69
CA ILE KA 8 -33.43 -16.39 -29.99
C ILE KA 8 -33.73 -16.51 -31.48
N ILE KA 9 -32.80 -16.06 -32.32
CA ILE KA 9 -33.05 -16.02 -33.75
C ILE KA 9 -33.17 -17.41 -34.33
N VAL KA 10 -32.37 -18.37 -33.84
CA VAL KA 10 -32.47 -19.73 -34.33
C VAL KA 10 -33.80 -20.34 -33.93
N ALA KA 11 -34.26 -20.09 -32.70
CA ALA KA 11 -35.58 -20.58 -32.31
C ALA KA 11 -36.66 -20.05 -33.23
N ILE KA 12 -36.66 -18.73 -33.46
CA ILE KA 12 -37.74 -18.13 -34.25
C ILE KA 12 -37.67 -18.61 -35.70
N VAL KA 13 -36.47 -18.61 -36.29
CA VAL KA 13 -36.32 -19.02 -37.68
C VAL KA 13 -36.66 -20.49 -37.85
N LEU KA 14 -36.32 -21.33 -36.86
CA LEU KA 14 -36.70 -22.73 -36.95
C LEU KA 14 -38.21 -22.90 -36.91
N VAL KA 15 -38.89 -22.19 -36.02
CA VAL KA 15 -40.35 -22.26 -35.97
C VAL KA 15 -40.94 -21.87 -37.32
N ILE KA 16 -40.46 -20.75 -37.87
CA ILE KA 16 -41.02 -20.25 -39.13
C ILE KA 16 -40.75 -21.23 -40.26
N ALA KA 17 -39.53 -21.76 -40.34
CA ALA KA 17 -39.18 -22.67 -41.41
C ALA KA 17 -39.99 -23.96 -41.33
N ILE KA 18 -40.18 -24.50 -40.13
CA ILE KA 18 -41.01 -25.70 -40.00
C ILE KA 18 -42.44 -25.41 -40.43
N ALA KA 19 -42.99 -24.26 -40.01
CA ALA KA 19 -44.34 -23.90 -40.40
C ALA KA 19 -44.48 -23.85 -41.92
N VAL KA 20 -43.53 -23.20 -42.59
CA VAL KA 20 -43.62 -23.05 -44.05
C VAL KA 20 -43.44 -24.39 -44.74
N GLY KA 21 -42.51 -25.22 -44.25
CA GLY KA 21 -42.31 -26.52 -44.87
C GLY KA 21 -43.55 -27.39 -44.82
N TRP KA 22 -44.17 -27.47 -43.65
CA TRP KA 22 -45.37 -28.29 -43.56
C TRP KA 22 -46.57 -27.62 -44.23
N TYR KA 23 -46.55 -26.30 -44.39
CA TYR KA 23 -47.51 -25.64 -45.27
C TYR KA 23 -47.38 -26.16 -46.70
N LEU KA 24 -46.14 -26.27 -47.18
CA LEU KA 24 -45.92 -26.81 -48.52
C LEU KA 24 -46.42 -28.24 -48.62
N TYR KA 25 -46.10 -29.07 -47.62
CA TYR KA 25 -46.59 -30.45 -47.64
C TYR KA 25 -48.11 -30.51 -47.68
N THR KA 26 -48.78 -29.67 -46.90
CA THR KA 26 -50.24 -29.70 -46.88
C THR KA 26 -50.81 -29.19 -48.20
N THR KA 27 -50.16 -28.20 -48.82
CA THR KA 27 -50.58 -27.76 -50.15
C THR KA 27 -50.51 -28.90 -51.14
N PHE KA 28 -49.41 -29.66 -51.13
CA PHE KA 28 -49.30 -30.80 -52.02
C PHE KA 28 -50.37 -31.84 -51.72
N ALA KA 29 -50.61 -32.12 -50.44
CA ALA KA 29 -51.60 -33.12 -50.07
C ALA KA 29 -53.01 -32.69 -50.44
N ALA KA 30 -53.27 -31.39 -50.50
CA ALA KA 30 -54.59 -30.92 -50.89
C ALA KA 30 -54.75 -30.90 -52.41
N ALA KA 31 -53.70 -30.49 -53.13
CA ALA KA 31 -53.76 -30.50 -54.57
C ALA KA 31 -53.78 -31.92 -55.14
N GLY KA 32 -53.29 -32.90 -54.39
CA GLY KA 32 -53.36 -34.27 -54.84
C GLY KA 32 -54.75 -34.87 -54.79
N GLN KA 33 -55.68 -34.22 -54.10
CA GLN KA 33 -57.05 -34.72 -53.96
C GLN KA 33 -58.01 -34.09 -54.96
N GLN KA 34 -57.48 -33.43 -56.00
CA GLN KA 34 -58.34 -32.88 -57.03
C GLN KA 34 -58.99 -34.02 -57.80
N THR KA 35 -60.32 -33.95 -57.93
CA THR KA 35 -61.08 -35.07 -58.44
C THR KA 35 -62.07 -34.60 -59.50
N GLY KA 36 -62.75 -35.57 -60.11
CA GLY KA 36 -63.72 -35.26 -61.14
C GLY KA 36 -64.27 -36.55 -61.70
N LEU KA 37 -65.44 -36.43 -62.32
CA LEU KA 37 -66.11 -37.59 -62.89
C LEU KA 37 -65.73 -37.77 -64.35
N THR KA 38 -65.80 -39.03 -64.79
CA THR KA 38 -65.60 -39.36 -66.20
C THR KA 38 -66.53 -40.50 -66.55
N ALA KA 39 -66.99 -40.54 -67.80
CA ALA KA 39 -67.91 -41.55 -68.28
C ALA KA 39 -67.20 -42.44 -69.28
N THR KA 40 -67.56 -43.72 -69.29
CA THR KA 40 -67.01 -44.67 -70.24
C THR KA 40 -68.07 -45.37 -71.08
N LYS KA 41 -69.34 -45.23 -70.72
CA LYS KA 41 -70.42 -45.89 -71.45
C LYS KA 41 -71.76 -45.30 -71.06
N ALA KA 42 -72.57 -44.91 -72.04
CA ALA KA 42 -73.86 -44.30 -71.74
C ALA KA 42 -74.79 -44.55 -72.92
N THR KA 43 -75.95 -45.17 -72.64
CA THR KA 43 -76.95 -45.45 -73.66
C THR KA 43 -78.32 -45.26 -73.02
N ILE KA 44 -79.03 -44.20 -73.42
CA ILE KA 44 -80.37 -43.96 -72.89
C ILE KA 44 -81.29 -45.10 -73.32
N TYR KA 45 -82.02 -45.65 -72.35
CA TYR KA 45 -82.96 -46.73 -72.60
C TYR KA 45 -84.38 -46.20 -72.51
N VAL KA 46 -85.26 -46.73 -73.36
CA VAL KA 46 -86.67 -46.34 -73.37
C VAL KA 46 -87.50 -47.61 -73.29
N THR KA 47 -88.54 -47.58 -72.46
CA THR KA 47 -89.44 -48.71 -72.33
C THR KA 47 -90.61 -48.58 -73.31
N LYS KA 48 -91.43 -49.63 -73.35
CA LYS KA 48 -92.58 -49.62 -74.25
C LYS KA 48 -93.65 -48.63 -73.81
N ASP KA 49 -93.75 -48.37 -72.51
CA ASP KA 49 -94.81 -47.52 -71.97
C ASP KA 49 -94.39 -46.07 -71.82
N GLY KA 50 -93.21 -45.69 -72.32
CA GLY KA 50 -92.76 -44.32 -72.28
C GLY KA 50 -91.78 -43.99 -71.18
N ASN KA 51 -91.60 -44.87 -70.19
CA ASN KA 51 -90.62 -44.63 -69.15
C ASN KA 51 -89.21 -44.68 -69.72
N VAL KA 52 -88.43 -43.63 -69.45
CA VAL KA 52 -87.06 -43.54 -69.94
C VAL KA 52 -86.12 -43.50 -68.74
N TYR KA 53 -84.94 -44.08 -68.92
CA TYR KA 53 -83.94 -44.10 -67.86
C TYR KA 53 -82.56 -44.26 -68.49
N LEU KA 54 -81.60 -43.49 -67.99
CA LEU KA 54 -80.24 -43.54 -68.49
C LEU KA 54 -79.43 -44.56 -67.70
N ASN KA 55 -78.72 -45.43 -68.40
CA ASN KA 55 -77.94 -46.50 -67.80
C ASN KA 55 -76.47 -46.21 -68.10
N VAL KA 56 -75.83 -45.46 -67.22
CA VAL KA 56 -74.48 -44.95 -67.44
C VAL KA 56 -73.50 -45.71 -66.55
N THR KA 57 -72.22 -45.63 -66.90
CA THR KA 57 -71.14 -46.24 -66.14
C THR KA 57 -70.15 -45.14 -65.76
N LEU KA 58 -69.96 -44.94 -64.46
CA LEU KA 58 -69.14 -43.84 -63.96
C LEU KA 58 -67.85 -44.37 -63.36
N VAL KA 59 -66.82 -43.54 -63.41
CA VAL KA 59 -65.52 -43.83 -62.81
C VAL KA 59 -64.99 -42.54 -62.20
N PRO KA 60 -64.88 -42.44 -60.87
CA PRO KA 60 -64.36 -41.20 -60.28
C PRO KA 60 -62.86 -41.08 -60.48
N GLN KA 61 -62.46 -39.99 -61.11
CA GLN KA 61 -61.04 -39.67 -61.30
C GLN KA 61 -60.58 -38.94 -60.05
N GLY KA 62 -59.50 -39.42 -59.45
CA GLY KA 62 -59.00 -38.88 -58.21
C GLY KA 62 -59.21 -39.84 -57.07
N ALA KA 63 -59.12 -39.29 -55.85
CA ALA KA 63 -59.40 -40.04 -54.63
C ALA KA 63 -60.31 -39.18 -53.77
N ALA KA 64 -61.61 -39.25 -54.07
CA ALA KA 64 -62.60 -38.47 -53.33
C ALA KA 64 -63.99 -39.01 -53.66
N GLN KA 65 -64.97 -38.51 -52.94
CA GLN KA 65 -66.37 -38.85 -53.15
C GLN KA 65 -67.01 -37.64 -53.85
N VAL KA 66 -67.05 -37.68 -55.18
CA VAL KA 66 -67.58 -36.56 -55.95
C VAL KA 66 -69.08 -36.43 -55.70
N ALA KA 67 -69.57 -35.20 -55.80
CA ALA KA 67 -70.98 -34.90 -55.59
C ALA KA 67 -71.59 -34.41 -56.90
N ILE KA 68 -72.62 -35.12 -57.36
CA ILE KA 68 -73.32 -34.78 -58.59
C ILE KA 68 -74.36 -33.72 -58.27
N SER KA 69 -74.34 -32.61 -59.01
CA SER KA 69 -75.27 -31.52 -58.76
C SER KA 69 -76.54 -31.65 -59.59
N SER KA 70 -76.41 -31.83 -60.90
CA SER KA 70 -77.57 -31.90 -61.77
C SER KA 70 -77.16 -32.58 -63.08
N ILE KA 71 -78.15 -33.18 -63.73
CA ILE KA 71 -77.97 -33.83 -65.03
C ILE KA 71 -78.79 -33.06 -66.06
N GLU KA 72 -78.14 -32.70 -67.16
CA GLU KA 72 -78.79 -31.97 -68.24
C GLU KA 72 -78.64 -32.79 -69.52
N VAL KA 73 -79.76 -33.29 -70.04
CA VAL KA 73 -79.77 -34.12 -71.24
C VAL KA 73 -80.79 -33.55 -72.21
N ALA KA 74 -80.33 -33.19 -73.41
CA ALA KA 74 -81.21 -32.70 -74.48
C ALA KA 74 -82.02 -31.50 -74.03
N GLY KA 75 -81.38 -30.61 -73.28
CA GLY KA 75 -82.01 -29.38 -72.85
C GLY KA 75 -82.86 -29.49 -71.61
N VAL KA 76 -83.19 -30.69 -71.16
CA VAL KA 76 -83.99 -30.90 -69.95
C VAL KA 76 -83.04 -31.09 -68.78
N SER KA 77 -83.09 -30.18 -67.82
CA SER KA 77 -82.25 -30.26 -66.63
C SER KA 77 -82.97 -31.04 -65.54
N ILE KA 78 -82.21 -31.83 -64.80
CA ILE KA 78 -82.77 -32.68 -63.75
C ILE KA 78 -81.96 -32.52 -62.48
N PRO KA 79 -82.51 -31.90 -61.44
CA PRO KA 79 -81.75 -31.73 -60.20
C PRO KA 79 -81.63 -33.04 -59.44
N CYS KA 80 -80.59 -33.10 -58.60
CA CYS KA 80 -80.33 -34.26 -57.77
C CYS KA 80 -80.13 -33.79 -56.33
N THR KA 81 -81.02 -34.20 -55.44
CA THR KA 81 -80.99 -33.77 -54.05
C THR KA 81 -80.84 -34.94 -53.08
N SER KA 82 -80.66 -36.16 -53.58
CA SER KA 82 -80.50 -37.32 -52.73
C SER KA 82 -79.72 -38.38 -53.47
N SER KA 83 -78.92 -39.15 -52.73
CA SER KA 83 -78.09 -40.20 -53.30
C SER KA 83 -77.16 -39.67 -54.39
N ASN KA 84 -76.76 -38.41 -54.27
CA ASN KA 84 -75.95 -37.73 -55.28
C ASN KA 84 -74.45 -37.93 -55.07
N LEU KA 85 -74.05 -39.00 -54.39
CA LEU KA 85 -72.64 -39.30 -54.16
C LEU KA 85 -72.24 -40.52 -54.97
N VAL KA 86 -71.06 -40.45 -55.57
CA VAL KA 86 -70.48 -41.57 -56.31
C VAL KA 86 -69.40 -42.17 -55.43
N LYS KA 87 -69.68 -43.35 -54.87
CA LYS KA 87 -68.79 -43.95 -53.89
C LYS KA 87 -67.69 -44.78 -54.52
N ALA KA 88 -67.95 -45.40 -55.66
CA ALA KA 88 -66.99 -46.33 -56.26
C ALA KA 88 -67.33 -46.48 -57.74
N PRO KA 89 -66.37 -46.88 -58.56
CA PRO KA 89 -66.67 -47.11 -59.99
C PRO KA 89 -67.69 -48.22 -60.15
N GLY KA 90 -68.60 -48.03 -61.09
CA GLY KA 90 -69.62 -49.02 -61.35
C GLY KA 90 -70.66 -48.50 -62.32
N GLU KA 91 -71.72 -49.28 -62.47
CA GLU KA 91 -72.82 -48.96 -63.36
C GLU KA 91 -73.95 -48.35 -62.56
N TYR KA 92 -74.44 -47.18 -62.99
CA TYR KA 92 -75.47 -46.46 -62.26
C TYR KA 92 -76.64 -46.16 -63.19
N VAL KA 93 -77.82 -46.03 -62.59
CA VAL KA 93 -79.07 -45.86 -63.32
C VAL KA 93 -79.73 -44.57 -62.87
N ILE KA 94 -80.04 -43.69 -63.82
CA ILE KA 94 -80.67 -42.40 -63.55
C ILE KA 94 -81.98 -42.36 -64.31
N GLU KA 95 -83.08 -42.10 -63.59
CA GLU KA 95 -84.38 -41.96 -64.23
C GLU KA 95 -84.54 -40.55 -64.79
N LEU KA 96 -84.86 -40.47 -66.08
CA LEU KA 96 -85.21 -39.21 -66.73
C LEU KA 96 -86.72 -39.03 -66.59
N SER KA 97 -87.14 -37.83 -66.19
CA SER KA 97 -88.52 -37.65 -65.75
C SER KA 97 -89.49 -37.57 -66.93
N SER KA 98 -89.34 -36.56 -67.79
CA SER KA 98 -90.35 -36.26 -68.79
C SER KA 98 -89.81 -36.15 -70.21
N VAL KA 99 -88.54 -36.48 -70.44
CA VAL KA 99 -87.99 -36.41 -71.79
C VAL KA 99 -88.67 -37.46 -72.66
N SER KA 100 -89.36 -37.02 -73.69
CA SER KA 100 -90.06 -37.91 -74.62
C SER KA 100 -89.22 -38.05 -75.88
N VAL KA 101 -88.68 -39.24 -76.10
CA VAL KA 101 -87.77 -39.51 -77.21
C VAL KA 101 -88.36 -40.63 -78.07
N SER KA 102 -87.62 -40.98 -79.11
CA SER KA 102 -88.00 -42.06 -80.01
C SER KA 102 -86.76 -42.84 -80.38
N VAL KA 103 -86.93 -44.15 -80.58
CA VAL KA 103 -85.80 -45.03 -80.81
C VAL KA 103 -85.04 -44.59 -82.05
N GLY KA 104 -83.72 -44.44 -81.91
CA GLY KA 104 -82.84 -44.09 -83.00
C GLY KA 104 -82.13 -42.75 -82.85
N GLN KA 105 -82.73 -41.82 -82.11
CA GLN KA 105 -82.16 -40.49 -81.99
C GLN KA 105 -80.83 -40.52 -81.26
N VAL KA 106 -80.08 -39.43 -81.40
CA VAL KA 106 -78.78 -39.26 -80.74
C VAL KA 106 -78.86 -38.02 -79.86
N LEU KA 107 -78.66 -38.21 -78.56
CA LEU KA 107 -78.79 -37.14 -77.58
C LEU KA 107 -77.45 -36.85 -76.93
N THR KA 108 -77.23 -35.59 -76.60
CA THR KA 108 -76.05 -35.20 -75.85
C THR KA 108 -76.40 -35.08 -74.37
N GLY KA 109 -75.46 -34.64 -73.55
CA GLY KA 109 -75.71 -34.52 -72.14
C GLY KA 109 -74.48 -34.03 -71.41
N ARG KA 110 -74.70 -33.62 -70.16
CA ARG KA 110 -73.64 -33.12 -69.30
C ARG KA 110 -73.96 -33.46 -67.86
N ILE KA 111 -72.96 -33.92 -67.13
CA ILE KA 111 -73.08 -34.16 -65.69
C ILE KA 111 -72.33 -33.06 -64.97
N VAL KA 112 -73.06 -32.19 -64.30
CA VAL KA 112 -72.48 -31.05 -63.60
C VAL KA 112 -72.18 -31.46 -62.17
N LEU KA 113 -70.91 -31.42 -61.80
CA LEU KA 113 -70.48 -31.73 -60.44
C LEU KA 113 -70.64 -30.52 -59.54
N ALA KA 114 -70.33 -30.69 -58.26
CA ALA KA 114 -70.41 -29.58 -57.33
C ALA KA 114 -69.13 -28.75 -57.32
N SER KA 115 -67.99 -29.37 -57.62
CA SER KA 115 -66.73 -28.65 -57.60
C SER KA 115 -66.52 -27.78 -58.84
N GLY KA 116 -67.25 -28.06 -59.92
CA GLY KA 116 -67.10 -27.27 -61.13
C GLY KA 116 -66.91 -28.09 -62.39
N ALA KA 117 -66.24 -29.24 -62.26
CA ALA KA 117 -65.96 -30.07 -63.42
C ALA KA 117 -67.25 -30.66 -63.98
N ILE KA 118 -67.17 -31.10 -65.24
CA ILE KA 118 -68.32 -31.62 -65.98
C ILE KA 118 -67.87 -32.83 -66.79
N SER KA 119 -68.82 -33.41 -67.54
CA SER KA 119 -68.56 -34.58 -68.37
C SER KA 119 -69.63 -34.73 -69.43
N PRO KA 120 -69.27 -34.87 -70.70
CA PRO KA 120 -70.26 -35.04 -71.76
C PRO KA 120 -70.70 -36.49 -71.92
N PHE KA 121 -71.72 -36.69 -72.76
CA PHE KA 121 -72.36 -37.99 -72.93
C PHE KA 121 -72.20 -38.59 -74.31
N THR KA 122 -72.64 -37.89 -75.36
CA THR KA 122 -72.85 -38.43 -76.71
C THR KA 122 -73.46 -39.83 -76.65
N ALA KA 123 -74.62 -39.90 -76.00
CA ALA KA 123 -75.30 -41.15 -75.73
C ALA KA 123 -76.52 -41.30 -76.63
N THR KA 124 -76.65 -42.45 -77.27
CA THR KA 124 -77.77 -42.73 -78.16
C THR KA 124 -78.91 -43.40 -77.40
N VAL KA 125 -80.02 -43.62 -78.11
CA VAL KA 125 -81.21 -44.25 -77.54
C VAL KA 125 -81.33 -45.66 -78.07
N VAL KA 126 -81.70 -46.59 -77.19
CA VAL KA 126 -81.91 -47.98 -77.55
C VAL KA 126 -83.18 -48.47 -76.87
N ALA KA 127 -83.92 -49.32 -77.55
CA ALA KA 127 -85.19 -49.82 -77.04
C ALA KA 127 -84.97 -50.87 -75.96
N ALA KA 128 -85.85 -50.88 -74.96
CA ALA KA 128 -85.79 -51.85 -73.88
C ALA KA 128 -87.21 -52.10 -73.39
N ASP KA 129 -87.36 -53.14 -72.55
CA ASP KA 129 -88.68 -53.59 -72.14
C ASP KA 129 -89.12 -53.00 -70.81
N HIS KA 130 -88.37 -53.25 -69.74
CA HIS KA 130 -88.82 -52.93 -68.40
C HIS KA 130 -87.77 -52.12 -67.65
N VAL KA 131 -88.24 -51.27 -66.75
CA VAL KA 131 -87.34 -50.51 -65.88
C VAL KA 131 -86.66 -51.46 -64.91
N PRO KA 132 -85.33 -51.42 -64.77
CA PRO KA 132 -84.66 -52.36 -63.87
C PRO KA 132 -84.86 -51.95 -62.42
N SER KA 133 -85.11 -52.96 -61.58
CA SER KA 133 -85.26 -52.77 -60.14
C SER KA 133 -83.95 -53.19 -59.49
N THR KA 134 -83.06 -52.22 -59.25
CA THR KA 134 -81.75 -52.51 -58.69
C THR KA 134 -81.26 -51.28 -57.94
N GLU KA 135 -80.13 -51.44 -57.27
CA GLU KA 135 -79.50 -50.35 -56.52
C GLU KA 135 -78.70 -49.48 -57.48
N ASN KA 136 -77.84 -48.63 -56.93
CA ASN KA 136 -76.96 -47.76 -57.70
C ASN KA 136 -77.75 -46.72 -58.49
N LYS KA 137 -78.75 -46.13 -57.85
CA LYS KA 137 -79.44 -44.97 -58.41
C LYS KA 137 -78.77 -43.71 -57.92
N LEU KA 138 -78.80 -42.67 -58.75
CA LEU KA 138 -78.04 -41.46 -58.48
C LEU KA 138 -78.87 -40.24 -58.15
N CYS KA 139 -80.11 -40.16 -58.62
CA CYS KA 139 -80.97 -39.00 -58.34
C CYS KA 139 -82.38 -39.52 -58.12
N SER KA 140 -82.72 -39.75 -56.86
CA SER KA 140 -84.04 -40.27 -56.49
C SER KA 140 -84.76 -39.29 -55.57
N MET LA 1 81.68 43.12 121.50
CA MET LA 1 83.06 42.80 121.81
C MET LA 1 83.93 44.05 121.74
N THR LA 2 85.22 43.91 122.00
CA THR LA 2 86.14 45.01 121.84
C THR LA 2 86.13 45.49 120.38
N SER LA 3 86.53 46.73 120.17
CA SER LA 3 86.49 47.31 118.83
C SER LA 3 87.41 46.57 117.86
N LEU LA 4 88.47 45.94 118.33
CA LEU LA 4 89.35 45.18 117.45
C LEU LA 4 88.62 44.00 116.83
N GLU LA 5 87.86 43.27 117.64
CA GLU LA 5 87.16 42.10 117.13
C GLU LA 5 86.07 42.50 116.15
N ILE LA 6 85.37 43.60 116.43
CA ILE LA 6 84.39 44.11 115.48
C ILE LA 6 85.08 44.54 114.19
N ALA LA 7 86.26 45.14 114.29
CA ALA LA 7 86.99 45.53 113.08
C ALA LA 7 87.32 44.31 112.23
N ILE LA 8 87.84 43.25 112.86
CA ILE LA 8 88.21 42.05 112.10
C ILE LA 8 86.98 41.42 111.45
N ILE LA 9 85.91 41.27 112.23
CA ILE LA 9 84.69 40.66 111.69
C ILE LA 9 84.14 41.51 110.55
N VAL LA 10 84.16 42.84 110.69
CA VAL LA 10 83.63 43.70 109.64
C VAL LA 10 84.48 43.59 108.39
N ALA LA 11 85.81 43.48 108.53
CA ALA LA 11 86.66 43.31 107.36
C ALA LA 11 86.29 42.03 106.60
N ILE LA 12 86.24 40.90 107.31
CA ILE LA 12 85.95 39.63 106.63
C ILE LA 12 84.55 39.66 106.02
N VAL LA 13 83.58 40.16 106.78
CA VAL LA 13 82.21 40.22 106.33
C VAL LA 13 82.05 41.11 105.10
N LEU LA 14 82.75 42.24 105.05
CA LEU LA 14 82.65 43.12 103.89
C LEU LA 14 83.30 42.48 102.66
N VAL LA 15 84.43 41.79 102.86
CA VAL LA 15 85.05 41.08 101.74
C VAL LA 15 84.07 40.07 101.15
N ILE LA 16 83.44 39.27 102.02
CA ILE LA 16 82.50 38.26 101.55
C ILE LA 16 81.31 38.91 100.86
N ALA LA 17 80.82 40.03 101.41
CA ALA LA 17 79.70 40.72 100.79
C ALA LA 17 80.02 41.17 99.38
N ILE LA 18 81.16 41.84 99.20
CA ILE LA 18 81.52 42.32 97.87
C ILE LA 18 81.69 41.15 96.91
N ALA LA 19 82.34 40.08 97.37
CA ALA LA 19 82.54 38.92 96.51
C ALA LA 19 81.22 38.36 96.02
N VAL LA 20 80.27 38.12 96.94
CA VAL LA 20 79.00 37.51 96.55
C VAL LA 20 78.19 38.47 95.67
N GLY LA 21 78.21 39.76 95.98
CA GLY LA 21 77.46 40.70 95.18
C GLY LA 21 77.93 40.76 93.73
N TRP LA 22 79.25 40.88 93.55
CA TRP LA 22 79.73 40.91 92.18
C TRP LA 22 79.70 39.54 91.51
N TYR LA 23 79.61 38.46 92.30
CA TYR LA 23 79.29 37.16 91.71
C TYR LA 23 77.89 37.17 91.11
N LEU LA 24 76.92 37.74 91.83
CA LEU LA 24 75.58 37.90 91.28
C LEU LA 24 75.61 38.72 90.00
N TYR LA 25 76.32 39.85 90.04
CA TYR LA 25 76.44 40.69 88.84
C TYR LA 25 77.01 39.91 87.66
N THR LA 26 78.08 39.15 87.90
CA THR LA 26 78.73 38.42 86.81
C THR LA 26 77.81 37.34 86.25
N THR LA 27 77.11 36.62 87.13
CA THR LA 27 76.19 35.59 86.67
C THR LA 27 75.07 36.21 85.84
N PHE LA 28 74.56 37.37 86.26
CA PHE LA 28 73.52 38.03 85.47
C PHE LA 28 74.05 38.48 84.11
N ALA LA 29 75.27 39.02 84.08
CA ALA LA 29 75.83 39.49 82.82
C ALA LA 29 76.14 38.32 81.88
N ALA LA 30 76.43 37.15 82.44
CA ALA LA 30 76.69 35.98 81.59
C ALA LA 30 75.38 35.34 81.13
N ALA LA 31 74.33 35.42 81.94
CA ALA LA 31 73.05 34.86 81.56
C ALA LA 31 72.30 35.74 80.58
N GLY LA 32 72.51 37.05 80.62
CA GLY LA 32 71.82 37.94 79.69
C GLY LA 32 72.28 37.79 78.26
N GLN LA 33 73.40 37.11 78.02
CA GLN LA 33 73.94 36.92 76.69
C GLN LA 33 73.65 35.53 76.14
N GLN LA 34 72.57 34.90 76.59
CA GLN LA 34 72.13 33.66 75.99
C GLN LA 34 71.56 33.94 74.60
N THR LA 35 71.91 33.10 73.63
CA THR LA 35 71.62 33.41 72.25
C THR LA 35 71.00 32.19 71.56
N GLY LA 36 70.69 32.38 70.28
CA GLY LA 36 70.10 31.32 69.49
C GLY LA 36 69.70 31.86 68.13
N LEU LA 37 69.61 30.95 67.18
CA LEU LA 37 69.27 31.30 65.81
C LEU LA 37 67.77 31.26 65.59
N THR LA 38 67.32 32.02 64.59
CA THR LA 38 65.94 31.97 64.14
C THR LA 38 65.92 32.23 62.64
N ALA LA 39 64.95 31.65 61.95
CA ALA LA 39 64.83 31.77 60.50
C ALA LA 39 63.59 32.58 60.18
N THR LA 40 63.68 33.42 59.15
CA THR LA 40 62.55 34.21 58.72
C THR LA 40 62.14 33.94 57.28
N LYS LA 41 62.95 33.21 56.51
CA LYS LA 41 62.64 32.93 55.12
C LYS LA 41 63.54 31.82 54.60
N ALA LA 42 62.98 30.81 53.95
CA ALA LA 42 63.77 29.71 53.43
C ALA LA 42 63.04 29.09 52.25
N THR LA 43 63.73 28.98 51.11
CA THR LA 43 63.17 28.37 49.91
C THR LA 43 64.29 27.66 49.18
N ILE LA 44 64.30 26.32 49.25
CA ILE LA 44 65.31 25.56 48.54
C ILE LA 44 65.20 25.82 47.04
N TYR LA 45 66.30 26.22 46.42
CA TYR LA 45 66.34 26.46 44.99
C TYR LA 45 67.04 25.31 44.29
N VAL LA 46 66.56 24.97 43.10
CA VAL LA 46 67.14 23.91 42.28
C VAL LA 46 67.46 24.48 40.91
N THR LA 47 68.63 24.14 40.39
CA THR LA 47 69.03 24.57 39.06
C THR LA 47 68.57 23.56 38.01
N LYS LA 48 68.77 23.92 36.75
CA LYS LA 48 68.39 23.02 35.66
C LYS LA 48 69.31 21.81 35.58
N ASP LA 49 70.56 21.96 36.01
CA ASP LA 49 71.54 20.89 35.90
C ASP LA 49 71.61 20.00 37.13
N GLY LA 50 70.71 20.19 38.09
CA GLY LA 50 70.65 19.34 39.27
C GLY LA 50 71.27 19.92 40.52
N ASN LA 51 71.99 21.02 40.41
CA ASN LA 51 72.58 21.65 41.59
C ASN LA 51 71.48 22.26 42.45
N VAL LA 52 71.51 21.95 43.75
CA VAL LA 52 70.55 22.50 44.70
C VAL LA 52 71.31 23.31 45.74
N TYR LA 53 70.65 24.34 46.25
CA TYR LA 53 71.25 25.20 47.25
C TYR LA 53 70.13 25.92 48.00
N LEU LA 54 70.30 26.05 49.31
CA LEU LA 54 69.32 26.69 50.17
C LEU LA 54 69.63 28.17 50.28
N ASN LA 55 68.60 29.01 50.17
CA ASN LA 55 68.74 30.45 50.25
C ASN LA 55 67.92 30.93 51.45
N VAL LA 56 68.55 30.94 52.62
CA VAL LA 56 67.87 31.18 53.88
C VAL LA 56 68.27 32.55 54.41
N THR LA 57 67.46 33.07 55.33
CA THR LA 57 67.71 34.35 55.98
C THR LA 57 67.69 34.15 57.49
N LEU LA 58 68.83 34.42 58.14
CA LEU LA 58 68.98 34.18 59.56
C LEU LA 58 69.04 35.49 60.33
N VAL LA 59 68.63 35.42 61.60
CA VAL LA 59 68.72 36.55 62.51
C VAL LA 59 69.13 36.02 63.88
N PRO LA 60 70.32 36.36 64.38
CA PRO LA 60 70.71 35.88 65.71
C PRO LA 60 69.91 36.55 66.80
N GLN LA 61 69.32 35.73 67.66
CA GLN LA 61 68.54 36.22 68.81
C GLN LA 61 69.50 36.41 69.97
N GLY LA 62 69.59 37.64 70.45
CA GLY LA 62 70.50 37.99 71.53
C GLY LA 62 71.69 38.77 71.00
N ALA LA 63 72.74 38.79 71.81
CA ALA LA 63 73.98 39.48 71.47
C ALA LA 63 75.13 38.49 71.60
N ALA LA 64 75.37 37.73 70.53
CA ALA LA 64 76.46 36.77 70.51
C ALA LA 64 76.70 36.34 69.07
N GLN LA 65 77.76 35.55 68.89
CA GLN LA 65 78.12 34.98 67.59
C GLN LA 65 77.80 33.49 67.66
N VAL LA 66 76.62 33.11 67.17
CA VAL LA 66 76.22 31.72 67.22
C VAL LA 66 77.09 30.89 66.27
N ALA LA 67 77.32 29.64 66.64
CA ALA LA 67 78.11 28.72 65.84
C ALA LA 67 77.22 27.59 65.35
N ILE LA 68 77.14 27.43 64.03
CA ILE LA 68 76.30 26.42 63.40
C ILE LA 68 77.07 25.11 63.38
N SER LA 69 76.45 24.04 63.85
CA SER LA 69 77.11 22.74 63.89
C SER LA 69 76.84 21.94 62.62
N SER LA 70 75.58 21.76 62.25
CA SER LA 70 75.23 20.97 61.07
C SER LA 70 73.83 21.34 60.61
N ILE LA 71 73.57 21.05 59.34
CA ILE LA 71 72.27 21.27 58.72
C ILE LA 71 71.70 19.93 58.30
N GLU LA 72 70.46 19.66 58.69
CA GLU LA 72 69.79 18.42 58.35
C GLU LA 72 68.50 18.76 57.62
N VAL LA 73 68.44 18.43 56.33
CA VAL LA 73 67.28 18.74 55.50
C VAL LA 73 66.82 17.45 54.83
N ALA LA 74 65.55 17.09 55.07
CA ALA LA 74 64.92 15.94 54.43
C ALA LA 74 65.71 14.65 54.68
N GLY LA 75 66.22 14.51 55.90
CA GLY LA 75 66.93 13.31 56.29
C GLY LA 75 68.40 13.29 55.94
N VAL LA 76 68.88 14.19 55.10
CA VAL LA 76 70.28 14.25 54.72
C VAL LA 76 70.97 15.26 55.62
N SER LA 77 71.96 14.81 56.39
CA SER LA 77 72.73 15.66 57.27
C SER LA 77 73.93 16.21 56.54
N ILE LA 78 74.30 17.45 56.85
CA ILE LA 78 75.41 18.12 56.20
C ILE LA 78 76.29 18.79 57.25
N PRO LA 79 77.52 18.34 57.45
CA PRO LA 79 78.40 18.98 58.43
C PRO LA 79 78.89 20.33 57.95
N CYS LA 80 79.25 21.17 58.92
CA CYS LA 80 79.79 22.50 58.66
C CYS LA 80 81.05 22.68 59.50
N THR LA 81 82.20 22.74 58.83
CA THR LA 81 83.49 22.84 59.50
C THR LA 81 84.23 24.12 59.18
N SER LA 82 83.64 25.01 58.39
CA SER LA 82 84.28 26.27 58.03
C SER LA 82 83.21 27.31 57.75
N SER LA 83 83.50 28.56 58.11
CA SER LA 83 82.58 29.68 57.93
C SER LA 83 81.24 29.42 58.62
N ASN LA 84 81.26 28.69 59.73
CA ASN LA 84 80.05 28.30 60.43
C ASN LA 84 79.61 29.31 61.49
N LEU LA 85 80.01 30.57 61.34
CA LEU LA 85 79.64 31.62 62.27
C LEU LA 85 78.68 32.60 61.60
N VAL LA 86 77.63 32.97 62.32
CA VAL LA 86 76.67 33.97 61.85
C VAL LA 86 77.02 35.29 62.51
N LYS LA 87 77.63 36.18 61.75
CA LYS LA 87 78.16 37.42 62.31
C LYS LA 87 77.09 38.49 62.48
N ALA LA 88 76.09 38.53 61.62
CA ALA LA 88 75.09 39.60 61.63
C ALA LA 88 73.88 39.12 60.85
N PRO LA 89 72.70 39.68 61.13
CA PRO LA 89 71.50 39.29 60.37
C PRO LA 89 71.67 39.58 58.89
N GLY LA 90 71.22 38.63 58.07
CA GLY LA 90 71.31 38.79 56.63
C GLY LA 90 70.86 37.53 55.93
N GLU LA 91 71.01 37.56 54.61
CA GLU LA 91 70.64 36.44 53.75
C GLU LA 91 71.87 35.59 53.49
N TYR LA 92 71.78 34.30 53.82
CA TYR LA 92 72.91 33.39 53.68
C TYR LA 92 72.54 32.24 52.77
N VAL LA 93 73.55 31.69 52.10
CA VAL LA 93 73.36 30.65 51.09
C VAL LA 93 74.10 29.40 51.54
N ILE LA 94 73.38 28.29 51.62
CA ILE LA 94 73.94 27.00 52.04
C ILE LA 94 73.81 26.04 50.87
N GLU LA 95 74.92 25.42 50.49
CA GLU LA 95 74.91 24.44 49.40
C GLU LA 95 74.55 23.06 49.93
N LEU LA 96 73.53 22.45 49.34
CA LEU LA 96 73.16 21.07 49.64
C LEU LA 96 73.90 20.16 48.66
N SER LA 97 74.52 19.10 49.17
CA SER LA 97 75.49 18.36 48.38
C SER LA 97 74.79 17.45 47.36
N SER LA 98 74.03 16.47 47.84
CA SER LA 98 73.55 15.39 46.97
C SER LA 98 72.04 15.17 47.04
N VAL LA 99 71.30 16.03 47.72
CA VAL LA 99 69.85 15.84 47.81
C VAL LA 99 69.24 16.05 46.43
N SER LA 100 68.54 15.03 45.94
CA SER LA 100 67.89 15.09 44.63
C SER LA 100 66.39 15.30 44.84
N VAL LA 101 65.90 16.46 44.44
CA VAL LA 101 64.52 16.84 44.65
C VAL LA 101 63.88 17.13 43.30
N SER LA 102 62.60 17.51 43.34
CA SER LA 102 61.85 17.88 42.15
C SER LA 102 60.95 19.06 42.50
N VAL LA 103 60.76 19.94 41.52
CA VAL LA 103 60.01 21.17 41.77
C VAL LA 103 58.62 20.85 42.30
N GLY LA 104 58.25 21.48 43.41
CA GLY LA 104 56.93 21.36 44.00
C GLY LA 104 56.92 20.75 45.39
N GLN LA 105 57.88 19.87 45.68
CA GLN LA 105 57.89 19.17 46.96
C GLN LA 105 58.06 20.15 48.12
N VAL LA 106 57.74 19.68 49.32
CA VAL LA 106 57.85 20.47 50.54
C VAL LA 106 58.78 19.74 51.50
N LEU LA 107 59.89 20.40 51.86
CA LEU LA 107 60.90 19.81 52.73
C LEU LA 107 61.03 20.63 54.01
N THR LA 108 61.21 19.92 55.11
CA THR LA 108 61.50 20.57 56.39
C THR LA 108 62.99 20.43 56.69
N GLY LA 109 63.41 20.86 57.88
CA GLY LA 109 64.82 20.80 58.21
C GLY LA 109 65.09 21.38 59.58
N ARG LA 110 66.37 21.40 59.93
CA ARG LA 110 66.84 21.94 61.19
C ARG LA 110 68.21 22.58 61.00
N ILE LA 111 68.49 23.60 61.80
CA ILE LA 111 69.84 24.12 61.96
C ILE LA 111 70.27 23.86 63.39
N VAL LA 112 71.19 22.92 63.58
CA VAL LA 112 71.67 22.55 64.90
C VAL LA 112 72.84 23.45 65.26
N LEU LA 113 72.70 24.18 66.36
CA LEU LA 113 73.73 25.09 66.83
C LEU LA 113 74.73 24.34 67.69
N ALA LA 114 75.75 25.06 68.15
CA ALA LA 114 76.77 24.45 68.99
C ALA LA 114 76.31 24.32 70.44
N SER LA 115 75.51 25.25 70.92
CA SER LA 115 75.03 25.20 72.29
C SER LA 115 73.97 24.13 72.50
N GLY LA 116 73.09 23.91 71.53
CA GLY LA 116 72.03 22.93 71.68
C GLY LA 116 70.71 23.38 71.10
N ALA LA 117 70.46 24.69 71.08
CA ALA LA 117 69.25 25.20 70.46
C ALA LA 117 69.27 24.93 68.95
N ILE LA 118 68.08 24.88 68.36
CA ILE LA 118 67.91 24.55 66.96
C ILE LA 118 66.93 25.54 66.33
N SER LA 119 66.64 25.34 65.05
CA SER LA 119 65.71 26.16 64.31
C SER LA 119 65.21 25.37 63.10
N PRO LA 120 63.91 25.16 62.96
CA PRO LA 120 63.37 24.37 61.85
C PRO LA 120 63.03 25.23 60.63
N PHE LA 121 62.77 24.54 59.51
CA PHE LA 121 62.64 25.21 58.22
C PHE LA 121 61.25 25.14 57.62
N THR LA 122 60.76 23.94 57.30
CA THR LA 122 59.59 23.75 56.44
C THR LA 122 59.65 24.69 55.23
N ALA LA 123 60.62 24.41 54.36
CA ALA LA 123 60.90 25.23 53.20
C ALA LA 123 60.53 24.49 51.92
N THR LA 124 59.85 25.19 51.02
CA THR LA 124 59.43 24.61 49.75
C THR LA 124 60.56 24.71 48.72
N VAL LA 125 60.37 24.02 47.59
CA VAL LA 125 61.35 23.99 46.51
C VAL LA 125 60.83 24.85 45.37
N VAL LA 126 61.73 25.62 44.75
CA VAL LA 126 61.40 26.48 43.64
C VAL LA 126 62.51 26.38 42.60
N ALA LA 127 62.13 26.45 41.33
CA ALA LA 127 63.06 26.30 40.23
C ALA LA 127 63.85 27.59 40.02
N ALA LA 128 65.14 27.43 39.74
CA ALA LA 128 66.02 28.56 39.46
C ALA LA 128 67.01 28.16 38.38
N ASP LA 129 67.76 29.14 37.89
CA ASP LA 129 68.62 28.92 36.73
C ASP LA 129 70.06 28.57 37.12
N HIS LA 130 70.73 29.46 37.84
CA HIS LA 130 72.16 29.34 38.09
C HIS LA 130 72.47 29.51 39.57
N VAL LA 131 73.52 28.83 40.00
CA VAL LA 131 74.01 28.99 41.38
C VAL LA 131 74.57 30.39 41.55
N PRO LA 132 74.14 31.14 42.56
CA PRO LA 132 74.63 32.52 42.70
C PRO LA 132 76.07 32.54 43.18
N SER LA 133 76.86 33.41 42.56
CA SER LA 133 78.26 33.61 42.93
C SER LA 133 78.33 34.84 43.82
N THR LA 134 78.27 34.63 45.14
CA THR LA 134 78.27 35.73 46.08
C THR LA 134 78.85 35.24 47.40
N GLU LA 135 79.01 36.17 48.33
CA GLU LA 135 79.53 35.86 49.66
C GLU LA 135 78.40 35.31 50.52
N ASN LA 136 78.63 35.27 51.83
CA ASN LA 136 77.61 34.87 52.81
C ASN LA 136 77.27 33.39 52.68
N LYS LA 137 78.29 32.56 52.47
CA LYS LA 137 78.11 31.12 52.53
C LYS LA 137 78.40 30.63 53.94
N LEU LA 138 77.68 29.59 54.36
CA LEU LA 138 77.73 29.15 55.74
C LEU LA 138 78.45 27.82 55.95
N CYS LA 139 78.49 26.95 54.94
CA CYS LA 139 79.15 25.65 55.08
C CYS LA 139 79.88 25.36 53.77
N SER LA 140 81.15 25.72 53.71
CA SER LA 140 81.96 25.52 52.52
C SER LA 140 83.10 24.54 52.80
N MET MA 1 -22.41 -14.07 -36.84
CA MET MA 1 -23.29 -12.98 -37.19
C MET MA 1 -23.66 -12.13 -35.98
N THR MA 2 -23.84 -10.84 -36.20
CA THR MA 2 -24.60 -10.01 -35.28
C THR MA 2 -26.03 -9.89 -35.78
N SER MA 3 -26.91 -9.33 -34.95
CA SER MA 3 -28.26 -9.06 -35.43
C SER MA 3 -28.32 -7.90 -36.41
N LEU MA 4 -27.25 -7.11 -36.50
CA LEU MA 4 -27.19 -6.11 -37.55
C LEU MA 4 -27.17 -6.81 -38.91
N GLU MA 5 -26.44 -7.92 -39.00
CA GLU MA 5 -26.44 -8.74 -40.21
C GLU MA 5 -27.87 -9.13 -40.61
N ILE MA 6 -28.60 -9.74 -39.68
CA ILE MA 6 -29.93 -10.22 -40.00
C ILE MA 6 -30.87 -9.06 -40.28
N ALA MA 7 -30.69 -7.93 -39.58
CA ALA MA 7 -31.51 -6.76 -39.85
C ALA MA 7 -31.35 -6.31 -41.30
N ILE MA 8 -30.11 -6.07 -41.72
CA ILE MA 8 -29.87 -5.58 -43.07
C ILE MA 8 -30.34 -6.60 -44.11
N ILE MA 9 -29.98 -7.86 -43.92
CA ILE MA 9 -30.32 -8.87 -44.91
C ILE MA 9 -31.82 -9.09 -44.99
N VAL MA 10 -32.52 -9.05 -43.85
CA VAL MA 10 -33.96 -9.24 -43.87
C VAL MA 10 -34.64 -8.06 -44.54
N ALA MA 11 -34.15 -6.84 -44.28
CA ALA MA 11 -34.72 -5.68 -44.97
C ALA MA 11 -34.59 -5.84 -46.49
N ILE MA 12 -33.39 -6.16 -46.95
CA ILE MA 12 -33.15 -6.22 -48.39
C ILE MA 12 -33.92 -7.38 -49.03
N VAL MA 13 -33.88 -8.55 -48.40
CA VAL MA 13 -34.57 -9.71 -48.96
C VAL MA 13 -36.08 -9.51 -48.93
N LEU MA 14 -36.62 -8.84 -47.91
CA LEU MA 14 -38.04 -8.54 -47.89
C LEU MA 14 -38.41 -7.60 -49.03
N VAL MA 15 -37.62 -6.56 -49.25
CA VAL MA 15 -37.88 -5.66 -50.37
C VAL MA 15 -37.90 -6.42 -51.68
N ILE MA 16 -36.88 -7.27 -51.90
CA ILE MA 16 -36.78 -8.00 -53.15
C ILE MA 16 -37.95 -8.96 -53.32
N ALA MA 17 -38.31 -9.67 -52.25
CA ALA MA 17 -39.40 -10.65 -52.34
C ALA MA 17 -40.73 -9.97 -52.61
N ILE MA 18 -41.00 -8.83 -51.97
CA ILE MA 18 -42.23 -8.11 -52.24
C ILE MA 18 -42.26 -7.64 -53.69
N ALA MA 19 -41.13 -7.10 -54.17
CA ALA MA 19 -41.07 -6.65 -55.55
C ALA MA 19 -41.38 -7.79 -56.52
N VAL MA 20 -40.76 -8.95 -56.31
CA VAL MA 20 -40.98 -10.06 -57.23
C VAL MA 20 -42.41 -10.60 -57.13
N GLY MA 21 -42.96 -10.66 -55.92
CA GLY MA 21 -44.32 -11.15 -55.77
C GLY MA 21 -45.33 -10.28 -56.51
N TRP MA 22 -45.25 -8.96 -56.30
CA TRP MA 22 -46.19 -8.11 -57.00
C TRP MA 22 -45.86 -7.98 -58.49
N TYR MA 23 -44.61 -8.27 -58.88
CA TYR MA 23 -44.31 -8.44 -60.30
C TYR MA 23 -45.08 -9.61 -60.88
N LEU MA 24 -45.13 -10.73 -60.16
CA LEU MA 24 -45.92 -11.87 -60.62
C LEU MA 24 -47.40 -11.49 -60.72
N TYR MA 25 -47.90 -10.78 -59.71
CA TYR MA 25 -49.29 -10.32 -59.76
C TYR MA 25 -49.56 -9.47 -60.99
N THR MA 26 -48.67 -8.53 -61.30
CA THR MA 26 -48.90 -7.65 -62.44
C THR MA 26 -48.79 -8.41 -63.75
N THR MA 27 -47.87 -9.37 -63.82
CA THR MA 27 -47.78 -10.20 -65.02
C THR MA 27 -49.07 -10.97 -65.25
N PHE MA 28 -49.62 -11.54 -64.18
CA PHE MA 28 -50.89 -12.26 -64.32
C PHE MA 28 -52.01 -11.30 -64.74
N ALA MA 29 -52.05 -10.11 -64.14
CA ALA MA 29 -53.10 -9.15 -64.47
C ALA MA 29 -52.97 -8.67 -65.91
N ALA MA 30 -51.77 -8.64 -66.46
CA ALA MA 30 -51.60 -8.23 -67.84
C ALA MA 30 -51.93 -9.37 -68.80
N ALA MA 31 -51.52 -10.59 -68.48
CA ALA MA 31 -51.84 -11.72 -69.34
C ALA MA 31 -53.32 -12.07 -69.32
N GLY MA 32 -54.04 -11.67 -68.27
CA GLY MA 32 -55.47 -11.92 -68.25
C GLY MA 32 -56.27 -11.06 -69.19
N GLN MA 33 -55.65 -10.01 -69.76
CA GLN MA 33 -56.34 -9.08 -70.65
C GLN MA 33 -56.10 -9.39 -72.12
N GLN MA 34 -55.61 -10.59 -72.44
CA GLN MA 34 -55.42 -10.96 -73.83
C GLN MA 34 -56.77 -11.10 -74.51
N THR MA 35 -56.94 -10.41 -75.64
CA THR MA 35 -58.26 -10.24 -76.23
C THR MA 35 -58.19 -10.47 -77.74
N GLY MA 36 -59.37 -10.46 -78.36
CA GLY MA 36 -59.47 -10.66 -79.78
C GLY MA 36 -60.93 -10.75 -80.18
N LEU MA 37 -61.18 -10.52 -81.46
CA LEU MA 37 -62.54 -10.60 -81.98
C LEU MA 37 -62.89 -12.01 -82.41
N THR MA 38 -64.19 -12.28 -82.41
CA THR MA 38 -64.75 -13.49 -82.99
C THR MA 38 -66.09 -13.12 -83.61
N ALA MA 39 -66.46 -13.79 -84.69
CA ALA MA 39 -67.68 -13.50 -85.41
C ALA MA 39 -68.64 -14.66 -85.27
N THR MA 40 -69.93 -14.36 -85.28
CA THR MA 40 -70.96 -15.38 -85.17
C THR MA 40 -71.99 -15.32 -86.29
N LYS MA 41 -71.96 -14.30 -87.13
CA LYS MA 41 -72.93 -14.15 -88.21
C LYS MA 41 -72.46 -13.10 -89.20
N ALA MA 42 -72.45 -13.43 -90.49
CA ALA MA 42 -72.01 -12.49 -91.50
C ALA MA 42 -72.66 -12.85 -92.82
N THR MA 43 -73.36 -11.89 -93.42
CA THR MA 43 -74.01 -12.08 -94.72
C THR MA 43 -73.86 -10.81 -95.52
N ILE MA 44 -73.04 -10.83 -96.56
CA ILE MA 44 -72.85 -9.66 -97.40
C ILE MA 44 -74.16 -9.33 -98.10
N TYR MA 45 -74.59 -8.08 -97.99
CA TYR MA 45 -75.82 -7.62 -98.60
C TYR MA 45 -75.49 -6.77 -99.82
N VAL MA 46 -76.34 -6.86 -100.85
CA VAL MA 46 -76.18 -6.10 -102.08
C VAL MA 46 -77.50 -5.44 -102.41
N THR MA 47 -77.45 -4.19 -102.85
CA THR MA 47 -78.64 -3.45 -103.22
C THR MA 47 -78.88 -3.56 -104.72
N LYS MA 48 -80.01 -3.01 -105.17
CA LYS MA 48 -80.34 -3.05 -106.59
C LYS MA 48 -79.45 -2.11 -107.39
N ASP MA 49 -78.94 -1.05 -106.77
CA ASP MA 49 -78.16 -0.04 -107.48
C ASP MA 49 -76.66 -0.30 -107.43
N GLY MA 50 -76.24 -1.43 -106.86
CA GLY MA 50 -74.84 -1.79 -106.81
C GLY MA 50 -74.16 -1.51 -105.49
N ASN MA 51 -74.80 -0.78 -104.57
CA ASN MA 51 -74.22 -0.55 -103.26
C ASN MA 51 -74.14 -1.86 -102.49
N VAL MA 52 -72.94 -2.21 -102.05
CA VAL MA 52 -72.70 -3.45 -101.31
C VAL MA 52 -72.16 -3.10 -99.94
N TYR MA 53 -72.61 -3.84 -98.93
CA TYR MA 53 -72.22 -3.56 -97.55
C TYR MA 53 -72.34 -4.85 -96.74
N LEU MA 54 -71.43 -5.02 -95.79
CA LEU MA 54 -71.40 -6.21 -94.95
C LEU MA 54 -72.15 -5.93 -93.66
N ASN MA 55 -72.96 -6.90 -93.22
CA ASN MA 55 -73.75 -6.79 -92.00
C ASN MA 55 -73.32 -7.91 -91.07
N VAL MA 56 -72.32 -7.64 -90.24
CA VAL MA 56 -71.69 -8.66 -89.41
C VAL MA 56 -72.06 -8.41 -87.95
N THR MA 57 -71.91 -9.46 -87.13
CA THR MA 57 -72.15 -9.39 -85.69
C THR MA 57 -70.88 -9.85 -84.98
N LEU MA 58 -70.30 -8.95 -84.19
CA LEU MA 58 -69.04 -9.21 -83.52
C LEU MA 58 -69.23 -9.36 -82.02
N VAL MA 59 -68.32 -10.11 -81.40
CA VAL MA 59 -68.30 -10.29 -79.96
C VAL MA 59 -66.84 -10.27 -79.49
N PRO MA 60 -66.42 -9.28 -78.71
CA PRO MA 60 -65.04 -9.24 -78.26
C PRO MA 60 -64.76 -10.33 -77.24
N GLN MA 61 -63.75 -11.15 -77.54
CA GLN MA 61 -63.26 -12.18 -76.62
C GLN MA 61 -62.22 -11.52 -75.73
N GLY MA 62 -62.40 -11.65 -74.42
CA GLY MA 62 -61.54 -10.99 -73.47
C GLY MA 62 -62.25 -9.84 -72.78
N ALA MA 63 -61.45 -8.99 -72.16
CA ALA MA 63 -61.95 -7.78 -71.51
C ALA MA 63 -61.08 -6.62 -71.95
N ALA MA 64 -61.40 -6.06 -73.12
CA ALA MA 64 -60.63 -4.94 -73.67
C ALA MA 64 -61.40 -4.35 -74.83
N GLN MA 65 -60.92 -3.21 -75.31
CA GLN MA 65 -61.46 -2.53 -76.48
C GLN MA 65 -60.54 -2.85 -77.66
N VAL MA 66 -60.89 -3.89 -78.42
CA VAL MA 66 -60.08 -4.28 -79.55
C VAL MA 66 -60.13 -3.21 -80.64
N ALA MA 67 -59.04 -3.10 -81.39
CA ALA MA 67 -58.92 -2.13 -82.47
C ALA MA 67 -58.81 -2.86 -83.79
N ILE MA 68 -59.69 -2.52 -84.74
CA ILE MA 68 -59.73 -3.15 -86.04
C ILE MA 68 -58.79 -2.40 -86.97
N SER MA 69 -57.92 -3.15 -87.65
CA SER MA 69 -56.95 -2.53 -88.56
C SER MA 69 -57.46 -2.48 -89.99
N SER MA 70 -57.88 -3.60 -90.54
CA SER MA 70 -58.31 -3.65 -91.93
C SER MA 70 -59.21 -4.85 -92.14
N ILE MA 71 -60.09 -4.73 -93.14
CA ILE MA 71 -61.00 -5.80 -93.54
C ILE MA 71 -60.65 -6.22 -94.95
N GLU MA 72 -60.43 -7.51 -95.15
CA GLU MA 72 -60.09 -8.07 -96.46
C GLU MA 72 -61.16 -9.09 -96.83
N VAL MA 73 -61.88 -8.82 -97.91
CA VAL MA 73 -62.95 -9.69 -98.38
C VAL MA 73 -62.74 -9.95 -99.87
N ALA MA 74 -62.60 -11.23 -100.22
CA ALA MA 74 -62.48 -11.64 -101.62
C ALA MA 74 -61.33 -10.94 -102.33
N GLY MA 75 -60.22 -10.74 -101.61
CA GLY MA 75 -59.04 -10.16 -102.17
C GLY MA 75 -58.98 -8.64 -102.15
N VAL MA 76 -60.10 -7.97 -101.85
CA VAL MA 76 -60.15 -6.52 -101.79
C VAL MA 76 -59.96 -6.10 -100.34
N SER MA 77 -58.88 -5.37 -100.07
CA SER MA 77 -58.58 -4.88 -98.74
C SER MA 77 -59.20 -3.52 -98.53
N ILE MA 78 -59.67 -3.27 -97.31
CA ILE MA 78 -60.34 -2.01 -96.98
C ILE MA 78 -59.77 -1.48 -95.66
N PRO MA 79 -58.98 -0.42 -95.68
CA PRO MA 79 -58.42 0.11 -94.42
C PRO MA 79 -59.48 0.79 -93.58
N CYS MA 80 -59.25 0.78 -92.28
CA CYS MA 80 -60.15 1.40 -91.31
C CYS MA 80 -59.33 2.35 -90.44
N THR MA 81 -59.62 3.65 -90.57
CA THR MA 81 -58.88 4.69 -89.86
C THR MA 81 -59.77 5.54 -88.98
N SER MA 82 -61.05 5.21 -88.86
CA SER MA 82 -61.97 5.97 -88.03
C SER MA 82 -63.06 5.05 -87.51
N SER MA 83 -63.47 5.27 -86.27
CA SER MA 83 -64.48 4.45 -85.61
C SER MA 83 -64.12 2.97 -85.62
N ASN MA 84 -62.83 2.68 -85.53
CA ASN MA 84 -62.32 1.31 -85.65
C ASN MA 84 -62.23 0.61 -84.30
N LEU MA 85 -63.03 1.00 -83.32
CA LEU MA 85 -63.04 0.37 -82.02
C LEU MA 85 -64.34 -0.39 -81.80
N VAL MA 86 -64.23 -1.60 -81.28
CA VAL MA 86 -65.39 -2.42 -80.94
C VAL MA 86 -65.61 -2.27 -79.44
N LYS MA 87 -66.65 -1.54 -79.06
CA LYS MA 87 -66.87 -1.21 -77.66
C LYS MA 87 -67.65 -2.26 -76.90
N ALA MA 88 -68.55 -2.98 -77.57
CA ALA MA 88 -69.43 -3.92 -76.90
C ALA MA 88 -69.96 -4.90 -77.93
N PRO MA 89 -70.39 -6.10 -77.52
CA PRO MA 89 -70.98 -7.04 -78.48
C PRO MA 89 -72.23 -6.47 -79.11
N GLY MA 90 -72.39 -6.72 -80.41
CA GLY MA 90 -73.54 -6.22 -81.13
C GLY MA 90 -73.38 -6.44 -82.62
N GLU MA 91 -74.35 -5.92 -83.36
CA GLU MA 91 -74.38 -6.02 -84.81
C GLU MA 91 -73.81 -4.75 -85.42
N TYR MA 92 -72.81 -4.90 -86.29
CA TYR MA 92 -72.12 -3.76 -86.88
C TYR MA 92 -72.22 -3.84 -88.40
N VAL MA 93 -72.17 -2.68 -89.03
CA VAL MA 93 -72.35 -2.54 -90.47
C VAL MA 93 -71.08 -1.95 -91.07
N ILE MA 94 -70.49 -2.65 -92.03
CA ILE MA 94 -69.28 -2.21 -92.71
C ILE MA 94 -69.61 -2.05 -94.18
N GLU MA 95 -69.32 -0.87 -94.74
CA GLU MA 95 -69.53 -0.64 -96.16
C GLU MA 95 -68.33 -1.13 -96.95
N LEU MA 96 -68.59 -1.91 -97.99
CA LEU MA 96 -67.56 -2.33 -98.94
C LEU MA 96 -67.55 -1.35 -100.09
N SER MA 97 -66.35 -0.94 -100.51
CA SER MA 97 -66.23 0.21 -101.41
C SER MA 97 -66.59 -0.14 -102.84
N SER MA 98 -65.84 -1.03 -103.47
CA SER MA 98 -65.93 -1.25 -104.90
C SER MA 98 -66.07 -2.70 -105.30
N VAL MA 99 -66.27 -3.62 -104.36
CA VAL MA 99 -66.43 -5.03 -104.71
C VAL MA 99 -67.72 -5.21 -105.48
N SER MA 100 -67.61 -5.73 -106.71
CA SER MA 100 -68.75 -5.98 -107.57
C SER MA 100 -69.05 -7.47 -107.56
N VAL MA 101 -70.18 -7.85 -106.95
CA VAL MA 101 -70.55 -9.23 -106.78
C VAL MA 101 -71.93 -9.45 -107.40
N SER MA 102 -72.42 -10.69 -107.28
CA SER MA 102 -73.72 -11.06 -107.77
C SER MA 102 -74.36 -12.03 -106.79
N VAL MA 103 -75.69 -11.98 -106.70
CA VAL MA 103 -76.41 -12.79 -105.73
C VAL MA 103 -76.08 -14.26 -105.93
N GLY MA 104 -75.74 -14.94 -104.83
CA GLY MA 104 -75.50 -16.36 -104.82
C GLY MA 104 -74.06 -16.75 -104.50
N GLN MA 105 -73.10 -15.91 -104.84
CA GLN MA 105 -71.70 -16.26 -104.65
C GLN MA 105 -71.37 -16.42 -103.16
N VAL MA 106 -70.24 -17.07 -102.90
CA VAL MA 106 -69.76 -17.32 -101.55
C VAL MA 106 -68.37 -16.73 -101.43
N LEU MA 107 -68.20 -15.77 -100.54
CA LEU MA 107 -66.95 -15.05 -100.38
C LEU MA 107 -66.34 -15.34 -99.01
N THR MA 108 -65.02 -15.43 -98.97
CA THR MA 108 -64.29 -15.58 -97.71
C THR MA 108 -64.03 -14.20 -97.12
N GLY MA 109 -63.20 -14.13 -96.09
CA GLY MA 109 -62.91 -12.85 -95.47
C GLY MA 109 -62.03 -13.02 -94.26
N ARG MA 110 -61.45 -11.91 -93.83
CA ARG MA 110 -60.59 -11.87 -92.66
C ARG MA 110 -60.64 -10.47 -92.06
N ILE MA 111 -60.73 -10.41 -90.74
CA ILE MA 111 -60.67 -9.15 -90.00
C ILE MA 111 -59.34 -9.12 -89.26
N VAL MA 112 -58.43 -8.25 -89.70
CA VAL MA 112 -57.10 -8.15 -89.11
C VAL MA 112 -57.15 -7.13 -87.98
N LEU MA 113 -56.71 -7.53 -86.79
CA LEU MA 113 -56.68 -6.66 -85.64
C LEU MA 113 -55.31 -5.98 -85.54
N ALA MA 114 -55.14 -5.20 -84.48
CA ALA MA 114 -53.86 -4.53 -84.25
C ALA MA 114 -52.89 -5.40 -83.47
N SER MA 115 -53.40 -6.23 -82.55
CA SER MA 115 -52.53 -7.07 -81.74
C SER MA 115 -52.01 -8.28 -82.51
N GLY MA 116 -52.63 -8.64 -83.62
CA GLY MA 116 -52.16 -9.77 -84.40
C GLY MA 116 -53.23 -10.78 -84.74
N ALA MA 117 -54.20 -10.96 -83.85
CA ALA MA 117 -55.24 -11.94 -84.05
C ALA MA 117 -56.11 -11.57 -85.25
N ILE MA 118 -56.79 -12.57 -85.80
CA ILE MA 118 -57.63 -12.42 -86.98
C ILE MA 118 -58.93 -13.19 -86.75
N SER MA 119 -59.78 -13.21 -87.77
CA SER MA 119 -61.07 -13.89 -87.71
C SER MA 119 -61.63 -14.11 -89.10
N PRO MA 120 -62.05 -15.33 -89.44
CA PRO MA 120 -62.60 -15.59 -90.77
C PRO MA 120 -64.09 -15.29 -90.85
N PHE MA 121 -64.62 -15.37 -92.09
CA PHE MA 121 -65.99 -15.00 -92.38
C PHE MA 121 -66.86 -16.16 -92.85
N THR MA 122 -66.46 -16.83 -93.93
CA THR MA 122 -67.30 -17.74 -94.72
C THR MA 122 -68.73 -17.20 -94.85
N ALA MA 123 -68.81 -16.01 -95.43
CA ALA MA 123 -70.05 -15.26 -95.53
C ALA MA 123 -70.56 -15.30 -96.97
N THR MA 124 -71.86 -15.51 -97.13
CA THR MA 124 -72.49 -15.55 -98.44
C THR MA 124 -73.13 -14.21 -98.77
N VAL MA 125 -73.63 -14.10 -100.00
CA VAL MA 125 -74.26 -12.89 -100.49
C VAL MA 125 -75.77 -13.10 -100.55
N VAL MA 126 -76.53 -12.09 -100.13
CA VAL MA 126 -77.98 -12.12 -100.17
C VAL MA 126 -78.46 -10.78 -100.67
N ALA MA 127 -79.56 -10.80 -101.44
CA ALA MA 127 -80.10 -9.59 -102.04
C ALA MA 127 -80.84 -8.76 -101.00
N ALA MA 128 -80.71 -7.44 -101.11
CA ALA MA 128 -81.41 -6.52 -100.22
C ALA MA 128 -81.74 -5.26 -101.01
N ASP MA 129 -82.57 -4.40 -100.40
CA ASP MA 129 -83.11 -3.25 -101.12
C ASP MA 129 -82.30 -1.98 -100.90
N HIS MA 130 -82.19 -1.53 -99.65
CA HIS MA 130 -81.62 -0.22 -99.35
C HIS MA 130 -80.56 -0.32 -98.29
N VAL MA 131 -79.59 0.59 -98.37
CA VAL MA 131 -78.54 0.68 -97.34
C VAL MA 131 -79.16 1.15 -96.03
N PRO MA 132 -78.94 0.45 -94.93
CA PRO MA 132 -79.55 0.88 -93.66
C PRO MA 132 -78.87 2.12 -93.11
N SER MA 133 -79.69 3.05 -92.64
CA SER MA 133 -79.21 4.28 -92.01
C SER MA 133 -79.28 4.07 -90.50
N THR MA 134 -78.17 3.65 -89.91
CA THR MA 134 -78.13 3.37 -88.48
C THR MA 134 -76.71 3.59 -87.99
N GLU MA 135 -76.55 3.46 -86.67
CA GLU MA 135 -75.24 3.60 -86.03
C GLU MA 135 -74.48 2.28 -86.15
N ASN MA 136 -73.41 2.14 -85.38
CA ASN MA 136 -72.61 0.92 -85.33
C ASN MA 136 -71.89 0.66 -86.65
N LYS MA 137 -71.37 1.73 -87.25
CA LYS MA 137 -70.48 1.60 -88.39
C LYS MA 137 -69.05 1.47 -87.89
N LEU MA 138 -68.26 0.64 -88.59
CA LEU MA 138 -66.93 0.30 -88.11
C LEU MA 138 -65.81 0.93 -88.92
N CYS MA 139 -66.02 1.27 -90.19
CA CYS MA 139 -64.97 1.87 -91.01
C CYS MA 139 -65.63 2.93 -91.87
N SER MA 140 -65.61 4.17 -91.40
CA SER MA 140 -66.22 5.28 -92.11
C SER MA 140 -65.17 6.32 -92.50
N MET NA 1 83.97 45.33 125.34
CA MET NA 1 84.87 46.41 125.72
C MET NA 1 84.24 47.27 126.81
N THR NA 2 84.84 48.44 127.06
CA THR NA 2 84.26 49.39 127.99
C THR NA 2 82.90 49.84 127.47
N SER NA 3 82.12 50.48 128.35
CA SER NA 3 80.77 50.90 127.97
C SER NA 3 80.77 52.00 126.92
N LEU NA 4 81.81 52.83 126.88
CA LEU NA 4 81.83 53.95 125.93
C LEU NA 4 81.88 53.45 124.49
N GLU NA 5 82.80 52.54 124.20
CA GLU NA 5 82.97 52.07 122.83
C GLU NA 5 81.76 51.28 122.37
N ILE NA 6 81.19 50.45 123.24
CA ILE NA 6 79.96 49.75 122.90
C ILE NA 6 78.83 50.74 122.67
N ALA NA 7 78.79 51.82 123.45
CA ALA NA 7 77.74 52.82 123.26
C ALA NA 7 77.84 53.45 121.88
N ILE NA 8 79.06 53.87 121.50
CA ILE NA 8 79.24 54.52 120.20
C ILE NA 8 78.90 53.56 119.06
N ILE NA 9 79.43 52.33 119.14
CA ILE NA 9 79.18 51.37 118.08
C ILE NA 9 77.70 51.02 117.99
N VAL NA 10 77.02 50.90 119.13
CA VAL NA 10 75.59 50.58 119.10
C VAL NA 10 74.79 51.73 118.51
N ALA NA 11 75.18 52.97 118.81
CA ALA NA 11 74.50 54.11 118.21
C ALA NA 11 74.60 54.06 116.69
N ILE NA 12 75.82 53.94 116.17
CA ILE NA 12 76.02 53.92 114.72
C ILE NA 12 75.29 52.75 114.09
N VAL NA 13 75.45 51.56 114.68
CA VAL NA 13 74.82 50.35 114.17
C VAL NA 13 73.31 50.45 114.15
N LEU NA 14 72.70 51.00 115.21
CA LEU NA 14 71.25 51.12 115.23
C LEU NA 14 70.75 52.11 114.19
N VAL NA 15 71.47 53.22 114.03
CA VAL NA 15 71.08 54.18 112.99
C VAL NA 15 71.09 53.51 111.62
N ILE NA 16 72.18 52.80 111.31
CA ILE NA 16 72.29 52.17 110.00
C ILE NA 16 71.21 51.11 109.81
N ALA NA 17 70.94 50.32 110.86
CA ALA NA 17 69.95 49.26 110.74
C ALA NA 17 68.55 49.82 110.51
N ILE NA 18 68.18 50.86 111.25
CA ILE NA 18 66.87 51.46 111.04
C ILE NA 18 66.77 52.02 109.62
N ALA NA 19 67.84 52.68 109.16
CA ALA NA 19 67.84 53.21 107.80
C ALA NA 19 67.59 52.12 106.77
N VAL NA 20 68.31 51.00 106.88
CA VAL NA 20 68.18 49.93 105.89
C VAL NA 20 66.80 49.29 105.99
N GLY NA 21 66.29 49.09 107.20
CA GLY NA 21 64.98 48.47 107.35
C GLY NA 21 63.87 49.29 106.71
N TRP NA 22 63.86 50.60 106.99
CA TRP NA 22 62.82 51.41 106.37
C TRP NA 22 63.10 51.68 104.90
N TYR NA 23 64.34 51.51 104.43
CA TYR NA 23 64.58 51.45 103.01
C TYR NA 23 63.88 50.25 102.38
N LEU NA 24 63.94 49.10 103.06
CA LEU NA 24 63.20 47.94 102.59
C LEU NA 24 61.70 48.21 102.54
N TYR NA 25 61.16 48.78 103.62
CA TYR NA 25 59.74 49.16 103.61
C TYR NA 25 59.40 50.08 102.44
N THR NA 26 60.21 51.12 102.21
CA THR NA 26 59.90 52.06 101.15
C THR NA 26 59.95 51.39 99.79
N THR NA 27 60.94 50.54 99.56
CA THR NA 27 61.02 49.84 98.28
C THR NA 27 59.83 48.93 98.07
N PHE NA 28 59.39 48.25 99.14
CA PHE NA 28 58.22 47.38 99.00
C PHE NA 28 56.96 48.18 98.72
N ALA NA 29 56.79 49.32 99.40
CA ALA NA 29 55.60 50.13 99.17
C ALA NA 29 55.62 50.75 97.77
N ALA NA 30 56.81 51.00 97.22
CA ALA NA 30 56.88 51.54 95.87
C ALA NA 30 56.67 50.45 94.82
N ALA NA 31 57.12 49.23 95.11
CA ALA NA 31 56.95 48.14 94.16
C ALA NA 31 55.53 47.59 94.15
N GLY NA 32 54.83 47.65 95.28
CA GLY NA 32 53.47 47.13 95.32
C GLY NA 32 52.48 47.93 94.50
N GLN NA 33 52.85 49.13 94.07
CA GLN NA 33 51.97 50.00 93.30
C GLN NA 33 52.34 50.02 91.82
N GLN NA 34 52.89 48.93 91.30
CA GLN NA 34 53.09 48.80 89.87
C GLN NA 34 51.75 48.55 89.19
N THR NA 35 51.54 49.20 88.05
CA THR NA 35 50.21 49.25 87.46
C THR NA 35 50.28 49.04 85.95
N GLY NA 36 49.12 48.97 85.34
CA GLY NA 36 49.02 48.81 83.90
C GLY NA 36 47.56 48.60 83.53
N LEU NA 37 47.26 48.93 82.27
CA LEU NA 37 45.90 48.82 81.77
C LEU NA 37 45.61 47.41 81.27
N THR NA 38 44.33 47.06 81.30
CA THR NA 38 43.83 45.85 80.65
C THR NA 38 42.46 46.19 80.07
N ALA NA 39 42.13 45.54 78.95
CA ALA NA 39 40.87 45.79 78.26
C ALA NA 39 39.98 44.57 78.46
N THR NA 40 38.67 44.82 78.56
CA THR NA 40 37.70 43.75 78.71
C THR NA 40 36.69 43.69 77.59
N LYS NA 41 36.56 44.74 76.79
CA LYS NA 41 35.56 44.79 75.73
C LYS NA 41 35.88 45.92 74.77
N ALA NA 42 35.90 45.64 73.47
CA ALA NA 42 36.22 46.66 72.49
C ALA NA 42 35.54 46.31 71.17
N THR NA 43 34.76 47.25 70.64
CA THR NA 43 34.07 47.07 69.37
C THR NA 43 34.08 48.40 68.64
N ILE NA 44 34.89 48.49 67.57
CA ILE NA 44 34.93 49.73 66.79
C ILE NA 44 33.58 49.98 66.15
N TYR NA 45 33.06 51.18 66.33
CA TYR NA 45 31.78 51.58 65.76
C TYR NA 45 32.00 52.54 64.60
N VAL NA 46 31.15 52.43 63.59
CA VAL NA 46 31.21 53.29 62.40
C VAL NA 46 29.82 53.85 62.14
N THR NA 47 29.76 55.13 61.82
CA THR NA 47 28.50 55.79 61.51
C THR NA 47 28.24 55.75 60.00
N LYS NA 48 27.05 56.21 59.62
CA LYS NA 48 26.69 56.22 58.20
C LYS NA 48 27.49 57.26 57.42
N ASP NA 49 27.89 58.34 58.07
CA ASP NA 49 28.55 59.45 57.40
C ASP NA 49 30.08 59.33 57.40
N GLY NA 50 30.62 58.20 57.84
CA GLY NA 50 32.05 57.97 57.82
C GLY NA 50 32.75 58.18 59.14
N ASN NA 51 32.10 58.80 60.12
CA ASN NA 51 32.72 58.99 61.42
C ASN NA 51 32.91 57.65 62.12
N VAL NA 52 34.12 57.39 62.57
CA VAL NA 52 34.47 56.14 63.23
C VAL NA 52 34.98 56.48 64.63
N TYR NA 53 34.65 55.62 65.59
CA TYR NA 53 35.04 55.85 66.97
C TYR NA 53 35.04 54.52 67.71
N LEU NA 54 36.00 54.37 68.62
CA LEU NA 54 36.15 53.14 69.41
C LEU NA 54 35.42 53.28 70.73
N ASN NA 55 34.71 52.23 71.13
CA ASN NA 55 33.96 52.20 72.38
C ASN NA 55 34.52 51.07 73.23
N VAL NA 56 35.55 51.39 74.03
CA VAL NA 56 36.30 50.38 74.77
C VAL NA 56 35.96 50.50 76.26
N THR NA 57 36.27 49.44 77.00
CA THR NA 57 36.11 49.41 78.45
C THR NA 57 37.43 49.05 79.08
N LEU NA 58 37.92 49.92 79.97
CA LEU NA 58 39.24 49.75 80.57
C LEU NA 58 39.11 49.47 82.06
N VAL NA 59 40.12 48.82 82.60
CA VAL NA 59 40.22 48.55 84.04
C VAL NA 59 41.69 48.67 84.45
N PRO NA 60 42.04 49.63 85.29
CA PRO NA 60 43.44 49.73 85.74
C PRO NA 60 43.79 48.62 86.71
N GLN NA 61 44.91 47.96 86.44
CA GLN NA 61 45.41 46.88 87.29
C GLN NA 61 46.33 47.51 88.33
N GLY NA 62 45.97 47.37 89.60
CA GLY NA 62 46.73 47.95 90.69
C GLY NA 62 46.01 49.16 91.26
N ALA NA 63 46.78 49.97 91.98
CA ALA NA 63 46.27 51.19 92.60
C ALA NA 63 47.14 52.36 92.13
N ALA NA 64 46.80 52.90 90.97
CA ALA NA 64 47.51 54.04 90.42
C ALA NA 64 46.67 54.65 89.30
N GLN NA 65 47.10 55.81 88.83
CA GLN NA 65 46.46 56.52 87.73
C GLN NA 65 47.35 56.35 86.50
N VAL NA 66 47.01 55.38 85.65
CA VAL NA 66 47.81 55.12 84.46
C VAL NA 66 47.65 56.27 83.46
N ALA NA 67 48.69 56.50 82.68
CA ALA NA 67 48.71 57.54 81.67
C ALA NA 67 48.87 56.91 80.30
N ILE NA 68 47.92 57.16 79.42
CA ILE NA 68 47.91 56.61 78.07
C ILE NA 68 48.75 57.50 77.17
N SER NA 69 49.69 56.90 76.45
CA SER NA 69 50.57 57.66 75.58
C SER NA 69 50.01 57.77 74.16
N SER NA 70 49.67 56.66 73.54
CA SER NA 70 49.19 56.68 72.17
C SER NA 70 48.35 55.43 71.91
N ILE NA 71 47.48 55.53 70.92
CA ILE NA 71 46.64 54.42 70.47
C ILE NA 71 47.01 54.09 69.04
N GLU NA 72 47.37 52.84 68.79
CA GLU NA 72 47.76 52.38 67.46
C GLU NA 72 46.82 51.25 67.06
N VAL NA 73 45.96 51.52 66.08
CA VAL NA 73 44.98 50.54 65.61
C VAL NA 73 45.08 50.45 64.09
N ALA NA 74 45.24 49.23 63.58
CA ALA NA 74 45.28 48.96 62.15
C ALA NA 74 46.36 49.77 61.45
N GLY NA 75 47.49 49.95 62.13
CA GLY NA 75 48.62 50.66 61.57
C GLY NA 75 48.56 52.17 61.69
N VAL NA 76 47.41 52.73 62.07
CA VAL NA 76 47.25 54.17 62.23
C VAL NA 76 47.46 54.52 63.69
N SER NA 77 48.49 55.32 63.97
CA SER NA 77 48.79 55.77 65.32
C SER NA 77 48.07 57.09 65.60
N ILE NA 78 47.62 57.26 66.84
CA ILE NA 78 46.89 58.46 67.23
C ILE NA 78 47.42 58.96 68.56
N PRO NA 79 48.13 60.09 68.59
CA PRO NA 79 48.68 60.58 69.85
C PRO NA 79 47.57 61.12 70.76
N CYS NA 80 47.88 61.12 72.05
CA CYS NA 80 46.96 61.60 73.08
C CYS NA 80 47.70 62.57 73.97
N THR NA 81 47.28 63.83 73.97
CA THR NA 81 47.94 64.88 74.73
C THR NA 81 47.01 65.58 75.72
N SER NA 82 45.76 65.13 75.85
CA SER NA 82 44.81 65.75 76.75
C SER NA 82 43.85 64.69 77.28
N SER NA 83 43.50 64.81 78.56
CA SER NA 83 42.61 63.86 79.23
C SER NA 83 43.06 62.43 79.03
N ASN NA 84 44.37 62.20 79.04
CA ASN NA 84 44.95 60.89 78.80
C ASN NA 84 45.14 60.08 80.08
N LEU NA 85 44.36 60.35 81.11
CA LEU NA 85 44.44 59.62 82.37
C LEU NA 85 43.22 58.74 82.55
N VAL NA 86 43.42 57.54 83.07
CA VAL NA 86 42.35 56.63 83.41
C VAL NA 86 42.17 56.67 84.92
N LYS NA 87 41.08 57.27 85.38
CA LYS NA 87 40.89 57.50 86.80
C LYS NA 87 40.25 56.32 87.52
N ALA NA 88 39.40 55.56 86.84
CA ALA NA 88 38.65 54.49 87.48
C ALA NA 88 38.15 53.55 86.40
N PRO NA 89 37.79 52.31 86.75
CA PRO NA 89 37.20 51.41 85.77
C PRO NA 89 35.91 51.97 85.20
N GLY NA 90 35.70 51.74 83.91
CA GLY NA 90 34.50 52.24 83.26
C GLY NA 90 34.62 52.09 81.76
N GLU NA 91 33.61 52.63 81.07
CA GLU NA 91 33.53 52.56 79.62
C GLU NA 91 33.99 53.90 79.05
N TYR NA 92 35.00 53.85 78.17
CA TYR NA 92 35.60 55.04 77.61
C TYR NA 92 35.46 55.02 76.08
N VAL NA 93 35.52 56.21 75.49
CA VAL NA 93 35.31 56.40 74.07
C VAL NA 93 36.50 57.12 73.47
N ILE NA 94 37.13 56.51 72.47
CA ILE NA 94 38.28 57.09 71.79
C ILE NA 94 37.87 57.34 70.34
N GLU NA 95 38.06 58.58 69.88
CA GLU NA 95 37.73 58.93 68.51
C GLU NA 95 38.90 58.60 67.58
N LEU NA 96 38.61 57.87 66.51
CA LEU NA 96 39.59 57.58 65.48
C LEU NA 96 39.45 58.61 64.38
N SER NA 97 40.57 59.17 63.93
CA SER NA 97 40.52 60.37 63.09
C SER NA 97 40.16 60.03 61.65
N SER NA 98 41.01 59.26 60.97
CA SER NA 98 40.90 59.10 59.53
C SER NA 98 40.88 57.65 59.06
N VAL NA 99 40.77 56.69 59.97
CA VAL NA 99 40.74 55.29 59.55
C VAL NA 99 39.43 55.01 58.83
N SER NA 100 39.53 54.55 57.58
CA SER NA 100 38.37 54.24 56.75
C SER NA 100 38.21 52.73 56.68
N VAL NA 101 37.14 52.23 57.29
CA VAL NA 101 36.89 50.79 57.40
C VAL NA 101 35.54 50.49 56.77
N SER NA 102 35.16 49.21 56.82
CA SER NA 102 33.89 48.75 56.32
C SER NA 102 33.36 47.67 57.26
N VAL NA 103 32.04 47.63 57.40
CA VAL NA 103 31.41 46.73 58.36
C VAL NA 103 31.82 45.29 58.09
N GLY NA 104 32.26 44.59 59.15
CA GLY NA 104 32.61 43.19 59.09
C GLY NA 104 34.08 42.90 59.34
N GLN NA 105 34.96 43.84 59.03
CA GLN NA 105 36.39 43.62 59.18
C GLN NA 105 36.76 43.41 60.65
N VAL NA 106 37.95 42.85 60.85
CA VAL NA 106 38.48 42.58 62.19
C VAL NA 106 39.82 43.29 62.32
N LEU NA 107 39.88 44.24 63.25
CA LEU NA 107 41.08 45.05 63.47
C LEU NA 107 41.65 44.79 64.84
N THR NA 108 42.97 44.73 64.94
CA THR NA 108 43.64 44.65 66.24
C THR NA 108 44.22 46.02 66.57
N GLY NA 109 44.94 46.11 67.68
CA GLY NA 109 45.49 47.39 68.10
C GLY NA 109 46.23 47.26 69.41
N ARG NA 110 46.68 48.41 69.91
CA ARG NA 110 47.42 48.49 71.16
C ARG NA 110 47.08 49.79 71.87
N ILE NA 111 47.13 49.76 73.20
CA ILE NA 111 47.16 50.97 74.02
C ILE NA 111 48.52 51.03 74.68
N VAL NA 112 49.35 51.97 74.24
CA VAL NA 112 50.69 52.12 74.78
C VAL NA 112 50.65 53.10 75.93
N LEU NA 113 51.10 52.66 77.10
CA LEU NA 113 51.12 53.48 78.29
C LEU NA 113 52.41 54.29 78.36
N ALA NA 114 52.50 55.13 79.38
CA ALA NA 114 53.71 55.94 79.56
C ALA NA 114 54.83 55.17 80.21
N SER NA 115 54.50 54.19 81.06
CA SER NA 115 55.53 53.41 81.73
C SER NA 115 56.18 52.38 80.81
N GLY NA 116 55.43 51.80 79.88
CA GLY NA 116 55.99 50.80 78.99
C GLY NA 116 55.06 49.64 78.72
N ALA NA 117 54.20 49.33 79.67
CA ALA NA 117 53.22 48.27 79.48
C ALA NA 117 52.22 48.67 78.41
N ILE NA 118 51.62 47.66 77.77
CA ILE NA 118 50.68 47.86 76.68
C ILE NA 118 49.47 46.97 76.90
N SER NA 119 48.53 47.01 75.96
CA SER NA 119 47.31 46.21 76.00
C SER NA 119 46.73 46.12 74.60
N PRO NA 120 46.51 44.91 74.09
CA PRO NA 120 46.01 44.75 72.72
C PRO NA 120 44.48 44.67 72.67
N PHE NA 121 43.96 44.76 71.44
CA PHE NA 121 42.52 44.89 71.23
C PHE NA 121 41.88 43.69 70.53
N THR NA 122 42.25 43.42 69.28
CA THR NA 122 41.50 42.53 68.40
C THR NA 122 39.99 42.82 68.50
N ALA NA 123 39.62 44.00 68.03
CA ALA NA 123 38.25 44.49 68.09
C ALA NA 123 37.63 44.50 66.71
N THR NA 124 36.40 44.00 66.60
CA THR NA 124 35.71 43.96 65.32
C THR NA 124 34.93 45.27 65.10
N VAL NA 125 34.40 45.41 63.89
CA VAL NA 125 33.66 46.60 63.49
C VAL NA 125 32.18 46.28 63.48
N VAL NA 126 31.36 47.23 63.96
CA VAL NA 126 29.91 47.08 63.97
C VAL NA 126 29.31 48.41 63.53
N ALA NA 127 28.18 48.32 62.83
CA ALA NA 127 27.51 49.51 62.32
C ALA NA 127 26.75 50.23 63.42
N ALA NA 128 26.79 51.56 63.37
CA ALA NA 128 26.09 52.39 64.34
C ALA NA 128 25.61 53.65 63.64
N ASP NA 129 24.74 54.40 64.32
CA ASP NA 129 24.07 55.53 63.69
C ASP NA 129 24.78 56.86 63.98
N HIS NA 130 24.89 57.23 65.25
CA HIS NA 130 25.35 58.56 65.62
C HIS NA 130 26.48 58.47 66.63
N VAL NA 131 27.36 59.47 66.58
CA VAL NA 131 28.45 59.58 67.55
C VAL NA 131 27.86 59.92 68.93
N PRO NA 132 28.19 59.18 69.98
CA PRO NA 132 27.59 59.47 71.29
C PRO NA 132 28.19 60.73 71.89
N SER NA 133 27.31 61.57 72.43
CA SER NA 133 27.71 62.80 73.10
C SER NA 133 27.69 62.53 74.61
N THR NA 134 28.85 62.15 75.15
CA THR NA 134 28.95 61.82 76.56
C THR NA 134 30.37 62.07 77.01
N GLU NA 135 30.59 61.90 78.32
CA GLU NA 135 31.90 62.09 78.92
C GLU NA 135 32.74 60.83 78.70
N ASN NA 136 33.86 60.73 79.43
CA ASN NA 136 34.74 59.57 79.39
C ASN NA 136 35.43 59.44 78.04
N LYS NA 137 35.89 60.57 77.50
CA LYS NA 137 36.75 60.54 76.33
C LYS NA 137 38.21 60.52 76.78
N LEU NA 138 39.05 59.86 75.99
CA LEU NA 138 40.42 59.60 76.40
C LEU NA 138 41.47 60.38 75.61
N CYS NA 139 41.17 60.78 74.37
CA CYS NA 139 42.14 61.53 73.56
C CYS NA 139 41.36 62.58 72.77
N SER NA 140 41.28 63.78 73.33
CA SER NA 140 40.55 64.87 72.71
C SER NA 140 41.49 66.02 72.37
N MET OA 1 -29.03 -17.37 -40.07
CA MET OA 1 -27.94 -17.58 -41.01
C MET OA 1 -27.09 -16.33 -41.17
N THR OA 2 -25.78 -16.48 -40.93
CA THR OA 2 -24.86 -15.36 -40.96
C THR OA 2 -24.64 -14.89 -42.39
N SER OA 3 -23.91 -13.78 -42.53
CA SER OA 3 -23.58 -13.28 -43.86
C SER OA 3 -22.67 -14.22 -44.63
N LEU OA 4 -21.90 -15.08 -43.95
CA LEU OA 4 -21.06 -16.04 -44.65
C LEU OA 4 -21.90 -17.17 -45.24
N GLU OA 5 -22.81 -17.71 -44.43
CA GLU OA 5 -23.76 -18.69 -44.94
C GLU OA 5 -24.53 -18.13 -46.11
N ILE OA 6 -25.03 -16.90 -45.99
CA ILE OA 6 -25.81 -16.30 -47.07
C ILE OA 6 -24.93 -16.06 -48.28
N ALA OA 7 -23.66 -15.69 -48.07
CA ALA OA 7 -22.76 -15.48 -49.20
C ALA OA 7 -22.58 -16.77 -50.00
N ILE OA 8 -22.25 -17.86 -49.30
CA ILE OA 8 -22.01 -19.13 -49.99
C ILE OA 8 -23.29 -19.61 -50.68
N ILE OA 9 -24.42 -19.58 -49.97
CA ILE OA 9 -25.66 -20.07 -50.53
C ILE OA 9 -26.09 -19.23 -51.72
N VAL OA 10 -25.93 -17.91 -51.66
CA VAL OA 10 -26.30 -17.06 -52.78
C VAL OA 10 -25.40 -17.32 -53.97
N ALA OA 11 -24.10 -17.50 -53.75
CA ALA OA 11 -23.21 -17.82 -54.87
C ALA OA 11 -23.66 -19.10 -55.58
N ILE OA 12 -23.91 -20.17 -54.80
CA ILE OA 12 -24.24 -21.45 -55.41
C ILE OA 12 -25.60 -21.39 -56.08
N VAL OA 13 -26.59 -20.79 -55.41
CA VAL OA 13 -27.93 -20.73 -55.99
C VAL OA 13 -27.94 -19.85 -57.22
N LEU OA 14 -27.14 -18.79 -57.25
CA LEU OA 14 -27.06 -17.97 -58.46
C LEU OA 14 -26.45 -18.75 -59.61
N VAL OA 15 -25.39 -19.51 -59.35
CA VAL OA 15 -24.78 -20.33 -60.40
C VAL OA 15 -25.82 -21.29 -60.97
N ILE OA 16 -26.53 -22.00 -60.08
CA ILE OA 16 -27.50 -23.00 -60.53
C ILE OA 16 -28.63 -22.34 -61.31
N ALA OA 17 -29.11 -21.20 -60.82
CA ALA OA 17 -30.24 -20.53 -61.48
C ALA OA 17 -29.85 -20.05 -62.86
N ILE OA 18 -28.65 -19.46 -63.00
CA ILE OA 18 -28.21 -19.03 -64.32
C ILE OA 18 -28.07 -20.22 -65.27
N ALA OA 19 -27.49 -21.31 -64.76
CA ALA OA 19 -27.35 -22.51 -65.59
C ALA OA 19 -28.70 -23.00 -66.10
N VAL OA 20 -29.69 -23.08 -65.21
CA VAL OA 20 -31.00 -23.59 -65.60
C VAL OA 20 -31.70 -22.62 -66.56
N GLY OA 21 -31.57 -21.32 -66.32
CA GLY OA 21 -32.19 -20.36 -67.20
C GLY OA 21 -31.67 -20.44 -68.62
N TRP OA 22 -30.35 -20.44 -68.76
CA TRP OA 22 -29.82 -20.53 -70.11
C TRP OA 22 -29.97 -21.93 -70.70
N TYR OA 23 -30.16 -22.95 -69.87
CA TYR OA 23 -30.58 -24.25 -70.37
C TYR OA 23 -31.96 -24.15 -71.02
N LEU OA 24 -32.89 -23.45 -70.37
CA LEU OA 24 -34.20 -23.25 -70.96
C LEU OA 24 -34.08 -22.50 -72.28
N TYR OA 25 -33.25 -21.45 -72.32
CA TYR OA 25 -33.04 -20.72 -73.55
C TYR OA 25 -32.52 -21.63 -74.66
N THR OA 26 -31.54 -22.48 -74.36
CA THR OA 26 -30.96 -23.32 -75.39
C THR OA 26 -31.96 -24.38 -75.84
N THR OA 27 -32.76 -24.91 -74.92
CA THR OA 27 -33.80 -25.86 -75.30
C THR OA 27 -34.81 -25.22 -76.24
N PHE OA 28 -35.22 -24.00 -75.95
CA PHE OA 28 -36.14 -23.30 -76.85
C PHE OA 28 -35.49 -23.04 -78.20
N ALA OA 29 -34.22 -22.63 -78.21
CA ALA OA 29 -33.54 -22.36 -79.48
C ALA OA 29 -33.35 -23.62 -80.30
N ALA OA 30 -33.25 -24.78 -79.65
CA ALA OA 30 -33.12 -26.03 -80.40
C ALA OA 30 -34.47 -26.51 -80.90
N ALA OA 31 -35.51 -26.38 -80.09
CA ALA OA 31 -36.84 -26.79 -80.53
C ALA OA 31 -37.40 -25.87 -81.60
N GLY OA 32 -36.90 -24.63 -81.70
CA GLY OA 32 -37.36 -23.75 -82.75
C GLY OA 32 -36.83 -24.12 -84.13
N GLN OA 33 -35.84 -25.01 -84.20
CA GLN OA 33 -35.24 -25.42 -85.47
C GLN OA 33 -35.83 -26.72 -86.01
N GLN OA 34 -36.99 -27.14 -85.49
CA GLN OA 34 -37.62 -28.32 -86.01
C GLN OA 34 -38.11 -28.07 -87.43
N THR OA 35 -37.73 -28.95 -88.35
CA THR OA 35 -37.91 -28.69 -89.77
C THR OA 35 -38.54 -29.89 -90.45
N GLY OA 36 -38.82 -29.72 -91.73
CA GLY OA 36 -39.45 -30.78 -92.51
C GLY OA 36 -39.73 -30.27 -93.90
N LEU OA 37 -39.93 -31.21 -94.81
CA LEU OA 37 -40.20 -30.89 -96.20
C LEU OA 37 -41.69 -30.82 -96.47
N THR OA 38 -42.05 -30.06 -97.50
CA THR OA 38 -43.43 -30.00 -97.98
C THR OA 38 -43.39 -29.78 -99.49
N ALA OA 39 -44.40 -30.31 -100.17
CA ALA OA 39 -44.48 -30.25 -101.62
C ALA OA 39 -45.67 -29.40 -102.02
N THR OA 40 -45.53 -28.67 -103.13
CA THR OA 40 -46.61 -27.86 -103.65
C THR OA 40 -46.95 -28.17 -105.10
N LYS OA 41 -46.15 -28.98 -105.79
CA LYS OA 41 -46.39 -29.30 -107.19
C LYS OA 41 -45.55 -30.50 -107.61
N ALA OA 42 -46.17 -31.48 -108.24
CA ALA OA 42 -45.45 -32.67 -108.67
C ALA OA 42 -46.19 -33.32 -109.83
N THR OA 43 -45.48 -33.53 -110.94
CA THR OA 43 -46.05 -34.17 -112.12
C THR OA 43 -44.97 -35.01 -112.78
N ILE OA 44 -45.09 -36.34 -112.65
CA ILE OA 44 -44.12 -37.23 -113.29
C ILE OA 44 -44.17 -37.03 -114.80
N TYR OA 45 -43.01 -36.83 -115.41
CA TYR OA 45 -42.90 -36.66 -116.84
C TYR OA 45 -42.29 -37.90 -117.46
N VAL OA 46 -42.74 -38.24 -118.67
CA VAL OA 46 -42.25 -39.39 -119.41
C VAL OA 46 -41.88 -38.94 -120.82
N THR OA 47 -40.74 -39.40 -121.31
CA THR OA 47 -40.29 -39.10 -122.66
C THR OA 47 -40.77 -40.17 -123.63
N LYS OA 48 -40.53 -39.92 -124.92
CA LYS OA 48 -40.94 -40.87 -125.95
C LYS OA 48 -40.09 -42.13 -125.91
N ASP OA 49 -38.86 -42.04 -125.40
CA ASP OA 49 -37.94 -43.16 -125.39
C ASP OA 49 -38.00 -43.99 -124.11
N GLY OA 50 -38.91 -43.65 -123.20
CA GLY OA 50 -39.07 -44.40 -121.97
C GLY OA 50 -38.43 -43.77 -120.75
N ASN OA 51 -37.61 -42.75 -120.92
CA ASN OA 51 -37.01 -42.08 -119.78
C ASN OA 51 -38.07 -41.32 -119.00
N VAL OA 52 -38.14 -41.57 -117.69
CA VAL OA 52 -39.08 -40.89 -116.82
C VAL OA 52 -38.30 -40.12 -115.78
N TYR OA 53 -38.88 -39.01 -115.31
CA TYR OA 53 -38.24 -38.18 -114.31
C TYR OA 53 -39.30 -37.35 -113.62
N LEU OA 54 -39.15 -37.15 -112.32
CA LEU OA 54 -40.08 -36.37 -111.52
C LEU OA 54 -39.64 -34.91 -111.49
N ASN OA 55 -40.59 -34.01 -111.70
CA ASN OA 55 -40.33 -32.57 -111.71
C ASN OA 55 -41.15 -31.96 -110.57
N VAL OA 56 -40.56 -31.92 -109.39
CA VAL OA 56 -41.25 -31.53 -108.16
C VAL OA 56 -40.76 -30.16 -107.71
N THR OA 57 -41.56 -29.51 -106.87
CA THR OA 57 -41.22 -28.22 -106.29
C THR OA 57 -41.28 -28.33 -104.77
N LEU OA 58 -40.16 -28.11 -104.11
CA LEU OA 58 -40.04 -28.30 -102.67
C LEU OA 58 -39.96 -26.97 -101.96
N VAL OA 59 -40.38 -26.97 -100.70
CA VAL OA 59 -40.29 -25.81 -99.82
C VAL OA 59 -39.90 -26.31 -98.42
N PRO OA 60 -38.70 -26.02 -97.93
CA PRO OA 60 -38.34 -26.47 -96.59
C PRO OA 60 -39.13 -25.72 -95.53
N GLN OA 61 -39.84 -26.48 -94.70
CA GLN OA 61 -40.59 -25.93 -93.57
C GLN OA 61 -39.62 -25.84 -92.41
N GLY OA 62 -39.49 -24.65 -91.85
CA GLY OA 62 -38.56 -24.40 -90.77
C GLY OA 62 -37.39 -23.55 -91.24
N ALA OA 63 -36.33 -23.58 -90.45
CA ALA OA 63 -35.08 -22.90 -90.78
C ALA OA 63 -33.95 -23.89 -90.58
N ALA OA 64 -33.72 -24.73 -91.59
CA ALA OA 64 -32.70 -25.76 -91.51
C ALA OA 64 -32.46 -26.33 -92.89
N GLN OA 65 -31.44 -27.18 -92.99
CA GLN OA 65 -31.06 -27.83 -94.24
C GLN OA 65 -31.50 -29.29 -94.13
N VAL OA 66 -32.70 -29.58 -94.64
CA VAL OA 66 -33.23 -30.92 -94.55
C VAL OA 66 -32.42 -31.87 -95.44
N ALA OA 67 -32.33 -33.12 -95.02
CA ALA OA 67 -31.62 -34.15 -95.75
C ALA OA 67 -32.59 -35.23 -96.20
N ILE OA 68 -32.63 -35.49 -97.50
CA ILE OA 68 -33.54 -36.47 -98.09
C ILE OA 68 -32.88 -37.84 -98.03
N SER OA 69 -33.62 -38.83 -97.56
CA SER OA 69 -33.08 -40.19 -97.45
C SER OA 69 -33.38 -41.02 -98.68
N SER OA 70 -34.66 -41.13 -99.04
CA SER OA 70 -35.05 -41.97 -100.18
C SER OA 70 -36.40 -41.51 -100.70
N ILE OA 71 -36.65 -41.80 -101.96
CA ILE OA 71 -37.91 -41.49 -102.63
C ILE OA 71 -38.59 -42.80 -102.98
N GLU OA 72 -39.84 -42.96 -102.55
CA GLU OA 72 -40.63 -44.15 -102.82
C GLU OA 72 -41.87 -43.74 -103.59
N VAL OA 73 -41.91 -44.09 -104.88
CA VAL OA 73 -43.03 -43.76 -105.75
C VAL OA 73 -43.52 -45.03 -106.42
N ALA OA 74 -44.81 -45.31 -106.28
CA ALA OA 74 -45.46 -46.46 -106.91
C ALA OA 74 -44.76 -47.77 -106.55
N GLY OA 75 -44.35 -47.89 -105.28
CA GLY OA 75 -43.74 -49.10 -104.79
C GLY OA 75 -42.27 -49.26 -105.10
N VAL OA 76 -41.71 -48.46 -106.00
CA VAL OA 76 -40.30 -48.54 -106.35
C VAL OA 76 -39.54 -47.52 -105.51
N SER OA 77 -38.67 -48.02 -104.65
CA SER OA 77 -37.87 -47.17 -103.77
C SER OA 77 -36.57 -46.79 -104.48
N ILE OA 78 -36.11 -45.57 -104.24
CA ILE OA 78 -34.89 -45.06 -104.86
C ILE OA 78 -34.04 -44.35 -103.82
N PRO OA 79 -32.88 -44.88 -103.46
CA PRO OA 79 -32.03 -44.22 -102.47
C PRO OA 79 -31.35 -43.00 -103.06
N CYS OA 80 -30.95 -42.10 -102.18
CA CYS OA 80 -30.25 -40.87 -102.55
C CYS OA 80 -29.02 -40.74 -101.66
N THR OA 81 -27.83 -40.84 -102.26
CA THR OA 81 -26.58 -40.79 -101.52
C THR OA 81 -25.71 -39.60 -101.91
N SER OA 82 -26.21 -38.72 -102.78
CA SER OA 82 -25.45 -37.56 -103.20
C SER OA 82 -26.41 -36.45 -103.59
N SER OA 83 -26.01 -35.21 -103.31
CA SER OA 83 -26.82 -34.03 -103.59
C SER OA 83 -28.19 -34.12 -102.94
N ASN OA 84 -28.27 -34.79 -101.78
CA ASN OA 84 -29.53 -35.02 -101.08
C ASN OA 84 -29.88 -33.91 -100.11
N LEU OA 85 -29.37 -32.70 -100.33
CA LEU OA 85 -29.66 -31.56 -99.46
C LEU OA 85 -30.53 -30.56 -100.21
N VAL OA 86 -31.55 -30.04 -99.52
CA VAL OA 86 -32.42 -29.02 -100.06
C VAL OA 86 -31.97 -27.68 -99.50
N LYS OA 87 -31.38 -26.85 -100.35
CA LYS OA 87 -30.77 -25.61 -99.89
C LYS OA 87 -31.76 -24.45 -99.76
N ALA OA 88 -32.77 -24.41 -100.62
CA ALA OA 88 -33.69 -23.28 -100.67
C ALA OA 88 -34.93 -23.71 -101.43
N PRO OA 89 -36.05 -23.01 -101.24
CA PRO OA 89 -37.26 -23.35 -102.00
C PRO OA 89 -37.02 -23.18 -103.49
N GLY OA 90 -37.56 -24.11 -104.27
CA GLY OA 90 -37.38 -24.07 -105.71
C GLY OA 90 -37.93 -25.32 -106.35
N GLU OA 91 -37.67 -25.43 -107.65
CA GLU OA 91 -38.11 -26.57 -108.46
C GLU OA 91 -36.94 -27.51 -108.66
N TYR OA 92 -37.13 -28.77 -108.31
CA TYR OA 92 -36.06 -29.76 -108.37
C TYR OA 92 -36.49 -30.94 -109.25
N VAL OA 93 -35.50 -31.60 -109.84
CA VAL OA 93 -35.72 -32.66 -110.81
C VAL OA 93 -35.07 -33.94 -110.29
N ILE OA 94 -35.85 -35.02 -110.22
CA ILE OA 94 -35.38 -36.32 -109.76
C ILE OA 94 -35.58 -37.32 -110.88
N GLU OA 95 -34.51 -38.02 -111.24
CA GLU OA 95 -34.62 -39.09 -112.23
C GLU OA 95 -35.14 -40.36 -111.57
N LEU OA 96 -36.16 -40.96 -112.17
CA LEU OA 96 -36.67 -42.27 -111.75
C LEU OA 96 -36.01 -43.33 -112.61
N SER OA 97 -35.50 -44.39 -111.98
CA SER OA 97 -34.59 -45.30 -112.66
C SER OA 97 -35.33 -46.21 -113.63
N SER OA 98 -36.20 -47.08 -113.12
CA SER OA 98 -36.75 -48.17 -113.92
C SER OA 98 -38.26 -48.24 -113.92
N VAL OA 99 -38.96 -47.27 -113.33
CA VAL OA 99 -40.42 -47.31 -113.30
C VAL OA 99 -40.95 -47.15 -114.72
N SER OA 100 -41.73 -48.11 -115.18
CA SER OA 100 -42.32 -48.09 -116.51
C SER OA 100 -43.81 -47.75 -116.37
N VAL OA 101 -44.17 -46.56 -116.83
CA VAL OA 101 -45.52 -46.04 -116.69
C VAL OA 101 -46.09 -45.74 -118.08
N SER OA 102 -47.31 -45.24 -118.11
CA SER OA 102 -47.98 -44.86 -119.34
C SER OA 102 -48.80 -43.62 -119.08
N VAL OA 103 -48.91 -42.77 -120.11
CA VAL OA 103 -49.58 -41.49 -119.96
C VAL OA 103 -51.00 -41.68 -119.46
N GLY OA 104 -51.37 -40.93 -118.42
CA GLY OA 104 -52.71 -40.93 -117.88
C GLY OA 104 -52.82 -41.44 -116.45
N GLN OA 105 -51.96 -42.38 -116.07
CA GLN OA 105 -52.07 -43.00 -114.75
C GLN OA 105 -51.84 -41.97 -113.65
N VAL OA 106 -52.24 -42.33 -112.44
CA VAL OA 106 -52.10 -41.50 -111.25
C VAL OA 106 -51.29 -42.28 -110.22
N LEU OA 107 -50.14 -41.73 -109.84
CA LEU OA 107 -49.21 -42.40 -108.95
C LEU OA 107 -49.09 -41.64 -107.63
N THR OA 108 -48.99 -42.38 -106.54
CA THR OA 108 -48.73 -41.79 -105.22
C THR OA 108 -47.23 -41.78 -104.98
N GLY OA 109 -46.81 -41.35 -103.80
CA GLY OA 109 -45.39 -41.29 -103.51
C GLY OA 109 -45.15 -40.72 -102.12
N ARG OA 110 -43.90 -40.83 -101.69
CA ARG OA 110 -43.48 -40.35 -100.39
C ARG OA 110 -42.01 -39.98 -100.43
N ILE OA 111 -41.66 -38.85 -99.83
CA ILE OA 111 -40.28 -38.42 -99.66
C ILE OA 111 -39.91 -38.58 -98.20
N VAL OA 112 -39.04 -39.54 -97.91
CA VAL OA 112 -38.63 -39.83 -96.53
C VAL OA 112 -37.38 -39.04 -96.21
N LEU OA 113 -37.45 -38.24 -95.16
CA LEU OA 113 -36.33 -37.42 -94.71
C LEU OA 113 -35.46 -38.22 -93.76
N ALA OA 114 -34.42 -37.57 -93.23
CA ALA OA 114 -33.55 -38.23 -92.27
C ALA OA 114 -34.07 -38.10 -90.85
N SER OA 115 -34.70 -36.98 -90.51
CA SER OA 115 -35.21 -36.78 -89.16
C SER OA 115 -36.45 -37.62 -88.86
N GLY OA 116 -37.15 -38.09 -89.89
CA GLY OA 116 -38.34 -38.90 -89.67
C GLY OA 116 -39.55 -38.43 -90.44
N ALA OA 117 -39.64 -37.12 -90.70
CA ALA OA 117 -40.80 -36.57 -91.38
C ALA OA 117 -40.87 -37.06 -92.82
N ILE OA 118 -42.06 -36.98 -93.39
CA ILE OA 118 -42.34 -37.47 -94.74
C ILE OA 118 -43.20 -36.43 -95.47
N SER OA 119 -43.59 -36.76 -96.70
CA SER OA 119 -44.43 -35.89 -97.52
C SER OA 119 -45.04 -36.70 -98.67
N PRO OA 120 -46.34 -36.62 -98.88
CA PRO OA 120 -46.98 -37.36 -99.98
C PRO OA 120 -46.92 -36.60 -101.30
N PHE OA 121 -47.35 -37.28 -102.36
CA PHE OA 121 -47.24 -36.76 -103.72
C PHE OA 121 -48.58 -36.51 -104.40
N THR OA 122 -49.41 -37.54 -104.53
CA THR OA 122 -50.59 -37.56 -105.42
C THR OA 122 -50.29 -36.86 -106.75
N ALA OA 123 -49.28 -37.39 -107.42
CA ALA OA 123 -48.74 -36.80 -108.64
C ALA OA 123 -49.13 -37.65 -109.85
N THR OA 124 -49.66 -37.00 -110.88
CA THR OA 124 -50.06 -37.67 -112.10
C THR OA 124 -48.91 -37.69 -113.11
N VAL OA 125 -49.14 -38.40 -114.21
CA VAL OA 125 -48.15 -38.53 -115.28
C VAL OA 125 -48.58 -37.69 -116.46
N VAL OA 126 -47.62 -37.04 -117.11
CA VAL OA 126 -47.87 -36.21 -118.29
C VAL OA 126 -46.75 -36.50 -119.29
N ALA OA 127 -47.11 -36.48 -120.57
CA ALA OA 127 -46.15 -36.76 -121.64
C ALA OA 127 -45.25 -35.57 -121.88
N ALA OA 128 -43.98 -35.84 -122.12
CA ALA OA 128 -42.99 -34.81 -122.41
C ALA OA 128 -42.01 -35.36 -123.44
N ASP OA 129 -41.17 -34.46 -123.96
CA ASP OA 129 -40.30 -34.82 -125.09
C ASP OA 129 -38.90 -35.23 -124.64
N HIS OA 130 -38.18 -34.34 -123.97
CA HIS OA 130 -36.77 -34.54 -123.68
C HIS OA 130 -36.47 -34.33 -122.22
N VAL OA 131 -35.48 -35.06 -121.72
CA VAL OA 131 -35.01 -34.88 -120.34
C VAL OA 131 -34.35 -33.50 -120.23
N PRO OA 132 -34.74 -32.68 -119.24
CA PRO OA 132 -34.15 -31.35 -119.15
C PRO OA 132 -32.74 -31.40 -118.61
N SER OA 133 -31.85 -30.62 -119.23
CA SER OA 133 -30.46 -30.52 -118.81
C SER OA 133 -30.34 -29.24 -117.99
N THR OA 134 -30.42 -29.37 -116.67
CA THR OA 134 -30.36 -28.22 -115.78
C THR OA 134 -29.84 -28.68 -114.43
N GLU OA 135 -29.65 -27.71 -113.54
CA GLU OA 135 -29.19 -27.97 -112.19
C GLU OA 135 -30.38 -28.40 -111.32
N ASN OA 136 -30.18 -28.40 -110.00
CA ASN OA 136 -31.23 -28.72 -109.04
C ASN OA 136 -31.67 -30.17 -109.15
N LYS OA 137 -30.70 -31.06 -109.31
CA LYS OA 137 -30.97 -32.50 -109.21
C LYS OA 137 -30.78 -32.93 -107.76
N LEU OA 138 -31.60 -33.89 -107.33
CA LEU OA 138 -31.64 -34.26 -105.93
C LEU OA 138 -31.07 -35.63 -105.62
N CYS OA 139 -31.05 -36.55 -106.58
CA CYS OA 139 -30.50 -37.89 -106.35
C CYS OA 139 -29.74 -38.31 -107.60
N SER OA 140 -28.44 -38.04 -107.61
CA SER OA 140 -27.59 -38.36 -108.75
C SER OA 140 -26.55 -39.41 -108.37
#